data_3OGM
#
_entry.id   3OGM
#
_cell.length_a   123.170
_cell.length_b   220.758
_cell.length_c   149.540
_cell.angle_alpha   90.00
_cell.angle_beta   104.45
_cell.angle_gamma   90.00
#
_symmetry.space_group_name_H-M   'P 1 21 1'
#
loop_
_entity.id
_entity.type
_entity.pdbx_description
1 polymer 'SKP1-like protein 1A'
2 polymer 'Coronatine-insensitive protein 1'
3 polymer 'JAZ1 degron peptide'
4 non-polymer '(1S,2S)-2-ethyl-1-({[(3aS,4S,6R,7aS)-6-ethyl-1-oxooctahydro-1H-inden-4-yl]carbonyl}amino)cyclopropanecarboxylic acid'
5 non-polymer 'PHOSPHATE ION'
#
loop_
_entity_poly.entity_id
_entity_poly.type
_entity_poly.pdbx_seq_one_letter_code
_entity_poly.pdbx_strand_id
1 'polypeptide(L)'
;MSAKKIVLKSSDGESFEVEEAVALESQTIAHMVEDDCVDNGVPLPNVTSKILAKVIEYCKRHVEAAASKAEAVEGAATSD
DDLKAWDADFMKIDQATLFELILAANYLNIKNLLDLTCQTVADMIKGKTPEEIRTTFNIKNDFTPEEEEEVRRENQWAFE
;
A,C,E,G,I,K,M,O
2 'polypeptide(L)'
;MEDPDIKRCKLSCVATVDDVIEQVMTYITDPKDRDSASLVCRRWFKIDSETREHVTMALCYTATPDRLSRRFPNLRSLKL
KGKPRAAMFNLIPENWGGYVTPWVTEISNNLRQLKSVHFRRMIVSDLDLDRLAKARADDLETLKLDKCSGFTTDGLLSIV
THCRKIKTLLMEESSFSEKDGKWLHELAQHNTSLEVLNFYMTEFAKISPKDLETIARNCRSLVSVKVGDFEILELVGFFK
AAANLEEFCGGSLNEDIGMPEKYMNLVFPRKLCRLGLSYMGPNEMPILFPFAAQIRKLDLLYALLETEDHCTLIQKCPNL
EVLETRNVIGDRGLEVLAQYCKQLKRLRIERGADEQGMEDEEGLVSQRGLIALAQGCQELEYMAVYVSDITNESLESIGT
YLKNLCDFRLVLLDREERITDLPLDNGVRSLLIGCKKLRRFAFYLRQGGLTDLGLSYIGQYSPNVRWMLLGYVGESDEGL
MEFSRGCPNLQKLEMRGCCFSERAIAAAVTKLPSLRYLWVQGYRASMTGQDLMQMARPYWNIELIPSRRVPEVNQQGEIR
EMEHPAHILAYYSLAGQRTDCPTTVRVLKEPI
;
B,D,F,H,J,L,N,P
3 'polypeptide(L)' ELPIARRASLHRFLEKRKDRV Q,R,S,U,V,W,X
#
# COMPACT_ATOMS: atom_id res chain seq x y z
N LYS A 5 -4.97 54.46 -23.99
CA LYS A 5 -5.83 53.54 -24.72
C LYS A 5 -5.13 52.21 -25.08
N ILE A 6 -5.74 51.07 -24.75
CA ILE A 6 -5.15 49.74 -24.96
C ILE A 6 -6.01 48.78 -25.81
N VAL A 7 -5.37 47.77 -26.40
CA VAL A 7 -6.06 46.79 -27.27
C VAL A 7 -6.04 45.37 -26.70
N LEU A 8 -7.22 44.84 -26.39
CA LEU A 8 -7.36 43.47 -25.90
C LEU A 8 -7.94 42.58 -27.00
N LYS A 9 -7.18 41.55 -27.39
CA LYS A 9 -7.59 40.65 -28.47
C LYS A 9 -8.30 39.38 -27.96
N SER A 10 -9.63 39.43 -27.97
CA SER A 10 -10.50 38.36 -27.48
C SER A 10 -10.16 36.95 -27.98
N SER A 11 -10.93 35.96 -27.50
CA SER A 11 -10.71 34.53 -27.79
C SER A 11 -10.98 34.15 -29.26
N ASP A 12 -11.74 34.99 -29.95
CA ASP A 12 -12.14 34.74 -31.32
C ASP A 12 -11.72 35.91 -32.22
N GLY A 13 -10.47 36.35 -32.05
CA GLY A 13 -9.91 37.45 -32.84
C GLY A 13 -10.84 38.64 -32.93
N GLU A 14 -10.77 39.53 -31.94
CA GLU A 14 -11.71 40.64 -31.84
C GLU A 14 -11.13 41.79 -31.04
N SER A 15 -10.40 42.68 -31.71
CA SER A 15 -9.78 43.80 -31.00
C SER A 15 -10.80 44.66 -30.23
N PHE A 16 -10.36 45.20 -29.10
CA PHE A 16 -11.21 46.04 -28.25
C PHE A 16 -10.52 47.35 -27.82
N GLU A 17 -11.10 48.47 -28.24
CA GLU A 17 -10.59 49.78 -27.84
C GLU A 17 -11.05 50.08 -26.42
N VAL A 18 -10.10 50.20 -25.50
CA VAL A 18 -10.43 50.53 -24.12
C VAL A 18 -9.46 51.55 -23.55
N GLU A 19 -9.92 52.29 -22.55
CA GLU A 19 -9.16 53.38 -21.97
C GLU A 19 -8.01 52.87 -21.12
N GLU A 20 -7.24 53.80 -20.57
CA GLU A 20 -6.12 53.47 -19.68
C GLU A 20 -6.57 52.78 -18.38
N ALA A 21 -7.25 53.55 -17.52
CA ALA A 21 -7.62 53.11 -16.17
C ALA A 21 -8.78 52.11 -16.15
N VAL A 22 -9.30 51.76 -17.33
CA VAL A 22 -10.32 50.73 -17.44
C VAL A 22 -9.66 49.36 -17.52
N ALA A 23 -8.57 49.26 -18.29
CA ALA A 23 -7.87 47.99 -18.45
C ALA A 23 -6.92 47.67 -17.30
N LEU A 24 -6.78 48.61 -16.36
CA LEU A 24 -5.91 48.41 -15.19
C LEU A 24 -6.66 47.80 -13.99
N GLU A 25 -7.98 47.74 -14.09
CA GLU A 25 -8.79 47.07 -13.08
C GLU A 25 -8.44 45.59 -12.98
N SER A 26 -7.91 45.04 -14.06
CA SER A 26 -7.41 43.68 -14.06
C SER A 26 -5.92 43.65 -13.77
N GLN A 27 -5.56 43.25 -12.55
CA GLN A 27 -4.17 43.09 -12.20
C GLN A 27 -3.49 41.98 -13.02
N THR A 28 -4.20 41.46 -14.02
CA THR A 28 -3.59 40.50 -14.93
C THR A 28 -3.06 41.26 -16.14
N ILE A 29 -3.72 42.37 -16.45
CA ILE A 29 -3.28 43.22 -17.56
C ILE A 29 -2.36 44.32 -17.01
N ALA A 30 -2.53 44.63 -15.73
CA ALA A 30 -1.64 45.56 -15.04
C ALA A 30 -0.23 44.98 -14.95
N HIS A 31 -0.13 43.72 -14.54
CA HIS A 31 1.16 43.04 -14.42
C HIS A 31 1.71 42.64 -15.79
N MET A 32 1.05 43.14 -16.83
CA MET A 32 1.44 42.83 -18.20
C MET A 32 1.75 44.11 -18.99
N VAL A 33 1.85 45.22 -18.29
CA VAL A 33 2.37 46.44 -18.88
C VAL A 33 3.83 46.63 -18.44
N GLU A 34 4.30 45.75 -17.56
CA GLU A 34 5.70 45.72 -17.14
C GLU A 34 6.50 45.07 -18.25
N ASP A 35 6.31 43.76 -18.38
CA ASP A 35 6.87 42.99 -19.49
C ASP A 35 6.02 43.25 -20.74
N ASP A 36 5.76 44.54 -20.98
CA ASP A 36 4.80 44.98 -22.00
C ASP A 36 4.75 44.22 -23.34
N CYS A 37 3.83 43.26 -23.42
CA CYS A 37 3.49 42.65 -24.70
C CYS A 37 2.39 43.47 -25.35
N VAL A 38 2.15 44.65 -24.79
CA VAL A 38 1.12 45.57 -25.28
C VAL A 38 1.44 46.03 -26.71
N ASP A 39 2.63 45.68 -27.19
CA ASP A 39 3.03 45.95 -28.57
C ASP A 39 1.97 45.44 -29.54
N ASN A 40 1.77 44.12 -29.53
CA ASN A 40 0.80 43.46 -30.41
C ASN A 40 -0.60 43.40 -29.81
N GLY A 41 -0.83 44.24 -28.81
CA GLY A 41 -2.07 44.21 -28.03
C GLY A 41 -2.11 42.99 -27.12
N VAL A 42 -2.70 43.15 -25.94
CA VAL A 42 -2.79 42.06 -24.96
C VAL A 42 -3.73 40.95 -25.40
N PRO A 43 -3.15 39.77 -25.70
CA PRO A 43 -3.89 38.59 -26.17
C PRO A 43 -4.49 37.79 -25.00
N LEU A 44 -5.80 37.53 -25.05
CA LEU A 44 -6.42 36.67 -24.04
C LEU A 44 -7.42 35.66 -24.63
N PRO A 45 -6.89 34.53 -25.14
CA PRO A 45 -7.63 33.54 -25.92
C PRO A 45 -8.54 32.67 -25.09
N ASN A 46 -8.77 33.06 -23.84
CA ASN A 46 -9.60 32.28 -22.94
C ASN A 46 -10.84 33.03 -22.48
N VAL A 47 -11.14 34.13 -23.15
CA VAL A 47 -12.36 34.90 -22.89
C VAL A 47 -13.21 35.01 -24.15
N THR A 48 -14.41 34.44 -24.12
CA THR A 48 -15.33 34.58 -25.24
C THR A 48 -15.53 36.09 -25.47
N SER A 49 -15.81 36.47 -26.72
CA SER A 49 -15.93 37.89 -27.03
C SER A 49 -17.20 38.50 -26.39
N LYS A 50 -18.27 37.71 -26.32
CA LYS A 50 -19.51 38.15 -25.72
C LYS A 50 -19.32 38.49 -24.24
N ILE A 51 -18.44 37.73 -23.59
CA ILE A 51 -18.16 37.87 -22.16
C ILE A 51 -17.22 39.05 -21.89
N LEU A 52 -16.05 39.03 -22.55
CA LEU A 52 -15.08 40.12 -22.46
C LEU A 52 -15.79 41.48 -22.65
N ALA A 53 -16.83 41.47 -23.48
CA ALA A 53 -17.67 42.64 -23.69
C ALA A 53 -18.37 43.05 -22.41
N LYS A 54 -19.02 42.09 -21.76
CA LYS A 54 -19.74 42.38 -20.52
C LYS A 54 -18.78 42.78 -19.37
N VAL A 55 -17.54 42.32 -19.46
CA VAL A 55 -16.53 42.64 -18.44
C VAL A 55 -16.14 44.11 -18.47
N ILE A 56 -15.82 44.60 -19.68
CA ILE A 56 -15.41 45.98 -19.85
C ILE A 56 -16.52 46.94 -19.46
N GLU A 57 -17.77 46.52 -19.68
CA GLU A 57 -18.94 47.32 -19.35
C GLU A 57 -19.02 47.52 -17.84
N TYR A 58 -18.60 46.50 -17.10
CA TYR A 58 -18.57 46.57 -15.64
C TYR A 58 -17.51 47.56 -15.17
N CYS A 59 -16.27 47.32 -15.60
CA CYS A 59 -15.15 48.17 -15.24
C CYS A 59 -15.37 49.63 -15.64
N LYS A 60 -15.82 49.84 -16.88
CA LYS A 60 -16.19 51.16 -17.35
C LYS A 60 -16.97 51.88 -16.26
N ARG A 61 -18.06 51.27 -15.82
CA ARG A 61 -18.98 51.93 -14.89
C ARG A 61 -18.38 52.17 -13.50
N HIS A 62 -17.55 51.26 -13.02
CA HIS A 62 -16.97 51.39 -11.69
C HIS A 62 -15.85 52.44 -11.67
N VAL A 63 -15.08 52.49 -12.76
CA VAL A 63 -14.01 53.50 -12.90
C VAL A 63 -14.56 54.91 -12.68
N GLU A 64 -15.79 55.13 -13.13
CA GLU A 64 -16.48 56.40 -12.95
C GLU A 64 -17.02 56.56 -11.54
N ALA A 65 -16.17 56.19 -10.57
CA ALA A 65 -16.42 56.44 -9.16
C ALA A 65 -15.58 57.63 -8.69
N ALA A 66 -14.84 58.22 -9.63
CA ALA A 66 -14.14 59.49 -9.38
C ALA A 66 -15.18 60.51 -8.95
N ALA A 67 -16.16 60.73 -9.82
CA ALA A 67 -17.40 61.37 -9.41
C ALA A 67 -18.06 60.43 -8.41
N ASP A 80 -22.20 56.02 -3.84
CA ASP A 80 -22.28 54.59 -3.52
C ASP A 80 -23.68 54.03 -3.57
N ASP A 81 -24.66 54.93 -3.61
CA ASP A 81 -26.05 54.54 -3.49
C ASP A 81 -26.56 53.89 -4.78
N ASP A 82 -26.24 54.53 -5.90
CA ASP A 82 -26.74 54.13 -7.21
C ASP A 82 -25.88 53.07 -7.86
N LEU A 83 -24.81 52.67 -7.17
CA LEU A 83 -23.96 51.59 -7.65
C LEU A 83 -24.55 50.22 -7.32
N LYS A 84 -24.96 50.05 -6.07
CA LYS A 84 -25.61 48.80 -5.66
C LYS A 84 -26.85 48.60 -6.51
N ALA A 85 -27.31 49.68 -7.12
CA ALA A 85 -28.44 49.63 -8.04
C ALA A 85 -28.06 49.07 -9.40
N TRP A 86 -27.11 49.70 -10.08
CA TRP A 86 -26.62 49.23 -11.38
C TRP A 86 -26.09 47.82 -11.23
N ASP A 87 -25.39 47.57 -10.13
CA ASP A 87 -24.81 46.26 -9.88
C ASP A 87 -25.88 45.15 -9.80
N ALA A 88 -26.87 45.34 -8.95
CA ALA A 88 -27.99 44.39 -8.86
C ALA A 88 -28.64 44.12 -10.21
N ASP A 89 -28.76 45.16 -11.03
CA ASP A 89 -29.35 45.05 -12.36
C ASP A 89 -28.38 44.38 -13.37
N PHE A 90 -27.09 44.64 -13.24
CA PHE A 90 -26.10 44.10 -14.17
C PHE A 90 -26.10 42.59 -14.11
N MET A 91 -26.48 42.06 -12.96
CA MET A 91 -26.41 40.61 -12.68
C MET A 91 -27.61 39.82 -13.21
N LYS A 92 -28.71 40.51 -13.50
CA LYS A 92 -29.88 39.89 -14.10
C LYS A 92 -29.54 39.22 -15.43
N ILE A 93 -28.80 38.12 -15.35
CA ILE A 93 -28.45 37.31 -16.52
C ILE A 93 -28.74 35.86 -16.21
N ASP A 94 -28.57 34.99 -17.20
CA ASP A 94 -28.81 33.56 -17.00
C ASP A 94 -27.59 32.94 -16.32
N GLN A 95 -27.74 31.73 -15.80
CA GLN A 95 -26.63 31.07 -15.11
C GLN A 95 -25.38 30.88 -15.96
N ALA A 96 -25.51 30.18 -17.08
CA ALA A 96 -24.34 29.82 -17.89
C ALA A 96 -23.47 31.03 -18.17
N THR A 97 -24.09 32.21 -18.20
CA THR A 97 -23.37 33.46 -18.44
C THR A 97 -22.68 33.89 -17.16
N LEU A 98 -23.45 33.94 -16.08
CA LEU A 98 -22.93 34.26 -14.75
C LEU A 98 -21.67 33.48 -14.41
N PHE A 99 -21.65 32.21 -14.78
CA PHE A 99 -20.48 31.39 -14.52
C PHE A 99 -19.29 31.85 -15.36
N GLU A 100 -19.50 32.00 -16.66
CA GLU A 100 -18.42 32.37 -17.58
C GLU A 100 -17.81 33.69 -17.15
N LEU A 101 -18.54 34.45 -16.35
CA LEU A 101 -18.08 35.72 -15.83
C LEU A 101 -17.09 35.54 -14.68
N ILE A 102 -17.46 34.68 -13.74
CA ILE A 102 -16.61 34.35 -12.61
C ILE A 102 -15.27 33.82 -13.11
N LEU A 103 -15.34 32.83 -14.01
CA LEU A 103 -14.17 32.27 -14.66
C LEU A 103 -13.30 33.35 -15.32
N ALA A 104 -13.96 34.38 -15.84
CA ALA A 104 -13.29 35.50 -16.48
C ALA A 104 -12.69 36.46 -15.46
N ALA A 105 -13.46 36.83 -14.44
CA ALA A 105 -12.96 37.70 -13.38
C ALA A 105 -11.75 37.08 -12.69
N ASN A 106 -11.68 35.76 -12.71
CA ASN A 106 -10.59 35.02 -12.12
C ASN A 106 -9.45 34.74 -13.13
N TYR A 107 -9.77 34.83 -14.42
CA TYR A 107 -8.76 34.68 -15.47
C TYR A 107 -8.00 36.00 -15.63
N LEU A 108 -8.70 37.10 -15.35
CA LEU A 108 -8.06 38.37 -15.19
C LEU A 108 -7.80 38.40 -13.70
N ASN A 109 -7.90 39.57 -13.09
CA ASN A 109 -7.74 39.66 -11.65
C ASN A 109 -8.57 40.81 -11.13
N ILE A 110 -9.86 40.72 -11.35
CA ILE A 110 -10.76 41.78 -10.95
C ILE A 110 -11.43 41.46 -9.64
N LYS A 111 -10.81 41.85 -8.55
CA LYS A 111 -11.28 41.46 -7.23
C LYS A 111 -12.68 41.98 -6.93
N ASN A 112 -13.02 43.17 -7.40
CA ASN A 112 -14.37 43.68 -7.17
C ASN A 112 -15.44 42.90 -7.95
N LEU A 113 -15.04 42.27 -9.05
CA LEU A 113 -15.98 41.57 -9.92
C LEU A 113 -16.24 40.15 -9.44
N LEU A 114 -15.26 39.54 -8.79
CA LEU A 114 -15.41 38.21 -8.29
C LEU A 114 -16.28 38.29 -7.05
N ASP A 115 -16.03 39.30 -6.23
CA ASP A 115 -16.83 39.54 -5.04
C ASP A 115 -18.29 39.80 -5.43
N LEU A 116 -18.54 39.91 -6.73
CA LEU A 116 -19.89 40.16 -7.18
C LEU A 116 -20.48 38.97 -7.90
N THR A 117 -19.77 38.42 -8.88
CA THR A 117 -20.28 37.29 -9.64
C THR A 117 -20.43 36.03 -8.79
N CYS A 118 -19.46 35.78 -7.91
CA CYS A 118 -19.52 34.66 -6.97
C CYS A 118 -20.60 34.89 -5.92
N GLN A 119 -20.64 36.08 -5.37
CA GLN A 119 -21.65 36.40 -4.36
C GLN A 119 -23.06 36.28 -4.95
N THR A 120 -23.18 36.30 -6.27
CA THR A 120 -24.47 36.16 -6.94
C THR A 120 -24.90 34.70 -6.98
N VAL A 121 -23.96 33.83 -7.34
CA VAL A 121 -24.20 32.39 -7.30
C VAL A 121 -24.46 31.95 -5.88
N ALA A 122 -23.68 32.49 -4.95
CA ALA A 122 -23.83 32.14 -3.54
C ALA A 122 -25.21 32.50 -3.03
N ASP A 123 -25.81 33.52 -3.63
CA ASP A 123 -27.15 33.95 -3.21
C ASP A 123 -28.21 33.01 -3.76
N MET A 124 -27.88 32.35 -4.86
CA MET A 124 -28.77 31.38 -5.46
C MET A 124 -28.93 30.16 -4.55
N ILE A 125 -27.91 29.91 -3.72
CA ILE A 125 -27.95 28.79 -2.79
C ILE A 125 -28.56 29.19 -1.46
N LYS A 126 -28.14 30.34 -0.94
CA LYS A 126 -28.53 30.79 0.40
C LYS A 126 -30.03 30.72 0.69
N GLY A 127 -30.46 29.63 1.31
CA GLY A 127 -31.86 29.46 1.68
C GLY A 127 -32.48 28.14 1.21
N LYS A 128 -31.99 27.62 0.09
CA LYS A 128 -32.59 26.42 -0.49
C LYS A 128 -32.19 25.15 0.28
N THR A 129 -32.97 24.09 0.12
CA THR A 129 -32.59 22.79 0.67
C THR A 129 -31.76 22.01 -0.35
N PRO A 130 -31.13 20.91 0.08
CA PRO A 130 -30.28 20.12 -0.81
C PRO A 130 -31.01 19.73 -2.09
N GLU A 131 -32.31 19.52 -2.00
CA GLU A 131 -33.05 19.12 -3.19
C GLU A 131 -33.21 20.35 -4.07
N GLU A 132 -33.77 21.40 -3.49
CA GLU A 132 -33.97 22.65 -4.21
C GLU A 132 -32.71 23.11 -4.92
N ILE A 133 -31.55 22.71 -4.42
CA ILE A 133 -30.28 23.08 -5.05
C ILE A 133 -30.05 22.28 -6.34
N ARG A 134 -29.87 20.96 -6.21
CA ARG A 134 -29.47 20.17 -7.38
C ARG A 134 -30.57 20.20 -8.43
N THR A 135 -31.74 20.67 -8.00
CA THR A 135 -32.82 21.04 -8.91
C THR A 135 -32.42 22.27 -9.73
N THR A 136 -32.29 23.41 -9.05
CA THR A 136 -32.00 24.66 -9.73
C THR A 136 -30.54 24.80 -10.17
N PHE A 137 -29.92 23.67 -10.55
CA PHE A 137 -28.54 23.64 -11.07
C PHE A 137 -28.33 22.36 -11.88
N ASN A 138 -29.37 21.52 -11.88
CA ASN A 138 -29.31 20.23 -12.55
C ASN A 138 -28.08 19.42 -12.14
N ILE A 139 -28.05 18.97 -10.88
CA ILE A 139 -26.99 18.10 -10.38
C ILE A 139 -27.54 16.76 -9.89
N LYS A 140 -27.01 15.66 -10.43
CA LYS A 140 -27.43 14.33 -10.00
C LYS A 140 -26.82 13.99 -8.64
N ASN A 141 -27.68 13.83 -7.63
CA ASN A 141 -27.28 13.34 -6.31
C ASN A 141 -26.62 11.95 -6.40
N ASP A 142 -25.38 11.81 -5.94
CA ASP A 142 -24.66 10.53 -6.09
C ASP A 142 -24.21 9.89 -4.77
N PHE A 143 -24.89 10.26 -3.69
CA PHE A 143 -24.66 9.73 -2.37
C PHE A 143 -25.33 8.37 -2.19
N THR A 144 -24.60 7.32 -1.83
CA THR A 144 -25.26 6.12 -1.37
C THR A 144 -26.02 6.50 -0.11
N PRO A 145 -27.21 5.92 0.12
CA PRO A 145 -28.01 6.43 1.24
C PRO A 145 -27.30 6.40 2.60
N GLU A 146 -26.29 5.54 2.75
CA GLU A 146 -25.54 5.45 3.99
C GLU A 146 -24.73 6.71 4.14
N GLU A 147 -24.11 7.13 3.05
CA GLU A 147 -23.31 8.35 3.04
C GLU A 147 -24.18 9.52 3.40
N GLU A 148 -25.28 9.67 2.67
CA GLU A 148 -26.22 10.76 2.91
C GLU A 148 -26.66 10.78 4.39
N GLU A 149 -26.86 9.61 4.97
CA GLU A 149 -27.32 9.52 6.34
C GLU A 149 -26.23 9.96 7.29
N GLU A 150 -25.00 9.53 7.03
CA GLU A 150 -23.90 9.86 7.92
C GLU A 150 -23.70 11.36 7.92
N VAL A 151 -23.81 11.97 6.75
CA VAL A 151 -23.58 13.40 6.64
C VAL A 151 -24.71 14.18 7.30
N ARG A 152 -25.94 13.78 7.06
CA ARG A 152 -27.05 14.43 7.71
C ARG A 152 -26.92 14.26 9.23
N ARG A 153 -26.57 13.07 9.69
CA ARG A 153 -26.36 12.83 11.11
C ARG A 153 -25.28 13.73 11.72
N GLU A 154 -24.12 13.82 11.06
CA GLU A 154 -23.02 14.68 11.52
C GLU A 154 -23.53 16.11 11.61
N ASN A 155 -24.21 16.54 10.58
CA ASN A 155 -24.69 17.90 10.47
C ASN A 155 -25.66 18.34 11.56
N GLN A 156 -26.56 17.45 11.98
CA GLN A 156 -27.66 17.85 12.86
C GLN A 156 -27.51 17.41 14.29
N TRP A 157 -26.59 16.48 14.52
CA TRP A 157 -26.34 16.01 15.87
C TRP A 157 -25.04 16.51 16.43
N ALA A 158 -24.02 16.64 15.59
CA ALA A 158 -22.67 16.91 16.06
C ALA A 158 -22.16 18.33 15.81
N PHE A 159 -22.07 18.72 14.54
CA PHE A 159 -21.37 19.95 14.15
C PHE A 159 -22.24 21.09 13.64
N GLU A 160 -22.64 21.97 14.56
CA GLU A 160 -23.09 23.34 14.22
C GLU A 160 -24.28 23.83 15.04
N SER B 12 -12.92 24.35 -25.65
CA SER B 12 -13.85 24.99 -24.71
C SER B 12 -15.24 24.38 -24.80
N CYS B 13 -15.66 23.73 -23.73
CA CYS B 13 -17.01 23.21 -23.65
C CYS B 13 -17.83 24.21 -22.83
N VAL B 14 -19.14 23.97 -22.73
CA VAL B 14 -20.01 24.84 -21.93
C VAL B 14 -19.56 24.82 -20.48
N ALA B 15 -19.66 25.95 -19.79
CA ALA B 15 -19.23 26.03 -18.39
C ALA B 15 -20.30 25.59 -17.41
N THR B 16 -19.98 24.58 -16.59
CA THR B 16 -20.91 24.00 -15.60
C THR B 16 -20.73 24.70 -14.27
N VAL B 17 -21.60 24.39 -13.31
CA VAL B 17 -21.41 24.87 -11.95
C VAL B 17 -20.15 24.25 -11.36
N ASP B 18 -19.83 23.03 -11.78
CA ASP B 18 -18.68 22.28 -11.27
C ASP B 18 -17.42 23.10 -11.46
N ASP B 19 -17.36 23.83 -12.57
CA ASP B 19 -16.15 24.53 -12.98
C ASP B 19 -15.92 25.82 -12.18
N VAL B 20 -16.71 26.02 -11.14
CA VAL B 20 -16.74 27.33 -10.49
C VAL B 20 -17.15 27.27 -9.02
N ILE B 21 -17.47 26.06 -8.56
CA ILE B 21 -18.02 25.89 -7.22
C ILE B 21 -16.96 26.05 -6.14
N GLU B 22 -15.73 25.59 -6.43
CA GLU B 22 -14.62 25.73 -5.48
C GLU B 22 -14.48 27.19 -5.02
N GLN B 23 -14.64 28.11 -5.97
CA GLN B 23 -14.56 29.54 -5.71
C GLN B 23 -15.78 29.98 -4.93
N VAL B 24 -16.96 29.65 -5.44
CA VAL B 24 -18.21 30.14 -4.85
C VAL B 24 -18.42 29.76 -3.39
N MET B 25 -18.01 28.54 -3.03
CA MET B 25 -18.24 28.00 -1.70
C MET B 25 -17.77 28.95 -0.61
N THR B 26 -16.63 29.57 -0.83
CA THR B 26 -16.02 30.42 0.18
C THR B 26 -16.73 31.79 0.38
N TYR B 27 -17.89 31.96 -0.26
CA TYR B 27 -18.69 33.17 -0.11
C TYR B 27 -19.94 32.83 0.67
N ILE B 28 -20.10 31.54 0.97
CA ILE B 28 -21.22 31.10 1.78
C ILE B 28 -20.73 31.04 3.21
N THR B 29 -21.26 31.94 4.02
CA THR B 29 -20.82 32.04 5.40
C THR B 29 -21.79 31.29 6.33
N ASP B 30 -23.08 31.44 6.09
CA ASP B 30 -24.11 30.87 6.97
C ASP B 30 -23.88 29.39 7.24
N PRO B 31 -23.70 29.02 8.51
CA PRO B 31 -23.54 27.61 8.92
C PRO B 31 -24.67 26.71 8.47
N LYS B 32 -25.88 27.24 8.33
CA LYS B 32 -27.02 26.43 7.94
C LYS B 32 -27.11 26.22 6.43
N ASP B 33 -26.35 27.01 5.66
CA ASP B 33 -26.33 26.90 4.20
C ASP B 33 -25.18 25.99 3.77
N ARG B 34 -24.09 26.02 4.51
CA ARG B 34 -23.04 25.01 4.36
C ARG B 34 -23.62 23.66 4.68
N ASP B 35 -24.41 23.61 5.75
CA ASP B 35 -25.09 22.39 6.15
C ASP B 35 -25.80 21.78 4.95
N SER B 36 -26.45 22.63 4.15
CA SER B 36 -27.17 22.16 2.97
C SER B 36 -26.24 21.84 1.82
N ALA B 37 -25.35 22.78 1.55
CA ALA B 37 -24.42 22.65 0.42
C ALA B 37 -23.62 21.36 0.47
N SER B 38 -23.43 20.82 1.67
CA SER B 38 -22.61 19.67 1.87
C SER B 38 -23.36 18.44 1.43
N LEU B 39 -24.67 18.57 1.28
CA LEU B 39 -25.54 17.43 1.03
C LEU B 39 -26.04 17.34 -0.41
N VAL B 40 -25.60 18.22 -1.28
CA VAL B 40 -26.13 18.21 -2.63
C VAL B 40 -25.46 17.18 -3.53
N CYS B 41 -24.26 16.73 -3.18
CA CYS B 41 -23.59 15.67 -3.92
C CYS B 41 -22.20 15.43 -3.39
N ARG B 42 -21.54 14.39 -3.89
CA ARG B 42 -20.26 14.01 -3.33
C ARG B 42 -19.20 15.12 -3.49
N ARG B 43 -19.17 15.80 -4.63
CA ARG B 43 -18.11 16.77 -4.86
C ARG B 43 -18.31 17.99 -3.98
N TRP B 44 -19.54 18.45 -3.91
CA TRP B 44 -19.90 19.56 -3.05
C TRP B 44 -19.58 19.29 -1.58
N PHE B 45 -19.76 18.05 -1.15
CA PHE B 45 -19.44 17.68 0.22
C PHE B 45 -17.95 17.81 0.49
N LYS B 46 -17.12 17.33 -0.44
CA LYS B 46 -15.69 17.44 -0.25
C LYS B 46 -15.29 18.91 -0.23
N ILE B 47 -15.86 19.71 -1.12
CA ILE B 47 -15.46 21.10 -1.17
C ILE B 47 -15.85 21.87 0.09
N ASP B 48 -16.97 21.52 0.70
CA ASP B 48 -17.33 22.12 1.97
C ASP B 48 -16.34 21.65 3.01
N SER B 49 -16.07 20.34 3.00
CA SER B 49 -15.16 19.70 3.96
C SER B 49 -13.79 20.35 4.08
N GLU B 50 -13.22 20.72 2.94
CA GLU B 50 -11.89 21.30 2.92
C GLU B 50 -11.85 22.80 3.11
N THR B 51 -13.01 23.46 3.11
CA THR B 51 -13.05 24.91 3.22
C THR B 51 -13.71 25.45 4.49
N ARG B 52 -14.42 24.59 5.23
CA ARG B 52 -15.11 25.05 6.43
C ARG B 52 -14.05 25.61 7.35
N GLU B 53 -14.34 26.78 7.91
CA GLU B 53 -13.39 27.47 8.78
C GLU B 53 -13.72 27.39 10.26
N HIS B 54 -15.01 27.51 10.61
CA HIS B 54 -15.43 27.43 12.01
C HIS B 54 -16.52 26.39 12.30
N VAL B 55 -16.32 25.62 13.36
CA VAL B 55 -17.25 24.60 13.76
C VAL B 55 -17.55 24.67 15.26
N THR B 56 -18.80 24.43 15.64
CA THR B 56 -19.16 24.47 17.05
C THR B 56 -19.81 23.18 17.45
N MET B 57 -19.38 22.60 18.55
CA MET B 57 -20.06 21.41 19.03
C MET B 57 -20.79 21.78 20.29
N ALA B 58 -22.11 21.69 20.26
CA ALA B 58 -22.91 22.07 21.43
C ALA B 58 -22.68 21.11 22.60
N LEU B 59 -22.32 19.87 22.27
CA LEU B 59 -21.95 18.87 23.27
C LEU B 59 -20.80 18.07 22.72
N CYS B 60 -19.72 18.03 23.47
CA CYS B 60 -18.49 17.43 23.00
C CYS B 60 -18.62 15.91 22.90
N TYR B 61 -19.54 15.33 23.64
CA TYR B 61 -19.65 13.88 23.70
C TYR B 61 -20.45 13.40 22.51
N THR B 62 -20.73 14.34 21.63
CA THR B 62 -21.61 14.11 20.50
C THR B 62 -20.88 13.38 19.34
N ALA B 63 -19.57 13.47 19.30
CA ALA B 63 -18.78 12.76 18.28
C ALA B 63 -17.33 12.68 18.67
N THR B 64 -16.65 11.69 18.13
CA THR B 64 -15.21 11.47 18.35
C THR B 64 -14.37 12.65 17.88
N PRO B 65 -13.28 12.99 18.57
CA PRO B 65 -12.50 14.11 18.02
C PRO B 65 -11.88 13.67 16.72
N ASP B 66 -11.81 12.36 16.53
CA ASP B 66 -11.35 11.84 15.26
C ASP B 66 -12.35 12.18 14.13
N ARG B 67 -13.62 11.96 14.38
CA ARG B 67 -14.66 12.21 13.39
C ARG B 67 -14.59 13.63 12.88
N LEU B 68 -14.41 14.57 13.80
CA LEU B 68 -14.33 15.99 13.50
C LEU B 68 -13.14 16.32 12.60
N SER B 69 -11.95 15.85 12.96
CA SER B 69 -10.74 16.20 12.20
C SER B 69 -10.76 15.59 10.79
N ARG B 70 -11.54 14.52 10.63
CA ARG B 70 -11.69 13.85 9.35
C ARG B 70 -12.61 14.64 8.44
N ARG B 71 -13.71 15.11 8.99
CA ARG B 71 -14.70 15.91 8.25
C ARG B 71 -14.22 17.34 7.93
N PHE B 72 -13.39 17.94 8.78
CA PHE B 72 -13.03 19.34 8.63
C PHE B 72 -11.57 19.56 8.93
N PRO B 73 -10.69 18.98 8.11
CA PRO B 73 -9.25 18.98 8.32
C PRO B 73 -8.67 20.38 8.46
N ASN B 74 -9.38 21.36 7.93
CA ASN B 74 -8.78 22.67 7.83
C ASN B 74 -9.46 23.76 8.67
N LEU B 75 -10.06 23.36 9.77
CA LEU B 75 -10.65 24.29 10.71
C LEU B 75 -9.65 25.35 11.07
N ARG B 76 -10.14 26.58 11.21
CA ARG B 76 -9.35 27.70 11.69
C ARG B 76 -9.83 28.09 13.10
N SER B 77 -11.10 27.85 13.38
CA SER B 77 -11.67 28.17 14.66
C SER B 77 -12.50 26.99 15.15
N LEU B 78 -12.45 26.71 16.44
CA LEU B 78 -13.24 25.65 17.02
C LEU B 78 -13.87 26.06 18.36
N LYS B 79 -15.06 25.56 18.65
CA LYS B 79 -15.75 25.87 19.89
C LYS B 79 -16.42 24.62 20.44
N LEU B 80 -16.03 24.21 21.64
CA LEU B 80 -16.59 23.01 22.25
C LEU B 80 -17.29 23.39 23.53
N LYS B 81 -18.51 22.86 23.72
CA LYS B 81 -19.18 22.99 24.98
C LYS B 81 -19.19 21.61 25.69
N GLY B 82 -18.99 21.59 27.00
CA GLY B 82 -19.09 20.37 27.77
C GLY B 82 -20.34 20.26 28.65
N LYS B 83 -20.20 20.61 29.94
CA LYS B 83 -21.28 20.47 30.90
C LYS B 83 -22.52 21.21 30.43
N PRO B 84 -23.71 20.67 30.73
CA PRO B 84 -25.03 21.23 30.40
C PRO B 84 -25.28 22.57 31.09
N ARG B 85 -26.23 23.35 30.59
CA ARG B 85 -26.43 24.70 31.13
C ARG B 85 -26.58 24.67 32.62
N ALA B 86 -27.12 23.58 33.13
CA ALA B 86 -27.46 23.49 34.53
C ALA B 86 -26.26 23.66 35.41
N ALA B 87 -25.09 23.39 34.85
CA ALA B 87 -23.85 23.49 35.60
C ALA B 87 -23.63 24.92 36.08
N MET B 88 -24.16 25.86 35.33
CA MET B 88 -24.01 27.27 35.63
C MET B 88 -24.81 27.68 36.83
N PHE B 89 -25.53 26.73 37.43
CA PHE B 89 -26.37 27.01 38.58
C PHE B 89 -26.05 26.07 39.72
N ASN B 90 -24.80 25.61 39.74
CA ASN B 90 -24.35 24.64 40.73
C ASN B 90 -25.32 23.47 40.89
N LEU B 91 -25.72 22.88 39.77
CA LEU B 91 -26.64 21.76 39.80
C LEU B 91 -25.96 20.49 39.25
N ILE B 92 -24.83 20.67 38.59
CA ILE B 92 -24.12 19.55 37.98
C ILE B 92 -22.82 19.25 38.69
N PRO B 93 -22.58 17.98 39.01
CA PRO B 93 -21.41 17.53 39.76
C PRO B 93 -20.17 18.06 39.12
N GLU B 94 -19.14 18.29 39.89
CA GLU B 94 -17.94 18.87 39.32
C GLU B 94 -17.28 17.86 38.40
N ASN B 95 -17.23 16.60 38.83
CA ASN B 95 -16.51 15.54 38.09
C ASN B 95 -17.24 15.01 36.83
N TRP B 96 -18.36 15.64 36.49
CA TRP B 96 -19.29 15.09 35.51
C TRP B 96 -18.67 14.76 34.19
N GLY B 97 -17.84 15.65 33.65
CA GLY B 97 -17.19 15.38 32.39
C GLY B 97 -16.88 16.66 31.66
N GLY B 98 -16.52 16.54 30.38
CA GLY B 98 -16.17 17.66 29.52
C GLY B 98 -14.67 17.82 29.42
N TYR B 99 -13.94 16.75 29.67
CA TYR B 99 -12.49 16.84 29.65
C TYR B 99 -12.04 17.13 28.25
N VAL B 100 -11.05 18.00 28.15
CA VAL B 100 -10.72 18.64 26.90
C VAL B 100 -9.51 17.94 26.25
N THR B 101 -8.80 17.13 27.04
CA THR B 101 -7.53 16.52 26.57
C THR B 101 -7.57 15.75 25.24
N PRO B 102 -8.59 14.89 25.02
CA PRO B 102 -8.73 14.13 23.77
C PRO B 102 -8.78 15.05 22.56
N TRP B 103 -9.35 16.24 22.80
CA TRP B 103 -9.52 17.25 21.78
C TRP B 103 -8.23 18.00 21.52
N VAL B 104 -7.45 18.30 22.54
CA VAL B 104 -6.19 18.96 22.24
C VAL B 104 -5.22 17.97 21.59
N THR B 105 -5.24 16.71 22.01
CA THR B 105 -4.30 15.82 21.33
C THR B 105 -4.74 15.58 19.90
N GLU B 106 -5.99 15.90 19.60
CA GLU B 106 -6.48 15.86 18.20
C GLU B 106 -6.08 17.08 17.40
N ILE B 107 -6.23 18.25 18.01
CA ILE B 107 -5.73 19.51 17.46
C ILE B 107 -4.22 19.50 17.20
N SER B 108 -3.51 18.88 18.14
CA SER B 108 -2.07 18.79 18.10
C SER B 108 -1.65 18.03 16.86
N ASN B 109 -2.45 17.03 16.49
CA ASN B 109 -2.07 16.12 15.41
C ASN B 109 -2.75 16.33 14.07
N ASN B 110 -3.98 16.82 14.07
CA ASN B 110 -4.78 16.81 12.86
C ASN B 110 -5.48 18.11 12.48
N LEU B 111 -5.48 19.09 13.38
CA LEU B 111 -6.05 20.39 13.04
C LEU B 111 -4.94 21.43 12.97
N ARG B 112 -3.97 21.15 12.10
CA ARG B 112 -2.75 21.94 12.02
C ARG B 112 -2.96 23.37 11.57
N GLN B 113 -4.23 23.79 11.47
CA GLN B 113 -4.57 25.07 10.87
C GLN B 113 -5.31 25.97 11.86
N LEU B 114 -5.62 25.40 13.01
CA LEU B 114 -6.41 26.06 14.03
C LEU B 114 -5.73 27.30 14.58
N LYS B 115 -6.44 28.42 14.62
CA LYS B 115 -5.89 29.66 15.18
C LYS B 115 -6.70 30.18 16.38
N SER B 116 -7.89 29.62 16.59
CA SER B 116 -8.76 30.10 17.65
C SER B 116 -9.50 28.97 18.32
N VAL B 117 -9.47 28.93 19.65
CA VAL B 117 -10.12 27.87 20.41
C VAL B 117 -10.95 28.39 21.57
N HIS B 118 -12.17 27.89 21.67
CA HIS B 118 -13.12 28.35 22.68
C HIS B 118 -13.70 27.15 23.39
N PHE B 119 -13.34 26.96 24.65
CA PHE B 119 -13.88 25.90 25.47
C PHE B 119 -14.92 26.48 26.38
N ARG B 120 -16.09 25.87 26.47
CA ARG B 120 -17.19 26.42 27.28
C ARG B 120 -17.74 25.42 28.27
N ARG B 121 -17.61 25.70 29.57
CA ARG B 121 -18.01 24.76 30.62
C ARG B 121 -17.32 23.42 30.40
N MET B 122 -16.00 23.42 30.35
CA MET B 122 -15.25 22.18 30.21
C MET B 122 -14.19 22.00 31.30
N ILE B 123 -13.47 20.88 31.25
CA ILE B 123 -12.39 20.63 32.21
C ILE B 123 -11.06 20.77 31.51
N VAL B 124 -10.38 21.88 31.74
CA VAL B 124 -9.08 22.10 31.13
C VAL B 124 -7.97 21.95 32.18
N SER B 125 -7.05 21.02 31.96
CA SER B 125 -5.97 20.76 32.92
C SER B 125 -4.68 21.50 32.54
N ASP B 126 -3.74 21.62 33.49
CA ASP B 126 -2.48 22.27 33.19
C ASP B 126 -1.79 21.56 32.04
N LEU B 127 -1.79 20.23 32.09
CA LEU B 127 -1.07 19.45 31.10
C LEU B 127 -1.63 19.74 29.74
N ASP B 128 -2.95 19.68 29.62
CA ASP B 128 -3.49 19.74 28.28
C ASP B 128 -3.39 21.14 27.66
N LEU B 129 -3.22 22.18 28.46
CA LEU B 129 -3.00 23.45 27.80
C LEU B 129 -1.52 23.75 27.57
N ASP B 130 -0.64 23.13 28.32
CA ASP B 130 0.78 23.20 27.96
C ASP B 130 0.90 22.51 26.61
N ARG B 131 0.21 21.39 26.46
CA ARG B 131 0.13 20.66 25.18
C ARG B 131 -0.40 21.55 24.06
N LEU B 132 -1.48 22.29 24.35
CA LEU B 132 -2.04 23.25 23.39
C LEU B 132 -1.03 24.28 23.02
N ALA B 133 -0.55 25.01 24.02
CA ALA B 133 0.50 26.01 23.83
C ALA B 133 1.64 25.58 22.90
N LYS B 134 2.38 24.54 23.28
CA LYS B 134 3.49 24.00 22.49
C LYS B 134 3.09 23.56 21.05
N ALA B 135 1.92 22.91 20.92
CA ALA B 135 1.46 22.35 19.65
C ALA B 135 1.06 23.39 18.59
N ARG B 136 0.55 24.54 19.06
CA ARG B 136 -0.03 25.56 18.20
C ARG B 136 0.81 26.84 18.21
N ALA B 137 1.39 27.17 19.36
CA ALA B 137 2.30 28.31 19.51
C ALA B 137 1.82 29.62 18.87
N ASP B 138 2.72 30.29 18.16
CA ASP B 138 2.47 31.63 17.58
C ASP B 138 1.19 31.71 16.77
N ASP B 139 0.69 30.58 16.27
CA ASP B 139 -0.49 30.54 15.44
C ASP B 139 -1.78 30.74 16.20
N LEU B 140 -1.72 30.58 17.51
CA LEU B 140 -2.91 30.70 18.32
C LEU B 140 -3.17 32.17 18.61
N GLU B 141 -4.10 32.75 17.84
CA GLU B 141 -4.45 34.16 17.99
C GLU B 141 -5.46 34.31 19.11
N THR B 142 -6.37 33.37 19.25
CA THR B 142 -7.38 33.49 20.30
C THR B 142 -7.63 32.20 21.11
N LEU B 143 -7.66 32.36 22.42
CA LEU B 143 -7.99 31.30 23.37
C LEU B 143 -9.07 31.75 24.35
N LYS B 144 -10.19 31.05 24.38
CA LYS B 144 -11.29 31.38 25.29
C LYS B 144 -11.57 30.25 26.26
N LEU B 145 -11.18 30.40 27.53
CA LEU B 145 -11.55 29.46 28.57
C LEU B 145 -12.78 29.95 29.31
N ASP B 146 -13.93 29.65 28.75
CA ASP B 146 -15.21 30.20 29.17
C ASP B 146 -15.84 29.34 30.27
N LYS B 147 -15.86 29.81 31.51
CA LYS B 147 -16.49 29.05 32.59
C LYS B 147 -15.89 27.65 32.75
N CYS B 148 -14.59 27.50 32.53
CA CYS B 148 -13.94 26.20 32.70
C CYS B 148 -13.27 26.02 34.05
N SER B 149 -12.85 24.78 34.35
CA SER B 149 -12.20 24.47 35.61
C SER B 149 -11.03 23.54 35.40
N GLY B 150 -10.25 23.34 36.44
CA GLY B 150 -9.22 22.32 36.44
C GLY B 150 -7.81 22.68 36.06
N PHE B 151 -7.53 23.95 35.81
CA PHE B 151 -6.16 24.35 35.50
C PHE B 151 -5.57 25.25 36.57
N THR B 152 -4.38 25.80 36.30
CA THR B 152 -3.73 26.74 37.22
C THR B 152 -2.91 27.81 36.50
N THR B 153 -2.40 28.79 37.25
CA THR B 153 -1.57 29.84 36.69
C THR B 153 -0.38 29.31 35.89
N ASP B 154 0.03 28.07 36.17
CA ASP B 154 1.10 27.46 35.39
C ASP B 154 0.66 27.29 33.95
N GLY B 155 -0.55 26.78 33.78
CA GLY B 155 -1.14 26.58 32.47
C GLY B 155 -1.14 27.87 31.72
N LEU B 156 -1.67 28.91 32.36
CA LEU B 156 -1.67 30.26 31.79
C LEU B 156 -0.26 30.68 31.41
N LEU B 157 0.67 30.56 32.34
CA LEU B 157 2.03 31.01 32.10
C LEU B 157 2.59 30.34 30.88
N SER B 158 2.12 29.11 30.64
CA SER B 158 2.60 28.31 29.51
C SER B 158 2.07 28.83 28.19
N ILE B 159 0.80 29.21 28.13
CA ILE B 159 0.31 29.67 26.83
C ILE B 159 0.76 31.11 26.52
N VAL B 160 0.99 31.94 27.53
CA VAL B 160 1.46 33.29 27.26
C VAL B 160 2.96 33.38 26.87
N THR B 161 3.73 32.33 27.13
CA THR B 161 5.14 32.35 26.78
C THR B 161 5.39 31.66 25.43
N HIS B 162 4.47 30.76 25.05
CA HIS B 162 4.60 29.97 23.82
C HIS B 162 3.77 30.55 22.68
N CYS B 163 2.70 31.27 23.04
CA CYS B 163 1.89 31.97 22.04
C CYS B 163 2.06 33.48 22.13
N ARG B 164 3.05 33.97 21.42
CA ARG B 164 3.56 35.30 21.64
C ARG B 164 2.70 36.29 20.88
N LYS B 165 1.85 35.76 20.01
CA LYS B 165 1.04 36.61 19.18
C LYS B 165 -0.43 36.57 19.49
N ILE B 166 -0.77 36.17 20.71
CA ILE B 166 -2.17 36.14 21.14
C ILE B 166 -2.88 37.46 21.01
N LYS B 167 -4.01 37.47 20.30
CA LYS B 167 -4.85 38.65 20.14
C LYS B 167 -5.94 38.72 21.20
N THR B 168 -6.63 37.61 21.42
CA THR B 168 -7.67 37.57 22.46
C THR B 168 -7.49 36.42 23.46
N LEU B 169 -7.57 36.72 24.75
CA LEU B 169 -7.33 35.75 25.81
C LEU B 169 -8.41 35.89 26.89
N LEU B 170 -9.12 34.82 27.20
CA LEU B 170 -10.32 34.92 28.04
C LEU B 170 -10.48 33.82 29.09
N MET B 171 -10.75 34.20 30.34
CA MET B 171 -10.98 33.23 31.41
C MET B 171 -12.23 33.47 32.24
N GLU B 172 -13.21 34.17 31.68
CA GLU B 172 -14.33 34.65 32.48
C GLU B 172 -15.04 33.52 33.20
N GLU B 173 -15.20 33.67 34.52
CA GLU B 173 -15.96 32.73 35.36
C GLU B 173 -15.27 31.35 35.48
N SER B 174 -14.02 31.27 35.02
CA SER B 174 -13.23 30.05 35.18
C SER B 174 -12.71 29.91 36.58
N SER B 175 -12.59 28.68 37.04
CA SER B 175 -12.05 28.44 38.37
C SER B 175 -10.79 27.61 38.29
N PHE B 176 -9.71 28.14 38.85
CA PHE B 176 -8.41 27.54 38.71
C PHE B 176 -7.66 27.80 40.01
N SER B 177 -6.40 27.40 40.07
CA SER B 177 -5.60 27.57 41.28
C SER B 177 -4.53 28.64 41.10
N GLU B 178 -4.55 29.68 41.93
CA GLU B 178 -3.62 30.78 41.72
C GLU B 178 -2.36 30.63 42.55
N LYS B 179 -1.24 30.39 41.87
CA LYS B 179 0.02 30.12 42.55
C LYS B 179 0.94 31.33 42.52
N ASP B 180 0.67 32.23 41.58
CA ASP B 180 1.51 33.39 41.29
C ASP B 180 0.88 34.33 40.24
N GLY B 181 1.66 35.32 39.81
CA GLY B 181 1.19 36.27 38.80
C GLY B 181 2.14 36.40 37.63
N LYS B 182 3.09 35.47 37.47
CA LYS B 182 4.06 35.59 36.39
C LYS B 182 3.42 35.43 35.03
N TRP B 183 2.19 34.93 34.98
CA TRP B 183 1.51 34.87 33.71
C TRP B 183 1.17 36.26 33.17
N LEU B 184 0.69 37.16 34.02
CA LEU B 184 0.34 38.52 33.62
C LEU B 184 1.60 39.32 33.32
N HIS B 185 2.62 39.08 34.11
CA HIS B 185 3.86 39.81 33.98
C HIS B 185 4.51 39.44 32.66
N GLU B 186 4.35 38.17 32.28
CA GLU B 186 4.95 37.71 31.06
C GLU B 186 4.25 38.34 29.85
N LEU B 187 2.96 38.61 29.98
CA LEU B 187 2.25 39.34 28.94
C LEU B 187 2.82 40.74 28.79
N ALA B 188 2.84 41.50 29.88
CA ALA B 188 3.47 42.80 29.95
C ALA B 188 4.79 42.81 29.21
N GLN B 189 5.74 42.05 29.73
CA GLN B 189 7.10 42.07 29.17
C GLN B 189 7.26 41.76 27.68
N HIS B 190 6.35 41.00 27.07
CA HIS B 190 6.56 40.56 25.69
C HIS B 190 5.41 40.68 24.69
N ASN B 191 4.18 40.91 25.16
CA ASN B 191 3.03 40.91 24.26
C ASN B 191 2.67 42.28 23.70
N THR B 192 2.26 42.29 22.43
CA THR B 192 2.00 43.52 21.69
C THR B 192 0.66 43.45 21.03
N SER B 193 0.30 42.23 20.63
CA SER B 193 -0.80 41.98 19.71
C SER B 193 -2.17 41.96 20.37
N LEU B 194 -2.18 41.82 21.70
CA LEU B 194 -3.41 41.73 22.49
C LEU B 194 -4.48 42.74 22.07
N GLU B 195 -5.69 42.24 21.83
CA GLU B 195 -6.82 43.05 21.42
C GLU B 195 -7.88 43.03 22.50
N VAL B 196 -8.26 41.83 22.93
CA VAL B 196 -9.15 41.68 24.07
C VAL B 196 -8.60 40.76 25.14
N LEU B 197 -8.76 41.17 26.39
CA LEU B 197 -8.26 40.46 27.58
C LEU B 197 -9.36 40.41 28.61
N ASN B 198 -9.72 39.23 29.07
CA ASN B 198 -10.93 39.10 29.87
C ASN B 198 -10.77 38.08 31.00
N PHE B 199 -10.70 38.55 32.24
CA PHE B 199 -10.88 37.65 33.35
C PHE B 199 -11.94 38.16 34.31
N TYR B 200 -13.18 38.26 33.84
CA TYR B 200 -14.22 39.03 34.52
C TYR B 200 -14.68 38.50 35.89
N MET B 201 -15.15 37.27 35.94
CA MET B 201 -15.58 36.75 37.22
C MET B 201 -14.48 35.88 37.81
N THR B 202 -13.42 36.50 38.30
CA THR B 202 -12.27 35.71 38.69
C THR B 202 -11.53 36.21 39.91
N GLU B 203 -11.25 35.29 40.81
CA GLU B 203 -10.53 35.56 42.04
C GLU B 203 -9.02 35.50 41.79
N PHE B 204 -8.46 36.61 41.33
CA PHE B 204 -7.01 36.74 41.20
C PHE B 204 -6.56 37.66 42.30
N ALA B 205 -5.56 37.24 43.07
CA ALA B 205 -5.09 38.04 44.20
C ALA B 205 -3.60 38.27 44.12
N LYS B 206 -2.95 37.79 43.07
CA LYS B 206 -1.49 37.87 42.98
C LYS B 206 -0.99 38.56 41.70
N ILE B 207 -1.86 39.29 41.01
CA ILE B 207 -1.44 39.98 39.80
C ILE B 207 -1.24 41.47 40.08
N SER B 208 -0.11 42.02 39.63
CA SER B 208 0.15 43.42 39.87
C SER B 208 -0.60 44.24 38.86
N PRO B 209 -1.30 45.31 39.30
CA PRO B 209 -1.95 46.22 38.37
C PRO B 209 -0.91 46.96 37.52
N LYS B 210 0.30 47.13 38.04
CA LYS B 210 1.40 47.73 37.27
C LYS B 210 1.62 46.97 35.98
N ASP B 211 1.36 45.66 36.02
CA ASP B 211 1.52 44.79 34.85
C ASP B 211 0.39 45.03 33.83
N LEU B 212 -0.82 45.17 34.33
CA LEU B 212 -1.97 45.51 33.50
C LEU B 212 -1.74 46.85 32.82
N GLU B 213 -1.15 47.79 33.54
CA GLU B 213 -0.85 49.13 33.03
C GLU B 213 0.18 49.01 31.92
N THR B 214 1.29 48.34 32.18
CA THR B 214 2.31 48.20 31.16
C THR B 214 1.82 47.43 29.91
N ILE B 215 0.74 46.67 30.05
CA ILE B 215 0.17 45.97 28.90
C ILE B 215 -0.55 46.96 28.05
N ALA B 216 -1.33 47.81 28.71
CA ALA B 216 -2.10 48.86 28.03
C ALA B 216 -1.20 49.81 27.22
N ARG B 217 -0.01 50.01 27.75
CA ARG B 217 0.97 50.87 27.15
C ARG B 217 1.55 50.24 25.89
N ASN B 218 1.61 48.90 25.87
CA ASN B 218 2.26 48.14 24.79
C ASN B 218 1.39 47.59 23.65
N CYS B 219 0.08 47.43 23.89
CA CYS B 219 -0.82 46.85 22.90
C CYS B 219 -1.70 47.91 22.32
N ARG B 220 -1.24 48.51 21.22
CA ARG B 220 -1.95 49.63 20.64
C ARG B 220 -3.37 49.23 20.20
N SER B 221 -3.61 47.94 20.02
CA SER B 221 -4.90 47.51 19.52
C SER B 221 -5.84 47.03 20.61
N LEU B 222 -5.47 47.33 21.85
CA LEU B 222 -6.27 46.91 23.02
C LEU B 222 -7.64 47.61 23.08
N VAL B 223 -8.70 46.83 22.89
CA VAL B 223 -10.05 47.35 22.74
C VAL B 223 -10.99 46.99 23.89
N SER B 224 -10.81 45.82 24.48
CA SER B 224 -11.64 45.42 25.61
C SER B 224 -10.82 44.77 26.72
N VAL B 225 -11.21 45.00 27.96
CA VAL B 225 -10.60 44.32 29.10
C VAL B 225 -11.56 44.29 30.27
N LYS B 226 -11.78 43.08 30.80
CA LYS B 226 -12.62 42.90 31.97
C LYS B 226 -11.72 42.31 33.04
N VAL B 227 -12.05 42.55 34.30
CA VAL B 227 -11.07 42.37 35.35
C VAL B 227 -11.66 41.89 36.70
N GLY B 228 -10.78 41.46 37.62
CA GLY B 228 -11.19 40.95 38.91
C GLY B 228 -11.56 42.01 39.92
N ASP B 229 -11.15 41.82 41.16
CA ASP B 229 -11.47 42.79 42.18
C ASP B 229 -10.33 43.79 42.44
N PHE B 230 -9.68 44.24 41.38
CA PHE B 230 -8.68 45.31 41.44
C PHE B 230 -9.32 46.56 42.01
N GLU B 231 -8.53 47.36 42.72
CA GLU B 231 -9.01 48.65 43.22
C GLU B 231 -8.93 49.64 42.06
N ILE B 232 -10.06 50.21 41.66
CA ILE B 232 -10.06 51.12 40.51
C ILE B 232 -8.98 52.19 40.58
N LEU B 233 -8.69 52.67 41.78
CA LEU B 233 -7.67 53.71 41.95
C LEU B 233 -6.30 53.25 41.47
N GLU B 234 -6.00 51.96 41.62
CA GLU B 234 -4.71 51.41 41.20
C GLU B 234 -4.62 51.31 39.69
N LEU B 235 -5.75 51.58 39.04
CA LEU B 235 -5.86 51.43 37.60
C LEU B 235 -5.78 52.73 36.82
N VAL B 236 -5.62 53.87 37.50
CA VAL B 236 -5.57 55.14 36.79
C VAL B 236 -4.45 55.19 35.77
N GLY B 237 -3.31 54.59 36.11
CA GLY B 237 -2.18 54.46 35.20
C GLY B 237 -2.60 53.69 33.97
N PHE B 238 -3.32 52.59 34.20
CA PHE B 238 -3.91 51.81 33.12
C PHE B 238 -4.79 52.69 32.22
N PHE B 239 -5.88 53.21 32.77
CA PHE B 239 -6.85 53.97 32.00
C PHE B 239 -6.21 55.06 31.15
N LYS B 240 -5.21 55.73 31.71
CA LYS B 240 -4.53 56.78 30.97
C LYS B 240 -3.81 56.23 29.74
N ALA B 241 -3.20 55.06 29.87
CA ALA B 241 -2.44 54.46 28.77
C ALA B 241 -3.32 53.71 27.77
N ALA B 242 -4.50 53.30 28.21
CA ALA B 242 -5.39 52.47 27.39
C ALA B 242 -6.23 53.26 26.39
N ALA B 243 -5.56 54.02 25.53
CA ALA B 243 -6.25 54.92 24.60
C ALA B 243 -7.47 54.33 23.85
N ASN B 244 -7.26 53.30 23.04
CA ASN B 244 -8.28 52.81 22.15
C ASN B 244 -9.32 51.97 22.82
N LEU B 245 -9.25 51.90 24.15
CA LEU B 245 -10.16 51.07 24.95
C LEU B 245 -11.62 51.47 24.76
N GLU B 246 -12.44 50.49 24.38
CA GLU B 246 -13.89 50.68 24.17
C GLU B 246 -14.77 50.01 25.23
N GLU B 247 -14.23 48.99 25.90
CA GLU B 247 -15.04 48.25 26.86
C GLU B 247 -14.23 48.01 28.12
N PHE B 248 -14.84 48.24 29.27
CA PHE B 248 -14.23 47.85 30.54
C PHE B 248 -15.31 47.41 31.54
N CYS B 249 -15.24 46.15 31.97
CA CYS B 249 -16.10 45.68 33.06
C CYS B 249 -15.16 45.28 34.17
N GLY B 250 -15.65 45.30 35.40
CA GLY B 250 -14.87 44.80 36.50
C GLY B 250 -14.34 45.84 37.45
N GLY B 251 -13.17 45.56 38.03
CA GLY B 251 -12.59 46.41 39.05
C GLY B 251 -13.37 46.36 40.34
N SER B 252 -13.14 47.35 41.20
CA SER B 252 -13.77 47.40 42.50
C SER B 252 -13.80 48.84 43.01
N LEU B 253 -14.99 49.28 43.39
CA LEU B 253 -15.19 50.62 43.94
C LEU B 253 -15.38 50.53 45.44
N ASN B 254 -14.30 50.76 46.18
CA ASN B 254 -14.30 50.70 47.64
C ASN B 254 -14.28 52.09 48.25
N GLU B 255 -15.35 52.45 48.94
CA GLU B 255 -15.48 53.78 49.53
C GLU B 255 -15.21 53.76 51.03
N ASP B 256 -14.15 54.43 51.45
CA ASP B 256 -13.95 54.72 52.87
C ASP B 256 -14.43 56.15 53.09
N ILE B 257 -14.89 56.46 54.29
CA ILE B 257 -15.51 57.75 54.54
C ILE B 257 -14.47 58.87 54.56
N GLY B 258 -13.21 58.49 54.79
CA GLY B 258 -12.11 59.45 54.82
C GLY B 258 -11.77 60.08 53.48
N MET B 259 -12.51 59.70 52.45
CA MET B 259 -12.35 60.31 51.13
C MET B 259 -13.69 60.34 50.42
N PRO B 260 -14.49 61.38 50.68
CA PRO B 260 -15.78 61.54 50.02
C PRO B 260 -15.56 61.86 48.54
N GLU B 261 -14.46 62.54 48.24
CA GLU B 261 -14.09 62.77 46.86
C GLU B 261 -12.86 61.94 46.49
N LYS B 262 -12.98 60.63 46.69
CA LYS B 262 -11.91 59.68 46.36
C LYS B 262 -11.84 59.47 44.84
N TYR B 263 -12.98 59.16 44.25
CA TYR B 263 -13.07 58.77 42.85
C TYR B 263 -13.52 59.90 41.94
N MET B 264 -13.24 61.13 42.31
CA MET B 264 -13.73 62.26 41.53
C MET B 264 -12.69 62.79 40.55
N ASN B 265 -11.57 62.07 40.46
CA ASN B 265 -10.49 62.42 39.54
C ASN B 265 -10.18 61.28 38.56
N LEU B 266 -11.24 60.71 38.00
CA LEU B 266 -11.08 59.57 37.11
C LEU B 266 -11.02 59.94 35.64
N VAL B 267 -9.87 59.65 35.05
CA VAL B 267 -9.64 59.87 33.63
C VAL B 267 -9.99 58.62 32.84
N PHE B 268 -11.26 58.45 32.51
CA PHE B 268 -11.71 57.31 31.69
C PHE B 268 -11.37 57.44 30.21
N PRO B 269 -10.96 56.33 29.57
CA PRO B 269 -10.52 56.44 28.17
C PRO B 269 -11.58 57.14 27.36
N ARG B 270 -11.18 57.85 26.32
CA ARG B 270 -12.12 58.63 25.55
C ARG B 270 -13.21 57.80 24.88
N LYS B 271 -12.79 56.70 24.23
CA LYS B 271 -13.70 55.87 23.43
C LYS B 271 -14.65 54.96 24.25
N LEU B 272 -14.38 54.85 25.54
CA LEU B 272 -15.12 53.93 26.42
C LEU B 272 -16.63 54.07 26.30
N CYS B 273 -17.28 53.06 25.73
CA CYS B 273 -18.73 53.09 25.49
C CYS B 273 -19.50 51.84 25.95
N ARG B 274 -18.79 50.82 26.39
CA ARG B 274 -19.41 49.60 26.88
C ARG B 274 -18.76 49.30 28.23
N LEU B 275 -19.52 49.34 29.32
CA LEU B 275 -18.89 49.17 30.61
C LEU B 275 -19.77 48.76 31.78
N GLY B 276 -19.10 48.49 32.91
CA GLY B 276 -19.77 48.17 34.15
C GLY B 276 -18.78 48.04 35.28
N LEU B 277 -18.77 49.02 36.19
CA LEU B 277 -17.88 48.97 37.36
C LEU B 277 -18.49 48.19 38.50
N SER B 278 -17.67 47.35 39.11
CA SER B 278 -18.17 46.46 40.15
C SER B 278 -18.27 47.19 41.48
N TYR B 279 -19.35 46.92 42.21
CA TYR B 279 -19.57 47.46 43.55
C TYR B 279 -19.88 48.96 43.59
N MET B 280 -20.17 49.53 42.43
CA MET B 280 -20.43 50.96 42.32
C MET B 280 -21.67 51.43 43.06
N GLY B 281 -21.48 52.33 44.03
CA GLY B 281 -22.58 52.90 44.80
C GLY B 281 -23.07 54.20 44.23
N PRO B 282 -24.00 54.87 44.93
CA PRO B 282 -24.54 56.13 44.43
C PRO B 282 -23.50 57.24 44.52
N ASN B 283 -22.61 57.17 45.50
CA ASN B 283 -21.59 58.20 45.68
C ASN B 283 -20.60 58.29 44.54
N GLU B 284 -20.29 57.14 43.94
CA GLU B 284 -19.29 57.06 42.86
C GLU B 284 -19.94 57.01 41.45
N MET B 285 -21.22 56.69 41.40
CA MET B 285 -22.01 56.71 40.16
C MET B 285 -21.83 57.95 39.26
N PRO B 286 -21.70 59.15 39.87
CA PRO B 286 -21.51 60.38 39.12
C PRO B 286 -20.38 60.36 38.09
N ILE B 287 -19.35 59.55 38.32
CA ILE B 287 -18.18 59.56 37.43
C ILE B 287 -18.49 59.11 36.00
N LEU B 288 -19.73 58.70 35.77
CA LEU B 288 -20.15 58.20 34.48
C LEU B 288 -20.85 59.29 33.68
N PHE B 289 -21.42 60.27 34.39
CA PHE B 289 -22.25 61.28 33.77
C PHE B 289 -21.57 62.01 32.58
N PRO B 290 -20.32 62.45 32.78
CA PRO B 290 -19.59 63.20 31.76
C PRO B 290 -19.56 62.58 30.36
N PHE B 291 -20.08 61.36 30.22
CA PHE B 291 -20.10 60.68 28.91
C PHE B 291 -21.20 59.61 28.80
N ALA B 292 -22.25 59.73 29.59
CA ALA B 292 -23.33 58.76 29.57
C ALA B 292 -24.11 58.79 28.26
N ALA B 293 -23.99 59.88 27.53
CA ALA B 293 -24.71 60.03 26.27
C ALA B 293 -24.09 59.09 25.26
N GLN B 294 -22.93 58.56 25.63
CA GLN B 294 -22.09 57.80 24.72
C GLN B 294 -22.17 56.30 24.99
N ILE B 295 -22.49 55.97 26.26
CA ILE B 295 -22.64 54.59 26.72
C ILE B 295 -23.70 53.79 25.93
N ARG B 296 -23.33 52.58 25.51
CA ARG B 296 -24.19 51.75 24.68
C ARG B 296 -24.46 50.39 25.32
N LYS B 297 -23.68 50.06 26.34
CA LYS B 297 -23.84 48.80 27.08
C LYS B 297 -23.49 49.04 28.54
N LEU B 298 -24.30 48.52 29.45
CA LEU B 298 -24.13 48.78 30.87
C LEU B 298 -24.29 47.51 31.71
N ASP B 299 -23.32 47.23 32.56
CA ASP B 299 -23.34 46.01 33.37
C ASP B 299 -23.49 46.31 34.86
N LEU B 300 -24.68 46.73 35.24
CA LEU B 300 -24.94 47.10 36.63
C LEU B 300 -25.24 45.86 37.42
N LEU B 301 -24.73 44.75 36.95
CA LEU B 301 -25.06 43.47 37.53
C LEU B 301 -24.49 43.42 38.93
N TYR B 302 -23.26 43.89 39.07
CA TYR B 302 -22.57 43.77 40.34
C TYR B 302 -22.44 45.14 40.99
N ALA B 303 -23.30 46.05 40.56
CA ALA B 303 -23.35 47.37 41.13
C ALA B 303 -24.14 47.38 42.44
N LEU B 304 -23.80 48.33 43.32
CA LEU B 304 -24.37 48.43 44.66
C LEU B 304 -25.33 49.61 44.80
N LEU B 305 -26.11 49.88 43.75
CA LEU B 305 -26.95 51.04 43.79
C LEU B 305 -28.43 50.67 43.73
N GLU B 306 -29.28 51.55 44.30
CA GLU B 306 -30.68 51.26 44.60
C GLU B 306 -31.66 51.78 43.57
N THR B 307 -32.90 51.30 43.66
CA THR B 307 -33.90 51.50 42.63
C THR B 307 -34.00 52.94 42.13
N GLU B 308 -33.78 53.90 43.02
CA GLU B 308 -33.82 55.32 42.66
C GLU B 308 -32.61 55.67 41.79
N ASP B 309 -31.43 55.34 42.32
CA ASP B 309 -30.18 55.58 41.65
C ASP B 309 -30.19 55.01 40.22
N HIS B 310 -30.89 53.89 40.04
CA HIS B 310 -31.00 53.28 38.71
C HIS B 310 -31.63 54.26 37.75
N CYS B 311 -32.70 54.89 38.20
CA CYS B 311 -33.51 55.74 37.34
C CYS B 311 -32.75 56.99 36.93
N THR B 312 -31.98 57.53 37.87
CA THR B 312 -31.24 58.76 37.61
C THR B 312 -30.12 58.52 36.58
N LEU B 313 -29.65 57.28 36.49
CA LEU B 313 -28.57 56.93 35.58
C LEU B 313 -29.08 56.48 34.21
N ILE B 314 -30.00 55.52 34.19
CA ILE B 314 -30.64 55.12 32.94
C ILE B 314 -31.06 56.36 32.19
N GLN B 315 -31.66 57.28 32.94
CA GLN B 315 -32.22 58.52 32.41
C GLN B 315 -31.22 59.28 31.53
N LYS B 316 -29.93 59.07 31.78
CA LYS B 316 -28.87 59.82 31.10
C LYS B 316 -28.34 59.13 29.85
N CYS B 317 -28.76 57.90 29.59
CA CYS B 317 -28.18 57.11 28.49
C CYS B 317 -29.22 56.77 27.42
N PRO B 318 -29.49 57.72 26.53
CA PRO B 318 -30.51 57.61 25.49
C PRO B 318 -30.11 56.61 24.43
N ASN B 319 -28.81 56.32 24.33
CA ASN B 319 -28.33 55.47 23.26
C ASN B 319 -27.96 54.07 23.73
N LEU B 320 -28.14 53.84 25.02
CA LEU B 320 -27.98 52.52 25.61
C LEU B 320 -28.79 51.51 24.83
N GLU B 321 -28.12 50.48 24.31
CA GLU B 321 -28.81 49.40 23.63
C GLU B 321 -28.66 48.04 24.29
N VAL B 322 -27.87 47.95 25.34
CA VAL B 322 -27.85 46.73 26.16
C VAL B 322 -27.68 47.04 27.64
N LEU B 323 -28.57 46.52 28.46
CA LEU B 323 -28.48 46.71 29.90
C LEU B 323 -28.64 45.38 30.62
N GLU B 324 -27.74 45.11 31.55
CA GLU B 324 -27.85 43.93 32.39
C GLU B 324 -27.77 44.37 33.82
N THR B 325 -28.77 43.99 34.61
CA THR B 325 -28.87 44.43 36.00
C THR B 325 -29.69 43.49 36.87
N ARG B 326 -29.63 43.70 38.18
CA ARG B 326 -30.42 42.90 39.12
C ARG B 326 -31.87 43.41 39.18
N ASN B 327 -32.78 42.68 39.84
CA ASN B 327 -34.19 43.07 39.88
C ASN B 327 -34.48 44.30 40.74
N VAL B 328 -33.43 44.87 41.34
CA VAL B 328 -33.52 46.12 42.06
C VAL B 328 -33.99 47.23 41.15
N ILE B 329 -33.64 47.14 39.87
CA ILE B 329 -34.05 48.11 38.86
C ILE B 329 -35.50 48.55 39.08
N GLY B 330 -36.34 47.64 39.54
CA GLY B 330 -37.69 47.96 39.94
C GLY B 330 -38.62 48.36 38.81
N ASP B 331 -39.92 48.26 39.06
CA ASP B 331 -40.92 48.68 38.10
C ASP B 331 -40.66 50.13 37.71
N ARG B 332 -40.34 50.94 38.72
CA ARG B 332 -40.08 52.36 38.51
C ARG B 332 -38.93 52.56 37.53
N GLY B 333 -37.82 51.85 37.77
CA GLY B 333 -36.68 51.90 36.87
C GLY B 333 -37.01 51.52 35.43
N LEU B 334 -37.75 50.44 35.27
CA LEU B 334 -38.19 49.99 33.94
C LEU B 334 -38.98 51.05 33.21
N GLU B 335 -39.78 51.81 33.96
CA GLU B 335 -40.57 52.89 33.38
C GLU B 335 -39.66 54.00 32.82
N VAL B 336 -38.58 54.30 33.54
CA VAL B 336 -37.59 55.26 33.08
C VAL B 336 -36.94 54.77 31.78
N LEU B 337 -36.62 53.49 31.76
CA LEU B 337 -35.99 52.85 30.61
C LEU B 337 -36.93 52.81 29.40
N ALA B 338 -38.23 53.00 29.65
CA ALA B 338 -39.25 52.85 28.62
C ALA B 338 -39.34 54.01 27.66
N GLN B 339 -39.09 55.23 28.11
CA GLN B 339 -39.13 56.36 27.18
C GLN B 339 -37.81 57.11 27.01
N TYR B 340 -36.75 56.63 27.64
CA TYR B 340 -35.44 57.25 27.48
C TYR B 340 -34.52 56.50 26.51
N CYS B 341 -34.57 55.17 26.56
CA CYS B 341 -33.74 54.34 25.72
C CYS B 341 -34.63 53.57 24.77
N LYS B 342 -34.83 54.11 23.59
CA LYS B 342 -35.72 53.48 22.65
C LYS B 342 -34.89 52.50 21.85
N GLN B 343 -33.59 52.70 21.87
CA GLN B 343 -32.68 51.92 21.05
C GLN B 343 -32.38 50.54 21.64
N LEU B 344 -32.84 50.31 22.87
CA LEU B 344 -32.56 49.07 23.59
C LEU B 344 -32.85 47.85 22.75
N LYS B 345 -31.89 46.91 22.75
CA LYS B 345 -32.02 45.67 22.01
C LYS B 345 -31.90 44.46 22.93
N ARG B 346 -31.15 44.59 24.02
CA ARG B 346 -30.97 43.48 24.94
C ARG B 346 -31.13 43.94 26.39
N LEU B 347 -31.91 43.18 27.17
CA LEU B 347 -32.13 43.51 28.56
C LEU B 347 -32.17 42.23 29.37
N ARG B 348 -31.42 42.21 30.46
CA ARG B 348 -31.40 41.07 31.37
C ARG B 348 -31.54 41.50 32.85
N ILE B 349 -32.43 40.84 33.59
CA ILE B 349 -32.72 41.21 34.98
C ILE B 349 -32.53 40.03 35.93
N GLU B 350 -31.29 39.73 36.30
CA GLU B 350 -31.00 38.59 37.21
C GLU B 350 -31.53 38.87 38.60
N ARG B 351 -31.92 37.82 39.31
CA ARG B 351 -32.52 38.02 40.64
C ARG B 351 -31.49 38.31 41.73
N GLY B 352 -31.73 39.39 42.47
CA GLY B 352 -30.84 39.86 43.51
C GLY B 352 -31.09 39.22 44.86
N ALA B 353 -30.80 39.95 45.93
CA ALA B 353 -30.90 39.38 47.27
C ALA B 353 -32.35 39.20 47.72
N ASP B 354 -32.87 38.00 47.55
CA ASP B 354 -34.23 37.63 47.98
C ASP B 354 -34.22 37.05 49.40
N GLU B 355 -33.57 37.75 50.33
CA GLU B 355 -33.42 37.29 51.71
C GLU B 355 -33.98 38.34 52.69
N GLN B 356 -33.28 39.46 52.83
CA GLN B 356 -33.72 40.57 53.67
C GLN B 356 -34.73 41.45 52.92
N GLY B 357 -35.99 41.02 52.87
CA GLY B 357 -36.96 41.64 52.00
C GLY B 357 -36.40 41.60 50.59
N MET B 358 -36.82 42.52 49.72
CA MET B 358 -36.11 42.72 48.47
C MET B 358 -34.91 43.61 48.80
N GLU B 359 -34.26 44.16 47.78
CA GLU B 359 -33.14 45.08 48.02
C GLU B 359 -33.67 46.49 48.33
N ASP B 360 -34.95 46.71 48.04
CA ASP B 360 -35.73 47.85 48.56
C ASP B 360 -37.25 47.57 48.47
N GLU B 361 -38.09 48.60 48.63
CA GLU B 361 -39.54 48.39 48.57
C GLU B 361 -40.13 48.71 47.19
N GLU B 362 -39.25 49.01 46.23
CA GLU B 362 -39.63 49.10 44.82
C GLU B 362 -38.86 48.06 44.01
N GLY B 363 -37.95 47.34 44.69
CA GLY B 363 -37.09 46.35 44.08
C GLY B 363 -37.78 45.03 43.75
N LEU B 364 -39.02 45.15 43.29
CA LEU B 364 -39.80 44.05 42.75
C LEU B 364 -40.17 44.48 41.33
N VAL B 365 -40.20 43.54 40.40
CA VAL B 365 -40.67 43.82 39.03
C VAL B 365 -41.94 43.06 38.72
N SER B 366 -42.85 43.67 37.95
CA SER B 366 -44.20 43.13 37.79
C SER B 366 -44.85 43.55 36.48
N GLN B 367 -46.07 43.06 36.26
CA GLN B 367 -46.87 43.41 35.09
C GLN B 367 -46.74 44.89 34.74
N ARG B 368 -46.65 45.71 35.78
CA ARG B 368 -46.59 47.16 35.66
C ARG B 368 -45.40 47.61 34.82
N GLY B 369 -44.20 47.25 35.27
CA GLY B 369 -42.99 47.56 34.54
C GLY B 369 -42.93 46.84 33.20
N LEU B 370 -43.28 45.56 33.19
CA LEU B 370 -43.27 44.77 31.97
C LEU B 370 -44.01 45.49 30.87
N ILE B 371 -45.29 45.75 31.08
CA ILE B 371 -46.10 46.32 30.01
C ILE B 371 -45.66 47.75 29.64
N ALA B 372 -45.01 48.42 30.59
CA ALA B 372 -44.45 49.74 30.36
C ALA B 372 -43.30 49.66 29.35
N LEU B 373 -42.50 48.63 29.53
CA LEU B 373 -41.32 48.37 28.71
C LEU B 373 -41.70 47.91 27.31
N ALA B 374 -42.71 47.06 27.25
CA ALA B 374 -43.19 46.52 25.99
C ALA B 374 -43.58 47.64 25.06
N GLN B 375 -44.03 48.75 25.63
CA GLN B 375 -44.45 49.87 24.82
C GLN B 375 -43.27 50.79 24.47
N GLY B 376 -42.36 50.98 25.41
CA GLY B 376 -41.23 51.86 25.21
C GLY B 376 -40.20 51.37 24.20
N CYS B 377 -39.57 50.24 24.50
CA CYS B 377 -38.47 49.71 23.68
C CYS B 377 -38.93 48.58 22.78
N GLN B 378 -39.37 48.91 21.58
CA GLN B 378 -39.98 47.92 20.71
C GLN B 378 -38.94 47.36 19.79
N GLU B 379 -37.69 47.65 20.10
CA GLU B 379 -36.59 47.13 19.32
C GLU B 379 -35.95 45.89 19.96
N LEU B 380 -36.44 45.57 21.16
CA LEU B 380 -35.94 44.44 21.93
C LEU B 380 -35.84 43.13 21.15
N GLU B 381 -34.66 42.52 21.23
CA GLU B 381 -34.37 41.27 20.56
C GLU B 381 -34.06 40.16 21.56
N TYR B 382 -33.62 40.53 22.76
CA TYR B 382 -33.36 39.58 23.83
C TYR B 382 -33.90 40.17 25.12
N MET B 383 -34.75 39.42 25.80
CA MET B 383 -35.32 39.88 27.06
C MET B 383 -35.38 38.78 28.10
N ALA B 384 -34.68 38.96 29.20
CA ALA B 384 -34.63 37.94 30.21
C ALA B 384 -34.84 38.57 31.58
N VAL B 385 -35.84 38.07 32.28
CA VAL B 385 -36.35 38.73 33.46
C VAL B 385 -36.73 37.76 34.57
N TYR B 386 -36.19 37.98 35.77
CA TYR B 386 -36.72 37.35 36.99
C TYR B 386 -37.77 38.30 37.60
N VAL B 387 -39.05 37.97 37.39
CA VAL B 387 -40.17 38.82 37.79
C VAL B 387 -40.79 38.37 39.14
N SER B 388 -41.51 39.27 39.83
CA SER B 388 -42.09 38.93 41.15
C SER B 388 -43.62 38.75 41.10
N ASP B 389 -44.22 39.06 39.95
CA ASP B 389 -45.68 38.96 39.78
C ASP B 389 -46.10 39.31 38.34
N ILE B 390 -46.94 38.50 37.72
CA ILE B 390 -47.41 38.75 36.33
C ILE B 390 -48.92 38.72 36.08
N THR B 391 -49.27 39.01 34.84
CA THR B 391 -50.66 39.04 34.39
C THR B 391 -50.72 38.64 32.93
N ASN B 392 -51.73 37.86 32.57
CA ASN B 392 -51.95 37.50 31.17
C ASN B 392 -51.81 38.73 30.30
N GLU B 393 -52.30 39.86 30.79
CA GLU B 393 -52.36 41.08 29.98
C GLU B 393 -50.97 41.50 29.56
N SER B 394 -50.03 41.40 30.48
CA SER B 394 -48.66 41.83 30.21
C SER B 394 -48.08 41.03 29.06
N LEU B 395 -48.27 39.72 29.09
CA LEU B 395 -47.75 38.88 28.01
C LEU B 395 -48.36 39.27 26.67
N GLU B 396 -49.64 39.66 26.68
CA GLU B 396 -50.34 39.97 25.44
C GLU B 396 -49.69 41.17 24.74
N SER B 397 -49.23 42.12 25.55
CA SER B 397 -48.60 43.33 25.05
C SER B 397 -47.16 43.07 24.60
N ILE B 398 -46.54 42.03 25.14
CA ILE B 398 -45.21 41.61 24.71
C ILE B 398 -45.30 41.21 23.26
N GLY B 399 -46.08 40.18 22.99
CA GLY B 399 -46.24 39.67 21.64
C GLY B 399 -47.03 40.62 20.77
N THR B 400 -47.26 41.82 21.29
CA THR B 400 -48.04 42.82 20.58
C THR B 400 -47.17 43.96 20.01
N TYR B 401 -46.12 44.32 20.73
CA TYR B 401 -45.26 45.44 20.35
C TYR B 401 -43.87 45.07 19.84
N LEU B 402 -43.12 44.28 20.62
CA LEU B 402 -41.75 43.95 20.26
C LEU B 402 -41.67 42.66 19.46
N LYS B 403 -41.78 42.81 18.15
CA LYS B 403 -41.97 41.68 17.25
C LYS B 403 -40.70 40.89 17.07
N ASN B 404 -39.59 41.59 16.89
CA ASN B 404 -38.33 40.91 16.65
C ASN B 404 -37.63 40.49 17.95
N LEU B 405 -38.43 40.00 18.89
CA LEU B 405 -37.89 39.28 20.03
C LEU B 405 -37.43 37.93 19.53
N CYS B 406 -36.16 37.62 19.76
CA CYS B 406 -35.56 36.34 19.38
C CYS B 406 -35.39 35.41 20.58
N ASP B 407 -34.99 35.96 21.72
CA ASP B 407 -34.71 35.17 22.90
C ASP B 407 -35.57 35.75 24.01
N PHE B 408 -36.49 34.96 24.54
CA PHE B 408 -37.33 35.43 25.64
C PHE B 408 -37.27 34.49 26.84
N ARG B 409 -36.90 35.03 28.00
CA ARG B 409 -36.84 34.21 29.22
C ARG B 409 -37.55 34.88 30.40
N LEU B 410 -38.48 34.14 31.01
CA LEU B 410 -39.30 34.64 32.11
C LEU B 410 -39.27 33.66 33.28
N VAL B 411 -38.97 34.14 34.48
CA VAL B 411 -38.98 33.27 35.64
C VAL B 411 -39.61 34.03 36.77
N LEU B 412 -40.64 33.46 37.42
CA LEU B 412 -41.27 34.15 38.53
C LEU B 412 -40.89 33.61 39.92
N LEU B 413 -40.52 34.52 40.82
CA LEU B 413 -40.05 34.15 42.14
C LEU B 413 -41.17 33.62 43.04
N ASP B 414 -40.84 32.56 43.78
CA ASP B 414 -41.77 31.92 44.70
C ASP B 414 -41.98 32.80 45.92
N ARG B 415 -41.26 33.92 45.95
CA ARG B 415 -41.32 34.91 47.03
C ARG B 415 -42.74 35.32 47.34
N GLU B 416 -43.44 35.74 46.30
CA GLU B 416 -44.83 36.19 46.41
C GLU B 416 -45.78 35.04 46.75
N GLU B 417 -46.81 35.38 47.52
CA GLU B 417 -47.78 34.39 47.97
C GLU B 417 -48.86 34.17 46.91
N ARG B 418 -49.70 35.18 46.71
CA ARG B 418 -50.72 35.14 45.66
C ARG B 418 -50.28 36.01 44.50
N ILE B 419 -50.34 35.43 43.30
CA ILE B 419 -50.04 36.15 42.08
C ILE B 419 -51.37 36.46 41.39
N THR B 420 -51.58 37.74 41.07
CA THR B 420 -52.81 38.24 40.44
C THR B 420 -53.67 37.14 39.81
N ASP B 421 -53.72 37.11 38.48
CA ASP B 421 -54.40 36.03 37.78
C ASP B 421 -53.35 35.00 37.41
N LEU B 422 -53.61 33.72 37.70
CA LEU B 422 -52.51 32.77 37.66
C LEU B 422 -52.37 31.93 36.39
N PRO B 423 -53.41 31.17 36.00
CA PRO B 423 -53.23 30.40 34.75
C PRO B 423 -52.98 31.35 33.58
N LEU B 424 -51.82 31.20 32.93
CA LEU B 424 -51.33 32.18 31.95
C LEU B 424 -51.58 31.74 30.52
N ASP B 425 -52.36 30.67 30.35
CA ASP B 425 -52.57 30.03 29.07
C ASP B 425 -52.78 31.01 27.91
N ASN B 426 -53.59 32.03 28.13
CA ASN B 426 -53.99 32.89 27.02
C ASN B 426 -53.01 34.02 26.74
N GLY B 427 -52.19 34.32 27.74
CA GLY B 427 -51.11 35.27 27.60
C GLY B 427 -49.95 34.67 26.83
N VAL B 428 -49.47 33.53 27.31
CA VAL B 428 -48.45 32.76 26.61
C VAL B 428 -48.82 32.69 25.15
N ARG B 429 -50.09 32.37 24.90
CA ARG B 429 -50.56 32.18 23.54
C ARG B 429 -50.35 33.38 22.62
N SER B 430 -50.75 34.58 23.04
CA SER B 430 -50.61 35.75 22.16
C SER B 430 -49.16 36.19 22.05
N LEU B 431 -48.39 35.91 23.09
CA LEU B 431 -46.96 36.18 23.06
C LEU B 431 -46.29 35.38 21.95
N LEU B 432 -46.42 34.06 22.01
CA LEU B 432 -45.80 33.16 21.02
C LEU B 432 -46.31 33.43 19.61
N ILE B 433 -47.49 34.05 19.52
CA ILE B 433 -48.14 34.29 18.23
C ILE B 433 -47.69 35.59 17.59
N GLY B 434 -47.37 36.58 18.42
CA GLY B 434 -46.85 37.85 17.94
C GLY B 434 -45.37 37.80 17.63
N CYS B 435 -44.60 37.26 18.57
CA CYS B 435 -43.15 37.12 18.39
C CYS B 435 -42.85 35.85 17.60
N LYS B 436 -42.98 35.92 16.29
CA LYS B 436 -42.79 34.76 15.45
C LYS B 436 -41.32 34.65 15.04
N LYS B 437 -40.51 35.59 15.47
CA LYS B 437 -39.09 35.55 15.20
C LYS B 437 -38.37 34.79 16.31
N LEU B 438 -39.13 34.37 17.33
CA LEU B 438 -38.59 33.73 18.51
C LEU B 438 -37.88 32.39 18.23
N ARG B 439 -36.69 32.21 18.79
CA ARG B 439 -35.87 31.00 18.58
C ARG B 439 -35.48 30.33 19.89
N ARG B 440 -35.38 31.11 20.95
CA ARG B 440 -35.08 30.58 22.26
C ARG B 440 -36.12 31.10 23.25
N PHE B 441 -36.58 30.25 24.15
CA PHE B 441 -37.72 30.58 24.99
C PHE B 441 -37.64 29.86 26.34
N ALA B 442 -37.70 30.62 27.43
CA ALA B 442 -37.62 30.04 28.76
C ALA B 442 -38.79 30.53 29.59
N PHE B 443 -39.43 29.60 30.29
CA PHE B 443 -40.69 29.88 30.99
C PHE B 443 -40.81 29.08 32.28
N TYR B 444 -40.40 29.66 33.40
CA TYR B 444 -40.26 28.91 34.64
C TYR B 444 -41.23 29.52 35.63
N LEU B 445 -42.17 28.72 36.15
CA LEU B 445 -43.26 29.25 36.96
C LEU B 445 -43.39 28.66 38.38
N ARG B 446 -44.60 28.72 38.93
CA ARG B 446 -44.99 28.02 40.15
C ARG B 446 -46.05 27.02 39.71
N GLN B 447 -46.47 26.11 40.58
CA GLN B 447 -47.24 24.95 40.11
C GLN B 447 -48.51 25.28 39.28
N GLY B 448 -49.45 25.99 39.88
CA GLY B 448 -50.68 26.29 39.15
C GLY B 448 -50.53 27.24 37.97
N GLY B 449 -49.29 27.43 37.50
CA GLY B 449 -48.99 28.49 36.55
C GLY B 449 -49.55 28.32 35.14
N LEU B 450 -49.56 27.07 34.69
CA LEU B 450 -50.01 26.78 33.33
C LEU B 450 -50.70 25.42 33.30
N THR B 451 -51.74 25.35 32.50
CA THR B 451 -52.57 24.16 32.43
C THR B 451 -52.21 23.35 31.21
N ASP B 452 -52.61 22.09 31.19
CA ASP B 452 -52.33 21.22 30.05
C ASP B 452 -52.77 21.91 28.76
N LEU B 453 -53.77 22.78 28.85
CA LEU B 453 -54.26 23.45 27.66
C LEU B 453 -53.23 24.49 27.22
N GLY B 454 -52.76 25.29 28.18
CA GLY B 454 -51.77 26.33 27.92
C GLY B 454 -50.46 25.76 27.42
N LEU B 455 -50.10 24.59 27.97
CA LEU B 455 -48.88 23.90 27.58
C LEU B 455 -48.97 23.50 26.11
N SER B 456 -50.11 22.95 25.69
CA SER B 456 -50.25 22.52 24.31
C SER B 456 -50.25 23.70 23.34
N TYR B 457 -50.52 24.89 23.87
CA TYR B 457 -50.41 26.12 23.10
C TYR B 457 -48.97 26.32 22.67
N ILE B 458 -48.07 26.18 23.63
CA ILE B 458 -46.64 26.32 23.37
C ILE B 458 -46.18 25.43 22.21
N GLY B 459 -46.47 24.13 22.31
CA GLY B 459 -46.11 23.20 21.26
C GLY B 459 -46.67 23.65 19.93
N GLN B 460 -47.86 24.22 20.00
CA GLN B 460 -48.66 24.57 18.84
C GLN B 460 -48.23 25.88 18.16
N TYR B 461 -47.79 26.87 18.94
CA TYR B 461 -47.47 28.19 18.37
C TYR B 461 -45.99 28.61 18.42
N SER B 462 -45.09 27.66 18.59
CA SER B 462 -43.66 27.98 18.59
C SER B 462 -42.93 27.20 17.52
N PRO B 463 -43.05 27.65 16.27
CA PRO B 463 -42.54 26.96 15.09
C PRO B 463 -41.04 27.15 14.90
N ASN B 464 -40.48 28.19 15.48
CA ASN B 464 -39.08 28.51 15.24
C ASN B 464 -38.20 28.22 16.42
N VAL B 465 -38.81 27.99 17.57
CA VAL B 465 -38.06 27.78 18.79
C VAL B 465 -37.22 26.50 18.69
N ARG B 466 -35.94 26.63 19.01
CA ARG B 466 -35.00 25.53 18.94
C ARG B 466 -34.57 25.14 20.34
N TRP B 467 -34.67 26.07 21.29
CA TRP B 467 -34.36 25.75 22.67
C TRP B 467 -35.49 26.19 23.59
N MET B 468 -35.83 25.35 24.56
CA MET B 468 -36.82 25.71 25.56
C MET B 468 -36.42 25.28 26.96
N LEU B 469 -36.56 26.19 27.93
CA LEU B 469 -36.46 25.87 29.35
C LEU B 469 -37.82 26.09 29.96
N LEU B 470 -38.36 25.06 30.61
CA LEU B 470 -39.73 25.10 31.12
C LEU B 470 -39.76 24.83 32.63
N GLY B 471 -40.45 25.72 33.35
CA GLY B 471 -40.49 25.69 34.80
C GLY B 471 -41.50 24.71 35.34
N TYR B 472 -42.48 25.20 36.07
CA TYR B 472 -43.45 24.31 36.68
C TYR B 472 -44.71 24.31 35.83
N VAL B 473 -44.56 24.13 34.53
CA VAL B 473 -45.70 24.14 33.63
C VAL B 473 -46.44 22.79 33.54
N GLY B 474 -47.73 22.87 33.22
CA GLY B 474 -48.57 21.71 33.09
C GLY B 474 -49.28 21.33 34.37
N GLU B 475 -50.12 20.29 34.28
CA GLU B 475 -50.85 19.75 35.42
C GLU B 475 -50.73 18.23 35.42
N SER B 476 -50.81 17.62 34.24
CA SER B 476 -50.65 16.18 34.12
C SER B 476 -49.96 15.78 32.82
N ASP B 477 -49.59 14.51 32.72
CA ASP B 477 -48.95 13.99 31.53
C ASP B 477 -49.75 14.27 30.26
N GLU B 478 -50.96 14.77 30.39
CA GLU B 478 -51.75 15.11 29.21
C GLU B 478 -51.11 16.29 28.47
N GLY B 479 -50.71 17.29 29.24
CA GLY B 479 -50.16 18.50 28.68
C GLY B 479 -48.83 18.29 28.01
N LEU B 480 -48.02 17.38 28.54
CA LEU B 480 -46.75 17.05 27.93
C LEU B 480 -46.94 16.36 26.58
N MET B 481 -47.88 15.42 26.54
CA MET B 481 -48.13 14.71 25.30
C MET B 481 -48.73 15.67 24.27
N GLU B 482 -49.60 16.57 24.70
CA GLU B 482 -50.19 17.52 23.76
C GLU B 482 -49.12 18.43 23.19
N PHE B 483 -48.24 18.88 24.06
CA PHE B 483 -47.10 19.71 23.69
C PHE B 483 -46.24 19.01 22.67
N SER B 484 -46.05 17.70 22.88
CA SER B 484 -45.12 16.92 22.07
C SER B 484 -45.50 16.75 20.58
N ARG B 485 -46.77 16.93 20.25
CA ARG B 485 -47.15 16.80 18.85
C ARG B 485 -46.80 18.06 18.08
N GLY B 486 -46.21 19.02 18.75
CA GLY B 486 -45.84 20.30 18.14
C GLY B 486 -44.34 20.48 18.06
N CYS B 487 -43.87 21.67 18.37
CA CYS B 487 -42.44 21.94 18.38
C CYS B 487 -41.69 21.38 17.19
N PRO B 488 -41.97 21.92 16.00
CA PRO B 488 -41.40 21.43 14.76
C PRO B 488 -39.89 21.50 14.79
N ASN B 489 -39.33 22.54 15.42
CA ASN B 489 -37.91 22.77 15.34
C ASN B 489 -37.18 22.70 16.65
N LEU B 490 -37.83 22.16 17.67
CA LEU B 490 -37.19 22.02 18.98
C LEU B 490 -35.99 21.05 18.92
N GLN B 491 -34.82 21.52 19.33
CA GLN B 491 -33.61 20.71 19.35
C GLN B 491 -33.22 20.39 20.77
N LYS B 492 -33.23 21.39 21.64
CA LYS B 492 -32.78 21.21 23.01
C LYS B 492 -33.93 21.56 23.97
N LEU B 493 -34.16 20.71 24.96
CA LEU B 493 -35.25 20.89 25.91
C LEU B 493 -34.82 20.61 27.34
N GLU B 494 -34.93 21.63 28.20
CA GLU B 494 -34.57 21.51 29.60
C GLU B 494 -35.81 21.81 30.43
N MET B 495 -36.15 20.93 31.37
CA MET B 495 -37.31 21.15 32.25
C MET B 495 -37.03 20.70 33.66
N ARG B 496 -37.29 21.57 34.64
CA ARG B 496 -37.22 21.14 36.04
C ARG B 496 -38.45 21.55 36.84
N GLY B 497 -38.74 20.78 37.88
CA GLY B 497 -39.89 21.00 38.72
C GLY B 497 -41.18 20.61 38.02
N CYS B 498 -41.22 19.41 37.47
CA CYS B 498 -42.39 19.01 36.72
C CYS B 498 -43.10 17.78 37.30
N CYS B 499 -44.39 17.70 37.02
CA CYS B 499 -45.24 16.63 37.52
C CYS B 499 -45.39 15.49 36.52
N PHE B 500 -44.54 15.48 35.50
CA PHE B 500 -44.63 14.47 34.44
C PHE B 500 -43.91 13.19 34.87
N SER B 501 -44.38 12.06 34.36
CA SER B 501 -43.89 10.75 34.79
C SER B 501 -42.81 10.23 33.88
N GLU B 502 -42.12 9.17 34.29
CA GLU B 502 -41.08 8.60 33.46
C GLU B 502 -41.60 8.22 32.08
N ARG B 503 -42.68 7.43 31.99
CA ARG B 503 -43.16 6.95 30.68
C ARG B 503 -43.80 8.07 29.88
N ALA B 504 -44.14 9.15 30.57
CA ALA B 504 -44.70 10.35 29.93
C ALA B 504 -43.62 11.08 29.13
N ILE B 505 -42.46 11.27 29.76
CA ILE B 505 -41.30 11.86 29.13
C ILE B 505 -40.91 11.00 27.96
N ALA B 506 -40.57 9.75 28.26
CA ALA B 506 -40.12 8.79 27.24
C ALA B 506 -40.99 8.84 25.98
N ALA B 507 -42.30 8.85 26.16
CA ALA B 507 -43.19 8.83 25.03
C ALA B 507 -43.21 10.15 24.28
N ALA B 508 -42.99 11.24 25.00
CA ALA B 508 -42.99 12.56 24.37
C ALA B 508 -41.72 12.79 23.54
N VAL B 509 -40.60 12.27 24.01
CA VAL B 509 -39.35 12.39 23.26
C VAL B 509 -39.47 11.75 21.87
N THR B 510 -40.19 10.64 21.78
CA THR B 510 -40.29 9.93 20.53
C THR B 510 -41.14 10.71 19.55
N LYS B 511 -42.11 11.46 20.06
CA LYS B 511 -43.01 12.27 19.22
C LYS B 511 -42.37 13.58 18.73
N LEU B 512 -41.31 14.00 19.41
CA LEU B 512 -40.63 15.25 19.05
C LEU B 512 -39.65 15.06 17.87
N PRO B 513 -39.91 15.76 16.75
CA PRO B 513 -39.23 15.57 15.48
C PRO B 513 -37.77 15.98 15.50
N SER B 514 -37.40 17.01 16.25
CA SER B 514 -36.07 17.59 16.12
C SER B 514 -35.17 17.39 17.33
N LEU B 515 -35.75 16.89 18.43
CA LEU B 515 -35.05 16.79 19.70
C LEU B 515 -33.75 16.02 19.63
N ARG B 516 -32.66 16.61 20.11
CA ARG B 516 -31.34 15.96 20.16
C ARG B 516 -30.66 16.08 21.50
N TYR B 517 -31.28 16.79 22.43
CA TYR B 517 -30.67 17.01 23.74
C TYR B 517 -31.79 17.28 24.70
N LEU B 518 -31.71 16.66 25.88
CA LEU B 518 -32.76 16.72 26.89
C LEU B 518 -32.15 16.62 28.27
N TRP B 519 -32.44 17.61 29.12
CA TRP B 519 -32.08 17.56 30.55
C TRP B 519 -33.31 17.80 31.41
N VAL B 520 -33.44 17.03 32.48
CA VAL B 520 -34.62 17.09 33.36
C VAL B 520 -34.28 16.85 34.81
N GLN B 521 -34.76 17.73 35.69
CA GLN B 521 -34.71 17.48 37.13
C GLN B 521 -36.13 17.47 37.72
N GLY B 522 -36.49 16.42 38.47
CA GLY B 522 -37.83 16.35 39.04
C GLY B 522 -38.89 15.77 38.12
N TYR B 523 -39.34 14.56 38.45
CA TYR B 523 -40.27 13.82 37.62
C TYR B 523 -40.75 12.61 38.43
N ARG B 524 -41.94 12.10 38.15
CA ARG B 524 -42.45 10.90 38.83
C ARG B 524 -41.63 9.69 38.43
N ALA B 525 -40.68 9.28 39.27
CA ALA B 525 -39.81 8.14 38.95
C ALA B 525 -40.51 6.80 39.13
N SER B 526 -39.72 5.74 39.21
CA SER B 526 -40.21 4.41 39.58
C SER B 526 -39.01 3.54 39.89
N MET B 527 -39.12 2.70 40.91
CA MET B 527 -37.99 1.89 41.36
C MET B 527 -37.44 1.08 40.19
N THR B 528 -38.33 0.64 39.30
CA THR B 528 -37.94 -0.06 38.09
C THR B 528 -36.88 0.73 37.34
N GLY B 529 -37.25 1.94 36.91
CA GLY B 529 -36.38 2.77 36.09
C GLY B 529 -36.62 2.43 34.63
N GLN B 530 -37.32 1.32 34.41
CA GLN B 530 -37.51 0.77 33.06
C GLN B 530 -38.56 1.50 32.26
N ASP B 531 -39.13 2.54 32.87
CA ASP B 531 -40.15 3.32 32.18
C ASP B 531 -39.50 4.22 31.16
N LEU B 532 -38.34 4.77 31.53
CA LEU B 532 -37.52 5.59 30.65
C LEU B 532 -37.10 4.81 29.42
N MET B 533 -36.91 3.51 29.59
CA MET B 533 -36.42 2.67 28.51
C MET B 533 -37.22 2.77 27.22
N GLN B 534 -38.50 3.09 27.31
CA GLN B 534 -39.34 3.11 26.11
C GLN B 534 -39.04 4.30 25.19
N MET B 535 -37.82 4.81 25.27
CA MET B 535 -37.35 5.84 24.33
C MET B 535 -35.99 5.46 23.78
N ALA B 536 -35.60 4.21 23.98
CA ALA B 536 -34.27 3.77 23.59
C ALA B 536 -34.18 3.61 22.09
N ARG B 537 -33.78 4.68 21.41
CA ARG B 537 -33.44 4.62 20.00
C ARG B 537 -31.99 4.16 19.94
N PRO B 538 -31.46 3.96 18.73
CA PRO B 538 -30.02 3.81 18.54
C PRO B 538 -29.35 5.19 18.45
N TYR B 539 -28.11 5.29 18.89
CA TYR B 539 -27.41 6.58 18.96
C TYR B 539 -27.91 7.52 20.04
N TRP B 540 -28.87 7.07 20.83
CA TRP B 540 -29.47 7.90 21.88
C TRP B 540 -28.95 7.44 23.23
N ASN B 541 -28.06 8.23 23.81
CA ASN B 541 -27.46 7.96 25.13
C ASN B 541 -28.32 8.57 26.23
N ILE B 542 -28.62 7.83 27.30
CA ILE B 542 -29.28 8.46 28.45
C ILE B 542 -28.41 8.31 29.70
N GLU B 543 -28.42 9.32 30.56
CA GLU B 543 -27.63 9.30 31.79
C GLU B 543 -28.46 9.80 33.00
N LEU B 544 -28.09 9.36 34.20
CA LEU B 544 -28.80 9.76 35.41
C LEU B 544 -27.83 10.32 36.45
N ILE B 545 -28.25 11.36 37.17
CA ILE B 545 -27.33 12.13 38.03
C ILE B 545 -27.84 12.35 39.48
N PRO B 546 -26.95 12.88 40.37
CA PRO B 546 -27.29 13.49 41.68
C PRO B 546 -27.19 15.04 41.72
N SER B 547 -26.07 15.60 42.20
CA SER B 547 -25.83 17.07 42.18
C SER B 547 -24.66 17.58 43.08
N ARG B 548 -23.88 18.50 42.53
CA ARG B 548 -22.74 19.15 43.23
C ARG B 548 -22.63 20.65 42.87
N ARG B 549 -21.44 21.22 43.06
CA ARG B 549 -21.16 22.62 42.69
C ARG B 549 -19.73 22.79 42.16
N GLU B 563 -30.59 18.41 49.32
CA GLU B 563 -31.53 17.47 48.71
C GLU B 563 -31.63 17.68 47.20
N HIS B 564 -30.90 16.89 46.42
CA HIS B 564 -30.85 17.07 44.97
C HIS B 564 -31.42 15.88 44.19
N PRO B 565 -32.61 16.05 43.58
CA PRO B 565 -33.31 15.04 42.78
C PRO B 565 -32.50 14.49 41.60
N ALA B 566 -32.83 13.29 41.14
CA ALA B 566 -32.11 12.67 40.03
C ALA B 566 -32.32 13.45 38.74
N HIS B 567 -31.23 13.73 38.05
CA HIS B 567 -31.28 14.39 36.74
C HIS B 567 -31.35 13.36 35.65
N ILE B 568 -32.00 13.73 34.55
CA ILE B 568 -31.98 12.92 33.35
C ILE B 568 -31.33 13.73 32.23
N LEU B 569 -30.27 13.21 31.64
CA LEU B 569 -29.62 13.87 30.53
C LEU B 569 -29.59 12.87 29.41
N ALA B 570 -30.03 13.27 28.23
CA ALA B 570 -30.01 12.40 27.07
C ALA B 570 -29.67 13.20 25.86
N TYR B 571 -28.87 12.62 24.97
CA TYR B 571 -28.42 13.32 23.77
C TYR B 571 -28.06 12.30 22.70
N TYR B 572 -28.19 12.66 21.42
CA TYR B 572 -27.72 11.85 20.30
C TYR B 572 -26.19 11.91 20.20
N SER B 573 -25.55 10.78 19.92
CA SER B 573 -24.11 10.78 19.70
C SER B 573 -23.70 9.66 18.76
N LEU B 574 -22.86 10.00 17.78
CA LEU B 574 -22.29 9.02 16.86
C LEU B 574 -21.00 8.45 17.43
N ALA B 575 -20.94 8.31 18.73
CA ALA B 575 -19.70 7.98 19.40
C ALA B 575 -19.89 6.76 20.26
N GLY B 576 -21.09 6.63 20.82
CA GLY B 576 -21.33 5.60 21.79
C GLY B 576 -21.27 6.22 23.16
N GLN B 577 -21.21 5.38 24.18
CA GLN B 577 -21.24 5.89 25.54
C GLN B 577 -19.84 6.31 26.01
N ARG B 578 -19.81 7.43 26.70
CA ARG B 578 -18.56 7.97 27.21
C ARG B 578 -17.88 7.01 28.18
N THR B 579 -16.56 7.05 28.15
CA THR B 579 -15.72 6.29 29.08
C THR B 579 -15.54 6.97 30.42
N ASP B 580 -15.64 8.29 30.44
CA ASP B 580 -15.27 9.10 31.58
C ASP B 580 -16.38 9.44 32.62
N CYS B 581 -17.43 8.63 32.69
CA CYS B 581 -18.44 8.87 33.71
C CYS B 581 -17.89 8.75 35.14
N PRO B 582 -18.22 9.72 35.99
CA PRO B 582 -17.94 9.62 37.41
C PRO B 582 -18.63 8.37 37.97
N THR B 583 -18.43 8.10 39.25
CA THR B 583 -19.17 7.03 39.91
C THR B 583 -20.59 7.54 40.15
N THR B 584 -20.67 8.82 40.45
CA THR B 584 -21.94 9.48 40.72
C THR B 584 -22.88 9.57 39.50
N VAL B 585 -22.49 8.97 38.37
CA VAL B 585 -23.34 9.05 37.17
C VAL B 585 -23.62 7.68 36.55
N ARG B 586 -24.88 7.42 36.20
CA ARG B 586 -25.29 6.09 35.74
C ARG B 586 -25.79 6.10 34.29
N VAL B 587 -25.29 5.18 33.47
CA VAL B 587 -25.70 5.11 32.08
C VAL B 587 -26.64 3.94 31.83
N LEU B 588 -27.87 4.21 31.38
CA LEU B 588 -28.83 3.14 31.11
C LEU B 588 -28.60 2.39 29.78
N LYS B 589 -28.61 1.05 29.87
CA LYS B 589 -28.38 0.16 28.72
C LYS B 589 -29.31 -1.03 28.71
N GLU B 590 -30.59 -0.78 28.44
CA GLU B 590 -31.60 -1.84 28.38
C GLU B 590 -31.67 -2.60 29.72
N PRO B 591 -32.48 -3.67 29.79
CA PRO B 591 -32.48 -4.46 31.02
C PRO B 591 -31.11 -4.53 31.68
N ILE B 592 -31.00 -3.93 32.85
CA ILE B 592 -29.74 -3.88 33.60
C ILE B 592 -29.18 -5.28 33.88
N GLU C 1 -39.97 20.10 46.96
CA GLU C 1 -39.32 21.39 47.16
C GLU C 1 -38.11 21.59 46.25
N LEU C 2 -38.32 22.30 45.14
CA LEU C 2 -37.20 22.68 44.27
C LEU C 2 -36.94 24.19 44.30
N PRO C 3 -35.91 24.59 45.05
CA PRO C 3 -35.60 26.01 45.28
C PRO C 3 -35.06 26.64 44.02
N ILE C 4 -35.42 27.89 43.73
CA ILE C 4 -34.84 28.58 42.58
C ILE C 4 -33.31 28.61 42.70
N ALA C 5 -32.62 27.95 41.77
CA ALA C 5 -31.17 27.90 41.76
C ALA C 5 -30.65 29.23 41.29
N ARG C 6 -29.64 29.72 42.01
CA ARG C 6 -29.07 31.00 41.70
C ARG C 6 -27.89 30.80 40.75
N ARG C 7 -27.82 31.63 39.70
CA ARG C 7 -26.69 31.61 38.80
C ARG C 7 -25.41 31.87 39.58
N ALA C 8 -24.43 30.97 39.44
CA ALA C 8 -23.22 30.99 40.27
C ALA C 8 -22.52 32.33 40.33
N SER C 9 -22.47 33.04 39.21
CA SER C 9 -21.81 34.33 39.16
C SER C 9 -22.42 35.32 40.13
N LEU C 10 -23.75 35.35 40.23
CA LEU C 10 -24.42 36.23 41.19
C LEU C 10 -24.25 35.73 42.61
N HIS C 11 -24.55 34.47 42.82
CA HIS C 11 -24.44 33.88 44.15
C HIS C 11 -23.12 34.25 44.81
N ARG C 12 -22.05 34.27 44.04
CA ARG C 12 -20.73 34.65 44.53
C ARG C 12 -20.75 36.12 44.95
N PHE C 13 -21.30 36.97 44.09
CA PHE C 13 -21.39 38.41 44.34
C PHE C 13 -22.24 38.80 45.54
N LEU C 14 -23.37 38.12 45.74
CA LEU C 14 -24.27 38.46 46.84
C LEU C 14 -23.63 38.24 48.21
N GLU C 15 -22.64 37.34 48.28
CA GLU C 15 -21.91 37.11 49.51
C GLU C 15 -20.73 38.07 49.68
N LYS C 16 -20.09 38.43 48.58
CA LYS C 16 -19.07 39.47 48.62
C LYS C 16 -19.72 40.82 48.97
N ARG C 17 -21.06 40.83 49.02
CA ARG C 17 -21.83 42.03 49.33
C ARG C 17 -21.86 42.29 50.83
N LYS C 18 -22.42 41.32 51.56
CA LYS C 18 -22.41 41.37 53.01
C LYS C 18 -20.97 41.28 53.53
N LYS D 5 -5.59 -52.89 29.12
CA LYS D 5 -5.41 -51.77 30.06
C LYS D 5 -4.26 -50.81 29.67
N ILE D 6 -4.56 -49.51 29.57
CA ILE D 6 -3.61 -48.48 29.12
C ILE D 6 -3.38 -47.34 30.13
N VAL D 7 -2.23 -46.68 30.01
CA VAL D 7 -1.84 -45.60 30.93
C VAL D 7 -1.76 -44.23 30.24
N LEU D 8 -2.62 -43.30 30.65
CA LEU D 8 -2.59 -41.94 30.11
C LEU D 8 -1.99 -40.99 31.14
N LYS D 9 -0.89 -40.33 30.76
CA LYS D 9 -0.19 -39.41 31.67
C LYS D 9 -0.64 -37.94 31.50
N SER D 10 -1.57 -37.52 32.35
CA SER D 10 -2.15 -36.18 32.35
C SER D 10 -1.14 -35.03 32.28
N SER D 11 -1.67 -33.81 32.20
CA SER D 11 -0.87 -32.59 32.01
C SER D 11 0.00 -32.23 33.22
N ASP D 12 -0.37 -32.78 34.38
CA ASP D 12 0.33 -32.50 35.61
C ASP D 12 0.84 -33.79 36.25
N GLY D 13 1.47 -34.64 35.42
CA GLY D 13 2.02 -35.91 35.87
C GLY D 13 1.06 -36.71 36.73
N GLU D 14 0.20 -37.49 36.09
CA GLU D 14 -0.86 -38.18 36.81
C GLU D 14 -1.32 -39.40 36.04
N SER D 15 -0.67 -40.55 36.26
CA SER D 15 -1.05 -41.76 35.54
C SER D 15 -2.52 -42.13 35.74
N PHE D 16 -3.13 -42.72 34.71
CA PHE D 16 -4.53 -43.13 34.74
C PHE D 16 -4.72 -44.57 34.23
N GLU D 17 -5.19 -45.45 35.10
CA GLU D 17 -5.52 -46.82 34.73
C GLU D 17 -6.85 -46.85 34.01
N VAL D 18 -6.83 -47.21 32.73
CA VAL D 18 -8.06 -47.31 31.95
C VAL D 18 -8.08 -48.56 31.09
N GLU D 19 -9.27 -49.02 30.76
CA GLU D 19 -9.44 -50.26 30.03
C GLU D 19 -9.06 -50.11 28.56
N GLU D 20 -9.17 -51.21 27.83
CA GLU D 20 -8.86 -51.25 26.41
C GLU D 20 -9.80 -50.37 25.59
N ALA D 21 -11.07 -50.78 25.49
CA ALA D 21 -12.05 -50.13 24.60
C ALA D 21 -12.57 -48.79 25.15
N VAL D 22 -12.08 -48.39 26.31
CA VAL D 22 -12.38 -47.06 26.85
C VAL D 22 -11.45 -46.02 26.23
N ALA D 23 -10.16 -46.34 26.14
CA ALA D 23 -9.19 -45.42 25.60
C ALA D 23 -9.19 -45.38 24.07
N LEU D 24 -9.99 -46.25 23.45
CA LEU D 24 -10.07 -46.30 21.98
C LEU D 24 -11.16 -45.39 21.43
N GLU D 25 -12.00 -44.87 22.34
CA GLU D 25 -13.01 -43.90 21.95
C GLU D 25 -12.35 -42.64 21.37
N SER D 26 -11.10 -42.40 21.76
CA SER D 26 -10.33 -41.29 21.23
C SER D 26 -9.48 -41.75 20.04
N GLN D 27 -9.89 -41.39 18.83
CA GLN D 27 -9.11 -41.70 17.65
C GLN D 27 -7.78 -40.98 17.63
N THR D 28 -7.45 -40.32 18.74
CA THR D 28 -6.13 -39.72 18.88
C THR D 28 -5.22 -40.71 19.61
N ILE D 29 -5.82 -41.52 20.47
CA ILE D 29 -5.09 -42.55 21.17
C ILE D 29 -5.15 -43.87 20.40
N ALA D 30 -6.19 -44.00 19.58
CA ALA D 30 -6.31 -45.13 18.67
C ALA D 30 -5.21 -45.09 17.60
N HIS D 31 -5.02 -43.92 17.00
CA HIS D 31 -3.97 -43.74 15.98
C HIS D 31 -2.57 -43.68 16.60
N MET D 32 -2.51 -43.96 17.90
CA MET D 32 -1.25 -43.91 18.63
C MET D 32 -0.91 -45.26 19.27
N VAL D 33 -1.64 -46.29 18.88
CA VAL D 33 -1.27 -47.65 19.24
C VAL D 33 -0.61 -48.32 18.02
N GLU D 34 -0.60 -47.59 16.90
CA GLU D 34 0.10 -48.03 15.70
C GLU D 34 1.59 -47.78 15.89
N ASP D 35 1.95 -46.51 15.89
CA ASP D 35 3.29 -46.06 16.24
C ASP D 35 3.44 -46.10 17.76
N ASP D 36 3.01 -47.21 18.36
CA ASP D 36 2.85 -47.35 19.81
C ASP D 36 3.93 -46.73 20.71
N CYS D 37 3.65 -45.52 21.19
CA CYS D 37 4.44 -44.91 22.25
C CYS D 37 3.83 -45.32 23.58
N VAL D 38 2.93 -46.30 23.52
CA VAL D 38 2.26 -46.81 24.71
C VAL D 38 3.26 -47.45 25.67
N ASP D 39 4.50 -47.60 25.22
CA ASP D 39 5.58 -48.11 26.06
C ASP D 39 5.65 -47.33 27.36
N ASN D 40 5.89 -46.03 27.24
CA ASN D 40 6.02 -45.15 28.40
C ASN D 40 4.66 -44.57 28.80
N GLY D 41 3.59 -45.19 28.32
CA GLY D 41 2.25 -44.66 28.51
C GLY D 41 2.01 -43.44 27.65
N VAL D 42 0.79 -43.29 27.16
CA VAL D 42 0.43 -42.17 26.27
C VAL D 42 0.42 -40.82 26.99
N PRO D 43 1.37 -39.95 26.64
CA PRO D 43 1.52 -38.64 27.26
C PRO D 43 0.61 -37.61 26.61
N LEU D 44 -0.19 -36.90 27.41
CA LEU D 44 -1.00 -35.81 26.87
C LEU D 44 -1.01 -34.55 27.77
N PRO D 45 0.06 -33.73 27.63
CA PRO D 45 0.36 -32.59 28.51
C PRO D 45 -0.57 -31.40 28.28
N ASN D 46 -1.65 -31.61 27.53
CA ASN D 46 -2.57 -30.51 27.24
C ASN D 46 -3.97 -30.76 27.79
N VAL D 47 -4.08 -31.72 28.71
CA VAL D 47 -5.33 -31.97 29.41
C VAL D 47 -5.13 -31.89 30.92
N THR D 48 -5.79 -30.92 31.55
CA THR D 48 -5.76 -30.82 32.99
C THR D 48 -6.22 -32.17 33.56
N SER D 49 -5.76 -32.51 34.76
CA SER D 49 -6.08 -33.82 35.33
C SER D 49 -7.54 -33.89 35.77
N LYS D 50 -8.07 -32.77 36.24
CA LYS D 50 -9.47 -32.69 36.65
C LYS D 50 -10.40 -32.97 35.48
N ILE D 51 -9.97 -32.51 34.31
CA ILE D 51 -10.75 -32.64 33.07
C ILE D 51 -10.62 -34.06 32.48
N LEU D 52 -9.37 -34.50 32.28
CA LEU D 52 -9.10 -35.85 31.78
C LEU D 52 -9.91 -36.89 32.57
N ALA D 53 -10.07 -36.61 33.86
CA ALA D 53 -10.90 -37.40 34.76
C ALA D 53 -12.36 -37.45 34.29
N LYS D 54 -12.94 -36.27 34.07
CA LYS D 54 -14.33 -36.19 33.61
C LYS D 54 -14.52 -36.81 32.23
N VAL D 55 -13.45 -36.85 31.44
CA VAL D 55 -13.50 -37.42 30.08
C VAL D 55 -13.64 -38.95 30.09
N ILE D 56 -12.80 -39.59 30.89
CA ILE D 56 -12.84 -41.03 31.03
C ILE D 56 -14.20 -41.48 31.59
N GLU D 57 -14.76 -40.70 32.51
CA GLU D 57 -16.06 -40.99 33.10
C GLU D 57 -17.18 -41.03 32.05
N TYR D 58 -17.03 -40.18 31.04
CA TYR D 58 -18.00 -40.16 29.95
C TYR D 58 -17.85 -41.42 29.11
N CYS D 59 -16.64 -41.66 28.64
CA CYS D 59 -16.34 -42.82 27.79
C CYS D 59 -16.69 -44.13 28.50
N LYS D 60 -16.28 -44.23 29.75
CA LYS D 60 -16.64 -45.39 30.56
C LYS D 60 -18.12 -45.70 30.35
N ARG D 61 -18.96 -44.70 30.59
CA ARG D 61 -20.41 -44.91 30.58
C ARG D 61 -20.98 -45.25 29.21
N HIS D 62 -20.42 -44.67 28.14
CA HIS D 62 -20.89 -44.93 26.80
C HIS D 62 -20.45 -46.30 26.25
N VAL D 63 -19.23 -46.70 26.59
CA VAL D 63 -18.72 -48.03 26.24
C VAL D 63 -19.70 -49.12 26.67
N GLU D 64 -20.32 -48.93 27.83
CA GLU D 64 -21.32 -49.87 28.34
C GLU D 64 -22.67 -49.74 27.61
N ALA D 65 -22.59 -49.64 26.29
CA ALA D 65 -23.76 -49.67 25.43
C ALA D 65 -23.85 -51.04 24.76
N ALA D 66 -22.91 -51.92 25.11
CA ALA D 66 -22.99 -53.34 24.73
C ALA D 66 -24.32 -53.89 25.21
N ALA D 67 -24.52 -53.84 26.53
CA ALA D 67 -25.85 -53.96 27.11
C ALA D 67 -26.65 -52.76 26.60
N ASP D 80 -31.10 -46.86 24.96
CA ASP D 80 -30.92 -45.47 24.52
C ASP D 80 -31.71 -44.45 25.33
N ASP D 81 -32.63 -44.94 26.14
CA ASP D 81 -33.55 -44.08 26.86
C ASP D 81 -32.87 -43.40 28.05
N ASP D 82 -32.11 -44.18 28.81
CA ASP D 82 -31.48 -43.72 30.05
C ASP D 82 -30.12 -43.07 29.82
N LEU D 83 -29.69 -43.06 28.56
CA LEU D 83 -28.45 -42.37 28.18
C LEU D 83 -28.66 -40.86 28.05
N LYS D 84 -29.70 -40.45 27.32
CA LYS D 84 -30.03 -39.04 27.21
C LYS D 84 -30.29 -38.46 28.61
N ALA D 85 -30.51 -39.35 29.56
CA ALA D 85 -30.72 -38.98 30.95
C ALA D 85 -29.39 -38.66 31.64
N TRP D 86 -28.49 -39.65 31.67
CA TRP D 86 -27.17 -39.48 32.26
C TRP D 86 -26.45 -38.32 31.57
N ASP D 87 -26.56 -38.27 30.25
CA ASP D 87 -25.91 -37.24 29.46
C ASP D 87 -26.38 -35.83 29.88
N ALA D 88 -27.70 -35.62 29.88
CA ALA D 88 -28.23 -34.34 30.31
C ALA D 88 -27.71 -33.95 31.71
N ASP D 89 -27.57 -34.93 32.58
CA ASP D 89 -27.10 -34.70 33.94
C ASP D 89 -25.59 -34.47 33.99
N PHE D 90 -24.85 -35.17 33.13
CA PHE D 90 -23.39 -35.07 33.11
C PHE D 90 -22.94 -33.65 32.82
N MET D 91 -23.79 -32.93 32.08
CA MET D 91 -23.48 -31.60 31.55
C MET D 91 -23.72 -30.49 32.56
N LYS D 92 -24.51 -30.79 33.60
CA LYS D 92 -24.76 -29.84 34.66
C LYS D 92 -23.46 -29.40 35.34
N ILE D 93 -22.65 -28.62 34.64
CA ILE D 93 -21.40 -28.09 35.16
C ILE D 93 -21.34 -26.59 34.87
N ASP D 94 -20.30 -25.93 35.36
CA ASP D 94 -20.13 -24.52 35.06
C ASP D 94 -19.52 -24.31 33.66
N GLN D 95 -19.55 -23.08 33.17
CA GLN D 95 -19.06 -22.80 31.83
C GLN D 95 -17.60 -23.15 31.64
N ALA D 96 -16.73 -22.50 32.42
CA ALA D 96 -15.28 -22.65 32.22
C ALA D 96 -14.86 -24.12 32.12
N THR D 97 -15.62 -25.01 32.77
CA THR D 97 -15.39 -26.45 32.71
C THR D 97 -15.90 -27.04 31.39
N LEU D 98 -17.15 -26.71 31.06
CA LEU D 98 -17.76 -27.06 29.80
C LEU D 98 -16.83 -26.77 28.63
N PHE D 99 -16.19 -25.61 28.65
CA PHE D 99 -15.30 -25.25 27.56
C PHE D 99 -14.04 -26.10 27.53
N GLU D 100 -13.38 -26.25 28.68
CA GLU D 100 -12.18 -27.08 28.75
C GLU D 100 -12.44 -28.52 28.27
N LEU D 101 -13.72 -28.91 28.28
CA LEU D 101 -14.13 -30.23 27.81
C LEU D 101 -14.14 -30.31 26.30
N ILE D 102 -14.76 -29.33 25.65
CA ILE D 102 -14.78 -29.25 24.21
C ILE D 102 -13.36 -29.25 23.68
N LEU D 103 -12.52 -28.40 24.26
CA LEU D 103 -11.12 -28.31 23.89
C LEU D 103 -10.41 -29.67 24.02
N ALA D 104 -10.87 -30.44 24.99
CA ALA D 104 -10.30 -31.75 25.26
C ALA D 104 -10.86 -32.82 24.29
N ALA D 105 -12.17 -32.79 24.06
CA ALA D 105 -12.78 -33.70 23.10
C ALA D 105 -12.18 -33.49 21.72
N ASN D 106 -11.70 -32.27 21.47
CA ASN D 106 -11.10 -31.94 20.20
C ASN D 106 -9.57 -32.16 20.18
N TYR D 107 -8.99 -32.26 21.37
CA TYR D 107 -7.56 -32.54 21.50
C TYR D 107 -7.32 -34.02 21.38
N LEU D 108 -8.31 -34.79 21.83
CA LEU D 108 -8.41 -36.19 21.51
C LEU D 108 -9.22 -36.22 20.24
N ASN D 109 -10.03 -37.23 20.04
CA ASN D 109 -10.89 -37.23 18.87
C ASN D 109 -12.16 -37.98 19.15
N ILE D 110 -12.88 -37.49 20.15
CA ILE D 110 -14.09 -38.11 20.63
C ILE D 110 -15.32 -37.46 19.99
N LYS D 111 -15.71 -37.97 18.83
CA LYS D 111 -16.78 -37.36 18.06
C LYS D 111 -18.11 -37.34 18.81
N ASN D 112 -18.40 -38.36 19.61
CA ASN D 112 -19.65 -38.36 20.36
C ASN D 112 -19.63 -37.34 21.47
N LEU D 113 -18.42 -36.99 21.92
CA LEU D 113 -18.25 -35.90 22.88
C LEU D 113 -18.27 -34.47 22.20
N LEU D 114 -18.05 -34.33 20.81
CA LEU D 114 -18.07 -33.04 19.99
C LEU D 114 -19.48 -32.71 19.45
N ASP D 115 -20.07 -33.62 18.68
CA ASP D 115 -21.44 -33.44 18.22
C ASP D 115 -22.34 -33.29 19.46
N LEU D 116 -21.75 -33.47 20.64
CA LEU D 116 -22.53 -33.34 21.88
C LEU D 116 -22.17 -32.13 22.73
N THR D 117 -20.89 -31.95 23.03
CA THR D 117 -20.44 -30.80 23.81
C THR D 117 -20.69 -29.46 23.13
N CYS D 118 -20.42 -29.38 21.83
CA CYS D 118 -20.71 -28.20 21.04
C CYS D 118 -22.21 -28.00 20.93
N GLN D 119 -22.95 -29.06 20.59
CA GLN D 119 -24.40 -28.94 20.44
C GLN D 119 -25.04 -28.46 21.74
N THR D 120 -24.31 -28.60 22.83
CA THR D 120 -24.79 -28.17 24.14
C THR D 120 -24.64 -26.68 24.31
N VAL D 121 -23.49 -26.16 23.92
CA VAL D 121 -23.26 -24.72 23.91
C VAL D 121 -24.16 -24.04 22.89
N ALA D 122 -24.34 -24.69 21.74
CA ALA D 122 -25.17 -24.14 20.69
C ALA D 122 -26.59 -24.00 21.19
N ASP D 123 -26.98 -24.88 22.13
CA ASP D 123 -28.34 -24.85 22.68
C ASP D 123 -28.49 -23.71 23.68
N MET D 124 -27.37 -23.29 24.26
CA MET D 124 -27.36 -22.15 25.17
C MET D 124 -27.64 -20.84 24.44
N ILE D 125 -27.32 -20.78 23.15
CA ILE D 125 -27.59 -19.61 22.33
C ILE D 125 -28.98 -19.66 21.72
N LYS D 126 -29.36 -20.83 21.18
CA LYS D 126 -30.59 -21.02 20.40
C LYS D 126 -31.84 -20.47 21.07
N GLY D 127 -32.17 -19.21 20.76
CA GLY D 127 -33.37 -18.56 21.27
C GLY D 127 -33.14 -17.21 21.92
N LYS D 128 -31.95 -16.99 22.45
CA LYS D 128 -31.66 -15.76 23.16
C LYS D 128 -31.45 -14.59 22.19
N THR D 129 -31.54 -13.37 22.71
CA THR D 129 -31.22 -12.17 21.95
C THR D 129 -29.76 -11.81 22.14
N PRO D 130 -29.25 -10.90 21.30
CA PRO D 130 -27.83 -10.52 21.37
C PRO D 130 -27.45 -10.08 22.76
N GLU D 131 -28.37 -9.46 23.48
CA GLU D 131 -28.08 -9.04 24.84
C GLU D 131 -28.04 -10.26 25.76
N GLU D 132 -29.14 -11.01 25.76
CA GLU D 132 -29.22 -12.22 26.54
C GLU D 132 -27.98 -13.14 26.34
N ILE D 133 -27.33 -13.03 25.20
CA ILE D 133 -26.13 -13.81 24.94
C ILE D 133 -24.94 -13.29 25.73
N ARG D 134 -24.48 -12.08 25.42
CA ARG D 134 -23.24 -11.59 26.01
C ARG D 134 -23.40 -11.42 27.49
N THR D 135 -24.65 -11.46 27.93
CA THR D 135 -24.98 -11.59 29.34
C THR D 135 -24.56 -12.98 29.83
N THR D 136 -25.23 -14.01 29.34
CA THR D 136 -25.00 -15.36 29.82
C THR D 136 -23.72 -15.98 29.26
N PHE D 137 -22.70 -15.15 29.05
CA PHE D 137 -21.37 -15.59 28.59
C PHE D 137 -20.34 -14.57 29.00
N ASN D 138 -20.81 -13.46 29.53
CA ASN D 138 -19.96 -12.34 29.91
C ASN D 138 -19.05 -11.86 28.78
N ILE D 139 -19.66 -11.27 27.75
CA ILE D 139 -18.91 -10.75 26.60
C ILE D 139 -19.20 -9.29 26.41
N LYS D 140 -18.15 -8.47 26.42
CA LYS D 140 -18.31 -7.03 26.19
C LYS D 140 -18.59 -6.71 24.72
N ASN D 141 -19.78 -6.16 24.46
CA ASN D 141 -20.16 -5.65 23.14
C ASN D 141 -19.20 -4.55 22.68
N ASP D 142 -18.54 -4.72 21.52
CA ASP D 142 -17.55 -3.76 21.07
C ASP D 142 -17.84 -3.16 19.69
N PHE D 143 -19.11 -3.18 19.31
CA PHE D 143 -19.59 -2.58 18.08
C PHE D 143 -19.78 -1.05 18.22
N THR D 144 -19.14 -0.25 17.37
CA THR D 144 -19.53 1.15 17.29
C THR D 144 -20.97 1.20 16.78
N PRO D 145 -21.78 2.16 17.28
CA PRO D 145 -23.23 2.01 17.01
C PRO D 145 -23.54 1.99 15.52
N GLU D 146 -22.62 2.46 14.70
CA GLU D 146 -22.83 2.50 13.26
C GLU D 146 -22.72 1.10 12.74
N GLU D 147 -21.72 0.37 13.23
CA GLU D 147 -21.51 -1.02 12.86
C GLU D 147 -22.74 -1.82 13.27
N GLU D 148 -23.13 -1.71 14.53
CA GLU D 148 -24.29 -2.43 15.03
C GLU D 148 -25.50 -2.15 14.13
N GLU D 149 -25.62 -0.91 13.67
CA GLU D 149 -26.78 -0.51 12.89
C GLU D 149 -26.73 -1.17 11.53
N GLU D 150 -25.58 -1.12 10.90
CA GLU D 150 -25.44 -1.69 9.56
C GLU D 150 -25.78 -3.17 9.59
N VAL D 151 -25.32 -3.86 10.64
CA VAL D 151 -25.51 -5.31 10.72
C VAL D 151 -26.96 -5.64 10.99
N ARG D 152 -27.57 -4.91 11.91
CA ARG D 152 -28.99 -5.10 12.15
C ARG D 152 -29.77 -4.78 10.86
N ARG D 153 -29.41 -3.71 10.19
CA ARG D 153 -30.05 -3.36 8.94
C ARG D 153 -29.92 -4.46 7.86
N GLU D 154 -28.71 -4.98 7.66
CA GLU D 154 -28.48 -6.04 6.69
C GLU D 154 -29.32 -7.24 7.07
N ASN D 155 -29.33 -7.57 8.36
CA ASN D 155 -30.02 -8.75 8.87
C ASN D 155 -31.52 -8.74 8.67
N GLN D 156 -32.16 -7.58 8.80
CA GLN D 156 -33.62 -7.53 8.85
C GLN D 156 -34.25 -6.99 7.60
N TRP D 157 -33.46 -6.32 6.79
CA TRP D 157 -33.97 -5.79 5.53
C TRP D 157 -33.53 -6.58 4.34
N ALA D 158 -32.31 -7.09 4.37
CA ALA D 158 -31.71 -7.72 3.19
C ALA D 158 -31.63 -9.26 3.19
N PHE D 159 -30.90 -9.81 4.15
CA PHE D 159 -30.51 -11.21 4.18
C PHE D 159 -31.18 -12.10 5.23
N GLU D 160 -32.31 -12.69 4.86
CA GLU D 160 -32.84 -13.91 5.52
C GLU D 160 -34.38 -13.90 5.68
N SER E 12 -1.25 -22.77 30.40
CA SER E 12 -2.70 -22.96 30.30
C SER E 12 -3.46 -21.96 31.17
N CYS E 13 -4.23 -21.09 30.53
CA CYS E 13 -5.12 -20.19 31.24
C CYS E 13 -6.54 -20.77 31.19
N VAL E 14 -7.47 -20.16 31.92
CA VAL E 14 -8.86 -20.62 31.92
C VAL E 14 -9.40 -20.56 30.51
N ALA E 15 -10.25 -21.51 30.13
CA ALA E 15 -10.81 -21.53 28.77
C ALA E 15 -12.06 -20.65 28.65
N THR E 16 -12.01 -19.71 27.70
CA THR E 16 -13.12 -18.78 27.44
C THR E 16 -14.01 -19.27 26.31
N VAL E 17 -15.13 -18.59 26.11
CA VAL E 17 -16.01 -18.94 25.01
C VAL E 17 -15.28 -18.69 23.72
N ASP E 18 -14.40 -17.69 23.73
CA ASP E 18 -13.66 -17.30 22.54
C ASP E 18 -12.89 -18.50 21.99
N ASP E 19 -12.38 -19.34 22.89
CA ASP E 19 -11.45 -20.41 22.51
C ASP E 19 -12.16 -21.59 21.87
N VAL E 20 -13.44 -21.43 21.56
CA VAL E 20 -14.27 -22.57 21.20
C VAL E 20 -15.47 -22.21 20.33
N ILE E 21 -15.63 -20.93 20.04
CA ILE E 21 -16.80 -20.45 19.35
C ILE E 21 -16.73 -20.78 17.85
N GLU E 22 -15.52 -20.76 17.29
CA GLU E 22 -15.33 -21.11 15.88
C GLU E 22 -15.95 -22.46 15.57
N GLN E 23 -15.78 -23.39 16.52
CA GLN E 23 -16.34 -24.74 16.42
C GLN E 23 -17.84 -24.69 16.60
N VAL E 24 -18.29 -24.08 17.67
CA VAL E 24 -19.70 -24.10 18.04
C VAL E 24 -20.63 -23.52 16.97
N MET E 25 -20.20 -22.43 16.34
CA MET E 25 -21.04 -21.72 15.38
C MET E 25 -21.67 -22.66 14.35
N THR E 26 -20.90 -23.64 13.91
CA THR E 26 -21.32 -24.47 12.79
C THR E 26 -22.34 -25.52 13.23
N TYR E 27 -22.81 -25.38 14.47
CA TYR E 27 -23.88 -26.23 15.02
C TYR E 27 -25.15 -25.44 15.20
N ILE E 28 -25.07 -24.15 14.89
CA ILE E 28 -26.26 -23.33 14.85
C ILE E 28 -26.77 -23.22 13.41
N THR E 29 -27.92 -23.83 13.18
CA THR E 29 -28.46 -23.90 11.84
C THR E 29 -29.49 -22.79 11.64
N ASP E 30 -30.35 -22.59 12.65
CA ASP E 30 -31.45 -21.64 12.55
C ASP E 30 -31.00 -20.26 12.06
N PRO E 31 -31.55 -19.82 10.92
CA PRO E 31 -31.25 -18.49 10.36
C PRO E 31 -31.49 -17.35 11.34
N LYS E 32 -32.42 -17.53 12.25
CA LYS E 32 -32.79 -16.46 13.17
C LYS E 32 -31.88 -16.41 14.37
N ASP E 33 -31.11 -17.47 14.58
CA ASP E 33 -30.17 -17.52 15.69
C ASP E 33 -28.77 -17.06 15.24
N ARG E 34 -28.44 -17.31 13.97
CA ARG E 34 -27.26 -16.71 13.36
C ARG E 34 -27.46 -15.22 13.33
N ASP E 35 -28.67 -14.82 12.97
CA ASP E 35 -29.07 -13.42 12.97
C ASP E 35 -28.64 -12.73 14.27
N SER E 36 -28.89 -13.38 15.41
CA SER E 36 -28.51 -12.85 16.72
C SER E 36 -27.03 -13.01 17.01
N ALA E 37 -26.51 -14.19 16.71
CA ALA E 37 -25.13 -14.52 17.05
C ALA E 37 -24.20 -13.53 16.43
N SER E 38 -24.65 -12.93 15.34
CA SER E 38 -23.81 -12.07 14.51
C SER E 38 -23.67 -10.73 15.16
N LEU E 39 -24.57 -10.46 16.10
CA LEU E 39 -24.69 -9.14 16.73
C LEU E 39 -24.12 -9.06 18.15
N VAL E 40 -23.55 -10.15 18.66
CA VAL E 40 -23.10 -10.18 20.05
C VAL E 40 -21.75 -9.54 20.24
N CYS E 41 -20.97 -9.41 19.17
CA CYS E 41 -19.70 -8.68 19.23
C CYS E 41 -18.93 -8.81 17.94
N ARG E 42 -17.80 -8.11 17.82
CA ARG E 42 -17.12 -8.08 16.55
C ARG E 42 -16.59 -9.45 16.11
N ARG E 43 -16.06 -10.23 17.03
CA ARG E 43 -15.49 -11.52 16.65
C ARG E 43 -16.54 -12.53 16.22
N TRP E 44 -17.61 -12.61 16.98
CA TRP E 44 -18.74 -13.43 16.61
C TRP E 44 -19.34 -13.07 15.26
N PHE E 45 -19.38 -11.79 14.95
CA PHE E 45 -19.85 -11.35 13.65
C PHE E 45 -18.99 -11.94 12.54
N LYS E 46 -17.67 -11.82 12.68
CA LYS E 46 -16.78 -12.32 11.66
C LYS E 46 -16.92 -13.81 11.51
N ILE E 47 -17.07 -14.51 12.64
CA ILE E 47 -17.17 -15.96 12.59
C ILE E 47 -18.46 -16.43 11.91
N ASP E 48 -19.56 -15.70 12.11
CA ASP E 48 -20.79 -15.98 11.38
C ASP E 48 -20.58 -15.69 9.90
N SER E 49 -19.97 -14.53 9.62
CA SER E 49 -19.69 -14.10 8.26
C SER E 49 -18.98 -15.16 7.43
N GLU E 50 -17.99 -15.81 8.01
CA GLU E 50 -17.17 -16.74 7.24
C GLU E 50 -17.72 -18.16 7.20
N THR E 51 -18.75 -18.41 7.99
CA THR E 51 -19.29 -19.77 8.04
C THR E 51 -20.72 -19.91 7.53
N ARG E 52 -21.42 -18.79 7.31
CA ARG E 52 -22.78 -18.86 6.82
C ARG E 52 -22.78 -19.64 5.52
N GLU E 53 -23.73 -20.56 5.35
CA GLU E 53 -23.75 -21.38 4.17
C GLU E 53 -24.88 -20.99 3.22
N HIS E 54 -26.06 -20.71 3.75
CA HIS E 54 -27.20 -20.37 2.90
C HIS E 54 -27.80 -19.00 3.22
N VAL E 55 -28.10 -18.22 2.19
CA VAL E 55 -28.73 -16.92 2.38
C VAL E 55 -29.88 -16.74 1.43
N THR E 56 -30.94 -16.06 1.86
CA THR E 56 -32.09 -15.84 1.00
C THR E 56 -32.45 -14.39 0.95
N MET E 57 -32.61 -13.83 -0.23
CA MET E 57 -33.03 -12.46 -0.31
C MET E 57 -34.44 -12.41 -0.81
N ALA E 58 -35.35 -11.92 0.03
CA ALA E 58 -36.77 -11.90 -0.34
C ALA E 58 -37.04 -10.90 -1.46
N LEU E 59 -36.18 -9.89 -1.57
CA LEU E 59 -36.22 -8.95 -2.69
C LEU E 59 -34.81 -8.60 -3.06
N CYS E 60 -34.46 -8.79 -4.32
CA CYS E 60 -33.10 -8.62 -4.75
C CYS E 60 -32.68 -7.17 -4.77
N TYR E 61 -33.63 -6.26 -4.84
CA TYR E 61 -33.28 -4.84 -4.94
C TYR E 61 -32.99 -4.27 -3.57
N THR E 62 -32.91 -5.19 -2.61
CA THR E 62 -32.79 -4.84 -1.20
C THR E 62 -31.34 -4.52 -0.80
N ALA E 63 -30.37 -5.02 -1.58
CA ALA E 63 -28.96 -4.72 -1.34
C ALA E 63 -28.13 -5.01 -2.59
N THR E 64 -26.98 -4.34 -2.67
CA THR E 64 -26.00 -4.55 -3.75
C THR E 64 -25.47 -5.98 -3.77
N PRO E 65 -25.22 -6.56 -4.96
CA PRO E 65 -24.68 -7.91 -4.88
C PRO E 65 -23.29 -7.83 -4.31
N ASP E 66 -22.70 -6.65 -4.34
CA ASP E 66 -21.41 -6.47 -3.69
C ASP E 66 -21.53 -6.63 -2.16
N ARG E 67 -22.58 -6.05 -1.60
CA ARG E 67 -22.80 -6.06 -0.16
C ARG E 67 -22.87 -7.46 0.38
N LEU E 68 -23.59 -8.31 -0.37
CA LEU E 68 -23.76 -9.72 -0.04
C LEU E 68 -22.45 -10.51 -0.06
N SER E 69 -21.67 -10.37 -1.13
CA SER E 69 -20.44 -11.13 -1.26
C SER E 69 -19.46 -10.73 -0.15
N ARG E 70 -19.58 -9.51 0.30
CA ARG E 70 -18.70 -8.97 1.33
C ARG E 70 -19.05 -9.58 2.68
N ARG E 71 -20.33 -9.61 2.98
CA ARG E 71 -20.84 -10.11 4.25
C ARG E 71 -20.74 -11.62 4.36
N PHE E 72 -20.86 -12.34 3.23
CA PHE E 72 -20.91 -13.81 3.27
C PHE E 72 -20.08 -14.47 2.19
N PRO E 73 -18.78 -14.23 2.20
CA PRO E 73 -17.87 -14.65 1.11
C PRO E 73 -17.96 -16.12 0.78
N ASN E 74 -18.46 -16.92 1.71
CA ASN E 74 -18.36 -18.37 1.56
C ASN E 74 -19.69 -19.08 1.44
N LEU E 75 -20.69 -18.37 0.93
CA LEU E 75 -21.99 -18.98 0.64
C LEU E 75 -21.82 -20.26 -0.13
N ARG E 76 -22.64 -21.25 0.20
CA ARG E 76 -22.68 -22.48 -0.57
C ARG E 76 -24.02 -22.58 -1.31
N SER E 77 -25.06 -21.94 -0.75
CA SER E 77 -26.38 -21.92 -1.37
C SER E 77 -26.93 -20.49 -1.39
N LEU E 78 -27.63 -20.10 -2.44
CA LEU E 78 -28.18 -18.74 -2.56
C LEU E 78 -29.56 -18.77 -3.18
N LYS E 79 -30.45 -17.89 -2.71
CA LYS E 79 -31.82 -17.84 -3.20
C LYS E 79 -32.25 -16.40 -3.34
N LEU E 80 -32.56 -15.98 -4.56
CA LEU E 80 -32.96 -14.60 -4.82
C LEU E 80 -34.37 -14.57 -5.37
N LYS E 81 -35.20 -13.69 -4.82
CA LYS E 81 -36.53 -13.44 -5.34
C LYS E 81 -36.57 -12.05 -6.00
N GLY E 82 -37.27 -11.92 -7.13
CA GLY E 82 -37.38 -10.64 -7.81
C GLY E 82 -38.78 -10.05 -7.78
N LYS E 83 -39.56 -10.31 -8.81
CA LYS E 83 -40.91 -9.76 -8.90
C LYS E 83 -41.80 -10.14 -7.73
N PRO E 84 -42.65 -9.20 -7.25
CA PRO E 84 -43.56 -9.37 -6.12
C PRO E 84 -44.54 -10.51 -6.38
N ARG E 85 -45.20 -11.00 -5.34
CA ARG E 85 -46.07 -12.15 -5.48
C ARG E 85 -47.14 -11.90 -6.54
N ALA E 86 -47.50 -10.65 -6.71
CA ALA E 86 -48.58 -10.29 -7.62
C ALA E 86 -48.29 -10.75 -9.03
N ALA E 87 -47.01 -10.83 -9.37
CA ALA E 87 -46.63 -11.23 -10.70
C ALA E 87 -47.20 -12.58 -11.03
N MET E 88 -47.43 -13.40 -10.02
CA MET E 88 -47.91 -14.78 -10.23
C MET E 88 -49.36 -14.80 -10.64
N PHE E 89 -49.95 -13.62 -10.74
CA PHE E 89 -51.36 -13.49 -11.10
C PHE E 89 -51.52 -12.53 -12.28
N ASN E 90 -50.48 -12.45 -13.10
CA ASN E 90 -50.49 -11.57 -14.26
C ASN E 90 -50.95 -10.17 -13.89
N LEU E 91 -50.36 -9.62 -12.85
CA LEU E 91 -50.68 -8.27 -12.41
C LEU E 91 -49.48 -7.34 -12.51
N ILE E 92 -48.30 -7.94 -12.70
CA ILE E 92 -47.05 -7.18 -12.74
C ILE E 92 -46.49 -7.20 -14.14
N PRO E 93 -46.10 -6.02 -14.64
CA PRO E 93 -45.56 -5.86 -15.99
C PRO E 93 -44.44 -6.84 -16.19
N GLU E 94 -44.25 -7.29 -17.42
CA GLU E 94 -43.17 -8.22 -17.67
C GLU E 94 -41.81 -7.56 -17.45
N ASN E 95 -41.66 -6.32 -17.92
CA ASN E 95 -40.37 -5.63 -17.91
C ASN E 95 -39.97 -5.08 -16.56
N TRP E 96 -40.74 -5.42 -15.53
CA TRP E 96 -40.65 -4.72 -14.25
C TRP E 96 -39.27 -4.72 -13.62
N GLY E 97 -38.59 -5.87 -13.66
CA GLY E 97 -37.27 -5.96 -13.07
C GLY E 97 -37.01 -7.33 -12.56
N GLY E 98 -35.94 -7.47 -11.79
CA GLY E 98 -35.55 -8.78 -11.30
C GLY E 98 -34.45 -9.43 -12.11
N TYR E 99 -33.75 -8.61 -12.88
CA TYR E 99 -32.65 -9.12 -13.71
C TYR E 99 -31.57 -9.73 -12.85
N VAL E 100 -31.06 -10.84 -13.32
CA VAL E 100 -30.21 -11.67 -12.48
C VAL E 100 -28.73 -11.47 -12.82
N THR E 101 -28.45 -10.81 -13.95
CA THR E 101 -27.07 -10.66 -14.41
C THR E 101 -26.06 -10.12 -13.39
N PRO E 102 -26.40 -9.03 -12.65
CA PRO E 102 -25.48 -8.39 -11.70
C PRO E 102 -25.08 -9.37 -10.65
N TRP E 103 -25.99 -10.31 -10.40
CA TRP E 103 -25.80 -11.35 -9.40
C TRP E 103 -24.94 -12.49 -9.92
N VAL E 104 -25.05 -12.85 -11.19
CA VAL E 104 -24.16 -13.90 -11.64
C VAL E 104 -22.74 -13.33 -11.80
N THR E 105 -22.63 -12.08 -12.19
CA THR E 105 -21.27 -11.61 -12.38
C THR E 105 -20.66 -11.42 -11.01
N GLU E 106 -21.48 -11.46 -9.96
CA GLU E 106 -20.95 -11.38 -8.62
C GLU E 106 -20.52 -12.76 -8.14
N ILE E 107 -21.36 -13.74 -8.41
CA ILE E 107 -21.07 -15.14 -8.13
C ILE E 107 -19.83 -15.59 -8.87
N SER E 108 -19.73 -15.15 -10.12
CA SER E 108 -18.58 -15.44 -10.97
C SER E 108 -17.26 -15.00 -10.32
N ASN E 109 -17.29 -13.86 -9.64
CA ASN E 109 -16.09 -13.26 -9.12
C ASN E 109 -15.84 -13.42 -7.63
N ASN E 110 -16.88 -13.54 -6.83
CA ASN E 110 -16.69 -13.42 -5.39
C ASN E 110 -17.36 -14.48 -4.53
N LEU E 111 -18.19 -15.32 -5.13
CA LEU E 111 -18.83 -16.39 -4.40
C LEU E 111 -18.31 -17.71 -4.88
N ARG E 112 -16.99 -17.84 -4.90
CA ARG E 112 -16.32 -18.98 -5.50
C ARG E 112 -16.63 -20.33 -4.85
N GLN E 113 -17.62 -20.37 -3.98
CA GLN E 113 -17.88 -21.57 -3.19
C GLN E 113 -19.30 -22.05 -3.38
N LEU E 114 -20.06 -21.31 -4.17
CA LEU E 114 -21.49 -21.57 -4.40
C LEU E 114 -21.73 -22.86 -5.13
N LYS E 115 -22.59 -23.71 -4.60
CA LYS E 115 -22.92 -24.96 -5.28
C LYS E 115 -24.40 -25.10 -5.63
N SER E 116 -25.23 -24.18 -5.11
CA SER E 116 -26.67 -24.22 -5.36
C SER E 116 -27.27 -22.83 -5.55
N VAL E 117 -28.07 -22.66 -6.59
CA VAL E 117 -28.64 -21.37 -6.92
C VAL E 117 -30.12 -21.51 -7.21
N HIS E 118 -30.92 -20.64 -6.60
CA HIS E 118 -32.37 -20.65 -6.75
C HIS E 118 -32.88 -19.24 -7.07
N PHE E 119 -33.37 -19.08 -8.29
CA PHE E 119 -33.90 -17.78 -8.72
C PHE E 119 -35.41 -17.89 -8.74
N ARG E 120 -36.12 -16.93 -8.17
CA ARG E 120 -37.58 -17.02 -8.03
C ARG E 120 -38.27 -15.78 -8.58
N ARG E 121 -39.10 -15.93 -9.60
CA ARG E 121 -39.71 -14.79 -10.28
C ARG E 121 -38.67 -13.77 -10.65
N MET E 122 -37.66 -14.18 -11.42
CA MET E 122 -36.63 -13.24 -11.90
C MET E 122 -36.48 -13.27 -13.42
N ILE E 123 -35.61 -12.42 -13.95
CA ILE E 123 -35.35 -12.43 -15.39
C ILE E 123 -33.97 -13.05 -15.69
N VAL E 124 -33.95 -14.26 -16.24
CA VAL E 124 -32.68 -14.92 -16.49
C VAL E 124 -32.51 -14.97 -17.98
N SER E 125 -31.43 -14.35 -18.49
CA SER E 125 -31.12 -14.35 -19.93
C SER E 125 -30.18 -15.48 -20.37
N ASP E 126 -30.10 -15.74 -21.67
CA ASP E 126 -29.20 -16.78 -22.15
C ASP E 126 -27.80 -16.47 -21.75
N LEU E 127 -27.44 -15.20 -21.90
CA LEU E 127 -26.07 -14.78 -21.61
C LEU E 127 -25.68 -15.08 -20.20
N ASP E 128 -26.51 -14.63 -19.28
CA ASP E 128 -26.11 -14.71 -17.89
C ASP E 128 -26.11 -16.14 -17.35
N LEU E 129 -26.83 -17.05 -18.00
CA LEU E 129 -26.67 -18.41 -17.52
C LEU E 129 -25.59 -19.20 -18.25
N ASP E 130 -25.16 -18.72 -19.40
CA ASP E 130 -23.92 -19.26 -19.98
C ASP E 130 -22.78 -18.80 -19.06
N ARG E 131 -22.85 -17.55 -18.64
CA ARG E 131 -21.90 -17.02 -17.69
C ARG E 131 -21.87 -17.86 -16.41
N LEU E 132 -23.06 -18.17 -15.88
CA LEU E 132 -23.18 -19.02 -14.69
C LEU E 132 -22.51 -20.36 -14.93
N ALA E 133 -23.02 -21.09 -15.91
CA ALA E 133 -22.45 -22.39 -16.28
C ALA E 133 -20.92 -22.38 -16.28
N LYS E 134 -20.34 -21.50 -17.09
CA LYS E 134 -18.88 -21.46 -17.29
C LYS E 134 -18.16 -21.13 -15.99
N ALA E 135 -18.73 -20.21 -15.21
CA ALA E 135 -18.09 -19.69 -13.99
C ALA E 135 -18.07 -20.64 -12.82
N ARG E 136 -19.04 -21.56 -12.77
CA ARG E 136 -19.24 -22.47 -11.64
C ARG E 136 -19.04 -23.95 -12.04
N ALA E 137 -19.45 -24.29 -13.25
CA ALA E 137 -19.21 -25.61 -13.82
C ALA E 137 -19.55 -26.77 -12.89
N ASP E 138 -18.67 -27.75 -12.84
CA ASP E 138 -18.92 -29.01 -12.15
C ASP E 138 -19.38 -28.82 -10.72
N ASP E 139 -19.01 -27.67 -10.12
CA ASP E 139 -19.39 -27.34 -8.75
C ASP E 139 -20.86 -27.03 -8.50
N LEU E 140 -21.59 -26.72 -9.56
CA LEU E 140 -23.02 -26.44 -9.46
C LEU E 140 -23.83 -27.72 -9.39
N GLU E 141 -24.21 -28.10 -8.17
CA GLU E 141 -24.99 -29.31 -7.90
C GLU E 141 -26.47 -29.03 -8.14
N THR E 142 -26.91 -27.83 -7.79
CA THR E 142 -28.32 -27.51 -7.99
C THR E 142 -28.61 -26.13 -8.59
N LEU E 143 -29.49 -26.13 -9.59
CA LEU E 143 -30.00 -24.91 -10.22
C LEU E 143 -31.53 -24.91 -10.27
N LYS E 144 -32.16 -23.89 -9.68
CA LYS E 144 -33.60 -23.78 -9.67
C LYS E 144 -34.01 -22.50 -10.34
N LEU E 145 -34.59 -22.60 -11.53
CA LEU E 145 -35.17 -21.46 -12.23
C LEU E 145 -36.67 -21.46 -12.03
N ASP E 146 -37.10 -20.88 -10.92
CA ASP E 146 -38.45 -20.97 -10.39
C ASP E 146 -39.30 -19.82 -10.91
N LYS E 147 -40.26 -20.11 -11.77
CA LYS E 147 -41.11 -19.08 -12.31
C LYS E 147 -40.34 -17.93 -12.97
N CYS E 148 -39.22 -18.21 -13.64
CA CYS E 148 -38.45 -17.17 -14.30
C CYS E 148 -38.76 -17.04 -15.77
N SER E 149 -38.21 -16.00 -16.39
CA SER E 149 -38.44 -15.74 -17.80
C SER E 149 -37.18 -15.23 -18.44
N GLY E 150 -37.20 -15.09 -19.75
CA GLY E 150 -36.14 -14.40 -20.47
C GLY E 150 -34.99 -15.23 -21.03
N PHE E 151 -35.06 -16.55 -20.93
CA PHE E 151 -34.00 -17.42 -21.47
C PHE E 151 -34.50 -18.32 -22.59
N THR E 152 -33.65 -19.24 -23.03
CA THR E 152 -34.00 -20.20 -24.07
C THR E 152 -33.24 -21.49 -23.95
N THR E 153 -33.64 -22.49 -24.73
CA THR E 153 -33.04 -23.82 -24.68
C THR E 153 -31.52 -23.78 -24.86
N ASP E 154 -31.01 -22.69 -25.44
CA ASP E 154 -29.56 -22.52 -25.59
C ASP E 154 -28.92 -22.40 -24.21
N GLY E 155 -29.50 -21.53 -23.39
CA GLY E 155 -29.07 -21.35 -22.02
C GLY E 155 -29.06 -22.68 -21.30
N LEU E 156 -30.16 -23.42 -21.39
CA LEU E 156 -30.24 -24.76 -20.81
C LEU E 156 -29.11 -25.66 -21.31
N LEU E 157 -28.94 -25.69 -22.63
CA LEU E 157 -27.96 -26.56 -23.23
C LEU E 157 -26.61 -26.23 -22.65
N SER E 158 -26.40 -24.95 -22.34
CA SER E 158 -25.13 -24.48 -21.84
C SER E 158 -24.88 -24.98 -20.43
N ILE E 159 -25.89 -25.00 -19.57
CA ILE E 159 -25.60 -25.44 -18.21
C ILE E 159 -25.55 -26.97 -18.07
N VAL E 160 -26.21 -27.71 -18.95
CA VAL E 160 -26.10 -29.16 -18.87
C VAL E 160 -24.83 -29.74 -19.50
N THR E 161 -24.11 -28.96 -20.29
CA THR E 161 -22.86 -29.44 -20.89
C THR E 161 -21.63 -29.01 -20.07
N HIS E 162 -21.76 -27.92 -19.33
CA HIS E 162 -20.69 -27.39 -18.51
C HIS E 162 -20.77 -27.84 -17.04
N CYS E 163 -21.98 -28.13 -16.56
CA CYS E 163 -22.20 -28.64 -15.20
C CYS E 163 -22.62 -30.10 -15.25
N ARG E 164 -21.61 -30.95 -15.32
CA ARG E 164 -21.80 -32.32 -15.65
C ARG E 164 -22.25 -33.09 -14.44
N LYS E 165 -22.18 -32.46 -13.27
CA LYS E 165 -22.49 -33.14 -12.03
C LYS E 165 -23.75 -32.64 -11.36
N ILE E 166 -24.59 -31.94 -12.12
CA ILE E 166 -25.86 -31.45 -11.60
C ILE E 166 -26.67 -32.53 -10.93
N LYS E 167 -27.08 -32.30 -9.68
CA LYS E 167 -27.93 -33.21 -8.93
C LYS E 167 -29.39 -32.80 -9.06
N THR E 168 -29.71 -31.52 -8.94
CA THR E 168 -31.09 -31.08 -9.12
C THR E 168 -31.23 -29.92 -10.12
N LEU E 169 -32.16 -30.03 -11.06
CA LEU E 169 -32.39 -29.02 -12.10
C LEU E 169 -33.87 -28.71 -12.25
N LEU E 170 -34.25 -27.44 -12.21
CA LEU E 170 -35.66 -27.06 -12.07
C LEU E 170 -36.08 -25.85 -12.92
N MET E 171 -37.17 -25.98 -13.67
CA MET E 171 -37.70 -24.85 -14.46
C MET E 171 -39.18 -24.57 -14.29
N GLU E 172 -39.77 -25.08 -13.21
CA GLU E 172 -41.21 -25.05 -13.06
C GLU E 172 -41.80 -23.67 -13.33
N GLU E 173 -42.75 -23.61 -14.25
CA GLU E 173 -43.55 -22.41 -14.50
C GLU E 173 -42.71 -21.30 -15.12
N SER E 174 -41.50 -21.66 -15.53
CA SER E 174 -40.64 -20.71 -16.25
C SER E 174 -41.10 -20.56 -17.70
N SER E 175 -40.92 -19.38 -18.26
CA SER E 175 -41.25 -19.13 -19.65
C SER E 175 -40.04 -18.71 -20.49
N PHE E 176 -39.78 -19.48 -21.54
CA PHE E 176 -38.56 -19.35 -22.29
C PHE E 176 -38.90 -19.68 -23.72
N SER E 177 -37.90 -19.64 -24.60
CA SER E 177 -38.11 -19.90 -26.01
C SER E 177 -37.54 -21.26 -26.41
N GLU E 178 -38.37 -22.12 -27.00
CA GLU E 178 -37.90 -23.49 -27.27
C GLU E 178 -37.45 -23.65 -28.71
N LYS E 179 -36.15 -23.86 -28.87
CA LYS E 179 -35.57 -23.88 -30.19
C LYS E 179 -35.26 -25.31 -30.62
N ASP E 180 -35.18 -26.20 -29.64
CA ASP E 180 -34.73 -27.57 -29.86
C ASP E 180 -34.80 -28.39 -28.58
N GLY E 181 -34.26 -29.61 -28.65
CA GLY E 181 -34.30 -30.49 -27.50
C GLY E 181 -32.95 -31.03 -27.12
N LYS E 182 -31.89 -30.45 -27.65
CA LYS E 182 -30.58 -31.03 -27.41
C LYS E 182 -30.19 -30.89 -25.94
N TRP E 183 -30.86 -30.01 -25.20
CA TRP E 183 -30.54 -29.88 -23.77
C TRP E 183 -30.89 -31.15 -22.99
N LEU E 184 -32.04 -31.75 -23.28
CA LEU E 184 -32.45 -32.98 -22.63
C LEU E 184 -31.59 -34.16 -23.09
N HIS E 185 -31.28 -34.16 -24.38
CA HIS E 185 -30.51 -35.23 -24.99
C HIS E 185 -29.11 -35.22 -24.40
N GLU E 186 -28.60 -34.02 -24.15
CA GLU E 186 -27.27 -33.90 -23.60
C GLU E 186 -27.24 -34.44 -22.19
N LEU E 187 -28.36 -34.33 -21.47
CA LEU E 187 -28.47 -34.91 -20.13
C LEU E 187 -28.39 -36.41 -20.22
N ALA E 188 -29.27 -36.98 -21.02
CA ALA E 188 -29.24 -38.41 -21.32
C ALA E 188 -27.84 -38.91 -21.56
N GLN E 189 -27.21 -38.38 -22.60
CA GLN E 189 -25.93 -38.89 -23.00
C GLN E 189 -24.80 -38.84 -21.96
N HIS E 190 -24.85 -37.92 -21.01
CA HIS E 190 -23.70 -37.72 -20.10
C HIS E 190 -23.96 -37.62 -18.59
N ASN E 191 -25.21 -37.43 -18.18
CA ASN E 191 -25.48 -37.20 -16.77
C ASN E 191 -25.84 -38.47 -16.00
N THR E 192 -25.34 -38.52 -14.77
CA THR E 192 -25.46 -39.68 -13.91
C THR E 192 -25.99 -39.29 -12.54
N SER E 193 -25.65 -38.07 -12.13
CA SER E 193 -25.81 -37.60 -10.76
C SER E 193 -27.22 -37.10 -10.45
N LEU E 194 -27.97 -36.77 -11.48
CA LEU E 194 -29.34 -36.26 -11.35
C LEU E 194 -30.17 -36.95 -10.24
N GLU E 195 -30.78 -36.14 -9.39
CA GLU E 195 -31.57 -36.62 -8.28
C GLU E 195 -32.97 -36.13 -8.48
N VAL E 196 -33.13 -34.84 -8.73
CA VAL E 196 -34.44 -34.27 -9.05
C VAL E 196 -34.44 -33.41 -10.31
N LEU E 197 -35.44 -33.60 -11.13
CA LEU E 197 -35.56 -32.94 -12.40
C LEU E 197 -37.00 -32.45 -12.55
N ASN E 198 -37.17 -31.17 -12.81
CA ASN E 198 -38.50 -30.58 -12.72
C ASN E 198 -38.74 -29.53 -13.77
N PHE E 199 -39.61 -29.85 -14.73
CA PHE E 199 -40.18 -28.83 -15.60
C PHE E 199 -41.71 -28.93 -15.65
N TYR E 200 -42.34 -28.70 -14.50
CA TYR E 200 -43.76 -29.01 -14.31
C TYR E 200 -44.73 -28.20 -15.16
N MET E 201 -44.74 -26.89 -15.00
CA MET E 201 -45.68 -26.09 -15.78
C MET E 201 -44.99 -25.51 -17.00
N THR E 202 -44.68 -26.36 -17.97
CA THR E 202 -43.83 -25.92 -19.07
C THR E 202 -44.23 -26.48 -20.43
N GLU E 203 -44.27 -25.57 -21.41
CA GLU E 203 -44.59 -25.91 -22.78
C GLU E 203 -43.32 -26.33 -23.52
N PHE E 204 -42.99 -27.60 -23.42
CA PHE E 204 -41.89 -28.18 -24.18
C PHE E 204 -42.53 -29.07 -25.22
N ALA E 205 -42.17 -28.84 -26.47
CA ALA E 205 -42.75 -29.61 -27.57
C ALA E 205 -41.69 -30.33 -28.40
N LYS E 206 -40.42 -30.17 -28.04
CA LYS E 206 -39.37 -30.71 -28.87
C LYS E 206 -38.44 -31.68 -28.15
N ILE E 207 -38.86 -32.18 -26.99
CA ILE E 207 -38.02 -33.12 -26.25
C ILE E 207 -38.50 -34.54 -26.41
N SER E 208 -37.59 -35.44 -26.74
CA SER E 208 -37.97 -36.82 -26.95
C SER E 208 -38.11 -37.51 -25.62
N PRO E 209 -39.22 -38.23 -25.39
CA PRO E 209 -39.38 -39.03 -24.17
C PRO E 209 -38.33 -40.13 -24.11
N LYS E 210 -37.87 -40.63 -25.24
CA LYS E 210 -36.79 -41.61 -25.25
C LYS E 210 -35.61 -41.11 -24.44
N ASP E 211 -35.39 -39.79 -24.45
CA ASP E 211 -34.29 -39.14 -23.73
C ASP E 211 -34.56 -39.15 -22.21
N LEU E 212 -35.81 -38.89 -21.84
CA LEU E 212 -36.24 -38.96 -20.45
C LEU E 212 -36.10 -40.37 -19.91
N GLU E 213 -36.39 -41.34 -20.76
CA GLU E 213 -36.23 -42.74 -20.42
C GLU E 213 -34.74 -43.11 -20.21
N THR E 214 -33.90 -42.76 -21.16
CA THR E 214 -32.48 -43.04 -21.01
C THR E 214 -31.87 -42.34 -19.77
N ILE E 215 -32.49 -41.25 -19.30
CA ILE E 215 -31.98 -40.54 -18.13
C ILE E 215 -32.26 -41.39 -16.93
N ALA E 216 -33.50 -41.89 -16.86
CA ALA E 216 -33.97 -42.71 -15.76
C ALA E 216 -33.14 -43.95 -15.64
N ARG E 217 -32.67 -44.42 -16.78
CA ARG E 217 -31.84 -45.63 -16.82
C ARG E 217 -30.43 -45.36 -16.27
N ASN E 218 -29.98 -44.11 -16.40
CA ASN E 218 -28.62 -43.70 -16.02
C ASN E 218 -28.41 -43.06 -14.64
N CYS E 219 -29.46 -42.49 -14.05
CA CYS E 219 -29.35 -41.81 -12.77
C CYS E 219 -29.94 -42.66 -11.68
N ARG E 220 -29.11 -43.48 -11.05
CA ARG E 220 -29.62 -44.40 -10.06
C ARG E 220 -30.24 -43.65 -8.89
N SER E 221 -29.87 -42.38 -8.71
CA SER E 221 -30.36 -41.64 -7.56
C SER E 221 -31.58 -40.78 -7.88
N LEU E 222 -32.18 -41.01 -9.04
CA LEU E 222 -33.34 -40.25 -9.48
C LEU E 222 -34.56 -40.49 -8.61
N VAL E 223 -34.99 -39.44 -7.89
CA VAL E 223 -36.05 -39.56 -6.88
C VAL E 223 -37.30 -38.80 -7.23
N SER E 224 -37.18 -37.69 -7.95
CA SER E 224 -38.37 -36.92 -8.34
C SER E 224 -38.25 -36.38 -9.75
N VAL E 225 -39.37 -36.34 -10.46
CA VAL E 225 -39.40 -35.76 -11.79
C VAL E 225 -40.81 -35.27 -12.09
N LYS E 226 -40.91 -34.02 -12.52
CA LYS E 226 -42.19 -33.47 -12.90
C LYS E 226 -42.01 -33.02 -14.34
N VAL E 227 -43.10 -33.00 -15.10
CA VAL E 227 -43.02 -33.00 -16.55
C VAL E 227 -44.11 -32.19 -17.28
N GLY E 228 -43.90 -31.93 -18.57
CA GLY E 228 -44.84 -31.17 -19.37
C GLY E 228 -46.02 -31.99 -19.84
N ASP E 229 -46.43 -31.79 -21.07
CA ASP E 229 -47.61 -32.46 -21.60
C ASP E 229 -47.25 -33.69 -22.41
N PHE E 230 -46.24 -34.42 -21.95
CA PHE E 230 -45.90 -35.73 -22.50
C PHE E 230 -47.11 -36.67 -22.46
N GLU E 231 -47.23 -37.56 -23.44
CA GLU E 231 -48.25 -38.60 -23.38
C GLU E 231 -47.77 -39.69 -22.42
N ILE E 232 -48.56 -39.97 -21.38
CA ILE E 232 -48.16 -40.98 -20.37
C ILE E 232 -47.73 -42.31 -20.99
N LEU E 233 -48.38 -42.68 -22.09
CA LEU E 233 -48.07 -43.95 -22.74
C LEU E 233 -46.65 -44.02 -23.25
N GLU E 234 -46.11 -42.88 -23.68
CA GLU E 234 -44.75 -42.80 -24.20
C GLU E 234 -43.73 -42.92 -23.06
N LEU E 235 -44.23 -42.91 -21.83
CA LEU E 235 -43.37 -42.89 -20.67
C LEU E 235 -43.23 -44.21 -19.99
N VAL E 236 -43.87 -45.26 -20.51
CA VAL E 236 -43.81 -46.55 -19.84
C VAL E 236 -42.38 -47.04 -19.72
N GLY E 237 -41.58 -46.78 -20.76
CA GLY E 237 -40.17 -47.13 -20.74
C GLY E 237 -39.50 -46.43 -19.58
N PHE E 238 -39.82 -45.14 -19.45
CA PHE E 238 -39.36 -44.34 -18.33
C PHE E 238 -39.70 -45.01 -17.02
N PHE E 239 -40.99 -45.13 -16.73
CA PHE E 239 -41.46 -45.65 -15.45
C PHE E 239 -40.80 -46.95 -15.08
N LYS E 240 -40.60 -47.82 -16.07
CA LYS E 240 -39.97 -49.12 -15.81
C LYS E 240 -38.55 -48.98 -15.36
N ALA E 241 -37.82 -48.04 -15.95
CA ALA E 241 -36.42 -47.87 -15.61
C ALA E 241 -36.22 -47.01 -14.36
N ALA E 242 -37.21 -46.21 -14.00
CA ALA E 242 -37.10 -45.25 -12.91
C ALA E 242 -37.34 -45.85 -11.52
N ALA E 243 -36.57 -46.87 -11.16
CA ALA E 243 -36.79 -47.63 -9.93
C ALA E 243 -37.02 -46.81 -8.67
N ASN E 244 -36.02 -46.01 -8.27
CA ASN E 244 -36.07 -45.33 -6.98
C ASN E 244 -36.99 -44.13 -6.95
N LEU E 245 -37.74 -43.93 -8.02
CA LEU E 245 -38.64 -42.79 -8.17
C LEU E 245 -39.69 -42.76 -7.07
N GLU E 246 -39.79 -41.63 -6.37
CA GLU E 246 -40.77 -41.42 -5.31
C GLU E 246 -41.85 -40.38 -5.69
N GLU E 247 -41.54 -39.49 -6.62
CA GLU E 247 -42.46 -38.39 -6.93
C GLU E 247 -42.57 -38.23 -8.43
N PHE E 248 -43.79 -38.17 -8.95
CA PHE E 248 -44.03 -37.82 -10.33
C PHE E 248 -45.27 -36.95 -10.49
N CYS E 249 -45.11 -35.72 -10.96
CA CYS E 249 -46.23 -34.90 -11.33
C CYS E 249 -46.09 -34.65 -12.82
N GLY E 250 -47.20 -34.39 -13.51
CA GLY E 250 -47.13 -34.04 -14.90
C GLY E 250 -47.67 -35.07 -15.87
N GLY E 251 -47.13 -35.07 -17.07
CA GLY E 251 -47.61 -35.95 -18.11
C GLY E 251 -48.95 -35.48 -18.64
N SER E 252 -49.62 -36.37 -19.36
CA SER E 252 -50.90 -36.08 -19.97
C SER E 252 -51.68 -37.38 -20.20
N LEU E 253 -52.93 -37.40 -19.72
CA LEU E 253 -53.80 -38.55 -19.90
C LEU E 253 -54.84 -38.25 -20.96
N ASN E 254 -54.58 -38.72 -22.18
CA ASN E 254 -55.45 -38.45 -23.33
C ASN E 254 -56.24 -39.68 -23.66
N GLU E 255 -57.56 -39.59 -23.52
CA GLU E 255 -58.41 -40.73 -23.78
C GLU E 255 -59.13 -40.61 -25.12
N ASP E 256 -58.83 -41.53 -26.03
CA ASP E 256 -59.65 -41.71 -27.23
C ASP E 256 -60.58 -42.88 -26.96
N ILE E 257 -61.74 -42.89 -27.60
CA ILE E 257 -62.74 -43.90 -27.28
C ILE E 257 -62.34 -45.26 -27.83
N GLY E 258 -61.45 -45.26 -28.83
CA GLY E 258 -60.96 -46.49 -29.45
C GLY E 258 -60.09 -47.36 -28.56
N MET E 259 -59.87 -46.92 -27.32
CA MET E 259 -59.15 -47.69 -26.33
C MET E 259 -59.69 -47.42 -24.94
N PRO E 260 -60.75 -48.12 -24.54
CA PRO E 260 -61.33 -47.97 -23.21
C PRO E 260 -60.37 -48.51 -22.16
N GLU E 261 -59.58 -49.51 -22.56
CA GLU E 261 -58.52 -50.02 -21.70
C GLU E 261 -57.15 -49.63 -22.24
N LYS E 262 -56.96 -48.34 -22.46
CA LYS E 262 -55.69 -47.80 -22.94
C LYS E 262 -54.65 -47.82 -21.82
N TYR E 263 -55.02 -47.24 -20.70
CA TYR E 263 -54.10 -47.02 -19.60
C TYR E 263 -54.19 -48.07 -18.51
N MET E 264 -54.61 -49.27 -18.85
CA MET E 264 -54.84 -50.27 -17.82
C MET E 264 -53.65 -51.20 -17.66
N ASN E 265 -52.56 -50.86 -18.35
CA ASN E 265 -51.32 -51.63 -18.26
C ASN E 265 -50.14 -50.77 -17.79
N LEU E 266 -50.39 -49.97 -16.75
CA LEU E 266 -49.37 -49.05 -16.27
C LEU E 266 -48.55 -49.60 -15.12
N VAL E 267 -47.26 -49.75 -15.39
CA VAL E 267 -46.28 -50.21 -14.41
C VAL E 267 -45.66 -49.01 -13.69
N PHE E 268 -46.33 -48.49 -12.65
CA PHE E 268 -45.81 -47.37 -11.87
C PHE E 268 -44.69 -47.78 -10.93
N PRO E 269 -43.66 -46.94 -10.77
CA PRO E 269 -42.53 -47.32 -9.92
C PRO E 269 -43.02 -47.77 -8.56
N ARG E 270 -42.30 -48.70 -7.96
CA ARG E 270 -42.76 -49.26 -6.71
C ARG E 270 -42.86 -48.19 -5.62
N LYS E 271 -41.81 -47.40 -5.42
CA LYS E 271 -41.76 -46.45 -4.32
C LYS E 271 -42.67 -45.21 -4.45
N LEU E 272 -43.29 -45.05 -5.62
CA LEU E 272 -44.05 -43.84 -5.94
C LEU E 272 -45.13 -43.52 -4.91
N CYS E 273 -44.91 -42.43 -4.17
CA CYS E 273 -45.80 -42.04 -3.10
C CYS E 273 -46.26 -40.57 -3.11
N ARG E 274 -45.68 -39.75 -3.97
CA ARG E 274 -46.07 -38.34 -4.08
C ARG E 274 -46.32 -38.14 -5.55
N LEU E 275 -47.53 -37.77 -5.96
CA LEU E 275 -47.83 -37.69 -7.40
C LEU E 275 -49.05 -36.90 -7.82
N GLY E 276 -49.20 -36.76 -9.13
CA GLY E 276 -50.34 -36.06 -9.71
C GLY E 276 -50.28 -36.10 -11.22
N LEU E 277 -51.12 -36.93 -11.85
CA LEU E 277 -51.19 -37.00 -13.31
C LEU E 277 -52.10 -35.95 -13.90
N SER E 278 -51.64 -35.30 -14.95
CA SER E 278 -52.36 -34.18 -15.51
C SER E 278 -53.46 -34.69 -16.41
N TYR E 279 -54.59 -34.00 -16.39
CA TYR E 279 -55.76 -34.29 -17.23
C TYR E 279 -56.47 -35.62 -16.92
N MET E 280 -56.11 -36.24 -15.80
CA MET E 280 -56.68 -37.53 -15.39
C MET E 280 -58.19 -37.49 -15.15
N GLY E 281 -58.93 -38.27 -15.96
CA GLY E 281 -60.37 -38.38 -15.82
C GLY E 281 -60.80 -39.55 -14.95
N PRO E 282 -62.11 -39.79 -14.85
CA PRO E 282 -62.58 -40.88 -14.00
C PRO E 282 -62.22 -42.24 -14.58
N ASN E 283 -62.16 -42.33 -15.90
CA ASN E 283 -61.85 -43.60 -16.56
C ASN E 283 -60.45 -44.12 -16.25
N GLU E 284 -59.50 -43.21 -16.09
CA GLU E 284 -58.10 -43.58 -15.91
C GLU E 284 -57.69 -43.52 -14.45
N MET E 285 -58.49 -42.84 -13.63
CA MET E 285 -58.30 -42.74 -12.18
C MET E 285 -58.02 -44.07 -11.47
N PRO E 286 -58.66 -45.15 -11.92
CA PRO E 286 -58.43 -46.47 -11.32
C PRO E 286 -56.97 -46.93 -11.22
N ILE E 287 -56.10 -46.44 -12.10
CA ILE E 287 -54.71 -46.90 -12.13
C ILE E 287 -53.93 -46.52 -10.86
N LEU E 288 -54.58 -45.78 -9.96
CA LEU E 288 -53.94 -45.34 -8.73
C LEU E 288 -54.30 -46.24 -7.57
N PHE E 289 -55.41 -46.94 -7.70
CA PHE E 289 -55.95 -47.72 -6.60
C PHE E 289 -54.96 -48.75 -6.02
N PRO E 290 -54.33 -49.57 -6.88
CA PRO E 290 -53.39 -50.62 -6.46
C PRO E 290 -52.31 -50.19 -5.45
N PHE E 291 -52.22 -48.91 -5.12
CA PHE E 291 -51.22 -48.42 -4.17
C PHE E 291 -51.62 -47.09 -3.52
N ALA E 292 -52.91 -46.82 -3.49
CA ALA E 292 -53.39 -45.58 -2.91
C ALA E 292 -53.15 -45.53 -1.40
N ALA E 293 -52.96 -46.70 -0.80
CA ALA E 293 -52.74 -46.76 0.63
C ALA E 293 -51.39 -46.14 0.96
N GLN E 294 -50.63 -45.93 -0.10
CA GLN E 294 -49.23 -45.55 0.00
C GLN E 294 -49.00 -44.09 -0.33
N ILE E 295 -49.88 -43.53 -1.15
CA ILE E 295 -49.85 -42.14 -1.52
C ILE E 295 -49.89 -41.20 -0.31
N ARG E 296 -48.99 -40.21 -0.31
CA ARG E 296 -48.86 -39.26 0.78
C ARG E 296 -49.02 -37.80 0.32
N LYS E 297 -48.99 -37.59 -1.00
CA LYS E 297 -49.17 -36.25 -1.59
C LYS E 297 -49.92 -36.42 -2.89
N LEU E 298 -50.90 -35.58 -3.15
CA LEU E 298 -51.72 -35.71 -4.36
C LEU E 298 -51.99 -34.37 -5.05
N ASP E 299 -51.69 -34.27 -6.33
CA ASP E 299 -51.80 -33.01 -7.07
C ASP E 299 -52.91 -33.07 -8.12
N LEU E 300 -54.16 -33.09 -7.65
CA LEU E 300 -55.31 -33.19 -8.54
C LEU E 300 -55.62 -31.82 -9.10
N LEU E 301 -54.60 -30.99 -9.16
CA LEU E 301 -54.79 -29.60 -9.51
C LEU E 301 -55.21 -29.52 -10.95
N TYR E 302 -54.61 -30.35 -11.78
CA TYR E 302 -54.83 -30.26 -13.21
C TYR E 302 -55.58 -31.49 -13.68
N ALA E 303 -56.20 -32.17 -12.72
CA ALA E 303 -57.00 -33.34 -13.02
C ALA E 303 -58.38 -32.97 -13.55
N LEU E 304 -58.97 -33.88 -14.32
CA LEU E 304 -60.23 -33.63 -14.99
C LEU E 304 -61.38 -34.43 -14.41
N LEU E 305 -61.38 -34.62 -13.10
CA LEU E 305 -62.40 -35.44 -12.49
C LEU E 305 -63.32 -34.65 -11.55
N GLU E 306 -64.55 -35.15 -11.39
CA GLU E 306 -65.65 -34.40 -10.79
C GLU E 306 -65.87 -34.73 -9.33
N THR E 307 -66.69 -33.90 -8.69
CA THR E 307 -66.85 -33.92 -7.25
C THR E 307 -67.05 -35.32 -6.66
N GLU E 308 -67.74 -36.19 -7.38
CA GLU E 308 -67.97 -37.56 -6.90
C GLU E 308 -66.68 -38.35 -6.95
N ASP E 309 -66.04 -38.34 -8.12
CA ASP E 309 -64.78 -39.04 -8.35
C ASP E 309 -63.73 -38.66 -7.31
N HIS E 310 -63.75 -37.40 -6.86
CA HIS E 310 -62.84 -36.95 -5.82
C HIS E 310 -63.02 -37.82 -4.58
N CYS E 311 -64.28 -38.01 -4.17
CA CYS E 311 -64.60 -38.69 -2.93
C CYS E 311 -64.16 -40.13 -2.97
N THR E 312 -64.36 -40.77 -4.12
CA THR E 312 -64.06 -42.19 -4.27
C THR E 312 -62.56 -42.43 -4.19
N LEU E 313 -61.78 -41.40 -4.52
CA LEU E 313 -60.33 -41.51 -4.52
C LEU E 313 -59.73 -41.12 -3.17
N ILE E 314 -60.11 -39.94 -2.68
CA ILE E 314 -59.66 -39.50 -1.36
C ILE E 314 -59.90 -40.63 -0.40
N GLN E 315 -61.09 -41.22 -0.52
CA GLN E 315 -61.54 -42.29 0.36
C GLN E 315 -60.48 -43.40 0.50
N LYS E 316 -59.63 -43.54 -0.51
CA LYS E 316 -58.67 -44.65 -0.56
C LYS E 316 -57.30 -44.34 0.02
N CYS E 317 -57.06 -43.09 0.40
CA CYS E 317 -55.71 -42.67 0.80
C CYS E 317 -55.70 -42.16 2.22
N PRO E 318 -55.68 -43.08 3.17
CA PRO E 318 -55.72 -42.81 4.61
C PRO E 318 -54.46 -42.09 5.11
N ASN E 319 -53.39 -42.19 4.35
CA ASN E 319 -52.12 -41.67 4.81
C ASN E 319 -51.72 -40.40 4.10
N LEU E 320 -52.58 -39.99 3.18
CA LEU E 320 -52.43 -38.73 2.48
C LEU E 320 -52.21 -37.62 3.46
N GLU E 321 -51.06 -36.94 3.37
CA GLU E 321 -50.80 -35.78 4.20
C GLU E 321 -50.67 -34.44 3.46
N VAL E 322 -50.70 -34.46 2.13
CA VAL E 322 -50.83 -33.23 1.37
C VAL E 322 -51.72 -33.38 0.15
N LEU E 323 -52.73 -32.54 0.03
CA LEU E 323 -53.59 -32.55 -1.14
C LEU E 323 -53.75 -31.15 -1.71
N GLU E 324 -53.59 -31.03 -3.02
CA GLU E 324 -53.82 -29.78 -3.73
C GLU E 324 -54.79 -30.02 -4.86
N THR E 325 -55.89 -29.27 -4.89
CA THR E 325 -56.94 -29.50 -5.85
C THR E 325 -57.80 -28.27 -6.12
N ARG E 326 -58.64 -28.34 -7.13
CA ARG E 326 -59.51 -27.24 -7.47
C ARG E 326 -60.77 -27.29 -6.60
N ASN E 327 -61.60 -26.24 -6.64
CA ASN E 327 -62.79 -26.18 -5.77
C ASN E 327 -63.91 -27.17 -6.13
N VAL E 328 -63.67 -27.96 -7.16
CA VAL E 328 -64.57 -29.02 -7.54
C VAL E 328 -64.69 -30.04 -6.42
N ILE E 329 -63.62 -30.18 -5.65
CA ILE E 329 -63.60 -31.10 -4.53
C ILE E 329 -64.93 -31.10 -3.81
N GLY E 330 -65.55 -29.93 -3.70
CA GLY E 330 -66.88 -29.78 -3.13
C GLY E 330 -66.99 -29.99 -1.63
N ASP E 331 -68.05 -29.46 -1.04
CA ASP E 331 -68.30 -29.68 0.37
C ASP E 331 -68.31 -31.17 0.64
N ARG E 332 -68.94 -31.92 -0.28
CA ARG E 332 -69.05 -33.38 -0.13
C ARG E 332 -67.66 -34.01 -0.05
N GLY E 333 -66.79 -33.60 -0.95
CA GLY E 333 -65.43 -34.13 -0.98
C GLY E 333 -64.70 -33.86 0.31
N LEU E 334 -64.79 -32.63 0.80
CA LEU E 334 -64.13 -32.26 2.05
C LEU E 334 -64.59 -33.16 3.20
N GLU E 335 -65.87 -33.51 3.18
CA GLU E 335 -66.42 -34.34 4.24
C GLU E 335 -65.74 -35.70 4.21
N VAL E 336 -65.50 -36.23 3.02
CA VAL E 336 -64.79 -37.50 2.86
C VAL E 336 -63.39 -37.40 3.43
N LEU E 337 -62.77 -36.27 3.15
CA LEU E 337 -61.41 -36.00 3.56
C LEU E 337 -61.32 -35.82 5.08
N ALA E 338 -62.48 -35.60 5.70
CA ALA E 338 -62.55 -35.28 7.11
C ALA E 338 -62.37 -36.48 8.04
N GLN E 339 -62.85 -37.65 7.64
CA GLN E 339 -62.65 -38.81 8.51
C GLN E 339 -61.84 -39.95 7.89
N TYR E 340 -61.31 -39.73 6.69
CA TYR E 340 -60.44 -40.73 6.08
C TYR E 340 -58.96 -40.42 6.18
N CYS E 341 -58.61 -39.14 6.04
CA CYS E 341 -57.23 -38.71 6.12
C CYS E 341 -57.06 -37.83 7.31
N LYS E 342 -56.64 -38.41 8.43
CA LYS E 342 -56.49 -37.67 9.66
C LYS E 342 -55.09 -37.08 9.68
N GLN E 343 -54.22 -37.66 8.88
CA GLN E 343 -52.81 -37.29 8.86
C GLN E 343 -52.54 -36.02 8.08
N LEU E 344 -53.55 -35.53 7.36
CA LEU E 344 -53.42 -34.35 6.51
C LEU E 344 -52.73 -33.20 7.23
N LYS E 345 -51.75 -32.60 6.55
CA LYS E 345 -51.00 -31.47 7.09
C LYS E 345 -51.13 -30.23 6.20
N ARG E 346 -51.30 -30.44 4.90
CA ARG E 346 -51.39 -29.32 3.98
C ARG E 346 -52.53 -29.52 3.02
N LEU E 347 -53.34 -28.49 2.82
CA LEU E 347 -54.48 -28.54 1.90
C LEU E 347 -54.65 -27.23 1.14
N ARG E 348 -54.75 -27.32 -0.19
CA ARG E 348 -54.91 -26.12 -1.00
C ARG E 348 -56.02 -26.33 -2.01
N ILE E 349 -56.93 -25.36 -2.11
CA ILE E 349 -58.10 -25.48 -2.98
C ILE E 349 -58.19 -24.30 -3.96
N GLU E 350 -57.45 -24.34 -5.07
CA GLU E 350 -57.44 -23.25 -6.06
C GLU E 350 -58.78 -23.17 -6.79
N ARG E 351 -59.19 -21.97 -7.19
CA ARG E 351 -60.47 -21.81 -7.83
C ARG E 351 -60.50 -22.26 -9.30
N GLY E 352 -61.46 -23.12 -9.61
CA GLY E 352 -61.61 -23.70 -10.93
C GLY E 352 -62.41 -22.85 -11.90
N ALA E 353 -63.09 -23.50 -12.85
CA ALA E 353 -63.81 -22.79 -13.91
C ALA E 353 -65.08 -22.11 -13.41
N ASP E 354 -64.97 -20.83 -13.06
CA ASP E 354 -66.09 -20.04 -12.56
C ASP E 354 -66.77 -19.33 -13.72
N GLU E 355 -67.07 -20.08 -14.77
CA GLU E 355 -67.69 -19.51 -15.97
C GLU E 355 -69.02 -20.22 -16.28
N GLN E 356 -68.95 -21.48 -16.71
CA GLN E 356 -70.13 -22.30 -16.99
C GLN E 356 -70.66 -22.92 -15.70
N GLY E 357 -71.42 -22.14 -14.93
CA GLY E 357 -71.78 -22.54 -13.59
C GLY E 357 -70.50 -22.85 -12.85
N MET E 358 -70.55 -23.68 -11.82
CA MET E 358 -69.33 -24.24 -11.27
C MET E 358 -68.93 -25.40 -12.18
N GLU E 359 -68.00 -26.24 -11.74
CA GLU E 359 -67.63 -27.40 -12.54
C GLU E 359 -68.62 -28.55 -12.30
N ASP E 360 -69.44 -28.41 -11.25
CA ASP E 360 -70.67 -29.20 -11.05
C ASP E 360 -71.64 -28.48 -10.08
N GLU E 361 -72.66 -29.19 -9.59
CA GLU E 361 -73.61 -28.56 -8.67
C GLU E 361 -73.29 -28.87 -7.20
N GLU E 362 -72.17 -29.54 -6.97
CA GLU E 362 -71.59 -29.69 -5.63
C GLU E 362 -70.21 -29.02 -5.58
N GLY E 363 -69.77 -28.50 -6.71
CA GLY E 363 -68.45 -27.89 -6.87
C GLY E 363 -68.36 -26.49 -6.31
N LEU E 364 -69.02 -26.29 -5.18
CA LEU E 364 -68.90 -25.08 -4.39
C LEU E 364 -68.42 -25.56 -3.02
N VAL E 365 -67.59 -24.76 -2.35
CA VAL E 365 -67.18 -25.07 -0.98
C VAL E 365 -67.70 -24.00 -0.01
N SER E 366 -68.08 -24.42 1.20
CA SER E 366 -68.80 -23.52 2.10
C SER E 366 -68.60 -23.89 3.57
N GLN E 367 -69.17 -23.06 4.44
CA GLN E 367 -69.13 -23.28 5.89
C GLN E 367 -69.29 -24.75 6.21
N ARG E 368 -70.12 -25.43 5.41
CA ARG E 368 -70.45 -26.84 5.64
C ARG E 368 -69.20 -27.70 5.59
N GLY E 369 -68.47 -27.62 4.48
CA GLY E 369 -67.26 -28.38 4.29
C GLY E 369 -66.18 -27.93 5.24
N LEU E 370 -66.04 -26.62 5.36
CA LEU E 370 -65.02 -26.03 6.24
C LEU E 370 -65.09 -26.62 7.62
N ILE E 371 -66.23 -26.46 8.28
CA ILE E 371 -66.37 -26.88 9.66
C ILE E 371 -66.25 -28.40 9.79
N ALA E 372 -66.55 -29.11 8.71
CA ALA E 372 -66.41 -30.58 8.68
C ALA E 372 -64.93 -30.97 8.74
N LEU E 373 -64.14 -30.19 8.05
CA LEU E 373 -62.71 -30.41 7.92
C LEU E 373 -62.00 -30.04 9.20
N ALA E 374 -62.41 -28.92 9.78
CA ALA E 374 -61.81 -28.41 11.00
C ALA E 374 -61.86 -29.45 12.10
N GLN E 375 -62.86 -30.33 12.03
CA GLN E 375 -63.04 -31.38 13.03
C GLN E 375 -62.26 -32.64 12.66
N GLY E 376 -62.20 -32.94 11.37
CA GLY E 376 -61.53 -34.15 10.91
C GLY E 376 -60.03 -34.13 11.03
N CYS E 377 -59.40 -33.22 10.29
CA CYS E 377 -57.95 -33.16 10.20
C CYS E 377 -57.41 -32.05 11.08
N GLN E 378 -57.08 -32.37 12.32
CA GLN E 378 -56.71 -31.33 13.25
C GLN E 378 -55.23 -31.21 13.29
N GLU E 379 -54.60 -31.85 12.31
CA GLU E 379 -53.16 -31.79 12.18
C GLU E 379 -52.71 -30.74 11.16
N LEU E 380 -53.67 -30.11 10.49
CA LEU E 380 -53.41 -29.12 9.46
C LEU E 380 -52.46 -28.01 9.87
N GLU E 381 -51.47 -27.77 9.01
CA GLU E 381 -50.45 -26.77 9.23
C GLU E 381 -50.51 -25.71 8.16
N TYR E 382 -51.06 -26.04 7.00
CA TYR E 382 -51.24 -25.08 5.94
C TYR E 382 -52.59 -25.35 5.31
N MET E 383 -53.42 -24.31 5.25
CA MET E 383 -54.74 -24.41 4.65
C MET E 383 -55.04 -23.21 3.79
N ALA E 384 -55.30 -23.44 2.52
CA ALA E 384 -55.58 -22.34 1.62
C ALA E 384 -56.75 -22.70 0.72
N VAL E 385 -57.75 -21.83 0.73
CA VAL E 385 -59.05 -22.17 0.19
C VAL E 385 -59.72 -21.01 -0.52
N TYR E 386 -60.19 -21.28 -1.75
CA TYR E 386 -61.07 -20.37 -2.43
C TYR E 386 -62.49 -20.88 -2.17
N VAL E 387 -63.20 -20.19 -1.28
CA VAL E 387 -64.52 -20.61 -0.81
C VAL E 387 -65.66 -19.80 -1.47
N SER E 388 -66.87 -20.38 -1.53
CA SER E 388 -68.01 -19.73 -2.22
C SER E 388 -69.04 -19.11 -1.26
N ASP E 389 -68.85 -19.31 0.04
CA ASP E 389 -69.78 -18.86 1.07
C ASP E 389 -69.29 -19.22 2.49
N ILE E 390 -69.26 -18.27 3.42
CA ILE E 390 -68.84 -18.54 4.82
C ILE E 390 -69.78 -18.09 5.94
N THR E 391 -69.39 -18.46 7.15
CA THR E 391 -70.12 -18.13 8.36
C THR E 391 -69.14 -17.91 9.50
N ASN E 392 -69.38 -16.88 10.31
CA ASN E 392 -68.57 -16.66 11.50
C ASN E 392 -68.32 -17.97 12.24
N GLU E 393 -69.33 -18.84 12.27
CA GLU E 393 -69.26 -20.04 13.06
C GLU E 393 -68.14 -20.93 12.56
N SER E 394 -67.96 -21.01 11.25
CA SER E 394 -66.94 -21.86 10.66
C SER E 394 -65.54 -21.41 11.08
N LEU E 395 -65.27 -20.11 11.03
CA LEU E 395 -64.00 -19.58 11.51
C LEU E 395 -63.73 -19.94 12.98
N GLU E 396 -64.77 -19.89 13.80
CA GLU E 396 -64.61 -20.13 15.24
C GLU E 396 -64.09 -21.55 15.49
N SER E 397 -64.53 -22.48 14.63
CA SER E 397 -64.17 -23.89 14.76
C SER E 397 -62.80 -24.14 14.19
N ILE E 398 -62.37 -23.29 13.27
CA ILE E 398 -61.00 -23.35 12.77
C ILE E 398 -60.04 -23.10 13.93
N GLY E 399 -60.10 -21.92 14.49
CA GLY E 399 -59.24 -21.57 15.61
C GLY E 399 -59.56 -22.36 16.86
N THR E 400 -60.40 -23.37 16.71
CA THR E 400 -60.85 -24.12 17.85
C THR E 400 -60.20 -25.49 17.87
N TYR E 401 -59.99 -26.07 16.67
CA TYR E 401 -59.52 -27.46 16.57
C TYR E 401 -58.09 -27.60 16.07
N LEU E 402 -57.77 -27.00 14.92
CA LEU E 402 -56.44 -27.14 14.33
C LEU E 402 -55.49 -26.05 14.78
N LYS E 403 -54.82 -26.31 15.90
CA LYS E 403 -54.07 -25.29 16.61
C LYS E 403 -52.80 -24.93 15.88
N ASN E 404 -52.09 -25.95 15.39
CA ASN E 404 -50.82 -25.70 14.73
C ASN E 404 -50.96 -25.35 13.25
N LEU E 405 -51.97 -24.54 12.96
CA LEU E 405 -52.06 -23.90 11.66
C LEU E 405 -51.00 -22.81 11.64
N CYS E 406 -50.12 -22.87 10.65
CA CYS E 406 -49.06 -21.88 10.42
C CYS E 406 -49.38 -20.91 9.28
N ASP E 407 -49.99 -21.43 8.23
CA ASP E 407 -50.31 -20.66 7.04
C ASP E 407 -51.79 -20.82 6.73
N PHE E 408 -52.53 -19.72 6.79
CA PHE E 408 -53.96 -19.78 6.54
C PHE E 408 -54.37 -18.73 5.52
N ARG E 409 -54.96 -19.20 4.41
CA ARG E 409 -55.42 -18.29 3.38
C ARG E 409 -56.87 -18.58 2.96
N LEU E 410 -57.69 -17.53 2.94
CA LEU E 410 -59.11 -17.63 2.65
C LEU E 410 -59.48 -16.56 1.65
N VAL E 411 -60.15 -16.94 0.58
CA VAL E 411 -60.63 -15.97 -0.39
C VAL E 411 -62.02 -16.38 -0.77
N LEU E 412 -62.97 -15.45 -0.75
CA LEU E 412 -64.34 -15.80 -1.17
C LEU E 412 -64.76 -15.22 -2.52
N LEU E 413 -65.32 -16.09 -3.36
CA LEU E 413 -65.69 -15.73 -4.71
C LEU E 413 -66.88 -14.77 -4.76
N ASP E 414 -66.76 -13.76 -5.62
CA ASP E 414 -67.82 -12.77 -5.84
C ASP E 414 -68.97 -13.40 -6.62
N ARG E 415 -68.80 -14.67 -6.99
CA ARG E 415 -69.83 -15.45 -7.69
C ARG E 415 -71.18 -15.37 -6.99
N GLU E 416 -71.18 -15.70 -5.71
CA GLU E 416 -72.39 -15.70 -4.90
C GLU E 416 -72.94 -14.29 -4.69
N GLU E 417 -74.25 -14.20 -4.61
CA GLU E 417 -74.94 -12.92 -4.44
C GLU E 417 -75.01 -12.51 -2.97
N ARG E 418 -75.80 -13.24 -2.19
CA ARG E 418 -75.88 -13.03 -0.75
C ARG E 418 -75.11 -14.13 -0.04
N ILE E 419 -74.24 -13.70 0.88
CA ILE E 419 -73.50 -14.62 1.72
C ILE E 419 -74.11 -14.60 3.12
N THR E 420 -74.47 -15.78 3.62
CA THR E 420 -75.14 -15.96 4.91
C THR E 420 -75.05 -14.74 5.83
N ASP E 421 -74.24 -14.85 6.87
CA ASP E 421 -73.97 -13.71 7.73
C ASP E 421 -72.67 -13.09 7.25
N LEU E 422 -72.66 -11.78 7.06
CA LEU E 422 -71.53 -11.21 6.34
C LEU E 422 -70.41 -10.63 7.18
N PRO E 423 -70.68 -9.64 8.03
CA PRO E 423 -69.55 -9.12 8.82
C PRO E 423 -68.93 -10.22 9.68
N LEU E 424 -67.64 -10.49 9.47
CA LEU E 424 -66.97 -11.67 10.01
C LEU E 424 -66.11 -11.37 11.22
N ASP E 425 -66.24 -10.15 11.74
CA ASP E 425 -65.41 -9.63 12.84
C ASP E 425 -65.17 -10.61 13.99
N ASN E 426 -66.21 -11.31 14.41
CA ASN E 426 -66.10 -12.17 15.59
C ASN E 426 -65.58 -13.57 15.27
N GLY E 427 -65.68 -13.98 14.00
CA GLY E 427 -65.10 -15.22 13.54
C GLY E 427 -63.60 -15.10 13.36
N VAL E 428 -63.18 -14.09 12.60
CA VAL E 428 -61.77 -13.76 12.46
C VAL E 428 -61.11 -13.79 13.81
N ARG E 429 -61.77 -13.14 14.77
CA ARG E 429 -61.22 -12.94 16.09
C ARG E 429 -60.90 -14.26 16.79
N SER E 430 -61.82 -15.21 16.80
CA SER E 430 -61.54 -16.45 17.54
C SER E 430 -60.55 -17.33 16.78
N LEU E 431 -60.52 -17.15 15.46
CA LEU E 431 -59.54 -17.85 14.63
C LEU E 431 -58.11 -17.43 14.98
N LEU E 432 -57.80 -16.14 14.84
CA LEU E 432 -56.48 -15.62 15.17
C LEU E 432 -56.09 -15.91 16.62
N ILE E 433 -57.08 -16.15 17.48
CA ILE E 433 -56.83 -16.29 18.91
C ILE E 433 -56.52 -17.73 19.27
N GLY E 434 -57.10 -18.65 18.52
CA GLY E 434 -56.85 -20.07 18.71
C GLY E 434 -55.58 -20.54 18.02
N CYS E 435 -55.41 -20.15 16.76
CA CYS E 435 -54.20 -20.48 16.01
C CYS E 435 -53.13 -19.47 16.32
N LYS E 436 -52.43 -19.65 17.43
CA LYS E 436 -51.43 -18.71 17.85
C LYS E 436 -50.07 -19.06 17.28
N LYS E 437 -50.03 -20.16 16.51
CA LYS E 437 -48.82 -20.58 15.82
C LYS E 437 -48.72 -19.92 14.45
N LEU E 438 -49.79 -19.23 14.05
CA LEU E 438 -49.93 -18.61 12.73
C LEU E 438 -48.84 -17.60 12.38
N ARG E 439 -48.24 -17.76 11.21
CA ARG E 439 -47.17 -16.87 10.73
C ARG E 439 -47.46 -16.18 9.39
N ARG E 440 -48.25 -16.83 8.54
CA ARG E 440 -48.73 -16.22 7.30
C ARG E 440 -50.25 -16.30 7.23
N PHE E 441 -50.89 -15.23 6.76
CA PHE E 441 -52.34 -15.11 6.87
C PHE E 441 -52.87 -14.31 5.71
N ALA E 442 -53.83 -14.87 4.97
CA ALA E 442 -54.43 -14.21 3.82
C ALA E 442 -55.93 -14.21 3.91
N PHE E 443 -56.52 -13.05 3.69
CA PHE E 443 -57.93 -12.84 3.97
C PHE E 443 -58.53 -11.87 2.94
N TYR E 444 -59.07 -12.42 1.84
CA TYR E 444 -59.58 -11.63 0.73
C TYR E 444 -61.10 -11.78 0.63
N LEU E 445 -61.85 -10.68 0.75
CA LEU E 445 -63.32 -10.75 0.83
C LEU E 445 -64.09 -9.95 -0.23
N ARG E 446 -65.34 -9.62 0.10
CA ARG E 446 -66.16 -8.69 -0.68
C ARG E 446 -66.34 -7.46 0.21
N GLN E 447 -66.90 -6.37 -0.31
CA GLN E 447 -66.79 -5.10 0.43
C GLN E 447 -67.30 -5.12 1.88
N GLY E 448 -68.56 -5.45 2.08
CA GLY E 448 -69.09 -5.46 3.43
C GLY E 448 -68.58 -6.57 4.35
N GLY E 449 -67.47 -7.18 3.99
CA GLY E 449 -67.01 -8.39 4.65
C GLY E 449 -66.45 -8.21 6.05
N LEU E 450 -65.79 -7.08 6.30
CA LEU E 450 -65.19 -6.84 7.60
C LEU E 450 -65.23 -5.36 7.93
N THR E 451 -65.50 -5.06 9.20
CA THR E 451 -65.71 -3.69 9.63
C THR E 451 -64.45 -3.18 10.30
N ASP E 452 -64.34 -1.85 10.45
CA ASP E 452 -63.17 -1.26 11.08
C ASP E 452 -62.90 -1.91 12.42
N LEU E 453 -63.94 -2.44 13.04
CA LEU E 453 -63.78 -3.09 14.35
C LEU E 453 -63.10 -4.45 14.16
N GLY E 454 -63.57 -5.22 13.18
CA GLY E 454 -63.00 -6.52 12.89
C GLY E 454 -61.57 -6.43 12.40
N LEU E 455 -61.29 -5.39 11.64
CA LEU E 455 -59.96 -5.16 11.13
C LEU E 455 -59.01 -4.93 12.30
N SER E 456 -59.41 -4.11 13.26
CA SER E 456 -58.50 -3.82 14.38
C SER E 456 -58.29 -5.04 15.25
N TYR E 457 -59.16 -6.03 15.11
CA TYR E 457 -58.98 -7.32 15.78
C TYR E 457 -57.75 -7.99 15.24
N ILE E 458 -57.63 -8.01 13.92
CA ILE E 458 -56.49 -8.61 13.25
C ILE E 458 -55.17 -8.02 13.76
N GLY E 459 -55.03 -6.72 13.75
CA GLY E 459 -53.82 -6.11 14.25
C GLY E 459 -53.56 -6.50 15.69
N GLN E 460 -54.65 -6.68 16.42
CA GLN E 460 -54.60 -6.93 17.87
C GLN E 460 -54.27 -8.39 18.24
N TYR E 461 -54.78 -9.35 17.49
CA TYR E 461 -54.60 -10.75 17.87
C TYR E 461 -53.69 -11.58 16.93
N SER E 462 -52.82 -10.93 16.17
CA SER E 462 -51.89 -11.66 15.31
C SER E 462 -50.46 -11.26 15.61
N PRO E 463 -49.90 -11.83 16.67
CA PRO E 463 -48.60 -11.47 17.22
C PRO E 463 -47.46 -12.10 16.47
N ASN E 464 -47.75 -13.19 15.77
CA ASN E 464 -46.68 -13.93 15.10
C ASN E 464 -46.68 -13.81 13.59
N VAL E 465 -47.77 -13.29 13.06
CA VAL E 465 -47.89 -13.16 11.63
C VAL E 465 -46.85 -12.21 11.09
N ARG E 466 -46.16 -12.68 10.05
CA ARG E 466 -45.09 -11.95 9.41
C ARG E 466 -45.50 -11.50 8.00
N TRP E 467 -46.46 -12.19 7.40
CA TRP E 467 -46.95 -11.80 6.09
C TRP E 467 -48.46 -11.78 6.11
N MET E 468 -49.07 -10.76 5.51
CA MET E 468 -50.53 -10.72 5.38
C MET E 468 -50.98 -10.22 4.02
N LEU E 469 -51.95 -10.92 3.46
CA LEU E 469 -52.66 -10.48 2.25
C LEU E 469 -54.07 -10.21 2.67
N LEU E 470 -54.53 -8.99 2.39
CA LEU E 470 -55.85 -8.57 2.82
C LEU E 470 -56.73 -8.13 1.65
N GLY E 471 -57.95 -8.67 1.61
CA GLY E 471 -58.87 -8.46 0.52
C GLY E 471 -59.64 -7.18 0.65
N TYR E 472 -60.96 -7.28 0.71
CA TYR E 472 -61.75 -6.07 0.70
C TYR E 472 -62.13 -5.73 2.13
N VAL E 473 -61.16 -5.75 3.02
CA VAL E 473 -61.44 -5.54 4.43
C VAL E 473 -61.52 -4.06 4.86
N GLY E 474 -62.26 -3.79 5.92
CA GLY E 474 -62.43 -2.45 6.42
C GLY E 474 -63.64 -1.73 5.84
N GLU E 475 -63.91 -0.54 6.39
CA GLU E 475 -64.95 0.34 5.89
C GLU E 475 -64.42 1.76 5.69
N SER E 476 -63.54 2.20 6.57
CA SER E 476 -62.92 3.50 6.39
C SER E 476 -61.50 3.51 6.94
N ASP E 477 -60.77 4.59 6.64
CA ASP E 477 -59.39 4.73 7.11
C ASP E 477 -59.25 4.54 8.61
N GLU E 478 -60.37 4.45 9.33
CA GLU E 478 -60.34 4.24 10.77
C GLU E 478 -59.80 2.85 11.07
N GLY E 479 -60.30 1.86 10.33
CA GLY E 479 -59.91 0.48 10.53
C GLY E 479 -58.46 0.17 10.20
N LEU E 480 -57.92 0.89 9.23
CA LEU E 480 -56.52 0.74 8.86
C LEU E 480 -55.63 1.30 9.96
N MET E 481 -55.97 2.47 10.46
CA MET E 481 -55.18 3.07 11.53
C MET E 481 -55.26 2.25 12.82
N GLU E 482 -56.43 1.70 13.11
CA GLU E 482 -56.58 0.84 14.28
C GLU E 482 -55.72 -0.42 14.16
N PHE E 483 -55.78 -1.02 12.99
CA PHE E 483 -54.98 -2.19 12.65
C PHE E 483 -53.50 -1.88 12.87
N SER E 484 -53.06 -0.69 12.46
CA SER E 484 -51.64 -0.32 12.43
C SER E 484 -50.97 -0.22 13.79
N ARG E 485 -51.74 -0.04 14.85
CA ARG E 485 -51.13 0.04 16.17
C ARG E 485 -50.79 -1.36 16.68
N GLY E 486 -51.08 -2.36 15.86
CA GLY E 486 -50.82 -3.75 16.23
C GLY E 486 -49.74 -4.36 15.37
N CYS E 487 -49.94 -5.62 14.97
CA CYS E 487 -49.02 -6.30 14.08
C CYS E 487 -47.58 -6.13 14.52
N PRO E 488 -47.22 -6.74 15.65
CA PRO E 488 -45.90 -6.57 16.23
C PRO E 488 -44.81 -7.06 15.28
N ASN E 489 -45.12 -8.14 14.55
CA ASN E 489 -44.12 -8.82 13.74
C ASN E 489 -44.37 -8.79 12.23
N LEU E 490 -45.34 -7.99 11.80
CA LEU E 490 -45.62 -7.88 10.39
C LEU E 490 -44.42 -7.35 9.63
N GLN E 491 -43.96 -8.09 8.63
CA GLN E 491 -42.85 -7.69 7.78
C GLN E 491 -43.31 -7.32 6.40
N LYS E 492 -44.18 -8.15 5.83
CA LYS E 492 -44.63 -7.94 4.47
C LYS E 492 -46.15 -7.83 4.43
N LEU E 493 -46.67 -6.79 3.77
CA LEU E 493 -48.11 -6.54 3.70
C LEU E 493 -48.61 -6.29 2.29
N GLU E 494 -49.52 -7.13 1.81
CA GLU E 494 -50.09 -6.95 0.48
C GLU E 494 -51.60 -6.75 0.62
N MET E 495 -52.14 -5.67 0.04
CA MET E 495 -53.59 -5.45 0.07
C MET E 495 -54.13 -4.93 -1.25
N ARG E 496 -55.21 -5.52 -1.75
CA ARG E 496 -55.82 -4.97 -2.95
C ARG E 496 -57.32 -4.89 -2.77
N GLY E 497 -57.94 -3.93 -3.43
CA GLY E 497 -59.37 -3.74 -3.36
C GLY E 497 -59.79 -3.06 -2.09
N CYS E 498 -59.11 -1.97 -1.76
CA CYS E 498 -59.37 -1.32 -0.49
C CYS E 498 -59.85 0.09 -0.64
N CYS E 499 -60.56 0.54 0.40
CA CYS E 499 -61.18 1.87 0.42
C CYS E 499 -60.33 2.86 1.18
N PHE E 500 -59.09 2.49 1.49
CA PHE E 500 -58.20 3.38 2.26
C PHE E 500 -57.55 4.43 1.36
N SER E 501 -57.20 5.56 1.95
CA SER E 501 -56.72 6.69 1.18
C SER E 501 -55.20 6.75 1.16
N GLU E 502 -54.66 7.61 0.30
CA GLU E 502 -53.22 7.77 0.25
C GLU E 502 -52.64 8.09 1.63
N ARG E 503 -53.10 9.16 2.24
CA ARG E 503 -52.49 9.60 3.52
C ARG E 503 -52.79 8.59 4.63
N ALA E 504 -53.79 7.76 4.41
CA ALA E 504 -54.17 6.74 5.38
C ALA E 504 -53.11 5.65 5.38
N ILE E 505 -52.73 5.20 4.19
CA ILE E 505 -51.69 4.22 4.04
C ILE E 505 -50.43 4.77 4.65
N ALA E 506 -49.98 5.89 4.09
CA ALA E 506 -48.72 6.51 4.49
C ALA E 506 -48.58 6.54 6.00
N ALA E 507 -49.66 6.89 6.66
CA ALA E 507 -49.63 7.07 8.10
C ALA E 507 -49.58 5.73 8.82
N ALA E 508 -50.22 4.73 8.27
CA ALA E 508 -50.24 3.41 8.89
C ALA E 508 -48.88 2.71 8.77
N VAL E 509 -48.16 3.00 7.69
CA VAL E 509 -46.85 2.41 7.48
C VAL E 509 -45.89 2.86 8.57
N THR E 510 -46.03 4.12 8.99
CA THR E 510 -45.09 4.67 9.97
C THR E 510 -45.33 4.08 11.34
N LYS E 511 -46.58 3.73 11.63
CA LYS E 511 -46.96 3.12 12.91
C LYS E 511 -46.60 1.64 12.99
N LEU E 512 -46.37 1.01 11.85
CA LEU E 512 -46.06 -0.42 11.83
C LEU E 512 -44.59 -0.69 12.12
N PRO E 513 -44.31 -1.42 13.20
CA PRO E 513 -42.98 -1.60 13.75
C PRO E 513 -42.04 -2.42 12.86
N SER E 514 -42.56 -3.39 12.13
CA SER E 514 -41.70 -4.38 11.48
C SER E 514 -41.73 -4.32 9.96
N LEU E 515 -42.68 -3.59 9.41
CA LEU E 515 -42.90 -3.52 7.97
C LEU E 515 -41.66 -3.17 7.18
N ARG E 516 -41.33 -4.00 6.19
CA ARG E 516 -40.19 -3.76 5.29
C ARG E 516 -40.53 -3.93 3.81
N TYR E 517 -41.78 -4.30 3.52
CA TYR E 517 -42.25 -4.53 2.15
C TYR E 517 -43.75 -4.33 2.11
N LEU E 518 -44.21 -3.58 1.11
CA LEU E 518 -45.62 -3.23 0.99
C LEU E 518 -45.98 -3.17 -0.47
N TRP E 519 -47.04 -3.88 -0.86
CA TRP E 519 -47.61 -3.77 -2.20
C TRP E 519 -49.11 -3.49 -2.06
N VAL E 520 -49.64 -2.59 -2.89
CA VAL E 520 -51.06 -2.22 -2.84
C VAL E 520 -51.67 -1.91 -4.22
N GLN E 521 -52.82 -2.51 -4.52
CA GLN E 521 -53.57 -2.10 -5.71
C GLN E 521 -54.96 -1.64 -5.29
N GLY E 522 -55.35 -0.44 -5.72
CA GLY E 522 -56.65 0.09 -5.37
C GLY E 522 -56.68 0.86 -4.05
N TYR E 523 -56.84 2.17 -4.16
CA TYR E 523 -56.76 3.06 -3.01
C TYR E 523 -57.24 4.43 -3.48
N ARG E 524 -57.78 5.24 -2.57
CA ARG E 524 -58.20 6.60 -2.90
C ARG E 524 -56.97 7.46 -3.22
N ALA E 525 -56.69 7.67 -4.50
CA ALA E 525 -55.50 8.44 -4.90
C ALA E 525 -55.71 9.95 -4.73
N SER E 526 -54.85 10.73 -5.38
CA SER E 526 -55.04 12.18 -5.50
C SER E 526 -54.10 12.67 -6.58
N MET E 527 -54.56 13.62 -7.39
CA MET E 527 -53.75 14.09 -8.51
C MET E 527 -52.38 14.55 -8.02
N THR E 528 -52.35 15.12 -6.81
CA THR E 528 -51.11 15.54 -6.17
C THR E 528 -50.11 14.38 -6.16
N GLY E 529 -50.49 13.30 -5.48
CA GLY E 529 -49.61 12.16 -5.29
C GLY E 529 -48.79 12.37 -4.03
N GLN E 530 -48.81 13.60 -3.54
CA GLN E 530 -47.94 14.02 -2.44
C GLN E 530 -48.46 13.53 -1.10
N ASP E 531 -49.54 12.78 -1.12
CA ASP E 531 -50.10 12.27 0.11
C ASP E 531 -49.26 11.11 0.59
N LEU E 532 -48.85 10.26 -0.36
CA LEU E 532 -47.97 9.14 -0.08
C LEU E 532 -46.67 9.62 0.56
N MET E 533 -46.26 10.82 0.19
CA MET E 533 -44.97 11.33 0.61
C MET E 533 -44.78 11.31 2.12
N GLN E 534 -45.87 11.37 2.87
CA GLN E 534 -45.74 11.49 4.31
C GLN E 534 -45.33 10.16 4.95
N MET E 535 -44.64 9.33 4.18
CA MET E 535 -44.04 8.11 4.73
C MET E 535 -42.60 8.00 4.32
N ALA E 536 -42.07 9.08 3.74
CA ALA E 536 -40.71 9.06 3.21
C ALA E 536 -39.66 9.00 4.32
N ARG E 537 -39.31 7.80 4.75
CA ARG E 537 -38.16 7.59 5.62
C ARG E 537 -36.92 7.59 4.72
N PRO E 538 -35.73 7.47 5.33
CA PRO E 538 -34.55 7.16 4.53
C PRO E 538 -34.45 5.65 4.34
N TYR E 539 -33.89 5.21 3.21
CA TYR E 539 -33.76 3.79 2.85
C TYR E 539 -35.07 3.19 2.42
N TRP E 540 -36.12 4.01 2.34
CA TRP E 540 -37.44 3.52 2.01
C TRP E 540 -37.78 3.93 0.61
N ASN E 541 -37.72 2.99 -0.33
CA ASN E 541 -38.01 3.24 -1.75
C ASN E 541 -39.51 3.08 -2.00
N ILE E 542 -40.14 3.99 -2.74
CA ILE E 542 -41.51 3.75 -3.18
C ILE E 542 -41.60 3.78 -4.72
N GLU E 543 -42.46 2.94 -5.30
CA GLU E 543 -42.63 2.82 -6.76
C GLU E 543 -44.09 2.72 -7.15
N LEU E 544 -44.44 3.20 -8.34
CA LEU E 544 -45.82 3.19 -8.81
C LEU E 544 -45.92 2.46 -10.15
N ILE E 545 -47.00 1.71 -10.35
CA ILE E 545 -47.11 0.81 -11.50
C ILE E 545 -48.43 0.94 -12.30
N PRO E 546 -48.52 0.29 -13.49
CA PRO E 546 -49.75 -0.02 -14.24
C PRO E 546 -50.19 -1.52 -14.18
N SER E 547 -49.84 -2.34 -15.19
CA SER E 547 -50.12 -3.80 -15.18
C SER E 547 -49.97 -4.54 -16.55
N ARG E 548 -49.35 -5.72 -16.54
CA ARG E 548 -49.16 -6.57 -17.73
C ARG E 548 -49.31 -8.06 -17.37
N ARG E 549 -48.75 -8.94 -18.22
CA ARG E 549 -48.74 -10.39 -17.96
C ARG E 549 -47.44 -11.05 -18.39
N GLU E 563 -58.38 -2.79 -17.68
CA GLU E 563 -58.37 -1.69 -16.72
C GLU E 563 -57.59 -2.03 -15.45
N HIS E 564 -56.34 -1.59 -15.39
CA HIS E 564 -55.47 -1.95 -14.27
C HIS E 564 -55.04 -0.72 -13.43
N PRO E 565 -55.58 -0.60 -12.20
CA PRO E 565 -55.30 0.47 -11.24
C PRO E 565 -53.83 0.58 -10.86
N ALA E 566 -53.40 1.75 -10.38
CA ALA E 566 -52.01 1.99 -10.01
C ALA E 566 -51.60 1.14 -8.81
N HIS E 567 -50.47 0.43 -8.92
CA HIS E 567 -49.94 -0.33 -7.81
C HIS E 567 -49.01 0.55 -7.02
N ILE E 568 -48.88 0.25 -5.74
CA ILE E 568 -47.85 0.89 -4.92
C ILE E 568 -46.96 -0.19 -4.36
N LEU E 569 -45.67 -0.08 -4.62
CA LEU E 569 -44.72 -1.02 -4.09
C LEU E 569 -43.69 -0.23 -3.33
N ALA E 570 -43.39 -0.62 -2.10
CA ALA E 570 -42.39 0.07 -1.30
C ALA E 570 -41.65 -0.95 -0.46
N TYR E 571 -40.34 -0.76 -0.33
CA TYR E 571 -39.48 -1.70 0.37
C TYR E 571 -38.25 -0.96 0.91
N TYR E 572 -37.66 -1.49 2.00
CA TYR E 572 -36.42 -0.94 2.52
C TYR E 572 -35.29 -1.47 1.66
N SER E 573 -34.32 -0.61 1.32
CA SER E 573 -33.10 -1.06 0.65
C SER E 573 -31.89 -0.24 1.04
N LEU E 574 -30.78 -0.94 1.30
CA LEU E 574 -29.48 -0.30 1.55
C LEU E 574 -28.70 -0.06 0.24
N ALA E 575 -29.44 0.15 -0.83
CA ALA E 575 -28.85 0.20 -2.14
C ALA E 575 -29.14 1.55 -2.81
N GLY E 576 -30.29 2.11 -2.49
CA GLY E 576 -30.75 3.26 -3.21
C GLY E 576 -31.74 2.82 -4.27
N GLN E 577 -32.06 3.73 -5.19
CA GLN E 577 -33.08 3.41 -6.17
C GLN E 577 -32.52 2.67 -7.35
N ARG E 578 -33.28 1.70 -7.84
CA ARG E 578 -32.85 0.84 -8.91
C ARG E 578 -32.62 1.63 -10.18
N THR E 579 -31.64 1.20 -10.95
CA THR E 579 -31.39 1.78 -12.25
C THR E 579 -32.33 1.25 -13.35
N ASP E 580 -32.82 0.03 -13.19
CA ASP E 580 -33.47 -0.70 -14.28
C ASP E 580 -34.99 -0.56 -14.40
N CYS E 581 -35.55 0.52 -13.87
CA CYS E 581 -36.97 0.72 -13.97
C CYS E 581 -37.42 0.83 -15.44
N PRO E 582 -38.49 0.12 -15.79
CA PRO E 582 -39.12 0.32 -17.10
C PRO E 582 -39.55 1.78 -17.25
N THR E 583 -40.15 2.11 -18.38
CA THR E 583 -40.78 3.42 -18.54
C THR E 583 -42.13 3.42 -17.82
N THR E 584 -42.77 2.26 -17.86
CA THR E 584 -44.05 2.06 -17.21
C THR E 584 -44.01 2.10 -15.66
N VAL E 585 -42.86 2.42 -15.05
CA VAL E 585 -42.77 2.45 -13.58
C VAL E 585 -42.17 3.74 -13.05
N ARG E 586 -42.78 4.34 -12.03
CA ARG E 586 -42.37 5.66 -11.55
C ARG E 586 -41.87 5.64 -10.13
N VAL E 587 -40.73 6.26 -9.90
CA VAL E 587 -40.12 6.28 -8.58
C VAL E 587 -40.25 7.64 -7.90
N LEU E 588 -40.97 7.70 -6.78
CA LEU E 588 -41.16 8.96 -6.06
C LEU E 588 -39.96 9.44 -5.25
N LYS E 589 -39.60 10.72 -5.43
CA LYS E 589 -38.46 11.33 -4.75
C LYS E 589 -38.75 12.75 -4.27
N GLU E 590 -39.60 12.86 -3.25
CA GLU E 590 -39.98 14.16 -2.69
C GLU E 590 -40.61 15.06 -3.76
N PRO E 591 -40.91 16.33 -3.42
CA PRO E 591 -41.42 17.23 -4.45
C PRO E 591 -40.80 16.97 -5.83
N ILE E 592 -41.63 16.52 -6.77
CA ILE E 592 -41.20 16.16 -8.13
C ILE E 592 -40.54 17.35 -8.83
N GLU F 1 -64.42 -1.78 -9.77
CA GLU F 1 -64.44 -3.17 -10.21
C GLU F 1 -63.07 -3.82 -10.23
N LEU F 2 -62.76 -4.60 -9.20
CA LEU F 2 -61.52 -5.37 -9.19
C LEU F 2 -61.80 -6.86 -9.25
N PRO F 3 -61.59 -7.46 -10.43
CA PRO F 3 -61.96 -8.84 -10.67
C PRO F 3 -60.98 -9.77 -9.98
N ILE F 4 -61.45 -10.87 -9.41
CA ILE F 4 -60.55 -11.83 -8.79
C ILE F 4 -59.54 -12.29 -9.84
N ALA F 5 -58.27 -11.97 -9.63
CA ALA F 5 -57.19 -12.36 -10.52
C ALA F 5 -56.88 -13.82 -10.37
N ARG F 6 -56.74 -14.49 -11.51
CA ARG F 6 -56.53 -15.91 -11.50
C ARG F 6 -55.04 -16.17 -11.50
N ARG F 7 -54.60 -17.13 -10.70
CA ARG F 7 -53.21 -17.55 -10.68
C ARG F 7 -52.81 -18.08 -12.05
N ALA F 8 -51.72 -17.55 -12.59
CA ALA F 8 -51.36 -17.79 -13.99
C ALA F 8 -51.32 -19.25 -14.35
N SER F 9 -50.82 -20.07 -13.44
CA SER F 9 -50.70 -21.50 -13.72
C SER F 9 -52.03 -22.17 -14.04
N LEU F 10 -53.09 -21.81 -13.30
CA LEU F 10 -54.43 -22.33 -13.55
C LEU F 10 -55.04 -21.72 -14.81
N HIS F 11 -55.01 -20.40 -14.88
CA HIS F 11 -55.53 -19.70 -16.05
C HIS F 11 -55.10 -20.35 -17.36
N ARG F 12 -53.84 -20.74 -17.43
CA ARG F 12 -53.33 -21.44 -18.59
C ARG F 12 -54.05 -22.77 -18.74
N PHE F 13 -54.17 -23.52 -17.66
CA PHE F 13 -54.83 -24.83 -17.68
C PHE F 13 -56.30 -24.79 -18.07
N LEU F 14 -57.01 -23.77 -17.63
CA LEU F 14 -58.45 -23.71 -17.88
C LEU F 14 -58.76 -23.57 -19.35
N GLU F 15 -57.83 -22.98 -20.08
CA GLU F 15 -57.99 -22.82 -21.52
C GLU F 15 -57.54 -24.06 -22.30
N LYS F 16 -56.49 -24.73 -21.81
CA LYS F 16 -56.08 -26.02 -22.39
C LYS F 16 -57.17 -27.04 -22.13
N ARG F 17 -58.19 -26.65 -21.37
CA ARG F 17 -59.31 -27.53 -21.02
C ARG F 17 -60.32 -27.56 -22.14
N LYS F 18 -60.88 -26.40 -22.44
CA LYS F 18 -61.77 -26.26 -23.58
C LYS F 18 -60.99 -26.52 -24.88
N LYS G 5 51.13 -20.94 42.48
CA LYS G 5 51.99 -20.07 43.27
C LYS G 5 52.53 -18.86 42.48
N ILE G 6 52.33 -17.64 43.01
CA ILE G 6 52.72 -16.37 42.34
C ILE G 6 53.68 -15.47 43.14
N VAL G 7 54.42 -14.61 42.45
CA VAL G 7 55.40 -13.74 43.09
C VAL G 7 55.04 -12.26 43.00
N LEU G 8 54.80 -11.63 44.15
CA LEU G 8 54.51 -10.19 44.21
C LEU G 8 55.72 -9.42 44.72
N LYS G 9 56.26 -8.52 43.90
CA LYS G 9 57.43 -7.73 44.27
C LYS G 9 57.07 -6.35 44.89
N SER G 10 57.09 -6.31 46.22
CA SER G 10 56.75 -5.14 47.03
C SER G 10 57.47 -3.84 46.64
N SER G 11 57.13 -2.76 47.33
CA SER G 11 57.61 -1.41 47.02
C SER G 11 59.09 -1.20 47.25
N ASP G 12 59.66 -2.07 48.06
CA ASP G 12 61.06 -1.98 48.44
C ASP G 12 61.78 -3.27 48.09
N GLY G 13 61.57 -3.77 46.88
CA GLY G 13 62.20 -4.98 46.38
C GLY G 13 62.13 -6.12 47.37
N GLU G 14 61.04 -6.88 47.34
CA GLU G 14 60.80 -7.90 48.35
C GLU G 14 59.86 -8.97 47.84
N SER G 15 60.40 -9.99 47.17
CA SER G 15 59.54 -11.04 46.63
C SER G 15 58.66 -11.68 47.69
N PHE G 16 57.46 -12.12 47.29
CA PHE G 16 56.52 -12.79 48.19
C PHE G 16 55.94 -14.07 47.58
N GLU G 17 56.22 -15.21 48.21
CA GLU G 17 55.63 -16.47 47.79
C GLU G 17 54.19 -16.57 48.28
N VAL G 18 53.23 -16.59 47.35
CA VAL G 18 51.82 -16.72 47.69
C VAL G 18 51.10 -17.71 46.80
N GLU G 19 50.01 -18.27 47.30
CA GLU G 19 49.32 -19.33 46.59
C GLU G 19 48.52 -18.78 45.41
N GLU G 20 47.85 -19.67 44.70
CA GLU G 20 47.02 -19.31 43.56
C GLU G 20 45.84 -18.43 43.97
N ALA G 21 44.89 -19.02 44.69
CA ALA G 21 43.62 -18.38 45.01
C ALA G 21 43.73 -17.35 46.12
N VAL G 22 44.95 -17.16 46.62
CA VAL G 22 45.20 -16.08 47.57
C VAL G 22 45.44 -14.78 46.84
N ALA G 23 46.21 -14.85 45.75
CA ALA G 23 46.54 -13.66 44.97
C ALA G 23 45.41 -13.25 44.02
N LEU G 24 44.36 -14.06 43.95
CA LEU G 24 43.24 -13.75 43.06
C LEU G 24 42.16 -12.96 43.78
N GLU G 25 42.29 -12.83 45.09
CA GLU G 25 41.36 -11.99 45.86
C GLU G 25 41.44 -10.53 45.40
N SER G 26 42.59 -10.17 44.84
CA SER G 26 42.79 -8.84 44.26
C SER G 26 42.48 -8.81 42.76
N GLN G 27 41.32 -8.28 42.40
CA GLN G 27 40.97 -8.15 40.99
C GLN G 27 41.91 -7.20 40.25
N THR G 28 42.99 -6.80 40.91
CA THR G 28 44.03 -6.02 40.24
C THR G 28 45.13 -6.95 39.77
N ILE G 29 45.27 -8.06 40.48
CA ILE G 29 46.24 -9.07 40.11
C ILE G 29 45.56 -10.13 39.26
N ALA G 30 44.24 -10.24 39.43
CA ALA G 30 43.44 -11.15 38.61
C ALA G 30 43.42 -10.66 37.18
N HIS G 31 43.17 -9.36 37.00
CA HIS G 31 43.13 -8.73 35.66
C HIS G 31 44.54 -8.57 35.11
N MET G 32 45.51 -9.15 35.80
CA MET G 32 46.90 -9.06 35.37
C MET G 32 47.52 -10.44 35.14
N VAL G 33 46.68 -11.46 35.10
CA VAL G 33 47.11 -12.78 34.65
C VAL G 33 46.63 -13.02 33.22
N GLU G 34 45.85 -12.06 32.71
CA GLU G 34 45.45 -12.06 31.31
C GLU G 34 46.62 -11.60 30.46
N ASP G 35 46.92 -10.31 30.55
CA ASP G 35 48.12 -9.72 29.97
C ASP G 35 49.34 -10.11 30.81
N ASP G 36 49.42 -11.38 31.16
CA ASP G 36 50.35 -11.88 32.17
C ASP G 36 51.77 -11.31 32.17
N CYS G 37 51.99 -10.32 33.02
CA CYS G 37 53.33 -9.86 33.31
C CYS G 37 53.89 -10.69 34.46
N VAL G 38 53.18 -11.77 34.77
CA VAL G 38 53.57 -12.67 35.85
C VAL G 38 54.91 -13.34 35.56
N ASP G 39 55.42 -13.11 34.36
CA ASP G 39 56.74 -13.59 33.98
C ASP G 39 57.79 -13.15 34.99
N ASN G 40 57.95 -11.84 35.13
CA ASN G 40 58.93 -11.25 36.04
C ASN G 40 58.33 -11.05 37.43
N GLY G 41 57.22 -11.71 37.71
CA GLY G 41 56.48 -11.52 38.95
C GLY G 41 55.74 -10.19 38.91
N VAL G 42 54.55 -10.14 39.51
CA VAL G 42 53.73 -8.93 39.52
C VAL G 42 54.30 -7.82 40.39
N PRO G 43 54.72 -6.71 39.75
CA PRO G 43 55.36 -5.58 40.43
C PRO G 43 54.33 -4.62 40.99
N LEU G 44 54.41 -4.29 42.27
CA LEU G 44 53.54 -3.27 42.85
C LEU G 44 54.27 -2.29 43.79
N PRO G 45 54.95 -1.30 43.22
CA PRO G 45 55.86 -0.36 43.90
C PRO G 45 55.13 0.68 44.73
N ASN G 46 53.85 0.46 44.99
CA ASN G 46 53.09 1.42 45.77
C ASN G 46 52.53 0.80 47.06
N VAL G 47 53.05 -0.36 47.42
CA VAL G 47 52.70 -1.00 48.68
C VAL G 47 53.95 -1.25 49.53
N THR G 48 54.03 -0.58 50.68
CA THR G 48 55.13 -0.83 51.61
C THR G 48 55.16 -2.33 51.91
N SER G 49 56.33 -2.87 52.23
CA SER G 49 56.43 -4.30 52.42
C SER G 49 55.76 -4.75 53.71
N LYS G 50 55.79 -3.88 54.73
CA LYS G 50 55.15 -4.16 56.00
C LYS G 50 53.64 -4.34 55.81
N ILE G 51 53.09 -3.53 54.91
CA ILE G 51 51.64 -3.50 54.63
C ILE G 51 51.21 -4.68 53.74
N LEU G 52 51.88 -4.84 52.61
CA LEU G 52 51.63 -5.95 51.69
C LEU G 52 51.61 -7.26 52.45
N ALA G 53 52.45 -7.33 53.49
CA ALA G 53 52.50 -8.46 54.41
C ALA G 53 51.17 -8.66 55.16
N LYS G 54 50.67 -7.60 55.79
CA LYS G 54 49.39 -7.67 56.51
C LYS G 54 48.23 -7.96 55.59
N VAL G 55 48.37 -7.60 54.30
CA VAL G 55 47.32 -7.84 53.32
C VAL G 55 47.16 -9.32 52.99
N ILE G 56 48.28 -9.97 52.71
CA ILE G 56 48.28 -11.39 52.39
C ILE G 56 47.77 -12.21 53.56
N GLU G 57 48.07 -11.75 54.77
CA GLU G 57 47.60 -12.43 55.96
C GLU G 57 46.09 -12.40 56.07
N TYR G 58 45.48 -11.33 55.55
CA TYR G 58 44.03 -11.21 55.56
C TYR G 58 43.42 -12.18 54.54
N CYS G 59 43.89 -12.08 53.30
CA CYS G 59 43.43 -12.96 52.22
C CYS G 59 43.63 -14.44 52.53
N LYS G 60 44.82 -14.79 52.99
CA LYS G 60 45.10 -16.15 53.44
C LYS G 60 43.93 -16.66 54.27
N ARG G 61 43.56 -15.91 55.31
CA ARG G 61 42.56 -16.37 56.29
C ARG G 61 41.14 -16.49 55.73
N HIS G 62 40.79 -15.56 54.83
CA HIS G 62 39.46 -15.57 54.25
C HIS G 62 39.31 -16.68 53.20
N VAL G 63 40.35 -16.91 52.42
CA VAL G 63 40.37 -17.99 51.43
C VAL G 63 39.98 -19.31 52.05
N GLU G 64 40.42 -19.52 53.30
CA GLU G 64 40.05 -20.71 54.07
C GLU G 64 38.62 -20.63 54.61
N ALA G 65 37.71 -20.20 53.75
CA ALA G 65 36.29 -20.24 54.02
C ALA G 65 35.67 -21.41 53.24
N ALA G 66 36.51 -22.15 52.53
CA ALA G 66 36.09 -23.42 51.92
C ALA G 66 35.52 -24.31 53.03
N ALA G 67 36.36 -24.60 54.02
CA ALA G 67 35.88 -25.12 55.29
C ALA G 67 35.02 -24.01 55.88
N ASP G 80 31.11 -18.80 59.77
CA ASP G 80 30.97 -17.33 59.76
C ASP G 80 31.08 -16.70 61.15
N ASP G 81 31.03 -17.53 62.18
CA ASP G 81 30.98 -17.04 63.55
C ASP G 81 32.34 -16.54 64.03
N ASP G 82 33.38 -17.33 63.73
CA ASP G 82 34.73 -17.08 64.20
C ASP G 82 35.52 -16.18 63.27
N LEU G 83 34.91 -15.78 62.16
CA LEU G 83 35.52 -14.81 61.26
C LEU G 83 35.37 -13.37 61.79
N LYS G 84 34.15 -13.01 62.18
CA LYS G 84 33.91 -11.70 62.76
C LYS G 84 34.77 -11.53 63.99
N ALA G 85 35.28 -12.64 64.50
CA ALA G 85 36.18 -12.66 65.64
C ALA G 85 37.61 -12.28 65.20
N TRP G 86 38.18 -13.07 64.30
CA TRP G 86 39.52 -12.79 63.79
C TRP G 86 39.55 -11.41 63.19
N ASP G 87 38.51 -11.05 62.45
CA ASP G 87 38.44 -9.75 61.78
C ASP G 87 38.51 -8.59 62.78
N ALA G 88 37.64 -8.60 63.79
CA ALA G 88 37.66 -7.59 64.84
C ALA G 88 39.05 -7.45 65.48
N ASP G 89 39.72 -8.59 65.64
CA ASP G 89 41.06 -8.63 66.23
C ASP G 89 42.14 -8.17 65.25
N PHE G 90 41.98 -8.49 63.97
CA PHE G 90 42.96 -8.12 62.94
C PHE G 90 43.11 -6.61 62.85
N MET G 91 42.03 -5.92 63.22
CA MET G 91 41.93 -4.46 63.07
C MET G 91 42.57 -3.68 64.23
N LYS G 92 42.80 -4.36 65.35
CA LYS G 92 43.47 -3.75 66.48
C LYS G 92 44.88 -3.27 66.11
N ILE G 93 44.94 -2.20 65.32
CA ILE G 93 46.19 -1.58 64.92
C ILE G 93 46.06 -0.08 65.10
N ASP G 94 47.15 0.64 64.87
CA ASP G 94 47.15 2.10 65.00
C ASP G 94 46.57 2.73 63.74
N GLN G 95 46.23 4.01 63.82
CA GLN G 95 45.61 4.69 62.68
C GLN G 95 46.46 4.66 61.42
N ALA G 96 47.65 5.24 61.49
CA ALA G 96 48.51 5.40 60.31
C ALA G 96 48.62 4.11 59.52
N THR G 97 48.53 2.98 60.22
CA THR G 97 48.56 1.67 59.58
C THR G 97 47.22 1.33 58.93
N LEU G 98 46.14 1.48 59.69
CA LEU G 98 44.77 1.32 59.21
C LEU G 98 44.54 2.05 57.89
N PHE G 99 45.07 3.26 57.78
CA PHE G 99 44.90 4.05 56.57
C PHE G 99 45.69 3.44 55.42
N GLU G 100 46.97 3.18 55.62
CA GLU G 100 47.80 2.62 54.57
C GLU G 100 47.23 1.32 54.03
N LEU G 101 46.33 0.71 54.81
CA LEU G 101 45.61 -0.53 54.43
C LEU G 101 44.46 -0.27 53.45
N ILE G 102 43.67 0.75 53.75
CA ILE G 102 42.59 1.18 52.88
C ILE G 102 43.16 1.56 51.53
N LEU G 103 44.19 2.40 51.55
CA LEU G 103 44.90 2.79 50.34
C LEU G 103 45.41 1.61 49.53
N ALA G 104 45.78 0.54 50.23
CA ALA G 104 46.29 -0.69 49.61
C ALA G 104 45.16 -1.57 49.07
N ALA G 105 44.10 -1.74 49.86
CA ALA G 105 42.93 -2.49 49.42
C ALA G 105 42.31 -1.86 48.18
N ASN G 106 42.51 -0.55 48.02
CA ASN G 106 42.00 0.19 46.89
C ASN G 106 43.02 0.28 45.77
N TYR G 107 44.29 -0.01 46.08
CA TYR G 107 45.36 -0.08 45.09
C TYR G 107 45.36 -1.43 44.39
N LEU G 108 44.96 -2.43 45.15
CA LEU G 108 44.57 -3.70 44.58
C LEU G 108 43.08 -3.56 44.35
N ASN G 109 42.33 -4.65 44.50
CA ASN G 109 40.90 -4.50 44.36
C ASN G 109 40.22 -5.52 45.23
N ILE G 110 40.47 -5.40 46.52
CA ILE G 110 39.95 -6.35 47.51
C ILE G 110 38.68 -5.81 48.17
N LYS G 111 37.54 -6.07 47.54
CA LYS G 111 36.30 -5.47 47.98
C LYS G 111 35.97 -5.86 49.41
N ASN G 112 36.29 -7.09 49.82
CA ASN G 112 36.00 -7.49 51.19
C ASN G 112 36.91 -6.77 52.21
N LEU G 113 38.08 -6.32 51.77
CA LEU G 113 39.08 -5.75 52.69
C LEU G 113 38.84 -4.31 53.06
N LEU G 114 37.98 -3.71 52.36
CA LEU G 114 37.82 -2.33 52.51
C LEU G 114 36.60 -2.21 53.39
N ASP G 115 35.69 -3.17 53.21
CA ASP G 115 34.45 -3.18 53.96
C ASP G 115 34.74 -3.32 55.45
N LEU G 116 36.01 -3.60 55.79
CA LEU G 116 36.38 -3.72 57.18
C LEU G 116 37.17 -2.51 57.69
N THR G 117 38.22 -2.13 56.95
CA THR G 117 39.11 -1.05 57.38
C THR G 117 38.40 0.29 57.38
N CYS G 118 37.61 0.52 56.34
CA CYS G 118 36.83 1.73 56.25
C CYS G 118 35.70 1.72 57.28
N GLN G 119 35.00 0.59 57.39
CA GLN G 119 33.93 0.52 58.36
C GLN G 119 34.43 0.73 59.80
N THR G 120 35.73 0.54 60.01
CA THR G 120 36.37 0.78 61.32
C THR G 120 36.54 2.28 61.57
N VAL G 121 37.03 2.99 60.56
CA VAL G 121 37.16 4.45 60.65
C VAL G 121 35.77 5.06 60.77
N ALA G 122 34.83 4.53 60.01
CA ALA G 122 33.49 5.05 60.04
C ALA G 122 32.88 4.91 61.42
N ASP G 123 33.33 3.91 62.16
CA ASP G 123 32.80 3.70 63.50
C ASP G 123 33.41 4.66 64.49
N MET G 124 34.61 5.14 64.17
CA MET G 124 35.27 6.16 64.98
C MET G 124 34.48 7.48 64.98
N ILE G 125 33.75 7.73 63.90
CA ILE G 125 32.93 8.93 63.74
C ILE G 125 31.54 8.75 64.31
N LYS G 126 30.94 7.60 64.01
CA LYS G 126 29.53 7.35 64.34
C LYS G 126 29.18 7.63 65.80
N GLY G 127 28.71 8.84 66.06
CA GLY G 127 28.25 9.23 67.39
C GLY G 127 28.85 10.52 67.91
N LYS G 128 30.05 10.85 67.45
CA LYS G 128 30.74 12.04 67.94
C LYS G 128 30.17 13.33 67.33
N THR G 129 30.42 14.45 68.00
CA THR G 129 30.00 15.74 67.48
C THR G 129 31.14 16.27 66.61
N PRO G 130 30.88 17.37 65.87
CA PRO G 130 31.89 17.97 64.99
C PRO G 130 33.18 18.32 65.73
N GLU G 131 33.05 18.69 66.99
CA GLU G 131 34.23 19.00 67.78
C GLU G 131 34.97 17.70 68.12
N GLU G 132 34.24 16.78 68.76
CA GLU G 132 34.78 15.47 69.13
C GLU G 132 35.48 14.76 67.96
N ILE G 133 35.11 15.12 66.74
CA ILE G 133 35.77 14.55 65.57
C ILE G 133 37.14 15.16 65.31
N ARG G 134 37.18 16.46 64.97
CA ARG G 134 38.44 17.08 64.56
C ARG G 134 39.41 17.04 65.71
N THR G 135 38.87 16.75 66.91
CA THR G 135 39.67 16.44 68.09
C THR G 135 40.36 15.09 67.89
N THR G 136 39.56 14.03 67.80
CA THR G 136 40.10 12.66 67.70
C THR G 136 40.59 12.29 66.31
N PHE G 137 41.13 13.29 65.59
CA PHE G 137 41.72 13.12 64.24
C PHE G 137 42.68 14.26 63.96
N ASN G 138 42.71 15.23 64.86
CA ASN G 138 43.55 16.41 64.71
C ASN G 138 43.31 17.12 63.37
N ILE G 139 42.13 17.73 63.24
CA ILE G 139 41.77 18.51 62.06
C ILE G 139 41.41 19.94 62.40
N LYS G 140 42.11 20.90 61.80
CA LYS G 140 41.80 22.30 62.07
C LYS G 140 40.53 22.78 61.36
N ASN G 141 39.52 23.16 62.14
CA ASN G 141 38.28 23.71 61.62
C ASN G 141 38.58 25.00 60.84
N ASP G 142 38.19 25.06 59.56
CA ASP G 142 38.50 26.23 58.72
C ASP G 142 37.27 26.93 58.10
N PHE G 143 36.12 26.73 58.73
CA PHE G 143 34.87 27.42 58.41
C PHE G 143 34.79 28.86 58.96
N THR G 144 34.66 29.86 58.10
CA THR G 144 34.27 31.19 58.58
C THR G 144 32.93 31.01 59.30
N PRO G 145 32.70 31.77 60.37
CA PRO G 145 31.51 31.45 61.18
C PRO G 145 30.19 31.57 60.41
N GLU G 146 30.19 32.35 59.33
CA GLU G 146 29.02 32.47 58.47
C GLU G 146 28.72 31.13 57.79
N GLU G 147 29.79 30.55 57.20
CA GLU G 147 29.74 29.24 56.57
C GLU G 147 29.22 28.20 57.55
N GLU G 148 29.87 28.08 58.71
CA GLU G 148 29.46 27.15 59.75
C GLU G 148 27.99 27.35 60.13
N GLU G 149 27.54 28.60 60.15
CA GLU G 149 26.17 28.91 60.51
C GLU G 149 25.20 28.44 59.44
N GLU G 150 25.51 28.77 58.19
CA GLU G 150 24.67 28.38 57.07
C GLU G 150 24.51 26.85 57.08
N VAL G 151 25.61 26.13 57.25
CA VAL G 151 25.58 24.68 57.17
C VAL G 151 24.77 24.12 58.31
N ARG G 152 25.00 24.62 59.52
CA ARG G 152 24.23 24.19 60.67
C ARG G 152 22.74 24.51 60.41
N ARG G 153 22.46 25.69 59.87
CA ARG G 153 21.09 26.07 59.58
C ARG G 153 20.41 25.12 58.58
N GLU G 154 21.13 24.83 57.49
CA GLU G 154 20.61 23.92 56.47
C GLU G 154 20.33 22.57 57.12
N ASN G 155 21.30 22.09 57.90
CA ASN G 155 21.24 20.79 58.54
C ASN G 155 20.05 20.58 59.49
N GLN G 156 19.67 21.63 60.22
CA GLN G 156 18.72 21.42 61.31
C GLN G 156 17.37 21.99 61.01
N TRP G 157 17.30 22.87 60.02
CA TRP G 157 16.01 23.45 59.64
C TRP G 157 15.40 22.86 58.38
N ALA G 158 16.28 22.56 57.41
CA ALA G 158 15.85 22.14 56.07
C ALA G 158 15.95 20.63 55.75
N PHE G 159 17.17 20.09 55.77
CA PHE G 159 17.49 18.77 55.22
C PHE G 159 17.84 17.67 56.25
N GLU G 160 16.82 16.93 56.67
CA GLU G 160 16.96 15.61 57.30
C GLU G 160 16.04 15.35 58.50
N SER H 12 56.86 9.07 49.73
CA SER H 12 55.82 8.66 50.66
C SER H 12 55.91 9.41 51.99
N CYS H 13 54.91 10.24 52.28
CA CYS H 13 54.80 10.92 53.56
C CYS H 13 53.82 10.11 54.43
N VAL H 14 53.71 10.50 55.70
CA VAL H 14 52.79 9.81 56.60
C VAL H 14 51.37 9.93 56.06
N ALA H 15 50.55 8.91 56.26
CA ALA H 15 49.17 8.93 55.76
C ALA H 15 48.18 9.63 56.71
N THR H 16 47.51 10.68 56.23
CA THR H 16 46.55 11.46 57.02
C THR H 16 45.14 10.90 56.84
N VAL H 17 44.20 11.41 57.63
CA VAL H 17 42.80 11.08 57.39
C VAL H 17 42.33 11.62 56.05
N ASP H 18 42.90 12.75 55.62
CA ASP H 18 42.53 13.38 54.36
C ASP H 18 42.70 12.39 53.19
N ASP H 19 43.74 11.57 53.26
CA ASP H 19 44.10 10.68 52.16
C ASP H 19 43.17 9.48 52.01
N VAL H 20 42.06 9.49 52.73
CA VAL H 20 41.28 8.28 52.85
C VAL H 20 39.83 8.56 53.18
N ILE H 21 39.48 9.83 53.37
CA ILE H 21 38.15 10.21 53.84
C ILE H 21 37.10 10.08 52.75
N GLU H 22 37.49 10.33 51.49
CA GLU H 22 36.59 10.15 50.34
C GLU H 22 36.00 8.75 50.31
N GLN H 23 36.82 7.74 50.60
CA GLN H 23 36.39 6.36 50.68
C GLN H 23 35.47 6.13 51.89
N VAL H 24 35.93 6.57 53.06
CA VAL H 24 35.26 6.26 54.33
C VAL H 24 33.84 6.84 54.40
N MET H 25 33.67 8.04 53.86
CA MET H 25 32.41 8.73 53.95
C MET H 25 31.24 7.86 53.53
N THR H 26 31.45 7.08 52.49
CA THR H 26 30.36 6.32 51.91
C THR H 26 29.96 5.09 52.75
N TYR H 27 30.58 4.93 53.93
CA TYR H 27 30.22 3.85 54.84
C TYR H 27 29.46 4.41 56.05
N ILE H 28 29.28 5.74 56.03
CA ILE H 28 28.46 6.41 57.03
C ILE H 28 27.07 6.59 56.48
N THR H 29 26.14 5.82 57.03
CA THR H 29 24.78 5.80 56.53
C THR H 29 23.91 6.78 57.34
N ASP H 30 24.07 6.74 58.65
CA ASP H 30 23.22 7.51 59.55
C ASP H 30 23.13 8.98 59.14
N PRO H 31 21.92 9.47 58.87
CA PRO H 31 21.67 10.88 58.52
C PRO H 31 22.20 11.88 59.57
N LYS H 32 22.23 11.46 60.84
CA LYS H 32 22.65 12.33 61.92
C LYS H 32 24.18 12.36 62.09
N ASP H 33 24.86 11.39 61.49
CA ASP H 33 26.32 11.34 61.54
C ASP H 33 26.90 12.06 60.32
N ARG H 34 26.19 12.04 59.20
CA ARG H 34 26.51 12.89 58.05
C ARG H 34 26.34 14.35 58.47
N ASP H 35 25.22 14.62 59.14
CA ASP H 35 24.94 15.92 59.68
C ASP H 35 26.17 16.48 60.38
N SER H 36 26.83 15.65 61.18
CA SER H 36 28.03 16.08 61.90
C SER H 36 29.24 16.13 61.00
N ALA H 37 29.43 15.09 60.20
CA ALA H 37 30.63 14.93 59.40
C ALA H 37 30.81 16.11 58.47
N SER H 38 29.67 16.74 58.15
CA SER H 38 29.62 17.83 57.18
C SER H 38 30.17 19.09 57.79
N LEU H 39 30.22 19.11 59.12
CA LEU H 39 30.57 20.29 59.90
C LEU H 39 31.98 20.29 60.47
N VAL H 40 32.78 19.26 60.18
CA VAL H 40 34.10 19.16 60.77
C VAL H 40 35.15 19.97 60.04
N CYS H 41 34.89 20.30 58.78
CA CYS H 41 35.77 21.23 58.09
C CYS H 41 35.30 21.41 56.66
N ARG H 42 35.96 22.28 55.91
CA ARG H 42 35.55 22.58 54.55
C ARG H 42 35.60 21.36 53.64
N ARG H 43 36.69 20.60 53.69
CA ARG H 43 36.84 19.47 52.77
C ARG H 43 35.83 18.37 53.07
N TRP H 44 35.65 18.06 54.33
CA TRP H 44 34.64 17.10 54.76
C TRP H 44 33.23 17.51 54.36
N PHE H 45 32.96 18.81 54.39
CA PHE H 45 31.67 19.30 53.96
C PHE H 45 31.41 19.00 52.48
N LYS H 46 32.42 19.28 51.64
CA LYS H 46 32.30 19.02 50.20
C LYS H 46 32.12 17.54 49.93
N ILE H 47 32.88 16.71 50.63
CA ILE H 47 32.81 15.26 50.43
C ILE H 47 31.45 14.67 50.85
N ASP H 48 30.83 15.19 51.89
CA ASP H 48 29.48 14.79 52.23
C ASP H 48 28.53 15.29 51.16
N SER H 49 28.68 16.56 50.78
CA SER H 49 27.87 17.21 49.72
C SER H 49 27.71 16.35 48.45
N GLU H 50 28.85 15.87 47.93
CA GLU H 50 28.92 15.13 46.67
C GLU H 50 28.55 13.65 46.78
N THR H 51 28.39 13.15 48.00
CA THR H 51 28.12 11.73 48.20
C THR H 51 26.79 11.43 48.87
N ARG H 52 26.13 12.44 49.41
CA ARG H 52 24.85 12.19 50.08
C ARG H 52 23.94 11.57 49.04
N GLU H 53 23.19 10.55 49.45
CA GLU H 53 22.31 9.85 48.50
C GLU H 53 20.84 10.13 48.73
N HIS H 54 20.42 10.18 49.99
CA HIS H 54 19.01 10.46 50.28
C HIS H 54 18.80 11.67 51.23
N VAL H 55 17.81 12.50 50.91
CA VAL H 55 17.51 13.68 51.69
C VAL H 55 16.01 13.79 51.90
N THR H 56 15.60 14.19 53.10
CA THR H 56 14.19 14.37 53.39
C THR H 56 13.95 15.78 53.88
N MET H 57 12.96 16.43 53.30
CA MET H 57 12.54 17.72 53.80
C MET H 57 11.19 17.58 54.50
N ALA H 58 11.17 17.80 55.80
CA ALA H 58 9.94 17.65 56.56
C ALA H 58 8.91 18.70 56.17
N LEU H 59 9.40 19.84 55.67
CA LEU H 59 8.54 20.91 55.15
C LEU H 59 9.23 21.49 53.95
N CYS H 60 8.52 21.50 52.84
CA CYS H 60 9.10 21.92 51.57
C CYS H 60 9.37 23.41 51.54
N TYR H 61 8.64 24.17 52.37
CA TYR H 61 8.74 25.61 52.36
C TYR H 61 9.93 26.08 53.19
N THR H 62 10.71 25.09 53.63
CA THR H 62 11.84 25.29 54.51
C THR H 62 13.12 25.77 53.76
N ALA H 63 13.18 25.52 52.45
CA ALA H 63 14.30 25.98 51.62
C ALA H 63 13.96 26.01 50.12
N THR H 64 14.67 26.85 49.38
CA THR H 64 14.58 26.94 47.94
C THR H 64 14.97 25.59 47.28
N PRO H 65 14.28 25.18 46.19
CA PRO H 65 14.75 23.94 45.58
C PRO H 65 16.12 24.17 44.97
N ASP H 66 16.46 25.43 44.79
CA ASP H 66 17.80 25.76 44.35
C ASP H 66 18.82 25.42 45.44
N ARG H 67 18.47 25.73 46.68
CA ARG H 67 19.40 25.53 47.81
C ARG H 67 19.78 24.07 47.92
N LEU H 68 18.77 23.23 47.79
CA LEU H 68 18.91 21.80 47.86
C LEU H 68 19.83 21.24 46.76
N SER H 69 19.55 21.59 45.52
CA SER H 69 20.32 21.07 44.40
C SER H 69 21.79 21.48 44.50
N ARG H 70 22.03 22.59 45.19
CA ARG H 70 23.36 23.16 45.31
C ARG H 70 24.17 22.38 46.34
N ARG H 71 23.48 22.07 47.44
CA ARG H 71 24.05 21.33 48.58
C ARG H 71 24.27 19.83 48.32
N PHE H 72 23.40 19.25 47.49
CA PHE H 72 23.40 17.82 47.23
C PHE H 72 23.13 17.48 45.77
N PRO H 73 24.06 17.86 44.89
CA PRO H 73 23.93 17.72 43.45
C PRO H 73 23.66 16.30 43.02
N ASN H 74 24.07 15.34 43.86
CA ASN H 74 24.05 13.95 43.42
C ASN H 74 23.05 13.06 44.13
N LEU H 75 21.99 13.65 44.66
CA LEU H 75 20.90 12.90 45.28
C LEU H 75 20.46 11.76 44.40
N ARG H 76 20.13 10.63 45.01
CA ARG H 76 19.59 9.48 44.31
C ARG H 76 18.14 9.28 44.75
N SER H 77 17.84 9.73 45.96
CA SER H 77 16.50 9.59 46.48
C SER H 77 16.10 10.92 47.14
N LEU H 78 14.81 11.27 47.06
CA LEU H 78 14.32 12.51 47.66
C LEU H 78 12.92 12.30 48.21
N LYS H 79 12.62 13.02 49.30
CA LYS H 79 11.32 12.90 49.98
C LYS H 79 10.90 14.26 50.47
N LEU H 80 9.78 14.79 49.97
CA LEU H 80 9.30 16.12 50.36
C LEU H 80 7.95 15.98 50.97
N LYS H 81 7.75 16.65 52.10
CA LYS H 81 6.45 16.74 52.74
C LYS H 81 5.90 18.17 52.59
N GLY H 82 4.61 18.31 52.36
CA GLY H 82 4.01 19.63 52.23
C GLY H 82 3.10 19.97 53.39
N LYS H 83 1.80 19.80 53.19
CA LYS H 83 0.80 20.12 54.20
C LYS H 83 1.12 19.47 55.54
N PRO H 84 0.85 20.18 56.64
CA PRO H 84 1.04 19.72 58.02
C PRO H 84 0.19 18.47 58.30
N ARG H 85 0.53 17.74 59.37
CA ARG H 85 -0.17 16.51 59.71
C ARG H 85 -1.67 16.70 59.82
N ALA H 86 -2.07 17.91 60.22
CA ALA H 86 -3.48 18.22 60.45
C ALA H 86 -4.33 18.01 59.21
N ALA H 87 -3.69 18.17 58.04
CA ALA H 87 -4.36 17.96 56.77
C ALA H 87 -4.99 16.56 56.67
N MET H 88 -4.38 15.59 57.35
CA MET H 88 -4.83 14.21 57.31
C MET H 88 -6.12 14.04 58.07
N PHE H 89 -6.60 15.13 58.67
CA PHE H 89 -7.83 15.07 59.45
C PHE H 89 -8.83 16.10 58.96
N ASN H 90 -8.69 16.48 57.69
CA ASN H 90 -9.59 17.45 57.07
C ASN H 90 -9.68 18.69 57.92
N LEU H 91 -8.52 19.20 58.32
CA LEU H 91 -8.45 20.41 59.12
C LEU H 91 -7.74 21.50 58.36
N ILE H 92 -7.01 21.13 57.31
CA ILE H 92 -6.25 22.08 56.51
C ILE H 92 -6.93 22.32 55.16
N PRO H 93 -7.07 23.60 54.76
CA PRO H 93 -7.66 24.00 53.48
C PRO H 93 -7.02 23.27 52.32
N GLU H 94 -7.80 22.98 51.28
CA GLU H 94 -7.24 22.25 50.18
C GLU H 94 -6.15 23.08 49.47
N ASN H 95 -6.44 24.36 49.25
CA ASN H 95 -5.55 25.23 48.48
C ASN H 95 -4.28 25.68 49.23
N TRP H 96 -4.03 25.10 50.40
CA TRP H 96 -3.05 25.64 51.34
C TRP H 96 -1.65 25.81 50.77
N GLY H 97 -1.18 24.78 50.08
CA GLY H 97 0.16 24.85 49.52
C GLY H 97 0.73 23.46 49.38
N GLY H 98 2.03 23.38 49.16
CA GLY H 98 2.70 22.12 48.94
C GLY H 98 2.85 21.77 47.46
N TYR H 99 2.69 22.75 46.57
CA TYR H 99 2.82 22.51 45.14
C TYR H 99 4.23 21.99 44.88
N VAL H 100 4.29 20.99 44.00
CA VAL H 100 5.51 20.25 43.79
C VAL H 100 6.31 20.79 42.57
N THR H 101 5.63 21.56 41.72
CA THR H 101 6.19 21.94 40.43
C THR H 101 7.63 22.52 40.45
N PRO H 102 7.91 23.46 41.37
CA PRO H 102 9.24 24.10 41.45
C PRO H 102 10.32 23.06 41.71
N TRP H 103 9.89 21.97 42.33
CA TRP H 103 10.78 20.89 42.71
C TRP H 103 11.05 20.01 41.51
N VAL H 104 10.02 19.74 40.71
CA VAL H 104 10.30 18.89 39.56
C VAL H 104 11.10 19.68 38.56
N THR H 105 10.84 20.97 38.44
CA THR H 105 11.64 21.70 37.45
C THR H 105 13.07 21.82 37.93
N GLU H 106 13.27 21.54 39.22
CA GLU H 106 14.63 21.54 39.78
C GLU H 106 15.34 20.21 39.56
N ILE H 107 14.57 19.13 39.78
CA ILE H 107 15.01 17.78 39.47
C ILE H 107 15.32 17.60 37.98
N SER H 108 14.45 18.17 37.15
CA SER H 108 14.61 18.12 35.73
C SER H 108 15.98 18.68 35.36
N ASN H 109 16.42 19.72 36.06
CA ASN H 109 17.59 20.46 35.62
C ASN H 109 18.88 20.20 36.40
N ASN H 110 18.76 19.85 37.66
CA ASN H 110 19.94 19.85 38.51
C ASN H 110 20.13 18.64 39.38
N LEU H 111 19.12 17.78 39.45
CA LEU H 111 19.27 16.51 40.17
C LEU H 111 19.33 15.34 39.20
N ARG H 112 20.29 15.41 38.28
CA ARG H 112 20.32 14.51 37.14
C ARG H 112 20.58 13.05 37.49
N GLN H 113 20.54 12.75 38.79
CA GLN H 113 20.95 11.44 39.29
C GLN H 113 19.82 10.75 40.05
N LEU H 114 18.72 11.47 40.22
CA LEU H 114 17.61 11.05 41.06
C LEU H 114 16.93 9.82 40.49
N LYS H 115 16.74 8.78 41.29
CA LYS H 115 16.05 7.58 40.84
C LYS H 115 14.78 7.31 41.64
N SER H 116 14.58 8.01 42.73
CA SER H 116 13.43 7.73 43.59
C SER H 116 12.85 9.00 44.16
N VAL H 117 11.52 9.13 44.08
CA VAL H 117 10.84 10.33 44.50
C VAL H 117 9.63 10.02 45.35
N HIS H 118 9.55 10.66 46.52
CA HIS H 118 8.45 10.49 47.48
C HIS H 118 7.82 11.81 47.95
N PHE H 119 6.60 12.07 47.50
CA PHE H 119 5.91 13.32 47.81
C PHE H 119 4.89 12.93 48.82
N ARG H 120 4.78 13.70 49.89
CA ARG H 120 3.89 13.38 50.99
C ARG H 120 3.02 14.55 51.35
N ARG H 121 1.71 14.37 51.21
CA ARG H 121 0.75 15.45 51.41
C ARG H 121 1.16 16.67 50.60
N MET H 122 1.29 16.52 49.29
CA MET H 122 1.60 17.65 48.44
C MET H 122 0.58 17.81 47.32
N ILE H 123 0.78 18.80 46.45
CA ILE H 123 -0.10 19.00 45.31
C ILE H 123 0.67 18.67 44.04
N VAL H 124 0.30 17.56 43.44
CA VAL H 124 0.96 17.11 42.21
C VAL H 124 -0.03 17.23 41.04
N SER H 125 0.33 18.02 40.01
CA SER H 125 -0.56 18.28 38.86
C SER H 125 -0.17 17.39 37.70
N ASP H 126 -1.07 17.23 36.74
CA ASP H 126 -0.76 16.42 35.56
C ASP H 126 0.50 16.96 34.90
N LEU H 127 0.58 18.28 34.75
CA LEU H 127 1.69 18.87 34.03
C LEU H 127 3.01 18.49 34.69
N ASP H 128 3.08 18.65 36.00
CA ASP H 128 4.38 18.50 36.62
C ASP H 128 4.83 17.05 36.70
N LEU H 129 3.89 16.10 36.65
CA LEU H 129 4.39 14.74 36.58
C LEU H 129 4.69 14.25 35.16
N ASP H 130 4.05 14.85 34.15
CA ASP H 130 4.49 14.61 32.77
C ASP H 130 5.91 15.14 32.68
N ARG H 131 6.13 16.30 33.27
CA ARG H 131 7.46 16.87 33.31
C ARG H 131 8.42 15.90 33.96
N LEU H 132 7.97 15.28 35.06
CA LEU H 132 8.83 14.37 35.82
C LEU H 132 9.17 13.18 34.94
N ALA H 133 8.12 12.49 34.48
CA ALA H 133 8.27 11.34 33.59
C ALA H 133 9.31 11.62 32.50
N LYS H 134 9.05 12.59 31.64
CA LYS H 134 9.95 12.88 30.54
C LYS H 134 11.39 13.20 30.98
N ALA H 135 11.54 13.96 32.06
CA ALA H 135 12.85 14.44 32.50
C ALA H 135 13.77 13.35 33.08
N ARG H 136 13.15 12.33 33.69
CA ARG H 136 13.88 11.31 34.41
C ARG H 136 13.78 9.95 33.71
N ALA H 137 12.61 9.68 33.10
CA ALA H 137 12.40 8.47 32.31
C ALA H 137 12.82 7.17 32.99
N ASP H 138 13.49 6.32 32.19
CA ASP H 138 13.86 4.97 32.60
C ASP H 138 14.59 4.91 33.96
N ASP H 139 15.25 6.01 34.31
CA ASP H 139 16.01 6.12 35.55
C ASP H 139 15.14 6.17 36.80
N LEU H 140 13.87 6.50 36.63
CA LEU H 140 12.95 6.53 37.75
C LEU H 140 12.50 5.13 38.16
N GLU H 141 13.16 4.58 39.19
CA GLU H 141 12.84 3.27 39.73
C GLU H 141 11.65 3.35 40.68
N THR H 142 11.59 4.39 41.50
CA THR H 142 10.47 4.45 42.42
C THR H 142 9.80 5.84 42.48
N LEU H 143 8.46 5.83 42.48
CA LEU H 143 7.67 7.05 42.60
C LEU H 143 6.58 6.87 43.64
N LYS H 144 6.59 7.69 44.69
CA LYS H 144 5.60 7.58 45.77
C LYS H 144 4.73 8.82 45.89
N LEU H 145 3.48 8.74 45.46
CA LEU H 145 2.53 9.85 45.61
C LEU H 145 1.66 9.62 46.81
N ASP H 146 2.21 9.97 47.97
CA ASP H 146 1.68 9.65 49.28
C ASP H 146 0.66 10.70 49.75
N LYS H 147 -0.62 10.34 49.78
CA LYS H 147 -1.64 11.29 50.25
C LYS H 147 -1.63 12.63 49.48
N CYS H 148 -1.30 12.60 48.19
CA CYS H 148 -1.30 13.81 47.39
C CYS H 148 -2.59 14.04 46.64
N SER H 149 -2.69 15.23 46.03
CA SER H 149 -3.87 15.62 45.30
C SER H 149 -3.50 16.38 44.05
N GLY H 150 -4.50 16.64 43.21
CA GLY H 150 -4.33 17.53 42.07
C GLY H 150 -3.91 17.00 40.70
N PHE H 151 -3.84 15.67 40.58
CA PHE H 151 -3.50 15.05 39.31
C PHE H 151 -4.64 14.19 38.76
N THR H 152 -4.37 13.50 37.66
CA THR H 152 -5.36 12.62 37.06
C THR H 152 -4.72 11.43 36.36
N THR H 153 -5.55 10.47 35.94
CA THR H 153 -5.07 9.26 35.28
C THR H 153 -4.13 9.55 34.09
N ASP H 154 -4.23 10.76 33.52
CA ASP H 154 -3.37 11.14 32.40
C ASP H 154 -1.95 11.22 32.90
N GLY H 155 -1.77 11.84 34.07
CA GLY H 155 -0.46 11.97 34.67
C GLY H 155 0.13 10.60 34.87
N LEU H 156 -0.67 9.71 35.48
CA LEU H 156 -0.25 8.33 35.72
C LEU H 156 0.16 7.71 34.42
N LEU H 157 -0.73 7.79 33.43
CA LEU H 157 -0.47 7.21 32.12
C LEU H 157 0.85 7.68 31.54
N SER H 158 1.21 8.91 31.89
CA SER H 158 2.43 9.51 31.37
C SER H 158 3.66 8.96 32.04
N ILE H 159 3.60 8.66 33.34
CA ILE H 159 4.80 8.13 33.96
C ILE H 159 5.01 6.63 33.69
N VAL H 160 3.90 5.89 33.50
CA VAL H 160 4.03 4.48 33.20
C VAL H 160 4.49 4.18 31.76
N THR H 161 4.40 5.16 30.89
CA THR H 161 4.80 4.93 29.51
C THR H 161 6.21 5.45 29.28
N HIS H 162 6.64 6.40 30.09
CA HIS H 162 7.96 7.00 29.93
C HIS H 162 9.01 6.37 30.85
N CYS H 163 8.54 5.84 31.98
CA CYS H 163 9.41 5.17 32.95
C CYS H 163 9.12 3.68 32.95
N ARG H 164 9.78 2.98 32.02
CA ARG H 164 9.40 1.62 31.68
C ARG H 164 9.99 0.64 32.69
N LYS H 165 10.93 1.13 33.49
CA LYS H 165 11.62 0.30 34.47
C LYS H 165 11.25 0.57 35.94
N ILE H 166 10.11 1.22 36.16
CA ILE H 166 9.61 1.45 37.50
C ILE H 166 9.57 0.17 38.32
N LYS H 167 10.19 0.18 39.50
CA LYS H 167 10.17 -0.92 40.47
C LYS H 167 9.05 -0.74 41.50
N THR H 168 8.93 0.46 42.06
CA THR H 168 7.85 0.74 43.01
C THR H 168 7.01 1.97 42.61
N LEU H 169 5.67 1.82 42.67
CA LEU H 169 4.73 2.87 42.28
C LEU H 169 3.61 2.97 43.29
N LEU H 170 3.40 4.15 43.88
CA LEU H 170 2.50 4.27 45.04
C LEU H 170 1.57 5.48 45.01
N MET H 171 0.28 5.30 45.31
CA MET H 171 -0.68 6.40 45.31
C MET H 171 -1.58 6.40 46.52
N GLU H 172 -1.17 5.72 47.58
CA GLU H 172 -2.08 5.51 48.70
C GLU H 172 -2.73 6.79 49.22
N GLU H 173 -4.06 6.77 49.33
CA GLU H 173 -4.82 7.87 49.95
C GLU H 173 -4.73 9.15 49.14
N SER H 174 -4.14 9.07 47.94
CA SER H 174 -4.14 10.18 46.99
C SER H 174 -5.53 10.44 46.37
N SER H 175 -5.82 11.69 46.06
CA SER H 175 -7.09 12.03 45.42
C SER H 175 -6.85 12.71 44.08
N PHE H 176 -7.44 12.14 43.03
CA PHE H 176 -7.14 12.53 41.66
C PHE H 176 -8.44 12.30 40.88
N SER H 177 -8.40 12.60 39.59
CA SER H 177 -9.57 12.46 38.73
C SER H 177 -9.42 11.28 37.81
N GLU H 178 -10.36 10.35 37.91
CA GLU H 178 -10.26 9.11 37.09
C GLU H 178 -11.01 9.19 35.77
N LYS H 179 -10.25 9.21 34.68
CA LYS H 179 -10.83 9.42 33.36
C LYS H 179 -10.91 8.10 32.57
N ASP H 180 -10.11 7.14 33.01
CA ASP H 180 -9.92 5.89 32.30
C ASP H 180 -9.00 4.93 33.08
N GLY H 181 -8.63 3.85 32.41
CA GLY H 181 -7.78 2.86 33.03
C GLY H 181 -6.56 2.48 32.20
N LYS H 182 -6.28 3.26 31.17
CA LYS H 182 -5.19 2.90 30.30
C LYS H 182 -3.84 2.98 31.00
N TRP H 183 -3.80 3.60 32.18
CA TRP H 183 -2.54 3.62 32.93
C TRP H 183 -2.15 2.21 33.47
N LEU H 184 -3.14 1.45 33.96
CA LEU H 184 -2.90 0.10 34.48
C LEU H 184 -2.63 -0.86 33.34
N HIS H 185 -3.40 -0.69 32.27
CA HIS H 185 -3.26 -1.53 31.11
C HIS H 185 -1.89 -1.35 30.49
N GLU H 186 -1.38 -0.14 30.53
CA GLU H 186 -0.07 0.11 29.95
C GLU H 186 1.03 -0.53 30.79
N LEU H 187 0.78 -0.68 32.07
CA LEU H 187 1.72 -1.40 32.93
C LEU H 187 1.72 -2.86 32.56
N ALA H 188 0.53 -3.47 32.57
CA ALA H 188 0.36 -4.83 32.09
C ALA H 188 1.17 -5.08 30.82
N GLN H 189 0.81 -4.35 29.76
CA GLN H 189 1.38 -4.59 28.45
C GLN H 189 2.91 -4.47 28.37
N HIS H 190 3.54 -3.70 29.24
CA HIS H 190 4.99 -3.45 29.03
C HIS H 190 5.94 -3.56 30.24
N ASN H 191 5.39 -3.60 31.44
CA ASN H 191 6.23 -3.57 32.64
C ASN H 191 6.59 -4.96 33.19
N THR H 192 7.83 -5.06 33.65
CA THR H 192 8.43 -6.32 34.08
C THR H 192 9.04 -6.19 35.46
N SER H 193 9.57 -4.99 35.70
CA SER H 193 10.42 -4.70 36.85
C SER H 193 9.69 -4.47 38.17
N LEU H 194 8.38 -4.19 38.07
CA LEU H 194 7.55 -3.86 39.24
C LEU H 194 7.83 -4.77 40.42
N GLU H 195 8.02 -4.18 41.60
CA GLU H 195 8.27 -4.90 42.85
C GLU H 195 7.15 -4.63 43.84
N VAL H 196 6.85 -3.35 44.07
CA VAL H 196 5.68 -2.98 44.87
C VAL H 196 4.77 -1.99 44.15
N LEU H 197 3.47 -2.26 44.27
CA LEU H 197 2.43 -1.48 43.62
C LEU H 197 1.35 -1.21 44.63
N ASN H 198 1.05 0.07 44.83
CA ASN H 198 0.19 0.46 45.94
C ASN H 198 -0.80 1.57 45.63
N PHE H 199 -2.08 1.23 45.56
CA PHE H 199 -3.14 2.22 45.53
C PHE H 199 -4.21 1.91 46.57
N TYR H 200 -3.77 1.88 47.83
CA TYR H 200 -4.60 1.35 48.91
C TYR H 200 -5.93 2.10 49.22
N MET H 201 -5.87 3.37 49.56
CA MET H 201 -7.11 4.07 49.88
C MET H 201 -7.53 4.88 48.66
N THR H 202 -8.01 4.19 47.64
CA THR H 202 -8.25 4.88 46.38
C THR H 202 -9.50 4.43 45.63
N GLU H 203 -10.27 5.43 45.20
CA GLU H 203 -11.47 5.19 44.43
C GLU H 203 -11.13 5.10 42.94
N PHE H 204 -10.76 3.89 42.52
CA PHE H 204 -10.59 3.56 41.11
C PHE H 204 -11.77 2.71 40.67
N ALA H 205 -12.44 3.09 39.58
CA ALA H 205 -13.63 2.37 39.16
C ALA H 205 -13.52 1.97 37.72
N LYS H 206 -12.38 2.21 37.12
CA LYS H 206 -12.25 2.00 35.67
C LYS H 206 -11.06 1.10 35.31
N ILE H 207 -10.49 0.41 36.30
CA ILE H 207 -9.34 -0.44 36.01
C ILE H 207 -9.78 -1.88 35.96
N SER H 208 -9.34 -2.60 34.93
CA SER H 208 -9.70 -4.01 34.78
C SER H 208 -8.81 -4.89 35.64
N PRO H 209 -9.42 -5.79 36.45
CA PRO H 209 -8.63 -6.71 37.27
C PRO H 209 -7.81 -7.62 36.38
N LYS H 210 -8.31 -7.88 35.17
CA LYS H 210 -7.58 -8.70 34.20
C LYS H 210 -6.20 -8.12 33.99
N ASP H 211 -6.11 -6.78 34.04
CA ASP H 211 -4.83 -6.06 33.89
C ASP H 211 -3.89 -6.29 35.10
N LEU H 212 -4.48 -6.24 36.30
CA LEU H 212 -3.77 -6.55 37.54
C LEU H 212 -3.24 -7.99 37.51
N GLU H 213 -4.06 -8.89 36.98
CA GLU H 213 -3.66 -10.28 36.82
C GLU H 213 -2.48 -10.43 35.85
N THR H 214 -2.59 -9.81 34.68
CA THR H 214 -1.50 -9.89 33.71
C THR H 214 -0.20 -9.24 34.19
N ILE H 215 -0.29 -8.35 35.19
CA ILE H 215 0.91 -7.73 35.75
C ILE H 215 1.63 -8.74 36.61
N ALA H 216 0.85 -9.40 37.45
CA ALA H 216 1.36 -10.41 38.37
C ALA H 216 2.09 -11.51 37.59
N ARG H 217 1.55 -11.80 36.42
CA ARG H 217 2.09 -12.84 35.56
C ARG H 217 3.44 -12.40 35.00
N ASN H 218 3.62 -11.09 34.84
CA ASN H 218 4.79 -10.54 34.16
C ASN H 218 5.93 -10.04 35.04
N CYS H 219 5.64 -9.71 36.30
CA CYS H 219 6.64 -9.13 37.20
C CYS H 219 7.07 -10.16 38.23
N ARG H 220 8.12 -10.90 37.91
CA ARG H 220 8.53 -12.00 38.75
C ARG H 220 8.91 -11.51 40.15
N SER H 221 9.26 -10.24 40.27
CA SER H 221 9.74 -9.75 41.55
C SER H 221 8.65 -9.09 42.37
N LEU H 222 7.40 -9.29 41.96
CA LEU H 222 6.28 -8.63 42.60
C LEU H 222 6.06 -9.15 44.02
N VAL H 223 6.28 -8.28 45.00
CA VAL H 223 6.31 -8.67 46.41
C VAL H 223 5.16 -8.08 47.23
N SER H 224 4.70 -6.88 46.87
CA SER H 224 3.62 -6.26 47.61
C SER H 224 2.64 -5.59 46.67
N VAL H 225 1.35 -5.65 47.02
CA VAL H 225 0.33 -4.92 46.28
C VAL H 225 -0.85 -4.59 47.18
N LYS H 226 -1.22 -3.31 47.21
CA LYS H 226 -2.43 -2.89 47.92
C LYS H 226 -3.38 -2.29 46.91
N VAL H 227 -4.68 -2.38 47.18
CA VAL H 227 -5.68 -2.21 46.15
C VAL H 227 -6.98 -1.53 46.61
N GLY H 228 -7.77 -1.07 45.64
CA GLY H 228 -9.01 -0.37 45.92
C GLY H 228 -10.15 -1.29 46.30
N ASP H 229 -11.35 -1.01 45.79
CA ASP H 229 -12.51 -1.81 46.15
C ASP H 229 -12.84 -2.88 45.12
N PHE H 230 -11.80 -3.47 44.52
CA PHE H 230 -11.94 -4.68 43.69
C PHE H 230 -12.72 -5.78 44.41
N GLU H 231 -13.47 -6.58 43.65
CA GLU H 231 -14.11 -7.74 44.24
C GLU H 231 -13.05 -8.84 44.32
N ILE H 232 -12.79 -9.34 45.54
CA ILE H 232 -11.74 -10.36 45.71
C ILE H 232 -11.89 -11.51 44.73
N LEU H 233 -13.13 -11.90 44.43
CA LEU H 233 -13.39 -13.02 43.53
C LEU H 233 -12.79 -12.81 42.15
N GLU H 234 -12.71 -11.56 41.72
CA GLU H 234 -12.20 -11.23 40.39
C GLU H 234 -10.69 -11.31 40.40
N LEU H 235 -10.14 -11.50 41.58
CA LEU H 235 -8.70 -11.49 41.76
C LEU H 235 -8.04 -12.86 41.82
N VAL H 236 -8.84 -13.92 41.75
CA VAL H 236 -8.29 -15.27 41.94
C VAL H 236 -7.22 -15.54 40.90
N GLY H 237 -7.46 -15.04 39.69
CA GLY H 237 -6.48 -15.18 38.61
C GLY H 237 -5.20 -14.50 39.03
N PHE H 238 -5.35 -13.31 39.61
CA PHE H 238 -4.23 -12.57 40.16
C PHE H 238 -3.45 -13.43 41.16
N PHE H 239 -4.11 -13.75 42.28
CA PHE H 239 -3.47 -14.48 43.38
C PHE H 239 -2.71 -15.71 42.88
N LYS H 240 -3.32 -16.46 41.97
CA LYS H 240 -2.68 -17.66 41.44
C LYS H 240 -1.36 -17.32 40.77
N ALA H 241 -1.32 -16.23 40.03
CA ALA H 241 -0.15 -15.85 39.27
C ALA H 241 0.91 -15.14 40.13
N ALA H 242 0.46 -14.55 41.23
CA ALA H 242 1.32 -13.72 42.06
C ALA H 242 2.19 -14.50 43.04
N ALA H 243 3.03 -15.39 42.51
CA ALA H 243 3.82 -16.31 43.33
C ALA H 243 4.54 -15.67 44.53
N ASN H 244 5.47 -14.78 44.24
CA ASN H 244 6.36 -14.28 45.28
C ASN H 244 5.72 -13.25 46.18
N LEU H 245 4.42 -13.08 46.02
CA LEU H 245 3.67 -12.08 46.78
C LEU H 245 3.74 -12.31 48.30
N GLU H 246 4.24 -11.32 49.03
CA GLU H 246 4.31 -11.35 50.49
C GLU H 246 3.27 -10.45 51.18
N GLU H 247 2.76 -9.44 50.50
CA GLU H 247 1.88 -8.50 51.19
C GLU H 247 0.70 -8.21 50.29
N PHE H 248 -0.51 -8.24 50.87
CA PHE H 248 -1.68 -7.78 50.16
C PHE H 248 -2.64 -7.11 51.09
N CYS H 249 -2.92 -5.83 50.87
CA CYS H 249 -4.00 -5.18 51.59
C CYS H 249 -5.02 -4.77 50.54
N GLY H 250 -6.27 -4.64 50.93
CA GLY H 250 -7.24 -4.06 50.02
C GLY H 250 -8.28 -5.05 49.56
N GLY H 251 -8.77 -4.84 48.34
CA GLY H 251 -9.88 -5.62 47.83
C GLY H 251 -11.19 -5.32 48.52
N SER H 252 -12.16 -6.21 48.31
CA SER H 252 -13.49 -6.06 48.86
C SER H 252 -14.15 -7.43 49.04
N LEU H 253 -14.63 -7.69 50.25
CA LEU H 253 -15.35 -8.93 50.54
C LEU H 253 -16.85 -8.67 50.63
N ASN H 254 -17.55 -8.96 49.53
CA ASN H 254 -18.97 -8.72 49.43
C ASN H 254 -19.74 -10.00 49.55
N GLU H 255 -20.53 -10.14 50.61
CA GLU H 255 -21.27 -11.36 50.83
C GLU H 255 -22.74 -11.21 50.48
N ASP H 256 -23.19 -11.95 49.47
CA ASP H 256 -24.62 -12.13 49.23
C ASP H 256 -25.02 -13.46 49.87
N ILE H 257 -26.28 -13.57 50.29
CA ILE H 257 -26.70 -14.76 51.02
C ILE H 257 -26.79 -15.99 50.09
N GLY H 258 -26.92 -15.74 48.78
CA GLY H 258 -27.02 -16.78 47.78
C GLY H 258 -25.76 -17.61 47.59
N MET H 259 -24.72 -17.26 48.36
CA MET H 259 -23.47 -18.01 48.34
C MET H 259 -22.83 -17.97 49.73
N PRO H 260 -23.24 -18.87 50.61
CA PRO H 260 -22.66 -18.96 51.95
C PRO H 260 -21.22 -19.45 51.86
N GLU H 261 -20.94 -20.27 50.85
CA GLU H 261 -19.58 -20.71 50.58
C GLU H 261 -19.06 -20.07 49.29
N LYS H 262 -19.13 -18.74 49.25
CA LYS H 262 -18.64 -17.97 48.12
C LYS H 262 -17.11 -17.95 48.10
N TYR H 263 -16.54 -17.57 49.25
CA TYR H 263 -15.09 -17.33 49.36
C TYR H 263 -14.34 -18.50 49.97
N MET H 264 -14.86 -19.71 49.81
CA MET H 264 -14.25 -20.85 50.47
C MET H 264 -13.30 -21.59 49.53
N ASN H 265 -13.06 -21.01 48.36
CA ASN H 265 -12.13 -21.57 47.39
C ASN H 265 -10.99 -20.62 47.03
N LEU H 266 -10.42 -19.98 48.04
CA LEU H 266 -9.40 -18.96 47.81
C LEU H 266 -7.98 -19.50 47.88
N VAL H 267 -7.31 -19.43 46.75
CA VAL H 267 -5.91 -19.84 46.65
C VAL H 267 -4.98 -18.65 46.91
N PHE H 268 -4.70 -18.35 48.19
CA PHE H 268 -3.80 -17.25 48.54
C PHE H 268 -2.33 -17.62 48.27
N PRO H 269 -1.53 -16.63 47.82
CA PRO H 269 -0.12 -16.92 47.49
C PRO H 269 0.57 -17.58 48.67
N ARG H 270 1.54 -18.43 48.40
CA ARG H 270 2.17 -19.20 49.47
C ARG H 270 2.85 -18.31 50.50
N LYS H 271 3.69 -17.39 50.03
CA LYS H 271 4.49 -16.58 50.94
C LYS H 271 3.70 -15.51 51.74
N LEU H 272 2.42 -15.30 51.39
CA LEU H 272 1.63 -14.21 51.94
C LEU H 272 1.66 -14.17 53.46
N CYS H 273 2.34 -13.18 54.02
CA CYS H 273 2.50 -13.03 55.47
C CYS H 273 2.12 -11.64 56.08
N ARG H 274 1.88 -10.63 55.24
CA ARG H 274 1.50 -9.29 55.70
C ARG H 274 0.24 -8.92 54.94
N LEU H 275 -0.88 -8.74 55.63
CA LEU H 275 -2.15 -8.57 54.91
C LEU H 275 -3.34 -7.99 55.66
N GLY H 276 -4.39 -7.66 54.91
CA GLY H 276 -5.61 -7.13 55.47
C GLY H 276 -6.65 -6.96 54.37
N LEU H 277 -7.68 -7.80 54.42
CA LEU H 277 -8.75 -7.72 53.44
C LEU H 277 -9.83 -6.76 53.90
N SER H 278 -10.30 -5.95 52.97
CA SER H 278 -11.23 -4.90 53.31
C SER H 278 -12.64 -5.48 53.41
N TYR H 279 -13.39 -4.98 54.39
CA TYR H 279 -14.80 -5.34 54.59
C TYR H 279 -15.02 -6.79 55.04
N MET H 280 -13.95 -7.47 55.43
CA MET H 280 -14.03 -8.86 55.88
C MET H 280 -14.89 -9.10 57.13
N GLY H 281 -15.96 -9.88 56.97
CA GLY H 281 -16.84 -10.24 58.06
C GLY H 281 -16.46 -11.55 58.72
N PRO H 282 -17.29 -12.03 59.67
CA PRO H 282 -16.94 -13.25 60.39
C PRO H 282 -17.08 -14.44 59.46
N ASN H 283 -18.02 -14.37 58.51
CA ASN H 283 -18.27 -15.50 57.59
C ASN H 283 -17.09 -15.83 56.67
N GLU H 284 -16.33 -14.82 56.29
CA GLU H 284 -15.20 -14.98 55.36
C GLU H 284 -13.83 -15.00 56.06
N MET H 285 -13.82 -14.55 57.30
CA MET H 285 -12.63 -14.58 58.15
C MET H 285 -11.88 -15.93 58.13
N PRO H 286 -12.63 -17.06 58.12
CA PRO H 286 -12.03 -18.39 58.10
C PRO H 286 -10.94 -18.63 57.07
N ILE H 287 -10.98 -17.90 55.97
CA ILE H 287 -10.06 -18.14 54.86
C ILE H 287 -8.60 -17.77 55.20
N LEU H 288 -8.41 -17.25 56.40
CA LEU H 288 -7.08 -16.86 56.87
C LEU H 288 -6.44 -17.96 57.74
N PHE H 289 -7.29 -18.76 58.36
CA PHE H 289 -6.83 -19.76 59.31
C PHE H 289 -5.71 -20.66 58.77
N PRO H 290 -5.88 -21.22 57.55
CA PRO H 290 -4.91 -22.14 56.94
C PRO H 290 -3.44 -21.70 56.94
N PHE H 291 -3.18 -20.48 57.39
CA PHE H 291 -1.82 -19.97 57.43
C PHE H 291 -1.65 -18.79 58.38
N ALA H 292 -2.51 -18.70 59.40
CA ALA H 292 -2.45 -17.62 60.36
C ALA H 292 -1.18 -17.71 61.24
N ALA H 293 -0.60 -18.91 61.31
CA ALA H 293 0.62 -19.12 62.08
C ALA H 293 1.76 -18.37 61.43
N GLN H 294 1.50 -17.91 60.22
CA GLN H 294 2.51 -17.34 59.35
C GLN H 294 2.38 -15.81 59.25
N ILE H 295 1.18 -15.33 59.48
CA ILE H 295 0.89 -13.90 59.44
C ILE H 295 1.69 -13.10 60.43
N ARG H 296 2.31 -12.01 59.95
CA ARG H 296 3.19 -11.18 60.77
C ARG H 296 2.69 -9.72 60.88
N LYS H 297 1.75 -9.35 60.01
CA LYS H 297 1.17 -8.00 59.99
C LYS H 297 -0.29 -8.16 59.62
N LEU H 298 -1.17 -7.45 60.32
CA LEU H 298 -2.59 -7.58 60.09
C LEU H 298 -3.32 -6.21 60.07
N ASP H 299 -4.09 -5.94 59.01
CA ASP H 299 -4.73 -4.65 58.79
C ASP H 299 -6.25 -4.79 58.88
N LEU H 300 -6.74 -5.07 60.08
CA LEU H 300 -8.16 -5.21 60.29
C LEU H 300 -8.82 -3.85 60.41
N LEU H 301 -8.18 -2.85 59.82
CA LEU H 301 -8.62 -1.47 59.97
C LEU H 301 -9.98 -1.29 59.33
N TYR H 302 -10.15 -1.91 58.18
CA TYR H 302 -11.35 -1.73 57.38
C TYR H 302 -12.14 -3.02 57.35
N ALA H 303 -11.88 -3.87 58.33
CA ALA H 303 -12.61 -5.11 58.48
C ALA H 303 -13.95 -4.87 59.16
N LEU H 304 -14.90 -5.75 58.89
CA LEU H 304 -16.27 -5.65 59.41
C LEU H 304 -16.60 -6.70 60.47
N LEU H 305 -15.64 -7.02 61.33
CA LEU H 305 -15.86 -8.06 62.29
C LEU H 305 -15.79 -7.53 63.72
N GLU H 306 -16.50 -8.23 64.62
CA GLU H 306 -16.83 -7.75 65.97
C GLU H 306 -15.91 -8.26 67.06
N THR H 307 -16.00 -7.62 68.22
CA THR H 307 -15.05 -7.83 69.31
C THR H 307 -14.76 -9.31 69.57
N GLU H 308 -15.74 -10.18 69.43
CA GLU H 308 -15.51 -11.61 69.64
C GLU H 308 -14.64 -12.19 68.53
N ASP H 309 -15.07 -11.95 67.29
CA ASP H 309 -14.35 -12.41 66.11
C ASP H 309 -12.89 -11.96 66.11
N HIS H 310 -12.61 -10.81 66.71
CA HIS H 310 -11.24 -10.34 66.83
C HIS H 310 -10.41 -11.32 67.61
N CYS H 311 -10.98 -11.78 68.73
CA CYS H 311 -10.26 -12.64 69.67
C CYS H 311 -9.98 -13.99 69.05
N THR H 312 -10.94 -14.53 68.32
CA THR H 312 -10.81 -15.86 67.73
C THR H 312 -9.71 -15.88 66.67
N LEU H 313 -9.44 -14.72 66.07
CA LEU H 313 -8.44 -14.60 65.01
C LEU H 313 -7.07 -14.27 65.59
N ILE H 314 -6.98 -13.20 66.37
CA ILE H 314 -5.73 -12.86 67.04
C ILE H 314 -5.14 -14.13 67.65
N GLN H 315 -6.02 -14.89 68.26
CA GLN H 315 -5.67 -16.09 69.00
C GLN H 315 -4.82 -17.01 68.13
N LYS H 316 -4.99 -16.93 66.82
CA LYS H 316 -4.34 -17.88 65.92
C LYS H 316 -2.97 -17.42 65.38
N CYS H 317 -2.59 -16.18 65.68
CA CYS H 317 -1.41 -15.59 65.07
C CYS H 317 -0.36 -15.24 66.12
N PRO H 318 0.40 -16.25 66.55
CA PRO H 318 1.40 -16.14 67.60
C PRO H 318 2.60 -15.30 67.18
N ASN H 319 2.80 -15.16 65.88
CA ASN H 319 3.98 -14.48 65.37
C ASN H 319 3.69 -13.10 64.83
N LEU H 320 2.41 -12.73 64.90
CA LEU H 320 1.97 -11.40 64.57
C LEU H 320 2.83 -10.39 65.29
N GLU H 321 3.52 -9.54 64.53
CA GLU H 321 4.29 -8.45 65.13
C GLU H 321 3.82 -7.04 64.80
N VAL H 322 2.80 -6.91 63.95
CA VAL H 322 2.11 -5.63 63.74
C VAL H 322 0.61 -5.78 63.53
N LEU H 323 -0.18 -5.08 64.34
CA LEU H 323 -1.62 -5.13 64.20
C LEU H 323 -2.20 -3.72 64.21
N GLU H 324 -3.03 -3.43 63.22
CA GLU H 324 -3.71 -2.15 63.14
C GLU H 324 -5.18 -2.44 63.05
N THR H 325 -5.94 -1.88 63.96
CA THR H 325 -7.38 -2.14 63.99
C THR H 325 -8.19 -1.01 64.63
N ARG H 326 -9.52 -1.10 64.53
CA ARG H 326 -10.41 -0.13 65.16
C ARG H 326 -10.60 -0.46 66.64
N ASN H 327 -11.21 0.44 67.40
CA ASN H 327 -11.38 0.23 68.84
C ASN H 327 -12.38 -0.88 69.21
N VAL H 328 -12.96 -1.51 68.20
CA VAL H 328 -13.84 -2.65 68.39
C VAL H 328 -13.09 -3.79 69.02
N ILE H 329 -11.80 -3.84 68.75
CA ILE H 329 -10.91 -4.85 69.33
C ILE H 329 -11.30 -5.15 70.78
N GLY H 330 -11.65 -4.08 71.51
CA GLY H 330 -12.16 -4.20 72.87
C GLY H 330 -11.13 -4.59 73.93
N ASP H 331 -11.48 -4.35 75.18
CA ASP H 331 -10.62 -4.76 76.27
C ASP H 331 -10.38 -6.26 76.17
N ARG H 332 -11.45 -7.00 75.86
CA ARG H 332 -11.39 -8.45 75.75
C ARG H 332 -10.35 -8.85 74.70
N GLY H 333 -10.46 -8.26 73.52
CA GLY H 333 -9.52 -8.55 72.44
C GLY H 333 -8.07 -8.32 72.81
N LEU H 334 -7.80 -7.20 73.49
CA LEU H 334 -6.45 -6.85 73.89
C LEU H 334 -5.89 -7.86 74.86
N GLU H 335 -6.75 -8.43 75.70
CA GLU H 335 -6.34 -9.46 76.64
C GLU H 335 -5.87 -10.71 75.88
N VAL H 336 -6.58 -11.06 74.81
CA VAL H 336 -6.17 -12.16 73.93
C VAL H 336 -4.79 -11.91 73.33
N LEU H 337 -4.60 -10.70 72.88
CA LEU H 337 -3.36 -10.26 72.24
C LEU H 337 -2.21 -10.25 73.25
N ALA H 338 -2.56 -10.28 74.53
CA ALA H 338 -1.58 -10.10 75.60
C ALA H 338 -0.75 -11.35 75.87
N GLN H 339 -1.33 -12.54 75.72
CA GLN H 339 -0.53 -13.75 75.95
C GLN H 339 -0.40 -14.65 74.74
N TYR H 340 -0.92 -14.21 73.60
CA TYR H 340 -0.76 -15.01 72.38
C TYR H 340 0.31 -14.47 71.43
N CYS H 341 0.42 -13.14 71.35
CA CYS H 341 1.40 -12.53 70.47
C CYS H 341 2.38 -11.77 71.33
N LYS H 342 3.49 -12.42 71.65
CA LYS H 342 4.46 -11.80 72.52
C LYS H 342 5.41 -11.00 71.67
N GLN H 343 5.42 -11.35 70.39
CA GLN H 343 6.37 -10.76 69.45
C GLN H 343 5.95 -9.37 68.97
N LEU H 344 4.73 -8.97 69.31
CA LEU H 344 4.18 -7.69 68.86
C LEU H 344 5.16 -6.55 69.07
N LYS H 345 5.31 -5.73 68.03
CA LYS H 345 6.19 -4.56 68.06
C LYS H 345 5.43 -3.25 67.79
N ARG H 346 4.34 -3.34 67.03
CA ARG H 346 3.58 -2.15 66.65
C ARG H 346 2.09 -2.43 66.78
N LEU H 347 1.38 -1.54 67.46
CA LEU H 347 -0.07 -1.67 67.60
C LEU H 347 -0.77 -0.33 67.45
N ARG H 348 -1.82 -0.30 66.65
CA ARG H 348 -2.55 0.95 66.43
C ARG H 348 -4.04 0.69 66.50
N ILE H 349 -4.76 1.51 67.28
CA ILE H 349 -6.19 1.35 67.52
C ILE H 349 -7.00 2.59 67.14
N GLU H 350 -7.25 2.80 65.85
CA GLU H 350 -8.02 3.99 65.40
C GLU H 350 -9.48 3.93 65.87
N ARG H 351 -10.08 5.09 66.10
CA ARG H 351 -11.44 5.11 66.62
C ARG H 351 -12.51 4.82 65.57
N GLY H 352 -13.38 3.85 65.88
CA GLY H 352 -14.43 3.39 64.98
C GLY H 352 -15.70 4.20 65.07
N ALA H 353 -16.84 3.58 64.81
CA ALA H 353 -18.11 4.31 64.76
C ALA H 353 -18.64 4.71 66.14
N ASP H 354 -18.34 5.94 66.54
CA ASP H 354 -18.78 6.49 67.82
C ASP H 354 -20.10 7.22 67.66
N GLU H 355 -21.06 6.55 67.03
CA GLU H 355 -22.37 7.14 66.76
C GLU H 355 -23.49 6.29 67.37
N GLN H 356 -23.73 5.11 66.78
CA GLN H 356 -24.71 4.16 67.29
C GLN H 356 -24.12 3.32 68.43
N GLY H 357 -24.09 3.88 69.63
CA GLY H 357 -23.34 3.28 70.72
C GLY H 357 -21.91 3.10 70.24
N MET H 358 -21.19 2.15 70.81
CA MET H 358 -19.93 1.73 70.21
C MET H 358 -20.30 0.76 69.09
N GLU H 359 -19.31 0.02 68.57
CA GLU H 359 -19.61 -0.97 67.55
C GLU H 359 -20.11 -2.29 68.19
N ASP H 360 -19.90 -2.40 69.50
CA ASP H 360 -20.57 -3.38 70.36
C ASP H 360 -20.54 -2.95 71.83
N GLU H 361 -20.86 -3.85 72.77
CA GLU H 361 -20.85 -3.50 74.20
C GLU H 361 -19.55 -3.91 74.90
N GLU H 362 -18.59 -4.40 74.12
CA GLU H 362 -17.21 -4.60 74.58
C GLU H 362 -16.25 -3.74 73.74
N GLY H 363 -16.81 -3.05 72.74
CA GLY H 363 -16.05 -2.23 71.81
C GLY H 363 -15.60 -0.90 72.40
N LEU H 364 -15.24 -0.94 73.68
CA LEU H 364 -14.60 0.18 74.37
C LEU H 364 -13.26 -0.35 74.86
N VAL H 365 -12.23 0.49 74.86
CA VAL H 365 -10.93 0.12 75.43
C VAL H 365 -10.61 0.98 76.64
N SER H 366 -9.99 0.36 77.67
CA SER H 366 -9.80 1.03 78.95
C SER H 366 -8.58 0.53 79.70
N GLN H 367 -8.33 1.16 80.85
CA GLN H 367 -7.25 0.78 81.76
C GLN H 367 -7.10 -0.73 81.84
N ARG H 368 -8.23 -1.43 81.79
CA ARG H 368 -8.26 -2.88 81.88
C ARG H 368 -7.41 -3.52 80.78
N GLY H 369 -7.75 -3.22 79.53
CA GLY H 369 -7.02 -3.77 78.40
C GLY H 369 -5.60 -3.24 78.35
N LEU H 370 -5.47 -1.94 78.55
CA LEU H 370 -4.15 -1.30 78.53
C LEU H 370 -3.15 -2.04 79.39
N ILE H 371 -3.45 -2.15 80.68
CA ILE H 371 -2.52 -2.74 81.64
C ILE H 371 -2.30 -4.24 81.35
N ALA H 372 -3.30 -4.88 80.73
CA ALA H 372 -3.20 -6.27 80.31
C ALA H 372 -2.15 -6.43 79.23
N LEU H 373 -2.15 -5.47 78.32
CA LEU H 373 -1.25 -5.45 77.18
C LEU H 373 0.18 -5.09 77.58
N ALA H 374 0.30 -4.14 78.50
CA ALA H 374 1.60 -3.67 79.00
C ALA H 374 2.40 -4.84 79.56
N GLN H 375 1.69 -5.83 80.10
CA GLN H 375 2.32 -7.01 80.68
C GLN H 375 2.61 -8.07 79.63
N GLY H 376 1.68 -8.26 78.69
CA GLY H 376 1.84 -9.27 77.65
C GLY H 376 2.95 -9.02 76.64
N CYS H 377 2.83 -7.94 75.88
CA CYS H 377 3.75 -7.63 74.78
C CYS H 377 4.72 -6.56 75.19
N GLN H 378 5.85 -6.96 75.73
CA GLN H 378 6.79 -6.01 76.29
C GLN H 378 7.80 -5.64 75.24
N GLU H 379 7.51 -6.06 74.03
CA GLU H 379 8.42 -5.79 72.93
C GLU H 379 7.95 -4.58 72.14
N LEU H 380 6.79 -4.04 72.53
CA LEU H 380 6.19 -2.91 71.84
C LEU H 380 7.11 -1.70 71.63
N GLU H 381 7.17 -1.24 70.39
CA GLU H 381 8.01 -0.11 69.98
C GLU H 381 7.16 1.07 69.52
N TYR H 382 5.94 0.79 69.06
CA TYR H 382 5.01 1.82 68.64
C TYR H 382 3.62 1.44 69.14
N MET H 383 3.00 2.35 69.87
CA MET H 383 1.69 2.09 70.40
C MET H 383 0.80 3.30 70.27
N ALA H 384 -0.30 3.16 69.54
CA ALA H 384 -1.19 4.27 69.33
C ALA H 384 -2.62 3.84 69.54
N VAL H 385 -3.29 4.54 70.44
CA VAL H 385 -4.58 4.11 70.96
C VAL H 385 -5.60 5.24 71.18
N TYR H 386 -6.78 5.07 70.62
CA TYR H 386 -7.93 5.88 70.97
C TYR H 386 -8.69 5.10 72.05
N VAL H 387 -8.55 5.55 73.30
CA VAL H 387 -9.11 4.89 74.47
C VAL H 387 -10.42 5.55 74.97
N SER H 388 -11.23 4.82 75.72
CA SER H 388 -12.52 5.35 76.18
C SER H 388 -12.50 5.71 77.66
N ASP H 389 -11.43 5.36 78.36
CA ASP H 389 -11.33 5.56 79.81
C ASP H 389 -9.95 5.11 80.35
N ILE H 390 -9.28 5.97 81.13
CA ILE H 390 -7.97 5.61 81.73
C ILE H 390 -7.81 5.76 83.26
N THR H 391 -6.63 5.33 83.73
CA THR H 391 -6.26 5.42 85.13
C THR H 391 -4.76 5.67 85.22
N ASN H 392 -4.36 6.54 86.16
CA ASN H 392 -2.93 6.77 86.41
C ASN H 392 -2.17 5.44 86.47
N GLU H 393 -2.81 4.42 87.04
CA GLU H 393 -2.18 3.14 87.28
C GLU H 393 -1.72 2.49 85.99
N SER H 394 -2.57 2.58 84.97
CA SER H 394 -2.30 1.98 83.67
C SER H 394 -1.04 2.59 83.05
N LEU H 395 -0.93 3.91 83.12
CA LEU H 395 0.26 4.59 82.60
C LEU H 395 1.53 4.12 83.32
N GLU H 396 1.43 3.89 84.63
CA GLU H 396 2.59 3.52 85.42
C GLU H 396 3.15 2.18 84.95
N SER H 397 2.24 1.29 84.56
CA SER H 397 2.63 -0.04 84.10
C SER H 397 3.16 -0.01 82.66
N ILE H 398 2.77 1.02 81.91
CA ILE H 398 3.33 1.24 80.58
C ILE H 398 4.83 1.48 80.67
N GLY H 399 5.19 2.57 81.35
CA GLY H 399 6.58 2.94 81.55
C GLY H 399 7.31 1.99 82.49
N THR H 400 6.63 0.89 82.81
CA THR H 400 7.18 -0.09 83.74
C THR H 400 7.66 -1.36 83.03
N TYR H 401 6.95 -1.77 81.98
CA TYR H 401 7.21 -3.03 81.29
C TYR H 401 7.82 -2.89 79.90
N LEU H 402 7.17 -2.15 79.02
CA LEU H 402 7.65 -1.99 77.64
C LEU H 402 8.60 -0.81 77.48
N LYS H 403 9.89 -1.10 77.68
CA LYS H 403 10.89 -0.05 77.80
C LYS H 403 11.20 0.58 76.46
N ASN H 404 11.36 -0.24 75.44
CA ASN H 404 11.74 0.27 74.13
C ASN H 404 10.54 0.76 73.30
N LEU H 405 9.60 1.40 73.99
CA LEU H 405 8.56 2.19 73.34
C LEU H 405 9.23 3.44 72.78
N CYS H 406 9.13 3.62 71.45
CA CYS H 406 9.70 4.78 70.74
C CYS H 406 8.62 5.81 70.38
N ASP H 407 7.44 5.31 70.04
CA ASP H 407 6.35 6.16 69.58
C ASP H 407 5.15 5.80 70.44
N PHE H 408 4.67 6.76 71.21
CA PHE H 408 3.49 6.53 72.03
C PHE H 408 2.43 7.60 71.81
N ARG H 409 1.20 7.16 71.49
CA ARG H 409 0.11 8.09 71.23
C ARG H 409 -1.16 7.64 71.92
N LEU H 410 -1.71 8.55 72.72
CA LEU H 410 -2.89 8.27 73.51
C LEU H 410 -3.92 9.37 73.29
N VAL H 411 -5.15 9.00 72.97
CA VAL H 411 -6.23 9.99 72.84
C VAL H 411 -7.48 9.44 73.47
N LEU H 412 -8.11 10.21 74.37
CA LEU H 412 -9.31 9.72 75.00
C LEU H 412 -10.61 10.36 74.48
N LEU H 413 -11.59 9.50 74.18
CA LEU H 413 -12.87 9.92 73.60
C LEU H 413 -13.76 10.67 74.61
N ASP H 414 -14.32 11.78 74.14
CA ASP H 414 -15.21 12.62 74.93
C ASP H 414 -16.55 11.91 75.11
N ARG H 415 -16.67 10.73 74.50
CA ARG H 415 -17.85 9.89 74.60
C ARG H 415 -18.26 9.68 76.05
N GLU H 416 -17.31 9.22 76.86
CA GLU H 416 -17.54 8.95 78.27
C GLU H 416 -17.80 10.22 79.08
N GLU H 417 -18.65 10.09 80.10
CA GLU H 417 -19.04 11.21 80.95
C GLU H 417 -18.02 11.44 82.05
N ARG H 418 -17.98 10.52 83.02
CA ARG H 418 -16.97 10.57 84.08
C ARG H 418 -15.88 9.53 83.80
N ILE H 419 -14.64 9.98 83.86
CA ILE H 419 -13.50 9.09 83.73
C ILE H 419 -12.91 8.86 85.11
N THR H 420 -12.76 7.58 85.48
CA THR H 420 -12.25 7.16 86.79
C THR H 420 -11.53 8.28 87.56
N ASP H 421 -10.21 8.16 87.67
CA ASP H 421 -9.43 9.22 88.28
C ASP H 421 -8.90 10.08 87.14
N LEU H 422 -9.04 11.40 87.25
CA LEU H 422 -8.85 12.22 86.06
C LEU H 422 -7.48 12.88 85.90
N PRO H 423 -7.06 13.71 86.87
CA PRO H 423 -5.72 14.31 86.69
C PRO H 423 -4.64 13.22 86.62
N LEU H 424 -3.91 13.19 85.51
CA LEU H 424 -3.04 12.05 85.20
C LEU H 424 -1.58 12.36 85.46
N ASP H 425 -1.34 13.48 86.11
CA ASP H 425 0.02 13.98 86.35
C ASP H 425 1.06 12.91 86.75
N ASN H 426 0.67 11.99 87.64
CA ASN H 426 1.63 11.06 88.21
C ASN H 426 1.80 9.78 87.39
N GLY H 427 0.81 9.50 86.55
CA GLY H 427 0.90 8.43 85.57
C GLY H 427 1.78 8.83 84.38
N VAL H 428 1.46 9.96 83.76
CA VAL H 428 2.32 10.53 82.72
C VAL H 428 3.76 10.47 83.16
N ARG H 429 3.99 10.87 84.40
CA ARG H 429 5.33 11.02 84.94
C ARG H 429 6.12 9.70 84.93
N SER H 430 5.53 8.62 85.43
CA SER H 430 6.28 7.35 85.47
C SER H 430 6.45 6.76 84.07
N LEU H 431 5.50 7.06 83.19
CA LEU H 431 5.55 6.63 81.80
C LEU H 431 6.75 7.22 81.08
N LEU H 432 6.83 8.55 81.06
CA LEU H 432 7.96 9.25 80.45
C LEU H 432 9.29 8.86 81.07
N ILE H 433 9.24 8.36 82.29
CA ILE H 433 10.45 8.08 83.07
C ILE H 433 10.97 6.67 82.82
N GLY H 434 10.04 5.73 82.61
CA GLY H 434 10.38 4.37 82.23
C GLY H 434 10.77 4.20 80.77
N CYS H 435 9.96 4.75 79.87
CA CYS H 435 10.22 4.73 78.43
C CYS H 435 11.15 5.89 78.06
N LYS H 436 12.44 5.67 78.26
CA LYS H 436 13.41 6.72 78.00
C LYS H 436 13.90 6.64 76.57
N LYS H 437 13.42 5.65 75.82
CA LYS H 437 13.75 5.49 74.41
C LYS H 437 12.79 6.30 73.55
N LEU H 438 11.79 6.89 74.20
CA LEU H 438 10.72 7.63 73.53
C LEU H 438 11.23 8.82 72.71
N ARG H 439 10.73 8.92 71.48
CA ARG H 439 11.10 10.01 70.55
C ARG H 439 9.89 10.74 70.00
N ARG H 440 8.74 10.08 69.95
CA ARG H 440 7.51 10.72 69.50
C ARG H 440 6.43 10.44 70.50
N PHE H 441 5.66 11.47 70.83
CA PHE H 441 4.72 11.35 71.93
C PHE H 441 3.47 12.18 71.71
N ALA H 442 2.31 11.54 71.82
CA ALA H 442 1.05 12.24 71.57
C ALA H 442 0.10 11.98 72.70
N PHE H 443 -0.48 13.07 73.21
CA PHE H 443 -1.26 13.04 74.44
C PHE H 443 -2.48 13.96 74.37
N TYR H 444 -3.64 13.46 73.96
CA TYR H 444 -4.80 14.30 73.71
C TYR H 444 -5.91 13.92 74.68
N LEU H 445 -6.36 14.89 75.47
CA LEU H 445 -7.30 14.60 76.57
C LEU H 445 -8.64 15.36 76.56
N ARG H 446 -9.28 15.45 77.73
CA ARG H 446 -10.43 16.33 77.96
C ARG H 446 -9.92 17.38 78.92
N GLN H 447 -10.71 18.42 79.23
CA GLN H 447 -10.13 19.61 79.90
C GLN H 447 -9.41 19.37 81.23
N GLY H 448 -10.13 18.82 82.20
CA GLY H 448 -9.50 18.57 83.48
C GLY H 448 -8.44 17.47 83.51
N GLY H 449 -7.91 17.10 82.36
CA GLY H 449 -7.09 15.90 82.26
C GLY H 449 -5.68 16.00 82.82
N LEU H 450 -5.09 17.17 82.71
CA LEU H 450 -3.73 17.37 83.20
C LEU H 450 -3.58 18.78 83.76
N THR H 451 -2.83 18.90 84.84
CA THR H 451 -2.67 20.16 85.54
C THR H 451 -1.34 20.78 85.17
N ASP H 452 -1.17 22.06 85.48
CA ASP H 452 0.06 22.76 85.16
C ASP H 452 1.26 22.00 85.73
N LEU H 453 1.00 21.27 86.81
CA LEU H 453 2.07 20.50 87.44
C LEU H 453 2.45 19.32 86.53
N GLY H 454 1.44 18.55 86.12
CA GLY H 454 1.65 17.39 85.27
C GLY H 454 2.25 17.76 83.92
N LEU H 455 1.87 18.93 83.41
CA LEU H 455 2.39 19.43 82.16
C LEU H 455 3.88 19.70 82.28
N SER H 456 4.31 20.29 83.39
CA SER H 456 5.72 20.62 83.54
C SER H 456 6.54 19.37 83.73
N TYR H 457 5.87 18.27 84.11
CA TYR H 457 6.51 16.96 84.18
C TYR H 457 7.00 16.55 82.80
N ILE H 458 6.10 16.67 81.83
CA ILE H 458 6.40 16.33 80.44
C ILE H 458 7.64 17.05 79.97
N GLY H 459 7.69 18.37 80.11
CA GLY H 459 8.85 19.13 79.71
C GLY H 459 10.11 18.62 80.38
N GLN H 460 9.92 18.19 81.62
CA GLN H 460 11.01 17.79 82.50
C GLN H 460 11.55 16.37 82.26
N TYR H 461 10.66 15.42 81.94
CA TYR H 461 11.07 14.03 81.78
C TYR H 461 11.02 13.46 80.34
N SER H 462 11.04 14.32 79.34
CA SER H 462 11.06 13.87 77.95
C SER H 462 12.27 14.46 77.22
N PRO H 463 13.45 13.86 77.45
CA PRO H 463 14.72 14.37 76.94
C PRO H 463 14.96 13.98 75.48
N ASN H 464 14.28 12.94 75.00
CA ASN H 464 14.53 12.42 73.66
C ASN H 464 13.42 12.71 72.68
N VAL H 465 12.29 13.14 73.22
CA VAL H 465 11.14 13.44 72.38
C VAL H 465 11.45 14.59 71.43
N ARG H 466 11.18 14.34 70.15
CA ARG H 466 11.42 15.29 69.05
C ARG H 466 10.09 15.81 68.50
N TRP H 467 9.03 15.03 68.66
CA TRP H 467 7.72 15.48 68.22
C TRP H 467 6.72 15.28 69.33
N MET H 468 5.85 16.28 69.53
CA MET H 468 4.74 16.11 70.47
C MET H 468 3.42 16.68 69.99
N LEU H 469 2.37 15.88 70.12
CA LEU H 469 1.01 16.34 69.89
C LEU H 469 0.31 16.33 71.24
N LEU H 470 -0.22 17.49 71.63
CA LEU H 470 -0.83 17.66 72.95
C LEU H 470 -2.30 18.07 72.86
N GLY H 471 -3.15 17.34 73.60
CA GLY H 471 -4.58 17.54 73.59
C GLY H 471 -5.02 18.67 74.50
N TYR H 472 -5.89 18.36 75.43
CA TYR H 472 -6.44 19.42 76.24
C TYR H 472 -5.67 19.51 77.54
N VAL H 473 -4.35 19.56 77.43
CA VAL H 473 -3.53 19.56 78.64
C VAL H 473 -3.30 20.96 79.23
N GLY H 474 -3.04 20.98 80.54
CA GLY H 474 -2.85 22.23 81.25
C GLY H 474 -4.13 22.81 81.87
N GLU H 475 -3.94 23.88 82.63
CA GLU H 475 -5.04 24.64 83.21
C GLU H 475 -4.85 26.13 82.96
N SER H 476 -3.60 26.59 82.99
CA SER H 476 -3.32 27.99 82.69
C SER H 476 -1.95 28.13 82.04
N ASP H 477 -1.67 29.34 81.55
CA ASP H 477 -0.39 29.67 80.92
C ASP H 477 0.81 29.31 81.79
N GLU H 478 0.54 28.98 83.05
CA GLU H 478 1.62 28.61 83.96
C GLU H 478 2.27 27.30 83.50
N GLY H 479 1.42 26.32 83.18
CA GLY H 479 1.87 24.99 82.78
C GLY H 479 2.63 24.98 81.46
N LEU H 480 2.26 25.89 80.57
CA LEU H 480 2.92 26.01 79.28
C LEU H 480 4.31 26.59 79.48
N MET H 481 4.41 27.63 80.28
CA MET H 481 5.72 28.21 80.54
C MET H 481 6.61 27.21 81.30
N GLU H 482 6.05 26.47 82.25
CA GLU H 482 6.84 25.49 82.98
C GLU H 482 7.38 24.42 82.05
N PHE H 483 6.48 23.92 81.19
CA PHE H 483 6.80 22.94 80.16
C PHE H 483 7.97 23.45 79.31
N SER H 484 7.93 24.75 79.00
CA SER H 484 8.84 25.32 78.01
C SER H 484 10.31 25.36 78.44
N ARG H 485 10.57 25.23 79.74
CA ARG H 485 11.95 25.28 80.19
C ARG H 485 12.59 23.91 80.04
N GLY H 486 11.81 22.95 79.54
CA GLY H 486 12.31 21.60 79.30
C GLY H 486 12.45 21.25 77.84
N CYS H 487 12.02 20.04 77.47
CA CYS H 487 12.00 19.63 76.08
C CYS H 487 13.30 19.98 75.38
N PRO H 488 14.38 19.33 75.79
CA PRO H 488 15.71 19.63 75.26
C PRO H 488 15.78 19.41 73.75
N ASN H 489 15.06 18.39 73.28
CA ASN H 489 15.16 17.96 71.90
C ASN H 489 13.90 18.11 71.08
N LEU H 490 12.89 18.79 71.61
CA LEU H 490 11.66 19.03 70.88
C LEU H 490 11.92 19.85 69.61
N GLN H 491 11.53 19.28 68.45
CA GLN H 491 11.65 19.94 67.13
C GLN H 491 10.30 20.40 66.63
N LYS H 492 9.31 19.53 66.75
CA LYS H 492 8.00 19.80 66.19
C LYS H 492 6.96 19.69 67.30
N LEU H 493 6.09 20.69 67.38
CA LEU H 493 5.04 20.72 68.39
C LEU H 493 3.66 21.06 67.82
N GLU H 494 2.70 20.16 68.00
CA GLU H 494 1.32 20.41 67.57
C GLU H 494 0.39 20.33 68.78
N MET H 495 -0.44 21.35 68.97
CA MET H 495 -1.39 21.36 70.09
C MET H 495 -2.72 21.95 69.70
N ARG H 496 -3.81 21.25 69.99
CA ARG H 496 -5.13 21.84 69.76
C ARG H 496 -6.02 21.66 70.97
N GLY H 497 -6.97 22.57 71.14
CA GLY H 497 -7.92 22.53 72.24
C GLY H 497 -7.28 22.99 73.54
N CYS H 498 -6.57 24.11 73.47
CA CYS H 498 -5.82 24.57 74.62
C CYS H 498 -6.28 25.92 75.16
N CYS H 499 -6.02 26.12 76.45
CA CYS H 499 -6.45 27.32 77.16
C CYS H 499 -5.33 28.33 77.25
N PHE H 500 -4.27 28.13 76.48
CA PHE H 500 -3.14 29.03 76.52
C PHE H 500 -3.39 30.28 75.67
N SER H 501 -2.73 31.39 76.03
CA SER H 501 -2.99 32.68 75.37
C SER H 501 -1.97 32.96 74.29
N GLU H 502 -2.25 33.97 73.48
CA GLU H 502 -1.32 34.32 72.43
C GLU H 502 0.09 34.61 72.97
N ARG H 503 0.21 35.50 73.95
CA ARG H 503 1.53 35.90 74.46
C ARG H 503 2.17 34.76 75.24
N ALA H 504 1.34 33.81 75.67
CA ALA H 504 1.80 32.63 76.39
C ALA H 504 2.58 31.70 75.45
N ILE H 505 1.98 31.43 74.30
CA ILE H 505 2.61 30.65 73.26
C ILE H 505 3.90 31.33 72.84
N ALA H 506 3.77 32.58 72.39
CA ALA H 506 4.89 33.34 71.86
C ALA H 506 6.10 33.27 72.78
N ALA H 507 5.85 33.37 74.09
CA ALA H 507 6.93 33.38 75.06
C ALA H 507 7.52 31.99 75.26
N ALA H 508 6.69 30.96 75.10
CA ALA H 508 7.15 29.58 75.27
C ALA H 508 8.04 29.14 74.11
N VAL H 509 7.70 29.62 72.91
CA VAL H 509 8.47 29.28 71.72
C VAL H 509 9.91 29.78 71.85
N THR H 510 10.09 30.91 72.50
CA THR H 510 11.42 31.49 72.58
C THR H 510 12.27 30.69 73.56
N LYS H 511 11.61 30.10 74.55
CA LYS H 511 12.29 29.33 75.59
C LYS H 511 12.64 27.92 75.13
N LEU H 512 11.97 27.46 74.07
CA LEU H 512 12.23 26.11 73.53
C LEU H 512 13.45 26.06 72.60
N PRO H 513 14.48 25.31 73.02
CA PRO H 513 15.82 25.28 72.40
C PRO H 513 15.80 24.76 70.97
N SER H 514 14.96 23.75 70.71
CA SER H 514 15.06 22.97 69.49
C SER H 514 13.92 23.21 68.50
N LEU H 515 12.86 23.87 68.96
CA LEU H 515 11.65 24.02 68.16
C LEU H 515 11.92 24.64 66.80
N ARG H 516 11.42 23.98 65.75
CA ARG H 516 11.53 24.46 64.35
C ARG H 516 10.21 24.41 63.57
N TYR H 517 9.17 23.88 64.20
CA TYR H 517 7.88 23.79 63.56
C TYR H 517 6.82 23.78 64.63
N LEU H 518 5.78 24.57 64.44
CA LEU H 518 4.70 24.67 65.41
C LEU H 518 3.35 24.84 64.74
N TRP H 519 2.39 23.97 65.06
CA TRP H 519 1.01 24.15 64.60
C TRP H 519 0.08 24.17 65.83
N VAL H 520 -0.92 25.07 65.81
CA VAL H 520 -1.86 25.24 66.92
C VAL H 520 -3.29 25.64 66.52
N GLN H 521 -4.28 24.91 67.01
CA GLN H 521 -5.67 25.32 66.82
C GLN H 521 -6.33 25.50 68.18
N GLY H 522 -6.96 26.65 68.40
CA GLY H 522 -7.61 26.93 69.68
C GLY H 522 -6.67 27.53 70.72
N TYR H 523 -6.90 28.81 71.01
CA TYR H 523 -6.03 29.56 71.90
C TYR H 523 -6.70 30.91 72.20
N ARG H 524 -6.41 31.50 73.35
CA ARG H 524 -6.96 32.81 73.69
C ARG H 524 -6.36 33.86 72.77
N ALA H 525 -7.11 34.27 71.73
CA ALA H 525 -6.61 35.24 70.77
C ALA H 525 -6.70 36.66 71.31
N SER H 526 -6.63 37.64 70.42
CA SER H 526 -6.87 39.05 70.75
C SER H 526 -7.02 39.83 69.44
N MET H 527 -7.95 40.78 69.41
CA MET H 527 -8.23 41.50 68.16
C MET H 527 -6.95 42.09 67.59
N THR H 528 -6.05 42.51 68.48
CA THR H 528 -4.74 43.04 68.10
C THR H 528 -4.04 42.04 67.18
N GLY H 529 -3.76 40.86 67.71
CA GLY H 529 -3.01 39.83 67.01
C GLY H 529 -1.54 40.03 67.28
N GLN H 530 -1.21 41.19 67.85
CA GLN H 530 0.18 41.61 68.03
C GLN H 530 0.85 40.89 69.21
N ASP H 531 0.08 40.03 69.87
CA ASP H 531 0.62 39.29 71.00
C ASP H 531 1.56 38.20 70.49
N LEU H 532 1.16 37.55 69.40
CA LEU H 532 2.01 36.56 68.75
C LEU H 532 3.33 37.16 68.36
N MET H 533 3.33 38.45 68.05
CA MET H 533 4.50 39.11 67.49
C MET H 533 5.76 38.96 68.34
N GLN H 534 5.57 38.77 69.64
CA GLN H 534 6.71 38.73 70.54
C GLN H 534 7.50 37.41 70.45
N MET H 535 7.43 36.78 69.28
CA MET H 535 8.27 35.62 68.97
C MET H 535 8.94 35.77 67.61
N ALA H 536 8.84 36.99 67.06
CA ALA H 536 9.37 37.29 65.73
C ALA H 536 10.88 37.25 65.68
N ARG H 537 11.44 36.06 65.48
CA ARG H 537 12.87 35.90 65.21
C ARG H 537 13.06 36.24 63.75
N PRO H 538 14.32 36.24 63.28
CA PRO H 538 14.58 36.21 61.84
C PRO H 538 14.54 34.74 61.33
N TYR H 539 14.11 34.52 60.09
CA TYR H 539 13.97 33.16 59.53
C TYR H 539 12.77 32.43 60.09
N TRP H 540 11.96 33.11 60.89
CA TRP H 540 10.85 32.47 61.54
C TRP H 540 9.55 32.97 60.90
N ASN H 541 8.94 32.12 60.08
CA ASN H 541 7.72 32.48 59.37
C ASN H 541 6.53 32.13 60.23
N ILE H 542 5.54 33.02 60.35
CA ILE H 542 4.27 32.63 60.98
C ILE H 542 3.08 32.82 60.02
N GLU H 543 2.10 31.92 60.10
CA GLU H 543 0.91 31.93 59.24
C GLU H 543 -0.39 31.67 60.02
N LEU H 544 -1.49 32.23 59.55
CA LEU H 544 -2.78 32.03 60.22
C LEU H 544 -3.82 31.47 59.24
N ILE H 545 -4.71 30.59 59.72
CA ILE H 545 -5.59 29.83 58.85
C ILE H 545 -7.08 29.87 59.28
N PRO H 546 -7.98 29.30 58.43
CA PRO H 546 -9.36 28.86 58.74
C PRO H 546 -9.58 27.31 58.82
N SER H 547 -10.08 26.68 57.75
CA SER H 547 -10.21 25.20 57.66
C SER H 547 -11.10 24.67 56.49
N ARG H 548 -10.63 23.61 55.83
CA ARG H 548 -11.34 22.91 54.73
C ARG H 548 -11.16 21.38 54.82
N ARG H 549 -11.37 20.69 53.70
CA ARG H 549 -11.16 19.23 53.59
C ARG H 549 -10.57 18.83 52.24
N GLU H 563 -17.68 25.21 62.09
CA GLU H 563 -17.01 26.18 62.95
C GLU H 563 -15.54 25.82 63.17
N HIS H 564 -14.65 26.45 62.41
CA HIS H 564 -13.24 26.09 62.49
C HIS H 564 -12.36 27.26 62.97
N PRO H 565 -11.83 27.14 64.20
CA PRO H 565 -10.94 28.13 64.86
C PRO H 565 -9.66 28.44 64.08
N ALA H 566 -9.07 29.61 64.31
CA ALA H 566 -7.85 30.02 63.62
C ALA H 566 -6.69 29.11 63.96
N HIS H 567 -6.00 28.61 62.94
CA HIS H 567 -4.79 27.86 63.16
C HIS H 567 -3.60 28.79 63.19
N ILE H 568 -2.57 28.39 63.93
CA ILE H 568 -1.28 29.05 63.83
C ILE H 568 -0.23 28.05 63.37
N LEU H 569 0.46 28.39 62.28
CA LEU H 569 1.52 27.56 61.81
C LEU H 569 2.77 28.42 61.77
N ALA H 570 3.87 27.91 62.29
CA ALA H 570 5.14 28.64 62.22
C ALA H 570 6.30 27.66 62.04
N TYR H 571 7.27 28.05 61.25
CA TYR H 571 8.39 27.17 60.93
C TYR H 571 9.61 28.03 60.55
N TYR H 572 10.80 27.48 60.74
CA TYR H 572 12.01 28.15 60.30
C TYR H 572 12.20 27.91 58.82
N SER H 573 12.63 28.91 58.07
CA SER H 573 12.91 28.73 56.64
C SER H 573 13.98 29.70 56.15
N LEU H 574 14.97 29.16 55.42
CA LEU H 574 16.02 29.98 54.83
C LEU H 574 15.58 30.47 53.46
N ALA H 575 14.28 30.67 53.30
CA ALA H 575 13.71 30.95 51.99
C ALA H 575 13.01 32.30 51.97
N GLY H 576 12.41 32.63 53.12
CA GLY H 576 11.56 33.80 53.20
C GLY H 576 10.13 33.34 53.14
N GLN H 577 9.22 34.26 52.95
CA GLN H 577 7.82 33.90 52.94
C GLN H 577 7.36 33.40 51.58
N ARG H 578 6.50 32.39 51.61
CA ARG H 578 6.00 31.74 50.41
C ARG H 578 5.15 32.67 49.56
N THR H 579 5.30 32.53 48.26
CA THR H 579 4.51 33.29 47.30
C THR H 579 3.11 32.72 47.11
N ASP H 580 2.93 31.44 47.39
CA ASP H 580 1.71 30.73 46.97
C ASP H 580 0.58 30.63 47.99
N CYS H 581 0.56 31.54 48.96
CA CYS H 581 -0.50 31.52 49.95
C CYS H 581 -1.86 31.76 49.33
N PRO H 582 -2.85 30.94 49.72
CA PRO H 582 -4.25 31.16 49.33
C PRO H 582 -4.70 32.50 49.84
N THR H 583 -5.94 32.84 49.55
CA THR H 583 -6.52 34.07 50.09
C THR H 583 -6.89 33.81 51.55
N THR H 584 -7.32 32.59 51.79
CA THR H 584 -7.70 32.11 53.10
C THR H 584 -6.54 31.99 54.13
N VAL H 585 -5.33 32.39 53.76
CA VAL H 585 -4.19 32.26 54.69
C VAL H 585 -3.40 33.57 54.84
N ARG H 586 -3.13 33.97 56.08
CA ARG H 586 -2.52 35.29 56.35
C ARG H 586 -1.12 35.18 56.93
N VAL H 587 -0.18 35.95 56.38
CA VAL H 587 1.23 35.91 56.84
C VAL H 587 1.59 37.14 57.65
N LEU H 588 1.94 36.95 58.92
CA LEU H 588 2.28 38.06 59.80
C LEU H 588 3.69 38.65 59.57
N LYS H 589 3.75 39.99 59.44
CA LYS H 589 5.01 40.70 59.19
C LYS H 589 5.13 41.99 59.99
N GLU H 590 5.29 41.86 61.31
CA GLU H 590 5.41 43.01 62.19
C GLU H 590 4.16 43.91 62.10
N PRO H 591 4.18 45.08 62.79
CA PRO H 591 3.05 46.00 62.64
C PRO H 591 2.46 45.99 61.23
N ILE H 592 1.23 45.50 61.11
CA ILE H 592 0.55 45.39 59.81
C ILE H 592 0.45 46.75 59.10
N GLU I 1 -16.13 24.25 71.91
CA GLU I 1 -16.42 22.92 71.39
C GLU I 1 -15.46 22.51 70.29
N LEU I 2 -14.46 21.71 70.63
CA LEU I 2 -13.58 21.13 69.61
C LEU I 2 -13.77 19.62 69.49
N PRO I 3 -14.51 19.21 68.45
CA PRO I 3 -14.88 17.80 68.26
C PRO I 3 -13.67 16.97 67.83
N ILE I 4 -13.55 15.74 68.34
CA ILE I 4 -12.44 14.89 67.92
C ILE I 4 -12.49 14.70 66.41
N ALA I 5 -11.47 15.24 65.72
CA ALA I 5 -11.35 15.11 64.28
C ALA I 5 -11.04 13.67 63.90
N ARG I 6 -11.75 13.16 62.91
CA ARG I 6 -11.56 11.81 62.45
C ARG I 6 -10.54 11.80 61.35
N ARG I 7 -9.60 10.87 61.39
CA ARG I 7 -8.60 10.69 60.33
C ARG I 7 -9.31 10.39 59.02
N ALA I 8 -8.99 11.17 57.98
CA ALA I 8 -9.77 11.13 56.74
C ALA I 8 -9.97 9.72 56.18
N SER I 9 -8.94 8.89 56.25
CA SER I 9 -9.01 7.53 55.73
C SER I 9 -10.13 6.69 56.35
N LEU I 10 -10.30 6.79 57.67
CA LEU I 10 -11.41 6.12 58.37
C LEU I 10 -12.75 6.75 58.05
N HIS I 11 -12.83 8.06 58.24
CA HIS I 11 -14.05 8.78 57.97
C HIS I 11 -14.70 8.36 56.65
N ARG I 12 -13.86 8.16 55.63
CA ARG I 12 -14.33 7.68 54.35
C ARG I 12 -14.91 6.27 54.49
N PHE I 13 -14.15 5.39 55.11
CA PHE I 13 -14.57 4.00 55.33
C PHE I 13 -15.88 3.85 56.13
N LEU I 14 -16.08 4.69 57.14
CA LEU I 14 -17.25 4.56 58.02
C LEU I 14 -18.55 4.83 57.30
N GLU I 15 -18.46 5.64 56.24
CA GLU I 15 -19.62 5.91 55.41
C GLU I 15 -19.83 4.87 54.30
N LYS I 16 -18.74 4.33 53.75
CA LYS I 16 -18.83 3.19 52.84
C LYS I 16 -19.37 1.98 53.59
N ARG I 17 -19.52 2.11 54.91
CA ARG I 17 -19.99 1.04 55.77
C ARG I 17 -21.51 0.95 55.72
N LYS I 18 -22.15 2.03 56.14
CA LYS I 18 -23.59 2.14 56.05
C LYS I 18 -24.00 2.14 54.57
N LYS J 5 -42.72 -52.61 18.59
CA LYS J 5 -43.53 -53.45 17.70
C LYS J 5 -44.32 -52.63 16.68
N ILE J 6 -44.18 -52.97 15.40
CA ILE J 6 -44.80 -52.21 14.28
C ILE J 6 -45.70 -53.04 13.37
N VAL J 7 -46.62 -52.38 12.67
CA VAL J 7 -47.59 -53.05 11.81
C VAL J 7 -47.39 -52.71 10.34
N LEU J 8 -47.08 -53.72 9.52
CA LEU J 8 -46.95 -53.55 8.07
C LEU J 8 -48.14 -54.14 7.34
N LYS J 9 -48.88 -53.32 6.59
CA LYS J 9 -50.08 -53.77 5.90
C LYS J 9 -49.79 -54.15 4.44
N SER J 10 -49.63 -55.44 4.21
CA SER J 10 -49.30 -56.02 2.91
C SER J 10 -50.20 -55.59 1.75
N SER J 11 -49.90 -56.10 0.56
CA SER J 11 -50.54 -55.67 -0.69
C SER J 11 -51.97 -56.13 -0.81
N ASP J 12 -52.31 -57.13 -0.01
CA ASP J 12 -53.64 -57.70 -0.04
C ASP J 12 -54.26 -57.66 1.35
N GLY J 13 -54.17 -56.49 1.99
CA GLY J 13 -54.74 -56.28 3.32
C GLY J 13 -54.40 -57.38 4.31
N GLU J 14 -53.25 -57.26 4.96
CA GLU J 14 -52.75 -58.34 5.80
C GLU J 14 -51.78 -57.81 6.84
N SER J 15 -52.28 -57.36 7.97
CA SER J 15 -51.40 -56.83 9.00
C SER J 15 -50.30 -57.81 9.41
N PHE J 16 -49.14 -57.28 9.77
CA PHE J 16 -48.02 -58.08 10.23
C PHE J 16 -47.38 -57.56 11.51
N GLU J 17 -47.43 -58.37 12.57
CA GLU J 17 -46.80 -58.01 13.83
C GLU J 17 -45.30 -58.25 13.74
N VAL J 18 -44.52 -57.18 13.83
CA VAL J 18 -43.07 -57.32 13.78
C VAL J 18 -42.39 -56.43 14.81
N GLU J 19 -41.18 -56.83 15.21
CA GLU J 19 -40.48 -56.15 16.29
C GLU J 19 -39.93 -54.81 15.84
N GLU J 20 -39.29 -54.13 16.77
CA GLU J 20 -38.68 -52.83 16.50
C GLU J 20 -37.56 -52.93 15.48
N ALA J 21 -36.45 -53.54 15.88
CA ALA J 21 -35.24 -53.55 15.08
C ALA J 21 -35.31 -54.52 13.90
N VAL J 22 -36.43 -55.21 13.75
CA VAL J 22 -36.63 -56.05 12.57
C VAL J 22 -37.13 -55.20 11.41
N ALA J 23 -38.05 -54.30 11.68
CA ALA J 23 -38.60 -53.44 10.64
C ALA J 23 -37.68 -52.25 10.29
N LEU J 24 -36.57 -52.10 11.01
CA LEU J 24 -35.66 -51.00 10.75
C LEU J 24 -34.57 -51.41 9.77
N GLU J 25 -34.52 -52.69 9.46
CA GLU J 25 -33.59 -53.19 8.44
C GLU J 25 -33.89 -52.55 7.07
N SER J 26 -35.15 -52.16 6.87
CA SER J 26 -35.55 -51.47 5.66
C SER J 26 -35.49 -49.96 5.85
N GLN J 27 -34.47 -49.33 5.28
CA GLN J 27 -34.36 -47.88 5.33
C GLN J 27 -35.48 -47.21 4.58
N THR J 28 -36.50 -47.98 4.20
CA THR J 28 -37.71 -47.41 3.63
C THR J 28 -38.75 -47.23 4.71
N ILE J 29 -38.67 -48.08 5.72
CA ILE J 29 -39.58 -48.01 6.86
C ILE J 29 -38.91 -47.21 7.97
N ALA J 30 -37.59 -47.17 7.95
CA ALA J 30 -36.83 -46.34 8.88
C ALA J 30 -37.06 -44.85 8.60
N HIS J 31 -36.97 -44.45 7.32
CA HIS J 31 -37.20 -43.07 6.92
C HIS J 31 -38.69 -42.73 6.96
N MET J 32 -39.48 -43.66 7.50
CA MET J 32 -40.92 -43.47 7.59
C MET J 32 -41.42 -43.53 9.02
N VAL J 33 -40.48 -43.49 9.96
CA VAL J 33 -40.82 -43.29 11.37
C VAL J 33 -40.53 -41.85 11.76
N GLU J 34 -39.98 -41.09 10.82
CA GLU J 34 -39.79 -39.64 10.97
C GLU J 34 -41.12 -38.93 10.75
N ASP J 35 -41.55 -38.92 9.49
CA ASP J 35 -42.88 -38.48 9.11
C ASP J 35 -43.90 -39.56 9.47
N ASP J 36 -43.78 -40.08 10.69
CA ASP J 36 -44.50 -41.28 11.12
C ASP J 36 -45.95 -41.44 10.66
N CYS J 37 -46.14 -42.19 9.58
CA CYS J 37 -47.47 -42.64 9.20
C CYS J 37 -47.74 -43.96 9.90
N VAL J 38 -46.89 -44.29 10.87
CA VAL J 38 -47.00 -45.51 11.65
C VAL J 38 -48.30 -45.55 12.47
N ASP J 39 -49.02 -44.43 12.48
CA ASP J 39 -50.33 -44.35 13.13
C ASP J 39 -51.24 -45.45 12.62
N ASN J 40 -51.52 -45.43 11.33
CA ASN J 40 -52.40 -46.42 10.71
C ASN J 40 -51.63 -47.64 10.23
N GLY J 41 -50.42 -47.82 10.75
CA GLY J 41 -49.53 -48.87 10.31
C GLY J 41 -48.96 -48.55 8.94
N VAL J 42 -47.71 -48.94 8.70
CA VAL J 42 -47.02 -48.66 7.43
C VAL J 42 -47.57 -49.46 6.26
N PRO J 43 -48.21 -48.78 5.31
CA PRO J 43 -48.86 -49.40 4.16
C PRO J 43 -47.89 -49.64 3.04
N LEU J 44 -47.82 -50.87 2.51
CA LEU J 44 -46.99 -51.14 1.36
C LEU J 44 -47.66 -52.06 0.34
N PRO J 45 -48.52 -51.48 -0.51
CA PRO J 45 -49.41 -52.17 -1.43
C PRO J 45 -48.70 -52.74 -2.63
N ASN J 46 -47.37 -52.83 -2.56
CA ASN J 46 -46.60 -53.32 -3.69
C ASN J 46 -45.79 -54.57 -3.34
N VAL J 47 -46.13 -55.18 -2.20
CA VAL J 47 -45.51 -56.44 -1.79
C VAL J 47 -46.55 -57.51 -1.55
N THR J 48 -46.51 -58.57 -2.35
CA THR J 48 -47.44 -59.66 -2.15
C THR J 48 -47.26 -60.15 -0.72
N SER J 49 -48.30 -60.75 -0.14
CA SER J 49 -48.22 -61.14 1.28
C SER J 49 -47.31 -62.35 1.47
N LYS J 50 -47.30 -63.24 0.48
CA LYS J 50 -46.43 -64.41 0.51
C LYS J 50 -44.99 -64.00 0.56
N ILE J 51 -44.65 -62.94 -0.17
CA ILE J 51 -43.28 -62.44 -0.26
C ILE J 51 -42.86 -61.66 0.99
N LEU J 52 -43.68 -60.67 1.36
CA LEU J 52 -43.45 -59.86 2.56
C LEU J 52 -43.16 -60.78 3.74
N ALA J 53 -43.81 -61.95 3.71
CA ALA J 53 -43.61 -62.98 4.71
C ALA J 53 -42.17 -63.49 4.68
N LYS J 54 -41.69 -63.84 3.49
CA LYS J 54 -40.34 -64.35 3.35
C LYS J 54 -39.30 -63.30 3.69
N VAL J 55 -39.67 -62.03 3.55
CA VAL J 55 -38.75 -60.92 3.83
C VAL J 55 -38.49 -60.73 5.31
N ILE J 56 -39.55 -60.73 6.09
CA ILE J 56 -39.44 -60.63 7.54
C ILE J 56 -38.67 -61.80 8.13
N GLU J 57 -38.85 -62.98 7.55
CA GLU J 57 -38.13 -64.17 7.99
C GLU J 57 -36.63 -64.00 7.83
N TYR J 58 -36.23 -63.28 6.78
CA TYR J 58 -34.81 -63.03 6.55
C TYR J 58 -34.27 -62.06 7.60
N CYS J 59 -34.92 -60.91 7.70
CA CYS J 59 -34.50 -59.89 8.66
C CYS J 59 -34.50 -60.42 10.09
N LYS J 60 -35.57 -61.10 10.48
CA LYS J 60 -35.63 -61.76 11.78
C LYS J 60 -34.30 -62.45 12.04
N ARG J 61 -33.88 -63.32 11.13
CA ARG J 61 -32.71 -64.17 11.36
C ARG J 61 -31.39 -63.39 11.42
N HIS J 62 -31.29 -62.34 10.62
CA HIS J 62 -30.07 -61.54 10.59
C HIS J 62 -29.94 -60.63 11.82
N VAL J 63 -31.06 -60.08 12.27
CA VAL J 63 -31.08 -59.25 13.47
C VAL J 63 -30.45 -59.97 14.66
N GLU J 64 -30.67 -61.28 14.73
CA GLU J 64 -30.08 -62.14 15.76
C GLU J 64 -28.60 -62.42 15.49
N ALA J 65 -27.88 -61.36 15.10
CA ALA J 65 -26.43 -61.41 14.98
C ALA J 65 -25.81 -60.69 16.18
N ALA J 66 -26.67 -60.22 17.09
CA ALA J 66 -26.23 -59.72 18.40
C ALA J 66 -25.39 -60.81 19.06
N ALA J 67 -26.03 -61.95 19.27
CA ALA J 67 -25.31 -63.19 19.54
C ALA J 67 -24.50 -63.49 18.29
N ASP J 80 -20.64 -65.96 12.25
CA ASP J 80 -20.67 -65.75 10.80
C ASP J 80 -20.66 -67.04 9.99
N ASP J 81 -20.36 -68.14 10.65
CA ASP J 81 -20.15 -69.42 9.98
C ASP J 81 -21.47 -70.07 9.55
N ASP J 82 -22.44 -70.05 10.46
CA ASP J 82 -23.73 -70.69 10.25
C ASP J 82 -24.75 -69.81 9.55
N LEU J 83 -24.35 -68.57 9.25
CA LEU J 83 -25.20 -67.65 8.49
C LEU J 83 -25.13 -67.93 7.00
N LYS J 84 -23.92 -68.07 6.47
CA LYS J 84 -23.74 -68.44 5.07
C LYS J 84 -24.43 -69.77 4.80
N ALA J 85 -24.71 -70.51 5.88
CA ALA J 85 -25.42 -71.77 5.81
C ALA J 85 -26.93 -71.55 5.64
N TRP J 86 -27.55 -70.86 6.58
CA TRP J 86 -28.97 -70.54 6.49
C TRP J 86 -29.26 -69.76 5.21
N ASP J 87 -28.38 -68.82 4.88
CA ASP J 87 -28.54 -67.99 3.70
C ASP J 87 -28.58 -68.84 2.43
N ALA J 88 -27.59 -69.69 2.25
CA ALA J 88 -27.57 -70.57 1.08
C ALA J 88 -28.85 -71.40 0.97
N ASP J 89 -29.37 -71.81 2.13
CA ASP J 89 -30.56 -72.63 2.17
C ASP J 89 -31.83 -71.80 1.96
N PHE J 90 -31.82 -70.57 2.45
CA PHE J 90 -32.98 -69.67 2.33
C PHE J 90 -33.31 -69.39 0.87
N MET J 91 -32.27 -69.47 0.02
CA MET J 91 -32.37 -69.14 -1.40
C MET J 91 -32.88 -70.28 -2.28
N LYS J 92 -32.85 -71.50 -1.76
CA LYS J 92 -33.41 -72.64 -2.47
C LYS J 92 -34.90 -72.47 -2.76
N ILE J 93 -35.21 -71.58 -3.70
CA ILE J 93 -36.58 -71.29 -4.14
C ILE J 93 -36.62 -71.28 -5.68
N ASP J 94 -37.81 -71.16 -6.25
CA ASP J 94 -37.94 -71.10 -7.70
C ASP J 94 -37.63 -69.70 -8.18
N GLN J 95 -37.44 -69.54 -9.49
CA GLN J 95 -37.07 -68.24 -10.03
C GLN J 95 -38.08 -67.14 -9.76
N ALA J 96 -39.30 -67.32 -10.25
CA ALA J 96 -40.31 -66.27 -10.15
C ALA J 96 -40.42 -65.70 -8.74
N THR J 97 -40.06 -66.50 -7.74
CA THR J 97 -40.08 -66.05 -6.35
C THR J 97 -38.82 -65.23 -6.05
N LEU J 98 -37.68 -65.78 -6.43
CA LEU J 98 -36.41 -65.09 -6.30
C LEU J 98 -36.45 -63.68 -6.85
N PHE J 99 -37.12 -63.50 -7.99
CA PHE J 99 -37.23 -62.19 -8.59
C PHE J 99 -38.10 -61.26 -7.77
N GLU J 100 -39.28 -61.73 -7.39
CA GLU J 100 -40.19 -60.91 -6.62
C GLU J 100 -39.53 -60.45 -5.31
N LEU J 101 -38.47 -61.15 -4.93
CA LEU J 101 -37.72 -60.83 -3.71
C LEU J 101 -36.79 -59.66 -3.91
N ILE J 102 -36.06 -59.70 -5.03
CA ILE J 102 -35.19 -58.59 -5.42
C ILE J 102 -36.00 -57.31 -5.55
N LEU J 103 -37.09 -57.38 -6.31
CA LEU J 103 -38.01 -56.27 -6.45
C LEU J 103 -38.51 -55.74 -5.10
N ALA J 104 -38.66 -56.64 -4.14
CA ALA J 104 -39.09 -56.27 -2.80
C ALA J 104 -37.96 -55.65 -1.98
N ALA J 105 -36.80 -56.28 -1.98
CA ALA J 105 -35.64 -55.73 -1.30
C ALA J 105 -35.30 -54.31 -1.79
N ASN J 106 -35.67 -54.04 -3.03
CA ASN J 106 -35.42 -52.74 -3.64
C ASN J 106 -36.61 -51.80 -3.47
N TYR J 107 -37.77 -52.34 -3.13
CA TYR J 107 -38.96 -51.54 -2.84
C TYR J 107 -38.92 -51.05 -1.40
N LEU J 108 -38.27 -51.85 -0.57
CA LEU J 108 -37.86 -51.40 0.73
C LEU J 108 -36.44 -50.92 0.49
N ASN J 109 -35.55 -51.08 1.46
CA ASN J 109 -34.18 -50.68 1.21
C ASN J 109 -33.25 -51.57 2.00
N ILE J 110 -33.32 -52.85 1.71
CA ILE J 110 -32.59 -53.83 2.50
C ILE J 110 -31.31 -54.19 1.79
N LYS J 111 -30.25 -53.44 2.07
CA LYS J 111 -29.01 -53.59 1.32
C LYS J 111 -28.42 -54.99 1.46
N ASN J 112 -28.53 -55.60 2.64
CA ASN J 112 -28.00 -56.95 2.81
C ASN J 112 -28.80 -58.01 2.02
N LEU J 113 -30.07 -57.73 1.76
CA LEU J 113 -30.96 -58.67 1.05
C LEU J 113 -30.88 -58.52 -0.45
N LEU J 114 -30.80 -57.28 -0.88
CA LEU J 114 -30.61 -56.99 -2.27
C LEU J 114 -29.29 -57.64 -2.61
N ASP J 115 -28.28 -57.34 -1.81
CA ASP J 115 -26.94 -57.85 -2.03
C ASP J 115 -27.01 -59.37 -2.26
N LEU J 116 -27.77 -60.08 -1.44
CA LEU J 116 -27.75 -61.55 -1.50
C LEU J 116 -28.40 -62.07 -2.75
N THR J 117 -29.70 -61.78 -2.84
CA THR J 117 -30.56 -62.26 -3.89
C THR J 117 -30.10 -61.93 -5.31
N CYS J 118 -29.38 -60.84 -5.49
CA CYS J 118 -28.88 -60.51 -6.81
C CYS J 118 -27.69 -61.41 -7.18
N GLN J 119 -26.74 -61.57 -6.25
CA GLN J 119 -25.59 -62.47 -6.49
C GLN J 119 -26.06 -63.88 -6.79
N THR J 120 -27.25 -64.21 -6.29
CA THR J 120 -27.94 -65.46 -6.60
C THR J 120 -28.35 -65.58 -8.08
N VAL J 121 -28.97 -64.52 -8.62
CA VAL J 121 -29.39 -64.47 -10.02
C VAL J 121 -28.15 -64.39 -10.89
N ALA J 122 -27.09 -63.83 -10.31
CA ALA J 122 -25.84 -63.61 -11.03
C ALA J 122 -24.96 -64.86 -11.03
N ASP J 123 -25.05 -65.64 -9.96
CA ASP J 123 -24.24 -66.85 -9.89
C ASP J 123 -24.80 -67.92 -10.82
N MET J 124 -25.96 -67.63 -11.40
CA MET J 124 -26.52 -68.49 -12.42
C MET J 124 -25.91 -68.17 -13.79
N ILE J 125 -25.55 -66.90 -13.99
CA ILE J 125 -25.03 -66.45 -15.29
C ILE J 125 -23.56 -66.76 -15.47
N LYS J 126 -22.89 -67.11 -14.37
CA LYS J 126 -21.47 -67.43 -14.40
C LYS J 126 -21.25 -68.76 -15.11
N GLY J 127 -20.11 -68.88 -15.77
CA GLY J 127 -19.85 -70.04 -16.60
C GLY J 127 -20.59 -69.93 -17.94
N LYS J 128 -21.90 -70.04 -17.88
CA LYS J 128 -22.77 -70.14 -19.06
C LYS J 128 -22.34 -69.35 -20.30
N THR J 129 -22.76 -69.85 -21.44
CA THR J 129 -22.52 -69.25 -22.74
C THR J 129 -23.83 -68.59 -23.10
N PRO J 130 -23.81 -67.52 -23.91
CA PRO J 130 -25.08 -66.88 -24.27
C PRO J 130 -26.26 -67.86 -24.54
N GLU J 131 -25.96 -69.00 -25.16
CA GLU J 131 -27.00 -69.96 -25.55
C GLU J 131 -27.46 -70.78 -24.37
N GLU J 132 -26.57 -70.97 -23.41
CA GLU J 132 -26.92 -71.69 -22.19
C GLU J 132 -27.60 -70.74 -21.19
N ILE J 133 -27.33 -69.43 -21.31
CA ILE J 133 -28.03 -68.39 -20.55
C ILE J 133 -29.47 -68.33 -21.07
N ARG J 134 -29.63 -67.97 -22.34
CA ARG J 134 -30.94 -67.91 -23.01
C ARG J 134 -31.89 -69.07 -22.68
N THR J 135 -31.30 -70.25 -22.50
CA THR J 135 -32.04 -71.45 -22.14
C THR J 135 -32.64 -71.30 -20.77
N THR J 136 -31.80 -71.05 -19.78
CA THR J 136 -32.24 -71.07 -18.39
C THR J 136 -32.85 -69.75 -17.83
N PHE J 137 -33.29 -68.84 -18.70
CA PHE J 137 -34.24 -67.77 -18.32
C PHE J 137 -35.32 -67.62 -19.38
N ASN J 138 -35.16 -68.36 -20.48
CA ASN J 138 -36.09 -68.28 -21.61
C ASN J 138 -35.90 -66.96 -22.35
N ILE J 139 -34.68 -66.73 -22.79
CA ILE J 139 -34.42 -65.53 -23.56
C ILE J 139 -34.35 -65.94 -25.01
N LYS J 140 -35.02 -65.15 -25.86
CA LYS J 140 -35.01 -65.37 -27.28
C LYS J 140 -33.95 -64.45 -27.84
N ASN J 141 -32.98 -65.02 -28.55
CA ASN J 141 -31.93 -64.25 -29.20
C ASN J 141 -32.52 -63.37 -30.33
N ASP J 142 -32.62 -62.05 -30.09
CA ASP J 142 -33.17 -61.11 -31.09
C ASP J 142 -32.12 -60.24 -31.83
N PHE J 143 -30.90 -60.79 -31.96
CA PHE J 143 -29.80 -60.14 -32.68
C PHE J 143 -29.81 -60.38 -34.19
N THR J 144 -29.71 -59.32 -34.99
CA THR J 144 -29.53 -59.51 -36.43
C THR J 144 -28.14 -60.10 -36.67
N PRO J 145 -28.05 -61.19 -37.45
CA PRO J 145 -26.79 -62.00 -37.42
C PRO J 145 -25.47 -61.28 -37.77
N GLU J 146 -25.55 -59.99 -38.15
CA GLU J 146 -24.41 -59.10 -38.40
C GLU J 146 -23.90 -58.41 -37.11
N GLU J 147 -24.81 -57.76 -36.40
CA GLU J 147 -24.57 -57.23 -35.08
C GLU J 147 -24.15 -58.29 -34.05
N GLU J 148 -24.85 -59.42 -33.98
CA GLU J 148 -24.40 -60.53 -33.13
C GLU J 148 -22.92 -60.78 -33.32
N GLU J 149 -22.44 -60.52 -34.52
CA GLU J 149 -21.05 -60.75 -34.84
C GLU J 149 -20.27 -59.46 -34.63
N GLU J 150 -20.85 -58.32 -35.00
CA GLU J 150 -20.19 -57.06 -34.70
C GLU J 150 -19.86 -57.01 -33.20
N VAL J 151 -20.62 -57.74 -32.40
CA VAL J 151 -20.31 -57.88 -30.98
C VAL J 151 -19.17 -58.89 -30.79
N ARG J 152 -19.40 -60.18 -31.08
CA ARG J 152 -18.33 -61.19 -31.06
C ARG J 152 -17.01 -60.64 -31.63
N ARG J 153 -17.11 -59.75 -32.60
CA ARG J 153 -15.96 -59.06 -33.14
C ARG J 153 -15.29 -58.23 -32.03
N GLU J 154 -15.89 -57.07 -31.72
CA GLU J 154 -15.47 -56.19 -30.62
C GLU J 154 -15.10 -56.98 -29.35
N ASN J 155 -15.87 -58.00 -29.04
CA ASN J 155 -15.79 -58.66 -27.74
C ASN J 155 -14.49 -59.46 -27.59
N GLN J 156 -13.96 -59.90 -28.72
CA GLN J 156 -12.87 -60.87 -28.73
C GLN J 156 -11.54 -60.24 -29.11
N TRP J 157 -11.59 -59.33 -30.07
CA TRP J 157 -10.38 -58.74 -30.61
C TRP J 157 -10.02 -57.48 -29.86
N ALA J 158 -11.06 -56.66 -29.62
CA ALA J 158 -10.96 -55.34 -28.99
C ALA J 158 -11.00 -55.24 -27.44
N PHE J 159 -12.06 -55.74 -26.78
CA PHE J 159 -12.42 -55.40 -25.38
C PHE J 159 -12.41 -56.42 -24.21
N GLU J 160 -11.76 -56.01 -23.12
CA GLU J 160 -11.65 -56.73 -21.83
C GLU J 160 -10.63 -57.87 -21.82
N SER K 12 -52.19 -62.53 -12.80
CA SER K 12 -51.57 -61.28 -13.23
C SER K 12 -50.33 -61.47 -14.13
N CYS K 13 -49.27 -60.74 -13.79
CA CYS K 13 -48.01 -60.79 -14.51
C CYS K 13 -46.83 -60.98 -13.55
N VAL K 14 -46.41 -62.24 -13.35
CA VAL K 14 -45.23 -62.53 -12.52
C VAL K 14 -43.94 -61.89 -13.04
N ALA K 15 -42.89 -61.99 -12.23
CA ALA K 15 -41.59 -61.43 -12.59
C ALA K 15 -40.71 -62.40 -13.40
N THR K 16 -40.21 -61.92 -14.55
CA THR K 16 -39.17 -62.59 -15.35
C THR K 16 -37.81 -61.99 -15.01
N VAL K 17 -36.74 -62.49 -15.62
CA VAL K 17 -35.44 -61.86 -15.43
C VAL K 17 -35.44 -60.40 -15.87
N ASP K 18 -36.23 -60.06 -16.88
CA ASP K 18 -36.22 -58.71 -17.43
C ASP K 18 -36.53 -57.62 -16.40
N ASP K 19 -37.37 -57.95 -15.43
CA ASP K 19 -37.81 -57.02 -14.40
C ASP K 19 -36.72 -56.77 -13.38
N VAL K 20 -35.52 -57.28 -13.62
CA VAL K 20 -34.58 -57.42 -12.51
C VAL K 20 -33.10 -57.34 -12.98
N ILE K 21 -32.90 -57.41 -14.29
CA ILE K 21 -31.56 -57.56 -14.87
C ILE K 21 -30.73 -56.26 -14.89
N GLU K 22 -31.41 -55.12 -15.07
CA GLU K 22 -30.72 -53.83 -15.03
C GLU K 22 -29.99 -53.70 -13.69
N GLN K 23 -30.40 -54.55 -12.74
CA GLN K 23 -29.83 -54.56 -11.41
C GLN K 23 -28.81 -55.68 -11.24
N VAL K 24 -29.24 -56.91 -11.49
CA VAL K 24 -28.37 -58.09 -11.39
C VAL K 24 -27.03 -57.89 -12.06
N MET K 25 -27.08 -57.32 -13.26
CA MET K 25 -25.92 -57.13 -14.14
C MET K 25 -24.71 -56.49 -13.44
N THR K 26 -24.98 -55.47 -12.64
CA THR K 26 -23.94 -54.74 -11.92
C THR K 26 -23.21 -55.60 -10.88
N TYR K 27 -23.66 -56.84 -10.68
CA TYR K 27 -23.05 -57.77 -9.72
C TYR K 27 -22.08 -58.70 -10.41
N ILE K 28 -22.00 -58.57 -11.73
CA ILE K 28 -21.08 -59.37 -12.55
C ILE K 28 -19.75 -58.63 -12.77
N THR K 29 -18.68 -59.26 -12.27
CA THR K 29 -17.40 -58.61 -12.17
C THR K 29 -16.52 -59.07 -13.35
N ASP K 30 -16.33 -60.39 -13.46
CA ASP K 30 -15.52 -61.10 -14.48
C ASP K 30 -15.88 -60.74 -15.94
N PRO K 31 -14.89 -60.29 -16.72
CA PRO K 31 -15.10 -59.97 -18.13
C PRO K 31 -15.65 -61.13 -18.97
N LYS K 32 -15.21 -62.35 -18.68
CA LYS K 32 -15.63 -63.53 -19.44
C LYS K 32 -17.14 -63.73 -19.34
N ASP K 33 -17.71 -63.37 -18.20
CA ASP K 33 -19.15 -63.48 -18.03
C ASP K 33 -19.86 -62.19 -18.43
N ARG K 34 -19.16 -61.07 -18.41
CA ARG K 34 -19.73 -59.86 -19.01
C ARG K 34 -19.79 -60.04 -20.51
N ASP K 35 -18.80 -60.75 -21.01
CA ASP K 35 -18.62 -60.97 -22.45
C ASP K 35 -19.74 -61.82 -22.99
N SER K 36 -19.96 -62.96 -22.37
CA SER K 36 -21.11 -63.78 -22.73
C SER K 36 -22.39 -62.99 -22.45
N ALA K 37 -22.49 -62.36 -21.30
CA ALA K 37 -23.76 -61.81 -20.89
C ALA K 37 -24.32 -60.88 -21.95
N SER K 38 -23.44 -60.23 -22.68
CA SER K 38 -23.82 -59.20 -23.64
C SER K 38 -24.39 -59.77 -24.93
N LEU K 39 -24.34 -61.09 -25.07
CA LEU K 39 -24.74 -61.75 -26.32
C LEU K 39 -26.05 -62.51 -26.22
N VAL K 40 -26.67 -62.46 -25.05
CA VAL K 40 -27.88 -63.20 -24.84
C VAL K 40 -29.07 -62.38 -25.30
N CYS K 41 -28.79 -61.27 -26.00
CA CYS K 41 -29.84 -60.45 -26.64
C CYS K 41 -29.71 -58.96 -26.44
N ARG K 42 -30.58 -58.20 -27.10
CA ARG K 42 -30.35 -56.77 -27.19
C ARG K 42 -30.38 -56.11 -25.85
N ARG K 43 -31.43 -56.31 -25.05
CA ARG K 43 -31.46 -55.65 -23.74
C ARG K 43 -30.18 -55.86 -22.96
N TRP K 44 -29.79 -57.12 -22.82
CA TRP K 44 -28.59 -57.52 -22.09
C TRP K 44 -27.26 -56.88 -22.56
N PHE K 45 -27.18 -56.60 -23.87
CA PHE K 45 -26.05 -55.87 -24.46
C PHE K 45 -26.13 -54.34 -24.20
N LYS K 46 -27.32 -53.76 -24.25
CA LYS K 46 -27.52 -52.38 -23.84
C LYS K 46 -27.34 -52.19 -22.33
N ILE K 47 -27.45 -53.27 -21.57
CA ILE K 47 -27.28 -53.12 -20.13
C ILE K 47 -25.80 -53.32 -19.79
N ASP K 48 -25.18 -54.38 -20.31
CA ASP K 48 -23.74 -54.53 -20.15
C ASP K 48 -23.06 -53.23 -20.57
N SER K 49 -23.46 -52.70 -21.73
CA SER K 49 -22.98 -51.41 -22.24
C SER K 49 -23.05 -50.30 -21.20
N GLU K 50 -24.23 -50.05 -20.62
CA GLU K 50 -24.40 -48.92 -19.73
C GLU K 50 -23.92 -49.08 -18.28
N THR K 51 -23.70 -50.31 -17.86
CA THR K 51 -23.18 -50.54 -16.52
C THR K 51 -21.68 -50.90 -16.43
N ARG K 52 -21.02 -51.11 -17.57
CA ARG K 52 -19.66 -51.62 -17.54
C ARG K 52 -18.73 -50.61 -16.89
N GLU K 53 -17.79 -51.10 -16.08
CA GLU K 53 -16.94 -50.22 -15.29
C GLU K 53 -15.48 -50.19 -15.76
N HIS K 54 -14.77 -51.30 -15.60
CA HIS K 54 -13.46 -51.43 -16.21
C HIS K 54 -13.56 -51.81 -17.69
N VAL K 55 -12.53 -51.49 -18.47
CA VAL K 55 -12.42 -51.97 -19.84
C VAL K 55 -10.95 -51.99 -20.18
N THR K 56 -10.45 -53.09 -20.75
CA THR K 56 -9.05 -53.17 -21.15
C THR K 56 -8.93 -53.27 -22.67
N MET K 57 -7.84 -52.79 -23.23
CA MET K 57 -7.53 -52.85 -24.67
C MET K 57 -6.06 -53.20 -24.81
N ALA K 58 -5.75 -54.38 -25.35
CA ALA K 58 -4.36 -54.78 -25.35
C ALA K 58 -3.63 -54.22 -26.56
N LEU K 59 -4.40 -53.59 -27.45
CA LEU K 59 -3.84 -52.78 -28.52
C LEU K 59 -4.84 -51.69 -28.81
N CYS K 60 -4.36 -50.44 -28.72
CA CYS K 60 -5.14 -49.25 -28.94
C CYS K 60 -5.43 -49.05 -30.42
N TYR K 61 -4.88 -49.93 -31.22
CA TYR K 61 -5.00 -49.76 -32.66
C TYR K 61 -6.11 -50.64 -33.15
N THR K 62 -6.66 -51.34 -32.16
CA THR K 62 -7.66 -52.38 -32.33
C THR K 62 -9.05 -51.86 -32.68
N ALA K 63 -9.31 -50.56 -32.45
CA ALA K 63 -10.63 -49.93 -32.64
C ALA K 63 -10.58 -48.47 -32.24
N THR K 64 -11.31 -47.62 -32.97
CA THR K 64 -11.33 -46.17 -32.68
C THR K 64 -11.83 -45.81 -31.30
N PRO K 65 -11.14 -44.91 -30.59
CA PRO K 65 -11.84 -44.25 -29.50
C PRO K 65 -13.33 -44.09 -29.79
N ASP K 66 -13.68 -43.62 -30.98
CA ASP K 66 -15.09 -43.44 -31.25
C ASP K 66 -15.98 -44.68 -30.92
N ARG K 67 -15.47 -45.88 -31.13
CA ARG K 67 -16.25 -47.10 -30.85
C ARG K 67 -16.40 -47.28 -29.36
N LEU K 68 -15.29 -47.56 -28.68
CA LEU K 68 -15.23 -47.51 -27.22
C LEU K 68 -16.20 -46.52 -26.55
N SER K 69 -16.02 -45.22 -26.79
CA SER K 69 -16.91 -44.22 -26.17
C SER K 69 -18.41 -44.38 -26.50
N ARG K 70 -18.74 -45.07 -27.59
CA ARG K 70 -20.12 -45.42 -27.89
C ARG K 70 -20.39 -46.60 -26.97
N ARG K 71 -20.49 -47.80 -27.54
CA ARG K 71 -20.58 -49.04 -26.73
C ARG K 71 -20.50 -48.95 -25.16
N PHE K 72 -19.44 -48.41 -24.57
CA PHE K 72 -19.35 -48.33 -23.11
C PHE K 72 -19.35 -46.92 -22.49
N PRO K 73 -20.46 -46.15 -22.56
CA PRO K 73 -20.41 -44.72 -22.23
C PRO K 73 -20.20 -44.32 -20.76
N ASN K 74 -20.43 -45.22 -19.82
CA ASN K 74 -20.33 -44.87 -18.41
C ASN K 74 -19.08 -45.45 -17.82
N LEU K 75 -18.07 -45.54 -18.65
CA LEU K 75 -16.86 -46.21 -18.26
C LEU K 75 -16.31 -45.56 -17.02
N ARG K 76 -15.81 -46.34 -16.10
CA ARG K 76 -15.22 -45.75 -14.92
C ARG K 76 -13.71 -45.77 -15.01
N SER K 77 -13.14 -46.94 -15.25
CA SER K 77 -11.71 -47.07 -15.45
C SER K 77 -11.46 -47.45 -16.90
N LEU K 78 -10.31 -47.07 -17.43
CA LEU K 78 -9.92 -47.53 -18.75
C LEU K 78 -8.46 -48.01 -18.65
N LYS K 79 -8.01 -48.74 -19.68
CA LYS K 79 -6.64 -49.27 -19.78
C LYS K 79 -6.33 -49.45 -21.25
N LEU K 80 -5.31 -48.77 -21.75
CA LEU K 80 -4.93 -48.90 -23.14
C LEU K 80 -3.49 -49.30 -23.10
N LYS K 81 -3.09 -50.27 -23.93
CA LYS K 81 -1.69 -50.56 -24.14
C LYS K 81 -1.36 -50.21 -25.57
N GLY K 82 -0.15 -49.68 -25.82
CA GLY K 82 0.26 -49.29 -27.16
C GLY K 82 1.29 -50.22 -27.80
N LYS K 83 2.56 -49.85 -27.72
CA LYS K 83 3.66 -50.66 -28.24
C LYS K 83 3.68 -52.12 -27.68
N PRO K 84 4.34 -53.04 -28.43
CA PRO K 84 4.69 -54.45 -28.15
C PRO K 84 5.80 -54.64 -27.13
N ARG K 85 5.80 -55.77 -26.42
CA ARG K 85 6.68 -55.92 -25.29
C ARG K 85 8.12 -55.90 -25.74
N ALA K 86 8.30 -56.17 -27.03
CA ALA K 86 9.60 -56.17 -27.66
C ALA K 86 10.23 -54.81 -27.47
N ALA K 87 9.37 -53.80 -27.44
CA ALA K 87 9.76 -52.42 -27.29
C ALA K 87 10.12 -52.09 -25.86
N MET K 88 9.84 -53.01 -24.95
CA MET K 88 10.42 -52.84 -23.64
C MET K 88 11.79 -53.49 -23.60
N PHE K 89 12.35 -53.73 -24.78
CA PHE K 89 13.76 -54.13 -24.87
C PHE K 89 14.55 -53.19 -25.81
N ASN K 90 13.93 -52.11 -26.24
CA ASN K 90 14.49 -51.19 -27.23
C ASN K 90 14.72 -51.94 -28.53
N LEU K 91 13.67 -52.66 -28.96
CA LEU K 91 13.69 -53.46 -30.18
C LEU K 91 12.73 -52.93 -31.21
N ILE K 92 11.93 -51.94 -30.80
CA ILE K 92 10.91 -51.32 -31.64
C ILE K 92 11.36 -49.90 -31.77
N PRO K 93 10.94 -49.20 -32.83
CA PRO K 93 11.27 -47.77 -32.88
C PRO K 93 10.58 -47.01 -31.74
N GLU K 94 10.69 -45.69 -31.75
CA GLU K 94 10.22 -44.86 -30.65
C GLU K 94 9.01 -44.11 -31.15
N ASN K 95 8.92 -44.02 -32.47
CA ASN K 95 7.96 -43.17 -33.13
C ASN K 95 6.92 -44.07 -33.74
N TRP K 96 7.08 -45.37 -33.51
CA TRP K 96 6.07 -46.36 -33.90
C TRP K 96 4.80 -45.95 -33.17
N GLY K 97 4.93 -45.92 -31.84
CA GLY K 97 4.03 -45.22 -30.94
C GLY K 97 2.58 -45.59 -30.83
N GLY K 98 2.16 -45.88 -29.60
CA GLY K 98 0.76 -45.88 -29.26
C GLY K 98 0.38 -44.48 -28.81
N TYR K 99 -0.17 -43.72 -29.74
CA TYR K 99 -0.44 -42.33 -29.46
C TYR K 99 -1.65 -42.25 -28.56
N VAL K 100 -1.56 -41.40 -27.55
CA VAL K 100 -2.61 -41.33 -26.54
C VAL K 100 -3.43 -40.06 -26.73
N THR K 101 -3.22 -39.36 -27.84
CA THR K 101 -3.96 -38.12 -28.07
C THR K 101 -5.44 -38.32 -28.37
N PRO K 102 -5.78 -39.22 -29.32
CA PRO K 102 -7.16 -39.51 -29.74
C PRO K 102 -8.02 -39.94 -28.56
N TRP K 103 -7.36 -40.61 -27.63
CA TRP K 103 -8.04 -41.15 -26.46
C TRP K 103 -8.39 -40.07 -25.46
N VAL K 104 -7.47 -39.17 -25.13
CA VAL K 104 -7.81 -38.15 -24.13
C VAL K 104 -8.78 -37.12 -24.68
N THR K 105 -8.94 -37.07 -25.99
CA THR K 105 -9.96 -36.20 -26.54
C THR K 105 -11.34 -36.84 -26.36
N GLU K 106 -11.43 -38.14 -26.61
CA GLU K 106 -12.68 -38.86 -26.38
C GLU K 106 -13.04 -38.89 -24.89
N ILE K 107 -12.04 -38.97 -24.02
CA ILE K 107 -12.23 -38.90 -22.57
C ILE K 107 -12.63 -37.51 -22.10
N SER K 108 -11.99 -36.50 -22.68
CA SER K 108 -12.34 -35.12 -22.37
C SER K 108 -13.78 -34.87 -22.81
N ASN K 109 -14.18 -35.54 -23.88
CA ASN K 109 -15.48 -35.28 -24.45
C ASN K 109 -16.59 -36.22 -24.05
N ASN K 110 -16.34 -37.52 -24.12
CA ASN K 110 -17.41 -38.51 -24.16
C ASN K 110 -17.35 -39.62 -23.11
N LEU K 111 -16.33 -39.62 -22.28
CA LEU K 111 -16.27 -40.60 -21.19
C LEU K 111 -16.40 -39.87 -19.87
N ARG K 112 -17.44 -39.04 -19.77
CA ARG K 112 -17.53 -38.06 -18.68
C ARG K 112 -17.65 -38.74 -17.34
N GLN K 113 -17.37 -40.04 -17.30
CA GLN K 113 -17.46 -40.80 -16.07
C GLN K 113 -16.16 -41.43 -15.56
N LEU K 114 -15.02 -41.10 -16.19
CA LEU K 114 -13.73 -41.73 -15.90
C LEU K 114 -13.05 -41.19 -14.62
N LYS K 115 -12.54 -42.07 -13.76
CA LYS K 115 -11.85 -41.62 -12.55
C LYS K 115 -10.46 -42.25 -12.48
N SER K 116 -10.22 -43.23 -13.36
CA SER K 116 -8.91 -43.92 -13.50
C SER K 116 -8.55 -44.15 -14.97
N VAL K 117 -7.34 -43.80 -15.36
CA VAL K 117 -6.84 -44.03 -16.72
C VAL K 117 -5.48 -44.70 -16.56
N HIS K 118 -5.22 -45.79 -17.29
CA HIS K 118 -3.94 -46.55 -17.15
C HIS K 118 -3.31 -46.78 -18.54
N PHE K 119 -2.35 -45.94 -18.95
CA PHE K 119 -1.63 -46.14 -20.22
C PHE K 119 -0.38 -46.97 -20.03
N ARG K 120 -0.14 -47.91 -20.94
CA ARG K 120 0.94 -48.86 -20.81
C ARG K 120 1.67 -48.90 -22.14
N ARG K 121 2.99 -48.76 -22.10
CA ARG K 121 3.77 -48.76 -23.31
C ARG K 121 3.18 -47.80 -24.38
N MET K 122 2.77 -46.61 -23.96
CA MET K 122 2.21 -45.63 -24.90
C MET K 122 2.87 -44.24 -24.84
N ILE K 123 2.54 -43.41 -25.83
CA ILE K 123 3.09 -42.07 -25.98
C ILE K 123 2.14 -40.91 -25.59
N VAL K 124 2.62 -40.04 -24.72
CA VAL K 124 1.80 -39.08 -24.00
C VAL K 124 2.32 -37.61 -24.03
N SER K 125 1.77 -36.75 -24.91
CA SER K 125 2.20 -35.32 -24.97
C SER K 125 2.12 -34.70 -23.58
N ASP K 126 2.87 -33.64 -23.35
CA ASP K 126 2.53 -32.77 -22.25
C ASP K 126 1.13 -32.27 -22.55
N LEU K 127 0.83 -32.08 -23.82
CA LEU K 127 -0.42 -31.46 -24.22
C LEU K 127 -1.56 -32.28 -23.77
N ASP K 128 -1.58 -33.56 -24.12
CA ASP K 128 -2.75 -34.34 -23.73
C ASP K 128 -2.77 -34.72 -22.23
N LEU K 129 -1.59 -34.64 -21.61
CA LEU K 129 -1.49 -34.65 -20.17
C LEU K 129 -2.27 -33.46 -19.56
N ASP K 130 -2.01 -32.24 -20.04
CA ASP K 130 -2.77 -31.05 -19.62
C ASP K 130 -4.26 -31.23 -19.93
N ARG K 131 -4.65 -31.26 -21.20
CA ARG K 131 -6.01 -31.67 -21.59
C ARG K 131 -6.73 -32.65 -20.62
N LEU K 132 -6.12 -33.80 -20.33
CA LEU K 132 -6.69 -34.78 -19.41
C LEU K 132 -6.95 -34.10 -18.06
N ALA K 133 -5.93 -33.48 -17.49
CA ALA K 133 -6.07 -32.85 -16.18
C ALA K 133 -7.26 -31.89 -16.12
N LYS K 134 -7.33 -30.96 -17.06
CA LYS K 134 -8.39 -29.97 -17.11
C LYS K 134 -9.73 -30.65 -17.34
N ALA K 135 -9.76 -31.68 -18.19
CA ALA K 135 -11.03 -32.33 -18.53
C ALA K 135 -11.61 -33.22 -17.42
N ARG K 136 -10.76 -33.99 -16.74
CA ARG K 136 -11.21 -34.81 -15.63
C ARG K 136 -11.11 -34.10 -14.26
N ALA K 137 -10.03 -33.36 -14.06
CA ALA K 137 -9.78 -32.71 -12.79
C ALA K 137 -10.07 -33.61 -11.60
N ASP K 138 -10.46 -32.95 -10.51
CA ASP K 138 -10.64 -33.58 -9.22
C ASP K 138 -11.17 -35.00 -9.28
N ASP K 139 -12.18 -35.21 -10.10
CA ASP K 139 -12.68 -36.55 -10.38
C ASP K 139 -11.58 -37.62 -10.38
N LEU K 140 -10.72 -37.56 -11.38
CA LEU K 140 -9.73 -38.60 -11.65
C LEU K 140 -8.85 -38.95 -10.46
N GLU K 141 -9.07 -40.14 -9.90
CA GLU K 141 -8.41 -40.58 -8.68
C GLU K 141 -7.23 -41.51 -8.94
N THR K 142 -7.04 -41.91 -10.20
CA THR K 142 -5.89 -42.75 -10.51
C THR K 142 -5.34 -42.62 -11.93
N LEU K 143 -4.05 -42.32 -11.99
CA LEU K 143 -3.34 -42.17 -13.25
C LEU K 143 -2.11 -43.03 -13.28
N LYS K 144 -2.11 -44.04 -14.14
CA LYS K 144 -0.96 -44.91 -14.32
C LYS K 144 -0.23 -44.63 -15.66
N LEU K 145 0.92 -43.97 -15.64
CA LEU K 145 1.76 -43.86 -16.85
C LEU K 145 2.92 -44.86 -16.75
N ASP K 146 2.85 -45.92 -17.53
CA ASP K 146 3.49 -47.20 -17.23
C ASP K 146 4.37 -47.52 -18.40
N LYS K 147 5.69 -47.37 -18.27
CA LYS K 147 6.56 -47.52 -19.44
C LYS K 147 6.06 -46.66 -20.64
N CYS K 148 5.68 -45.42 -20.36
CA CYS K 148 5.20 -44.50 -21.39
C CYS K 148 6.26 -43.43 -21.59
N SER K 149 6.07 -42.59 -22.62
CA SER K 149 7.08 -41.61 -22.94
C SER K 149 6.51 -40.50 -23.81
N GLY K 150 7.26 -39.42 -23.90
CA GLY K 150 6.90 -38.35 -24.80
C GLY K 150 6.36 -37.16 -24.04
N PHE K 151 6.50 -37.16 -22.71
CA PHE K 151 6.05 -36.02 -21.90
C PHE K 151 7.19 -35.38 -21.10
N THR K 152 6.84 -34.57 -20.10
CA THR K 152 7.83 -33.92 -19.21
C THR K 152 7.12 -33.40 -17.97
N THR K 153 7.90 -33.12 -16.91
CA THR K 153 7.39 -32.60 -15.63
C THR K 153 6.28 -31.54 -15.73
N ASP K 154 6.37 -30.65 -16.72
CA ASP K 154 5.28 -29.70 -17.02
C ASP K 154 3.89 -30.37 -16.89
N GLY K 155 3.64 -31.37 -17.71
CA GLY K 155 2.41 -32.13 -17.64
C GLY K 155 2.13 -32.76 -16.29
N LEU K 156 3.13 -33.35 -15.64
CA LEU K 156 2.93 -33.95 -14.33
C LEU K 156 2.43 -32.89 -13.40
N LEU K 157 3.08 -31.72 -13.45
CA LEU K 157 2.68 -30.55 -12.65
C LEU K 157 1.24 -30.15 -12.93
N SER K 158 0.96 -29.96 -14.22
CA SER K 158 -0.41 -29.82 -14.70
C SER K 158 -1.42 -30.77 -14.02
N ILE K 159 -1.15 -32.08 -13.95
CA ILE K 159 -2.21 -32.93 -13.37
C ILE K 159 -2.29 -32.87 -11.84
N VAL K 160 -1.22 -32.50 -11.14
CA VAL K 160 -1.34 -32.34 -9.69
C VAL K 160 -1.84 -30.97 -9.25
N THR K 161 -1.71 -29.96 -10.09
CA THR K 161 -2.41 -28.74 -9.76
C THR K 161 -3.94 -28.85 -9.96
N HIS K 162 -4.42 -29.57 -10.99
CA HIS K 162 -5.87 -29.74 -11.21
C HIS K 162 -6.49 -31.07 -10.78
N CYS K 163 -5.74 -31.99 -10.19
CA CYS K 163 -6.37 -33.24 -9.73
C CYS K 163 -6.05 -33.41 -8.29
N ARG K 164 -6.75 -32.62 -7.48
CA ARG K 164 -6.34 -32.36 -6.12
C ARG K 164 -6.82 -33.47 -5.21
N LYS K 165 -7.53 -34.40 -5.81
CA LYS K 165 -8.06 -35.51 -5.06
C LYS K 165 -7.54 -36.87 -5.54
N ILE K 166 -6.35 -36.87 -6.15
CA ILE K 166 -5.72 -38.10 -6.64
C ILE K 166 -5.46 -39.14 -5.56
N LYS K 167 -5.50 -40.42 -5.94
CA LYS K 167 -5.28 -41.55 -5.03
C LYS K 167 -4.15 -42.50 -5.46
N THR K 168 -4.02 -42.76 -6.75
CA THR K 168 -2.87 -43.51 -7.23
C THR K 168 -2.19 -42.80 -8.45
N LEU K 169 -0.92 -42.49 -8.31
CA LEU K 169 -0.17 -41.78 -9.35
C LEU K 169 1.04 -42.61 -9.59
N LEU K 170 1.31 -42.95 -10.84
CA LEU K 170 2.42 -43.85 -11.10
C LEU K 170 3.08 -43.62 -12.43
N MET K 171 4.41 -43.49 -12.43
CA MET K 171 5.16 -43.35 -13.66
C MET K 171 6.24 -44.45 -13.80
N GLU K 172 6.06 -45.56 -13.08
CA GLU K 172 7.00 -46.69 -13.02
C GLU K 172 8.21 -46.68 -13.97
N GLU K 173 8.04 -46.78 -15.29
CA GLU K 173 9.24 -46.68 -16.14
C GLU K 173 9.10 -45.73 -17.31
N SER K 174 8.38 -44.64 -17.09
CA SER K 174 8.13 -43.67 -18.16
C SER K 174 9.39 -42.88 -18.44
N SER K 175 9.39 -42.18 -19.57
CA SER K 175 10.61 -41.62 -20.13
C SER K 175 10.42 -40.14 -20.49
N PHE K 176 10.77 -39.24 -19.57
CA PHE K 176 10.33 -37.85 -19.67
C PHE K 176 11.45 -36.83 -19.57
N SER K 177 11.10 -35.57 -19.75
CA SER K 177 12.01 -34.45 -19.55
C SER K 177 11.86 -33.85 -18.14
N GLU K 178 12.91 -33.96 -17.33
CA GLU K 178 12.85 -33.38 -16.00
C GLU K 178 13.29 -31.95 -15.97
N LYS K 179 12.44 -31.03 -16.43
CA LYS K 179 12.67 -29.59 -16.25
C LYS K 179 12.90 -29.12 -14.78
N ASP K 180 12.08 -29.58 -13.83
CA ASP K 180 12.18 -29.14 -12.44
C ASP K 180 11.47 -30.00 -11.40
N GLY K 181 11.27 -29.45 -10.20
CA GLY K 181 10.70 -30.21 -9.10
C GLY K 181 9.26 -29.90 -8.73
N LYS K 182 8.61 -29.01 -9.47
CA LYS K 182 7.38 -28.41 -8.96
C LYS K 182 6.26 -29.39 -8.61
N TRP K 183 6.12 -30.47 -9.35
CA TRP K 183 4.97 -31.37 -9.14
C TRP K 183 5.00 -32.05 -7.75
N LEU K 184 6.19 -32.36 -7.26
CA LEU K 184 6.30 -33.04 -5.97
C LEU K 184 6.08 -32.06 -4.87
N HIS K 185 6.38 -30.80 -5.14
CA HIS K 185 6.14 -29.76 -4.17
C HIS K 185 4.68 -29.40 -4.22
N GLU K 186 4.13 -29.42 -5.42
CA GLU K 186 2.70 -29.22 -5.59
C GLU K 186 1.95 -30.27 -4.83
N LEU K 187 2.38 -31.51 -4.98
CA LEU K 187 1.70 -32.62 -4.32
C LEU K 187 1.67 -32.45 -2.79
N ALA K 188 2.82 -32.25 -2.17
CA ALA K 188 2.85 -32.00 -0.72
C ALA K 188 1.82 -30.97 -0.27
N GLN K 189 2.00 -29.74 -0.74
CA GLN K 189 1.15 -28.63 -0.31
C GLN K 189 -0.38 -28.85 -0.30
N HIS K 190 -0.95 -29.71 -1.16
CA HIS K 190 -2.42 -29.77 -1.32
C HIS K 190 -3.12 -31.11 -1.26
N ASN K 191 -2.40 -32.22 -1.33
CA ASN K 191 -3.04 -33.51 -1.51
C ASN K 191 -3.05 -34.27 -0.18
N THR K 192 -4.19 -34.85 0.18
CA THR K 192 -4.29 -35.65 1.42
C THR K 192 -4.63 -37.09 1.04
N SER K 193 -5.03 -37.24 -0.21
CA SER K 193 -5.75 -38.39 -0.69
C SER K 193 -4.89 -39.59 -1.17
N LEU K 194 -3.66 -39.32 -1.61
CA LEU K 194 -2.72 -40.37 -2.04
C LEU K 194 -2.79 -41.65 -1.25
N GLU K 195 -3.04 -42.74 -1.96
CA GLU K 195 -3.02 -44.09 -1.40
C GLU K 195 -1.74 -44.79 -1.84
N VAL K 196 -1.45 -44.75 -3.15
CA VAL K 196 -0.23 -45.37 -3.68
C VAL K 196 0.56 -44.50 -4.68
N LEU K 197 1.83 -44.26 -4.36
CA LEU K 197 2.71 -43.35 -5.14
C LEU K 197 3.95 -44.07 -5.69
N ASN K 198 4.09 -44.04 -7.01
CA ASN K 198 4.95 -44.99 -7.66
C ASN K 198 5.61 -44.43 -8.90
N PHE K 199 6.79 -43.85 -8.71
CA PHE K 199 7.63 -43.52 -9.85
C PHE K 199 8.95 -44.27 -9.76
N TYR K 200 8.84 -45.61 -9.74
CA TYR K 200 9.88 -46.53 -9.27
C TYR K 200 11.27 -46.29 -9.79
N MET K 201 11.74 -47.06 -10.76
CA MET K 201 13.08 -46.76 -11.26
C MET K 201 13.08 -45.90 -12.54
N THR K 202 12.56 -44.69 -12.37
CA THR K 202 12.89 -43.53 -13.19
C THR K 202 13.71 -42.58 -12.33
N GLU K 203 14.75 -42.01 -12.92
CA GLU K 203 15.66 -41.19 -12.15
C GLU K 203 15.27 -39.72 -12.22
N PHE K 204 15.19 -39.13 -11.04
CA PHE K 204 14.60 -37.81 -10.84
C PHE K 204 15.54 -36.90 -10.04
N ALA K 205 16.74 -36.60 -10.53
CA ALA K 205 17.59 -35.77 -9.71
C ALA K 205 17.05 -34.36 -9.77
N LYS K 206 15.92 -34.12 -9.11
CA LYS K 206 15.42 -32.76 -9.00
C LYS K 206 14.37 -32.48 -7.92
N ILE K 207 13.70 -33.52 -7.44
CA ILE K 207 12.64 -33.32 -6.46
C ILE K 207 13.25 -33.28 -5.07
N SER K 208 12.63 -32.52 -4.15
CA SER K 208 13.22 -32.34 -2.80
C SER K 208 12.63 -33.28 -1.75
N PRO K 209 13.42 -34.31 -1.32
CA PRO K 209 13.15 -35.33 -0.29
C PRO K 209 12.20 -34.88 0.80
N LYS K 210 12.33 -33.66 1.29
CA LYS K 210 11.35 -33.14 2.24
C LYS K 210 9.90 -33.14 1.68
N ASP K 211 9.72 -32.75 0.41
CA ASP K 211 8.40 -32.79 -0.22
C ASP K 211 7.74 -34.18 -0.11
N LEU K 212 8.58 -35.20 -0.01
CA LEU K 212 8.09 -36.54 0.22
C LEU K 212 7.67 -36.71 1.69
N GLU K 213 8.48 -36.20 2.60
CA GLU K 213 8.20 -36.28 4.03
C GLU K 213 6.85 -35.64 4.33
N THR K 214 6.65 -34.42 3.85
CA THR K 214 5.36 -33.80 4.05
C THR K 214 4.22 -34.64 3.44
N ILE K 215 4.48 -35.30 2.31
CA ILE K 215 3.45 -36.10 1.67
C ILE K 215 2.99 -37.25 2.56
N ALA K 216 3.92 -37.80 3.34
CA ALA K 216 3.56 -38.86 4.24
C ALA K 216 2.80 -38.28 5.43
N ARG K 217 3.14 -37.06 5.83
CA ARG K 217 2.52 -36.48 7.01
C ARG K 217 1.19 -35.80 6.70
N ASN K 218 0.85 -35.74 5.42
CA ASN K 218 -0.49 -35.31 4.99
C ASN K 218 -1.42 -36.47 4.64
N CYS K 219 -0.85 -37.51 4.04
CA CYS K 219 -1.62 -38.58 3.40
C CYS K 219 -1.68 -39.83 4.24
N ARG K 220 -2.78 -40.01 4.95
CA ARG K 220 -2.82 -41.05 5.97
C ARG K 220 -3.14 -42.43 5.38
N SER K 221 -3.80 -42.44 4.24
CA SER K 221 -4.17 -43.72 3.65
C SER K 221 -3.08 -44.18 2.70
N LEU K 222 -1.95 -43.47 2.72
CA LEU K 222 -0.76 -43.79 1.92
C LEU K 222 -0.13 -45.12 2.30
N VAL K 223 -0.28 -46.12 1.45
CA VAL K 223 0.23 -47.43 1.81
C VAL K 223 1.45 -47.92 0.99
N SER K 224 1.66 -47.40 -0.22
CA SER K 224 2.81 -47.83 -1.04
C SER K 224 3.63 -46.76 -1.79
N VAL K 225 4.93 -46.68 -1.52
CA VAL K 225 5.78 -45.76 -2.29
C VAL K 225 7.06 -46.37 -2.85
N LYS K 226 7.11 -46.51 -4.16
CA LYS K 226 8.36 -46.86 -4.81
C LYS K 226 8.99 -45.58 -5.39
N VAL K 227 10.27 -45.33 -5.14
CA VAL K 227 10.88 -44.06 -5.57
C VAL K 227 12.34 -44.19 -6.11
N GLY K 228 12.75 -43.21 -6.92
CA GLY K 228 14.07 -43.15 -7.53
C GLY K 228 15.29 -43.33 -6.65
N ASP K 229 16.15 -42.30 -6.57
CA ASP K 229 17.49 -42.47 -5.98
C ASP K 229 17.81 -41.66 -4.71
N PHE K 230 16.91 -41.69 -3.75
CA PHE K 230 17.06 -40.93 -2.53
C PHE K 230 18.02 -41.60 -1.55
N GLU K 231 19.12 -40.91 -1.24
CA GLU K 231 19.99 -41.35 -0.16
C GLU K 231 19.12 -41.51 1.10
N ILE K 232 19.15 -42.72 1.64
CA ILE K 232 18.14 -43.15 2.61
C ILE K 232 17.89 -42.22 3.81
N LEU K 233 18.95 -41.69 4.44
CA LEU K 233 18.76 -40.83 5.62
C LEU K 233 17.91 -39.56 5.36
N GLU K 234 17.84 -39.07 4.13
CA GLU K 234 16.96 -37.94 3.83
C GLU K 234 15.50 -38.33 4.10
N LEU K 235 15.19 -39.60 3.86
CA LEU K 235 13.83 -40.13 4.03
C LEU K 235 13.59 -40.67 5.43
N VAL K 236 14.46 -40.37 6.38
CA VAL K 236 14.23 -40.83 7.74
C VAL K 236 13.02 -40.10 8.30
N GLY K 237 12.95 -38.80 8.01
CA GLY K 237 11.82 -37.98 8.42
C GLY K 237 10.51 -38.47 7.83
N PHE K 238 10.60 -39.08 6.64
CA PHE K 238 9.43 -39.67 5.97
C PHE K 238 9.05 -41.06 6.51
N PHE K 239 10.03 -41.88 6.87
CA PHE K 239 9.70 -43.17 7.45
C PHE K 239 8.98 -42.95 8.74
N LYS K 240 9.14 -41.75 9.28
CA LYS K 240 8.43 -41.35 10.48
C LYS K 240 6.94 -41.02 10.23
N ALA K 241 6.68 -40.15 9.26
CA ALA K 241 5.32 -39.70 8.93
C ALA K 241 4.40 -40.78 8.36
N ALA K 242 4.97 -41.72 7.61
CA ALA K 242 4.20 -42.80 7.02
C ALA K 242 4.12 -43.96 8.00
N ALA K 243 2.92 -44.36 8.36
CA ALA K 243 2.74 -45.45 9.32
C ALA K 243 2.06 -46.65 8.68
N ASN K 244 0.88 -46.40 8.12
CA ASN K 244 0.13 -47.43 7.41
C ASN K 244 0.92 -47.87 6.18
N LEU K 245 2.11 -47.30 6.00
CA LEU K 245 2.99 -47.66 4.89
C LEU K 245 3.31 -49.15 4.90
N GLU K 246 2.92 -49.87 3.85
CA GLU K 246 3.05 -51.31 3.81
C GLU K 246 4.13 -51.72 2.82
N GLU K 247 4.48 -50.82 1.92
CA GLU K 247 5.42 -51.16 0.87
C GLU K 247 6.35 -49.99 0.55
N PHE K 248 7.58 -50.32 0.20
CA PHE K 248 8.51 -49.29 -0.21
C PHE K 248 9.56 -49.94 -1.06
N CYS K 249 10.10 -49.22 -2.04
CA CYS K 249 11.14 -49.77 -2.89
C CYS K 249 11.98 -48.63 -3.39
N GLY K 250 13.23 -48.95 -3.71
CA GLY K 250 14.09 -47.98 -4.35
C GLY K 250 14.83 -47.12 -3.34
N GLY K 251 15.25 -45.96 -3.80
CA GLY K 251 16.12 -45.14 -3.01
C GLY K 251 17.54 -45.43 -3.44
N SER K 252 18.44 -45.55 -2.46
CA SER K 252 19.84 -45.80 -2.73
C SER K 252 20.55 -46.02 -1.41
N LEU K 253 21.27 -47.12 -1.30
CA LEU K 253 22.16 -47.31 -0.17
C LEU K 253 23.60 -46.95 -0.57
N ASN K 254 23.77 -45.68 -0.95
CA ASN K 254 25.09 -45.04 -1.13
C ASN K 254 25.81 -44.88 0.21
N GLU K 255 26.60 -45.88 0.59
CA GLU K 255 27.24 -45.90 1.91
C GLU K 255 28.76 -45.65 1.90
N ASP K 256 29.19 -44.64 2.65
CA ASP K 256 30.61 -44.39 2.90
C ASP K 256 31.12 -45.31 4.02
N ILE K 257 32.39 -45.73 3.92
CA ILE K 257 32.96 -46.75 4.80
C ILE K 257 33.06 -46.39 6.29
N GLY K 258 33.28 -45.11 6.58
CA GLY K 258 33.45 -44.65 7.95
C GLY K 258 32.18 -44.60 8.79
N MET K 259 31.04 -45.00 8.21
CA MET K 259 29.76 -44.93 8.92
C MET K 259 29.04 -46.28 9.12
N PRO K 260 29.65 -47.20 9.90
CA PRO K 260 28.97 -48.42 10.36
C PRO K 260 27.95 -48.17 11.47
N GLU K 261 27.51 -46.92 11.61
CA GLU K 261 26.38 -46.55 12.47
C GLU K 261 25.55 -45.46 11.79
N LYS K 262 25.46 -45.59 10.47
CA LYS K 262 24.64 -44.74 9.64
C LYS K 262 23.27 -45.40 9.62
N TYR K 263 23.28 -46.65 9.15
CA TYR K 263 22.07 -47.40 8.86
C TYR K 263 21.53 -48.26 10.01
N MET K 264 22.37 -48.60 10.99
CA MET K 264 21.89 -49.36 12.16
C MET K 264 21.00 -48.47 13.04
N ASN K 265 20.85 -47.21 12.62
CA ASN K 265 19.93 -46.26 13.24
C ASN K 265 18.85 -45.84 12.24
N LEU K 266 17.84 -46.71 12.08
CA LEU K 266 16.79 -46.52 11.07
C LEU K 266 15.43 -47.07 11.53
N VAL K 267 14.39 -46.28 11.28
CA VAL K 267 13.03 -46.64 11.63
C VAL K 267 12.26 -47.24 10.43
N PHE K 268 11.77 -48.48 10.54
CA PHE K 268 10.98 -49.06 9.45
C PHE K 268 9.50 -49.34 9.75
N PRO K 269 8.60 -48.51 9.20
CA PRO K 269 7.18 -48.48 9.61
C PRO K 269 6.55 -49.85 9.90
N ARG K 270 6.42 -50.26 11.17
CA ARG K 270 5.66 -51.46 11.56
C ARG K 270 5.24 -52.36 10.38
N LYS K 271 4.05 -52.09 9.82
CA LYS K 271 3.43 -52.86 8.74
C LYS K 271 4.23 -53.11 7.43
N LEU K 272 5.48 -52.66 7.39
CA LEU K 272 6.31 -52.66 6.18
C LEU K 272 6.73 -54.06 5.74
N CYS K 273 6.15 -54.56 4.64
CA CYS K 273 6.30 -55.97 4.28
C CYS K 273 6.64 -56.27 2.82
N ARG K 274 6.02 -55.57 1.88
CA ARG K 274 6.40 -55.69 0.47
C ARG K 274 7.50 -54.65 0.33
N LEU K 275 8.67 -55.04 -0.19
CA LEU K 275 9.76 -54.05 -0.30
C LEU K 275 10.86 -54.31 -1.34
N GLY K 276 11.88 -53.45 -1.35
CA GLY K 276 13.00 -53.56 -2.27
C GLY K 276 13.94 -52.36 -2.23
N LEU K 277 14.88 -52.36 -1.27
CA LEU K 277 15.86 -51.27 -1.13
C LEU K 277 16.83 -51.29 -2.29
N SER K 278 17.17 -50.10 -2.80
CA SER K 278 18.00 -50.00 -3.98
C SER K 278 19.40 -50.50 -3.70
N TYR K 279 20.42 -49.67 -3.93
CA TYR K 279 21.79 -50.20 -4.07
C TYR K 279 22.35 -50.93 -2.84
N MET K 280 21.45 -51.49 -2.04
CA MET K 280 21.73 -52.28 -0.83
C MET K 280 22.94 -53.22 -0.89
N GLY K 281 23.95 -52.90 -0.08
CA GLY K 281 25.13 -53.72 0.02
C GLY K 281 24.95 -54.75 1.11
N PRO K 282 26.03 -55.51 1.38
CA PRO K 282 26.05 -56.63 2.34
C PRO K 282 25.77 -56.10 3.74
N ASN K 283 26.43 -54.99 4.05
CA ASN K 283 26.42 -54.37 5.38
C ASN K 283 25.06 -53.86 5.83
N GLU K 284 24.43 -53.02 5.02
CA GLU K 284 23.22 -52.33 5.43
C GLU K 284 22.03 -53.28 5.60
N MET K 285 22.19 -54.53 5.17
CA MET K 285 21.04 -55.45 5.19
C MET K 285 20.51 -55.79 6.60
N PRO K 286 21.39 -56.16 7.53
CA PRO K 286 20.97 -56.45 8.90
C PRO K 286 19.85 -55.56 9.44
N ILE K 287 19.75 -54.34 8.92
CA ILE K 287 18.70 -53.44 9.35
C ILE K 287 17.36 -54.08 9.05
N LEU K 288 17.41 -55.30 8.52
CA LEU K 288 16.23 -55.98 8.03
C LEU K 288 15.81 -57.22 8.85
N PHE K 289 16.73 -57.75 9.65
CA PHE K 289 16.41 -58.96 10.39
C PHE K 289 15.31 -58.73 11.41
N PRO K 290 15.39 -57.63 12.18
CA PRO K 290 14.39 -57.34 13.23
C PRO K 290 12.94 -57.68 12.84
N PHE K 291 12.61 -57.47 11.58
CA PHE K 291 11.25 -57.73 11.13
C PHE K 291 11.22 -58.51 9.80
N ALA K 292 11.98 -59.60 9.71
CA ALA K 292 12.13 -60.27 8.43
C ALA K 292 11.16 -61.44 8.28
N ALA K 293 10.53 -61.83 9.38
CA ALA K 293 9.49 -62.86 9.30
C ALA K 293 8.28 -62.24 8.62
N GLN K 294 8.26 -60.91 8.68
CA GLN K 294 7.16 -60.09 8.22
C GLN K 294 7.20 -59.83 6.71
N ILE K 295 8.42 -59.79 6.16
CA ILE K 295 8.63 -59.61 4.73
C ILE K 295 7.80 -60.60 3.91
N ARG K 296 7.18 -60.11 2.83
CA ARG K 296 6.33 -60.97 2.01
C ARG K 296 6.56 -60.81 0.48
N LYS K 297 7.05 -59.64 0.05
CA LYS K 297 7.61 -59.41 -1.30
C LYS K 297 9.06 -58.91 -1.14
N LEU K 298 9.93 -59.22 -2.08
CA LEU K 298 11.31 -58.75 -2.00
C LEU K 298 11.93 -58.39 -3.38
N ASP K 299 12.36 -57.12 -3.53
CA ASP K 299 12.91 -56.60 -4.78
C ASP K 299 14.44 -56.38 -4.69
N LEU K 300 15.16 -57.49 -4.78
CA LEU K 300 16.61 -57.46 -4.73
C LEU K 300 17.17 -57.34 -6.13
N LEU K 301 16.36 -56.77 -7.02
CA LEU K 301 16.78 -56.66 -8.40
C LEU K 301 18.04 -55.81 -8.43
N TYR K 302 17.92 -54.55 -7.99
CA TYR K 302 19.05 -53.58 -8.09
C TYR K 302 19.85 -53.42 -6.82
N ALA K 303 19.58 -54.29 -5.84
CA ALA K 303 20.39 -54.34 -4.64
C ALA K 303 21.75 -55.01 -4.92
N LEU K 304 22.75 -54.61 -4.16
CA LEU K 304 24.13 -55.00 -4.46
C LEU K 304 24.56 -56.36 -3.92
N LEU K 305 23.89 -56.84 -2.89
CA LEU K 305 24.39 -57.99 -2.16
C LEU K 305 24.86 -59.17 -3.02
N GLU K 306 25.61 -60.03 -2.33
CA GLU K 306 26.46 -61.09 -2.86
C GLU K 306 25.73 -62.43 -2.95
N THR K 307 26.20 -63.29 -3.85
CA THR K 307 25.62 -64.61 -4.00
C THR K 307 25.46 -65.37 -2.68
N GLU K 308 26.35 -65.11 -1.71
CA GLU K 308 26.25 -65.72 -0.38
C GLU K 308 25.39 -64.87 0.57
N ASP K 309 25.48 -63.55 0.42
CA ASP K 309 24.70 -62.63 1.26
C ASP K 309 23.22 -62.79 0.92
N HIS K 310 22.94 -63.45 -0.21
CA HIS K 310 21.57 -63.78 -0.65
C HIS K 310 20.98 -64.89 0.22
N CYS K 311 21.83 -65.84 0.59
CA CYS K 311 21.39 -67.04 1.29
C CYS K 311 21.31 -66.76 2.77
N THR K 312 22.10 -65.77 3.21
CA THR K 312 22.12 -65.37 4.60
C THR K 312 21.01 -64.32 4.89
N LEU K 313 20.41 -63.81 3.83
CA LEU K 313 19.17 -63.02 3.95
C LEU K 313 17.94 -63.97 3.85
N ILE K 314 17.87 -64.72 2.74
CA ILE K 314 16.77 -65.65 2.45
C ILE K 314 16.36 -66.50 3.66
N GLN K 315 17.28 -66.64 4.61
CA GLN K 315 17.06 -67.50 5.77
C GLN K 315 16.05 -66.94 6.79
N LYS K 316 16.03 -65.61 6.98
CA LYS K 316 15.14 -64.97 7.97
C LYS K 316 13.70 -64.69 7.49
N CYS K 317 13.42 -65.00 6.23
CA CYS K 317 12.15 -64.64 5.61
C CYS K 317 11.44 -65.90 5.15
N PRO K 318 10.93 -66.69 6.11
CA PRO K 318 10.19 -67.92 5.82
C PRO K 318 8.96 -67.55 5.03
N ASN K 319 8.17 -66.61 5.58
CA ASN K 319 6.91 -66.21 4.99
C ASN K 319 7.04 -65.52 3.65
N LEU K 320 8.20 -65.68 3.02
CA LEU K 320 8.45 -65.14 1.68
C LEU K 320 7.51 -65.77 0.66
N GLU K 321 6.97 -64.96 -0.25
CA GLU K 321 5.97 -65.45 -1.19
C GLU K 321 6.01 -64.77 -2.55
N VAL K 322 6.81 -63.70 -2.66
CA VAL K 322 7.21 -63.12 -3.95
C VAL K 322 8.66 -62.65 -3.85
N LEU K 323 9.43 -62.84 -4.91
CA LEU K 323 10.85 -62.53 -4.93
C LEU K 323 11.31 -62.18 -6.33
N GLU K 324 11.80 -60.96 -6.50
CA GLU K 324 12.37 -60.57 -7.78
C GLU K 324 13.88 -60.28 -7.61
N THR K 325 14.70 -61.20 -8.13
CA THR K 325 16.18 -61.11 -8.02
C THR K 325 16.96 -61.38 -9.29
N ARG K 326 18.17 -60.84 -9.28
CA ARG K 326 19.16 -60.98 -10.34
C ARG K 326 19.82 -62.34 -10.15
N ASN K 327 20.31 -62.94 -11.24
CA ASN K 327 20.90 -64.29 -11.18
C ASN K 327 22.10 -64.48 -10.22
N VAL K 328 22.65 -63.40 -9.65
CA VAL K 328 23.78 -63.56 -8.74
C VAL K 328 23.31 -64.39 -7.56
N ILE K 329 21.99 -64.48 -7.41
CA ILE K 329 21.40 -65.28 -6.35
C ILE K 329 22.08 -66.65 -6.33
N GLY K 330 22.33 -67.22 -7.51
CA GLY K 330 23.11 -68.43 -7.63
C GLY K 330 22.37 -69.71 -7.26
N ASP K 331 23.11 -70.80 -7.11
CA ASP K 331 22.52 -72.11 -6.85
C ASP K 331 22.31 -72.35 -5.38
N ARG K 332 23.32 -72.00 -4.59
CA ARG K 332 23.09 -71.91 -3.15
C ARG K 332 21.77 -71.15 -3.00
N GLY K 333 21.69 -69.96 -3.62
CA GLY K 333 20.49 -69.15 -3.56
C GLY K 333 19.22 -69.95 -3.78
N LEU K 334 19.22 -70.77 -4.82
CA LEU K 334 18.03 -71.53 -5.19
C LEU K 334 17.62 -72.58 -4.15
N GLU K 335 18.58 -73.02 -3.35
CA GLU K 335 18.33 -74.02 -2.34
C GLU K 335 17.88 -73.37 -1.03
N VAL K 336 18.62 -72.35 -0.58
CA VAL K 336 18.21 -71.63 0.61
C VAL K 336 16.74 -71.34 0.48
N LEU K 337 16.30 -71.15 -0.76
CA LEU K 337 14.94 -70.76 -1.06
C LEU K 337 14.02 -71.95 -0.88
N ALA K 338 14.45 -73.09 -1.41
CA ALA K 338 13.68 -74.33 -1.39
C ALA K 338 13.31 -74.81 0.03
N GLN K 339 14.23 -74.62 0.99
CA GLN K 339 14.01 -75.16 2.33
C GLN K 339 13.24 -74.25 3.30
N TYR K 340 13.56 -72.94 3.30
CA TYR K 340 12.94 -72.00 4.23
C TYR K 340 11.66 -71.37 3.68
N CYS K 341 11.68 -71.07 2.38
CA CYS K 341 10.65 -70.26 1.75
C CYS K 341 9.59 -71.13 1.08
N LYS K 342 8.61 -71.55 1.86
CA LYS K 342 7.78 -72.69 1.47
C LYS K 342 6.52 -72.34 0.70
N GLN K 343 5.88 -71.25 1.10
CA GLN K 343 4.67 -70.80 0.41
C GLN K 343 5.04 -69.70 -0.56
N LEU K 344 6.26 -69.78 -1.06
CA LEU K 344 6.73 -68.87 -2.10
C LEU K 344 5.88 -69.12 -3.33
N LYS K 345 5.25 -68.07 -3.88
CA LYS K 345 4.32 -68.26 -5.01
C LYS K 345 4.59 -67.48 -6.30
N ARG K 346 5.61 -66.63 -6.30
CA ARG K 346 6.05 -65.91 -7.52
C ARG K 346 7.54 -65.61 -7.44
N LEU K 347 8.27 -65.93 -8.51
CA LEU K 347 9.73 -65.81 -8.48
C LEU K 347 10.34 -65.37 -9.81
N ARG K 348 11.07 -64.26 -9.80
CA ARG K 348 11.70 -63.80 -11.03
C ARG K 348 13.22 -63.73 -10.87
N ILE K 349 13.94 -64.13 -11.91
CA ILE K 349 15.40 -64.05 -11.89
C ILE K 349 15.85 -63.47 -13.22
N GLU K 350 16.80 -62.55 -13.19
CA GLU K 350 17.47 -62.14 -14.42
C GLU K 350 18.67 -61.29 -14.14
N ARG K 351 19.73 -61.51 -14.90
CA ARG K 351 20.79 -60.51 -14.96
C ARG K 351 20.38 -59.74 -16.16
N GLY K 352 20.19 -58.42 -15.99
CA GLY K 352 19.69 -57.48 -17.01
C GLY K 352 18.89 -56.23 -16.56
N ALA K 353 19.40 -55.04 -16.95
CA ALA K 353 18.73 -53.72 -16.81
C ALA K 353 19.76 -52.59 -16.68
N ASP K 354 20.90 -52.90 -16.07
CA ASP K 354 21.96 -51.91 -15.80
C ASP K 354 23.44 -52.40 -15.69
N GLU K 355 23.71 -53.70 -15.46
CA GLU K 355 25.11 -54.23 -15.43
C GLU K 355 25.33 -55.76 -15.77
N GLN K 356 26.48 -56.08 -16.43
CA GLN K 356 26.82 -57.44 -16.95
C GLN K 356 27.95 -58.19 -16.21
N GLY K 357 28.39 -57.66 -15.07
CA GLY K 357 29.63 -58.05 -14.40
C GLY K 357 30.03 -59.52 -14.23
N MET K 358 30.59 -59.84 -13.06
CA MET K 358 30.95 -61.22 -12.70
C MET K 358 29.70 -62.09 -12.69
N GLU K 359 28.61 -61.50 -13.17
CA GLU K 359 27.35 -62.18 -13.39
C GLU K 359 27.26 -62.63 -14.85
N ASP K 360 27.73 -63.85 -15.12
CA ASP K 360 27.66 -64.46 -16.46
C ASP K 360 28.14 -65.92 -16.47
N GLU K 361 27.16 -66.84 -16.37
CA GLU K 361 27.44 -68.28 -16.22
C GLU K 361 28.30 -68.62 -14.99
N GLU K 362 27.65 -68.58 -13.82
CA GLU K 362 28.27 -69.01 -12.55
C GLU K 362 27.23 -69.81 -11.76
N GLY K 363 27.15 -69.52 -10.46
CA GLY K 363 26.12 -70.11 -9.62
C GLY K 363 24.84 -70.13 -10.43
N LEU K 364 24.73 -69.20 -11.37
CA LEU K 364 23.55 -69.05 -12.21
C LEU K 364 22.51 -70.15 -12.01
N VAL K 365 22.75 -71.33 -12.56
CA VAL K 365 21.73 -72.37 -12.49
C VAL K 365 22.21 -73.77 -12.80
N SER K 366 22.79 -74.41 -11.77
CA SER K 366 22.99 -75.84 -11.82
C SER K 366 21.60 -76.43 -12.01
N GLN K 367 21.56 -77.66 -12.47
CA GLN K 367 20.29 -78.30 -12.69
C GLN K 367 19.70 -78.57 -11.33
N ARG K 368 20.58 -78.63 -10.33
CA ARG K 368 20.14 -78.72 -8.94
C ARG K 368 19.41 -77.44 -8.53
N GLY K 369 19.91 -76.29 -8.98
CA GLY K 369 19.22 -75.03 -8.79
C GLY K 369 17.74 -75.18 -9.09
N LEU K 370 17.41 -75.67 -10.27
CA LEU K 370 16.02 -75.83 -10.70
C LEU K 370 15.39 -77.10 -10.16
N ILE K 371 16.19 -78.15 -10.01
CA ILE K 371 15.66 -79.43 -9.51
C ILE K 371 15.35 -79.32 -8.01
N ALA K 372 16.11 -78.49 -7.30
CA ALA K 372 15.94 -78.28 -5.87
C ALA K 372 14.72 -77.39 -5.61
N LEU K 373 14.76 -76.24 -6.28
CA LEU K 373 13.71 -75.24 -6.18
C LEU K 373 12.33 -75.80 -6.51
N ALA K 374 12.26 -76.60 -7.56
CA ALA K 374 10.99 -77.13 -8.02
C ALA K 374 10.36 -77.98 -6.91
N GLN K 375 11.18 -78.78 -6.23
CA GLN K 375 10.70 -79.71 -5.22
C GLN K 375 10.57 -79.05 -3.84
N GLY K 376 11.25 -77.90 -3.67
CA GLY K 376 11.10 -77.10 -2.47
C GLY K 376 9.78 -76.30 -2.40
N CYS K 377 9.61 -75.40 -3.36
CA CYS K 377 8.41 -74.56 -3.42
C CYS K 377 7.50 -75.06 -4.52
N GLN K 378 6.45 -75.76 -4.12
CA GLN K 378 5.61 -76.41 -5.11
C GLN K 378 4.35 -75.60 -5.20
N GLU K 379 4.35 -74.51 -4.44
CA GLU K 379 3.26 -73.56 -4.37
C GLU K 379 3.38 -72.53 -5.51
N LEU K 380 4.56 -72.50 -6.17
CA LEU K 380 4.88 -71.52 -7.23
C LEU K 380 3.82 -71.46 -8.32
N GLU K 381 3.47 -70.24 -8.71
CA GLU K 381 2.38 -69.99 -9.65
C GLU K 381 2.96 -69.31 -10.87
N TYR K 382 4.07 -68.63 -10.68
CA TYR K 382 4.72 -67.94 -11.76
C TYR K 382 6.20 -68.02 -11.51
N MET K 383 6.91 -68.51 -12.51
CA MET K 383 8.36 -68.59 -12.46
C MET K 383 8.87 -68.09 -13.80
N ALA K 384 10.02 -67.44 -13.78
CA ALA K 384 10.58 -66.85 -14.99
C ALA K 384 12.07 -66.61 -14.76
N VAL K 385 12.92 -67.37 -15.44
CA VAL K 385 14.32 -67.34 -15.07
C VAL K 385 15.32 -67.25 -16.20
N TYR K 386 16.31 -66.36 -16.05
CA TYR K 386 17.49 -66.34 -16.91
C TYR K 386 18.54 -67.37 -16.41
N VAL K 387 18.62 -68.47 -17.14
CA VAL K 387 19.41 -69.66 -16.79
C VAL K 387 20.66 -69.91 -17.69
N SER K 388 21.83 -70.01 -17.07
CA SER K 388 23.09 -70.27 -17.77
C SER K 388 23.00 -71.46 -18.72
N ASP K 389 22.93 -72.67 -18.17
CA ASP K 389 22.64 -73.87 -18.95
C ASP K 389 21.62 -74.77 -18.21
N ILE K 390 20.67 -75.35 -18.95
CA ILE K 390 19.74 -76.34 -18.38
C ILE K 390 20.04 -77.73 -18.87
N THR K 391 19.09 -78.62 -18.57
CA THR K 391 19.15 -80.02 -18.96
C THR K 391 17.74 -80.61 -18.97
N ASN K 392 17.48 -81.51 -19.92
CA ASN K 392 16.26 -82.31 -19.93
C ASN K 392 15.87 -82.68 -18.50
N GLU K 393 16.89 -82.74 -17.63
CA GLU K 393 16.82 -83.01 -16.19
C GLU K 393 15.95 -82.04 -15.35
N SER K 394 16.35 -80.76 -15.37
CA SER K 394 15.64 -79.70 -14.65
C SER K 394 14.23 -79.72 -15.20
N LEU K 395 14.13 -79.49 -16.49
CA LEU K 395 12.88 -79.52 -17.20
C LEU K 395 11.90 -80.59 -16.68
N GLU K 396 12.25 -81.87 -16.76
CA GLU K 396 11.31 -82.92 -16.33
C GLU K 396 10.95 -82.65 -14.87
N SER K 397 11.97 -82.43 -14.05
CA SER K 397 11.84 -82.20 -12.60
C SER K 397 10.77 -81.16 -12.21
N ILE K 398 10.66 -80.11 -13.04
CA ILE K 398 9.72 -79.00 -12.86
C ILE K 398 8.31 -79.47 -13.11
N GLY K 399 8.09 -80.09 -14.27
CA GLY K 399 6.79 -80.64 -14.62
C GLY K 399 6.29 -81.64 -13.59
N THR K 400 7.21 -82.38 -12.98
CA THR K 400 6.81 -83.43 -12.04
C THR K 400 6.40 -82.90 -10.65
N TYR K 401 6.47 -81.59 -10.44
CA TYR K 401 6.23 -81.08 -9.09
C TYR K 401 5.22 -79.94 -8.94
N LEU K 402 5.62 -78.73 -9.32
CA LEU K 402 4.81 -77.52 -9.12
C LEU K 402 3.63 -77.51 -10.10
N LYS K 403 2.74 -78.46 -9.89
CA LYS K 403 1.62 -78.73 -10.78
C LYS K 403 0.79 -77.48 -11.07
N ASN K 404 0.93 -76.47 -10.21
CA ASN K 404 0.14 -75.25 -10.38
C ASN K 404 0.92 -74.00 -10.81
N LEU K 405 1.84 -74.16 -11.76
CA LEU K 405 2.45 -73.01 -12.40
C LEU K 405 1.46 -72.46 -13.39
N CYS K 406 1.55 -71.17 -13.70
CA CYS K 406 0.64 -70.52 -14.66
C CYS K 406 1.41 -69.67 -15.66
N ASP K 407 2.63 -69.30 -15.30
CA ASP K 407 3.42 -68.38 -16.11
C ASP K 407 4.86 -68.83 -16.00
N PHE K 408 5.35 -69.42 -17.07
CA PHE K 408 6.65 -70.02 -17.02
C PHE K 408 7.51 -69.46 -18.17
N ARG K 409 8.71 -69.00 -17.81
CA ARG K 409 9.62 -68.40 -18.78
C ARG K 409 11.06 -68.84 -18.58
N LEU K 410 11.75 -69.14 -19.68
CA LEU K 410 13.14 -69.58 -19.61
C LEU K 410 13.96 -68.92 -20.73
N VAL K 411 15.02 -68.19 -20.38
CA VAL K 411 16.00 -67.73 -21.38
C VAL K 411 17.31 -68.52 -21.21
N LEU K 412 18.21 -68.45 -22.19
CA LEU K 412 19.45 -69.24 -22.17
C LEU K 412 20.68 -68.36 -22.25
N LEU K 413 21.08 -67.80 -21.12
CA LEU K 413 22.06 -66.69 -21.10
C LEU K 413 23.42 -67.04 -21.70
N ASP K 414 23.54 -68.24 -22.25
CA ASP K 414 24.76 -68.61 -22.97
C ASP K 414 24.50 -68.61 -24.47
N ARG K 415 25.20 -67.74 -25.20
CA ARG K 415 25.04 -67.66 -26.64
C ARG K 415 25.73 -68.81 -27.33
N GLU K 416 26.94 -69.12 -26.86
CA GLU K 416 27.82 -70.08 -27.54
C GLU K 416 27.13 -71.37 -27.98
N GLU K 417 27.18 -71.61 -29.29
CA GLU K 417 26.44 -72.69 -29.95
C GLU K 417 26.87 -74.08 -29.50
N ARG K 418 25.90 -74.85 -28.99
CA ARG K 418 26.15 -76.22 -28.55
C ARG K 418 25.78 -77.22 -29.65
N ILE K 419 26.81 -77.83 -30.25
CA ILE K 419 26.63 -78.97 -31.19
C ILE K 419 26.80 -80.34 -30.48
N THR K 420 27.39 -80.34 -29.28
CA THR K 420 27.38 -81.51 -28.37
C THR K 420 26.73 -81.25 -26.99
N ASP K 421 25.62 -80.50 -26.98
CA ASP K 421 24.73 -80.40 -25.79
C ASP K 421 23.30 -80.70 -26.27
N LEU K 422 22.61 -81.53 -25.50
CA LEU K 422 21.34 -82.13 -25.93
C LEU K 422 20.26 -81.18 -26.49
N PRO K 423 19.36 -81.72 -27.33
CA PRO K 423 18.06 -81.09 -27.53
C PRO K 423 17.25 -81.17 -26.23
N LEU K 424 16.41 -80.16 -26.00
CA LEU K 424 15.60 -80.10 -24.78
C LEU K 424 14.27 -80.85 -24.95
N ASP K 425 13.60 -80.68 -26.09
CA ASP K 425 12.66 -81.71 -26.57
C ASP K 425 11.89 -82.50 -25.48
N ASN K 426 12.59 -83.45 -24.88
CA ASN K 426 12.01 -84.44 -23.98
C ASN K 426 11.73 -83.95 -22.54
N GLY K 427 12.43 -82.89 -22.12
CA GLY K 427 12.18 -82.21 -20.85
C GLY K 427 11.13 -81.09 -20.90
N VAL K 428 10.85 -80.53 -22.09
CA VAL K 428 9.75 -79.57 -22.19
C VAL K 428 8.47 -80.32 -22.47
N ARG K 429 8.57 -81.37 -23.26
CA ARG K 429 7.41 -82.21 -23.40
C ARG K 429 7.00 -82.74 -22.01
N SER K 430 7.97 -83.16 -21.20
CA SER K 430 7.69 -83.68 -19.86
C SER K 430 7.22 -82.59 -18.91
N LEU K 431 7.70 -81.37 -19.13
CA LEU K 431 7.30 -80.21 -18.32
C LEU K 431 5.87 -79.76 -18.63
N LEU K 432 5.60 -79.43 -19.90
CA LEU K 432 4.29 -78.90 -20.33
C LEU K 432 3.17 -79.91 -20.05
N ILE K 433 3.57 -81.10 -19.66
CA ILE K 433 2.63 -82.18 -19.41
C ILE K 433 2.26 -82.28 -17.93
N GLY K 434 3.23 -82.05 -17.04
CA GLY K 434 2.97 -82.02 -15.60
C GLY K 434 2.39 -80.67 -15.18
N CYS K 435 2.87 -79.61 -15.84
CA CYS K 435 2.39 -78.26 -15.59
C CYS K 435 1.15 -77.93 -16.45
N LYS K 436 -0.01 -78.29 -15.93
CA LYS K 436 -1.22 -78.30 -16.75
C LYS K 436 -1.96 -76.96 -16.76
N LYS K 437 -1.90 -76.21 -15.65
CA LYS K 437 -2.70 -75.00 -15.51
C LYS K 437 -2.18 -73.81 -16.36
N LEU K 438 -0.89 -73.88 -16.70
CA LEU K 438 -0.14 -72.87 -17.45
C LEU K 438 -0.90 -72.09 -18.55
N ARG K 439 -0.95 -70.76 -18.41
CA ARG K 439 -1.56 -69.88 -19.41
C ARG K 439 -0.51 -69.11 -20.22
N ARG K 440 0.70 -69.01 -19.69
CA ARG K 440 1.71 -68.24 -20.38
C ARG K 440 3.02 -68.95 -20.33
N PHE K 441 3.62 -69.05 -21.48
CA PHE K 441 4.82 -69.80 -21.62
C PHE K 441 5.70 -68.95 -22.53
N ALA K 442 6.93 -68.73 -22.09
CA ALA K 442 7.96 -68.17 -22.96
C ALA K 442 9.18 -69.07 -22.81
N PHE K 443 9.75 -69.43 -23.96
CA PHE K 443 10.84 -70.38 -24.03
C PHE K 443 11.95 -69.80 -24.91
N TYR K 444 12.93 -69.11 -24.36
CA TYR K 444 13.96 -68.54 -25.21
C TYR K 444 15.27 -69.37 -25.25
N LEU K 445 15.66 -69.85 -26.43
CA LEU K 445 16.87 -70.71 -26.55
C LEU K 445 17.97 -70.19 -27.45
N ARG K 446 18.81 -71.12 -27.93
CA ARG K 446 19.73 -70.87 -29.05
C ARG K 446 19.31 -71.76 -30.23
N GLN K 447 20.10 -71.81 -31.31
CA GLN K 447 19.65 -72.55 -32.50
C GLN K 447 19.97 -74.07 -32.48
N GLY K 448 20.11 -74.63 -31.29
CA GLY K 448 20.11 -76.07 -31.11
C GLY K 448 18.85 -76.47 -30.37
N GLY K 449 19.01 -76.77 -29.08
CA GLY K 449 17.94 -76.78 -28.10
C GLY K 449 16.68 -77.54 -28.45
N LEU K 450 15.77 -76.91 -29.19
CA LEU K 450 14.62 -77.62 -29.68
C LEU K 450 14.77 -77.93 -31.14
N THR K 451 14.16 -79.05 -31.51
CA THR K 451 14.11 -79.56 -32.87
C THR K 451 12.68 -79.32 -33.42
N ASP K 452 12.36 -79.91 -34.58
CA ASP K 452 11.02 -79.78 -35.13
C ASP K 452 10.13 -80.86 -34.55
N LEU K 453 10.73 -81.68 -33.67
CA LEU K 453 10.01 -82.68 -32.89
C LEU K 453 9.62 -82.04 -31.57
N GLY K 454 10.47 -81.15 -31.09
CA GLY K 454 10.15 -80.36 -29.91
C GLY K 454 8.96 -79.44 -30.09
N LEU K 455 9.07 -78.48 -31.01
CA LEU K 455 7.95 -77.59 -31.38
C LEU K 455 6.68 -78.40 -31.70
N SER K 456 6.89 -79.67 -32.05
CA SER K 456 5.81 -80.56 -32.45
C SER K 456 5.07 -80.97 -31.19
N TYR K 457 5.90 -81.23 -30.17
CA TYR K 457 5.49 -81.59 -28.81
C TYR K 457 4.81 -80.39 -28.18
N ILE K 458 5.45 -79.22 -28.26
CA ILE K 458 4.97 -77.94 -27.69
C ILE K 458 3.55 -77.55 -28.15
N GLY K 459 3.35 -77.43 -29.46
CA GLY K 459 2.08 -76.98 -30.01
C GLY K 459 1.02 -78.06 -29.96
N GLN K 460 1.14 -78.96 -28.98
CA GLN K 460 0.33 -80.17 -28.88
C GLN K 460 -0.10 -80.39 -27.43
N TYR K 461 0.70 -79.87 -26.50
CA TYR K 461 0.50 -80.05 -25.05
C TYR K 461 0.40 -78.73 -24.28
N SER K 462 -0.14 -77.69 -24.92
CA SER K 462 -0.27 -76.39 -24.25
C SER K 462 -1.71 -75.91 -24.44
N PRO K 463 -2.66 -76.69 -23.91
CA PRO K 463 -4.09 -76.52 -24.17
C PRO K 463 -4.65 -75.23 -23.58
N ASN K 464 -4.13 -74.81 -22.42
CA ASN K 464 -4.55 -73.59 -21.73
C ASN K 464 -3.77 -72.34 -22.11
N VAL K 465 -2.67 -72.53 -22.84
CA VAL K 465 -1.71 -71.47 -23.10
C VAL K 465 -2.17 -70.38 -24.10
N ARG K 466 -2.33 -69.14 -23.61
CA ARG K 466 -2.85 -68.05 -24.43
C ARG K 466 -1.73 -67.11 -24.93
N TRP K 467 -0.53 -67.28 -24.36
CA TRP K 467 0.62 -66.51 -24.81
C TRP K 467 1.89 -67.37 -24.80
N MET K 468 2.69 -67.22 -25.86
CA MET K 468 3.99 -67.89 -25.96
C MET K 468 5.04 -66.98 -26.56
N LEU K 469 6.24 -67.03 -25.98
CA LEU K 469 7.41 -66.35 -26.54
C LEU K 469 8.45 -67.39 -26.90
N LEU K 470 8.49 -67.78 -28.18
CA LEU K 470 9.40 -68.82 -28.63
C LEU K 470 10.73 -68.22 -29.06
N GLY K 471 11.78 -68.60 -28.33
CA GLY K 471 13.15 -68.20 -28.61
C GLY K 471 13.59 -68.94 -29.84
N TYR K 472 14.89 -69.01 -30.09
CA TYR K 472 15.31 -69.74 -31.26
C TYR K 472 14.87 -71.21 -31.05
N VAL K 473 13.87 -71.65 -31.79
CA VAL K 473 13.42 -73.03 -31.69
C VAL K 473 13.00 -73.54 -33.06
N GLY K 474 13.36 -74.80 -33.31
CA GLY K 474 13.00 -75.51 -34.51
C GLY K 474 14.18 -75.74 -35.43
N GLU K 475 13.89 -76.23 -36.64
CA GLU K 475 14.88 -76.53 -37.68
C GLU K 475 14.38 -76.20 -39.09
N SER K 476 13.24 -76.75 -39.48
CA SER K 476 12.64 -76.41 -40.77
C SER K 476 11.19 -75.93 -40.62
N ASP K 477 10.60 -75.44 -41.70
CA ASP K 477 9.21 -75.01 -41.67
C ASP K 477 8.28 -76.18 -41.38
N GLU K 478 8.85 -77.34 -41.03
CA GLU K 478 8.08 -78.51 -40.62
C GLU K 478 7.65 -78.37 -39.16
N GLY K 479 8.50 -77.76 -38.36
CA GLY K 479 8.25 -77.56 -36.94
C GLY K 479 7.28 -76.42 -36.61
N LEU K 480 7.22 -75.43 -37.51
CA LEU K 480 6.19 -74.41 -37.35
C LEU K 480 4.89 -75.04 -37.80
N MET K 481 4.97 -76.14 -38.55
CA MET K 481 3.77 -76.89 -38.97
C MET K 481 3.26 -77.90 -37.92
N GLU K 482 4.14 -78.79 -37.44
CA GLU K 482 3.79 -79.76 -36.39
C GLU K 482 3.21 -79.07 -35.14
N PHE K 483 3.45 -77.77 -35.09
CA PHE K 483 3.03 -76.90 -34.02
C PHE K 483 1.68 -76.24 -34.37
N SER K 484 1.60 -75.63 -35.56
CA SER K 484 0.42 -74.85 -35.95
C SER K 484 -0.86 -75.65 -35.81
N ARG K 485 -0.70 -76.97 -35.75
CA ARG K 485 -1.84 -77.86 -35.62
C ARG K 485 -2.55 -77.60 -34.29
N GLY K 486 -1.78 -77.67 -33.20
CA GLY K 486 -2.34 -77.66 -31.85
C GLY K 486 -2.78 -76.31 -31.31
N CYS K 487 -2.03 -75.82 -30.33
CA CYS K 487 -2.28 -74.51 -29.71
C CYS K 487 -3.73 -74.11 -29.86
N PRO K 488 -4.60 -74.69 -29.05
CA PRO K 488 -6.01 -74.39 -29.21
C PRO K 488 -6.36 -72.98 -28.71
N ASN K 489 -5.64 -72.49 -27.70
CA ASN K 489 -6.05 -71.26 -27.00
C ASN K 489 -5.10 -70.08 -27.19
N LEU K 490 -3.98 -70.34 -27.85
CA LEU K 490 -2.97 -69.34 -28.21
C LEU K 490 -3.58 -68.08 -28.81
N GLN K 491 -3.38 -66.97 -28.09
CA GLN K 491 -3.81 -65.65 -28.54
C GLN K 491 -2.64 -64.76 -28.97
N LYS K 492 -1.74 -64.44 -28.03
CA LYS K 492 -0.51 -63.71 -28.38
C LYS K 492 0.61 -64.71 -28.67
N LEU K 493 1.19 -64.57 -29.85
CA LEU K 493 2.38 -65.32 -30.21
C LEU K 493 3.55 -64.34 -30.51
N GLU K 494 4.68 -64.56 -29.83
CA GLU K 494 5.84 -63.72 -30.05
C GLU K 494 7.08 -64.58 -30.26
N MET K 495 7.66 -64.47 -31.46
CA MET K 495 8.62 -65.43 -32.03
C MET K 495 9.90 -64.76 -32.55
N ARG K 496 10.97 -64.84 -31.76
CA ARG K 496 12.16 -64.09 -32.09
C ARG K 496 13.31 -65.01 -32.38
N GLY K 497 13.73 -65.07 -33.64
CA GLY K 497 14.94 -65.81 -34.01
C GLY K 497 14.63 -67.10 -34.73
N CYS K 498 13.84 -66.98 -35.79
CA CYS K 498 13.20 -68.16 -36.28
C CYS K 498 13.18 -68.31 -37.79
N CYS K 499 14.06 -69.23 -38.20
CA CYS K 499 14.41 -69.63 -39.55
C CYS K 499 13.31 -70.29 -40.40
N PHE K 500 12.05 -70.15 -40.00
CA PHE K 500 10.92 -70.63 -40.81
C PHE K 500 10.71 -69.58 -41.89
N SER K 501 9.77 -69.78 -42.79
CA SER K 501 9.73 -68.85 -43.93
C SER K 501 8.38 -68.22 -44.24
N GLU K 502 8.42 -67.04 -44.86
CA GLU K 502 7.20 -66.32 -45.21
C GLU K 502 6.02 -67.22 -45.57
N ARG K 503 6.18 -68.09 -46.57
CA ARG K 503 5.05 -68.94 -46.96
C ARG K 503 4.53 -69.75 -45.76
N ALA K 504 5.46 -70.30 -44.98
CA ALA K 504 5.13 -71.25 -43.92
C ALA K 504 4.69 -70.61 -42.60
N ILE K 505 4.97 -69.31 -42.42
CA ILE K 505 4.40 -68.48 -41.33
C ILE K 505 2.95 -68.12 -41.65
N ALA K 506 2.76 -67.38 -42.75
CA ALA K 506 1.44 -67.09 -43.28
C ALA K 506 0.60 -68.37 -43.32
N ALA K 507 1.31 -69.50 -43.32
CA ALA K 507 0.70 -70.84 -43.36
C ALA K 507 0.24 -71.25 -41.97
N ALA K 508 1.18 -71.18 -41.02
CA ALA K 508 0.84 -71.41 -39.64
C ALA K 508 -0.26 -70.45 -39.10
N VAL K 509 -0.21 -69.17 -39.50
CA VAL K 509 -1.17 -68.19 -38.95
C VAL K 509 -2.56 -68.73 -39.18
N THR K 510 -2.87 -68.90 -40.46
CA THR K 510 -4.06 -69.60 -40.95
C THR K 510 -4.55 -70.69 -39.98
N LYS K 511 -3.74 -71.76 -39.89
CA LYS K 511 -3.98 -72.94 -39.05
C LYS K 511 -4.37 -72.62 -37.58
N LEU K 512 -3.75 -71.61 -36.98
CA LEU K 512 -3.99 -71.29 -35.57
C LEU K 512 -5.35 -70.61 -35.35
N PRO K 513 -6.15 -71.12 -34.39
CA PRO K 513 -7.59 -70.86 -34.20
C PRO K 513 -7.89 -69.60 -33.41
N SER K 514 -7.01 -69.30 -32.46
CA SER K 514 -7.29 -68.26 -31.46
C SER K 514 -6.41 -67.02 -31.62
N LEU K 515 -5.66 -66.95 -32.72
CA LEU K 515 -4.58 -65.99 -32.86
C LEU K 515 -5.01 -64.56 -33.20
N ARG K 516 -5.03 -63.67 -32.22
CA ARG K 516 -5.43 -62.29 -32.50
C ARG K 516 -4.21 -61.35 -32.61
N TYR K 517 -3.02 -61.85 -32.27
CA TYR K 517 -1.78 -61.05 -32.31
C TYR K 517 -0.53 -61.93 -32.54
N LEU K 518 0.33 -61.43 -33.43
CA LEU K 518 1.55 -62.10 -33.84
C LEU K 518 2.63 -61.06 -34.00
N TRP K 519 3.76 -61.32 -33.34
CA TRP K 519 4.97 -60.51 -33.50
C TRP K 519 6.03 -61.50 -33.88
N VAL K 520 6.73 -61.25 -34.98
CA VAL K 520 7.87 -62.07 -35.39
C VAL K 520 9.10 -61.20 -35.73
N GLN K 521 10.23 -61.47 -35.07
CA GLN K 521 11.50 -60.85 -35.46
C GLN K 521 12.41 -61.93 -36.04
N GLY K 522 12.99 -61.68 -37.23
CA GLY K 522 13.98 -62.56 -37.85
C GLY K 522 13.47 -63.82 -38.54
N TYR K 523 13.36 -63.76 -39.85
CA TYR K 523 12.73 -64.84 -40.57
C TYR K 523 13.27 -64.85 -41.99
N ARG K 524 13.35 -66.02 -42.61
CA ARG K 524 13.78 -66.12 -43.99
C ARG K 524 12.83 -65.26 -44.83
N ALA K 525 13.28 -64.06 -45.20
CA ALA K 525 12.45 -63.03 -45.84
C ALA K 525 11.84 -63.39 -47.21
N SER K 526 11.85 -62.41 -48.13
CA SER K 526 11.35 -62.54 -49.51
C SER K 526 11.12 -61.17 -50.16
N MET K 527 12.19 -60.43 -50.48
CA MET K 527 12.06 -59.00 -50.85
C MET K 527 10.70 -58.67 -51.51
N THR K 528 10.02 -57.67 -50.95
CA THR K 528 8.58 -57.46 -51.14
C THR K 528 7.89 -58.79 -51.46
N GLY K 529 7.65 -59.53 -50.38
CA GLY K 529 7.18 -60.89 -50.47
C GLY K 529 5.69 -60.97 -50.27
N GLN K 530 5.04 -61.55 -51.27
CA GLN K 530 3.64 -61.90 -51.23
C GLN K 530 3.53 -63.33 -50.74
N ASP K 531 4.60 -63.82 -50.14
CA ASP K 531 4.58 -65.12 -49.48
C ASP K 531 3.88 -64.93 -48.14
N LEU K 532 3.84 -63.69 -47.68
CA LEU K 532 3.00 -63.35 -46.54
C LEU K 532 1.54 -63.35 -46.97
N MET K 533 1.23 -62.65 -48.06
CA MET K 533 -0.19 -62.45 -48.42
C MET K 533 -1.12 -63.68 -48.40
N GLN K 534 -0.56 -64.89 -48.28
CA GLN K 534 -1.39 -66.10 -48.12
C GLN K 534 -1.84 -66.25 -46.67
N MET K 535 -2.18 -65.10 -46.08
CA MET K 535 -2.47 -64.92 -44.67
C MET K 535 -3.39 -63.73 -44.59
N ALA K 536 -3.67 -63.12 -45.73
CA ALA K 536 -4.51 -61.94 -45.76
C ALA K 536 -5.97 -62.32 -45.57
N ARG K 537 -6.40 -62.17 -44.31
CA ARG K 537 -7.80 -62.29 -43.84
C ARG K 537 -8.44 -60.92 -43.96
N PRO K 538 -9.77 -60.83 -43.73
CA PRO K 538 -10.51 -59.55 -43.70
C PRO K 538 -10.17 -58.54 -42.57
N TYR K 539 -10.53 -58.83 -41.31
CA TYR K 539 -10.37 -57.78 -40.30
C TYR K 539 -8.96 -57.71 -39.68
N TRP K 540 -8.00 -58.21 -40.45
CA TRP K 540 -6.69 -58.59 -39.91
C TRP K 540 -5.55 -57.83 -40.56
N ASN K 541 -4.96 -56.92 -39.79
CA ASN K 541 -3.97 -55.95 -40.28
C ASN K 541 -2.50 -56.43 -40.15
N ILE K 542 -1.69 -56.25 -41.19
CA ILE K 542 -0.26 -56.54 -41.06
C ILE K 542 0.65 -55.29 -41.25
N GLU K 543 1.78 -55.31 -40.54
CA GLU K 543 2.82 -54.28 -40.68
C GLU K 543 4.21 -54.91 -40.65
N LEU K 544 5.18 -54.18 -41.18
CA LEU K 544 6.56 -54.63 -41.20
C LEU K 544 7.49 -53.52 -40.76
N ILE K 545 8.40 -53.89 -39.87
CA ILE K 545 9.43 -52.96 -39.46
C ILE K 545 10.78 -53.36 -40.10
N PRO K 546 11.02 -52.86 -41.33
CA PRO K 546 12.14 -53.22 -42.21
C PRO K 546 13.53 -53.22 -41.56
N SER K 547 14.49 -53.85 -42.26
CA SER K 547 15.83 -54.12 -41.76
C SER K 547 16.81 -52.95 -41.75
N ARG K 548 17.05 -52.41 -40.57
CA ARG K 548 18.28 -51.71 -40.24
C ARG K 548 18.99 -52.68 -39.28
N PRO K 565 17.31 -56.90 -38.09
CA PRO K 565 16.36 -57.93 -38.61
C PRO K 565 14.94 -57.44 -38.87
N ALA K 566 14.31 -57.86 -39.97
CA ALA K 566 12.96 -57.39 -40.29
C ALA K 566 11.94 -57.89 -39.26
N HIS K 567 10.87 -57.12 -39.09
CA HIS K 567 9.88 -57.38 -38.05
C HIS K 567 8.54 -57.64 -38.68
N ILE K 568 7.75 -58.50 -38.04
CA ILE K 568 6.34 -58.65 -38.40
C ILE K 568 5.37 -58.29 -37.25
N LEU K 569 4.30 -57.57 -37.57
CA LEU K 569 3.27 -57.34 -36.56
C LEU K 569 1.89 -57.53 -37.19
N ALA K 570 1.08 -58.40 -36.58
CA ALA K 570 -0.19 -58.77 -37.18
C ALA K 570 -1.29 -58.70 -36.16
N TYR K 571 -2.37 -58.01 -36.47
CA TYR K 571 -3.41 -57.90 -35.45
C TYR K 571 -4.81 -57.80 -36.06
N TYR K 572 -5.80 -58.15 -35.24
CA TYR K 572 -7.18 -58.09 -35.66
C TYR K 572 -7.72 -56.73 -35.25
N SER K 573 -8.31 -55.98 -36.20
CA SER K 573 -8.64 -54.58 -35.94
C SER K 573 -9.82 -54.01 -36.72
N LEU K 574 -10.89 -53.65 -36.01
CA LEU K 574 -12.07 -52.97 -36.58
C LEU K 574 -11.82 -51.47 -36.77
N ALA K 575 -10.73 -51.14 -37.44
CA ALA K 575 -10.20 -49.77 -37.42
C ALA K 575 -9.81 -49.38 -38.80
N GLY K 576 -9.32 -50.36 -39.54
CA GLY K 576 -8.51 -50.13 -40.72
C GLY K 576 -7.05 -50.09 -40.30
N GLN K 577 -6.16 -50.09 -41.29
CA GLN K 577 -4.74 -49.82 -41.11
C GLN K 577 -4.57 -48.56 -40.20
N ARG K 578 -3.38 -48.32 -39.67
CA ARG K 578 -3.09 -47.08 -38.93
C ARG K 578 -3.05 -45.82 -39.84
N THR K 579 -2.64 -44.70 -39.27
CA THR K 579 -2.43 -43.49 -40.06
C THR K 579 -1.25 -42.75 -39.43
N ASP K 580 -0.83 -43.23 -38.27
CA ASP K 580 0.33 -42.68 -37.61
C ASP K 580 1.61 -43.50 -37.83
N CYS K 581 1.53 -44.47 -38.74
CA CYS K 581 2.71 -45.18 -39.20
C CYS K 581 3.84 -44.21 -39.45
N PRO K 582 5.02 -44.56 -38.95
CA PRO K 582 6.24 -43.84 -39.24
C PRO K 582 6.63 -43.90 -40.70
N THR K 583 7.93 -43.82 -40.90
CA THR K 583 8.52 -43.96 -42.20
C THR K 583 9.31 -45.25 -42.09
N THR K 584 9.57 -45.64 -40.83
CA THR K 584 10.23 -46.88 -40.48
C THR K 584 9.34 -48.09 -40.68
N VAL K 585 8.04 -47.86 -40.83
CA VAL K 585 7.08 -48.96 -40.75
C VAL K 585 6.09 -49.01 -41.90
N ARG K 586 6.07 -50.15 -42.58
CA ARG K 586 5.25 -50.33 -43.78
C ARG K 586 4.01 -51.06 -43.40
N VAL K 587 2.89 -50.63 -44.00
CA VAL K 587 1.62 -51.32 -43.82
C VAL K 587 1.20 -51.97 -45.12
N LEU K 588 1.33 -53.30 -45.18
CA LEU K 588 1.06 -54.08 -46.40
C LEU K 588 -0.39 -54.04 -46.96
N LYS K 589 -0.52 -53.87 -48.28
CA LYS K 589 -1.81 -53.98 -48.97
C LYS K 589 -1.79 -54.94 -50.20
N LYS L 5 -6.25 30.06 -52.08
CA LYS L 5 -5.48 30.82 -51.10
C LYS L 5 -6.13 30.81 -49.71
N ILE L 6 -5.35 30.47 -48.66
CA ILE L 6 -5.86 30.32 -47.28
C ILE L 6 -5.11 31.14 -46.24
N VAL L 7 -5.77 31.41 -45.12
CA VAL L 7 -5.21 32.26 -44.08
C VAL L 7 -4.95 31.50 -42.79
N LEU L 8 -3.69 31.41 -42.37
CA LEU L 8 -3.33 30.77 -41.10
C LEU L 8 -2.96 31.82 -40.05
N LYS L 9 -3.69 31.84 -38.94
CA LYS L 9 -3.43 32.85 -37.90
C LYS L 9 -2.52 32.31 -36.79
N SER L 10 -1.24 32.63 -36.91
CA SER L 10 -0.20 32.21 -35.97
C SER L 10 -0.51 32.42 -34.47
N SER L 11 0.43 32.00 -33.62
CA SER L 11 0.27 32.01 -32.16
C SER L 11 0.26 33.39 -31.55
N ASP L 12 0.78 34.36 -32.29
CA ASP L 12 0.86 35.74 -31.82
C ASP L 12 0.16 36.68 -32.80
N GLY L 13 -1.05 36.30 -33.19
CA GLY L 13 -1.88 37.10 -34.10
C GLY L 13 -1.11 37.58 -35.31
N GLU L 14 -1.05 36.76 -36.35
CA GLU L 14 -0.22 37.06 -37.50
C GLU L 14 -0.71 36.34 -38.75
N SER L 15 -1.65 36.93 -39.48
CA SER L 15 -2.18 36.27 -40.66
C SER L 15 -1.10 35.90 -41.68
N PHE L 16 -1.31 34.80 -42.40
CA PHE L 16 -0.34 34.33 -43.40
C PHE L 16 -1.03 33.95 -44.73
N GLU L 17 -0.70 34.68 -45.78
CA GLU L 17 -1.21 34.37 -47.11
C GLU L 17 -0.48 33.16 -47.68
N VAL L 18 -1.18 32.05 -47.87
CA VAL L 18 -0.58 30.86 -48.47
C VAL L 18 -1.47 30.23 -49.52
N GLU L 19 -0.86 29.49 -50.44
CA GLU L 19 -1.59 28.95 -51.58
C GLU L 19 -2.45 27.77 -51.17
N GLU L 20 -3.16 27.20 -52.14
CA GLU L 20 -4.03 26.05 -51.93
C GLU L 20 -3.25 24.81 -51.51
N ALA L 21 -2.48 24.26 -52.45
CA ALA L 21 -1.80 22.98 -52.24
C ALA L 21 -0.59 23.09 -51.32
N VAL L 22 -0.30 24.29 -50.82
CA VAL L 22 0.75 24.47 -49.84
C VAL L 22 0.24 24.19 -48.42
N ALA L 23 -0.96 24.66 -48.14
CA ALA L 23 -1.57 24.44 -46.82
C ALA L 23 -2.22 23.05 -46.66
N LEU L 24 -2.22 22.27 -47.74
CA LEU L 24 -2.78 20.91 -47.71
C LEU L 24 -1.73 19.86 -47.34
N GLU L 25 -0.47 20.27 -47.35
CA GLU L 25 0.60 19.38 -46.90
C GLU L 25 0.39 18.96 -45.46
N SER L 26 -0.34 19.77 -44.70
CA SER L 26 -0.65 19.47 -43.32
C SER L 26 -2.02 18.82 -43.25
N GLN L 27 -2.06 17.51 -43.04
CA GLN L 27 -3.33 16.81 -42.87
C GLN L 27 -4.05 17.26 -41.61
N THR L 28 -3.55 18.31 -40.96
CA THR L 28 -4.26 18.91 -39.83
C THR L 28 -5.11 20.06 -40.34
N ILE L 29 -4.67 20.66 -41.45
CA ILE L 29 -5.39 21.74 -42.06
C ILE L 29 -6.24 21.19 -43.19
N ALA L 30 -5.83 20.03 -43.69
CA ALA L 30 -6.62 19.32 -44.70
C ALA L 30 -7.92 18.81 -44.07
N HIS L 31 -7.82 18.18 -42.91
CA HIS L 31 -8.98 17.67 -42.19
C HIS L 31 -9.78 18.81 -41.55
N MET L 32 -9.41 20.05 -41.88
CA MET L 32 -10.08 21.22 -41.33
C MET L 32 -10.69 22.10 -42.41
N VAL L 33 -10.75 21.57 -43.64
CA VAL L 33 -11.49 22.22 -44.71
C VAL L 33 -12.82 21.48 -44.90
N GLU L 34 -12.98 20.38 -44.18
CA GLU L 34 -14.24 19.65 -44.14
C GLU L 34 -15.21 20.42 -43.26
N ASP L 35 -14.94 20.40 -41.97
CA ASP L 35 -15.66 21.20 -40.99
C ASP L 35 -15.14 22.64 -41.07
N ASP L 36 -15.04 23.12 -42.30
CA ASP L 36 -14.38 24.39 -42.61
C ASP L 36 -14.58 25.55 -41.63
N CYS L 37 -13.63 25.70 -40.71
CA CYS L 37 -13.53 26.91 -39.90
C CYS L 37 -12.67 27.92 -40.65
N VAL L 38 -12.43 27.64 -41.93
CA VAL L 38 -11.63 28.51 -42.81
C VAL L 38 -12.30 29.88 -43.02
N ASP L 39 -13.53 30.01 -42.53
CA ASP L 39 -14.25 31.27 -42.53
C ASP L 39 -13.40 32.37 -41.90
N ASN L 40 -13.08 32.20 -40.62
CA ASN L 40 -12.29 33.18 -39.88
C ASN L 40 -10.79 32.91 -40.00
N GLY L 41 -10.42 32.13 -41.01
CA GLY L 41 -9.05 31.67 -41.17
C GLY L 41 -8.69 30.62 -40.13
N VAL L 42 -7.86 29.65 -40.51
CA VAL L 42 -7.44 28.56 -39.62
C VAL L 42 -6.52 29.02 -38.48
N PRO L 43 -7.05 29.01 -37.25
CA PRO L 43 -6.32 29.45 -36.05
C PRO L 43 -5.41 28.35 -35.50
N LEU L 44 -4.14 28.66 -35.28
CA LEU L 44 -3.25 27.70 -34.65
C LEU L 44 -2.31 28.33 -33.62
N PRO L 45 -2.84 28.55 -32.40
CA PRO L 45 -2.21 29.30 -31.31
C PRO L 45 -1.07 28.57 -30.64
N ASN L 46 -0.59 27.49 -31.26
CA ASN L 46 0.50 26.72 -30.69
C ASN L 46 1.75 26.70 -31.57
N VAL L 47 1.79 27.58 -32.56
CA VAL L 47 2.96 27.72 -33.42
C VAL L 47 3.49 29.16 -33.36
N THR L 48 4.71 29.33 -32.85
CA THR L 48 5.34 30.64 -32.87
C THR L 48 5.35 31.16 -34.32
N SER L 49 5.35 32.47 -34.50
CA SER L 49 5.24 33.00 -35.85
C SER L 49 6.52 32.81 -36.62
N LYS L 50 7.65 32.88 -35.91
CA LYS L 50 8.97 32.64 -36.52
C LYS L 50 9.07 31.23 -37.10
N ILE L 51 8.44 30.28 -36.41
CA ILE L 51 8.49 28.88 -36.80
C ILE L 51 7.51 28.60 -37.93
N LEU L 52 6.25 28.99 -37.75
CA LEU L 52 5.23 28.80 -38.77
C LEU L 52 5.75 29.31 -40.11
N ALA L 53 6.55 30.36 -40.03
CA ALA L 53 7.21 30.95 -41.18
C ALA L 53 8.13 29.92 -41.86
N LYS L 54 9.03 29.32 -41.07
CA LYS L 54 9.97 28.34 -41.59
C LYS L 54 9.26 27.10 -42.09
N VAL L 55 8.07 26.81 -41.57
CA VAL L 55 7.30 25.66 -42.02
C VAL L 55 6.72 25.81 -43.42
N ILE L 56 6.11 26.97 -43.68
CA ILE L 56 5.56 27.27 -45.00
C ILE L 56 6.66 27.29 -46.07
N GLU L 57 7.85 27.78 -45.70
CA GLU L 57 8.99 27.83 -46.61
C GLU L 57 9.38 26.42 -47.06
N TYR L 58 9.23 25.46 -46.15
CA TYR L 58 9.53 24.07 -46.48
C TYR L 58 8.51 23.52 -47.46
N CYS L 59 7.25 23.60 -47.08
CA CYS L 59 6.17 23.11 -47.93
C CYS L 59 6.18 23.77 -49.29
N LYS L 60 6.31 25.10 -49.31
CA LYS L 60 6.43 25.83 -50.56
C LYS L 60 7.38 25.07 -51.49
N ARG L 61 8.58 24.79 -51.00
CA ARG L 61 9.65 24.24 -51.84
C ARG L 61 9.36 22.84 -52.32
N HIS L 62 8.72 22.04 -51.47
CA HIS L 62 8.43 20.65 -51.82
C HIS L 62 7.25 20.53 -52.78
N VAL L 63 6.25 21.37 -52.59
CA VAL L 63 5.12 21.42 -53.51
C VAL L 63 5.59 21.56 -54.96
N GLU L 64 6.66 22.33 -55.15
CA GLU L 64 7.25 22.51 -56.47
C GLU L 64 8.06 21.29 -56.89
N ALA L 65 7.49 20.12 -56.67
CA ALA L 65 8.04 18.89 -57.19
C ALA L 65 7.22 18.44 -58.40
N ALA L 66 6.24 19.25 -58.79
CA ALA L 66 5.51 19.04 -60.03
C ALA L 66 6.51 19.01 -61.17
N ALA L 67 7.26 20.10 -61.29
CA ALA L 67 8.49 20.10 -62.06
C ALA L 67 9.44 19.16 -61.34
N ASP L 80 14.87 15.07 -58.00
CA ASP L 80 15.16 14.56 -56.64
C ASP L 80 16.59 14.85 -56.17
N ASP L 81 17.43 15.29 -57.08
CA ASP L 81 18.85 15.44 -56.79
C ASP L 81 19.13 16.71 -55.98
N ASP L 82 18.49 17.80 -56.37
CA ASP L 82 18.73 19.11 -55.76
C ASP L 82 17.84 19.37 -54.56
N LEU L 83 16.97 18.43 -54.25
CA LEU L 83 16.14 18.53 -53.06
C LEU L 83 16.92 18.12 -51.81
N LYS L 84 17.62 16.99 -51.88
CA LYS L 84 18.47 16.55 -50.77
C LYS L 84 19.51 17.63 -50.48
N ALA L 85 19.68 18.51 -51.46
CA ALA L 85 20.58 19.63 -51.33
C ALA L 85 19.97 20.76 -50.51
N TRP L 86 18.82 21.28 -50.96
CA TRP L 86 18.11 22.32 -50.22
C TRP L 86 17.76 21.84 -48.82
N ASP L 87 17.30 20.60 -48.72
CA ASP L 87 16.91 20.03 -47.43
C ASP L 87 18.09 20.04 -46.45
N ALA L 88 19.21 19.47 -46.83
CA ALA L 88 20.39 19.47 -45.98
C ALA L 88 20.74 20.88 -45.52
N ASP L 89 20.54 21.85 -46.40
CA ASP L 89 20.88 23.24 -46.09
C ASP L 89 19.79 23.89 -45.22
N PHE L 90 18.54 23.50 -45.43
CA PHE L 90 17.41 24.07 -44.67
C PHE L 90 17.54 23.76 -43.19
N MET L 91 18.26 22.68 -42.88
CA MET L 91 18.37 22.18 -41.51
C MET L 91 19.48 22.84 -40.70
N LYS L 92 20.40 23.50 -41.40
CA LYS L 92 21.48 24.25 -40.76
C LYS L 92 20.92 25.34 -39.85
N ILE L 93 20.31 24.91 -38.74
CA ILE L 93 19.79 25.80 -37.72
C ILE L 93 20.29 25.38 -36.36
N ASP L 94 19.97 26.15 -35.33
CA ASP L 94 20.37 25.77 -33.97
C ASP L 94 19.38 24.75 -33.41
N GLN L 95 19.73 24.12 -32.29
CA GLN L 95 18.89 23.07 -31.70
C GLN L 95 17.49 23.55 -31.32
N ALA L 96 17.42 24.52 -30.41
CA ALA L 96 16.14 24.97 -29.89
C ALA L 96 15.11 25.22 -31.00
N THR L 97 15.60 25.60 -32.18
CA THR L 97 14.75 25.84 -33.34
C THR L 97 14.32 24.52 -33.95
N LEU L 98 15.31 23.65 -34.18
CA LEU L 98 15.09 22.31 -34.71
C LEU L 98 14.00 21.60 -33.94
N PHE L 99 14.04 21.72 -32.62
CA PHE L 99 13.03 21.07 -31.82
C PHE L 99 11.67 21.67 -32.08
N GLU L 100 11.55 22.99 -31.97
CA GLU L 100 10.27 23.67 -32.14
C GLU L 100 9.64 23.34 -33.49
N LEU L 101 10.48 22.84 -34.40
CA LEU L 101 10.04 22.43 -35.74
C LEU L 101 9.35 21.07 -35.70
N ILE L 102 9.98 20.14 -34.99
CA ILE L 102 9.44 18.80 -34.84
C ILE L 102 8.07 18.90 -34.17
N LEU L 103 8.04 19.63 -33.06
CA LEU L 103 6.81 19.88 -32.33
C LEU L 103 5.72 20.44 -33.26
N ALA L 104 6.15 21.25 -34.22
CA ALA L 104 5.23 21.88 -35.13
C ALA L 104 4.79 20.93 -36.22
N ALA L 105 5.74 20.17 -36.76
CA ALA L 105 5.41 19.21 -37.82
C ALA L 105 4.42 18.19 -37.29
N ASN L 106 4.48 17.98 -35.97
CA ASN L 106 3.62 17.03 -35.28
C ASN L 106 2.33 17.66 -34.78
N TYR L 107 2.33 18.99 -34.64
CA TYR L 107 1.12 19.75 -34.30
C TYR L 107 0.22 19.91 -35.54
N LEU L 108 0.87 19.97 -36.70
CA LEU L 108 0.17 19.85 -37.95
C LEU L 108 0.27 18.37 -38.22
N ASN L 109 0.39 18.00 -39.47
CA ASN L 109 0.57 16.60 -39.79
C ASN L 109 1.38 16.44 -41.06
N ILE L 110 2.60 16.94 -41.01
CA ILE L 110 3.46 16.97 -42.18
C ILE L 110 4.44 15.82 -42.12
N LYS L 111 4.05 14.71 -42.72
CA LYS L 111 4.82 13.49 -42.57
C LYS L 111 6.21 13.64 -43.18
N ASN L 112 6.31 14.33 -44.29
CA ASN L 112 7.64 14.52 -44.90
C ASN L 112 8.57 15.40 -44.05
N LEU L 113 7.98 16.26 -43.23
CA LEU L 113 8.74 17.19 -42.38
C LEU L 113 9.09 16.60 -41.01
N LEU L 114 8.13 15.92 -40.37
CA LEU L 114 8.37 15.24 -39.11
C LEU L 114 9.37 14.16 -39.42
N ASP L 115 9.12 13.45 -40.52
CA ASP L 115 10.04 12.41 -40.98
C ASP L 115 11.37 13.04 -41.33
N LEU L 116 11.43 14.36 -41.29
CA LEU L 116 12.68 15.05 -41.59
C LEU L 116 13.34 15.71 -40.38
N THR L 117 12.58 16.50 -39.64
CA THR L 117 13.10 17.18 -38.46
C THR L 117 13.51 16.20 -37.38
N CYS L 118 12.70 15.17 -37.17
CA CYS L 118 13.02 14.12 -36.18
C CYS L 118 14.18 13.29 -36.68
N GLN L 119 14.15 12.91 -37.95
CA GLN L 119 15.24 12.12 -38.52
C GLN L 119 16.58 12.85 -38.47
N THR L 120 16.51 14.17 -38.31
CA THR L 120 17.71 15.00 -38.20
C THR L 120 18.30 14.94 -36.81
N VAL L 121 17.44 15.00 -35.79
CA VAL L 121 17.87 14.83 -34.41
C VAL L 121 18.36 13.42 -34.19
N ALA L 122 17.65 12.46 -34.78
CA ALA L 122 18.00 11.07 -34.65
C ALA L 122 19.39 10.83 -35.22
N ASP L 123 19.77 11.62 -36.22
CA ASP L 123 21.09 11.44 -36.83
C ASP L 123 22.19 12.01 -35.92
N MET L 124 21.81 12.94 -35.06
CA MET L 124 22.74 13.54 -34.12
C MET L 124 23.16 12.53 -33.07
N ILE L 125 22.31 11.55 -32.82
CA ILE L 125 22.61 10.50 -31.85
C ILE L 125 23.35 9.34 -32.51
N LYS L 126 22.85 8.90 -33.67
CA LYS L 126 23.31 7.68 -34.37
C LYS L 126 24.83 7.62 -34.52
N GLY L 127 25.47 6.96 -33.57
CA GLY L 127 26.90 6.76 -33.61
C GLY L 127 27.61 7.16 -32.33
N LYS L 128 27.06 8.13 -31.62
CA LYS L 128 27.70 8.62 -30.38
C LYS L 128 27.56 7.65 -29.21
N THR L 129 28.40 7.82 -28.20
CA THR L 129 28.31 7.03 -26.97
C THR L 129 27.44 7.79 -26.00
N PRO L 130 27.02 7.14 -24.90
CA PRO L 130 26.17 7.77 -23.88
C PRO L 130 26.75 9.06 -23.35
N GLU L 131 28.07 9.15 -23.29
CA GLU L 131 28.69 10.38 -22.84
C GLU L 131 28.59 11.44 -23.93
N GLU L 132 29.11 11.10 -25.11
CA GLU L 132 29.05 11.97 -26.27
C GLU L 132 27.63 12.55 -26.48
N ILE L 133 26.61 11.83 -26.04
CA ILE L 133 25.23 12.30 -26.19
C ILE L 133 24.91 13.41 -25.19
N ARG L 134 24.93 13.11 -23.90
CA ARG L 134 24.49 14.09 -22.91
C ARG L 134 25.43 15.28 -22.89
N THR L 135 26.57 15.09 -23.55
CA THR L 135 27.49 16.18 -23.88
C THR L 135 26.83 17.08 -24.93
N THR L 136 26.65 16.55 -26.15
CA THR L 136 26.13 17.34 -27.26
C THR L 136 24.60 17.60 -27.18
N PHE L 137 24.08 17.77 -25.97
CA PHE L 137 22.67 18.04 -25.72
C PHE L 137 22.52 18.62 -24.34
N ASN L 138 23.62 18.62 -23.59
CA ASN L 138 23.65 19.12 -22.22
C ASN L 138 22.61 18.46 -21.32
N ILE L 139 22.81 17.16 -21.06
CA ILE L 139 21.92 16.40 -20.19
C ILE L 139 22.67 15.83 -19.00
N LYS L 140 22.22 16.14 -17.78
CA LYS L 140 22.86 15.60 -16.60
C LYS L 140 22.48 14.14 -16.37
N ASN L 141 23.47 13.26 -16.43
CA ASN L 141 23.31 11.84 -16.10
C ASN L 141 22.85 11.65 -14.64
N ASP L 142 21.69 11.02 -14.44
CA ASP L 142 21.12 10.86 -13.09
C ASP L 142 20.92 9.40 -12.63
N PHE L 143 21.68 8.49 -13.22
CA PHE L 143 21.68 7.08 -12.87
C PHE L 143 22.54 6.81 -11.64
N THR L 144 21.97 6.22 -10.58
CA THR L 144 22.84 5.69 -9.52
C THR L 144 23.73 4.60 -10.14
N PRO L 145 24.99 4.48 -9.70
CA PRO L 145 25.88 3.61 -10.49
C PRO L 145 25.39 2.19 -10.58
N GLU L 146 24.52 1.78 -9.64
CA GLU L 146 23.94 0.45 -9.65
C GLU L 146 23.01 0.33 -10.83
N GLU L 147 22.17 1.34 -11.02
CA GLU L 147 21.26 1.40 -12.16
C GLU L 147 22.02 1.35 -13.46
N GLU L 148 22.99 2.23 -13.63
CA GLU L 148 23.81 2.26 -14.83
C GLU L 148 24.44 0.91 -15.10
N GLU L 149 24.83 0.21 -14.04
CA GLU L 149 25.48 -1.10 -14.18
C GLU L 149 24.49 -2.14 -14.62
N GLU L 150 23.31 -2.13 -14.02
CA GLU L 150 22.29 -3.07 -14.41
C GLU L 150 21.96 -2.90 -15.88
N VAL L 151 21.80 -1.67 -16.31
CA VAL L 151 21.38 -1.43 -17.69
C VAL L 151 22.46 -1.80 -18.67
N ARG L 152 23.70 -1.45 -18.35
CA ARG L 152 24.81 -1.85 -19.18
C ARG L 152 24.90 -3.39 -19.24
N ARG L 153 24.78 -4.04 -18.10
CA ARG L 153 24.77 -5.49 -18.06
C ARG L 153 23.67 -6.10 -18.93
N GLU L 154 22.43 -5.62 -18.77
CA GLU L 154 21.33 -6.14 -19.55
C GLU L 154 21.64 -5.98 -21.02
N ASN L 155 22.16 -4.79 -21.37
CA ASN L 155 22.43 -4.41 -22.75
C ASN L 155 23.48 -5.27 -23.48
N GLN L 156 24.52 -5.69 -22.76
CA GLN L 156 25.65 -6.33 -23.40
C GLN L 156 25.73 -7.83 -23.17
N TRP L 157 25.01 -8.33 -22.18
CA TRP L 157 25.01 -9.75 -21.87
C TRP L 157 23.74 -10.43 -22.30
N ALA L 158 22.62 -9.73 -22.20
CA ALA L 158 21.30 -10.34 -22.43
C ALA L 158 20.59 -9.96 -23.73
N PHE L 159 20.25 -8.68 -23.89
CA PHE L 159 19.40 -8.24 -24.98
C PHE L 159 20.05 -7.45 -26.12
N GLU L 160 20.46 -8.17 -27.16
CA GLU L 160 20.68 -7.61 -28.51
C GLU L 160 21.93 -8.16 -29.24
N SER M 12 5.30 30.08 -22.68
CA SER M 12 6.26 29.39 -23.52
C SER M 12 7.70 29.60 -23.05
N CYS M 13 8.32 28.52 -22.60
CA CYS M 13 9.73 28.57 -22.25
C CYS M 13 10.53 28.00 -23.42
N VAL M 14 11.85 28.09 -23.36
CA VAL M 14 12.71 27.55 -24.42
C VAL M 14 12.45 26.06 -24.57
N ALA M 15 12.49 25.54 -25.78
CA ALA M 15 12.23 24.12 -26.01
C ALA M 15 13.48 23.25 -25.81
N THR M 16 13.39 22.26 -24.91
CA THR M 16 14.50 21.37 -24.58
C THR M 16 14.43 20.11 -25.42
N VAL M 17 15.45 19.27 -25.35
CA VAL M 17 15.39 17.94 -25.99
C VAL M 17 14.32 17.08 -25.35
N ASP M 18 14.13 17.25 -24.05
CA ASP M 18 13.12 16.52 -23.30
C ASP M 18 11.76 16.67 -23.99
N ASP M 19 11.47 17.85 -24.51
CA ASP M 19 10.13 18.15 -25.00
C ASP M 19 9.84 17.48 -26.34
N VAL M 20 10.74 16.63 -26.79
CA VAL M 20 10.69 16.16 -28.17
C VAL M 20 11.30 14.78 -28.37
N ILE M 21 11.84 14.21 -27.31
CA ILE M 21 12.57 12.96 -27.39
C ILE M 21 11.66 11.75 -27.56
N GLU M 22 10.46 11.81 -26.98
CA GLU M 22 9.48 10.74 -27.14
C GLU M 22 9.23 10.47 -28.62
N GLN M 23 9.11 11.54 -29.40
CA GLN M 23 8.90 11.45 -30.84
C GLN M 23 10.13 10.93 -31.54
N VAL M 24 11.28 11.53 -31.25
CA VAL M 24 12.53 11.22 -31.96
C VAL M 24 12.96 9.77 -31.83
N MET M 25 12.81 9.21 -30.62
CA MET M 25 13.27 7.85 -30.32
C MET M 25 12.86 6.84 -31.38
N THR M 26 11.62 6.96 -31.85
CA THR M 26 11.05 5.97 -32.75
C THR M 26 11.59 6.08 -34.17
N TYR M 27 12.59 6.93 -34.36
CA TYR M 27 13.29 7.08 -35.65
C TYR M 27 14.68 6.48 -35.57
N ILE M 28 15.06 6.04 -34.38
CA ILE M 28 16.31 5.32 -34.18
C ILE M 28 16.01 3.83 -34.25
N THR M 29 16.50 3.21 -35.32
CA THR M 29 16.23 1.82 -35.59
C THR M 29 17.37 0.95 -35.05
N ASP M 30 18.60 1.38 -35.33
CA ASP M 30 19.82 0.61 -34.98
C ASP M 30 19.84 0.14 -33.54
N PRO M 31 19.87 -1.19 -33.34
CA PRO M 31 19.91 -1.79 -31.99
C PRO M 31 21.09 -1.29 -31.15
N LYS M 32 22.18 -0.87 -31.78
CA LYS M 32 23.36 -0.45 -31.04
C LYS M 32 23.31 1.02 -30.65
N ASP M 33 22.37 1.74 -31.25
CA ASP M 33 22.16 3.14 -30.90
C ASP M 33 21.09 3.26 -29.79
N ARG M 34 20.07 2.41 -29.83
CA ARG M 34 19.15 2.27 -28.73
C ARG M 34 19.94 1.88 -27.49
N ASP M 35 20.84 0.92 -27.69
CA ASP M 35 21.70 0.46 -26.61
C ASP M 35 22.32 1.66 -25.90
N SER M 36 22.75 2.67 -26.66
CA SER M 36 23.38 3.86 -26.08
C SER M 36 22.34 4.81 -25.53
N ALA M 37 21.31 5.07 -26.34
CA ALA M 37 20.27 6.02 -25.97
C ALA M 37 19.67 5.69 -24.61
N SER M 38 19.71 4.42 -24.27
CA SER M 38 19.05 3.94 -23.07
C SER M 38 19.88 4.29 -21.87
N LEU M 39 21.13 4.67 -22.12
CA LEU M 39 22.08 4.89 -21.03
C LEU M 39 22.39 6.37 -20.75
N VAL M 40 21.72 7.28 -21.45
CA VAL M 40 22.06 8.69 -21.33
C VAL M 40 21.42 9.36 -20.12
N CYS M 41 20.35 8.76 -19.61
CA CYS M 41 19.74 9.24 -18.37
C CYS M 41 18.47 8.48 -18.06
N ARG M 42 17.85 8.76 -16.93
CA ARG M 42 16.70 7.97 -16.49
C ARG M 42 15.51 8.08 -17.44
N ARG M 43 15.25 9.28 -17.95
CA ARG M 43 14.06 9.49 -18.78
C ARG M 43 14.21 8.83 -20.13
N TRP M 44 15.40 8.97 -20.70
CA TRP M 44 15.72 8.32 -21.96
C TRP M 44 15.63 6.80 -21.87
N PHE M 45 16.03 6.26 -20.73
CA PHE M 45 15.95 4.83 -20.50
C PHE M 45 14.50 4.36 -20.55
N LYS M 46 13.62 5.08 -19.85
CA LYS M 46 12.22 4.72 -19.86
C LYS M 46 11.64 4.82 -21.26
N ILE M 47 12.03 5.85 -22.00
CA ILE M 47 11.44 6.06 -23.31
C ILE M 47 11.87 5.01 -24.29
N ASP M 48 13.10 4.53 -24.14
CA ASP M 48 13.58 3.38 -24.92
C ASP M 48 12.82 2.12 -24.50
N SER M 49 12.71 1.91 -23.19
CA SER M 49 12.00 0.78 -22.61
C SER M 49 10.59 0.55 -23.15
N GLU M 50 9.83 1.63 -23.29
CA GLU M 50 8.45 1.54 -23.72
C GLU M 50 8.23 1.55 -25.22
N THR M 51 9.29 1.81 -25.97
CA THR M 51 9.14 1.89 -27.42
C THR M 51 9.86 0.78 -28.21
N ARG M 52 10.79 0.08 -27.56
CA ARG M 52 11.58 -0.93 -28.25
C ARG M 52 10.59 -1.91 -28.86
N GLU M 53 10.84 -2.29 -30.10
CA GLU M 53 9.94 -3.18 -30.78
C GLU M 53 10.51 -4.61 -30.92
N HIS M 54 11.80 -4.72 -31.23
CA HIS M 54 12.38 -6.04 -31.41
C HIS M 54 13.57 -6.29 -30.50
N VAL M 55 13.61 -7.48 -29.91
CA VAL M 55 14.72 -7.88 -29.07
C VAL M 55 15.20 -9.27 -29.44
N THR M 56 16.51 -9.50 -29.39
CA THR M 56 17.08 -10.82 -29.65
C THR M 56 17.91 -11.30 -28.47
N MET M 57 17.64 -12.49 -27.98
CA MET M 57 18.53 -13.04 -26.99
C MET M 57 19.41 -14.14 -27.59
N ALA M 58 20.72 -13.91 -27.67
CA ALA M 58 21.60 -14.88 -28.29
C ALA M 58 21.64 -16.19 -27.48
N LEU M 59 21.38 -16.09 -26.18
CA LEU M 59 21.29 -17.26 -25.32
C LEU M 59 20.18 -17.01 -24.34
N CYS M 60 19.22 -17.91 -24.28
CA CYS M 60 18.03 -17.70 -23.51
C CYS M 60 18.30 -17.81 -22.02
N TYR M 61 19.37 -18.49 -21.65
CA TYR M 61 19.67 -18.68 -20.23
C TYR M 61 20.39 -17.45 -19.65
N THR M 62 20.44 -16.41 -20.48
CA THR M 62 21.18 -15.20 -20.19
C THR M 62 20.40 -14.25 -19.27
N ALA M 63 19.07 -14.38 -19.26
CA ALA M 63 18.25 -13.62 -18.34
C ALA M 63 16.89 -14.25 -18.12
N THR M 64 16.30 -13.98 -16.96
CA THR M 64 14.95 -14.41 -16.64
C THR M 64 13.93 -13.92 -17.67
N PRO M 65 12.88 -14.69 -17.95
CA PRO M 65 11.92 -14.10 -18.90
C PRO M 65 11.19 -12.96 -18.22
N ASP M 66 11.27 -12.94 -16.90
CA ASP M 66 10.68 -11.86 -16.16
C ASP M 66 11.44 -10.57 -16.44
N ARG M 67 12.77 -10.68 -16.44
CA ARG M 67 13.65 -9.52 -16.63
C ARG M 67 13.35 -8.82 -17.93
N LEU M 68 13.12 -9.62 -18.96
CA LEU M 68 12.85 -9.13 -20.30
C LEU M 68 11.53 -8.40 -20.35
N SER M 69 10.47 -8.98 -19.80
CA SER M 69 9.15 -8.37 -19.94
C SER M 69 9.08 -7.07 -19.16
N ARG M 70 9.89 -6.98 -18.12
CA ARG M 70 9.98 -5.78 -17.31
C ARG M 70 10.66 -4.63 -18.07
N ARG M 71 11.78 -4.93 -18.71
CA ARG M 71 12.57 -3.95 -19.47
C ARG M 71 11.91 -3.53 -20.77
N PHE M 72 11.15 -4.41 -21.42
CA PHE M 72 10.58 -4.13 -22.74
C PHE M 72 9.15 -4.61 -22.87
N PRO M 73 8.26 -4.07 -22.05
CA PRO M 73 6.85 -4.49 -21.94
C PRO M 73 6.11 -4.54 -23.29
N ASN M 74 6.57 -3.77 -24.26
CA ASN M 74 5.80 -3.60 -25.47
C ASN M 74 6.46 -4.14 -26.71
N LEU M 75 7.28 -5.17 -26.54
CA LEU M 75 7.85 -5.91 -27.66
C LEU M 75 6.79 -6.29 -28.68
N ARG M 76 7.16 -6.21 -29.95
CA ARG M 76 6.27 -6.63 -31.00
C ARG M 76 6.89 -7.85 -31.66
N SER M 77 8.23 -7.94 -31.57
CA SER M 77 8.97 -9.05 -32.17
C SER M 77 9.99 -9.60 -31.18
N LEU M 78 10.12 -10.92 -31.10
CA LEU M 78 11.08 -11.56 -30.19
C LEU M 78 11.83 -12.71 -30.86
N LYS M 79 13.08 -12.93 -30.48
CA LYS M 79 13.90 -13.97 -31.07
C LYS M 79 14.77 -14.51 -30.00
N LEU M 80 14.60 -15.81 -29.72
CA LEU M 80 15.38 -16.51 -28.71
C LEU M 80 16.18 -17.65 -29.30
N LYS M 81 17.45 -17.73 -28.92
CA LYS M 81 18.31 -18.83 -29.33
C LYS M 81 18.60 -19.69 -28.11
N GLY M 82 18.62 -21.01 -28.27
CA GLY M 82 18.93 -21.89 -27.15
C GLY M 82 20.25 -22.62 -27.23
N LYS M 83 20.23 -23.85 -27.74
CA LYS M 83 21.46 -24.62 -27.90
C LYS M 83 22.54 -23.88 -28.70
N PRO M 84 23.81 -24.09 -28.34
CA PRO M 84 24.98 -23.50 -28.98
C PRO M 84 25.12 -23.93 -30.42
N ARG M 85 25.88 -23.22 -31.22
CA ARG M 85 25.98 -23.53 -32.64
C ARG M 85 26.37 -25.00 -32.88
N ALA M 86 27.12 -25.56 -31.94
CA ALA M 86 27.65 -26.91 -32.09
C ALA M 86 26.55 -27.92 -32.27
N ALA M 87 25.37 -27.61 -31.73
CA ALA M 87 24.23 -28.51 -31.84
C ALA M 87 23.89 -28.80 -33.28
N MET M 88 24.24 -27.87 -34.17
CA MET M 88 23.90 -28.01 -35.58
C MET M 88 24.79 -29.00 -36.26
N PHE M 89 25.72 -29.58 -35.50
CA PHE M 89 26.65 -30.58 -36.01
C PHE M 89 26.61 -31.83 -35.15
N ASN M 90 25.44 -32.10 -34.58
CA ASN M 90 25.22 -33.26 -33.75
C ASN M 90 26.34 -33.43 -32.75
N LEU M 91 26.67 -32.34 -32.07
CA LEU M 91 27.72 -32.39 -31.07
C LEU M 91 27.17 -32.13 -29.69
N ILE M 92 25.93 -31.63 -29.64
CA ILE M 92 25.29 -31.28 -28.37
C ILE M 92 24.15 -32.22 -28.06
N PRO M 93 24.12 -32.72 -26.82
CA PRO M 93 23.10 -33.67 -26.34
C PRO M 93 21.73 -33.16 -26.64
N GLU M 94 20.79 -34.04 -26.93
CA GLU M 94 19.46 -33.59 -27.23
C GLU M 94 18.81 -32.90 -26.01
N ASN M 95 18.97 -33.50 -24.83
CA ASN M 95 18.31 -33.03 -23.62
C ASN M 95 18.93 -31.78 -23.02
N TRP M 96 19.87 -31.18 -23.73
CA TRP M 96 20.73 -30.17 -23.11
C TRP M 96 19.98 -29.01 -22.48
N GLY M 97 18.97 -28.49 -23.18
CA GLY M 97 18.22 -27.36 -22.69
C GLY M 97 17.66 -26.50 -23.80
N GLY M 98 17.17 -25.31 -23.46
CA GLY M 98 16.62 -24.40 -24.44
C GLY M 98 15.12 -24.46 -24.43
N TYR M 99 14.55 -24.95 -23.33
CA TYR M 99 13.11 -25.14 -23.25
C TYR M 99 12.46 -23.79 -23.34
N VAL M 100 11.40 -23.71 -24.12
CA VAL M 100 10.78 -22.46 -24.48
C VAL M 100 9.59 -22.09 -23.55
N THR M 101 9.08 -23.08 -22.80
CA THR M 101 7.85 -22.92 -21.99
C THR M 101 7.78 -21.72 -21.06
N PRO M 102 8.84 -21.45 -20.29
CA PRO M 102 8.89 -20.29 -19.37
C PRO M 102 8.72 -19.00 -20.13
N TRP M 103 9.16 -19.00 -21.39
CA TRP M 103 9.07 -17.86 -22.27
C TRP M 103 7.67 -17.68 -22.85
N VAL M 104 6.99 -18.74 -23.23
CA VAL M 104 5.62 -18.54 -23.67
C VAL M 104 4.70 -18.16 -22.48
N THR M 105 4.93 -18.72 -21.30
CA THR M 105 4.05 -18.33 -20.23
C THR M 105 4.36 -16.91 -19.83
N GLU M 106 5.49 -16.37 -20.27
CA GLU M 106 5.75 -14.95 -20.01
C GLU M 106 5.07 -14.10 -21.06
N ILE M 107 5.15 -14.52 -22.31
CA ILE M 107 4.50 -13.85 -23.42
C ILE M 107 3.02 -13.81 -23.17
N SER M 108 2.49 -14.94 -22.69
CA SER M 108 1.06 -15.09 -22.43
C SER M 108 0.57 -14.01 -21.45
N ASN M 109 1.43 -13.66 -20.52
CA ASN M 109 1.02 -12.80 -19.42
C ASN M 109 1.51 -11.37 -19.49
N ASN M 110 2.65 -11.12 -20.12
CA ASN M 110 3.27 -9.79 -20.00
C ASN M 110 3.75 -9.15 -21.29
N LEU M 111 3.75 -9.90 -22.39
CA LEU M 111 4.14 -9.32 -23.67
C LEU M 111 2.93 -9.26 -24.56
N ARG M 112 1.91 -8.57 -24.08
CA ARG M 112 0.60 -8.60 -24.71
C ARG M 112 0.58 -7.96 -26.11
N GLN M 113 1.75 -7.59 -26.60
CA GLN M 113 1.82 -6.82 -27.83
C GLN M 113 2.57 -7.56 -28.94
N LEU M 114 3.10 -8.73 -28.61
CA LEU M 114 3.94 -9.54 -29.49
C LEU M 114 3.19 -10.03 -30.70
N LYS M 115 3.74 -9.80 -31.88
CA LYS M 115 3.09 -10.29 -33.08
C LYS M 115 4.01 -11.27 -33.86
N SER M 116 5.28 -11.35 -33.48
CA SER M 116 6.22 -12.22 -34.19
C SER M 116 7.17 -12.93 -33.25
N VAL M 117 7.30 -14.24 -33.41
CA VAL M 117 8.17 -15.04 -32.54
C VAL M 117 9.09 -15.98 -33.32
N HIS M 118 10.37 -15.99 -32.96
CA HIS M 118 11.37 -16.76 -33.65
C HIS M 118 12.15 -17.49 -32.61
N PHE M 119 12.00 -18.80 -32.58
CA PHE M 119 12.79 -19.66 -31.72
C PHE M 119 13.86 -20.35 -32.52
N ARG M 120 15.10 -20.35 -32.04
CA ARG M 120 16.22 -20.91 -32.81
C ARG M 120 17.00 -21.96 -31.99
N ARG M 121 17.03 -23.20 -32.49
CA ARG M 121 17.65 -24.29 -31.78
C ARG M 121 17.11 -24.32 -30.37
N MET M 122 15.79 -24.45 -30.22
CA MET M 122 15.20 -24.58 -28.90
C MET M 122 14.31 -25.81 -28.77
N ILE M 123 13.75 -26.04 -27.58
CA ILE M 123 12.84 -27.17 -27.38
C ILE M 123 11.43 -26.68 -27.25
N VAL M 124 10.64 -26.82 -28.31
CA VAL M 124 9.26 -26.41 -28.28
C VAL M 124 8.34 -27.64 -28.20
N SER M 125 7.51 -27.72 -27.15
CA SER M 125 6.60 -28.84 -26.93
C SER M 125 5.20 -28.56 -27.45
N ASP M 126 4.39 -29.60 -27.59
CA ASP M 126 3.02 -29.42 -28.07
C ASP M 126 2.30 -28.50 -27.13
N LEU M 127 2.49 -28.70 -25.83
CA LEU M 127 1.74 -27.94 -24.85
C LEU M 127 2.02 -26.49 -24.99
N ASP M 128 3.30 -26.15 -25.06
CA ASP M 128 3.66 -24.75 -24.99
C ASP M 128 3.34 -23.97 -26.27
N LEU M 129 3.17 -24.66 -27.38
CA LEU M 129 2.71 -23.90 -28.50
C LEU M 129 1.16 -23.84 -28.64
N ASP M 130 0.45 -24.78 -28.03
CA ASP M 130 -0.99 -24.61 -27.89
C ASP M 130 -1.20 -23.40 -26.99
N ARG M 131 -0.42 -23.32 -25.92
CA ARG M 131 -0.42 -22.14 -25.06
C ARG M 131 -0.14 -20.86 -25.85
N LEU M 132 0.89 -20.88 -26.70
CA LEU M 132 1.19 -19.74 -27.55
C LEU M 132 0.00 -19.41 -28.41
N ALA M 133 -0.42 -20.34 -29.27
CA ALA M 133 -1.61 -20.16 -30.11
C ALA M 133 -2.78 -19.48 -29.40
N LYS M 134 -3.27 -20.09 -28.32
CA LYS M 134 -4.43 -19.56 -27.60
C LYS M 134 -4.18 -18.15 -27.02
N ALA M 135 -2.99 -17.93 -26.48
CA ALA M 135 -2.65 -16.68 -25.80
C ALA M 135 -2.48 -15.45 -26.71
N ARG M 136 -2.06 -15.70 -27.94
CA ARG M 136 -1.73 -14.64 -28.89
C ARG M 136 -2.71 -14.62 -30.08
N ALA M 137 -3.21 -15.79 -30.49
CA ALA M 137 -4.22 -15.91 -31.55
C ALA M 137 -3.97 -15.05 -32.78
N ASP M 138 -5.04 -14.45 -33.27
CA ASP M 138 -5.03 -13.67 -34.51
C ASP M 138 -3.89 -12.66 -34.60
N ASP M 139 -3.40 -12.18 -33.46
CA ASP M 139 -2.29 -11.21 -33.41
C ASP M 139 -0.92 -11.74 -33.84
N LEU M 140 -0.78 -13.07 -33.91
CA LEU M 140 0.48 -13.70 -34.30
C LEU M 140 0.58 -13.74 -35.79
N GLU M 141 1.33 -12.79 -36.34
CA GLU M 141 1.54 -12.67 -37.78
C GLU M 141 2.65 -13.61 -38.24
N THR M 142 3.67 -13.76 -37.41
CA THR M 142 4.78 -14.61 -37.79
C THR M 142 5.30 -15.51 -36.64
N LEU M 143 5.48 -16.78 -36.98
CA LEU M 143 6.07 -17.79 -36.10
C LEU M 143 7.20 -18.55 -36.81
N LYS M 144 8.40 -18.50 -36.25
CA LYS M 144 9.53 -19.19 -36.85
C LYS M 144 10.04 -20.23 -35.89
N LEU M 145 9.82 -21.50 -36.21
CA LEU M 145 10.43 -22.60 -35.45
C LEU M 145 11.70 -23.11 -36.14
N ASP M 146 12.81 -22.45 -35.84
CA ASP M 146 14.05 -22.57 -36.59
C ASP M 146 14.91 -23.65 -35.96
N LYS M 147 15.04 -24.78 -36.64
CA LYS M 147 15.88 -25.84 -36.11
C LYS M 147 15.47 -26.31 -34.72
N CYS M 148 14.16 -26.32 -34.44
CA CYS M 148 13.70 -26.75 -33.11
C CYS M 148 13.25 -28.19 -33.06
N SER M 149 13.06 -28.68 -31.84
CA SER M 149 12.64 -30.06 -31.62
C SER M 149 11.57 -30.14 -30.55
N GLY M 150 10.98 -31.31 -30.38
CA GLY M 150 10.09 -31.51 -29.25
C GLY M 150 8.59 -31.36 -29.43
N PHE M 151 8.13 -31.02 -30.63
CA PHE M 151 6.71 -30.87 -30.87
C PHE M 151 6.16 -31.87 -31.85
N THR M 152 4.89 -31.70 -32.23
CA THR M 152 4.26 -32.60 -33.20
C THR M 152 3.21 -31.89 -34.06
N THR M 153 2.68 -32.60 -35.06
CA THR M 153 1.66 -32.02 -35.93
C THR M 153 0.45 -31.47 -35.17
N ASP M 154 0.23 -31.97 -33.96
CA ASP M 154 -0.83 -31.46 -33.10
C ASP M 154 -0.58 -30.00 -32.75
N GLY M 155 0.64 -29.70 -32.31
CA GLY M 155 1.05 -28.35 -32.03
C GLY M 155 0.79 -27.45 -33.23
N LEU M 156 1.28 -27.89 -34.39
CA LEU M 156 1.08 -27.15 -35.61
C LEU M 156 -0.42 -26.91 -35.85
N LEU M 157 -1.20 -27.98 -35.80
CA LEU M 157 -2.62 -27.87 -36.05
C LEU M 157 -3.25 -26.82 -35.14
N SER M 158 -2.69 -26.69 -33.94
CA SER M 158 -3.24 -25.77 -32.97
C SER M 158 -2.97 -24.34 -33.32
N ILE M 159 -1.77 -24.03 -33.86
CA ILE M 159 -1.48 -22.63 -34.17
C ILE M 159 -2.13 -22.18 -35.50
N VAL M 160 -2.39 -23.12 -36.38
CA VAL M 160 -3.00 -22.75 -37.64
C VAL M 160 -4.50 -22.55 -37.51
N THR M 161 -5.09 -23.07 -36.43
CA THR M 161 -6.52 -22.92 -36.26
C THR M 161 -6.88 -21.73 -35.38
N HIS M 162 -5.94 -21.33 -34.51
CA HIS M 162 -6.16 -20.26 -33.57
C HIS M 162 -5.57 -18.93 -34.07
N CYS M 163 -4.57 -19.03 -34.95
CA CYS M 163 -3.95 -17.85 -35.56
C CYS M 163 -4.26 -17.82 -37.04
N ARG M 164 -5.39 -17.19 -37.34
CA ARG M 164 -6.01 -17.34 -38.64
C ARG M 164 -5.38 -16.33 -39.59
N LYS M 165 -4.61 -15.41 -39.02
CA LYS M 165 -4.02 -14.34 -39.79
C LYS M 165 -2.52 -14.45 -39.92
N ILE M 166 -1.97 -15.64 -39.71
CA ILE M 166 -0.54 -15.86 -39.90
C ILE M 166 -0.06 -15.44 -41.29
N LYS M 167 0.97 -14.57 -41.31
CA LYS M 167 1.62 -14.14 -42.55
C LYS M 167 2.82 -15.03 -42.89
N THR M 168 3.68 -15.29 -41.90
CA THR M 168 4.82 -16.16 -42.13
C THR M 168 4.93 -17.31 -41.11
N LEU M 169 5.10 -18.52 -41.62
CA LEU M 169 5.17 -19.71 -40.77
C LEU M 169 6.37 -20.58 -41.20
N LEU M 170 7.25 -20.92 -40.27
CA LEU M 170 8.50 -21.56 -40.62
C LEU M 170 8.90 -22.73 -39.71
N MET M 171 9.34 -23.84 -40.31
CA MET M 171 9.79 -25.00 -39.54
C MET M 171 11.11 -25.58 -40.01
N GLU M 172 11.89 -24.83 -40.79
CA GLU M 172 13.10 -25.35 -41.41
C GLU M 172 14.01 -26.11 -40.45
N GLU M 173 14.30 -27.36 -40.79
CA GLU M 173 15.29 -28.20 -40.09
C GLU M 173 14.80 -28.60 -38.71
N SER M 174 13.53 -28.35 -38.44
CA SER M 174 12.91 -28.75 -37.16
C SER M 174 12.58 -30.23 -37.15
N SER M 175 12.67 -30.85 -35.98
CA SER M 175 12.35 -32.27 -35.87
C SER M 175 11.22 -32.52 -34.91
N PHE M 176 10.17 -33.14 -35.43
CA PHE M 176 8.92 -33.28 -34.71
C PHE M 176 8.33 -34.64 -35.06
N SER M 177 7.16 -34.95 -34.50
CA SER M 177 6.50 -36.22 -34.77
C SER M 177 5.32 -36.04 -35.70
N GLU M 178 5.32 -36.72 -36.85
CA GLU M 178 4.25 -36.52 -37.80
C GLU M 178 3.15 -37.53 -37.61
N LYS M 179 1.98 -37.07 -37.21
CA LYS M 179 0.86 -37.95 -36.91
C LYS M 179 -0.21 -37.91 -37.99
N ASP M 180 -0.19 -36.84 -38.79
CA ASP M 180 -1.20 -36.55 -39.81
C ASP M 180 -0.84 -35.32 -40.61
N GLY M 181 -1.79 -34.83 -41.41
CA GLY M 181 -1.55 -33.67 -42.23
C GLY M 181 -2.61 -32.60 -42.11
N LYS M 182 -3.44 -32.69 -41.07
CA LYS M 182 -4.59 -31.79 -40.99
C LYS M 182 -4.13 -30.36 -40.72
N TRP M 183 -2.86 -30.21 -40.35
CA TRP M 183 -2.37 -28.87 -40.17
C TRP M 183 -2.27 -28.09 -41.48
N LEU M 184 -1.80 -28.76 -42.53
CA LEU M 184 -1.69 -28.13 -43.87
C LEU M 184 -3.07 -27.89 -44.45
N HIS M 185 -3.94 -28.89 -44.25
CA HIS M 185 -5.28 -28.85 -44.78
C HIS M 185 -6.06 -27.73 -44.16
N GLU M 186 -5.82 -27.52 -42.87
CA GLU M 186 -6.46 -26.41 -42.16
C GLU M 186 -6.02 -25.03 -42.68
N LEU M 187 -4.76 -24.94 -43.11
CA LEU M 187 -4.28 -23.72 -43.75
C LEU M 187 -5.03 -23.46 -45.05
N ALA M 188 -5.00 -24.47 -45.92
CA ALA M 188 -5.74 -24.48 -47.17
C ALA M 188 -7.15 -23.92 -46.95
N GLN M 189 -7.92 -24.64 -46.14
CA GLN M 189 -9.32 -24.33 -45.98
C GLN M 189 -9.62 -22.93 -45.46
N HIS M 190 -8.70 -22.32 -44.69
CA HIS M 190 -9.04 -21.06 -44.02
C HIS M 190 -8.05 -19.89 -44.10
N ASN M 191 -6.82 -20.15 -44.55
CA ASN M 191 -5.81 -19.08 -44.55
C ASN M 191 -5.71 -18.30 -45.87
N THR M 192 -5.48 -16.99 -45.73
CA THR M 192 -5.49 -16.06 -46.86
C THR M 192 -4.24 -15.20 -46.84
N SER M 193 -3.79 -14.93 -45.62
CA SER M 193 -2.79 -13.90 -45.36
C SER M 193 -1.35 -14.35 -45.57
N LEU M 194 -1.15 -15.67 -45.60
CA LEU M 194 0.18 -16.27 -45.77
C LEU M 194 1.05 -15.56 -46.81
N GLU M 195 2.27 -15.22 -46.42
CA GLU M 195 3.23 -14.54 -47.29
C GLU M 195 4.43 -15.45 -47.54
N VAL M 196 4.99 -15.99 -46.46
CA VAL M 196 6.04 -16.99 -46.60
C VAL M 196 5.78 -18.22 -45.76
N LEU M 197 6.00 -19.38 -46.38
CA LEU M 197 5.76 -20.68 -45.78
C LEU M 197 6.98 -21.56 -46.01
N ASN M 198 7.52 -22.14 -44.95
CA ASN M 198 8.84 -22.76 -45.06
C ASN M 198 8.97 -23.99 -44.18
N PHE M 199 8.99 -25.17 -44.80
CA PHE M 199 9.42 -26.36 -44.10
C PHE M 199 10.52 -27.09 -44.87
N TYR M 200 11.67 -26.43 -45.02
CA TYR M 200 12.69 -26.83 -45.99
C TYR M 200 13.37 -28.18 -45.71
N MET M 201 14.03 -28.31 -44.56
CA MET M 201 14.68 -29.57 -44.27
C MET M 201 13.79 -30.41 -43.38
N THR M 202 12.71 -30.93 -43.95
CA THR M 202 11.72 -31.61 -43.11
C THR M 202 11.11 -32.87 -43.71
N GLU M 203 11.06 -33.91 -42.89
CA GLU M 203 10.49 -35.18 -43.29
C GLU M 203 8.99 -35.17 -43.04
N PHE M 204 8.25 -34.66 -44.01
CA PHE M 204 6.80 -34.73 -43.96
C PHE M 204 6.38 -35.76 -44.97
N ALA M 205 5.59 -36.73 -44.53
CA ALA M 205 5.14 -37.80 -45.42
C ALA M 205 3.61 -37.91 -45.52
N LYS M 206 2.90 -37.04 -44.81
CA LYS M 206 1.45 -37.15 -44.76
C LYS M 206 0.70 -35.92 -45.23
N ILE M 207 1.38 -35.01 -45.93
CA ILE M 207 0.71 -33.80 -46.39
C ILE M 207 0.38 -33.90 -47.87
N SER M 208 -0.86 -33.57 -48.23
CA SER M 208 -1.27 -33.63 -49.62
C SER M 208 -0.79 -32.40 -50.37
N PRO M 209 -0.14 -32.61 -51.52
CA PRO M 209 0.25 -31.46 -52.34
C PRO M 209 -0.99 -30.67 -52.78
N LYS M 210 -2.12 -31.36 -52.96
CA LYS M 210 -3.36 -30.70 -53.35
C LYS M 210 -3.63 -29.55 -52.40
N ASP M 211 -3.22 -29.72 -51.13
CA ASP M 211 -3.43 -28.72 -50.08
C ASP M 211 -2.50 -27.53 -50.28
N LEU M 212 -1.25 -27.82 -50.62
CA LEU M 212 -0.27 -26.80 -50.97
C LEU M 212 -0.73 -25.98 -52.17
N GLU M 213 -1.30 -26.69 -53.14
CA GLU M 213 -1.87 -26.07 -54.33
C GLU M 213 -3.02 -25.13 -53.93
N THR M 214 -4.00 -25.64 -53.17
CA THR M 214 -5.11 -24.79 -52.77
C THR M 214 -4.70 -23.57 -51.91
N ILE M 215 -3.53 -23.66 -51.28
CA ILE M 215 -3.02 -22.51 -50.51
C ILE M 215 -2.54 -21.41 -51.43
N ALA M 216 -1.77 -21.83 -52.43
CA ALA M 216 -1.24 -20.94 -53.44
C ALA M 216 -2.37 -20.19 -54.14
N ARG M 217 -3.50 -20.88 -54.30
CA ARG M 217 -4.67 -20.33 -54.95
C ARG M 217 -5.33 -19.24 -54.09
N ASN M 218 -5.20 -19.39 -52.78
CA ASN M 218 -5.88 -18.53 -51.81
C ASN M 218 -5.09 -17.34 -51.22
N CYS M 219 -3.77 -17.46 -51.20
CA CYS M 219 -2.92 -16.43 -50.60
C CYS M 219 -2.31 -15.57 -51.70
N ARG M 220 -2.96 -14.48 -52.05
CA ARG M 220 -2.49 -13.63 -53.13
C ARG M 220 -1.11 -13.02 -52.82
N SER M 221 -0.73 -12.98 -51.56
CA SER M 221 0.52 -12.37 -51.19
C SER M 221 1.64 -13.39 -51.00
N LEU M 222 1.42 -14.63 -51.42
CA LEU M 222 2.40 -15.70 -51.25
C LEU M 222 3.67 -15.49 -52.07
N VAL M 223 4.78 -15.27 -51.38
CA VAL M 223 6.02 -14.82 -52.03
C VAL M 223 7.12 -15.86 -51.95
N SER M 224 7.15 -16.63 -50.88
CA SER M 224 8.19 -17.64 -50.73
C SER M 224 7.62 -18.92 -50.17
N VAL M 225 8.18 -20.04 -50.59
CA VAL M 225 7.79 -21.33 -50.05
C VAL M 225 8.89 -22.33 -50.25
N LYS M 226 9.32 -22.98 -49.18
CA LYS M 226 10.33 -24.02 -49.27
C LYS M 226 9.68 -25.28 -48.77
N VAL M 227 10.15 -26.45 -49.22
CA VAL M 227 9.35 -27.67 -49.08
C VAL M 227 10.14 -28.95 -48.83
N GLY M 228 9.45 -30.02 -48.44
CA GLY M 228 10.09 -31.29 -48.19
C GLY M 228 10.46 -32.09 -49.43
N ASP M 229 10.26 -33.39 -49.38
CA ASP M 229 10.55 -34.25 -50.52
C ASP M 229 9.34 -34.54 -51.43
N PHE M 230 8.49 -33.55 -51.63
CA PHE M 230 7.39 -33.62 -52.59
C PHE M 230 7.94 -33.95 -53.97
N GLU M 231 7.16 -34.66 -54.77
CA GLU M 231 7.53 -34.87 -56.16
C GLU M 231 7.17 -33.60 -56.94
N ILE M 232 8.15 -32.97 -57.56
CA ILE M 232 7.90 -31.75 -58.31
C ILE M 232 6.69 -31.86 -59.26
N LEU M 233 6.53 -33.03 -59.89
CA LEU M 233 5.43 -33.22 -60.82
C LEU M 233 4.06 -32.98 -60.18
N GLU M 234 3.95 -33.31 -58.90
CA GLU M 234 2.69 -33.16 -58.19
C GLU M 234 2.43 -31.69 -57.88
N LEU M 235 3.42 -30.87 -58.18
CA LEU M 235 3.38 -29.47 -57.82
C LEU M 235 3.01 -28.53 -58.95
N VAL M 236 2.82 -29.06 -60.15
CA VAL M 236 2.53 -28.20 -61.29
C VAL M 236 1.28 -27.35 -61.06
N GLY M 237 0.28 -27.95 -60.43
CA GLY M 237 -0.93 -27.24 -60.07
C GLY M 237 -0.59 -26.08 -59.17
N PHE M 238 0.26 -26.36 -58.18
CA PHE M 238 0.82 -25.35 -57.32
C PHE M 238 1.46 -24.20 -58.13
N PHE M 239 2.53 -24.52 -58.84
CA PHE M 239 3.28 -23.51 -59.57
C PHE M 239 2.40 -22.61 -60.42
N LYS M 240 1.41 -23.22 -61.06
CA LYS M 240 0.50 -22.48 -61.94
C LYS M 240 -0.29 -21.43 -61.17
N ALA M 241 -0.72 -21.79 -59.97
CA ALA M 241 -1.54 -20.90 -59.15
C ALA M 241 -0.73 -19.91 -58.33
N ALA M 242 0.56 -20.23 -58.11
CA ALA M 242 1.45 -19.41 -57.27
C ALA M 242 2.04 -18.16 -57.94
N ALA M 243 1.19 -17.28 -58.44
CA ALA M 243 1.60 -16.19 -59.31
C ALA M 243 2.77 -15.38 -58.79
N ASN M 244 2.57 -14.73 -57.65
CA ASN M 244 3.54 -13.77 -57.15
C ASN M 244 4.76 -14.40 -56.52
N LEU M 245 4.88 -15.71 -56.64
CA LEU M 245 5.98 -16.47 -56.04
C LEU M 245 7.35 -16.03 -56.56
N GLU M 246 8.23 -15.65 -55.62
CA GLU M 246 9.59 -15.22 -55.95
C GLU M 246 10.63 -16.24 -55.52
N GLU M 247 10.31 -17.09 -54.57
CA GLU M 247 11.32 -17.99 -54.03
C GLU M 247 10.76 -19.39 -53.89
N PHE M 248 11.49 -20.37 -54.37
CA PHE M 248 11.11 -21.75 -54.09
C PHE M 248 12.33 -22.63 -53.89
N CYS M 249 12.47 -23.22 -52.72
CA CYS M 249 13.49 -24.24 -52.52
C CYS M 249 12.75 -25.52 -52.19
N GLY M 250 13.38 -26.65 -52.46
CA GLY M 250 12.87 -27.94 -52.03
C GLY M 250 12.34 -28.82 -53.14
N GLY M 251 11.33 -29.60 -52.82
CA GLY M 251 10.78 -30.53 -53.77
C GLY M 251 11.72 -31.68 -53.96
N SER M 252 11.48 -32.45 -55.02
CA SER M 252 12.28 -33.63 -55.34
C SER M 252 12.20 -33.94 -56.84
N LEU M 253 13.35 -34.06 -57.49
CA LEU M 253 13.43 -34.41 -58.89
C LEU M 253 13.84 -35.88 -59.04
N ASN M 254 12.84 -36.72 -59.28
CA ASN M 254 13.05 -38.16 -59.40
C ASN M 254 12.96 -38.57 -60.86
N GLU M 255 14.06 -39.08 -61.39
CA GLU M 255 14.09 -39.45 -62.79
C GLU M 255 14.03 -40.97 -62.96
N ASP M 256 12.96 -41.44 -63.58
CA ASP M 256 12.92 -42.82 -64.07
C ASP M 256 13.26 -42.75 -65.56
N ILE M 257 13.82 -43.83 -66.08
CA ILE M 257 14.31 -43.82 -67.46
C ILE M 257 13.15 -43.85 -68.46
N GLY M 258 11.99 -44.32 -68.00
CA GLY M 258 10.79 -44.39 -68.82
C GLY M 258 10.18 -43.05 -69.21
N MET M 259 10.82 -41.97 -68.77
CA MET M 259 10.42 -40.63 -69.15
C MET M 259 11.66 -39.73 -69.21
N PRO M 260 12.34 -39.72 -70.36
CA PRO M 260 13.51 -38.87 -70.56
C PRO M 260 13.06 -37.41 -70.65
N GLU M 261 11.84 -37.20 -71.14
CA GLU M 261 11.25 -35.88 -71.12
C GLU M 261 10.10 -35.81 -70.12
N LYS M 262 10.41 -36.16 -68.87
CA LYS M 262 9.44 -36.10 -67.79
C LYS M 262 9.20 -34.66 -67.36
N TYR M 263 10.29 -33.95 -67.10
CA TYR M 263 10.23 -32.62 -66.51
C TYR M 263 10.40 -31.49 -67.53
N MET M 264 10.02 -31.74 -68.77
CA MET M 264 10.27 -30.76 -69.82
C MET M 264 9.05 -29.89 -70.09
N ASN M 265 8.03 -30.06 -69.25
CA ASN M 265 6.81 -29.25 -69.36
C ASN M 265 6.53 -28.47 -68.08
N LEU M 266 7.56 -27.85 -67.53
CA LEU M 266 7.42 -27.16 -66.25
C LEU M 266 7.10 -25.68 -66.40
N VAL M 267 5.94 -25.29 -65.92
CA VAL M 267 5.52 -23.90 -65.92
C VAL M 267 5.92 -23.24 -64.61
N PHE M 268 7.16 -22.76 -64.50
CA PHE M 268 7.62 -22.05 -63.29
C PHE M 268 7.07 -20.63 -63.18
N PRO M 269 6.70 -20.20 -61.95
CA PRO M 269 6.08 -18.89 -61.80
C PRO M 269 6.93 -17.82 -62.47
N ARG M 270 6.30 -16.76 -62.95
CA ARG M 270 7.04 -15.78 -63.73
C ARG M 270 8.12 -15.09 -62.89
N LYS M 271 7.77 -14.64 -61.70
CA LYS M 271 8.68 -13.84 -60.92
C LYS M 271 9.83 -14.63 -60.29
N LEU M 272 9.75 -15.94 -60.34
CA LEU M 272 10.71 -16.81 -59.62
C LEU M 272 12.18 -16.48 -59.90
N CYS M 273 12.87 -15.97 -58.87
CA CYS M 273 14.24 -15.51 -58.99
C CYS M 273 15.19 -16.01 -57.91
N ARG M 274 14.68 -16.66 -56.88
CA ARG M 274 15.50 -17.20 -55.80
C ARG M 274 15.06 -18.63 -55.65
N LEU M 275 15.94 -19.59 -55.94
CA LEU M 275 15.52 -21.00 -55.93
C LEU M 275 16.58 -22.07 -55.83
N GLY M 276 16.12 -23.31 -55.69
CA GLY M 276 16.99 -24.47 -55.56
C GLY M 276 16.19 -25.76 -55.48
N LEU M 277 16.17 -26.52 -56.56
CA LEU M 277 15.44 -27.79 -56.59
C LEU M 277 16.29 -28.93 -56.05
N SER M 278 15.67 -29.75 -55.22
CA SER M 278 16.41 -30.79 -54.54
C SER M 278 16.56 -31.97 -55.47
N TYR M 279 17.74 -32.59 -55.40
CA TYR M 279 18.08 -33.81 -56.15
C TYR M 279 18.21 -33.60 -57.68
N MET M 280 18.23 -32.35 -58.11
CA MET M 280 18.34 -32.01 -59.53
C MET M 280 19.62 -32.52 -60.19
N GLY M 281 19.44 -33.37 -61.19
CA GLY M 281 20.56 -33.88 -61.97
C GLY M 281 20.79 -33.10 -63.26
N PRO M 282 21.72 -33.58 -64.10
CA PRO M 282 22.04 -32.85 -65.33
C PRO M 282 20.88 -32.90 -66.32
N ASN M 283 20.16 -34.01 -66.33
CA ASN M 283 19.05 -34.19 -67.27
C ASN M 283 17.92 -33.18 -67.08
N GLU M 284 17.67 -32.80 -65.83
CA GLU M 284 16.55 -31.91 -65.50
C GLU M 284 16.99 -30.47 -65.33
N MET M 285 18.30 -30.27 -65.17
CA MET M 285 18.93 -28.93 -65.05
C MET M 285 18.49 -27.89 -66.11
N PRO M 286 18.31 -28.35 -67.36
CA PRO M 286 17.85 -27.50 -68.45
C PRO M 286 16.61 -26.65 -68.15
N ILE M 287 15.74 -27.10 -67.25
CA ILE M 287 14.46 -26.43 -67.01
C ILE M 287 14.63 -25.05 -66.38
N LEU M 288 15.88 -24.72 -66.05
CA LEU M 288 16.21 -23.44 -65.44
C LEU M 288 16.63 -22.40 -66.47
N PHE M 289 17.15 -22.88 -67.60
CA PHE M 289 17.75 -22.01 -68.62
C PHE M 289 16.84 -20.85 -69.08
N PRO M 290 15.59 -21.15 -69.44
CA PRO M 290 14.62 -20.17 -69.93
C PRO M 290 14.49 -18.89 -69.09
N PHE M 291 15.15 -18.82 -67.95
CA PHE M 291 15.08 -17.62 -67.11
C PHE M 291 16.26 -17.50 -66.15
N ALA M 292 17.38 -18.12 -66.49
CA ALA M 292 18.57 -18.07 -65.64
C ALA M 292 19.15 -16.66 -65.55
N ALA M 293 18.84 -15.82 -66.54
CA ALA M 293 19.36 -14.46 -66.55
C ALA M 293 18.75 -13.68 -65.40
N GLN M 294 17.72 -14.28 -64.82
CA GLN M 294 16.85 -13.64 -63.85
C GLN M 294 17.16 -14.09 -62.42
N ILE M 295 17.66 -15.32 -62.31
CA ILE M 295 18.05 -15.92 -61.04
C ILE M 295 19.08 -15.09 -60.29
N ARG M 296 18.82 -14.87 -59.01
CA ARG M 296 19.67 -14.05 -58.14
C ARG M 296 20.19 -14.83 -56.92
N LYS M 297 19.59 -16.00 -56.66
CA LYS M 297 20.01 -16.85 -55.54
C LYS M 297 19.84 -18.29 -55.98
N LEU M 298 20.80 -19.15 -55.64
CA LEU M 298 20.78 -20.53 -56.10
C LEU M 298 21.24 -21.52 -55.02
N ASP M 299 20.42 -22.52 -54.75
CA ASP M 299 20.66 -23.47 -53.66
C ASP M 299 20.94 -24.86 -54.20
N LEU M 300 22.11 -25.02 -54.82
CA LEU M 300 22.52 -26.30 -55.38
C LEU M 300 23.10 -27.18 -54.28
N LEU M 301 22.66 -26.90 -53.06
CA LEU M 301 23.22 -27.58 -51.91
C LEU M 301 22.88 -29.06 -51.98
N TYR M 302 21.64 -29.35 -52.35
CA TYR M 302 21.13 -30.71 -52.34
C TYR M 302 20.93 -31.19 -53.78
N ALA M 303 21.57 -30.51 -54.71
CA ALA M 303 21.51 -30.89 -56.11
C ALA M 303 22.46 -32.06 -56.40
N LEU M 304 22.13 -32.83 -57.44
CA LEU M 304 22.86 -34.05 -57.77
C LEU M 304 23.68 -33.91 -59.04
N LEU M 305 24.25 -32.73 -59.26
CA LEU M 305 24.95 -32.49 -60.50
C LEU M 305 26.45 -32.28 -60.27
N GLU M 306 27.24 -32.60 -61.30
CA GLU M 306 28.70 -32.72 -61.20
C GLU M 306 29.46 -31.48 -61.66
N THR M 307 30.75 -31.45 -61.31
CA THR M 307 31.59 -30.28 -61.50
C THR M 307 31.43 -29.59 -62.86
N GLU M 308 31.22 -30.37 -63.91
CA GLU M 308 31.05 -29.81 -65.25
C GLU M 308 29.71 -29.10 -65.35
N ASP M 309 28.66 -29.82 -64.94
CA ASP M 309 27.29 -29.30 -64.96
C ASP M 309 27.16 -28.00 -64.17
N HIS M 310 27.95 -27.86 -63.11
CA HIS M 310 28.01 -26.61 -62.34
C HIS M 310 28.38 -25.45 -63.26
N CYS M 311 29.44 -25.65 -64.03
CA CYS M 311 29.99 -24.60 -64.86
C CYS M 311 29.04 -24.15 -65.92
N THR M 312 28.35 -25.13 -66.52
CA THR M 312 27.44 -24.82 -67.61
C THR M 312 26.23 -23.98 -67.13
N LEU M 313 25.90 -24.14 -65.85
CA LEU M 313 24.75 -23.45 -65.27
C LEU M 313 25.13 -22.08 -64.70
N ILE M 314 26.17 -22.04 -63.85
CA ILE M 314 26.66 -20.78 -63.32
C ILE M 314 26.83 -19.83 -64.48
N GLN M 315 27.41 -20.35 -65.55
CA GLN M 315 27.74 -19.60 -66.75
C GLN M 315 26.54 -18.78 -67.25
N LYS M 316 25.34 -19.25 -66.94
CA LYS M 316 24.12 -18.63 -67.48
C LYS M 316 23.53 -17.54 -66.59
N CYS M 317 24.06 -17.40 -65.38
CA CYS M 317 23.44 -16.53 -64.38
C CYS M 317 24.34 -15.36 -63.99
N PRO M 318 24.38 -14.35 -64.84
CA PRO M 318 25.23 -13.17 -64.67
C PRO M 318 24.83 -12.31 -63.48
N ASN M 319 23.58 -12.43 -63.04
CA ASN M 319 23.07 -11.57 -61.98
C ASN M 319 22.95 -12.27 -60.65
N LEU M 320 23.27 -13.55 -60.65
CA LEU M 320 23.39 -14.35 -59.44
C LEU M 320 24.20 -13.59 -58.40
N GLU M 321 23.57 -13.28 -57.25
CA GLU M 321 24.30 -12.66 -56.14
C GLU M 321 24.41 -13.50 -54.87
N VAL M 322 23.79 -14.67 -54.86
CA VAL M 322 24.02 -15.64 -53.79
C VAL M 322 24.02 -17.07 -54.29
N LEU M 323 25.08 -17.80 -53.99
CA LEU M 323 25.16 -19.20 -54.35
C LEU M 323 25.60 -20.05 -53.16
N GLU M 324 24.88 -21.13 -52.92
CA GLU M 324 25.25 -22.07 -51.88
C GLU M 324 25.33 -23.43 -52.54
N THR M 325 26.46 -24.11 -52.39
CA THR M 325 26.66 -25.40 -53.04
C THR M 325 27.70 -26.26 -52.34
N ARG M 326 27.79 -27.52 -52.75
CA ARG M 326 28.77 -28.45 -52.18
C ARG M 326 30.13 -28.24 -52.85
N ASN M 327 31.19 -28.86 -52.31
CA ASN M 327 32.55 -28.65 -52.82
C ASN M 327 32.80 -29.30 -54.19
N VAL M 328 31.78 -29.97 -54.71
CA VAL M 328 31.80 -30.47 -56.08
C VAL M 328 31.99 -29.34 -57.09
N ILE M 329 31.48 -28.15 -56.76
CA ILE M 329 31.65 -26.96 -57.59
C ILE M 329 33.04 -26.94 -58.25
N GLY M 330 34.06 -27.38 -57.50
CA GLY M 330 35.41 -27.54 -58.01
C GLY M 330 36.13 -26.25 -58.33
N ASP M 331 37.46 -26.31 -58.41
CA ASP M 331 38.25 -25.15 -58.79
C ASP M 331 37.76 -24.66 -60.12
N ARG M 332 37.49 -25.57 -61.04
CA ARG M 332 37.02 -25.20 -62.36
C ARG M 332 35.74 -24.37 -62.27
N GLY M 333 34.78 -24.84 -61.47
CA GLY M 333 33.51 -24.16 -61.31
C GLY M 333 33.69 -22.75 -60.78
N LEU M 334 34.54 -22.61 -59.78
CA LEU M 334 34.84 -21.31 -59.19
C LEU M 334 35.37 -20.35 -60.23
N GLU M 335 36.18 -20.87 -61.14
CA GLU M 335 36.75 -20.04 -62.18
C GLU M 335 35.65 -19.48 -63.09
N VAL M 336 34.64 -20.29 -63.34
CA VAL M 336 33.49 -19.86 -64.14
C VAL M 336 32.75 -18.74 -63.43
N LEU M 337 32.61 -18.92 -62.12
CA LEU M 337 31.91 -17.98 -61.26
C LEU M 337 32.65 -16.66 -61.17
N ALA M 338 33.94 -16.71 -61.52
CA ALA M 338 34.84 -15.58 -61.33
C ALA M 338 34.66 -14.46 -62.36
N GLN M 339 34.32 -14.80 -63.60
CA GLN M 339 34.10 -13.73 -64.58
C GLN M 339 32.69 -13.66 -65.15
N TYR M 340 31.79 -14.52 -64.65
CA TYR M 340 30.42 -14.43 -65.10
C TYR M 340 29.50 -13.71 -64.12
N CYS M 341 29.71 -13.96 -62.83
CA CYS M 341 28.87 -13.36 -61.81
C CYS M 341 29.74 -12.41 -61.03
N LYS M 342 29.68 -11.14 -61.39
CA LYS M 342 30.49 -10.13 -60.74
C LYS M 342 29.71 -9.60 -59.54
N GLN M 343 28.40 -9.78 -59.61
CA GLN M 343 27.48 -9.23 -58.63
C GLN M 343 27.45 -10.04 -57.35
N LEU M 344 28.09 -11.21 -57.35
CA LEU M 344 28.08 -12.11 -56.21
C LEU M 344 28.40 -11.43 -54.87
N LYS M 345 27.56 -11.68 -53.87
CA LYS M 345 27.71 -11.10 -52.55
C LYS M 345 27.88 -12.17 -51.47
N ARG M 346 27.28 -13.32 -51.69
CA ARG M 346 27.37 -14.40 -50.70
C ARG M 346 27.67 -15.73 -51.39
N LEU M 347 28.64 -16.45 -50.84
CA LEU M 347 29.01 -17.75 -51.37
C LEU M 347 29.32 -18.73 -50.25
N ARG M 348 28.71 -19.91 -50.33
CA ARG M 348 28.94 -20.94 -49.34
C ARG M 348 29.22 -22.29 -50.01
N ILE M 349 30.25 -22.99 -49.56
CA ILE M 349 30.66 -24.26 -50.15
C ILE M 349 30.74 -25.39 -49.09
N GLU M 350 29.61 -25.98 -48.71
CA GLU M 350 29.62 -27.05 -47.70
C GLU M 350 30.33 -28.30 -48.25
N ARG M 351 30.97 -29.06 -47.36
CA ARG M 351 31.66 -30.26 -47.79
C ARG M 351 30.76 -31.45 -48.12
N GLY M 352 30.94 -31.98 -49.32
CA GLY M 352 30.14 -33.09 -49.84
C GLY M 352 30.61 -34.47 -49.42
N ALA M 353 30.39 -35.47 -50.28
CA ALA M 353 30.72 -36.85 -49.94
C ALA M 353 32.23 -37.11 -49.97
N ASP M 354 32.87 -37.00 -48.80
CA ASP M 354 34.30 -37.27 -48.64
C ASP M 354 34.56 -38.72 -48.26
N GLU M 355 33.96 -39.63 -49.03
CA GLU M 355 34.05 -41.06 -48.76
C GLU M 355 34.60 -41.80 -49.99
N GLN M 356 33.79 -41.90 -51.03
CA GLN M 356 34.20 -42.52 -52.30
C GLN M 356 34.97 -41.51 -53.15
N GLY M 357 36.25 -41.33 -52.84
CA GLY M 357 37.03 -40.26 -53.44
C GLY M 357 36.28 -38.97 -53.15
N MET M 358 36.49 -37.95 -53.97
CA MET M 358 35.60 -36.80 -53.91
C MET M 358 34.36 -37.18 -54.70
N GLU M 359 33.51 -36.21 -55.04
CA GLU M 359 32.33 -36.51 -55.84
C GLU M 359 32.71 -36.53 -57.34
N ASP M 360 33.90 -36.03 -57.64
CA ASP M 360 34.60 -36.26 -58.92
C ASP M 360 36.12 -35.99 -58.78
N GLU M 361 36.83 -35.89 -59.90
CA GLU M 361 38.27 -35.66 -59.85
C GLU M 361 38.63 -34.17 -60.02
N GLU M 362 37.61 -33.31 -60.10
CA GLU M 362 37.79 -31.86 -60.03
C GLU M 362 37.05 -31.32 -58.81
N GLY M 363 36.36 -32.22 -58.10
CA GLY M 363 35.55 -31.89 -56.96
C GLY M 363 36.36 -31.62 -55.69
N LEU M 364 37.50 -30.98 -55.87
CA LEU M 364 38.31 -30.48 -54.77
C LEU M 364 38.42 -28.98 -55.02
N VAL M 365 38.45 -28.18 -53.95
CA VAL M 365 38.71 -26.75 -54.09
C VAL M 365 40.03 -26.36 -53.42
N SER M 366 40.76 -25.43 -54.03
CA SER M 366 42.12 -25.09 -53.61
C SER M 366 42.53 -23.65 -53.92
N GLN M 367 43.75 -23.30 -53.50
CA GLN M 367 44.33 -22.00 -53.76
C GLN M 367 43.99 -21.51 -55.16
N ARG M 368 43.92 -22.45 -56.10
CA ARG M 368 43.68 -22.14 -57.50
C ARG M 368 42.34 -21.42 -57.67
N GLY M 369 41.28 -22.08 -57.22
CA GLY M 369 39.95 -21.53 -57.33
C GLY M 369 39.81 -20.30 -56.46
N LEU M 370 40.30 -20.40 -55.22
CA LEU M 370 40.22 -19.30 -54.28
C LEU M 370 40.70 -18.00 -54.88
N ILE M 371 41.95 -17.97 -55.31
CA ILE M 371 42.56 -16.75 -55.82
C ILE M 371 41.90 -16.30 -57.12
N ALA M 372 41.30 -17.24 -57.84
CA ALA M 372 40.56 -16.92 -59.05
C ALA M 372 39.32 -16.11 -58.72
N LEU M 373 38.68 -16.51 -57.63
CA LEU M 373 37.44 -15.92 -57.16
C LEU M 373 37.69 -14.55 -56.54
N ALA M 374 38.78 -14.44 -55.78
CA ALA M 374 39.15 -13.21 -55.11
C ALA M 374 39.26 -12.09 -56.13
N GLN M 375 39.63 -12.45 -57.35
CA GLN M 375 39.80 -11.46 -58.41
C GLN M 375 38.48 -11.16 -59.13
N GLY M 376 37.68 -12.20 -59.35
CA GLY M 376 36.43 -12.07 -60.07
C GLY M 376 35.37 -11.28 -59.33
N CYS M 377 34.94 -11.81 -58.20
CA CYS M 377 33.81 -11.25 -57.44
C CYS M 377 34.27 -10.46 -56.23
N GLN M 378 34.49 -9.16 -56.44
CA GLN M 378 35.11 -8.36 -55.40
C GLN M 378 34.06 -7.71 -54.57
N GLU M 379 32.82 -8.14 -54.81
CA GLU M 379 31.71 -7.60 -54.08
C GLU M 379 31.34 -8.48 -52.90
N LEU M 380 32.02 -9.61 -52.78
CA LEU M 380 31.73 -10.58 -51.73
C LEU M 380 31.69 -10.02 -50.32
N GLU M 381 30.62 -10.36 -49.61
CA GLU M 381 30.36 -9.90 -48.26
C GLU M 381 30.34 -11.08 -47.28
N TYR M 382 30.00 -12.25 -47.80
CA TYR M 382 30.02 -13.47 -47.00
C TYR M 382 30.64 -14.57 -47.82
N MET M 383 31.68 -15.19 -47.27
CA MET M 383 32.34 -16.28 -47.95
C MET M 383 32.65 -17.42 -46.99
N ALA M 384 32.09 -18.59 -47.27
CA ALA M 384 32.34 -19.73 -46.41
C ALA M 384 32.64 -20.95 -47.24
N VAL M 385 33.78 -21.57 -46.96
CA VAL M 385 34.36 -22.58 -47.82
C VAL M 385 35.03 -23.71 -47.05
N TYR M 386 34.67 -24.94 -47.41
CA TYR M 386 35.39 -26.13 -46.99
C TYR M 386 36.37 -26.46 -48.12
N VAL M 387 37.63 -26.13 -47.91
CA VAL M 387 38.66 -26.26 -48.93
C VAL M 387 39.52 -27.54 -48.75
N SER M 388 40.17 -28.00 -49.82
CA SER M 388 40.97 -29.23 -49.73
C SER M 388 42.50 -28.99 -49.66
N ASP M 389 42.92 -27.73 -49.85
CA ASP M 389 44.34 -27.35 -49.92
C ASP M 389 44.48 -25.82 -50.09
N ILE M 390 45.31 -25.18 -49.26
CA ILE M 390 45.58 -23.74 -49.39
C ILE M 390 47.04 -23.28 -49.50
N THR M 391 47.20 -21.98 -49.70
CA THR M 391 48.50 -21.33 -49.80
C THR M 391 48.43 -19.93 -49.16
N ASN M 392 49.46 -19.55 -48.43
CA ASN M 392 49.54 -18.19 -47.90
C ASN M 392 49.15 -17.16 -48.96
N GLU M 393 49.53 -17.44 -50.20
CA GLU M 393 49.34 -16.49 -51.29
C GLU M 393 47.87 -16.23 -51.54
N SER M 394 47.06 -17.28 -51.47
CA SER M 394 45.64 -17.16 -51.71
C SER M 394 45.00 -16.26 -50.68
N LEU M 395 45.34 -16.43 -49.41
CA LEU M 395 44.82 -15.52 -48.38
C LEU M 395 45.19 -14.04 -48.63
N GLU M 396 46.41 -13.80 -49.11
CA GLU M 396 46.89 -12.44 -49.31
C GLU M 396 46.03 -11.72 -50.33
N SER M 397 45.57 -12.48 -51.34
CA SER M 397 44.73 -11.93 -52.39
C SER M 397 43.28 -11.74 -51.93
N ILE M 398 42.86 -12.49 -50.93
CA ILE M 398 41.55 -12.30 -50.33
C ILE M 398 41.50 -10.91 -49.74
N GLY M 399 42.35 -10.68 -48.74
CA GLY M 399 42.41 -9.41 -48.05
C GLY M 399 42.94 -8.32 -48.95
N THR M 400 43.04 -8.62 -50.24
CA THR M 400 43.63 -7.69 -51.19
C THR M 400 42.56 -7.12 -52.10
N TYR M 401 41.57 -7.93 -52.44
CA TYR M 401 40.56 -7.55 -53.43
C TYR M 401 39.16 -7.30 -52.87
N LEU M 402 38.62 -8.27 -52.13
CA LEU M 402 37.25 -8.15 -51.63
C LEU M 402 37.24 -7.52 -50.24
N LYS M 403 37.15 -6.20 -50.21
CA LYS M 403 37.37 -5.46 -49.00
C LYS M 403 36.21 -5.57 -48.05
N ASN M 404 34.99 -5.51 -48.60
CA ASN M 404 33.80 -5.55 -47.75
C ASN M 404 33.32 -6.96 -47.44
N LEU M 405 34.28 -7.84 -47.21
CA LEU M 405 34.01 -9.13 -46.62
C LEU M 405 33.67 -8.89 -45.15
N CYS M 406 32.48 -9.33 -44.74
CA CYS M 406 32.00 -9.20 -43.36
C CYS M 406 32.11 -10.50 -42.61
N ASP M 407 31.82 -11.59 -43.31
CA ASP M 407 31.80 -12.94 -42.71
C ASP M 407 32.73 -13.81 -43.54
N PHE M 408 33.79 -14.31 -42.93
CA PHE M 408 34.68 -15.19 -43.64
C PHE M 408 34.91 -16.49 -42.86
N ARG M 409 34.61 -17.62 -43.50
CA ARG M 409 34.82 -18.91 -42.85
C ARG M 409 35.59 -19.87 -43.74
N LEU M 410 36.66 -20.47 -43.20
CA LEU M 410 37.56 -21.35 -43.93
C LEU M 410 37.81 -22.59 -43.10
N VAL M 411 37.63 -23.76 -43.71
CA VAL M 411 37.92 -25.01 -43.03
C VAL M 411 38.62 -25.91 -44.04
N LEU M 412 39.77 -26.49 -43.66
CA LEU M 412 40.43 -27.41 -44.59
C LEU M 412 40.30 -28.90 -44.20
N LEU M 413 39.92 -29.72 -45.19
CA LEU M 413 39.67 -31.12 -44.96
C LEU M 413 40.95 -31.91 -44.69
N ASP M 414 40.87 -32.81 -43.72
CA ASP M 414 41.99 -33.67 -43.32
C ASP M 414 42.23 -34.73 -44.39
N ARG M 415 41.40 -34.72 -45.43
CA ARG M 415 41.49 -35.64 -46.56
C ARG M 415 42.89 -35.68 -47.16
N GLU M 416 43.39 -34.49 -47.49
CA GLU M 416 44.71 -34.36 -48.10
C GLU M 416 45.84 -34.69 -47.13
N GLU M 417 46.92 -35.23 -47.69
CA GLU M 417 48.04 -35.66 -46.88
C GLU M 417 49.01 -34.51 -46.63
N ARG M 418 49.68 -34.04 -47.68
CA ARG M 418 50.55 -32.88 -47.56
C ARG M 418 49.86 -31.69 -48.20
N ILE M 419 49.81 -30.58 -47.47
CA ILE M 419 49.27 -29.33 -47.97
C ILE M 419 50.42 -28.39 -48.32
N THR M 420 50.39 -27.84 -49.52
CA THR M 420 51.47 -27.01 -50.06
C THR M 420 52.38 -26.41 -48.99
N ASP M 421 52.23 -25.12 -48.77
CA ASP M 421 52.95 -24.47 -47.67
C ASP M 421 52.01 -24.40 -46.49
N LEU M 422 52.48 -24.80 -45.31
CA LEU M 422 51.52 -25.07 -44.25
C LEU M 422 51.34 -23.95 -43.26
N PRO M 423 52.40 -23.53 -42.55
CA PRO M 423 52.14 -22.45 -41.61
C PRO M 423 51.61 -21.22 -42.34
N LEU M 424 50.42 -20.76 -41.96
CA LEU M 424 49.70 -19.72 -42.71
C LEU M 424 49.78 -18.32 -42.09
N ASP M 425 50.67 -18.18 -41.10
CA ASP M 425 50.77 -16.97 -40.30
C ASP M 425 50.72 -15.68 -41.13
N ASN M 426 51.41 -15.66 -42.26
CA ASN M 426 51.56 -14.40 -42.98
C ASN M 426 50.42 -14.13 -43.96
N GLY M 427 49.71 -15.20 -44.32
CA GLY M 427 48.51 -15.09 -45.13
C GLY M 427 47.32 -14.60 -44.30
N VAL M 428 47.07 -15.28 -43.20
CA VAL M 428 46.08 -14.83 -42.23
C VAL M 428 46.26 -13.34 -42.01
N ARG M 429 47.50 -12.95 -41.75
CA ARG M 429 47.83 -11.58 -41.41
C ARG M 429 47.36 -10.56 -42.45
N SER M 430 47.69 -10.76 -43.73
CA SER M 430 47.29 -9.78 -44.73
C SER M 430 45.78 -9.81 -44.99
N LEU M 431 45.18 -10.98 -44.77
CA LEU M 431 43.74 -11.12 -44.89
C LEU M 431 43.02 -10.24 -43.86
N LEU M 432 43.31 -10.44 -42.58
CA LEU M 432 42.67 -9.68 -41.52
C LEU M 432 42.96 -8.20 -41.66
N ILE M 433 44.01 -7.87 -42.38
CA ILE M 433 44.47 -6.49 -42.48
C ILE M 433 43.79 -5.73 -43.62
N GLY M 434 43.46 -6.46 -44.67
CA GLY M 434 42.76 -5.88 -45.80
C GLY M 434 41.28 -5.80 -45.55
N CYS M 435 40.70 -6.90 -45.07
CA CYS M 435 39.27 -6.97 -44.76
C CYS M 435 39.00 -6.41 -43.37
N LYS M 436 38.94 -5.10 -43.26
CA LYS M 436 38.81 -4.48 -41.97
C LYS M 436 37.35 -4.30 -41.64
N LYS M 437 36.49 -4.74 -42.55
CA LYS M 437 35.04 -4.68 -42.33
C LYS M 437 34.57 -5.95 -41.64
N LEU M 438 35.50 -6.89 -41.50
CA LEU M 438 35.20 -8.21 -40.97
C LEU M 438 34.63 -8.18 -39.56
N ARG M 439 33.56 -8.95 -39.35
CA ARG M 439 32.89 -9.03 -38.05
C ARG M 439 32.78 -10.46 -37.52
N ARG M 440 32.68 -11.42 -38.43
CA ARG M 440 32.64 -12.84 -38.05
C ARG M 440 33.72 -13.58 -38.83
N PHE M 441 34.44 -14.46 -38.16
CA PHE M 441 35.62 -15.07 -38.73
C PHE M 441 35.79 -16.51 -38.24
N ALA M 442 35.90 -17.47 -39.15
CA ALA M 442 36.06 -18.87 -38.77
C ALA M 442 37.25 -19.45 -39.48
N PHE M 443 38.08 -20.18 -38.75
CA PHE M 443 39.38 -20.63 -39.24
C PHE M 443 39.75 -21.99 -38.65
N TYR M 444 39.42 -23.08 -39.34
CA TYR M 444 39.55 -24.42 -38.79
C TYR M 444 40.56 -25.16 -39.63
N LEU M 445 41.64 -25.63 -39.01
CA LEU M 445 42.78 -26.21 -39.74
C LEU M 445 43.18 -27.67 -39.38
N ARG M 446 44.43 -28.01 -39.67
CA ARG M 446 45.06 -29.23 -39.20
C ARG M 446 46.16 -28.79 -38.23
N GLN M 447 46.82 -29.71 -37.52
CA GLN M 447 47.63 -29.28 -36.37
C GLN M 447 48.72 -28.23 -36.68
N GLY M 448 49.63 -28.56 -37.60
CA GLY M 448 50.71 -27.62 -37.90
C GLY M 448 50.30 -26.38 -38.69
N GLY M 449 49.01 -26.07 -38.69
CA GLY M 449 48.49 -25.04 -39.57
C GLY M 449 48.83 -23.61 -39.22
N LEU M 450 48.93 -23.31 -37.94
CA LEU M 450 49.23 -21.95 -37.49
C LEU M 450 50.05 -21.97 -36.21
N THR M 451 51.01 -21.07 -36.14
CA THR M 451 51.95 -21.04 -35.04
C THR M 451 51.55 -20.01 -34.00
N ASP M 452 52.11 -20.11 -32.80
CA ASP M 452 51.79 -19.15 -31.76
C ASP M 452 51.97 -17.72 -32.29
N LEU M 453 52.85 -17.55 -33.26
CA LEU M 453 53.09 -16.22 -33.82
C LEU M 453 51.90 -15.80 -34.69
N GLY M 454 51.45 -16.71 -35.55
CA GLY M 454 50.33 -16.44 -36.43
C GLY M 454 49.04 -16.23 -35.66
N LEU M 455 48.89 -16.96 -34.55
CA LEU M 455 47.72 -16.84 -33.69
C LEU M 455 47.67 -15.43 -33.09
N SER M 456 48.79 -14.94 -32.59
CA SER M 456 48.79 -13.63 -31.98
C SER M 456 48.55 -12.54 -33.01
N TYR M 457 48.72 -12.88 -34.29
CA TYR M 457 48.38 -11.95 -35.36
C TYR M 457 46.87 -11.73 -35.36
N ILE M 458 46.14 -12.81 -35.24
CA ILE M 458 44.68 -12.74 -35.22
C ILE M 458 44.18 -11.81 -34.12
N GLY M 459 44.64 -12.02 -32.90
CA GLY M 459 44.26 -11.15 -31.81
C GLY M 459 44.58 -9.71 -32.14
N GLN M 460 45.69 -9.53 -32.84
CA GLN M 460 46.26 -8.22 -33.10
C GLN M 460 45.59 -7.45 -34.23
N TYR M 461 45.17 -8.14 -35.29
CA TYR M 461 44.62 -7.43 -36.45
C TYR M 461 43.12 -7.67 -36.72
N SER M 462 42.38 -8.09 -35.70
CA SER M 462 40.93 -8.28 -35.85
C SER M 462 40.16 -7.44 -34.83
N PRO M 463 40.03 -6.14 -35.12
CA PRO M 463 39.46 -5.15 -34.22
C PRO M 463 37.94 -5.17 -34.24
N ASN M 464 37.34 -5.66 -35.31
CA ASN M 464 35.89 -5.62 -35.44
C ASN M 464 35.21 -6.95 -35.24
N VAL M 465 36.01 -8.00 -35.24
CA VAL M 465 35.46 -9.33 -35.12
C VAL M 465 34.81 -9.52 -33.75
N ARG M 466 33.57 -10.00 -33.79
CA ARG M 466 32.74 -10.22 -32.61
C ARG M 466 32.55 -11.70 -32.33
N TRP M 467 32.62 -12.52 -33.38
CA TRP M 467 32.53 -13.97 -33.24
C TRP M 467 33.71 -14.64 -33.92
N MET M 468 34.29 -15.63 -33.26
CA MET M 468 35.35 -16.42 -33.87
C MET M 468 35.24 -17.92 -33.60
N LEU M 469 35.37 -18.70 -34.68
CA LEU M 469 35.52 -20.16 -34.59
C LEU M 469 36.93 -20.48 -35.04
N LEU M 470 37.67 -21.17 -34.17
CA LEU M 470 39.05 -21.52 -34.44
C LEU M 470 39.33 -23.04 -34.41
N GLY M 471 39.98 -23.53 -35.46
CA GLY M 471 40.22 -24.95 -35.64
C GLY M 471 41.40 -25.45 -34.85
N TYR M 472 42.39 -25.98 -35.55
CA TYR M 472 43.54 -26.54 -34.86
C TYR M 472 44.69 -25.53 -34.83
N VAL M 473 44.38 -24.30 -34.43
CA VAL M 473 45.37 -23.27 -34.47
C VAL M 473 46.24 -23.24 -33.22
N GLY M 474 47.45 -22.72 -33.38
CA GLY M 474 48.43 -22.61 -32.30
C GLY M 474 49.36 -23.81 -32.15
N GLU M 475 50.32 -23.69 -31.24
CA GLU M 475 51.23 -24.78 -30.92
C GLU M 475 51.33 -24.99 -29.42
N SER M 476 51.29 -23.90 -28.67
CA SER M 476 51.29 -24.04 -27.22
C SER M 476 50.50 -22.91 -26.57
N ASP M 477 50.33 -22.99 -25.25
CA ASP M 477 49.56 -22.00 -24.50
C ASP M 477 50.11 -20.59 -24.70
N GLU M 478 51.28 -20.47 -25.30
CA GLU M 478 51.86 -19.17 -25.56
C GLU M 478 51.00 -18.41 -26.54
N GLY M 479 50.60 -19.07 -27.62
CA GLY M 479 49.81 -18.45 -28.68
C GLY M 479 48.41 -18.04 -28.27
N LEU M 480 47.84 -18.79 -27.34
CA LEU M 480 46.54 -18.41 -26.80
C LEU M 480 46.68 -17.14 -25.96
N MET M 481 47.68 -17.10 -25.09
CA MET M 481 47.86 -15.94 -24.24
C MET M 481 48.19 -14.69 -25.07
N GLU M 482 48.97 -14.85 -26.12
CA GLU M 482 49.30 -13.74 -26.99
C GLU M 482 48.04 -13.23 -27.69
N PHE M 483 47.25 -14.16 -28.19
CA PHE M 483 45.98 -13.85 -28.82
C PHE M 483 45.09 -13.06 -27.87
N SER M 484 45.08 -13.47 -26.60
CA SER M 484 44.15 -12.92 -25.62
C SER M 484 44.36 -11.42 -25.28
N ARG M 485 45.54 -10.88 -25.54
CA ARG M 485 45.75 -9.48 -25.25
C ARG M 485 45.15 -8.60 -26.34
N GLY M 486 44.54 -9.21 -27.35
CA GLY M 486 43.93 -8.49 -28.44
C GLY M 486 42.42 -8.62 -28.43
N CYS M 487 41.84 -8.83 -29.61
CA CYS M 487 40.40 -9.06 -29.73
C CYS M 487 39.58 -8.07 -28.95
N PRO M 488 39.64 -6.81 -29.36
CA PRO M 488 38.98 -5.73 -28.63
C PRO M 488 37.48 -5.99 -28.51
N ASN M 489 36.90 -6.53 -29.56
CA ASN M 489 35.44 -6.63 -29.65
C ASN M 489 34.91 -8.05 -29.67
N LEU M 490 35.75 -9.02 -29.36
CA LEU M 490 35.33 -10.42 -29.38
C LEU M 490 34.28 -10.66 -28.31
N GLN M 491 33.11 -11.13 -28.72
CA GLN M 491 32.01 -11.45 -27.80
C GLN M 491 31.83 -12.96 -27.60
N LYS M 492 31.84 -13.68 -28.72
CA LYS M 492 31.61 -15.10 -28.74
C LYS M 492 32.81 -15.83 -29.36
N LEU M 493 33.30 -16.85 -28.66
CA LEU M 493 34.47 -17.63 -29.09
C LEU M 493 34.26 -19.15 -28.99
N GLU M 494 34.37 -19.81 -30.12
CA GLU M 494 34.23 -21.25 -30.19
C GLU M 494 35.53 -21.83 -30.75
N MET M 495 36.12 -22.80 -30.04
CA MET M 495 37.32 -23.49 -30.50
C MET M 495 37.30 -24.98 -30.20
N ARG M 496 37.59 -25.81 -31.20
CA ARG M 496 37.73 -27.24 -30.96
C ARG M 496 38.97 -27.79 -31.61
N GLY M 497 39.52 -28.83 -31.02
CA GLY M 497 40.71 -29.49 -31.53
C GLY M 497 41.94 -28.70 -31.20
N CYS M 498 42.07 -28.30 -29.94
CA CYS M 498 43.16 -27.43 -29.56
C CYS M 498 44.08 -28.04 -28.51
N CYS M 499 45.32 -27.57 -28.49
CA CYS M 499 46.36 -28.08 -27.60
C CYS M 499 46.50 -27.25 -26.33
N PHE M 500 45.56 -26.35 -26.10
CA PHE M 500 45.65 -25.44 -24.97
C PHE M 500 45.16 -26.13 -23.70
N SER M 501 45.66 -25.69 -22.55
CA SER M 501 45.40 -26.36 -21.28
C SER M 501 44.28 -25.70 -20.52
N GLU M 502 43.81 -26.35 -19.46
CA GLU M 502 42.74 -25.78 -18.65
C GLU M 502 43.11 -24.38 -18.15
N ARG M 503 44.26 -24.26 -17.47
CA ARG M 503 44.61 -22.97 -16.87
C ARG M 503 44.95 -21.94 -17.94
N ALA M 504 45.25 -22.42 -19.13
CA ALA M 504 45.58 -21.57 -20.27
C ALA M 504 44.34 -20.85 -20.78
N ILE M 505 43.25 -21.60 -20.91
CA ILE M 505 41.95 -21.05 -21.25
C ILE M 505 41.49 -20.10 -20.19
N ALA M 506 41.38 -20.60 -18.97
CA ALA M 506 40.93 -19.79 -17.86
C ALA M 506 41.60 -18.43 -17.82
N ALA M 507 42.90 -18.40 -18.05
CA ALA M 507 43.65 -17.15 -17.94
C ALA M 507 43.40 -16.24 -19.14
N ALA M 508 43.15 -16.84 -20.29
CA ALA M 508 42.91 -16.06 -21.49
C ALA M 508 41.52 -15.40 -21.47
N VAL M 509 40.55 -16.06 -20.86
CA VAL M 509 39.21 -15.51 -20.72
C VAL M 509 39.20 -14.22 -19.90
N THR M 510 40.05 -14.17 -18.88
CA THR M 510 40.08 -13.01 -18.03
C THR M 510 40.67 -11.81 -18.76
N LYS M 511 41.60 -12.09 -19.68
CA LYS M 511 42.29 -11.02 -20.43
C LYS M 511 41.43 -10.50 -21.56
N LEU M 512 40.42 -11.26 -21.96
CA LEU M 512 39.56 -10.84 -23.07
C LEU M 512 38.46 -9.87 -22.63
N PRO M 513 38.48 -8.66 -23.20
CA PRO M 513 37.67 -7.53 -22.76
C PRO M 513 36.18 -7.70 -23.00
N SER M 514 35.80 -8.36 -24.08
CA SER M 514 34.42 -8.35 -24.52
C SER M 514 33.71 -9.71 -24.45
N LEU M 515 34.47 -10.77 -24.21
CA LEU M 515 33.95 -12.13 -24.16
C LEU M 515 32.77 -12.32 -23.23
N ARG M 516 31.66 -12.83 -23.77
CA ARG M 516 30.47 -13.15 -23.00
C ARG M 516 29.92 -14.57 -23.24
N TYR M 517 30.55 -15.32 -24.13
CA TYR M 517 30.13 -16.67 -24.47
C TYR M 517 31.32 -17.44 -24.99
N LEU M 518 31.50 -18.66 -24.50
CA LEU M 518 32.65 -19.49 -24.84
C LEU M 518 32.24 -20.94 -24.90
N TRP M 519 32.51 -21.60 -26.02
CA TRP M 519 32.35 -23.06 -26.15
C TRP M 519 33.67 -23.69 -26.62
N VAL M 520 34.05 -24.84 -26.04
CA VAL M 520 35.31 -25.51 -26.38
C VAL M 520 35.20 -27.03 -26.29
N GLN M 521 35.68 -27.70 -27.33
CA GLN M 521 35.87 -29.16 -27.27
C GLN M 521 37.32 -29.54 -27.53
N GLY M 522 37.90 -30.32 -26.64
CA GLY M 522 39.30 -30.71 -26.78
C GLY M 522 40.30 -29.73 -26.19
N TYR M 523 40.91 -30.15 -25.10
CA TYR M 523 41.80 -29.30 -24.33
C TYR M 523 42.55 -30.19 -23.32
N ARG M 524 43.74 -29.79 -22.89
CA ARG M 524 44.48 -30.53 -21.87
C ARG M 524 43.76 -30.40 -20.52
N ALA M 525 43.00 -31.42 -20.14
CA ALA M 525 42.25 -31.39 -18.88
C ALA M 525 43.14 -31.65 -17.65
N SER M 526 42.49 -31.97 -16.54
CA SER M 526 43.19 -32.44 -15.35
C SER M 526 42.16 -33.03 -14.41
N MET M 527 42.52 -34.13 -13.76
CA MET M 527 41.56 -34.83 -12.91
C MET M 527 40.96 -33.87 -11.89
N THR M 528 41.77 -32.92 -11.43
CA THR M 528 41.32 -31.88 -10.50
C THR M 528 40.06 -31.20 -11.08
N GLY M 529 40.23 -30.57 -12.24
CA GLY M 529 39.17 -29.78 -12.84
C GLY M 529 39.25 -28.37 -12.32
N GLN M 530 40.03 -28.18 -11.25
CA GLN M 530 40.11 -26.90 -10.53
C GLN M 530 40.96 -25.86 -11.25
N ASP M 531 41.47 -26.23 -12.43
CA ASP M 531 42.28 -25.31 -13.20
C ASP M 531 41.37 -24.29 -13.88
N LEU M 532 40.23 -24.77 -14.38
CA LEU M 532 39.21 -23.91 -14.97
C LEU M 532 38.74 -22.86 -13.96
N MET M 533 38.72 -23.24 -12.70
CA MET M 533 38.19 -22.37 -11.66
C MET M 533 38.79 -20.96 -11.67
N GLN M 534 40.03 -20.82 -12.11
CA GLN M 534 40.70 -19.53 -12.03
C GLN M 534 40.15 -18.53 -13.06
N MET M 535 38.89 -18.73 -13.45
CA MET M 535 38.16 -17.74 -14.25
C MET M 535 36.80 -17.44 -13.66
N ALA M 536 36.58 -17.92 -12.43
CA ALA M 536 35.29 -17.77 -11.80
C ALA M 536 35.01 -16.32 -11.42
N ARG M 537 34.43 -15.56 -12.35
CA ARG M 537 33.91 -14.22 -12.06
C ARG M 537 32.54 -14.43 -11.44
N PRO M 538 31.90 -13.33 -11.00
CA PRO M 538 30.48 -13.44 -10.67
C PRO M 538 29.67 -13.25 -11.95
N TYR M 539 28.49 -13.86 -12.01
CA TYR M 539 27.63 -13.81 -13.19
C TYR M 539 28.12 -14.68 -14.33
N TRP M 540 29.22 -15.38 -14.09
CA TRP M 540 29.87 -16.21 -15.11
C TRP M 540 29.59 -17.68 -14.81
N ASN M 541 28.67 -18.26 -15.59
CA ASN M 541 28.33 -19.66 -15.45
C ASN M 541 29.24 -20.53 -16.31
N ILE M 542 29.77 -21.63 -15.75
CA ILE M 542 30.49 -22.61 -16.58
C ILE M 542 29.82 -24.00 -16.54
N GLU M 543 29.80 -24.72 -17.65
CA GLU M 543 29.18 -26.03 -17.73
C GLU M 543 30.06 -27.01 -18.49
N LEU M 544 29.94 -28.29 -18.17
CA LEU M 544 30.73 -29.32 -18.83
C LEU M 544 29.84 -30.40 -19.44
N ILE M 545 30.21 -30.92 -20.61
CA ILE M 545 29.33 -31.79 -21.39
C ILE M 545 30.00 -33.10 -21.88
N PRO M 546 29.20 -34.03 -22.45
CA PRO M 546 29.63 -35.20 -23.26
C PRO M 546 29.37 -35.07 -24.78
N SER M 547 28.27 -35.64 -25.28
CA SER M 547 27.85 -35.46 -26.70
C SER M 547 26.75 -36.44 -27.21
N ARG M 548 25.78 -35.91 -27.97
CA ARG M 548 24.68 -36.68 -28.58
C ARG M 548 24.34 -36.16 -30.00
N ARG M 549 23.12 -36.44 -30.46
CA ARG M 549 22.62 -35.95 -31.75
C ARG M 549 21.12 -35.61 -31.68
N GLU M 563 33.29 -41.59 -29.55
CA GLU M 563 34.23 -40.98 -28.62
C GLU M 563 34.12 -39.46 -28.62
N HIS M 564 33.38 -38.91 -27.64
CA HIS M 564 33.13 -37.47 -27.62
C HIS M 564 33.73 -36.77 -26.39
N PRO M 565 34.80 -35.96 -26.60
CA PRO M 565 35.54 -35.22 -25.56
C PRO M 565 34.64 -34.24 -24.77
N ALA M 566 35.04 -33.91 -23.54
CA ALA M 566 34.26 -32.98 -22.70
C ALA M 566 34.21 -31.57 -23.29
N HIS M 567 33.00 -31.02 -23.37
CA HIS M 567 32.83 -29.67 -23.87
C HIS M 567 32.89 -28.74 -22.70
N ILE M 568 33.32 -27.51 -22.96
CA ILE M 568 33.20 -26.44 -21.97
C ILE M 568 32.32 -25.36 -22.56
N LEU M 569 31.27 -25.00 -21.83
CA LEU M 569 30.42 -23.90 -22.24
C LEU M 569 30.37 -22.94 -21.09
N ALA M 570 30.59 -21.67 -21.37
CA ALA M 570 30.50 -20.62 -20.35
C ALA M 570 29.92 -19.34 -20.93
N TYR M 571 29.09 -18.68 -20.13
CA TYR M 571 28.37 -17.51 -20.59
C TYR M 571 28.05 -16.63 -19.37
N TYR M 572 27.88 -15.33 -19.61
CA TYR M 572 27.43 -14.41 -18.57
C TYR M 572 25.92 -14.48 -18.46
N SER M 573 25.39 -14.51 -17.24
CA SER M 573 23.95 -14.48 -17.05
C SER M 573 23.54 -13.78 -15.77
N LEU M 574 22.56 -12.89 -15.88
CA LEU M 574 22.02 -12.20 -14.73
C LEU M 574 20.89 -13.01 -14.11
N ALA M 575 21.01 -14.34 -14.20
CA ALA M 575 19.91 -15.21 -13.82
C ALA M 575 20.36 -16.19 -12.75
N GLY M 576 21.63 -16.54 -12.79
CA GLY M 576 22.14 -17.60 -11.96
C GLY M 576 22.17 -18.89 -12.76
N GLN M 577 22.31 -20.02 -12.07
CA GLN M 577 22.46 -21.27 -12.77
C GLN M 577 21.12 -21.91 -13.09
N ARG M 578 21.03 -22.44 -14.31
CA ARG M 578 19.80 -23.03 -14.83
C ARG M 578 19.37 -24.19 -13.97
N THR M 579 18.06 -24.33 -13.86
CA THR M 579 17.45 -25.46 -13.17
C THR M 579 17.38 -26.73 -13.99
N ASP M 580 17.34 -26.58 -15.32
CA ASP M 580 17.00 -27.69 -16.21
C ASP M 580 18.15 -28.51 -16.77
N CYS M 581 19.30 -28.50 -16.10
CA CYS M 581 20.41 -29.30 -16.59
C CYS M 581 20.09 -30.80 -16.64
N PRO M 582 20.42 -31.46 -17.76
CA PRO M 582 20.33 -32.92 -17.83
C PRO M 582 21.23 -33.53 -16.75
N THR M 583 21.27 -34.85 -16.69
CA THR M 583 22.21 -35.53 -15.81
C THR M 583 23.58 -35.52 -16.45
N THR M 584 23.58 -35.64 -17.78
CA THR M 584 24.77 -35.59 -18.59
C THR M 584 25.54 -34.26 -18.59
N VAL M 585 25.10 -33.26 -17.81
CA VAL M 585 25.73 -31.93 -17.83
C VAL M 585 26.10 -31.44 -16.43
N ARG M 586 27.33 -30.97 -16.26
CA ARG M 586 27.84 -30.62 -14.92
C ARG M 586 28.13 -29.14 -14.78
N VAL M 587 27.66 -28.55 -13.68
CA VAL M 587 27.87 -27.12 -13.45
C VAL M 587 28.87 -26.88 -12.33
N LEU M 588 29.99 -26.22 -12.66
CA LEU M 588 31.03 -25.95 -11.67
C LEU M 588 30.75 -24.80 -10.71
N LYS M 589 30.93 -25.05 -9.42
CA LYS M 589 30.64 -24.07 -8.37
C LYS M 589 31.71 -24.07 -7.29
N GLU M 590 32.90 -23.59 -7.64
CA GLU M 590 34.02 -23.52 -6.69
C GLU M 590 34.34 -24.91 -6.16
N PRO M 591 35.28 -25.00 -5.18
CA PRO M 591 35.54 -26.31 -4.57
C PRO M 591 34.28 -27.17 -4.46
N ILE M 592 34.25 -28.28 -5.20
CA ILE M 592 33.11 -29.19 -5.24
C ILE M 592 32.77 -29.73 -3.84
N GLU N 1 41.82 -37.83 -31.59
CA GLU N 1 41.07 -37.94 -32.83
C GLU N 1 39.75 -37.17 -32.79
N LEU N 2 39.73 -35.98 -33.37
CA LEU N 2 38.50 -35.23 -33.53
C LEU N 2 38.09 -35.12 -35.00
N PRO N 3 37.11 -35.95 -35.40
CA PRO N 3 36.66 -36.04 -36.78
C PRO N 3 35.90 -34.80 -37.19
N ILE N 4 36.09 -34.31 -38.40
CA ILE N 4 35.32 -33.16 -38.88
C ILE N 4 33.82 -33.49 -38.81
N ALA N 5 33.10 -32.78 -37.92
CA ALA N 5 31.67 -32.96 -37.75
C ALA N 5 30.94 -32.42 -38.94
N ARG N 6 29.98 -33.19 -39.42
CA ARG N 6 29.24 -32.80 -40.60
C ARG N 6 28.00 -32.05 -40.15
N ARG N 7 27.68 -30.96 -40.85
CA ARG N 7 26.46 -30.21 -40.61
C ARG N 7 25.26 -31.10 -40.83
N ALA N 8 24.39 -31.18 -39.82
CA ALA N 8 23.32 -32.16 -39.81
C ALA N 8 22.51 -32.14 -41.10
N SER N 9 22.27 -30.96 -41.67
CA SER N 9 21.42 -30.88 -42.85
C SER N 9 22.01 -31.64 -44.01
N LEU N 10 23.32 -31.59 -44.17
CA LEU N 10 24.01 -32.31 -45.24
C LEU N 10 24.07 -33.79 -44.95
N HIS N 11 24.55 -34.11 -43.75
CA HIS N 11 24.64 -35.50 -43.32
C HIS N 11 23.37 -36.29 -43.65
N ARG N 12 22.22 -35.69 -43.46
CA ARG N 12 20.94 -36.32 -43.78
C ARG N 12 20.87 -36.53 -45.27
N PHE N 13 21.22 -35.50 -46.05
CA PHE N 13 21.16 -35.56 -47.51
C PHE N 13 22.10 -36.62 -48.14
N LEU N 14 23.30 -36.77 -47.59
CA LEU N 14 24.30 -37.67 -48.16
C LEU N 14 23.86 -39.13 -48.07
N GLU N 15 23.00 -39.42 -47.10
CA GLU N 15 22.43 -40.75 -46.96
C GLU N 15 21.18 -40.95 -47.82
N LYS N 16 20.38 -39.91 -47.97
CA LYS N 16 19.26 -39.96 -48.91
C LYS N 16 19.78 -40.05 -50.33
N ARG N 17 21.10 -39.99 -50.47
CA ARG N 17 21.77 -40.03 -51.77
C ARG N 17 21.98 -41.46 -52.23
N LYS N 18 22.73 -42.21 -51.44
CA LYS N 18 22.88 -43.63 -51.65
C LYS N 18 21.52 -44.34 -51.48
N LYS O 5 16.25 -34.73 46.28
CA LYS O 5 15.99 -35.53 45.08
C LYS O 5 14.66 -35.15 44.38
N ILE O 6 14.73 -34.89 43.06
CA ILE O 6 13.56 -34.42 42.28
C ILE O 6 13.23 -35.31 41.06
N VAL O 7 11.98 -35.22 40.60
CA VAL O 7 11.50 -36.02 39.46
C VAL O 7 11.14 -35.16 38.24
N LEU O 8 11.88 -35.35 37.14
CA LEU O 8 11.58 -34.66 35.87
C LEU O 8 10.92 -35.61 34.87
N LYS O 9 9.68 -35.30 34.47
CA LYS O 9 8.93 -36.15 33.56
C LYS O 9 9.10 -35.74 32.09
N SER O 10 10.03 -36.43 31.42
CA SER O 10 10.37 -36.19 30.02
C SER O 10 9.18 -36.09 29.03
N SER O 11 9.49 -35.82 27.76
CA SER O 11 8.49 -35.57 26.71
C SER O 11 7.69 -36.80 26.32
N ASP O 12 8.22 -37.97 26.65
CA ASP O 12 7.59 -39.23 26.30
C ASP O 12 7.36 -40.07 27.57
N GLY O 13 6.80 -39.44 28.60
CA GLY O 13 6.51 -40.10 29.87
C GLY O 13 7.66 -40.93 30.40
N GLU O 14 8.60 -40.31 31.11
CA GLU O 14 9.81 -40.98 31.52
C GLU O 14 10.41 -40.33 32.76
N SER O 15 9.98 -40.75 33.95
CA SER O 15 10.50 -40.16 35.19
C SER O 15 12.03 -40.25 35.29
N PHE O 16 12.63 -39.24 35.93
CA PHE O 16 14.08 -39.18 36.12
C PHE O 16 14.46 -38.82 37.56
N GLU O 17 15.13 -39.75 38.23
CA GLU O 17 15.66 -39.52 39.57
C GLU O 17 16.92 -38.66 39.49
N VAL O 18 16.85 -37.44 40.01
CA VAL O 18 18.03 -36.57 40.04
C VAL O 18 18.16 -35.87 41.37
N GLU O 19 19.40 -35.48 41.69
CA GLU O 19 19.71 -34.91 43.01
C GLU O 19 19.17 -33.50 43.12
N GLU O 20 19.40 -32.90 44.28
CA GLU O 20 18.98 -31.52 44.56
C GLU O 20 19.69 -30.48 43.67
N ALA O 21 20.99 -30.30 43.89
CA ALA O 21 21.76 -29.25 43.22
C ALA O 21 22.10 -29.56 41.76
N VAL O 22 21.65 -30.72 41.28
CA VAL O 22 21.78 -31.05 39.86
C VAL O 22 20.64 -30.42 39.07
N ALA O 23 19.42 -30.51 39.59
CA ALA O 23 18.24 -29.95 38.93
C ALA O 23 18.09 -28.44 39.11
N LEU O 24 18.96 -27.84 39.92
CA LEU O 24 18.94 -26.40 40.15
C LEU O 24 19.83 -25.63 39.17
N GLU O 25 20.63 -26.36 38.40
CA GLU O 25 21.45 -25.76 37.34
C GLU O 25 20.56 -25.10 36.29
N SER O 26 19.32 -25.57 36.20
CA SER O 26 18.33 -24.99 35.30
C SER O 26 17.45 -23.98 36.03
N GLN O 27 17.71 -22.70 35.81
CA GLN O 27 16.90 -21.64 36.40
C GLN O 27 15.48 -21.69 35.89
N THR O 28 15.12 -22.74 35.15
CA THR O 28 13.74 -22.95 34.75
C THR O 28 13.07 -23.89 35.73
N ILE O 29 13.87 -24.75 36.35
CA ILE O 29 13.37 -25.66 37.36
C ILE O 29 13.58 -25.05 38.74
N ALA O 30 14.55 -24.13 38.83
CA ALA O 30 14.78 -23.37 40.05
C ALA O 30 13.60 -22.44 40.33
N HIS O 31 13.18 -21.71 39.30
CA HIS O 31 12.03 -20.80 39.41
C HIS O 31 10.70 -21.58 39.47
N MET O 32 10.79 -22.89 39.58
CA MET O 32 9.60 -23.72 39.62
C MET O 32 9.55 -24.56 40.91
N VAL O 33 10.41 -24.23 41.86
CA VAL O 33 10.31 -24.79 43.21
C VAL O 33 9.67 -23.75 44.14
N GLU O 34 9.44 -22.55 43.59
CA GLU O 34 8.70 -21.49 44.29
C GLU O 34 7.22 -21.81 44.24
N ASP O 35 6.65 -21.68 43.04
CA ASP O 35 5.29 -22.13 42.76
C ASP O 35 5.28 -23.64 42.60
N ASP O 36 5.93 -24.32 43.54
CA ASP O 36 6.24 -25.75 43.46
C ASP O 36 5.16 -26.68 42.89
N CYS O 37 5.27 -26.96 41.59
CA CYS O 37 4.48 -28.02 40.98
C CYS O 37 5.25 -29.33 41.10
N VAL O 38 6.29 -29.30 41.93
CA VAL O 38 7.14 -30.46 42.17
C VAL O 38 6.35 -31.60 42.82
N ASP O 39 5.11 -31.30 43.19
CA ASP O 39 4.20 -32.32 43.74
C ASP O 39 4.12 -33.52 42.80
N ASN O 40 3.66 -33.26 41.59
CA ASN O 40 3.49 -34.30 40.58
C ASN O 40 4.77 -34.48 39.75
N GLY O 41 5.88 -33.98 40.25
CA GLY O 41 7.13 -33.97 39.51
C GLY O 41 7.08 -32.92 38.42
N VAL O 42 8.23 -32.30 38.13
CA VAL O 42 8.32 -31.25 37.10
C VAL O 42 8.16 -31.80 35.68
N PRO O 43 7.03 -31.45 35.02
CA PRO O 43 6.71 -31.89 33.65
C PRO O 43 7.39 -31.02 32.60
N LEU O 44 8.13 -31.62 31.67
CA LEU O 44 8.72 -30.87 30.57
C LEU O 44 8.59 -31.56 29.21
N PRO O 45 7.40 -31.46 28.59
CA PRO O 45 6.98 -32.19 27.40
C PRO O 45 7.66 -31.71 26.12
N ASN O 46 8.72 -30.92 26.26
CA ASN O 46 9.43 -30.40 25.09
C ASN O 46 10.90 -30.85 25.02
N VAL O 47 11.23 -31.86 25.83
CA VAL O 47 12.57 -32.44 25.78
C VAL O 47 12.47 -33.93 25.53
N THR O 48 13.02 -34.38 24.40
CA THR O 48 13.08 -35.80 24.09
C THR O 48 13.80 -36.49 25.25
N SER O 49 13.52 -37.77 25.48
CA SER O 49 14.09 -38.45 26.64
C SER O 49 15.58 -38.73 26.45
N LYS O 50 15.97 -38.99 25.20
CA LYS O 50 17.38 -39.22 24.87
C LYS O 50 18.24 -37.99 25.16
N ILE O 51 17.64 -36.83 24.93
CA ILE O 51 18.32 -35.55 25.13
C ILE O 51 18.37 -35.15 26.62
N LEU O 52 17.22 -35.13 27.27
CA LEU O 52 17.11 -34.83 28.70
C LEU O 52 18.15 -35.66 29.45
N ALA O 53 18.38 -36.88 28.96
CA ALA O 53 19.39 -37.79 29.47
C ALA O 53 20.80 -37.20 29.38
N LYS O 54 21.17 -36.75 28.18
CA LYS O 54 22.47 -36.14 27.96
C LYS O 54 22.65 -34.83 28.74
N VAL O 55 21.53 -34.16 29.04
CA VAL O 55 21.57 -32.89 29.78
C VAL O 55 21.96 -33.10 31.23
N ILE O 56 21.30 -34.06 31.88
CA ILE O 56 21.59 -34.39 33.27
C ILE O 56 23.03 -34.88 33.45
N GLU O 57 23.52 -35.62 32.48
CA GLU O 57 24.91 -36.09 32.48
C GLU O 57 25.91 -34.92 32.51
N TYR O 58 25.56 -33.83 31.83
CA TYR O 58 26.40 -32.64 31.81
C TYR O 58 26.39 -31.97 33.19
N CYS O 59 25.19 -31.66 33.68
CA CYS O 59 25.03 -31.01 34.97
C CYS O 59 25.66 -31.83 36.09
N LYS O 60 25.35 -33.13 36.11
CA LYS O 60 25.99 -34.04 37.06
C LYS O 60 27.47 -33.72 37.17
N ARG O 61 28.16 -33.73 36.03
CA ARG O 61 29.62 -33.61 36.01
C ARG O 61 30.12 -32.23 36.47
N HIS O 62 29.38 -31.18 36.12
CA HIS O 62 29.78 -29.82 36.47
C HIS O 62 29.53 -29.50 37.95
N VAL O 63 28.43 -30.02 38.49
CA VAL O 63 28.13 -29.90 39.92
C VAL O 63 29.29 -30.37 40.79
N GLU O 64 29.98 -31.42 40.34
CA GLU O 64 31.16 -31.93 41.02
C GLU O 64 32.39 -31.06 40.78
N ALA O 65 32.18 -29.75 40.86
CA ALA O 65 33.27 -28.77 40.85
C ALA O 65 33.52 -28.27 42.28
N ALA O 66 32.77 -28.83 43.23
CA ALA O 66 33.04 -28.61 44.67
C ALA O 66 34.48 -29.04 44.96
N ALA O 67 34.78 -30.30 44.66
CA ALA O 67 36.15 -30.75 44.50
C ALA O 67 36.70 -30.01 43.28
N ASP O 80 39.95 -27.17 37.05
CA ASP O 80 39.51 -26.57 35.78
C ASP O 80 40.20 -27.16 34.56
N ASP O 81 41.25 -27.94 34.79
CA ASP O 81 42.07 -28.43 33.70
C ASP O 81 41.39 -29.59 32.96
N ASP O 82 40.84 -30.51 33.74
CA ASP O 82 40.25 -31.75 33.21
C ASP O 82 38.79 -31.57 32.82
N LEU O 83 38.25 -30.38 33.04
CA LEU O 83 36.89 -30.06 32.62
C LEU O 83 36.83 -29.73 31.13
N LYS O 84 37.74 -28.86 30.67
CA LYS O 84 37.84 -28.53 29.26
C LYS O 84 38.12 -29.79 28.44
N ALA O 85 38.55 -30.84 29.15
CA ALA O 85 38.81 -32.15 28.56
C ALA O 85 37.52 -32.94 28.37
N TRP O 86 36.79 -33.18 29.46
CA TRP O 86 35.50 -33.87 29.39
C TRP O 86 34.54 -33.14 28.48
N ASP O 87 34.53 -31.80 28.60
CA ASP O 87 33.66 -30.93 27.80
C ASP O 87 33.90 -31.11 26.29
N ALA O 88 35.16 -30.95 25.85
CA ALA O 88 35.52 -31.18 24.44
C ALA O 88 35.07 -32.57 23.96
N ASP O 89 35.17 -33.56 24.84
CA ASP O 89 34.79 -34.92 24.50
C ASP O 89 33.27 -35.10 24.51
N PHE O 90 32.59 -34.43 25.43
CA PHE O 90 31.14 -34.55 25.57
C PHE O 90 30.44 -34.10 24.30
N MET O 91 31.09 -33.19 23.56
CA MET O 91 30.51 -32.57 22.38
C MET O 91 30.65 -33.40 21.11
N LYS O 92 31.58 -34.36 21.12
CA LYS O 92 31.75 -35.27 20.00
C LYS O 92 30.45 -36.03 19.69
N ILE O 93 29.47 -35.31 19.15
CA ILE O 93 28.19 -35.87 18.74
C ILE O 93 27.87 -35.43 17.31
N ASP O 94 26.78 -35.92 16.76
CA ASP O 94 26.35 -35.48 15.43
C ASP O 94 25.60 -34.17 15.52
N GLN O 95 25.41 -33.51 14.38
CA GLN O 95 24.74 -32.21 14.37
C GLN O 95 23.33 -32.21 14.95
N ALA O 96 22.44 -32.98 14.33
CA ALA O 96 21.03 -32.99 14.75
C ALA O 96 20.86 -33.11 16.29
N THR O 97 21.83 -33.78 16.92
CA THR O 97 21.83 -33.93 18.38
C THR O 97 22.28 -32.64 19.03
N LEU O 98 23.43 -32.15 18.58
CA LEU O 98 23.97 -30.87 19.04
C LEU O 98 22.94 -29.76 19.05
N PHE O 99 22.09 -29.73 18.03
CA PHE O 99 21.08 -28.70 17.96
C PHE O 99 20.00 -28.90 19.02
N GLU O 100 19.49 -30.13 19.09
CA GLU O 100 18.43 -30.45 20.06
C GLU O 100 18.87 -30.14 21.51
N LEU O 101 20.18 -30.03 21.69
CA LEU O 101 20.78 -29.69 22.99
C LEU O 101 20.69 -28.21 23.28
N ILE O 102 21.03 -27.40 22.29
CA ILE O 102 20.93 -25.95 22.41
C ILE O 102 19.49 -25.57 22.71
N LEU O 103 18.58 -26.08 21.90
CA LEU O 103 17.15 -25.88 22.11
C LEU O 103 16.72 -26.25 23.54
N ALA O 104 17.36 -27.27 24.09
CA ALA O 104 17.05 -27.77 25.41
C ALA O 104 17.69 -26.90 26.50
N ALA O 105 18.96 -26.55 26.33
CA ALA O 105 19.63 -25.66 27.25
C ALA O 105 18.87 -24.34 27.35
N ASN O 106 18.19 -23.98 26.26
CA ASN O 106 17.43 -22.73 26.19
C ASN O 106 15.98 -22.91 26.64
N TYR O 107 15.50 -24.15 26.62
CA TYR O 107 14.17 -24.48 27.11
C TYR O 107 14.19 -24.56 28.63
N LEU O 108 15.34 -24.99 29.17
CA LEU O 108 15.62 -24.84 30.57
C LEU O 108 16.32 -23.50 30.64
N ASN O 109 17.26 -23.34 31.56
CA ASN O 109 18.00 -22.09 31.60
C ASN O 109 19.41 -22.34 32.10
N ILE O 110 20.12 -23.18 31.36
CA ILE O 110 21.45 -23.61 31.74
C ILE O 110 22.48 -22.76 31.02
N LYS O 111 22.86 -21.65 31.63
CA LYS O 111 23.73 -20.69 30.95
C LYS O 111 25.10 -21.28 30.61
N ASN O 112 25.63 -22.15 31.45
CA ASN O 112 26.92 -22.78 31.15
C ASN O 112 26.83 -23.76 29.97
N LEU O 113 25.63 -24.31 29.76
CA LEU O 113 25.35 -25.17 28.61
C LEU O 113 25.02 -24.37 27.32
N LEU O 114 24.49 -23.07 27.43
CA LEU O 114 24.19 -22.12 26.29
C LEU O 114 25.47 -21.38 25.86
N ASP O 115 26.13 -20.71 26.80
CA ASP O 115 27.42 -20.09 26.51
C ASP O 115 28.39 -21.18 26.05
N LEU O 116 27.97 -22.44 26.13
CA LEU O 116 28.83 -23.53 25.68
C LEU O 116 28.38 -24.20 24.39
N THR O 117 27.10 -24.60 24.34
CA THR O 117 26.54 -25.26 23.14
C THR O 117 26.53 -24.35 21.90
N CYS O 118 26.13 -23.09 22.11
CA CYS O 118 26.13 -22.10 21.05
C CYS O 118 27.56 -21.77 20.66
N GLN O 119 28.44 -21.55 21.65
CA GLN O 119 29.83 -21.22 21.36
C GLN O 119 30.52 -22.34 20.59
N THR O 120 29.93 -23.53 20.65
CA THR O 120 30.45 -24.69 19.94
C THR O 120 30.09 -24.63 18.46
N VAL O 121 28.83 -24.31 18.17
CA VAL O 121 28.38 -24.12 16.79
C VAL O 121 29.08 -22.90 16.18
N ALA O 122 29.20 -21.83 16.97
CA ALA O 122 29.87 -20.62 16.52
C ALA O 122 31.32 -20.91 16.12
N ASP O 123 31.91 -21.91 16.75
CA ASP O 123 33.29 -22.29 16.43
C ASP O 123 33.35 -23.08 15.14
N MET O 124 32.24 -23.72 14.80
CA MET O 124 32.11 -24.43 13.53
C MET O 124 32.12 -23.49 12.32
N ILE O 125 31.70 -22.25 12.54
CA ILE O 125 31.70 -21.22 11.50
C ILE O 125 33.02 -20.46 11.46
N LYS O 126 33.52 -20.09 12.64
CA LYS O 126 34.69 -19.21 12.78
C LYS O 126 35.90 -19.63 11.95
N GLY O 127 35.99 -19.12 10.72
CA GLY O 127 37.12 -19.37 9.87
C GLY O 127 36.75 -19.81 8.47
N LYS O 128 35.58 -20.43 8.33
CA LYS O 128 35.17 -20.94 7.04
C LYS O 128 34.67 -19.82 6.08
N THR O 129 34.63 -20.14 4.79
CA THR O 129 34.05 -19.25 3.80
C THR O 129 32.56 -19.55 3.65
N PRO O 130 31.82 -18.65 2.99
CA PRO O 130 30.40 -18.85 2.78
C PRO O 130 30.10 -20.19 2.14
N GLU O 131 30.99 -20.68 1.28
CA GLU O 131 30.77 -21.99 0.67
C GLU O 131 31.01 -23.12 1.69
N GLU O 132 32.20 -23.12 2.28
CA GLU O 132 32.55 -24.06 3.32
C GLU O 132 31.45 -24.17 4.39
N ILE O 133 30.67 -23.10 4.58
CA ILE O 133 29.61 -23.09 5.58
C ILE O 133 28.42 -23.91 5.12
N ARG O 134 27.75 -23.46 4.07
CA ARG O 134 26.51 -24.12 3.66
C ARG O 134 26.78 -25.53 3.19
N THR O 135 28.07 -25.81 2.97
CA THR O 135 28.56 -27.17 2.81
C THR O 135 28.41 -27.92 4.13
N THR O 136 29.19 -27.52 5.14
CA THR O 136 29.21 -28.23 6.42
C THR O 136 27.99 -27.94 7.31
N PHE O 137 26.82 -27.77 6.68
CA PHE O 137 25.55 -27.54 7.37
C PHE O 137 24.41 -27.91 6.43
N ASN O 138 24.77 -28.20 5.19
CA ASN O 138 23.79 -28.48 4.13
C ASN O 138 22.71 -27.41 4.01
N ILE O 139 23.12 -26.23 3.54
CA ILE O 139 22.21 -25.10 3.30
C ILE O 139 22.22 -24.68 1.84
N LYS O 140 21.07 -24.67 1.19
CA LYS O 140 21.00 -24.22 -0.19
C LYS O 140 21.09 -22.69 -0.28
N ASN O 141 22.14 -22.20 -0.94
CA ASN O 141 22.30 -20.78 -1.25
C ASN O 141 21.14 -20.27 -2.12
N ASP O 142 20.40 -19.26 -1.65
CA ASP O 142 19.22 -18.75 -2.36
C ASP O 142 19.26 -17.28 -2.75
N PHE O 143 20.48 -16.74 -2.86
CA PHE O 143 20.75 -15.37 -3.30
C PHE O 143 20.73 -15.24 -4.82
N THR O 144 19.89 -14.38 -5.38
CA THR O 144 20.05 -14.07 -6.80
C THR O 144 21.43 -13.43 -6.92
N PRO O 145 22.13 -13.64 -8.04
CA PRO O 145 23.52 -13.22 -8.05
C PRO O 145 23.69 -11.72 -7.84
N GLU O 146 22.66 -10.93 -8.14
CA GLU O 146 22.68 -9.49 -7.91
C GLU O 146 22.76 -9.22 -6.42
N GLU O 147 21.92 -9.92 -5.65
CA GLU O 147 21.91 -9.84 -4.19
C GLU O 147 23.27 -10.20 -3.63
N GLU O 148 23.76 -11.37 -4.00
CA GLU O 148 25.06 -11.82 -3.54
C GLU O 148 26.14 -10.77 -3.85
N GLU O 149 26.04 -10.13 -5.01
CA GLU O 149 27.02 -9.12 -5.42
C GLU O 149 26.94 -7.88 -4.57
N GLU O 150 25.72 -7.39 -4.35
CA GLU O 150 25.51 -6.22 -3.52
C GLU O 150 26.07 -6.45 -2.13
N VAL O 151 25.81 -7.62 -1.58
CA VAL O 151 26.26 -7.92 -0.22
C VAL O 151 27.78 -8.04 -0.14
N ARG O 152 28.36 -8.76 -1.08
CA ARG O 152 29.80 -8.84 -1.15
C ARG O 152 30.41 -7.42 -1.32
N ARG O 153 29.82 -6.63 -2.22
CA ARG O 153 30.29 -5.26 -2.42
C ARG O 153 30.22 -4.43 -1.13
N GLU O 154 29.08 -4.47 -0.44
CA GLU O 154 28.93 -3.72 0.81
C GLU O 154 30.01 -4.17 1.78
N ASN O 155 30.16 -5.49 1.90
CA ASN O 155 31.09 -6.09 2.86
C ASN O 155 32.56 -5.71 2.67
N GLN O 156 33.01 -5.55 1.44
CA GLN O 156 34.44 -5.44 1.20
C GLN O 156 34.88 -4.01 0.83
N TRP O 157 33.90 -3.21 0.42
CA TRP O 157 34.20 -1.85 0.01
C TRP O 157 33.77 -0.84 1.07
N ALA O 158 32.63 -1.10 1.71
CA ALA O 158 32.03 -0.11 2.61
C ALA O 158 32.19 -0.39 4.12
N PHE O 159 31.67 -1.53 4.59
CA PHE O 159 31.50 -1.80 6.02
C PHE O 159 32.39 -2.88 6.62
N GLU O 160 33.56 -2.47 7.11
CA GLU O 160 34.36 -3.24 8.08
C GLU O 160 35.87 -3.21 7.84
N SER P 12 7.08 -32.81 16.79
CA SER P 12 8.52 -32.57 16.81
C SER P 12 9.19 -33.18 15.59
N CYS P 13 9.74 -32.33 14.75
CA CYS P 13 10.54 -32.79 13.61
C CYS P 13 12.03 -32.67 14.00
N VAL P 14 12.92 -33.17 13.15
CA VAL P 14 14.36 -33.06 13.40
C VAL P 14 14.76 -31.59 13.50
N ALA P 15 15.71 -31.27 14.39
CA ALA P 15 16.13 -29.88 14.58
C ALA P 15 17.20 -29.47 13.58
N THR P 16 16.92 -28.40 12.84
CA THR P 16 17.84 -27.90 11.80
C THR P 16 18.70 -26.80 12.39
N VAL P 17 19.68 -26.35 11.62
CA VAL P 17 20.45 -25.16 12.01
C VAL P 17 19.56 -23.93 12.09
N ASP P 18 18.56 -23.89 11.21
CA ASP P 18 17.65 -22.77 11.14
C ASP P 18 17.01 -22.51 12.48
N ASP P 19 16.72 -23.59 13.21
CA ASP P 19 15.97 -23.51 14.45
C ASP P 19 16.80 -22.99 15.61
N VAL P 20 18.01 -22.51 15.33
CA VAL P 20 18.94 -22.24 16.39
C VAL P 20 19.94 -21.13 16.03
N ILE P 21 19.88 -20.64 14.80
CA ILE P 21 20.91 -19.75 14.31
C ILE P 21 20.77 -18.35 14.89
N GLU P 22 19.52 -17.94 15.14
CA GLU P 22 19.24 -16.64 15.74
C GLU P 22 20.04 -16.48 17.03
N GLN P 23 20.09 -17.54 17.84
CA GLN P 23 20.86 -17.60 19.07
C GLN P 23 22.36 -17.58 18.80
N VAL P 24 22.81 -18.49 17.97
CA VAL P 24 24.24 -18.67 17.73
C VAL P 24 24.96 -17.44 17.17
N MET P 25 24.31 -16.72 16.27
CA MET P 25 24.91 -15.56 15.61
C MET P 25 25.56 -14.60 16.62
N THR P 26 24.89 -14.41 17.75
CA THR P 26 25.34 -13.43 18.73
C THR P 26 26.54 -13.89 19.56
N TYR P 27 27.12 -15.03 19.16
CA TYR P 27 28.39 -15.52 19.75
C TYR P 27 29.55 -15.42 18.77
N ILE P 28 29.23 -14.94 17.56
CA ILE P 28 30.25 -14.64 16.59
C ILE P 28 30.60 -13.15 16.66
N THR P 29 31.80 -12.87 17.14
CA THR P 29 32.22 -11.51 17.36
C THR P 29 33.04 -11.02 16.16
N ASP P 30 33.94 -11.88 15.66
CA ASP P 30 34.86 -11.49 14.59
C ASP P 30 34.15 -10.86 13.38
N PRO P 31 34.48 -9.59 13.08
CA PRO P 31 33.92 -8.87 11.94
C PRO P 31 34.07 -9.64 10.62
N LYS P 32 35.11 -10.47 10.51
CA LYS P 32 35.40 -11.14 9.26
C LYS P 32 34.63 -12.44 9.14
N ASP P 33 34.05 -12.88 10.24
CA ASP P 33 33.24 -14.11 10.24
C ASP P 33 31.77 -13.76 10.04
N ARG P 34 31.36 -12.62 10.57
CA ARG P 34 30.04 -12.06 10.24
C ARG P 34 30.02 -11.81 8.74
N ASP P 35 31.09 -11.21 8.25
CA ASP P 35 31.26 -10.92 6.84
C ASP P 35 30.87 -12.15 6.03
N SER P 36 31.29 -13.34 6.47
CA SER P 36 31.01 -14.58 5.75
C SER P 36 29.61 -15.06 6.05
N ALA P 37 29.26 -15.07 7.32
CA ALA P 37 27.98 -15.58 7.77
C ALA P 37 26.84 -14.89 7.05
N SER P 38 27.06 -13.66 6.65
CA SER P 38 26.01 -12.86 6.05
C SER P 38 25.74 -13.34 4.64
N LEU P 39 26.67 -14.12 4.10
CA LEU P 39 26.68 -14.49 2.70
C LEU P 39 26.28 -15.93 2.46
N VAL P 40 25.93 -16.67 3.51
CA VAL P 40 25.60 -18.08 3.32
C VAL P 40 24.17 -18.34 2.85
N CYS P 41 23.28 -17.39 3.08
CA CYS P 41 21.94 -17.46 2.52
C CYS P 41 21.06 -16.27 2.94
N ARG P 42 19.85 -16.21 2.44
CA ARG P 42 19.04 -15.04 2.67
C ARG P 42 18.69 -14.89 4.14
N ARG P 43 18.37 -16.00 4.82
CA ARG P 43 17.97 -15.88 6.22
C ARG P 43 19.12 -15.46 7.14
N TRP P 44 20.27 -16.07 6.90
CA TRP P 44 21.49 -15.74 7.62
C TRP P 44 21.89 -14.29 7.44
N PHE P 45 21.65 -13.76 6.25
CA PHE P 45 21.95 -12.36 5.98
C PHE P 45 21.08 -11.46 6.83
N LYS P 46 19.79 -11.75 6.90
CA LYS P 46 18.88 -10.95 7.71
C LYS P 46 19.24 -11.03 9.20
N ILE P 47 19.59 -12.22 9.64
CA ILE P 47 19.93 -12.40 11.04
C ILE P 47 21.20 -11.65 11.44
N ASP P 48 22.19 -11.60 10.54
CA ASP P 48 23.37 -10.77 10.77
C ASP P 48 23.00 -9.29 10.74
N SER P 49 22.16 -8.91 9.78
CA SER P 49 21.72 -7.53 9.62
C SER P 49 21.10 -6.93 10.88
N GLU P 50 20.26 -7.72 11.55
CA GLU P 50 19.53 -7.22 12.71
C GLU P 50 20.30 -7.35 14.02
N THR P 51 21.42 -8.05 14.00
CA THR P 51 22.19 -8.26 15.23
C THR P 51 23.60 -7.65 15.24
N ARG P 52 24.07 -7.15 14.10
CA ARG P 52 25.39 -6.52 14.09
C ARG P 52 25.35 -5.35 15.07
N GLU P 53 26.41 -5.23 15.84
CA GLU P 53 26.46 -4.19 16.87
C GLU P 53 27.42 -3.04 16.50
N HIS P 54 28.58 -3.40 15.94
CA HIS P 54 29.58 -2.39 15.58
C HIS P 54 29.99 -2.41 14.11
N VAL P 55 30.03 -1.24 13.50
CA VAL P 55 30.44 -1.10 12.12
C VAL P 55 31.49 0.04 11.97
N THR P 56 32.48 -0.17 11.10
CA THR P 56 33.49 0.84 10.85
C THR P 56 33.56 1.13 9.38
N MET P 57 33.49 2.39 9.01
CA MET P 57 33.72 2.73 7.62
C MET P 57 35.08 3.37 7.45
N ALA P 58 35.98 2.71 6.74
CA ALA P 58 37.31 3.26 6.58
C ALA P 58 37.28 4.57 5.76
N LEU P 59 36.26 4.71 4.92
CA LEU P 59 36.06 5.95 4.17
C LEU P 59 34.57 6.21 4.10
N CYS P 60 34.16 7.38 4.56
CA CYS P 60 32.75 7.68 4.70
C CYS P 60 32.09 7.88 3.33
N TYR P 61 32.89 8.21 2.32
CA TYR P 61 32.35 8.47 0.98
C TYR P 61 32.14 7.18 0.22
N THR P 62 32.33 6.08 0.93
CA THR P 62 32.25 4.74 0.38
C THR P 62 30.79 4.24 0.24
N ALA P 63 29.86 4.81 1.00
CA ALA P 63 28.44 4.47 0.87
C ALA P 63 27.54 5.52 1.46
N THR P 64 26.30 5.57 0.99
CA THR P 64 25.27 6.47 1.48
C THR P 64 24.98 6.20 2.95
N PRO P 65 24.68 7.24 3.75
CA PRO P 65 24.35 6.91 5.13
C PRO P 65 23.03 6.21 5.15
N ASP P 66 22.27 6.35 4.08
CA ASP P 66 21.06 5.56 3.93
C ASP P 66 21.35 4.06 3.81
N ARG P 67 22.34 3.73 3.01
CA ARG P 67 22.69 2.34 2.76
C ARG P 67 23.01 1.65 4.06
N LEU P 68 23.77 2.35 4.91
CA LEU P 68 24.21 1.81 6.19
C LEU P 68 23.05 1.54 7.12
N SER P 69 22.16 2.50 7.28
CA SER P 69 21.06 2.34 8.22
C SER P 69 20.11 1.23 7.79
N ARG P 70 20.09 0.95 6.49
CA ARG P 70 19.22 -0.08 5.94
C ARG P 70 19.81 -1.45 6.22
N ARG P 71 21.12 -1.57 6.09
CA ARG P 71 21.81 -2.85 6.27
C ARG P 71 21.96 -3.22 7.74
N PHE P 72 22.08 -2.22 8.61
CA PHE P 72 22.36 -2.47 10.03
C PHE P 72 21.56 -1.57 10.95
N PRO P 73 20.23 -1.74 10.96
CA PRO P 73 19.28 -0.85 11.64
C PRO P 73 19.56 -0.73 13.14
N ASN P 74 20.26 -1.72 13.68
CA ASN P 74 20.38 -1.80 15.13
C ASN P 74 21.78 -1.62 15.66
N LEU P 75 22.60 -0.87 14.93
CA LEU P 75 23.94 -0.54 15.36
C LEU P 75 23.90 0.01 16.77
N ARG P 76 24.91 -0.34 17.56
CA ARG P 76 25.06 0.21 18.88
C ARG P 76 26.31 1.08 18.89
N SER P 77 27.26 0.74 18.01
CA SER P 77 28.52 1.48 17.91
C SER P 77 28.83 1.79 16.44
N LEU P 78 29.36 2.98 16.17
CA LEU P 78 29.73 3.36 14.81
C LEU P 78 31.04 4.14 14.77
N LYS P 79 31.80 3.95 13.70
CA LYS P 79 33.10 4.60 13.55
C LYS P 79 33.30 4.99 12.09
N LEU P 80 33.46 6.28 11.84
CA LEU P 80 33.60 6.78 10.49
C LEU P 80 34.88 7.52 10.38
N LYS P 81 35.65 7.22 9.33
CA LYS P 81 36.87 7.96 9.02
C LYS P 81 36.61 8.80 7.77
N GLY P 82 37.17 10.00 7.73
CA GLY P 82 37.03 10.89 6.59
C GLY P 82 38.32 11.09 5.82
N LYS P 83 39.00 12.20 6.08
CA LYS P 83 40.22 12.54 5.35
C LYS P 83 41.22 11.41 5.42
N PRO P 84 41.99 11.20 4.33
CA PRO P 84 43.03 10.18 4.19
C PRO P 84 44.15 10.37 5.21
N ARG P 85 44.95 9.33 5.42
CA ARG P 85 46.01 9.40 6.43
C ARG P 85 46.89 10.64 6.26
N ALA P 86 47.07 11.03 5.00
CA ALA P 86 47.99 12.11 4.64
C ALA P 86 47.61 13.40 5.35
N ALA P 87 46.33 13.55 5.66
CA ALA P 87 45.85 14.73 6.37
C ALA P 87 46.59 14.93 7.68
N MET P 88 47.02 13.84 8.28
CA MET P 88 47.73 13.90 9.54
C MET P 88 49.14 14.50 9.41
N PHE P 89 49.53 14.83 8.18
CA PHE P 89 50.86 15.38 7.94
C PHE P 89 50.74 16.68 7.19
N ASN P 90 49.63 17.38 7.42
CA ASN P 90 49.35 18.65 6.76
C ASN P 90 49.63 18.55 5.28
N LEU P 91 49.06 17.55 4.64
CA LEU P 91 49.23 17.36 3.20
C LEU P 91 47.89 17.47 2.49
N ILE P 92 46.81 17.38 3.25
CA ILE P 92 45.48 17.44 2.70
C ILE P 92 44.77 18.76 3.04
N PRO P 93 44.19 19.42 2.01
CA PRO P 93 43.50 20.70 2.16
C PRO P 93 42.53 20.58 3.27
N GLU P 94 42.27 21.68 3.95
CA GLU P 94 41.34 21.64 5.06
C GLU P 94 39.91 21.37 4.58
N ASN P 95 39.53 22.00 3.48
CA ASN P 95 38.16 21.94 2.99
C ASN P 95 37.80 20.63 2.27
N TRP P 96 38.72 19.68 2.29
CA TRP P 96 38.66 18.52 1.39
C TRP P 96 37.37 17.73 1.48
N GLY P 97 36.93 17.42 2.69
CA GLY P 97 35.68 16.71 2.86
C GLY P 97 35.64 16.02 4.19
N GLY P 98 34.65 15.15 4.37
CA GLY P 98 34.55 14.38 5.59
C GLY P 98 33.47 14.93 6.48
N TYR P 99 32.59 15.76 5.92
CA TYR P 99 31.53 16.37 6.73
C TYR P 99 30.64 15.30 7.31
N VAL P 100 30.26 15.49 8.56
CA VAL P 100 29.67 14.43 9.34
C VAL P 100 28.13 14.60 9.37
N THR P 101 27.65 15.77 8.99
CA THR P 101 26.20 16.12 9.13
C THR P 101 25.20 15.09 8.56
N PRO P 102 25.43 14.59 7.33
CA PRO P 102 24.53 13.62 6.69
C PRO P 102 24.40 12.36 7.54
N TRP P 103 25.45 12.11 8.30
CA TRP P 103 25.54 10.93 9.12
C TRP P 103 24.80 11.14 10.42
N VAL P 104 24.87 12.34 10.99
CA VAL P 104 24.11 12.52 12.23
C VAL P 104 22.62 12.60 11.91
N THR P 105 22.26 13.25 10.81
CA THR P 105 20.82 13.29 10.54
C THR P 105 20.31 11.88 10.24
N GLU P 106 21.24 10.96 9.93
CA GLU P 106 20.83 9.58 9.67
C GLU P 106 20.69 8.86 10.97
N ILE P 107 21.63 9.11 11.88
CA ILE P 107 21.61 8.54 13.24
C ILE P 107 20.41 9.06 13.99
N SER P 108 20.10 10.33 13.77
CA SER P 108 18.95 10.95 14.40
C SER P 108 17.66 10.22 14.06
N ASN P 109 17.59 9.71 12.83
CA ASN P 109 16.32 9.19 12.31
C ASN P 109 16.24 7.67 12.24
N ASN P 110 17.36 6.99 12.06
CA ASN P 110 17.30 5.58 11.69
C ASN P 110 18.19 4.66 12.51
N LEU P 111 19.11 5.23 13.28
CA LEU P 111 20.00 4.42 14.11
C LEU P 111 19.63 4.61 15.57
N ARG P 112 18.35 4.45 15.87
CA ARG P 112 17.79 4.77 17.18
C ARG P 112 18.37 3.98 18.37
N GLN P 113 19.43 3.22 18.11
CA GLN P 113 19.96 2.29 19.10
C GLN P 113 21.42 2.61 19.42
N LEU P 114 21.96 3.59 18.72
CA LEU P 114 23.37 3.93 18.79
C LEU P 114 23.74 4.49 20.17
N LYS P 115 24.79 3.95 20.79
CA LYS P 115 25.24 4.47 22.08
C LYS P 115 26.68 5.01 22.03
N SER P 116 27.40 4.72 20.97
CA SER P 116 28.80 5.09 20.86
C SER P 116 29.16 5.56 19.45
N VAL P 117 29.81 6.71 19.34
CA VAL P 117 30.15 7.30 18.06
C VAL P 117 31.60 7.74 18.01
N HIS P 118 32.31 7.32 16.96
CA HIS P 118 33.72 7.65 16.78
C HIS P 118 33.98 8.26 15.40
N PHE P 119 34.26 9.55 15.36
CA PHE P 119 34.57 10.24 14.13
C PHE P 119 36.09 10.41 14.05
N ARG P 120 36.70 10.05 12.93
CA ARG P 120 38.15 10.10 12.80
C ARG P 120 38.58 10.92 11.58
N ARG P 121 39.32 12.01 11.79
CA ARG P 121 39.68 12.92 10.70
C ARG P 121 38.47 13.35 9.92
N MET P 122 37.47 13.91 10.61
CA MET P 122 36.28 14.43 9.93
C MET P 122 35.99 15.90 10.23
N ILE P 123 34.94 16.45 9.62
CA ILE P 123 34.54 17.82 9.89
C ILE P 123 33.25 17.81 10.67
N VAL P 124 33.36 18.08 11.98
CA VAL P 124 32.19 18.15 12.84
C VAL P 124 31.89 19.60 13.19
N SER P 125 30.69 20.08 12.84
CA SER P 125 30.26 21.45 13.13
C SER P 125 29.48 21.59 14.45
N ASP P 126 29.29 22.81 14.91
CA ASP P 126 28.52 23.02 16.13
C ASP P 126 27.13 22.49 15.94
N LEU P 127 26.55 22.82 14.79
CA LEU P 127 25.16 22.46 14.56
C LEU P 127 24.99 20.97 14.64
N ASP P 128 25.85 20.23 13.95
CA ASP P 128 25.59 18.81 13.81
C ASP P 128 25.88 18.07 15.11
N LEU P 129 26.66 18.64 16.00
CA LEU P 129 26.76 17.95 17.28
C LEU P 129 25.71 18.36 18.32
N ASP P 130 25.15 19.55 18.18
CA ASP P 130 23.95 19.86 18.97
C ASP P 130 22.86 18.87 18.52
N ARG P 131 22.77 18.66 17.20
CA ARG P 131 21.82 17.70 16.62
C ARG P 131 22.04 16.32 17.21
N LEU P 132 23.32 15.93 17.33
CA LEU P 132 23.67 14.63 17.90
C LEU P 132 23.19 14.56 19.33
N ALA P 133 23.68 15.49 20.15
CA ALA P 133 23.31 15.57 21.55
C ALA P 133 21.79 15.42 21.73
N LYS P 134 21.02 16.28 21.09
CA LYS P 134 19.58 16.27 21.32
C LYS P 134 18.94 14.96 20.88
N ALA P 135 19.42 14.42 19.76
CA ALA P 135 18.82 13.20 19.13
C ALA P 135 19.08 11.86 19.84
N ARG P 136 20.21 11.80 20.54
CA ARG P 136 20.64 10.60 21.22
C ARG P 136 20.56 10.76 22.77
N ALA P 137 20.89 11.96 23.25
CA ALA P 137 20.85 12.26 24.68
C ALA P 137 21.48 11.20 25.59
N ASP P 138 20.77 10.87 26.68
CA ASP P 138 21.27 10.02 27.76
C ASP P 138 21.84 8.71 27.25
N ASP P 139 21.36 8.26 26.11
CA ASP P 139 21.81 7.00 25.51
C ASP P 139 23.25 7.00 24.98
N LEU P 140 23.80 8.20 24.78
CA LEU P 140 25.15 8.32 24.25
C LEU P 140 26.15 8.13 25.38
N GLU P 141 26.72 6.94 25.45
CA GLU P 141 27.71 6.60 26.48
C GLU P 141 29.10 7.08 26.03
N THR P 142 29.40 6.95 24.76
CA THR P 142 30.72 7.36 24.32
C THR P 142 30.70 8.18 23.04
N LEU P 143 31.51 9.24 23.05
CA LEU P 143 31.75 10.13 21.90
C LEU P 143 33.23 10.42 21.66
N LYS P 144 33.75 10.04 20.52
CA LYS P 144 35.16 10.23 20.22
C LYS P 144 35.30 11.15 19.01
N LEU P 145 35.66 12.40 19.25
CA LEU P 145 36.09 13.33 18.18
C LEU P 145 37.63 13.29 17.91
N ASP P 146 38.04 12.31 17.11
CA ASP P 146 39.42 11.94 16.94
C ASP P 146 40.00 12.75 15.79
N LYS P 147 40.87 13.70 16.09
CA LYS P 147 41.55 14.49 15.04
C LYS P 147 40.55 15.24 14.13
N CYS P 148 39.43 15.68 14.69
CA CYS P 148 38.43 16.39 13.90
C CYS P 148 38.59 17.88 13.97
N SER P 149 37.85 18.58 13.12
CA SER P 149 37.87 20.03 13.06
C SER P 149 36.47 20.59 12.86
N GLY P 150 36.36 21.90 12.90
CA GLY P 150 35.13 22.56 12.54
C GLY P 150 34.08 22.87 13.61
N PHE P 151 34.36 22.56 14.88
CA PHE P 151 33.38 22.83 15.95
C PHE P 151 33.89 23.83 16.96
N THR P 152 33.13 24.06 18.03
CA THR P 152 33.56 24.97 19.09
C THR P 152 33.06 24.52 20.47
N THR P 153 33.48 25.23 21.52
CA THR P 153 33.11 24.91 22.90
C THR P 153 31.60 24.94 23.11
N ASP P 154 30.87 25.57 22.20
CA ASP P 154 29.41 25.53 22.26
C ASP P 154 28.89 24.13 22.00
N GLY P 155 29.43 23.51 20.96
CA GLY P 155 29.08 22.15 20.61
C GLY P 155 29.35 21.24 21.77
N LEU P 156 30.56 21.33 22.33
CA LEU P 156 30.93 20.56 23.51
C LEU P 156 29.91 20.80 24.63
N LEU P 157 29.65 22.06 24.94
CA LEU P 157 28.71 22.41 26.00
C LEU P 157 27.37 21.76 25.78
N SER P 158 26.99 21.63 24.51
CA SER P 158 25.72 21.04 24.17
C SER P 158 25.67 19.52 24.44
N ILE P 159 26.73 18.79 24.14
CA ILE P 159 26.64 17.36 24.37
C ILE P 159 26.80 17.00 25.86
N VAL P 160 27.48 17.84 26.63
CA VAL P 160 27.69 17.50 28.03
C VAL P 160 26.48 17.85 28.86
N THR P 161 25.58 18.64 28.31
CA THR P 161 24.40 19.02 29.07
C THR P 161 23.21 18.13 28.71
N HIS P 162 23.23 17.58 27.49
CA HIS P 162 22.13 16.72 27.01
C HIS P 162 22.43 15.24 27.18
N CYS P 163 23.72 14.88 27.23
CA CYS P 163 24.13 13.50 27.46
C CYS P 163 24.75 13.32 28.85
N ARG P 164 23.90 13.10 29.83
CA ARG P 164 24.27 13.27 31.21
C ARG P 164 24.98 12.04 31.70
N LYS P 165 24.89 10.98 30.90
CA LYS P 165 25.48 9.70 31.28
C LYS P 165 26.69 9.27 30.46
N ILE P 166 27.34 10.25 29.81
CA ILE P 166 28.55 9.97 29.08
C ILE P 166 29.59 9.22 29.91
N LYS P 167 30.06 8.08 29.41
CA LYS P 167 31.12 7.32 30.02
C LYS P 167 32.49 7.71 29.43
N THR P 168 32.60 7.81 28.11
CA THR P 168 33.87 8.21 27.52
C THR P 168 33.71 9.40 26.56
N LEU P 169 34.57 10.41 26.68
CA LEU P 169 34.53 11.64 25.87
C LEU P 169 35.92 12.05 25.40
N LEU P 170 36.12 12.19 24.09
CA LEU P 170 37.46 12.28 23.52
C LEU P 170 37.59 13.35 22.43
N MET P 171 38.64 14.17 22.48
CA MET P 171 38.89 15.22 21.48
C MET P 171 40.33 15.29 21.03
N GLU P 172 41.10 14.23 21.24
CA GLU P 172 42.53 14.26 20.96
C GLU P 172 42.87 14.77 19.56
N GLU P 173 43.69 15.82 19.52
CA GLU P 173 44.26 16.35 18.29
C GLU P 173 43.21 17.07 17.47
N SER P 174 42.02 17.23 18.03
CA SER P 174 40.97 18.01 17.39
C SER P 174 41.24 19.51 17.42
N SER P 175 40.81 20.22 16.37
CA SER P 175 40.99 21.67 16.35
C SER P 175 39.68 22.38 16.24
N PHE P 176 39.42 23.26 17.19
CA PHE P 176 38.10 23.87 17.36
C PHE P 176 38.34 25.28 17.85
N SER P 177 37.26 26.01 18.12
CA SER P 177 37.36 27.38 18.60
C SER P 177 36.97 27.50 20.06
N GLU P 178 37.89 28.00 20.89
CA GLU P 178 37.64 28.01 22.34
C GLU P 178 37.06 29.34 22.76
N LYS P 179 35.81 29.33 23.19
CA LYS P 179 35.08 30.55 23.53
C LYS P 179 34.92 30.73 25.04
N ASP P 180 35.06 29.62 25.75
CA ASP P 180 34.87 29.56 27.19
C ASP P 180 35.23 28.16 27.76
N GLY P 181 34.85 27.95 29.01
CA GLY P 181 35.16 26.70 29.66
C GLY P 181 33.94 26.10 30.31
N LYS P 182 32.76 26.61 29.99
CA LYS P 182 31.57 26.12 30.69
C LYS P 182 31.25 24.66 30.36
N TRP P 183 31.92 24.14 29.33
CA TRP P 183 31.74 22.73 29.00
C TRP P 183 32.34 21.83 30.08
N LEU P 184 33.53 22.18 30.56
CA LEU P 184 34.21 21.39 31.59
C LEU P 184 33.51 21.53 32.92
N HIS P 185 33.03 22.74 33.17
CA HIS P 185 32.40 23.06 34.42
C HIS P 185 31.09 22.34 34.49
N GLU P 186 30.40 22.26 33.35
CA GLU P 186 29.13 21.55 33.33
C GLU P 186 29.31 20.04 33.62
N LEU P 187 30.43 19.49 33.19
CA LEU P 187 30.79 18.11 33.54
C LEU P 187 30.94 17.96 35.05
N ALA P 188 31.82 18.78 35.63
CA ALA P 188 32.02 18.86 37.07
C ALA P 188 30.69 18.86 37.82
N GLN P 189 29.90 19.89 37.57
CA GLN P 189 28.67 20.03 38.31
C GLN P 189 27.65 18.89 38.22
N HIS P 190 27.63 18.11 37.12
CA HIS P 190 26.58 17.10 36.96
C HIS P 190 26.99 15.67 36.55
N ASN P 191 28.22 15.46 36.11
CA ASN P 191 28.60 14.14 35.61
C ASN P 191 29.20 13.19 36.65
N THR P 192 28.85 11.92 36.57
CA THR P 192 29.23 10.93 37.55
C THR P 192 29.81 9.72 36.86
N SER P 193 29.31 9.48 35.65
CA SER P 193 29.55 8.23 34.94
C SER P 193 30.89 8.13 34.22
N LEU P 194 31.50 9.28 33.98
CA LEU P 194 32.74 9.40 33.22
C LEU P 194 33.77 8.34 33.59
N GLU P 195 34.34 7.70 32.57
CA GLU P 195 35.32 6.63 32.76
C GLU P 195 36.62 7.05 32.09
N VAL P 196 36.54 7.47 30.84
CA VAL P 196 37.72 8.04 30.20
C VAL P 196 37.43 9.41 29.61
N LEU P 197 38.37 10.33 29.81
CA LEU P 197 38.28 11.71 29.36
C LEU P 197 39.59 12.09 28.72
N ASN P 198 39.54 12.55 27.46
CA ASN P 198 40.76 12.71 26.68
C ASN P 198 40.75 13.93 25.79
N PHE P 199 41.53 14.94 26.16
CA PHE P 199 41.84 16.04 25.23
C PHE P 199 43.34 16.25 25.07
N TYR P 200 44.04 15.24 24.58
CA TYR P 200 45.47 15.16 24.70
C TYR P 200 46.23 16.24 23.90
N MET P 201 46.04 16.31 22.59
CA MET P 201 46.78 17.30 21.82
C MET P 201 45.90 18.51 21.58
N THR P 202 45.62 19.28 22.61
CA THR P 202 44.64 20.34 22.47
C THR P 202 44.95 21.63 23.19
N GLU P 203 44.78 22.72 22.46
CA GLU P 203 45.01 24.06 22.98
C GLU P 203 43.76 24.55 23.67
N PHE P 204 43.62 24.20 24.95
CA PHE P 204 42.60 24.76 25.80
C PHE P 204 43.25 25.74 26.75
N ALA P 205 42.73 26.95 26.80
CA ALA P 205 43.30 27.98 27.65
C ALA P 205 42.29 28.58 28.61
N LYS P 206 41.07 28.06 28.61
CA LYS P 206 39.99 28.64 29.41
C LYS P 206 39.30 27.66 30.38
N ILE P 207 39.93 26.51 30.61
CA ILE P 207 39.31 25.55 31.52
C ILE P 207 40.01 25.57 32.87
N SER P 208 39.21 25.63 33.93
CA SER P 208 39.78 25.64 35.28
C SER P 208 40.17 24.23 35.69
N PRO P 209 41.41 24.08 36.21
CA PRO P 209 41.81 22.77 36.73
C PRO P 209 40.93 22.40 37.93
N LYS P 210 40.44 23.40 38.66
CA LYS P 210 39.54 23.14 39.80
C LYS P 210 38.41 22.25 39.33
N ASP P 211 37.99 22.45 38.07
CA ASP P 211 36.88 21.70 37.48
C ASP P 211 37.28 20.25 37.21
N LEU P 212 38.48 20.07 36.68
CA LEU P 212 39.07 18.75 36.45
C LEU P 212 39.19 18.01 37.76
N GLU P 213 39.55 18.74 38.80
CA GLU P 213 39.65 18.17 40.15
C GLU P 213 38.29 17.72 40.63
N THR P 214 37.30 18.59 40.54
CA THR P 214 35.98 18.23 41.04
C THR P 214 35.37 17.08 40.25
N ILE P 215 35.86 16.85 39.04
CA ILE P 215 35.37 15.73 38.23
C ILE P 215 35.90 14.44 38.79
N ALA P 216 37.20 14.44 39.09
CA ALA P 216 37.91 13.28 39.64
C ALA P 216 37.26 12.84 40.95
N ARG P 217 36.75 13.82 41.70
CA ARG P 217 36.14 13.59 42.98
C ARG P 217 34.78 12.91 42.81
N ASN P 218 34.13 13.16 41.66
CA ASN P 218 32.75 12.73 41.41
C ASN P 218 32.59 11.45 40.57
N CYS P 219 33.60 11.11 39.80
CA CYS P 219 33.49 9.97 38.90
C CYS P 219 34.31 8.83 39.42
N ARG P 220 33.68 7.98 40.22
CA ARG P 220 34.41 6.93 40.90
C ARG P 220 35.04 5.98 39.90
N SER P 221 34.50 5.95 38.68
CA SER P 221 34.98 4.97 37.70
C SER P 221 36.04 5.54 36.76
N LEU P 222 36.51 6.75 37.08
CA LEU P 222 37.48 7.44 36.24
C LEU P 222 38.82 6.73 36.15
N VAL P 223 39.14 6.25 34.96
CA VAL P 223 40.28 5.35 34.74
C VAL P 223 41.37 5.97 33.88
N SER P 224 40.99 6.80 32.93
CA SER P 224 41.97 7.45 32.08
C SER P 224 41.64 8.92 31.85
N VAL P 225 42.68 9.73 31.75
CA VAL P 225 42.54 11.15 31.42
C VAL P 225 43.84 11.70 30.80
N LYS P 226 43.70 12.28 29.63
CA LYS P 226 44.81 12.92 28.97
C LYS P 226 44.45 14.40 28.84
N VAL P 227 45.45 15.27 28.81
CA VAL P 227 45.20 16.68 29.05
C VAL P 227 46.09 17.64 28.25
N GLY P 228 45.72 18.92 28.25
CA GLY P 228 46.43 19.94 27.49
C GLY P 228 47.69 20.41 28.17
N ASP P 229 47.92 21.72 28.15
CA ASP P 229 49.12 22.29 28.76
C ASP P 229 48.88 22.84 30.16
N PHE P 230 48.04 22.15 30.94
CA PHE P 230 47.88 22.42 32.36
C PHE P 230 49.22 22.38 33.10
N GLU P 231 49.37 23.19 34.14
CA GLU P 231 50.55 23.12 34.99
C GLU P 231 50.36 21.97 35.94
N ILE P 232 51.23 20.98 35.90
CA ILE P 232 51.06 19.80 36.76
C ILE P 232 50.80 20.17 38.22
N LEU P 233 51.42 21.24 38.69
CA LEU P 233 51.28 21.65 40.08
C LEU P 233 49.83 21.98 40.42
N GLU P 234 49.08 22.48 39.42
CA GLU P 234 47.69 22.85 39.63
C GLU P 234 46.81 21.62 39.71
N LEU P 235 47.42 20.46 39.45
CA LEU P 235 46.69 19.21 39.35
C LEU P 235 46.82 18.33 40.57
N VAL P 236 47.59 18.74 41.56
CA VAL P 236 47.78 17.88 42.73
C VAL P 236 46.44 17.54 43.38
N GLY P 237 45.52 18.51 43.41
CA GLY P 237 44.20 18.27 43.97
C GLY P 237 43.55 17.16 43.17
N PHE P 238 43.68 17.28 41.85
CA PHE P 238 43.20 16.27 40.94
C PHE P 238 43.76 14.89 41.35
N PHE P 239 45.07 14.71 41.21
CA PHE P 239 45.73 13.44 41.43
C PHE P 239 45.32 12.79 42.73
N LYS P 240 45.17 13.59 43.78
CA LYS P 240 44.81 13.07 45.08
C LYS P 240 43.40 12.45 45.07
N ALA P 241 42.48 13.11 44.37
CA ALA P 241 41.10 12.64 44.33
C ALA P 241 40.87 11.49 43.29
N ALA P 242 41.76 11.40 42.30
CA ALA P 242 41.61 10.45 41.19
C ALA P 242 42.07 9.04 41.52
N ALA P 243 41.46 8.44 42.55
CA ALA P 243 41.91 7.15 43.08
C ALA P 243 42.19 6.09 42.02
N ASN P 244 41.14 5.72 41.29
CA ASN P 244 41.21 4.58 40.39
C ASN P 244 41.92 4.85 39.08
N LEU P 245 42.53 6.02 38.97
CA LEU P 245 43.20 6.42 37.76
C LEU P 245 44.35 5.49 37.42
N GLU P 246 44.32 4.98 36.18
CA GLU P 246 45.35 4.08 35.66
C GLU P 246 46.20 4.73 34.55
N GLU P 247 45.67 5.73 33.87
CA GLU P 247 46.39 6.33 32.76
C GLU P 247 46.35 7.84 32.86
N PHE P 248 47.49 8.48 32.67
CA PHE P 248 47.51 9.92 32.55
C PHE P 248 48.60 10.34 31.56
N CYS P 249 48.20 11.03 30.49
CA CYS P 249 49.16 11.67 29.60
C CYS P 249 48.86 13.15 29.65
N GLY P 250 49.84 13.97 29.29
CA GLY P 250 49.60 15.39 29.18
C GLY P 250 50.19 16.24 30.29
N GLY P 251 49.50 17.34 30.60
CA GLY P 251 50.00 18.30 31.56
C GLY P 251 51.21 19.04 31.01
N SER P 252 51.91 19.71 31.91
CA SER P 252 53.07 20.53 31.58
C SER P 252 54.02 20.64 32.76
N LEU P 253 55.29 20.30 32.53
CA LEU P 253 56.34 20.41 33.54
C LEU P 253 57.22 21.63 33.28
N ASN P 254 56.88 22.72 33.97
CA ASN P 254 57.59 24.00 33.82
C ASN P 254 58.53 24.24 34.97
N GLU P 255 59.82 24.28 34.67
CA GLU P 255 60.82 24.45 35.72
C GLU P 255 61.38 25.84 35.73
N ASP P 256 61.14 26.56 36.82
CA ASP P 256 61.87 27.79 37.10
C ASP P 256 63.00 27.45 38.07
N ILE P 257 64.08 28.21 38.01
CA ILE P 257 65.25 27.87 38.81
C ILE P 257 65.01 28.13 40.30
N GLY P 258 64.07 29.02 40.59
CA GLY P 258 63.71 29.40 41.96
C GLY P 258 63.06 28.28 42.76
N MET P 259 62.92 27.12 42.14
CA MET P 259 62.41 25.95 42.83
C MET P 259 63.04 24.68 42.22
N PRO P 260 64.23 24.32 42.70
CA PRO P 260 64.91 23.09 42.25
C PRO P 260 64.14 21.86 42.74
N GLU P 261 63.49 22.00 43.90
CA GLU P 261 62.60 20.96 44.40
C GLU P 261 61.14 21.38 44.32
N LYS P 262 60.72 21.77 43.11
CA LYS P 262 59.36 22.18 42.85
C LYS P 262 58.44 20.96 42.83
N TYR P 263 58.84 19.98 42.00
CA TYR P 263 58.00 18.81 41.71
C TYR P 263 58.39 17.60 42.54
N MET P 264 58.92 17.80 43.73
CA MET P 264 59.39 16.67 44.52
C MET P 264 58.38 16.22 45.57
N ASN P 265 57.19 16.81 45.52
CA ASN P 265 56.09 16.45 46.41
C ASN P 265 54.84 15.98 45.65
N LEU P 266 55.06 15.14 44.65
CA LEU P 266 53.97 14.66 43.79
C LEU P 266 53.33 13.36 44.23
N VAL P 267 52.06 13.46 44.60
CA VAL P 267 51.28 12.31 45.02
C VAL P 267 50.56 11.72 43.82
N PHE P 268 51.26 10.88 43.03
CA PHE P 268 50.64 10.21 41.90
C PHE P 268 49.69 9.07 42.29
N PRO P 269 48.55 8.92 41.57
CA PRO P 269 47.58 7.90 41.95
C PRO P 269 48.24 6.55 42.08
N ARG P 270 47.73 5.70 42.97
CA ARG P 270 48.40 4.45 43.26
C ARG P 270 48.47 3.55 42.01
N LYS P 271 47.34 3.36 41.35
CA LYS P 271 47.24 2.40 40.24
C LYS P 271 47.91 2.87 38.94
N LEU P 272 48.36 4.12 38.88
CA LEU P 272 48.89 4.72 37.65
C LEU P 272 50.00 3.87 37.01
N CYS P 273 49.72 3.29 35.86
CA CYS P 273 50.67 2.41 35.18
C CYS P 273 50.88 2.69 33.67
N ARG P 274 50.09 3.59 33.09
CA ARG P 274 50.23 4.00 31.70
C ARG P 274 50.30 5.52 31.70
N LEU P 275 51.42 6.11 31.26
CA LEU P 275 51.54 7.55 31.39
C LEU P 275 52.60 8.21 30.51
N GLY P 276 52.56 9.54 30.48
CA GLY P 276 53.55 10.34 29.78
C GLY P 276 53.35 11.81 30.10
N LEU P 277 54.25 12.41 30.89
CA LEU P 277 54.15 13.84 31.23
C LEU P 277 54.82 14.71 30.19
N SER P 278 54.16 15.79 29.82
CA SER P 278 54.64 16.62 28.74
C SER P 278 55.70 17.57 29.24
N TYR P 279 56.74 17.74 28.41
CA TYR P 279 57.85 18.68 28.66
C TYR P 279 58.79 18.26 29.80
N MET P 280 58.65 17.02 30.26
CA MET P 280 59.47 16.49 31.35
C MET P 280 60.98 16.45 31.05
N GLY P 281 61.73 17.20 31.86
CA GLY P 281 63.19 17.23 31.77
C GLY P 281 63.87 16.26 32.73
N PRO P 282 65.20 16.28 32.75
CA PRO P 282 65.91 15.33 33.60
C PRO P 282 65.69 15.63 35.07
N ASN P 283 65.54 16.91 35.39
CA ASN P 283 65.38 17.32 36.78
C ASN P 283 64.11 16.76 37.45
N GLU P 284 63.04 16.64 36.66
CA GLU P 284 61.73 16.22 37.16
C GLU P 284 61.46 14.75 36.89
N MET P 285 62.24 14.16 35.98
CA MET P 285 62.19 12.73 35.67
C MET P 285 62.18 11.77 36.90
N PRO P 286 62.93 12.09 37.95
CA PRO P 286 62.97 11.30 39.18
C PRO P 286 61.60 10.97 39.80
N ILE P 287 60.58 11.81 39.61
CA ILE P 287 59.29 11.60 40.25
C ILE P 287 58.57 10.32 39.81
N LEU P 288 59.16 9.65 38.82
CA LEU P 288 58.61 8.42 38.25
C LEU P 288 59.22 7.20 38.88
N PHE P 289 60.43 7.33 39.41
CA PHE P 289 61.18 6.19 39.95
C PHE P 289 60.43 5.34 41.00
N PRO P 290 59.81 6.01 41.99
CA PRO P 290 59.06 5.34 43.07
C PRO P 290 58.05 4.27 42.64
N PHE P 291 57.84 4.09 41.33
CA PHE P 291 56.87 3.12 40.83
C PHE P 291 57.10 2.77 39.37
N ALA P 292 58.33 2.93 38.89
CA ALA P 292 58.67 2.59 37.51
C ALA P 292 58.62 1.08 37.22
N ALA P 293 58.71 0.27 38.28
CA ALA P 293 58.60 -1.17 38.15
C ALA P 293 57.19 -1.53 37.70
N GLN P 294 56.30 -0.56 37.79
CA GLN P 294 54.86 -0.77 37.62
C GLN P 294 54.40 -0.26 36.25
N ILE P 295 55.12 0.74 35.74
CA ILE P 295 54.82 1.33 34.44
C ILE P 295 54.84 0.32 33.30
N ARG P 296 53.80 0.35 32.48
CA ARG P 296 53.61 -0.60 31.38
C ARG P 296 53.49 0.11 30.02
N LYS P 297 53.29 1.42 30.04
CA LYS P 297 53.19 2.24 28.83
C LYS P 297 53.80 3.60 29.12
N LEU P 298 54.60 4.11 28.19
CA LEU P 298 55.33 5.34 28.38
C LEU P 298 55.34 6.27 27.14
N ASP P 299 54.92 7.52 27.34
CA ASP P 299 54.74 8.48 26.26
C ASP P 299 55.76 9.62 26.37
N LEU P 300 57.02 9.28 26.14
CA LEU P 300 58.09 10.26 26.16
C LEU P 300 58.13 11.05 24.86
N LEU P 301 56.98 11.11 24.20
CA LEU P 301 56.91 11.73 22.89
C LEU P 301 57.20 13.21 23.02
N TYR P 302 56.59 13.81 24.02
CA TYR P 302 56.69 15.24 24.19
C TYR P 302 57.55 15.57 25.39
N ALA P 303 58.39 14.61 25.78
CA ALA P 303 59.34 14.81 26.85
C ALA P 303 60.58 15.57 26.38
N LEU P 304 61.22 16.27 27.33
CA LEU P 304 62.36 17.13 27.04
C LEU P 304 63.67 16.56 27.58
N LEU P 305 63.82 15.26 27.52
CA LEU P 305 65.01 14.65 28.08
C LEU P 305 65.90 13.98 27.02
N GLU P 306 67.19 13.89 27.32
CA GLU P 306 68.21 13.54 26.33
C GLU P 306 68.63 12.09 26.35
N THR P 307 69.33 11.69 25.29
CA THR P 307 69.67 10.29 25.06
C THR P 307 70.14 9.53 26.32
N GLU P 308 70.90 10.19 27.18
CA GLU P 308 71.39 9.55 28.40
C GLU P 308 70.23 9.32 29.37
N ASP P 309 69.47 10.39 29.62
CA ASP P 309 68.32 10.36 30.52
C ASP P 309 67.31 9.28 30.12
N HIS P 310 67.22 9.01 28.82
CA HIS P 310 66.37 7.92 28.33
C HIS P 310 66.80 6.59 28.95
N CYS P 311 68.10 6.32 28.88
CA CYS P 311 68.64 5.05 29.28
C CYS P 311 68.44 4.82 30.78
N THR P 312 68.63 5.87 31.56
CA THR P 312 68.53 5.74 33.01
C THR P 312 67.08 5.42 33.42
N LEU P 313 66.13 5.79 32.58
CA LEU P 313 64.72 5.63 32.90
C LEU P 313 64.21 4.31 32.38
N ILE P 314 64.43 4.06 31.10
CA ILE P 314 64.05 2.77 30.50
C ILE P 314 64.54 1.67 31.42
N GLN P 315 65.79 1.84 31.87
CA GLN P 315 66.49 0.87 32.69
C GLN P 315 65.63 0.42 33.91
N LYS P 316 64.73 1.28 34.33
CA LYS P 316 63.96 1.05 35.56
C LYS P 316 62.61 0.36 35.33
N CYS P 317 62.23 0.20 34.06
CA CYS P 317 60.89 -0.31 33.74
C CYS P 317 60.93 -1.63 33.00
N PRO P 318 61.12 -2.71 33.75
CA PRO P 318 61.27 -4.08 33.24
C PRO P 318 59.98 -4.60 32.62
N ASN P 319 58.85 -4.02 33.03
CA ASN P 319 57.55 -4.52 32.60
C ASN P 319 56.88 -3.66 31.55
N LEU P 320 57.59 -2.60 31.17
CA LEU P 320 57.18 -1.73 30.10
C LEU P 320 56.89 -2.57 28.86
N GLU P 321 55.66 -2.49 28.36
CA GLU P 321 55.30 -3.18 27.12
C GLU P 321 54.90 -2.27 25.96
N VAL P 322 54.83 -0.96 26.21
CA VAL P 322 54.65 0.01 25.11
C VAL P 322 55.43 1.30 25.35
N LEU P 323 56.28 1.64 24.39
CA LEU P 323 57.04 2.88 24.48
C LEU P 323 56.92 3.69 23.19
N GLU P 324 56.60 4.98 23.33
CA GLU P 324 56.57 5.89 22.20
C GLU P 324 57.46 7.06 22.53
N THR P 325 58.41 7.35 21.65
CA THR P 325 59.38 8.42 21.89
C THR P 325 59.99 8.96 20.60
N ARG P 326 60.73 10.06 20.73
CA ARG P 326 61.39 10.67 19.59
C ARG P 326 62.72 9.95 19.34
N ASN P 327 63.38 10.24 18.22
CA ASN P 327 64.60 9.53 17.83
C ASN P 327 65.82 9.89 18.67
N VAL P 328 65.61 10.77 19.65
CA VAL P 328 66.61 11.09 20.66
C VAL P 328 67.00 9.86 21.47
N ILE P 329 66.04 8.96 21.65
CA ILE P 329 66.29 7.67 22.31
C ILE P 329 67.68 7.12 21.98
N GLY P 330 68.08 7.26 20.71
CA GLY P 330 69.42 6.90 20.27
C GLY P 330 69.71 5.42 20.23
N ASP P 331 70.74 5.05 19.48
CA ASP P 331 71.17 3.67 19.43
C ASP P 331 71.44 3.18 20.84
N ARG P 332 72.12 4.00 21.63
CA ARG P 332 72.46 3.65 23.01
C ARG P 332 71.20 3.32 23.81
N GLY P 333 70.19 4.17 23.72
CA GLY P 333 68.94 3.94 24.41
C GLY P 333 68.25 2.63 24.04
N LEU P 334 68.21 2.35 22.73
CA LEU P 334 67.63 1.11 22.23
C LEU P 334 68.34 -0.12 22.81
N GLU P 335 69.65 -0.02 22.99
CA GLU P 335 70.42 -1.11 23.56
C GLU P 335 69.98 -1.37 25.00
N VAL P 336 69.66 -0.30 25.73
CA VAL P 336 69.17 -0.43 27.10
C VAL P 336 67.83 -1.15 27.11
N LEU P 337 67.01 -0.78 26.14
CA LEU P 337 65.66 -1.31 26.00
C LEU P 337 65.71 -2.78 25.62
N ALA P 338 66.86 -3.20 25.10
CA ALA P 338 67.02 -4.54 24.53
C ALA P 338 67.14 -5.65 25.55
N GLN P 339 67.74 -5.38 26.71
CA GLN P 339 67.83 -6.43 27.72
C GLN P 339 67.13 -6.09 29.03
N TYR P 340 66.46 -4.95 29.10
CA TYR P 340 65.72 -4.63 30.32
C TYR P 340 64.22 -4.85 30.22
N CYS P 341 63.66 -4.54 29.05
CA CYS P 341 62.23 -4.74 28.80
C CYS P 341 62.06 -5.81 27.74
N LYS P 342 61.85 -7.04 28.18
CA LYS P 342 61.71 -8.14 27.24
C LYS P 342 60.25 -8.25 26.84
N GLN P 343 59.39 -7.65 27.68
CA GLN P 343 57.95 -7.73 27.53
C GLN P 343 57.40 -6.80 26.45
N LEU P 344 58.27 -5.94 25.93
CA LEU P 344 57.88 -4.92 24.95
C LEU P 344 57.10 -5.50 23.78
N LYS P 345 55.95 -4.89 23.47
CA LYS P 345 55.09 -5.33 22.38
C LYS P 345 54.90 -4.24 21.32
N ARG P 346 55.00 -2.97 21.72
CA ARG P 346 54.83 -1.89 20.76
C ARG P 346 55.89 -0.82 20.99
N LEU P 347 56.48 -0.34 19.91
CA LEU P 347 57.52 0.68 19.97
C LEU P 347 57.41 1.63 18.79
N ARG P 348 57.41 2.92 19.08
CA ARG P 348 57.32 3.94 18.04
C ARG P 348 58.35 5.03 18.27
N ILE P 349 59.07 5.40 17.21
CA ILE P 349 60.16 6.37 17.29
C ILE P 349 59.95 7.51 16.30
N GLU P 350 59.09 8.48 16.64
CA GLU P 350 58.85 9.63 15.74
C GLU P 350 60.09 10.52 15.62
N ARG P 351 60.28 11.12 14.45
CA ARG P 351 61.46 11.96 14.24
C ARG P 351 61.39 13.32 14.95
N GLY P 352 62.46 13.62 15.70
CA GLY P 352 62.55 14.85 16.47
C GLY P 352 63.14 16.03 15.72
N ALA P 353 63.80 16.95 16.43
CA ALA P 353 64.29 18.17 15.80
C ALA P 353 65.48 17.93 14.88
N ASP P 354 65.20 17.76 13.59
CA ASP P 354 66.23 17.56 12.56
C ASP P 354 66.66 18.89 11.96
N GLU P 355 66.99 19.84 12.84
CA GLU P 355 67.38 21.19 12.41
C GLU P 355 68.78 21.55 12.96
N GLN P 356 68.85 21.78 14.26
CA GLN P 356 70.13 22.06 14.95
C GLN P 356 70.86 20.76 15.25
N GLY P 357 71.56 20.20 14.26
CA GLY P 357 72.10 18.86 14.37
C GLY P 357 70.95 17.94 14.73
N MET P 358 71.24 16.80 15.36
CA MET P 358 70.18 16.02 15.96
C MET P 358 69.89 16.68 17.31
N GLU P 359 69.15 16.01 18.18
CA GLU P 359 68.89 16.57 19.52
C GLU P 359 70.08 16.29 20.46
N ASP P 360 70.96 15.38 20.04
CA ASP P 360 72.31 15.22 20.60
C ASP P 360 73.25 14.51 19.61
N GLU P 361 74.40 14.04 20.07
CA GLU P 361 75.34 13.34 19.17
C GLU P 361 75.21 11.81 19.25
N GLU P 362 74.24 11.34 20.02
CA GLU P 362 73.82 9.93 20.00
C GLU P 362 72.38 9.81 19.53
N GLY P 363 71.74 10.96 19.32
CA GLY P 363 70.34 11.06 18.92
C GLY P 363 70.08 10.71 17.47
N LEU P 364 70.81 9.71 17.00
CA LEU P 364 70.60 9.10 15.69
C LEU P 364 70.33 7.62 15.99
N VAL P 365 69.44 6.99 15.21
CA VAL P 365 69.20 5.53 15.31
C VAL P 365 69.61 4.83 14.02
N SER P 366 70.19 3.63 14.16
CA SER P 366 70.83 2.95 13.02
C SER P 366 70.82 1.45 13.16
N GLN P 367 71.34 0.78 12.14
CA GLN P 367 71.49 -0.68 12.13
C GLN P 367 71.91 -1.20 13.49
N ARG P 368 72.77 -0.42 14.16
CA ARG P 368 73.33 -0.81 15.45
C ARG P 368 72.23 -1.05 16.48
N GLY P 369 71.41 -0.02 16.71
CA GLY P 369 70.31 -0.14 17.66
C GLY P 369 69.28 -1.13 17.18
N LEU P 370 68.96 -1.04 15.89
CA LEU P 370 67.96 -1.91 15.31
C LEU P 370 68.24 -3.36 15.65
N ILE P 371 69.39 -3.84 15.19
CA ILE P 371 69.72 -5.26 15.35
C ILE P 371 69.84 -5.65 16.83
N ALA P 372 70.12 -4.65 17.68
CA ALA P 372 70.23 -4.86 19.12
C ALA P 372 68.86 -5.17 19.69
N LEU P 373 67.90 -4.41 19.19
CA LEU P 373 66.51 -4.50 19.62
C LEU P 373 65.87 -5.80 19.13
N ALA P 374 66.15 -6.15 17.88
CA ALA P 374 65.63 -7.35 17.25
C ALA P 374 65.94 -8.57 18.10
N GLN P 375 67.05 -8.51 18.83
CA GLN P 375 67.50 -9.63 19.65
C GLN P 375 66.89 -9.57 21.04
N GLY P 376 66.80 -8.37 21.59
CA GLY P 376 66.27 -8.21 22.93
C GLY P 376 64.78 -8.48 23.10
N CYS P 377 63.96 -7.71 22.40
CA CYS P 377 62.50 -7.78 22.57
C CYS P 377 61.88 -8.52 21.40
N GLN P 378 61.73 -9.83 21.55
CA GLN P 378 61.28 -10.66 20.46
C GLN P 378 59.80 -10.82 20.52
N GLU P 379 59.17 -10.04 21.40
CA GLU P 379 57.73 -10.10 21.55
C GLU P 379 57.04 -9.00 20.75
N LEU P 380 57.84 -8.13 20.15
CA LEU P 380 57.33 -7.01 19.35
C LEU P 380 56.24 -7.35 18.33
N GLU P 381 55.15 -6.60 18.43
CA GLU P 381 54.02 -6.77 17.54
C GLU P 381 53.80 -5.55 16.66
N TYR P 382 54.25 -4.39 17.11
CA TYR P 382 54.17 -3.14 16.32
C TYR P 382 55.48 -2.41 16.47
N MET P 383 56.10 -2.05 15.35
CA MET P 383 57.37 -1.36 15.39
C MET P 383 57.39 -0.31 14.32
N ALA P 384 57.53 0.95 14.74
CA ALA P 384 57.58 2.07 13.81
C ALA P 384 58.74 2.99 14.18
N VAL P 385 59.59 3.26 13.18
CA VAL P 385 60.88 3.89 13.42
C VAL P 385 61.30 4.81 12.30
N TYR P 386 61.66 6.05 12.68
CA TYR P 386 62.33 6.98 11.77
C TYR P 386 63.83 6.83 12.03
N VAL P 387 64.50 6.10 11.15
CA VAL P 387 65.91 5.76 11.29
C VAL P 387 66.84 6.70 10.49
N SER P 388 68.12 6.80 10.89
CA SER P 388 69.06 7.70 10.22
C SER P 388 70.05 6.98 9.28
N ASP P 389 70.06 5.64 9.33
CA ASP P 389 70.98 4.83 8.56
C ASP P 389 70.70 3.32 8.76
N ILE P 390 70.62 2.56 7.67
CA ILE P 390 70.38 1.09 7.75
C ILE P 390 71.35 0.18 6.99
N THR P 391 71.13 -1.12 7.18
CA THR P 391 71.91 -2.16 6.54
C THR P 391 71.01 -3.35 6.26
N ASN P 392 71.19 -3.97 5.10
CA ASN P 392 70.47 -5.21 4.78
C ASN P 392 70.49 -6.17 5.95
N GLU P 393 71.61 -6.20 6.65
CA GLU P 393 71.81 -7.16 7.74
C GLU P 393 70.81 -6.97 8.86
N SER P 394 70.51 -5.70 9.17
CA SER P 394 69.58 -5.38 10.24
C SER P 394 68.18 -5.89 9.91
N LEU P 395 67.74 -5.68 8.68
CA LEU P 395 66.44 -6.22 8.26
C LEU P 395 66.38 -7.75 8.41
N GLU P 396 67.45 -8.43 8.04
CA GLU P 396 67.49 -9.89 8.08
C GLU P 396 67.23 -10.42 9.49
N SER P 397 67.73 -9.68 10.48
CA SER P 397 67.60 -10.07 11.87
C SER P 397 66.21 -9.73 12.40
N ILE P 398 65.56 -8.76 11.77
CA ILE P 398 64.19 -8.42 12.13
C ILE P 398 63.31 -9.62 11.86
N GLY P 399 63.23 -9.99 10.59
CA GLY P 399 62.44 -11.14 10.16
C GLY P 399 63.01 -12.47 10.65
N THR P 400 63.97 -12.38 11.57
CA THR P 400 64.66 -13.56 12.04
C THR P 400 64.26 -13.88 13.48
N TYR P 401 64.02 -12.83 14.27
CA TYR P 401 63.75 -12.99 15.70
C TYR P 401 62.31 -12.70 16.10
N LEU P 402 61.81 -11.50 15.76
CA LEU P 402 60.47 -11.07 16.19
C LEU P 402 59.41 -11.47 15.17
N LYS P 403 58.87 -12.68 15.35
CA LYS P 403 58.04 -13.31 14.34
C LYS P 403 56.66 -12.71 14.27
N ASN P 404 56.09 -12.45 15.44
CA ASN P 404 54.73 -11.91 15.49
C ASN P 404 54.68 -10.39 15.40
N LEU P 405 55.52 -9.86 14.52
CA LEU P 405 55.40 -8.49 14.09
C LEU P 405 54.19 -8.42 13.17
N CYS P 406 53.23 -7.57 13.53
CA CYS P 406 52.02 -7.33 12.75
C CYS P 406 52.06 -6.03 11.94
N ASP P 407 52.65 -4.99 12.54
CA ASP P 407 52.71 -3.66 11.95
C ASP P 407 54.15 -3.23 11.98
N PHE P 408 54.72 -3.00 10.81
CA PHE P 408 56.11 -2.58 10.72
C PHE P 408 56.25 -1.36 9.82
N ARG P 409 56.79 -0.28 10.37
CA ARG P 409 57.00 0.92 9.57
C ARG P 409 58.43 1.44 9.71
N LEU P 410 59.05 1.72 8.57
CA LEU P 410 60.44 2.15 8.52
C LEU P 410 60.53 3.34 7.59
N VAL P 411 61.12 4.43 8.07
CA VAL P 411 61.37 5.60 7.23
C VAL P 411 62.78 6.12 7.49
N LEU P 412 63.59 6.31 6.45
CA LEU P 412 64.95 6.83 6.67
C LEU P 412 65.12 8.29 6.29
N LEU P 413 65.72 9.05 7.21
CA LEU P 413 65.91 10.49 7.06
C LEU P 413 66.95 10.87 5.98
N ASP P 414 66.57 11.85 5.16
CA ASP P 414 67.42 12.34 4.07
C ASP P 414 68.59 13.14 4.66
N ARG P 415 68.60 13.25 5.99
CA ARG P 415 69.64 13.95 6.74
C ARG P 415 71.02 13.45 6.36
N GLU P 416 71.20 12.14 6.45
CA GLU P 416 72.47 11.49 6.13
C GLU P 416 72.83 11.55 4.65
N GLU P 417 74.12 11.65 4.37
CA GLU P 417 74.61 11.79 3.00
C GLU P 417 74.76 10.43 2.35
N ARG P 418 75.73 9.65 2.82
CA ARG P 418 75.90 8.28 2.34
C ARG P 418 75.37 7.32 3.40
N ILE P 419 74.55 6.38 2.96
CA ILE P 419 74.05 5.32 3.80
C ILE P 419 74.79 4.03 3.45
N THR P 420 75.35 3.39 4.48
CA THR P 420 76.16 2.18 4.35
C THR P 420 75.97 1.46 3.01
N ASP P 421 75.30 0.30 3.06
CA ASP P 421 74.94 -0.39 1.83
C ASP P 421 73.51 0.02 1.49
N LEU P 422 73.26 0.38 0.24
CA LEU P 422 72.01 1.07 -0.04
C LEU P 422 70.88 0.20 -0.60
N PRO P 423 71.10 -0.46 -1.75
CA PRO P 423 69.98 -1.30 -2.24
C PRO P 423 69.62 -2.38 -1.22
N LEU P 424 68.37 -2.35 -0.74
CA LEU P 424 67.95 -3.15 0.41
C LEU P 424 67.19 -4.43 0.03
N ASP P 425 67.20 -4.71 -1.27
CA ASP P 425 66.40 -5.80 -1.86
C ASP P 425 66.42 -7.09 -1.04
N ASN P 426 67.59 -7.49 -0.57
CA ASN P 426 67.72 -8.81 0.05
C ASN P 426 67.40 -8.80 1.54
N GLY P 427 67.45 -7.60 2.13
CA GLY P 427 67.03 -7.38 3.50
C GLY P 427 65.51 -7.36 3.63
N VAL P 428 64.88 -6.52 2.81
CA VAL P 428 63.43 -6.50 2.70
C VAL P 428 62.90 -7.91 2.59
N ARG P 429 63.53 -8.66 1.70
CA ARG P 429 63.10 -10.01 1.37
C ARG P 429 63.06 -10.97 2.58
N SER P 430 64.14 -11.04 3.36
CA SER P 430 64.13 -11.95 4.51
C SER P 430 63.21 -11.45 5.62
N LEU P 431 63.04 -10.13 5.70
CA LEU P 431 62.11 -9.54 6.65
C LEU P 431 60.67 -9.98 6.39
N LEU P 432 60.17 -9.73 5.17
CA LEU P 432 58.81 -10.10 4.79
C LEU P 432 58.60 -11.60 4.87
N ILE P 433 59.70 -12.36 4.79
CA ILE P 433 59.63 -13.82 4.77
C ILE P 433 59.60 -14.44 6.17
N GLY P 434 60.25 -13.80 7.13
CA GLY P 434 60.21 -14.24 8.52
C GLY P 434 58.94 -13.81 9.25
N CYS P 435 58.60 -12.52 9.09
CA CYS P 435 57.39 -11.97 9.70
C CYS P 435 56.21 -12.24 8.79
N LYS P 436 55.67 -13.44 8.89
CA LYS P 436 54.56 -13.83 8.05
C LYS P 436 53.21 -13.48 8.72
N LYS P 437 53.28 -12.92 9.92
CA LYS P 437 52.09 -12.44 10.59
C LYS P 437 51.77 -11.00 10.20
N LEU P 438 52.68 -10.39 9.44
CA LEU P 438 52.59 -8.98 9.03
C LEU P 438 51.31 -8.62 8.26
N ARG P 439 50.65 -7.54 8.67
CA ARG P 439 49.40 -7.10 8.06
C ARG P 439 49.49 -5.65 7.56
N ARG P 440 50.30 -4.84 8.24
CA ARG P 440 50.51 -3.46 7.83
C ARG P 440 52.01 -3.20 7.70
N PHE P 441 52.40 -2.52 6.62
CA PHE P 441 53.81 -2.41 6.30
C PHE P 441 54.08 -1.07 5.63
N ALA P 442 55.03 -0.31 6.17
CA ALA P 442 55.40 0.99 5.66
C ALA P 442 56.91 1.08 5.44
N PHE P 443 57.30 1.54 4.25
CA PHE P 443 58.68 1.48 3.81
C PHE P 443 59.02 2.71 2.96
N TYR P 444 59.53 3.75 3.61
CA TYR P 444 59.79 5.06 2.99
C TYR P 444 61.32 5.32 2.94
N LEU P 445 61.87 5.47 1.73
CA LEU P 445 63.33 5.54 1.54
C LEU P 445 63.87 6.81 0.88
N ARG P 446 65.07 6.70 0.31
CA ARG P 446 65.66 7.71 -0.57
C ARG P 446 65.75 7.04 -1.93
N GLN P 447 66.07 7.78 -2.99
CA GLN P 447 65.87 7.25 -4.36
C GLN P 447 66.53 5.89 -4.67
N GLY P 448 67.85 5.79 -4.55
CA GLY P 448 68.50 4.53 -4.85
C GLY P 448 68.24 3.40 -3.86
N GLY P 449 67.22 3.54 -3.02
CA GLY P 449 67.01 2.62 -1.91
C GLY P 449 66.56 1.20 -2.23
N LEU P 450 65.75 1.06 -3.27
CA LEU P 450 65.23 -0.25 -3.67
C LEU P 450 65.06 -0.34 -5.19
N THR P 451 65.42 -1.50 -5.73
CA THR P 451 65.43 -1.71 -7.16
C THR P 451 64.16 -2.43 -7.60
N ASP P 452 63.86 -2.37 -8.89
CA ASP P 452 62.70 -3.04 -9.43
C ASP P 452 62.67 -4.50 -8.96
N LEU P 453 63.84 -5.07 -8.73
CA LEU P 453 63.92 -6.45 -8.28
C LEU P 453 63.43 -6.53 -6.84
N GLY P 454 63.94 -5.65 -5.98
CA GLY P 454 63.56 -5.63 -4.58
C GLY P 454 62.08 -5.32 -4.38
N LEU P 455 61.57 -4.44 -5.24
CA LEU P 455 60.17 -4.06 -5.20
C LEU P 455 59.29 -5.27 -5.49
N SER P 456 59.65 -6.05 -6.51
CA SER P 456 58.84 -7.23 -6.86
C SER P 456 58.92 -8.31 -5.78
N TYR P 457 59.92 -8.21 -4.90
CA TYR P 457 60.01 -9.09 -3.74
C TYR P 457 58.84 -8.83 -2.81
N ILE P 458 58.60 -7.54 -2.55
CA ILE P 458 57.51 -7.13 -1.69
C ILE P 458 56.18 -7.72 -2.17
N GLY P 459 55.85 -7.50 -3.45
CA GLY P 459 54.62 -8.04 -3.99
C GLY P 459 54.54 -9.54 -3.79
N GLN P 460 55.72 -10.16 -3.90
CA GLN P 460 55.86 -11.60 -3.90
C GLN P 460 55.77 -12.23 -2.50
N TYR P 461 56.36 -11.58 -1.50
CA TYR P 461 56.42 -12.17 -0.16
C TYR P 461 55.56 -11.49 0.93
N SER P 462 54.53 -10.75 0.52
CA SER P 462 53.66 -10.14 1.51
C SER P 462 52.20 -10.56 1.28
N PRO P 463 51.86 -11.77 1.73
CA PRO P 463 50.57 -12.41 1.47
C PRO P 463 49.49 -11.88 2.39
N ASN P 464 49.86 -11.34 3.55
CA ASN P 464 48.88 -10.95 4.55
C ASN P 464 48.73 -9.46 4.69
N VAL P 465 49.66 -8.75 4.08
CA VAL P 465 49.62 -7.30 4.15
C VAL P 465 48.37 -6.73 3.47
N ARG P 466 47.67 -5.87 4.21
CA ARG P 466 46.44 -5.26 3.75
C ARG P 466 46.64 -3.78 3.47
N TRP P 467 47.61 -3.19 4.17
CA TRP P 467 47.94 -1.78 3.98
C TRP P 467 49.43 -1.60 3.74
N MET P 468 49.77 -0.76 2.76
CA MET P 468 51.17 -0.45 2.52
C MET P 468 51.43 1.03 2.22
N LEU P 469 52.43 1.57 2.90
CA LEU P 469 52.95 2.89 2.59
C LEU P 469 54.34 2.70 2.04
N LEU P 470 54.59 3.20 0.84
CA LEU P 470 55.87 3.04 0.16
C LEU P 470 56.52 4.38 -0.20
N GLY P 471 57.79 4.49 0.19
CA GLY P 471 58.56 5.72 0.02
C GLY P 471 59.13 5.87 -1.37
N TYR P 472 60.45 5.98 -1.46
CA TYR P 472 61.04 6.21 -2.75
C TYR P 472 61.51 4.90 -3.38
N VAL P 473 60.64 3.91 -3.37
CA VAL P 473 61.04 2.59 -3.82
C VAL P 473 60.94 2.42 -5.35
N GLY P 474 61.76 1.52 -5.90
CA GLY P 474 61.78 1.23 -7.33
C GLY P 474 62.75 2.08 -8.11
N GLU P 475 62.84 1.78 -9.41
CA GLU P 475 63.68 2.54 -10.33
C GLU P 475 62.92 2.91 -11.60
N SER P 476 62.08 1.98 -12.07
CA SER P 476 61.23 2.28 -13.22
C SER P 476 59.88 1.57 -13.11
N ASP P 477 58.97 1.93 -14.01
CA ASP P 477 57.65 1.32 -14.05
C ASP P 477 57.70 -0.21 -14.11
N GLU P 478 58.89 -0.78 -14.30
CA GLU P 478 59.05 -2.23 -14.34
C GLU P 478 58.76 -2.79 -12.95
N GLY P 479 59.34 -2.17 -11.93
CA GLY P 479 59.18 -2.63 -10.56
C GLY P 479 57.77 -2.53 -10.00
N LEU P 480 57.03 -1.53 -10.46
CA LEU P 480 55.64 -1.37 -10.07
C LEU P 480 54.80 -2.47 -10.68
N MET P 481 54.99 -2.74 -11.97
CA MET P 481 54.23 -3.80 -12.64
C MET P 481 54.56 -5.18 -12.06
N GLU P 482 55.83 -5.42 -11.75
CA GLU P 482 56.23 -6.68 -11.11
C GLU P 482 55.58 -6.85 -9.73
N PHE P 483 55.61 -5.76 -8.96
CA PHE P 483 54.97 -5.69 -7.66
C PHE P 483 53.49 -6.03 -7.78
N SER P 484 52.85 -5.51 -8.84
CA SER P 484 51.39 -5.60 -8.99
C SER P 484 50.85 -7.00 -9.21
N ARG P 485 51.68 -7.93 -9.65
CA ARG P 485 51.19 -9.28 -9.88
C ARG P 485 51.13 -10.04 -8.57
N GLY P 486 51.51 -9.37 -7.49
CA GLY P 486 51.48 -9.97 -6.16
C GLY P 486 50.41 -9.37 -5.26
N CYS P 487 50.77 -9.15 -3.99
CA CYS P 487 49.88 -8.49 -3.04
C CYS P 487 48.47 -9.05 -3.05
N PRO P 488 48.34 -10.31 -2.63
CA PRO P 488 47.07 -11.02 -2.69
C PRO P 488 46.00 -10.29 -1.91
N ASN P 489 46.39 -9.71 -0.78
CA ASN P 489 45.43 -9.15 0.15
C ASN P 489 45.52 -7.65 0.35
N LEU P 490 46.27 -6.98 -0.53
CA LEU P 490 46.43 -5.52 -0.44
C LEU P 490 45.09 -4.83 -0.64
N GLN P 491 44.65 -4.03 0.33
CA GLN P 491 43.41 -3.27 0.24
C GLN P 491 43.70 -1.80 0.00
N LYS P 492 44.61 -1.25 0.82
CA LYS P 492 44.91 0.17 0.80
C LYS P 492 46.38 0.38 0.49
N LEU P 493 46.65 1.27 -0.47
CA LEU P 493 48.00 1.54 -0.91
C LEU P 493 48.30 3.03 -1.03
N GLU P 494 49.29 3.50 -0.26
CA GLU P 494 49.72 4.89 -0.25
C GLU P 494 51.18 4.95 -0.65
N MET P 495 51.51 5.76 -1.66
CA MET P 495 52.89 5.94 -2.10
C MET P 495 53.20 7.38 -2.49
N ARG P 496 54.29 7.93 -1.96
CA ARG P 496 54.71 9.26 -2.39
C ARG P 496 56.20 9.26 -2.70
N GLY P 497 56.59 10.16 -3.60
CA GLY P 497 57.98 10.31 -4.00
C GLY P 497 58.40 9.18 -4.93
N CYS P 498 57.59 8.93 -5.95
CA CYS P 498 57.88 7.81 -6.83
C CYS P 498 58.13 8.24 -8.27
N CYS P 499 58.84 7.38 -8.98
CA CYS P 499 59.25 7.63 -10.37
C CYS P 499 58.31 6.96 -11.36
N PHE P 500 57.17 6.46 -10.89
CA PHE P 500 56.25 5.73 -11.75
C PHE P 500 55.34 6.68 -12.50
N SER P 501 54.91 6.25 -13.69
CA SER P 501 54.17 7.12 -14.59
C SER P 501 52.66 6.97 -14.42
N GLU P 502 51.89 7.87 -15.04
CA GLU P 502 50.45 7.79 -14.95
C GLU P 502 49.95 6.42 -15.44
N ARG P 503 50.33 6.02 -16.66
CA ARG P 503 49.79 4.77 -17.22
C ARG P 503 50.36 3.54 -16.48
N ALA P 504 51.45 3.76 -15.78
CA ALA P 504 52.08 2.71 -14.99
C ALA P 504 51.24 2.39 -13.78
N ILE P 505 50.82 3.44 -13.07
CA ILE P 505 49.89 3.31 -11.95
C ILE P 505 48.59 2.66 -12.42
N ALA P 506 47.94 3.33 -13.36
CA ALA P 506 46.65 2.88 -13.86
C ALA P 506 46.68 1.39 -14.13
N ALA P 507 47.74 0.93 -14.76
CA ALA P 507 47.81 -0.48 -15.17
C ALA P 507 48.01 -1.39 -13.97
N ALA P 508 48.76 -0.91 -12.99
CA ALA P 508 49.05 -1.72 -11.81
C ALA P 508 47.83 -1.87 -10.90
N VAL P 509 46.96 -0.85 -10.89
CA VAL P 509 45.73 -0.93 -10.10
C VAL P 509 44.83 -2.03 -10.62
N THR P 510 44.81 -2.23 -11.94
CA THR P 510 43.91 -3.21 -12.51
C THR P 510 44.36 -4.63 -12.18
N LYS P 511 45.68 -4.81 -12.07
CA LYS P 511 46.28 -6.11 -11.75
C LYS P 511 46.17 -6.49 -10.27
N LEU P 512 45.92 -5.49 -9.40
CA LEU P 512 45.84 -5.74 -7.97
C LEU P 512 44.44 -6.21 -7.55
N PRO P 513 44.38 -7.41 -6.95
CA PRO P 513 43.15 -8.18 -6.70
C PRO P 513 42.27 -7.57 -5.63
N SER P 514 42.89 -6.95 -4.63
CA SER P 514 42.15 -6.53 -3.44
C SER P 514 42.03 -5.02 -3.24
N LEU P 515 42.73 -4.26 -4.07
CA LEU P 515 42.82 -2.80 -3.90
C LEU P 515 41.48 -2.11 -3.94
N ARG P 516 41.20 -1.33 -2.91
CA ARG P 516 39.97 -0.55 -2.82
C ARG P 516 40.19 0.92 -2.46
N TYR P 517 41.45 1.28 -2.20
CA TYR P 517 41.79 2.66 -1.79
C TYR P 517 43.22 2.90 -2.19
N LEU P 518 43.46 4.05 -2.82
CA LEU P 518 44.78 4.41 -3.33
C LEU P 518 45.00 5.91 -3.18
N TRP P 519 46.09 6.31 -2.53
CA TRP P 519 46.53 7.71 -2.49
C TRP P 519 47.97 7.81 -2.96
N VAL P 520 48.27 8.83 -3.77
CA VAL P 520 49.60 9.03 -4.37
C VAL P 520 49.99 10.50 -4.55
N GLN P 521 51.19 10.83 -4.07
CA GLN P 521 51.79 12.13 -4.37
C GLN P 521 53.12 11.95 -5.10
N GLY P 522 53.27 12.60 -6.26
CA GLY P 522 54.51 12.51 -7.00
C GLY P 522 54.53 11.35 -7.97
N TYR P 523 54.47 11.68 -9.25
CA TYR P 523 54.37 10.70 -10.31
C TYR P 523 54.59 11.43 -11.65
N ARG P 524 55.07 10.72 -12.67
CA ARG P 524 55.23 11.31 -14.00
C ARG P 524 53.86 11.58 -14.60
N ALA P 525 53.41 12.84 -14.54
CA ALA P 525 52.09 13.20 -15.07
C ALA P 525 52.08 13.32 -16.61
N SER P 526 51.04 13.96 -17.13
CA SER P 526 50.99 14.31 -18.54
C SER P 526 49.88 15.33 -18.73
N MET P 527 50.11 16.32 -19.59
CA MET P 527 49.14 17.40 -19.74
C MET P 527 47.75 16.82 -20.08
N THR P 528 47.76 15.73 -20.85
CA THR P 528 46.53 15.02 -21.19
C THR P 528 45.75 14.73 -19.90
N GLY P 529 46.35 13.93 -19.03
CA GLY P 529 45.69 13.46 -17.83
C GLY P 529 44.96 12.16 -18.14
N GLN P 530 44.82 11.87 -19.43
CA GLN P 530 44.03 10.74 -19.91
C GLN P 530 44.74 9.41 -19.75
N ASP P 531 45.92 9.44 -19.15
CA ASP P 531 46.67 8.22 -18.92
C ASP P 531 46.09 7.49 -17.73
N LEU P 532 45.70 8.25 -16.72
CA LEU P 532 45.05 7.69 -15.55
C LEU P 532 43.75 7.00 -15.93
N MET P 533 43.11 7.51 -16.99
CA MET P 533 41.81 6.98 -17.39
C MET P 533 41.78 5.48 -17.61
N GLN P 534 42.90 4.87 -17.98
CA GLN P 534 42.93 3.45 -18.30
C GLN P 534 42.82 2.55 -17.05
N MET P 535 42.20 3.08 -15.99
CA MET P 535 41.81 2.29 -14.81
C MET P 535 40.35 2.51 -14.43
N ALA P 536 39.61 3.20 -15.30
CA ALA P 536 38.23 3.55 -15.01
C ALA P 536 37.31 2.33 -14.98
N ARG P 537 37.24 1.66 -13.84
CA ARG P 537 36.23 0.64 -13.62
C ARG P 537 34.92 1.36 -13.33
N PRO P 538 33.83 0.61 -13.13
CA PRO P 538 32.64 1.21 -12.54
C PRO P 538 32.75 1.16 -11.00
N TYR P 539 32.19 2.15 -10.31
CA TYR P 539 32.24 2.21 -8.84
C TYR P 539 33.57 2.70 -8.35
N TRP P 540 34.43 3.08 -9.29
CA TRP P 540 35.77 3.49 -8.96
C TRP P 540 35.90 4.99 -9.19
N ASN P 541 35.89 5.75 -8.10
CA ASN P 541 36.01 7.20 -8.15
C ASN P 541 37.49 7.58 -8.12
N ILE P 542 37.90 8.54 -8.95
CA ILE P 542 39.25 9.08 -8.82
C ILE P 542 39.22 10.59 -8.62
N GLU P 543 40.10 11.09 -7.77
CA GLU P 543 40.18 12.54 -7.46
C GLU P 543 41.61 13.11 -7.53
N LEU P 544 41.73 14.40 -7.86
CA LEU P 544 43.02 15.03 -7.95
C LEU P 544 43.09 16.27 -7.04
N ILE P 545 44.24 16.51 -6.40
CA ILE P 545 44.38 17.51 -5.33
C ILE P 545 45.57 18.45 -5.49
N PRO P 546 45.66 19.49 -4.65
CA PRO P 546 46.85 20.33 -4.39
C PRO P 546 47.53 20.10 -3.01
N SER P 547 47.23 20.94 -2.01
CA SER P 547 47.72 20.73 -0.61
C SER P 547 47.56 21.94 0.34
N ARG P 548 47.14 21.66 1.58
CA ARG P 548 46.97 22.67 2.65
C ARG P 548 47.39 22.12 4.03
N ARG P 549 46.89 22.73 5.11
CA ARG P 549 47.14 22.25 6.46
C ARG P 549 45.92 22.42 7.34
N GLU P 563 55.43 24.33 -2.33
CA GLU P 563 55.36 23.56 -3.57
C GLU P 563 54.78 22.16 -3.33
N HIS P 564 53.49 22.01 -3.60
CA HIS P 564 52.79 20.75 -3.31
C HIS P 564 52.24 20.07 -4.57
N PRO P 565 52.87 18.94 -4.97
CA PRO P 565 52.52 18.12 -6.15
C PRO P 565 51.09 17.60 -6.12
N ALA P 566 50.53 17.29 -7.30
CA ALA P 566 49.15 16.80 -7.39
C ALA P 566 49.01 15.44 -6.74
N HIS P 567 47.99 15.29 -5.89
CA HIS P 567 47.70 14.02 -5.25
C HIS P 567 46.72 13.26 -6.09
N ILE P 568 46.78 11.93 -6.02
CA ILE P 568 45.75 11.11 -6.66
C ILE P 568 45.11 10.30 -5.57
N LEU P 569 43.79 10.42 -5.46
CA LEU P 569 43.05 9.64 -4.50
C LEU P 569 41.98 8.88 -5.26
N ALA P 570 41.90 7.58 -5.04
CA ALA P 570 40.89 6.76 -5.69
C ALA P 570 40.38 5.69 -4.76
N TYR P 571 39.09 5.43 -4.80
CA TYR P 571 38.44 4.50 -3.87
C TYR P 571 37.16 3.95 -4.52
N TYR P 572 36.79 2.73 -4.13
CA TYR P 572 35.53 2.17 -4.57
C TYR P 572 34.41 2.78 -3.75
N SER P 573 33.29 3.12 -4.39
CA SER P 573 32.10 3.55 -3.66
C SER P 573 30.78 3.21 -4.35
N LEU P 574 29.84 2.67 -3.58
CA LEU P 574 28.51 2.34 -4.08
C LEU P 574 27.60 3.55 -3.95
N ALA P 575 28.16 4.74 -4.09
CA ALA P 575 27.43 5.96 -3.79
C ALA P 575 27.45 6.87 -5.00
N GLY P 576 28.54 6.79 -5.76
CA GLY P 576 28.76 7.72 -6.86
C GLY P 576 29.70 8.82 -6.41
N GLN P 577 29.78 9.90 -7.17
CA GLN P 577 30.74 10.92 -6.84
C GLN P 577 30.18 11.92 -5.84
N ARG P 578 31.03 12.29 -4.89
CA ARG P 578 30.64 13.19 -3.83
C ARG P 578 30.18 14.54 -4.38
N THR P 579 29.19 15.11 -3.71
CA THR P 579 28.73 16.47 -3.99
C THR P 579 29.59 17.59 -3.37
N ASP P 580 30.27 17.31 -2.28
CA ASP P 580 30.95 18.33 -1.48
C ASP P 580 32.42 18.66 -1.84
N CYS P 581 32.85 18.37 -3.05
CA CYS P 581 34.22 18.66 -3.42
C CYS P 581 34.50 20.15 -3.34
N PRO P 582 35.64 20.52 -2.74
CA PRO P 582 36.12 21.90 -2.79
C PRO P 582 36.32 22.32 -4.23
N THR P 583 36.72 23.56 -4.45
CA THR P 583 37.10 24.00 -5.79
C THR P 583 38.48 23.47 -6.10
N THR P 584 39.31 23.44 -5.06
CA THR P 584 40.65 22.88 -5.14
C THR P 584 40.76 21.37 -5.46
N VAL P 585 39.64 20.68 -5.69
CA VAL P 585 39.67 19.24 -5.95
C VAL P 585 38.91 18.85 -7.21
N ARG P 586 39.53 18.01 -8.06
CA ARG P 586 38.99 17.72 -9.39
C ARG P 586 38.62 16.23 -9.55
N VAL P 587 37.41 15.95 -10.05
CA VAL P 587 36.97 14.57 -10.21
C VAL P 587 36.97 14.16 -11.67
N LEU P 588 37.78 13.17 -12.01
CA LEU P 588 37.84 12.68 -13.38
C LEU P 588 36.65 11.82 -13.85
N LYS P 589 36.06 12.16 -15.00
CA LYS P 589 34.91 11.44 -15.56
C LYS P 589 35.02 11.22 -17.07
N GLU P 590 35.94 10.34 -17.46
CA GLU P 590 36.16 10.04 -18.87
C GLU P 590 36.54 11.30 -19.65
N PRO P 591 36.67 11.21 -20.99
CA PRO P 591 36.94 12.43 -21.77
C PRO P 591 36.24 13.66 -21.20
N ILE P 592 37.04 14.60 -20.72
CA ILE P 592 36.52 15.82 -20.09
C ILE P 592 35.63 16.61 -21.04
N GLU Q 1 61.79 17.25 -5.45
CA GLU Q 1 61.98 17.50 -4.02
C GLU Q 1 60.73 17.25 -3.18
N LEU Q 2 60.64 16.08 -2.57
CA LEU Q 2 59.55 15.81 -1.63
C LEU Q 2 60.06 15.66 -0.20
N PRO Q 3 59.87 16.73 0.60
CA PRO Q 3 60.42 16.82 1.95
C PRO Q 3 59.66 15.90 2.89
N ILE Q 4 60.36 15.21 3.80
CA ILE Q 4 59.68 14.37 4.77
C ILE Q 4 58.64 15.19 5.57
N ALA Q 5 57.37 14.90 5.35
CA ALA Q 5 56.29 15.59 6.06
C ALA Q 5 56.29 15.20 7.52
N ARG Q 6 56.15 16.21 8.38
CA ARG Q 6 56.15 15.96 9.80
C ARG Q 6 54.73 15.79 10.29
N ARG Q 7 54.54 14.80 11.16
CA ARG Q 7 53.23 14.54 11.75
C ARG Q 7 52.80 15.76 12.54
N ALA Q 8 51.60 16.26 12.25
CA ALA Q 8 51.13 17.55 12.77
C ALA Q 8 51.28 17.69 14.27
N SER Q 9 51.02 16.60 14.99
CA SER Q 9 51.13 16.64 16.45
C SER Q 9 52.54 17.00 16.94
N LEU Q 10 53.58 16.45 16.30
CA LEU Q 10 54.97 16.77 16.64
C LEU Q 10 55.34 18.16 16.19
N HIS Q 11 55.10 18.44 14.91
CA HIS Q 11 55.40 19.74 14.35
C HIS Q 11 54.96 20.89 15.27
N ARG Q 12 53.79 20.74 15.88
CA ARG Q 12 53.27 21.75 16.79
C ARG Q 12 54.18 21.80 18.00
N PHE Q 13 54.56 20.63 18.51
CA PHE Q 13 55.37 20.53 19.73
C PHE Q 13 56.79 21.07 19.55
N LEU Q 14 57.36 20.84 18.38
CA LEU Q 14 58.74 21.27 18.13
C LEU Q 14 58.89 22.79 18.16
N GLU Q 15 57.80 23.49 17.88
CA GLU Q 15 57.80 24.95 17.96
C GLU Q 15 57.48 25.48 19.35
N LYS Q 16 56.62 24.78 20.08
CA LYS Q 16 56.37 25.08 21.49
C LYS Q 16 57.62 24.82 22.29
N ARG Q 17 58.62 24.25 21.63
CA ARG Q 17 59.90 23.90 22.26
C ARG Q 17 60.81 25.12 22.34
N LYS Q 18 61.16 25.64 21.17
CA LYS Q 18 61.91 26.87 21.08
C LYS Q 18 61.07 28.02 21.67
N LYS R 5 17.72 7.41 -68.65
CA LYS R 5 17.50 6.38 -69.68
C LYS R 5 17.96 4.99 -69.23
N ILE R 6 17.07 3.98 -69.34
CA ILE R 6 17.33 2.60 -68.87
C ILE R 6 17.20 1.51 -69.95
N VAL R 7 17.84 0.37 -69.72
CA VAL R 7 17.84 -0.75 -70.67
C VAL R 7 17.13 -2.00 -70.15
N LEU R 8 16.04 -2.39 -70.81
CA LEU R 8 15.29 -3.60 -70.46
C LEU R 8 15.55 -4.71 -71.48
N LYS R 9 16.12 -5.81 -71.03
CA LYS R 9 16.45 -6.91 -71.93
C LYS R 9 15.36 -7.98 -72.00
N SER R 10 14.52 -7.88 -73.04
CA SER R 10 13.38 -8.76 -73.28
C SER R 10 13.68 -10.27 -73.21
N SER R 11 12.63 -11.08 -73.36
CA SER R 11 12.70 -12.54 -73.21
C SER R 11 13.49 -13.24 -74.28
N ASP R 12 13.69 -12.55 -75.40
CA ASP R 12 14.39 -13.11 -76.55
C ASP R 12 15.58 -12.21 -76.94
N GLY R 13 16.36 -11.80 -75.92
CA GLY R 13 17.51 -10.94 -76.12
C GLY R 13 17.25 -9.75 -77.02
N GLU R 14 16.76 -8.65 -76.44
CA GLU R 14 16.30 -7.50 -77.22
C GLU R 14 16.33 -6.23 -76.38
N SER R 15 17.47 -5.56 -76.33
CA SER R 15 17.57 -4.33 -75.56
C SER R 15 16.51 -3.29 -75.96
N PHE R 16 16.09 -2.49 -74.98
CA PHE R 16 15.07 -1.46 -75.19
C PHE R 16 15.49 -0.13 -74.55
N GLU R 17 15.66 0.89 -75.38
CA GLU R 17 15.95 2.24 -74.89
C GLU R 17 14.67 2.88 -74.37
N VAL R 18 14.62 3.16 -73.07
CA VAL R 18 13.47 3.82 -72.47
C VAL R 18 13.89 4.92 -71.48
N GLU R 19 13.01 5.89 -71.30
CA GLU R 19 13.30 7.04 -70.46
C GLU R 19 13.30 6.67 -68.99
N GLU R 20 13.57 7.66 -68.16
CA GLU R 20 13.58 7.50 -66.71
C GLU R 20 12.20 7.14 -66.14
N ALA R 21 11.29 8.11 -66.19
CA ALA R 21 9.97 8.00 -65.55
C ALA R 21 9.00 7.10 -66.31
N VAL R 22 9.46 6.56 -67.43
CA VAL R 22 8.66 5.58 -68.16
C VAL R 22 8.86 4.20 -67.54
N ALA R 23 10.10 3.86 -67.20
CA ALA R 23 10.41 2.55 -66.62
C ALA R 23 10.11 2.47 -65.12
N LEU R 24 9.70 3.59 -64.52
CA LEU R 24 9.38 3.61 -63.10
C LEU R 24 7.89 3.32 -62.84
N GLU R 25 7.10 3.30 -63.92
CA GLU R 25 5.69 2.95 -63.81
C GLU R 25 5.54 1.52 -63.30
N SER R 26 6.56 0.70 -63.53
CA SER R 26 6.59 -0.65 -63.00
C SER R 26 7.33 -0.68 -61.68
N GLN R 27 6.58 -0.79 -60.59
CA GLN R 27 7.18 -0.97 -59.28
C GLN R 27 7.96 -2.28 -59.15
N THR R 28 8.16 -2.98 -60.27
CA THR R 28 9.05 -4.15 -60.30
C THR R 28 10.44 -3.71 -60.74
N ILE R 29 10.49 -2.64 -61.54
CA ILE R 29 11.74 -2.11 -62.01
C ILE R 29 12.15 -0.95 -61.09
N ALA R 30 11.17 -0.35 -60.43
CA ALA R 30 11.41 0.68 -59.42
C ALA R 30 12.14 0.10 -58.21
N HIS R 31 11.64 -1.05 -57.72
CA HIS R 31 12.26 -1.75 -56.59
C HIS R 31 13.53 -2.48 -57.01
N MET R 32 13.97 -2.21 -58.24
CA MET R 32 15.18 -2.83 -58.77
C MET R 32 16.23 -1.80 -59.20
N VAL R 33 16.02 -0.55 -58.81
CA VAL R 33 17.05 0.47 -58.93
C VAL R 33 17.69 0.71 -57.55
N GLU R 34 17.16 0.04 -56.54
CA GLU R 34 17.75 0.02 -55.20
C GLU R 34 18.94 -0.91 -55.20
N ASP R 35 18.66 -2.21 -55.27
CA ASP R 35 19.66 -3.24 -55.48
C ASP R 35 20.10 -3.23 -56.94
N ASP R 36 20.36 -2.04 -57.46
CA ASP R 36 20.56 -1.79 -58.89
C ASP R 36 21.36 -2.83 -59.68
N CYS R 37 20.64 -3.74 -60.32
CA CYS R 37 21.23 -4.64 -61.30
C CYS R 37 21.18 -3.94 -62.66
N VAL R 38 20.85 -2.65 -62.62
CA VAL R 38 20.76 -1.83 -63.82
C VAL R 38 22.10 -1.73 -64.55
N ASP R 39 23.15 -2.24 -63.91
CA ASP R 39 24.48 -2.32 -64.50
C ASP R 39 24.42 -2.99 -65.86
N ASN R 40 24.00 -4.25 -65.87
CA ASN R 40 23.90 -5.04 -67.09
C ASN R 40 22.54 -4.88 -67.77
N GLY R 41 21.81 -3.83 -67.40
CA GLY R 41 20.44 -3.63 -67.85
C GLY R 41 19.48 -4.61 -67.15
N VAL R 42 18.25 -4.15 -66.89
CA VAL R 42 17.25 -4.98 -66.20
C VAL R 42 16.73 -6.13 -67.06
N PRO R 43 17.08 -7.37 -66.66
CA PRO R 43 16.70 -8.59 -67.40
C PRO R 43 15.32 -9.07 -67.03
N LEU R 44 14.45 -9.26 -68.03
CA LEU R 44 13.13 -9.84 -67.78
C LEU R 44 12.72 -10.90 -68.80
N PRO R 45 13.22 -12.13 -68.60
CA PRO R 45 13.12 -13.27 -69.52
C PRO R 45 11.73 -13.87 -69.59
N ASN R 46 10.73 -13.16 -69.06
CA ASN R 46 9.37 -13.67 -69.02
C ASN R 46 8.39 -12.76 -69.77
N VAL R 47 8.93 -11.86 -70.57
CA VAL R 47 8.11 -10.99 -71.41
C VAL R 47 8.53 -11.14 -72.86
N THR R 48 7.62 -11.64 -73.69
CA THR R 48 7.88 -11.71 -75.13
C THR R 48 8.20 -10.30 -75.60
N SER R 49 9.00 -10.18 -76.65
CA SER R 49 9.44 -8.86 -77.09
C SER R 49 8.32 -8.04 -77.74
N LYS R 50 7.41 -8.74 -78.42
CA LYS R 50 6.25 -8.10 -79.04
C LYS R 50 5.38 -7.44 -77.98
N ILE R 51 5.28 -8.10 -76.82
CA ILE R 51 4.45 -7.65 -75.72
C ILE R 51 5.10 -6.49 -74.96
N LEU R 52 6.33 -6.72 -74.50
CA LEU R 52 7.10 -5.68 -73.80
C LEU R 52 7.06 -4.37 -74.59
N ALA R 53 7.00 -4.51 -75.91
CA ALA R 53 6.85 -3.39 -76.84
C ALA R 53 5.54 -2.64 -76.59
N LYS R 54 4.44 -3.39 -76.57
CA LYS R 54 3.13 -2.80 -76.37
C LYS R 54 3.01 -2.20 -74.97
N VAL R 55 3.77 -2.74 -74.02
CA VAL R 55 3.73 -2.24 -72.64
C VAL R 55 4.32 -0.84 -72.51
N ILE R 56 5.51 -0.66 -73.09
CA ILE R 56 6.19 0.62 -73.06
C ILE R 56 5.37 1.70 -73.76
N GLU R 57 4.68 1.30 -74.82
CA GLU R 57 3.83 2.21 -75.58
C GLU R 57 2.70 2.78 -74.70
N TYR R 58 2.21 1.93 -73.80
CA TYR R 58 1.16 2.33 -72.85
C TYR R 58 1.73 3.35 -71.86
N CYS R 59 2.79 2.97 -71.17
CA CYS R 59 3.43 3.81 -70.16
C CYS R 59 3.88 5.14 -70.76
N LYS R 60 4.51 5.08 -71.92
CA LYS R 60 4.91 6.28 -72.65
C LYS R 60 3.74 7.27 -72.65
N ARG R 61 2.58 6.80 -73.08
CA ARG R 61 1.44 7.69 -73.29
C ARG R 61 0.86 8.25 -71.98
N HIS R 62 0.87 7.44 -70.94
CA HIS R 62 0.30 7.86 -69.66
C HIS R 62 1.22 8.83 -68.93
N VAL R 63 2.53 8.58 -69.01
CA VAL R 63 3.52 9.48 -68.42
C VAL R 63 3.30 10.93 -68.88
N GLU R 64 2.89 11.09 -70.13
CA GLU R 64 2.56 12.39 -70.68
C GLU R 64 1.22 12.91 -70.19
N ALA R 65 0.98 12.75 -68.89
CA ALA R 65 -0.17 13.33 -68.21
C ALA R 65 0.28 14.55 -67.41
N ALA R 66 1.57 14.86 -67.48
CA ALA R 66 2.10 16.11 -66.94
C ALA R 66 1.32 17.26 -67.58
N ALA R 67 1.37 17.32 -68.91
CA ALA R 67 0.41 18.11 -69.67
C ALA R 67 -0.95 17.45 -69.43
N ASP R 80 -7.90 14.44 -69.19
CA ASP R 80 -8.49 13.13 -68.89
C ASP R 80 -9.49 12.64 -69.94
N ASP R 81 -9.90 13.54 -70.82
CA ASP R 81 -10.96 13.26 -71.76
C ASP R 81 -10.48 12.35 -72.90
N ASP R 82 -9.31 12.69 -73.45
CA ASP R 82 -8.75 12.01 -74.61
C ASP R 82 -7.93 10.78 -74.25
N LEU R 83 -7.80 10.51 -72.95
CA LEU R 83 -7.12 9.30 -72.49
C LEU R 83 -8.03 8.07 -72.57
N LYS R 84 -9.26 8.20 -72.08
CA LYS R 84 -10.26 7.13 -72.17
C LYS R 84 -10.48 6.79 -73.64
N ALA R 85 -10.08 7.71 -74.50
CA ALA R 85 -10.16 7.54 -75.94
C ALA R 85 -9.04 6.64 -76.45
N TRP R 86 -7.79 7.06 -76.22
CA TRP R 86 -6.61 6.28 -76.61
C TRP R 86 -6.67 4.91 -75.97
N ASP R 87 -7.04 4.88 -74.69
CA ASP R 87 -7.14 3.63 -73.94
C ASP R 87 -8.12 2.62 -74.56
N ALA R 88 -9.35 3.08 -74.82
CA ALA R 88 -10.35 2.24 -75.49
C ALA R 88 -9.81 1.69 -76.81
N ASP R 89 -9.07 2.51 -77.53
CA ASP R 89 -8.51 2.13 -78.83
C ASP R 89 -7.30 1.21 -78.67
N PHE R 90 -6.50 1.43 -77.62
CA PHE R 90 -5.29 0.62 -77.38
C PHE R 90 -5.63 -0.84 -77.16
N MET R 91 -6.85 -1.07 -76.67
CA MET R 91 -7.30 -2.40 -76.29
C MET R 91 -7.84 -3.23 -77.45
N LYS R 92 -8.19 -2.57 -78.55
CA LYS R 92 -8.65 -3.25 -79.75
C LYS R 92 -7.60 -4.24 -80.26
N ILE R 93 -7.43 -5.34 -79.52
CA ILE R 93 -6.50 -6.40 -79.89
C ILE R 93 -7.23 -7.73 -79.77
N ASP R 94 -6.55 -8.80 -80.16
CA ASP R 94 -7.12 -10.14 -80.04
C ASP R 94 -6.96 -10.63 -78.61
N GLN R 95 -7.69 -11.68 -78.25
CA GLN R 95 -7.63 -12.21 -76.90
C GLN R 95 -6.24 -12.65 -76.45
N ALA R 96 -5.65 -13.61 -77.16
CA ALA R 96 -4.36 -14.17 -76.75
C ALA R 96 -3.30 -13.10 -76.40
N THR R 97 -3.44 -11.93 -77.06
CA THR R 97 -2.57 -10.79 -76.80
C THR R 97 -2.98 -10.08 -75.52
N LEU R 98 -4.27 -9.74 -75.43
CA LEU R 98 -4.85 -9.18 -74.21
C LEU R 98 -4.42 -9.94 -72.94
N PHE R 99 -4.42 -11.25 -73.00
CA PHE R 99 -4.04 -12.03 -71.84
C PHE R 99 -2.56 -11.87 -71.53
N GLU R 100 -1.71 -12.06 -72.55
CA GLU R 100 -0.27 -11.94 -72.35
C GLU R 100 0.11 -10.56 -71.78
N LEU R 101 -0.83 -9.61 -71.88
CA LEU R 101 -0.64 -8.27 -71.36
C LEU R 101 -0.88 -8.23 -69.86
N ILE R 102 -1.99 -8.84 -69.46
CA ILE R 102 -2.32 -8.91 -68.06
C ILE R 102 -1.19 -9.63 -67.30
N LEU R 103 -0.80 -10.81 -67.79
CA LEU R 103 0.32 -11.55 -67.24
C LEU R 103 1.60 -10.72 -67.13
N ALA R 104 1.76 -9.77 -68.06
CA ALA R 104 2.92 -8.89 -68.09
C ALA R 104 2.76 -7.73 -67.11
N ALA R 105 1.58 -7.10 -67.08
CA ALA R 105 1.28 -6.02 -66.11
C ALA R 105 1.42 -6.51 -64.67
N ASN R 106 1.24 -7.81 -64.49
CA ASN R 106 1.36 -8.47 -63.18
C ASN R 106 2.77 -9.04 -62.94
N TYR R 107 3.54 -9.20 -64.01
CA TYR R 107 4.94 -9.62 -63.92
C TYR R 107 5.85 -8.43 -63.62
N LEU R 108 5.42 -7.27 -64.09
CA LEU R 108 5.93 -6.02 -63.59
C LEU R 108 4.99 -5.64 -62.46
N ASN R 109 4.70 -4.37 -62.30
CA ASN R 109 3.75 -4.00 -61.26
C ASN R 109 3.07 -2.71 -61.67
N ILE R 110 2.41 -2.77 -62.80
CA ILE R 110 1.77 -1.60 -63.37
C ILE R 110 0.29 -1.59 -63.00
N LYS R 111 -0.02 -0.98 -61.86
CA LYS R 111 -1.39 -1.04 -61.35
C LYS R 111 -2.41 -0.39 -62.30
N ASN R 112 -2.01 0.67 -63.00
CA ASN R 112 -2.94 1.29 -63.93
C ASN R 112 -3.19 0.44 -65.17
N LEU R 113 -2.23 -0.42 -65.52
CA LEU R 113 -2.35 -1.26 -66.71
C LEU R 113 -3.36 -2.33 -66.40
N LEU R 114 -4.12 -2.00 -65.38
CA LEU R 114 -4.91 -3.05 -64.79
C LEU R 114 -6.34 -2.63 -64.59
N ASP R 115 -6.56 -1.49 -63.93
CA ASP R 115 -7.91 -0.97 -63.72
C ASP R 115 -8.59 -0.69 -65.07
N LEU R 116 -7.82 -0.79 -66.16
CA LEU R 116 -8.36 -0.62 -67.50
C LEU R 116 -8.46 -1.92 -68.32
N THR R 117 -7.36 -2.68 -68.40
CA THR R 117 -7.38 -3.94 -69.16
C THR R 117 -8.31 -5.00 -68.59
N CYS R 118 -8.29 -5.15 -67.28
CA CYS R 118 -9.20 -6.09 -66.60
C CYS R 118 -10.65 -5.60 -66.66
N GLN R 119 -10.87 -4.31 -66.39
CA GLN R 119 -12.23 -3.74 -66.44
C GLN R 119 -12.83 -3.89 -67.83
N THR R 120 -11.96 -4.10 -68.83
CA THR R 120 -12.39 -4.34 -70.22
C THR R 120 -12.89 -5.76 -70.41
N VAL R 121 -12.12 -6.73 -69.90
CA VAL R 121 -12.56 -8.13 -69.88
C VAL R 121 -13.82 -8.34 -69.02
N ALA R 122 -13.85 -7.65 -67.88
CA ALA R 122 -14.99 -7.70 -66.99
C ALA R 122 -16.24 -7.16 -67.69
N ASP R 123 -16.07 -6.23 -68.62
CA ASP R 123 -17.20 -5.68 -69.36
C ASP R 123 -17.71 -6.66 -70.42
N MET R 124 -16.83 -7.54 -70.85
CA MET R 124 -17.18 -8.61 -71.80
C MET R 124 -18.12 -9.62 -71.17
N ILE R 125 -18.05 -9.77 -69.86
CA ILE R 125 -18.92 -10.67 -69.13
C ILE R 125 -20.24 -9.99 -68.71
N LYS R 126 -20.13 -8.75 -68.21
CA LYS R 126 -21.25 -8.01 -67.58
C LYS R 126 -22.53 -7.94 -68.43
N GLY R 127 -23.42 -8.92 -68.22
CA GLY R 127 -24.69 -8.98 -68.93
C GLY R 127 -24.98 -10.33 -69.54
N LYS R 128 -23.93 -11.06 -69.94
CA LYS R 128 -24.09 -12.35 -70.62
C LYS R 128 -24.54 -13.47 -69.68
N THR R 129 -25.10 -14.53 -70.27
CA THR R 129 -25.51 -15.69 -69.50
C THR R 129 -24.31 -16.64 -69.49
N PRO R 130 -24.35 -17.69 -68.63
CA PRO R 130 -23.28 -18.68 -68.55
C PRO R 130 -22.93 -19.33 -69.89
N GLU R 131 -23.94 -19.47 -70.75
CA GLU R 131 -23.71 -20.01 -72.07
C GLU R 131 -23.00 -18.96 -72.94
N GLU R 132 -23.64 -17.79 -73.08
CA GLU R 132 -23.09 -16.67 -73.83
C GLU R 132 -21.64 -16.39 -73.45
N ILE R 133 -21.25 -16.78 -72.23
CA ILE R 133 -19.86 -16.61 -71.76
C ILE R 133 -18.91 -17.63 -72.38
N ARG R 134 -19.07 -18.90 -72.01
CA ARG R 134 -18.11 -19.89 -72.47
C ARG R 134 -18.16 -20.02 -73.99
N THR R 135 -19.21 -19.44 -74.58
CA THR R 135 -19.26 -19.20 -76.02
C THR R 135 -18.20 -18.16 -76.41
N THR R 136 -18.40 -16.91 -75.98
CA THR R 136 -17.52 -15.81 -76.36
C THR R 136 -16.17 -15.81 -75.64
N PHE R 137 -15.65 -17.00 -75.33
CA PHE R 137 -14.34 -17.21 -74.69
C PHE R 137 -13.82 -18.61 -74.98
N ASN R 138 -14.68 -19.38 -75.64
CA ASN R 138 -14.39 -20.77 -75.91
C ASN R 138 -13.93 -21.57 -74.67
N ILE R 139 -14.90 -21.79 -73.77
CA ILE R 139 -14.65 -22.59 -72.55
C ILE R 139 -15.59 -23.78 -72.43
N LYS R 140 -15.01 -24.98 -72.32
CA LYS R 140 -15.82 -26.19 -72.21
C LYS R 140 -16.41 -26.30 -70.81
N ASN R 141 -17.74 -26.19 -70.70
CA ASN R 141 -18.46 -26.49 -69.47
C ASN R 141 -18.19 -27.94 -68.93
N ASP R 142 -17.67 -28.06 -67.72
CA ASP R 142 -17.28 -29.37 -67.16
C ASP R 142 -17.96 -29.77 -65.83
N PHE R 143 -19.10 -29.13 -65.56
CA PHE R 143 -19.96 -29.40 -64.42
C PHE R 143 -20.81 -30.64 -64.66
N THR R 144 -20.68 -31.68 -63.83
CA THR R 144 -21.72 -32.74 -63.86
C THR R 144 -23.10 -32.08 -63.59
N PRO R 145 -24.19 -32.63 -64.19
CA PRO R 145 -25.44 -31.84 -64.11
C PRO R 145 -25.91 -31.62 -62.66
N GLU R 146 -25.46 -32.49 -61.76
CA GLU R 146 -25.82 -32.38 -60.34
C GLU R 146 -25.19 -31.13 -59.77
N GLU R 147 -23.89 -30.99 -60.07
CA GLU R 147 -23.13 -29.82 -59.65
C GLU R 147 -23.79 -28.55 -60.16
N GLU R 148 -24.00 -28.50 -61.47
CA GLU R 148 -24.65 -27.36 -62.11
C GLU R 148 -25.99 -27.05 -61.40
N GLU R 149 -26.68 -28.11 -61.01
CA GLU R 149 -27.99 -27.94 -60.42
C GLU R 149 -27.85 -27.34 -59.03
N GLU R 150 -26.90 -27.88 -58.27
CA GLU R 150 -26.68 -27.40 -56.91
C GLU R 150 -26.34 -25.91 -56.91
N VAL R 151 -25.44 -25.54 -57.82
CA VAL R 151 -25.01 -24.16 -57.90
C VAL R 151 -26.13 -23.21 -58.33
N ARG R 152 -26.90 -23.63 -59.33
CA ARG R 152 -28.02 -22.83 -59.78
C ARG R 152 -29.02 -22.71 -58.61
N ARG R 153 -29.22 -23.83 -57.91
CA ARG R 153 -30.12 -23.83 -56.75
C ARG R 153 -29.69 -22.83 -55.66
N GLU R 154 -28.40 -22.91 -55.29
CA GLU R 154 -27.85 -22.04 -54.27
C GLU R 154 -28.03 -20.61 -54.74
N ASN R 155 -27.76 -20.38 -56.02
CA ASN R 155 -27.75 -19.03 -56.59
C ASN R 155 -29.09 -18.30 -56.59
N GLN R 156 -30.16 -19.07 -56.77
CA GLN R 156 -31.47 -18.45 -57.04
C GLN R 156 -32.48 -18.62 -55.92
N TRP R 157 -32.18 -19.58 -55.06
CA TRP R 157 -32.99 -19.81 -53.85
C TRP R 157 -32.41 -19.20 -52.55
N ALA R 158 -31.09 -19.33 -52.39
CA ALA R 158 -30.41 -18.99 -51.13
C ALA R 158 -29.67 -17.64 -51.09
N PHE R 159 -28.62 -17.51 -51.93
CA PHE R 159 -27.65 -16.40 -51.84
C PHE R 159 -27.68 -15.33 -52.93
N GLU R 160 -28.49 -14.29 -52.68
CA GLU R 160 -28.38 -13.00 -53.38
C GLU R 160 -29.72 -12.32 -53.72
N SER S 12 6.83 -19.84 -73.56
CA SER S 12 5.63 -19.01 -73.64
C SER S 12 4.64 -19.58 -74.65
N CYS S 13 3.50 -20.03 -74.15
CA CYS S 13 2.40 -20.47 -75.01
C CYS S 13 1.39 -19.31 -75.11
N VAL S 14 0.37 -19.49 -75.95
CA VAL S 14 -0.65 -18.45 -76.12
C VAL S 14 -1.35 -18.22 -74.79
N ALA S 15 -1.69 -16.95 -74.51
CA ALA S 15 -2.35 -16.64 -73.25
C ALA S 15 -3.86 -16.89 -73.30
N THR S 16 -4.37 -17.74 -72.41
CA THR S 16 -5.81 -18.08 -72.33
C THR S 16 -6.52 -17.16 -71.35
N VAL S 17 -7.85 -17.27 -71.29
CA VAL S 17 -8.63 -16.55 -70.28
C VAL S 17 -8.32 -17.10 -68.91
N ASP S 18 -7.96 -18.38 -68.84
CA ASP S 18 -7.59 -19.02 -67.59
C ASP S 18 -6.45 -18.30 -66.86
N ASP S 19 -5.47 -17.87 -67.62
CA ASP S 19 -4.25 -17.25 -67.09
C ASP S 19 -4.48 -15.83 -66.56
N VAL S 20 -5.72 -15.41 -66.43
CA VAL S 20 -5.98 -14.01 -66.16
C VAL S 20 -7.31 -13.78 -65.42
N ILE S 21 -8.03 -14.88 -65.19
CA ILE S 21 -9.39 -14.76 -64.68
C ILE S 21 -9.38 -14.38 -63.20
N GLU S 22 -8.44 -14.96 -62.46
CA GLU S 22 -8.27 -14.68 -61.03
C GLU S 22 -8.24 -13.17 -60.79
N GLN S 23 -7.52 -12.45 -61.63
CA GLN S 23 -7.47 -11.00 -61.56
C GLN S 23 -8.79 -10.35 -61.94
N VAL S 24 -9.37 -10.78 -63.07
CA VAL S 24 -10.53 -10.08 -63.63
C VAL S 24 -11.76 -10.18 -62.71
N MET S 25 -11.91 -11.34 -62.08
CA MET S 25 -13.09 -11.62 -61.27
C MET S 25 -13.40 -10.49 -60.30
N THR S 26 -12.35 -9.95 -59.71
CA THR S 26 -12.50 -8.96 -58.65
C THR S 26 -12.86 -7.56 -59.20
N TYR S 27 -13.18 -7.48 -60.50
CA TYR S 27 -13.68 -6.22 -61.10
C TYR S 27 -15.14 -6.36 -61.49
N ILE S 28 -15.68 -7.56 -61.26
CA ILE S 28 -17.10 -7.81 -61.36
C ILE S 28 -17.81 -7.63 -60.01
N THR S 29 -18.53 -6.54 -59.91
CA THR S 29 -19.20 -6.19 -58.68
C THR S 29 -20.61 -6.77 -58.69
N ASP S 30 -21.34 -6.55 -59.79
CA ASP S 30 -22.75 -6.95 -59.90
C ASP S 30 -23.03 -8.39 -59.40
N PRO S 31 -23.85 -8.51 -58.34
CA PRO S 31 -24.21 -9.82 -57.78
C PRO S 31 -24.80 -10.73 -58.83
N LYS S 32 -25.46 -10.16 -59.85
CA LYS S 32 -26.16 -10.97 -60.85
C LYS S 32 -25.19 -11.48 -61.92
N ASP S 33 -24.03 -10.85 -62.01
CA ASP S 33 -23.00 -11.24 -62.98
C ASP S 33 -22.05 -12.29 -62.38
N ARG S 34 -21.86 -12.20 -61.06
CA ARG S 34 -21.14 -13.22 -60.30
C ARG S 34 -21.97 -14.45 -60.38
N ASP S 35 -23.29 -14.23 -60.23
CA ASP S 35 -24.26 -15.33 -60.27
C ASP S 35 -24.02 -16.18 -61.52
N SER S 36 -23.74 -15.50 -62.65
CA SER S 36 -23.51 -16.16 -63.95
C SER S 36 -22.10 -16.74 -64.01
N ALA S 37 -21.15 -15.87 -63.67
CA ALA S 37 -19.74 -16.20 -63.79
C ALA S 37 -19.41 -17.49 -63.05
N SER S 38 -20.20 -17.79 -62.01
CA SER S 38 -19.95 -18.92 -61.13
C SER S 38 -20.35 -20.20 -61.83
N LEU S 39 -21.11 -20.02 -62.91
CA LEU S 39 -21.75 -21.16 -63.55
C LEU S 39 -21.08 -21.56 -64.87
N VAL S 40 -20.03 -20.83 -65.25
CA VAL S 40 -19.44 -21.06 -66.56
C VAL S 40 -18.52 -22.29 -66.63
N CYS S 41 -18.06 -22.77 -65.48
CA CYS S 41 -17.25 -23.99 -65.45
C CYS S 41 -16.72 -24.18 -64.05
N ARG S 42 -16.01 -25.28 -63.81
CA ARG S 42 -15.56 -25.58 -62.45
C ARG S 42 -14.56 -24.58 -61.84
N ARG S 43 -13.57 -24.19 -62.63
CA ARG S 43 -12.58 -23.25 -62.14
C ARG S 43 -13.15 -21.87 -61.85
N TRP S 44 -13.98 -21.36 -62.75
CA TRP S 44 -14.63 -20.08 -62.55
C TRP S 44 -15.47 -20.06 -61.29
N PHE S 45 -16.10 -21.20 -60.99
CA PHE S 45 -16.93 -21.33 -59.80
C PHE S 45 -16.08 -21.17 -58.54
N LYS S 46 -14.95 -21.89 -58.52
CA LYS S 46 -14.02 -21.81 -57.39
C LYS S 46 -13.51 -20.39 -57.22
N ILE S 47 -13.13 -19.74 -58.30
CA ILE S 47 -12.62 -18.38 -58.19
C ILE S 47 -13.66 -17.37 -57.69
N ASP S 48 -14.93 -17.59 -58.04
CA ASP S 48 -15.98 -16.72 -57.51
C ASP S 48 -16.15 -17.02 -56.03
N SER S 49 -16.17 -18.32 -55.72
CA SER S 49 -16.28 -18.82 -54.35
C SER S 49 -15.30 -18.18 -53.36
N GLU S 50 -14.04 -18.09 -53.75
CA GLU S 50 -12.99 -17.56 -52.87
C GLU S 50 -12.87 -16.05 -52.87
N THR S 51 -13.60 -15.37 -53.74
CA THR S 51 -13.45 -13.93 -53.85
C THR S 51 -14.71 -13.16 -53.50
N ARG S 52 -15.85 -13.86 -53.41
CA ARG S 52 -17.10 -13.16 -53.14
C ARG S 52 -16.92 -12.40 -51.83
N GLU S 53 -17.33 -11.14 -51.80
CA GLU S 53 -17.17 -10.37 -50.60
C GLU S 53 -18.48 -10.21 -49.82
N HIS S 54 -19.58 -9.91 -50.50
CA HIS S 54 -20.86 -9.69 -49.82
C HIS S 54 -21.96 -10.65 -50.28
N VAL S 55 -22.72 -11.20 -49.32
CA VAL S 55 -23.81 -12.12 -49.60
C VAL S 55 -25.05 -11.73 -48.81
N THR S 56 -26.22 -11.83 -49.43
CA THR S 56 -27.46 -11.52 -48.71
C THR S 56 -28.37 -12.71 -48.79
N MET S 57 -28.91 -13.13 -47.65
CA MET S 57 -29.97 -14.14 -47.67
C MET S 57 -31.35 -13.50 -47.38
N ALA S 58 -32.25 -13.54 -48.37
CA ALA S 58 -33.54 -12.87 -48.16
C ALA S 58 -34.34 -13.65 -47.09
N LEU S 59 -34.06 -14.93 -46.94
CA LEU S 59 -34.66 -15.72 -45.90
C LEU S 59 -33.60 -16.67 -45.37
N CYS S 60 -33.36 -16.59 -44.07
CA CYS S 60 -32.32 -17.37 -43.41
C CYS S 60 -32.58 -18.89 -43.39
N TYR S 61 -33.84 -19.28 -43.46
CA TYR S 61 -34.20 -20.70 -43.42
C TYR S 61 -34.00 -21.38 -44.75
N THR S 62 -33.45 -20.59 -45.68
CA THR S 62 -33.27 -20.96 -47.09
C THR S 62 -32.10 -21.92 -47.33
N ALA S 63 -31.14 -21.89 -46.39
CA ALA S 63 -29.97 -22.80 -46.40
C ALA S 63 -29.27 -22.88 -45.03
N THR S 64 -28.63 -24.03 -44.79
CA THR S 64 -27.76 -24.25 -43.64
C THR S 64 -26.68 -23.16 -43.51
N PRO S 65 -26.34 -22.71 -42.29
CA PRO S 65 -25.22 -21.76 -42.25
C PRO S 65 -23.93 -22.49 -42.58
N ASP S 66 -23.95 -23.82 -42.53
CA ASP S 66 -22.82 -24.58 -43.03
C ASP S 66 -22.66 -24.40 -44.56
N ARG S 67 -23.78 -24.50 -45.27
CA ARG S 67 -23.76 -24.41 -46.72
C ARG S 67 -23.10 -23.12 -47.18
N LEU S 68 -23.46 -22.03 -46.51
CA LEU S 68 -22.96 -20.69 -46.83
C LEU S 68 -21.46 -20.56 -46.63
N SER S 69 -20.97 -21.02 -45.48
CA SER S 69 -19.54 -20.89 -45.15
C SER S 69 -18.69 -21.76 -46.05
N ARG S 70 -19.28 -22.84 -46.56
CA ARG S 70 -18.60 -23.70 -47.52
C ARG S 70 -18.49 -23.02 -48.92
N ARG S 71 -19.55 -22.36 -49.35
CA ARG S 71 -19.60 -21.72 -50.66
C ARG S 71 -18.84 -20.41 -50.71
N PHE S 72 -18.78 -19.73 -49.58
CA PHE S 72 -18.18 -18.39 -49.54
C PHE S 72 -17.31 -18.15 -48.32
N PRO S 73 -16.22 -18.94 -48.19
CA PRO S 73 -15.37 -18.97 -47.00
C PRO S 73 -14.83 -17.58 -46.61
N ASN S 74 -14.74 -16.66 -47.57
CA ASN S 74 -14.04 -15.41 -47.33
C ASN S 74 -14.92 -14.20 -47.34
N LEU S 75 -16.18 -14.39 -46.98
CA LEU S 75 -17.11 -13.27 -46.87
C LEU S 75 -16.52 -12.14 -46.04
N ARG S 76 -16.77 -10.91 -46.43
CA ARG S 76 -16.38 -9.78 -45.63
C ARG S 76 -17.63 -9.12 -45.06
N SER S 77 -18.74 -9.26 -45.77
CA SER S 77 -20.00 -8.66 -45.35
C SER S 77 -21.09 -9.72 -45.49
N LEU S 78 -22.07 -9.68 -44.60
CA LEU S 78 -23.20 -10.60 -44.60
C LEU S 78 -24.50 -9.93 -44.18
N LYS S 79 -25.61 -10.37 -44.75
CA LYS S 79 -26.90 -9.75 -44.45
C LYS S 79 -27.91 -10.90 -44.43
N LEU S 80 -28.53 -11.10 -43.27
CA LEU S 80 -29.58 -12.12 -43.13
C LEU S 80 -30.90 -11.45 -42.76
N LYS S 81 -31.97 -11.91 -43.42
CA LYS S 81 -33.32 -11.49 -43.07
C LYS S 81 -34.03 -12.73 -42.52
N GLY S 82 -34.88 -12.51 -41.51
CA GLY S 82 -35.63 -13.62 -40.92
C GLY S 82 -37.12 -13.54 -41.20
N LYS S 83 -37.86 -12.93 -40.26
CA LYS S 83 -39.31 -12.78 -40.34
C LYS S 83 -39.71 -12.06 -41.64
N PRO S 84 -40.84 -12.51 -42.25
CA PRO S 84 -41.43 -11.98 -43.48
C PRO S 84 -41.86 -10.54 -43.29
N ARG S 85 -42.04 -9.81 -44.38
CA ARG S 85 -42.34 -8.39 -44.28
C ARG S 85 -43.53 -8.11 -43.38
N ALA S 86 -44.45 -9.07 -43.33
CA ALA S 86 -45.69 -8.92 -42.58
C ALA S 86 -45.43 -8.59 -41.11
N ALA S 87 -44.33 -9.13 -40.59
CA ALA S 87 -43.92 -8.86 -39.20
C ALA S 87 -43.87 -7.37 -38.90
N MET S 88 -43.59 -6.55 -39.92
CA MET S 88 -43.45 -5.10 -39.73
C MET S 88 -44.79 -4.42 -39.48
N PHE S 89 -45.84 -5.23 -39.55
CA PHE S 89 -47.21 -4.72 -39.34
C PHE S 89 -47.93 -5.49 -38.25
N ASN S 90 -47.15 -6.01 -37.31
CA ASN S 90 -47.69 -6.77 -36.19
C ASN S 90 -48.66 -7.83 -36.67
N LEU S 91 -48.23 -8.58 -37.69
CA LEU S 91 -49.05 -9.64 -38.22
C LEU S 91 -48.41 -11.00 -38.00
N ILE S 92 -47.13 -11.01 -37.66
CA ILE S 92 -46.41 -12.26 -37.45
C ILE S 92 -46.11 -12.45 -35.97
N PRO S 93 -46.35 -13.67 -35.46
CA PRO S 93 -46.11 -14.06 -34.06
C PRO S 93 -44.69 -13.70 -33.65
N GLU S 94 -44.50 -13.29 -32.40
CA GLU S 94 -43.17 -12.92 -31.96
C GLU S 94 -42.21 -14.13 -32.02
N ASN S 95 -42.68 -15.28 -31.55
CA ASN S 95 -41.84 -16.49 -31.44
C ASN S 95 -41.57 -17.18 -32.77
N TRP S 96 -41.94 -16.54 -33.88
CA TRP S 96 -42.04 -17.25 -35.15
C TRP S 96 -40.74 -17.95 -35.59
N GLY S 97 -39.64 -17.20 -35.51
CA GLY S 97 -38.34 -17.71 -35.93
C GLY S 97 -37.39 -16.56 -36.29
N GLY S 98 -36.27 -16.94 -36.93
CA GLY S 98 -35.26 -15.98 -37.35
C GLY S 98 -34.15 -15.87 -36.31
N TYR S 99 -33.99 -16.93 -35.53
CA TYR S 99 -32.94 -16.97 -34.52
C TYR S 99 -31.60 -16.91 -35.23
N VAL S 100 -30.71 -16.09 -34.68
CA VAL S 100 -29.47 -15.74 -35.34
C VAL S 100 -28.31 -16.62 -34.83
N THR S 101 -28.52 -17.31 -33.70
CA THR S 101 -27.43 -18.03 -33.04
C THR S 101 -26.63 -19.03 -33.89
N PRO S 102 -27.31 -19.87 -34.68
CA PRO S 102 -26.62 -20.85 -35.52
C PRO S 102 -25.66 -20.15 -36.50
N TRP S 103 -26.00 -18.91 -36.81
CA TRP S 103 -25.26 -18.12 -37.77
C TRP S 103 -24.07 -17.48 -37.10
N VAL S 104 -24.22 -17.01 -35.88
CA VAL S 104 -23.04 -16.48 -35.24
C VAL S 104 -22.07 -17.61 -34.88
N THR S 105 -22.58 -18.76 -34.46
CA THR S 105 -21.60 -19.81 -34.19
C THR S 105 -20.94 -20.28 -35.50
N GLU S 106 -21.51 -19.89 -36.64
CA GLU S 106 -20.87 -20.24 -37.90
C GLU S 106 -19.81 -19.22 -38.29
N ILE S 107 -20.16 -17.95 -38.10
CA ILE S 107 -19.24 -16.85 -38.28
C ILE S 107 -18.03 -16.98 -37.39
N SER S 108 -18.30 -17.37 -36.14
CA SER S 108 -17.27 -17.56 -35.13
C SER S 108 -16.23 -18.58 -35.61
N ASN S 109 -16.68 -19.58 -36.35
CA ASN S 109 -15.80 -20.69 -36.71
C ASN S 109 -15.31 -20.74 -38.14
N ASN S 110 -16.05 -20.18 -39.09
CA ASN S 110 -15.72 -20.43 -40.49
C ASN S 110 -15.75 -19.21 -41.37
N LEU S 111 -16.26 -18.10 -40.85
CA LEU S 111 -16.24 -16.84 -41.59
C LEU S 111 -15.23 -15.87 -40.97
N ARG S 112 -13.98 -16.34 -40.90
CA ARG S 112 -12.93 -15.66 -40.17
C ARG S 112 -12.53 -14.32 -40.74
N GLN S 113 -13.28 -13.87 -41.74
CA GLN S 113 -12.89 -12.70 -42.50
C GLN S 113 -13.93 -11.60 -42.41
N LEU S 114 -15.05 -11.95 -41.80
CA LEU S 114 -16.21 -11.07 -41.78
C LEU S 114 -15.97 -9.74 -41.03
N LYS S 115 -16.35 -8.62 -41.63
CA LYS S 115 -16.14 -7.35 -40.95
C LYS S 115 -17.44 -6.56 -40.79
N SER S 116 -18.49 -7.00 -41.48
CA SER S 116 -19.78 -6.30 -41.42
C SER S 116 -20.96 -7.27 -41.35
N VAL S 117 -21.86 -7.04 -40.41
CA VAL S 117 -23.01 -7.92 -40.24
C VAL S 117 -24.32 -7.18 -40.10
N HIS S 118 -25.30 -7.64 -40.88
CA HIS S 118 -26.60 -6.97 -40.97
C HIS S 118 -27.70 -8.01 -40.74
N PHE S 119 -28.36 -7.90 -39.59
CA PHE S 119 -29.47 -8.77 -39.29
C PHE S 119 -30.75 -7.96 -39.47
N ARG S 120 -31.72 -8.53 -40.20
CA ARG S 120 -32.97 -7.83 -40.51
C ARG S 120 -34.21 -8.63 -40.09
N ARG S 121 -35.00 -8.04 -39.19
CA ARG S 121 -36.14 -8.75 -38.60
C ARG S 121 -35.71 -10.15 -38.15
N MET S 122 -34.80 -10.21 -37.19
CA MET S 122 -34.38 -11.50 -36.66
C MET S 122 -34.44 -11.52 -35.15
N ILE S 123 -34.09 -12.67 -34.56
CA ILE S 123 -34.00 -12.78 -33.10
C ILE S 123 -32.55 -12.85 -32.63
N VAL S 124 -32.09 -11.75 -32.03
CA VAL S 124 -30.73 -11.64 -31.54
C VAL S 124 -30.71 -11.63 -30.00
N SER S 125 -30.07 -12.64 -29.39
CA SER S 125 -30.04 -12.74 -27.93
C SER S 125 -28.78 -12.12 -27.35
N ASP S 126 -28.79 -11.82 -26.06
CA ASP S 126 -27.59 -11.34 -25.42
C ASP S 126 -26.47 -12.31 -25.67
N LEU S 127 -26.73 -13.60 -25.52
CA LEU S 127 -25.66 -14.58 -25.59
C LEU S 127 -24.99 -14.54 -26.93
N ASP S 128 -25.79 -14.56 -27.98
CA ASP S 128 -25.22 -14.73 -29.30
C ASP S 128 -24.52 -13.46 -29.79
N LEU S 129 -24.83 -12.30 -29.23
CA LEU S 129 -24.01 -11.18 -29.62
C LEU S 129 -22.75 -10.94 -28.74
N ASP S 130 -22.74 -11.47 -27.52
CA ASP S 130 -21.49 -11.55 -26.76
C ASP S 130 -20.60 -12.51 -27.55
N ARG S 131 -21.17 -13.62 -28.00
CA ARG S 131 -20.43 -14.55 -28.87
C ARG S 131 -19.88 -13.88 -30.14
N LEU S 132 -20.68 -13.01 -30.75
CA LEU S 132 -20.22 -12.24 -31.92
C LEU S 132 -19.08 -11.34 -31.53
N ALA S 133 -19.35 -10.41 -30.62
CA ALA S 133 -18.31 -9.53 -30.09
C ALA S 133 -16.98 -10.28 -29.90
N LYS S 134 -16.95 -11.21 -28.96
CA LYS S 134 -15.71 -11.91 -28.65
C LYS S 134 -15.05 -12.53 -29.88
N ALA S 135 -15.85 -13.15 -30.75
CA ALA S 135 -15.34 -13.96 -31.87
C ALA S 135 -14.73 -13.12 -33.02
N ARG S 136 -15.20 -11.89 -33.13
CA ARG S 136 -14.82 -11.03 -34.24
C ARG S 136 -14.02 -9.82 -33.75
N ALA S 137 -14.40 -9.29 -32.60
CA ALA S 137 -13.69 -8.19 -31.98
C ALA S 137 -13.39 -7.00 -32.90
N ASP S 138 -12.16 -6.50 -32.82
CA ASP S 138 -11.75 -5.27 -33.50
C ASP S 138 -12.05 -5.28 -35.00
N ASP S 139 -12.11 -6.47 -35.59
CA ASP S 139 -12.38 -6.63 -37.01
C ASP S 139 -13.79 -6.24 -37.44
N LEU S 140 -14.71 -6.15 -36.48
CA LEU S 140 -16.08 -5.83 -36.77
C LEU S 140 -16.22 -4.33 -36.93
N GLU S 141 -16.25 -3.89 -38.18
CA GLU S 141 -16.36 -2.47 -38.50
C GLU S 141 -17.81 -2.02 -38.48
N THR S 142 -18.70 -2.91 -38.91
CA THR S 142 -20.11 -2.55 -38.91
C THR S 142 -21.08 -3.64 -38.42
N LEU S 143 -22.03 -3.21 -37.59
CA LEU S 143 -23.07 -4.09 -37.06
C LEU S 143 -24.41 -3.37 -37.20
N LYS S 144 -25.32 -4.04 -37.94
CA LYS S 144 -26.68 -3.53 -38.12
C LYS S 144 -27.76 -4.46 -37.54
N LEU S 145 -28.35 -4.05 -36.42
CA LEU S 145 -29.47 -4.80 -35.83
C LEU S 145 -30.78 -4.14 -36.24
N ASP S 146 -31.25 -4.58 -37.40
CA ASP S 146 -32.33 -3.90 -38.12
C ASP S 146 -33.68 -4.50 -37.71
N LYS S 147 -34.47 -3.74 -36.94
CA LYS S 147 -35.80 -4.23 -36.55
C LYS S 147 -35.70 -5.60 -35.88
N CYS S 148 -34.69 -5.81 -35.04
CA CYS S 148 -34.57 -7.09 -34.35
C CYS S 148 -35.12 -7.03 -32.93
N SER S 149 -35.19 -8.20 -32.30
CA SER S 149 -35.69 -8.30 -30.94
C SER S 149 -34.88 -9.35 -30.20
N GLY S 150 -35.07 -9.37 -28.88
CA GLY S 150 -34.57 -10.47 -28.07
C GLY S 150 -33.26 -10.27 -27.34
N PHE S 151 -32.70 -9.05 -27.37
CA PHE S 151 -31.46 -8.74 -26.67
C PHE S 151 -31.63 -7.62 -25.63
N THR S 152 -30.53 -7.22 -25.00
CA THR S 152 -30.58 -6.16 -24.01
C THR S 152 -29.32 -5.31 -24.01
N THR S 153 -29.35 -4.19 -23.29
CA THR S 153 -28.20 -3.32 -23.15
C THR S 153 -26.91 -4.05 -22.78
N ASP S 154 -27.02 -5.25 -22.17
CA ASP S 154 -25.83 -6.01 -21.83
C ASP S 154 -25.14 -6.40 -23.11
N GLY S 155 -25.92 -6.91 -24.05
CA GLY S 155 -25.40 -7.32 -25.33
C GLY S 155 -24.70 -6.17 -26.01
N LEU S 156 -25.37 -5.03 -26.06
CA LEU S 156 -24.75 -3.85 -26.61
C LEU S 156 -23.43 -3.59 -25.90
N LEU S 157 -23.48 -3.53 -24.56
CA LEU S 157 -22.30 -3.20 -23.80
C LEU S 157 -21.17 -4.14 -24.17
N SER S 158 -21.52 -5.35 -24.56
CA SER S 158 -20.53 -6.36 -24.88
C SER S 158 -19.86 -6.11 -26.22
N ILE S 159 -20.61 -5.61 -27.19
CA ILE S 159 -19.96 -5.41 -28.50
C ILE S 159 -19.22 -4.08 -28.55
N VAL S 160 -19.65 -3.09 -27.76
CA VAL S 160 -18.92 -1.83 -27.74
C VAL S 160 -17.61 -1.87 -26.96
N THR S 161 -17.43 -2.89 -26.13
CA THR S 161 -16.20 -2.99 -25.37
C THR S 161 -15.19 -3.90 -26.07
N HIS S 162 -15.70 -4.84 -26.86
CA HIS S 162 -14.86 -5.83 -27.51
C HIS S 162 -14.52 -5.41 -28.93
N CYS S 163 -15.39 -4.58 -29.54
CA CYS S 163 -15.15 -4.09 -30.91
C CYS S 163 -14.90 -2.60 -30.86
N ARG S 164 -13.64 -2.28 -30.63
CA ARG S 164 -13.28 -0.92 -30.25
C ARG S 164 -13.22 -0.04 -31.50
N LYS S 165 -13.22 -0.69 -32.67
CA LYS S 165 -13.03 -0.01 -33.95
C LYS S 165 -14.29 -0.01 -34.81
N ILE S 166 -15.43 -0.21 -34.18
CA ILE S 166 -16.70 -0.07 -34.88
C ILE S 166 -16.85 1.28 -35.60
N LYS S 167 -17.14 1.22 -36.90
CA LYS S 167 -17.42 2.43 -37.72
C LYS S 167 -18.91 2.74 -37.79
N THR S 168 -19.72 1.71 -38.06
CA THR S 168 -21.19 1.87 -38.08
C THR S 168 -21.97 0.86 -37.17
N LEU S 169 -22.85 1.43 -36.34
CA LEU S 169 -23.62 0.68 -35.34
C LEU S 169 -25.07 1.12 -35.41
N LEU S 170 -25.96 0.14 -35.65
CA LEU S 170 -27.37 0.39 -35.94
C LEU S 170 -28.42 -0.50 -35.18
N MET S 171 -29.43 0.12 -34.57
CA MET S 171 -30.46 -0.65 -33.88
C MET S 171 -31.89 -0.22 -34.22
N GLU S 172 -32.05 0.49 -35.34
CA GLU S 172 -33.32 1.15 -35.66
C GLU S 172 -34.52 0.20 -35.57
N GLU S 173 -35.53 0.64 -34.80
CA GLU S 173 -36.79 -0.11 -34.67
C GLU S 173 -36.60 -1.48 -33.95
N SER S 174 -35.44 -1.70 -33.35
CA SER S 174 -35.20 -2.91 -32.60
C SER S 174 -35.87 -2.81 -31.25
N SER S 175 -36.27 -3.96 -30.71
CA SER S 175 -36.85 -4.01 -29.38
C SER S 175 -36.05 -4.94 -28.44
N PHE S 176 -35.67 -4.37 -27.31
CA PHE S 176 -34.73 -4.99 -26.39
C PHE S 176 -35.08 -4.50 -24.99
N SER S 177 -34.33 -4.96 -24.01
CA SER S 177 -34.57 -4.56 -22.63
C SER S 177 -33.53 -3.54 -22.14
N GLU S 178 -33.96 -2.36 -21.74
CA GLU S 178 -33.00 -1.37 -21.29
C GLU S 178 -32.73 -1.44 -19.79
N LYS S 179 -31.53 -1.88 -19.42
CA LYS S 179 -31.16 -2.03 -18.02
C LYS S 179 -30.30 -0.87 -17.48
N ASP S 180 -29.70 -0.13 -18.42
CA ASP S 180 -28.73 0.92 -18.08
C ASP S 180 -28.26 1.67 -19.31
N GLY S 181 -27.27 2.54 -19.13
CA GLY S 181 -26.74 3.30 -20.24
C GLY S 181 -25.25 3.13 -20.45
N LYS S 182 -24.65 2.17 -19.75
CA LYS S 182 -23.21 2.03 -19.83
C LYS S 182 -22.69 1.65 -21.23
N TRP S 183 -23.57 1.24 -22.13
CA TRP S 183 -23.13 0.91 -23.49
C TRP S 183 -22.78 2.19 -24.26
N LEU S 184 -23.55 3.27 -24.04
CA LEU S 184 -23.31 4.56 -24.72
C LEU S 184 -22.10 5.23 -24.11
N HIS S 185 -22.02 5.16 -22.79
CA HIS S 185 -20.92 5.77 -22.07
C HIS S 185 -19.60 5.11 -22.47
N GLU S 186 -19.63 3.82 -22.76
CA GLU S 186 -18.42 3.11 -23.08
C GLU S 186 -17.97 3.52 -24.46
N LEU S 187 -18.92 3.89 -25.31
CA LEU S 187 -18.55 4.43 -26.64
C LEU S 187 -17.83 5.75 -26.50
N ALA S 188 -18.48 6.70 -25.85
CA ALA S 188 -17.88 7.98 -25.45
C ALA S 188 -16.43 7.81 -24.97
N GLN S 189 -16.24 7.10 -23.87
CA GLN S 189 -14.92 6.94 -23.28
C GLN S 189 -13.85 6.35 -24.19
N HIS S 190 -14.19 5.52 -25.17
CA HIS S 190 -13.13 4.80 -25.91
C HIS S 190 -13.18 4.79 -27.42
N ASN S 191 -14.31 5.21 -28.01
CA ASN S 191 -14.47 5.07 -29.47
C ASN S 191 -14.14 6.34 -30.26
N THR S 192 -13.49 6.11 -31.42
CA THR S 192 -12.95 7.19 -32.24
C THR S 192 -13.44 7.06 -33.68
N SER S 193 -13.56 5.81 -34.10
CA SER S 193 -13.77 5.42 -35.50
C SER S 193 -15.21 5.55 -36.00
N LEU S 194 -16.15 5.71 -35.07
CA LEU S 194 -17.58 5.79 -35.39
C LEU S 194 -17.83 6.75 -36.56
N GLU S 195 -18.57 6.26 -37.54
CA GLU S 195 -18.98 7.05 -38.73
C GLU S 195 -20.49 7.30 -38.74
N VAL S 196 -21.26 6.21 -38.68
CA VAL S 196 -22.71 6.28 -38.50
C VAL S 196 -23.26 5.46 -37.26
N LEU S 197 -24.14 6.14 -36.52
CA LEU S 197 -24.70 5.64 -35.29
C LEU S 197 -26.19 5.83 -35.41
N ASN S 198 -26.94 4.75 -35.32
CA ASN S 198 -28.39 4.83 -35.52
C ASN S 198 -29.24 4.04 -34.50
N PHE S 199 -29.98 4.75 -33.66
CA PHE S 199 -31.04 4.09 -32.92
C PHE S 199 -32.36 4.86 -33.07
N TYR S 200 -32.86 4.91 -34.30
CA TYR S 200 -33.92 5.84 -34.64
C TYR S 200 -35.29 5.55 -33.97
N MET S 201 -35.84 4.36 -34.16
CA MET S 201 -37.14 4.08 -33.54
C MET S 201 -36.95 3.31 -32.25
N THR S 202 -36.48 3.97 -31.20
CA THR S 202 -36.08 3.22 -30.03
C THR S 202 -36.34 3.91 -28.70
N GLU S 203 -36.91 3.15 -27.78
CA GLU S 203 -37.24 3.65 -26.46
C GLU S 203 -36.02 3.48 -25.56
N PHE S 204 -35.15 4.47 -25.58
CA PHE S 204 -34.03 4.55 -24.64
C PHE S 204 -34.34 5.63 -23.61
N ALA S 205 -34.23 5.31 -22.34
CA ALA S 205 -34.58 6.27 -21.33
C ALA S 205 -33.47 6.43 -20.34
N LYS S 206 -32.37 5.72 -20.56
CA LYS S 206 -31.28 5.73 -19.60
C LYS S 206 -29.92 6.17 -20.15
N ILE S 207 -29.91 6.82 -21.31
CA ILE S 207 -28.67 7.25 -21.92
C ILE S 207 -28.50 8.75 -21.77
N SER S 208 -27.33 9.16 -21.29
CA SER S 208 -27.06 10.57 -21.05
C SER S 208 -26.71 11.20 -22.37
N PRO S 209 -27.32 12.37 -22.67
CA PRO S 209 -26.97 13.12 -23.89
C PRO S 209 -25.51 13.61 -23.82
N LYS S 210 -25.05 13.92 -22.60
CA LYS S 210 -23.64 14.28 -22.39
C LYS S 210 -22.72 13.26 -23.09
N ASP S 211 -23.10 11.98 -23.08
CA ASP S 211 -22.32 10.89 -23.67
C ASP S 211 -22.36 10.97 -25.20
N LEU S 212 -23.54 11.32 -25.72
CA LEU S 212 -23.72 11.53 -27.16
C LEU S 212 -22.87 12.72 -27.63
N GLU S 213 -22.81 13.74 -26.76
CA GLU S 213 -22.02 14.94 -27.04
C GLU S 213 -20.53 14.57 -27.06
N THR S 214 -20.03 13.96 -25.99
CA THR S 214 -18.64 13.55 -25.97
C THR S 214 -18.26 12.57 -27.12
N ILE S 215 -19.23 11.90 -27.73
CA ILE S 215 -18.92 11.01 -28.84
C ILE S 215 -18.65 11.85 -30.05
N ALA S 216 -19.48 12.86 -30.21
CA ALA S 216 -19.39 13.77 -31.34
C ALA S 216 -18.03 14.47 -31.36
N ARG S 217 -17.60 14.85 -30.16
CA ARG S 217 -16.32 15.48 -29.97
C ARG S 217 -15.15 14.56 -30.38
N ASN S 218 -15.33 13.25 -30.26
CA ASN S 218 -14.24 12.26 -30.41
C ASN S 218 -14.14 11.55 -31.73
N CYS S 219 -15.24 11.50 -32.49
CA CYS S 219 -15.26 10.77 -33.77
C CYS S 219 -15.29 11.77 -34.91
N ARG S 220 -14.10 12.08 -35.41
CA ARG S 220 -14.00 13.12 -36.43
C ARG S 220 -14.75 12.73 -37.71
N SER S 221 -14.97 11.44 -37.91
CA SER S 221 -15.61 10.98 -39.15
C SER S 221 -17.13 10.74 -39.01
N LEU S 222 -17.70 11.26 -37.92
CA LEU S 222 -19.12 11.08 -37.63
C LEU S 222 -19.99 11.85 -38.62
N VAL S 223 -20.69 11.08 -39.47
CA VAL S 223 -21.45 11.62 -40.58
C VAL S 223 -22.97 11.56 -40.39
N SER S 224 -23.45 10.48 -39.76
CA SER S 224 -24.89 10.29 -39.56
C SER S 224 -25.22 9.81 -38.16
N VAL S 225 -26.31 10.32 -37.61
CA VAL S 225 -26.78 9.89 -36.30
C VAL S 225 -28.30 10.09 -36.17
N LYS S 226 -29.00 9.00 -35.87
CA LYS S 226 -30.44 9.04 -35.62
C LYS S 226 -30.69 8.64 -34.18
N VAL S 227 -31.77 9.11 -33.59
CA VAL S 227 -31.86 9.10 -32.14
C VAL S 227 -33.28 8.89 -31.61
N GLY S 228 -33.39 8.58 -30.31
CA GLY S 228 -34.66 8.38 -29.65
C GLY S 228 -35.41 9.66 -29.33
N ASP S 229 -36.06 9.68 -28.18
CA ASP S 229 -36.85 10.84 -27.77
C ASP S 229 -36.09 11.80 -26.88
N PHE S 230 -34.80 12.00 -27.18
CA PHE S 230 -33.99 13.03 -26.55
C PHE S 230 -34.60 14.40 -26.71
N GLU S 231 -34.45 15.26 -25.70
CA GLU S 231 -34.89 16.64 -25.83
C GLU S 231 -33.85 17.37 -26.68
N ILE S 232 -34.28 17.94 -27.81
CA ILE S 232 -33.33 18.62 -28.71
C ILE S 232 -32.45 19.65 -27.99
N LEU S 233 -33.03 20.34 -27.01
CA LEU S 233 -32.28 21.35 -26.25
C LEU S 233 -31.05 20.78 -25.53
N GLU S 234 -31.14 19.51 -25.11
CA GLU S 234 -30.03 18.83 -24.43
C GLU S 234 -28.93 18.45 -25.41
N LEU S 235 -29.23 18.63 -26.70
CA LEU S 235 -28.33 18.22 -27.78
C LEU S 235 -27.48 19.35 -28.38
N VAL S 236 -27.64 20.58 -27.89
CA VAL S 236 -26.92 21.71 -28.48
C VAL S 236 -25.42 21.50 -28.37
N GLY S 237 -24.98 20.99 -27.22
CA GLY S 237 -23.58 20.64 -27.03
C GLY S 237 -23.15 19.65 -28.10
N PHE S 238 -23.98 18.64 -28.32
CA PHE S 238 -23.78 17.70 -29.41
C PHE S 238 -23.62 18.40 -30.75
N PHE S 239 -24.67 19.08 -31.20
CA PHE S 239 -24.68 19.74 -32.51
C PHE S 239 -23.45 20.62 -32.78
N LYS S 240 -23.03 21.36 -31.76
CA LYS S 240 -21.85 22.20 -31.88
C LYS S 240 -20.60 21.38 -32.20
N ALA S 241 -20.44 20.25 -31.51
CA ALA S 241 -19.23 19.46 -31.67
C ALA S 241 -19.28 18.59 -32.93
N ALA S 242 -20.49 18.32 -33.42
CA ALA S 242 -20.67 17.36 -34.51
C ALA S 242 -20.40 17.95 -35.89
N ALA S 243 -19.19 18.45 -36.11
CA ALA S 243 -18.90 19.23 -37.30
C ALA S 243 -19.33 18.61 -38.63
N ASN S 244 -18.76 17.46 -38.96
CA ASN S 244 -18.94 16.84 -40.28
C ASN S 244 -20.30 16.19 -40.49
N LEU S 245 -21.17 16.35 -39.51
CA LEU S 245 -22.48 15.71 -39.51
C LEU S 245 -23.31 16.16 -40.72
N GLU S 246 -23.74 15.16 -41.50
CA GLU S 246 -24.57 15.33 -42.69
C GLU S 246 -26.03 14.90 -42.52
N GLU S 247 -26.31 13.98 -41.58
CA GLU S 247 -27.66 13.44 -41.43
C GLU S 247 -28.04 13.39 -39.96
N PHE S 248 -29.22 13.89 -39.65
CA PHE S 248 -29.77 13.72 -38.31
C PHE S 248 -31.29 13.52 -38.34
N CYS S 249 -31.73 12.36 -37.89
CA CYS S 249 -33.15 12.14 -37.66
C CYS S 249 -33.34 11.94 -36.15
N GLY S 250 -34.56 12.19 -35.66
CA GLY S 250 -34.87 11.88 -34.29
C GLY S 250 -34.96 13.06 -33.36
N GLY S 251 -34.68 12.80 -32.10
CA GLY S 251 -34.83 13.80 -31.06
C GLY S 251 -36.29 14.03 -30.73
N SER S 252 -36.55 15.14 -30.06
CA SER S 252 -37.89 15.51 -29.63
C SER S 252 -38.04 17.03 -29.45
N LEU S 253 -39.06 17.59 -30.12
CA LEU S 253 -39.37 19.01 -30.00
C LEU S 253 -40.59 19.21 -29.10
N ASN S 254 -40.29 19.53 -27.84
CA ASN S 254 -41.31 19.74 -26.82
C ASN S 254 -41.50 21.22 -26.55
N GLU S 255 -42.69 21.71 -26.87
CA GLU S 255 -42.99 23.12 -26.69
C GLU S 255 -43.87 23.37 -25.46
N ASP S 256 -43.31 24.06 -24.48
CA ASP S 256 -44.12 24.63 -23.40
C ASP S 256 -44.38 26.09 -23.77
N ILE S 257 -45.50 26.63 -23.29
CA ILE S 257 -45.89 27.98 -23.67
C ILE S 257 -45.00 29.04 -23.03
N GLY S 258 -44.36 28.68 -21.90
CA GLY S 258 -43.46 29.57 -21.19
C GLY S 258 -42.17 29.93 -21.92
N MET S 259 -42.02 29.40 -23.14
CA MET S 259 -40.89 29.72 -23.99
C MET S 259 -41.32 29.68 -25.47
N PRO S 260 -41.87 30.79 -25.96
CA PRO S 260 -42.28 30.88 -27.37
C PRO S 260 -41.04 30.91 -28.26
N GLU S 261 -39.96 31.47 -27.73
CA GLU S 261 -38.68 31.42 -28.43
C GLU S 261 -37.70 30.47 -27.73
N LYS S 262 -38.15 29.24 -27.52
CA LYS S 262 -37.34 28.20 -26.91
C LYS S 262 -36.27 27.73 -27.89
N TYR S 263 -36.71 27.35 -29.08
CA TYR S 263 -35.85 26.71 -30.07
C TYR S 263 -35.33 27.66 -31.13
N MET S 264 -35.18 28.94 -30.77
CA MET S 264 -34.78 29.91 -31.77
C MET S 264 -33.27 30.22 -31.73
N ASN S 265 -32.55 29.45 -30.92
CA ASN S 265 -31.10 29.57 -30.83
C ASN S 265 -30.37 28.28 -31.16
N LEU S 266 -30.79 27.65 -32.25
CA LEU S 266 -30.25 26.34 -32.64
C LEU S 266 -29.12 26.42 -33.65
N VAL S 267 -27.94 25.99 -33.20
CA VAL S 267 -26.75 25.93 -34.03
C VAL S 267 -26.63 24.57 -34.72
N PHE S 268 -27.32 24.40 -35.86
CA PHE S 268 -27.25 23.15 -36.61
C PHE S 268 -25.96 22.99 -37.38
N PRO S 269 -25.39 21.75 -37.41
CA PRO S 269 -24.11 21.55 -38.09
C PRO S 269 -24.17 22.14 -39.49
N ARG S 270 -23.05 22.65 -39.97
CA ARG S 270 -23.03 23.33 -41.26
C ARG S 270 -23.47 22.39 -42.40
N LYS S 271 -22.89 21.20 -42.48
CA LYS S 271 -23.10 20.33 -43.63
C LYS S 271 -24.47 19.63 -43.65
N LEU S 272 -25.20 19.72 -42.52
CA LEU S 272 -26.48 19.01 -42.35
C LEU S 272 -27.46 19.18 -43.54
N CYS S 273 -27.63 18.10 -44.32
CA CYS S 273 -28.45 18.15 -45.51
C CYS S 273 -29.53 17.06 -45.62
N ARG S 274 -29.48 16.06 -44.74
CA ARG S 274 -30.49 14.98 -44.70
C ARG S 274 -31.02 14.98 -43.25
N LEU S 275 -32.31 15.28 -43.07
CA LEU S 275 -32.79 15.31 -41.69
C LEU S 275 -34.29 15.19 -41.47
N GLY S 276 -34.70 15.11 -40.20
CA GLY S 276 -36.09 15.02 -39.79
C GLY S 276 -36.23 15.02 -38.30
N LEU S 277 -36.66 16.14 -37.75
CA LEU S 277 -36.88 16.25 -36.30
C LEU S 277 -38.25 15.71 -35.88
N SER S 278 -38.24 15.00 -34.77
CA SER S 278 -39.45 14.33 -34.32
C SER S 278 -40.32 15.30 -33.54
N TYR S 279 -41.62 15.20 -33.77
CA TYR S 279 -42.65 15.98 -33.08
C TYR S 279 -42.62 17.48 -33.42
N MET S 280 -41.91 17.84 -34.50
CA MET S 280 -41.79 19.24 -34.92
C MET S 280 -43.10 19.90 -35.35
N GLY S 281 -43.50 20.94 -34.60
CA GLY S 281 -44.69 21.70 -34.92
C GLY S 281 -44.43 22.91 -35.80
N PRO S 282 -45.47 23.72 -36.05
CA PRO S 282 -45.31 24.90 -36.92
C PRO S 282 -44.43 25.96 -36.26
N ASN S 283 -44.54 26.06 -34.94
CA ASN S 283 -43.80 27.06 -34.18
C ASN S 283 -42.27 26.89 -34.23
N GLU S 284 -41.84 25.63 -34.32
CA GLU S 284 -40.41 25.32 -34.34
C GLU S 284 -39.89 25.02 -35.75
N MET S 285 -40.80 24.72 -36.68
CA MET S 285 -40.45 24.53 -38.10
C MET S 285 -39.51 25.59 -38.75
N PRO S 286 -39.65 26.88 -38.35
CA PRO S 286 -38.78 27.97 -38.83
C PRO S 286 -37.27 27.72 -38.74
N ILE S 287 -36.84 26.91 -37.78
CA ILE S 287 -35.41 26.68 -37.54
C ILE S 287 -34.71 25.97 -38.70
N LEU S 288 -35.52 25.55 -39.68
CA LEU S 288 -35.00 24.86 -40.86
C LEU S 288 -34.72 25.81 -42.03
N PHE S 289 -35.43 26.94 -42.03
CA PHE S 289 -35.39 27.85 -43.17
C PHE S 289 -33.98 28.30 -43.58
N PRO S 290 -33.17 28.75 -42.60
CA PRO S 290 -31.80 29.26 -42.83
C PRO S 290 -30.91 28.38 -43.72
N PHE S 291 -31.38 27.20 -44.12
CA PHE S 291 -30.58 26.28 -44.95
C PHE S 291 -31.43 25.24 -45.69
N ALA S 292 -32.70 25.57 -45.89
CA ALA S 292 -33.63 24.67 -46.57
C ALA S 292 -33.23 24.45 -48.04
N ALA S 293 -32.49 25.42 -48.59
CA ALA S 293 -32.06 25.36 -49.98
C ALA S 293 -31.06 24.22 -50.12
N GLN S 294 -30.62 23.73 -48.96
CA GLN S 294 -29.53 22.74 -48.88
C GLN S 294 -30.04 21.31 -48.64
N ILE S 295 -31.18 21.24 -47.94
CA ILE S 295 -31.85 19.98 -47.60
C ILE S 295 -32.15 19.14 -48.83
N ARG S 296 -31.77 17.87 -48.74
CA ARG S 296 -31.93 16.91 -49.86
C ARG S 296 -32.76 15.67 -49.48
N LYS S 297 -33.00 15.49 -48.17
CA LYS S 297 -33.82 14.39 -47.64
C LYS S 297 -34.59 14.91 -46.43
N LEU S 298 -35.89 14.61 -46.38
CA LEU S 298 -36.74 15.12 -45.31
C LEU S 298 -37.66 14.04 -44.71
N ASP S 299 -37.63 13.90 -43.38
CA ASP S 299 -38.34 12.86 -42.66
C ASP S 299 -39.44 13.46 -41.76
N LEU S 300 -40.45 14.04 -42.40
CA LEU S 300 -41.58 14.62 -41.68
C LEU S 300 -42.56 13.55 -41.20
N LEU S 301 -42.04 12.33 -41.06
CA LEU S 301 -42.86 11.18 -40.79
C LEU S 301 -43.48 11.36 -39.41
N TYR S 302 -42.65 11.83 -38.49
CA TYR S 302 -43.06 11.90 -37.09
C TYR S 302 -43.20 13.35 -36.66
N ALA S 303 -43.34 14.22 -37.67
CA ALA S 303 -43.59 15.65 -37.45
C ALA S 303 -45.07 15.92 -37.12
N LEU S 304 -45.29 16.99 -36.36
CA LEU S 304 -46.62 17.36 -35.87
C LEU S 304 -47.21 18.58 -36.57
N LEU S 305 -46.96 18.71 -37.86
CA LEU S 305 -47.39 19.91 -38.56
C LEU S 305 -48.41 19.58 -39.66
N GLU S 306 -49.26 20.58 -39.96
CA GLU S 306 -50.48 20.43 -40.75
C GLU S 306 -50.34 20.74 -42.24
N THR S 307 -51.33 20.29 -43.01
CA THR S 307 -51.28 20.35 -44.47
C THR S 307 -50.76 21.68 -45.04
N GLU S 308 -51.10 22.80 -44.38
CA GLU S 308 -50.64 24.13 -44.79
C GLU S 308 -49.13 24.30 -44.54
N ASP S 309 -48.73 24.03 -43.30
CA ASP S 309 -47.33 24.07 -42.90
C ASP S 309 -46.43 23.21 -43.80
N HIS S 310 -46.98 22.10 -44.31
CA HIS S 310 -46.25 21.25 -45.25
C HIS S 310 -45.85 22.05 -46.47
N CYS S 311 -46.81 22.78 -47.02
CA CYS S 311 -46.61 23.53 -48.25
C CYS S 311 -45.56 24.64 -48.10
N THR S 312 -45.64 25.35 -46.97
CA THR S 312 -44.75 26.49 -46.71
C THR S 312 -43.28 26.01 -46.61
N LEU S 313 -43.12 24.76 -46.19
CA LEU S 313 -41.79 24.20 -46.00
C LEU S 313 -41.25 23.55 -47.29
N ILE S 314 -42.04 22.65 -47.89
CA ILE S 314 -41.66 22.01 -49.14
C ILE S 314 -41.21 23.10 -50.11
N GLN S 315 -42.00 24.17 -50.08
CA GLN S 315 -41.82 25.32 -50.96
C GLN S 315 -40.35 25.83 -50.94
N LYS S 316 -39.69 25.63 -49.81
CA LYS S 316 -38.35 26.18 -49.60
C LYS S 316 -37.20 25.26 -50.04
N CYS S 317 -37.52 24.04 -50.42
CA CYS S 317 -36.49 23.02 -50.64
C CYS S 317 -36.51 22.53 -52.08
N PRO S 318 -35.94 23.34 -52.97
CA PRO S 318 -35.90 23.06 -54.41
C PRO S 318 -35.03 21.85 -54.76
N ASN S 319 -34.11 21.49 -53.86
CA ASN S 319 -33.16 20.41 -54.16
C ASN S 319 -33.48 19.12 -53.44
N LEU S 320 -34.53 19.16 -52.63
CA LEU S 320 -35.08 17.98 -52.01
C LEU S 320 -35.28 16.85 -53.03
N GLU S 321 -34.59 15.73 -52.82
CA GLU S 321 -34.78 14.56 -53.70
C GLU S 321 -35.35 13.33 -53.00
N VAL S 322 -35.54 13.42 -51.68
CA VAL S 322 -36.27 12.38 -50.91
C VAL S 322 -37.16 12.96 -49.79
N LEU S 323 -38.44 12.63 -49.85
CA LEU S 323 -39.38 13.08 -48.83
C LEU S 323 -40.22 11.91 -48.32
N GLU S 324 -40.30 11.79 -46.99
CA GLU S 324 -41.12 10.77 -46.35
C GLU S 324 -42.01 11.48 -45.37
N THR S 325 -43.33 11.29 -45.53
CA THR S 325 -44.31 11.96 -44.69
C THR S 325 -45.65 11.22 -44.61
N ARG S 326 -46.48 11.68 -43.67
CA ARG S 326 -47.81 11.10 -43.50
C ARG S 326 -48.76 11.70 -44.56
N ASN S 327 -49.97 11.14 -44.68
CA ASN S 327 -50.93 11.59 -45.70
C ASN S 327 -51.54 12.98 -45.44
N VAL S 328 -51.15 13.58 -44.32
CA VAL S 328 -51.49 14.98 -44.01
C VAL S 328 -50.98 15.94 -45.09
N ILE S 329 -49.87 15.55 -45.72
CA ILE S 329 -49.28 16.31 -46.83
C ILE S 329 -50.40 16.92 -47.72
N GLY S 330 -51.44 16.13 -47.96
CA GLY S 330 -52.62 16.59 -48.68
C GLY S 330 -52.41 16.77 -50.17
N ASP S 331 -53.51 16.82 -50.91
CA ASP S 331 -53.45 17.08 -52.34
C ASP S 331 -52.75 18.41 -52.59
N ARG S 332 -53.12 19.38 -51.74
CA ARG S 332 -52.55 20.73 -51.82
C ARG S 332 -51.03 20.68 -51.70
N GLY S 333 -50.54 19.97 -50.68
CA GLY S 333 -49.11 19.82 -50.47
C GLY S 333 -48.40 19.21 -51.66
N LEU S 334 -48.97 18.13 -52.18
CA LEU S 334 -48.41 17.45 -53.35
C LEU S 334 -48.26 18.39 -54.54
N GLU S 335 -49.23 19.27 -54.70
CA GLU S 335 -49.18 20.26 -55.77
C GLU S 335 -47.97 21.20 -55.60
N VAL S 336 -47.67 21.58 -54.35
CA VAL S 336 -46.51 22.41 -54.05
C VAL S 336 -45.23 21.67 -54.46
N LEU S 337 -45.22 20.39 -54.14
CA LEU S 337 -44.08 19.52 -54.38
C LEU S 337 -43.89 19.28 -55.88
N ALA S 338 -44.93 19.59 -56.65
CA ALA S 338 -44.94 19.27 -58.08
C ALA S 338 -44.12 20.26 -58.95
N GLN S 339 -44.06 21.53 -58.57
CA GLN S 339 -43.26 22.48 -59.35
C GLN S 339 -42.11 23.13 -58.58
N TYR S 340 -41.91 22.74 -57.32
CA TYR S 340 -40.77 23.27 -56.55
C TYR S 340 -39.59 22.32 -56.49
N CYS S 341 -39.88 21.03 -56.38
CA CYS S 341 -38.86 20.01 -56.26
C CYS S 341 -38.94 19.11 -57.49
N LYS S 342 -38.16 19.45 -58.50
CA LYS S 342 -38.18 18.67 -59.72
C LYS S 342 -37.21 17.50 -59.60
N GLN S 343 -36.28 17.66 -58.65
CA GLN S 343 -35.20 16.71 -58.42
C GLN S 343 -35.62 15.46 -57.64
N LEU S 344 -36.83 15.52 -57.09
CA LEU S 344 -37.36 14.40 -56.32
C LEU S 344 -37.20 13.02 -57.00
N LYS S 345 -36.67 12.06 -56.23
CA LYS S 345 -36.44 10.72 -56.72
C LYS S 345 -37.19 9.67 -55.89
N ARG S 346 -37.41 9.98 -54.60
CA ARG S 346 -38.11 9.08 -53.68
C ARG S 346 -39.18 9.80 -52.87
N LEU S 347 -40.39 9.24 -52.89
CA LEU S 347 -41.49 9.80 -52.13
C LEU S 347 -42.32 8.71 -51.44
N ARG S 348 -42.56 8.90 -50.14
CA ARG S 348 -43.35 7.96 -49.37
C ARG S 348 -44.38 8.70 -48.51
N ILE S 349 -45.62 8.22 -48.55
CA ILE S 349 -46.74 8.84 -47.82
C ILE S 349 -47.48 7.85 -46.90
N GLU S 350 -46.91 7.54 -45.73
CA GLU S 350 -47.56 6.58 -44.79
C GLU S 350 -48.88 7.13 -44.23
N ARG S 351 -49.84 6.24 -43.99
CA ARG S 351 -51.14 6.70 -43.52
C ARG S 351 -51.16 7.17 -42.05
N GLY S 352 -51.66 8.39 -41.83
CA GLY S 352 -51.69 8.99 -40.51
C GLY S 352 -52.90 8.60 -39.68
N ALA S 353 -53.33 9.50 -38.79
CA ALA S 353 -54.43 9.23 -37.86
C ALA S 353 -55.79 9.19 -38.57
N ASP S 354 -56.19 7.99 -38.98
CA ASP S 354 -57.50 7.76 -39.62
C ASP S 354 -58.58 7.45 -38.58
N GLU S 355 -58.66 8.29 -37.55
CA GLU S 355 -59.61 8.09 -36.45
C GLU S 355 -60.52 9.31 -36.27
N GLN S 356 -59.95 10.41 -35.79
CA GLN S 356 -60.67 11.69 -35.64
C GLN S 356 -60.69 12.45 -36.97
N GLY S 357 -61.61 12.07 -37.87
CA GLY S 357 -61.56 12.55 -39.24
C GLY S 357 -60.19 12.23 -39.78
N MET S 358 -59.74 12.98 -40.77
CA MET S 358 -58.33 12.92 -41.14
C MET S 358 -57.59 13.81 -40.15
N GLU S 359 -56.33 14.13 -40.43
CA GLU S 359 -55.59 15.02 -39.54
C GLU S 359 -55.94 16.50 -39.85
N ASP S 360 -56.58 16.71 -41.01
CA ASP S 360 -57.29 17.95 -41.34
C ASP S 360 -58.33 17.72 -42.45
N GLU S 361 -58.85 18.80 -43.04
CA GLU S 361 -59.85 18.66 -44.11
C GLU S 361 -59.24 18.74 -45.52
N GLU S 362 -57.91 18.82 -45.59
CA GLU S 362 -57.16 18.66 -46.84
C GLU S 362 -56.22 17.46 -46.73
N GLY S 363 -56.22 16.83 -45.55
CA GLY S 363 -55.36 15.71 -45.23
C GLY S 363 -55.81 14.41 -45.83
N LEU S 364 -56.35 14.50 -47.05
CA LEU S 364 -56.68 13.33 -47.87
C LEU S 364 -55.88 13.49 -49.16
N VAL S 365 -55.40 12.38 -49.71
CA VAL S 365 -54.71 12.42 -51.01
C VAL S 365 -55.50 11.68 -52.08
N SER S 366 -55.51 12.22 -53.30
CA SER S 366 -56.40 11.72 -54.36
C SER S 366 -55.81 11.89 -55.77
N GLN S 367 -56.53 11.36 -56.77
CA GLN S 367 -56.23 11.52 -58.19
C GLN S 367 -55.70 12.92 -58.50
N ARG S 368 -56.23 13.92 -57.77
CA ARG S 368 -55.90 15.34 -57.96
C ARG S 368 -54.41 15.59 -57.72
N GLY S 369 -53.96 15.26 -56.50
CA GLY S 369 -52.55 15.38 -56.11
C GLY S 369 -51.68 14.45 -56.93
N LEU S 370 -52.13 13.20 -57.08
CA LEU S 370 -51.41 12.18 -57.84
C LEU S 370 -51.01 12.67 -59.22
N ILE S 371 -52.01 13.04 -60.02
CA ILE S 371 -51.74 13.44 -61.39
C ILE S 371 -50.92 14.75 -61.45
N ALA S 372 -51.07 15.60 -60.41
CA ALA S 372 -50.29 16.83 -60.27
C ALA S 372 -48.78 16.52 -60.16
N LEU S 373 -48.51 15.52 -59.32
CA LEU S 373 -47.17 15.06 -59.02
C LEU S 373 -46.53 14.33 -60.24
N ALA S 374 -47.33 13.52 -60.93
CA ALA S 374 -46.88 12.75 -62.08
C ALA S 374 -46.25 13.68 -63.13
N GLN S 375 -46.77 14.90 -63.18
CA GLN S 375 -46.33 15.91 -64.13
C GLN S 375 -45.12 16.70 -63.62
N GLY S 376 -45.14 17.05 -62.33
CA GLY S 376 -44.05 17.80 -61.72
C GLY S 376 -42.70 17.09 -61.65
N CYS S 377 -42.64 16.01 -60.86
CA CYS S 377 -41.38 15.29 -60.59
C CYS S 377 -41.32 14.02 -61.43
N GLN S 378 -40.73 14.15 -62.62
CA GLN S 378 -40.70 13.02 -63.54
C GLN S 378 -39.41 12.22 -63.37
N GLU S 379 -38.71 12.53 -62.30
CA GLU S 379 -37.47 11.85 -61.97
C GLU S 379 -37.69 10.75 -60.92
N LEU S 380 -38.92 10.68 -60.40
CA LEU S 380 -39.31 9.66 -59.42
C LEU S 380 -38.89 8.23 -59.76
N GLU S 381 -38.23 7.62 -58.78
CA GLU S 381 -37.72 6.26 -58.90
C GLU S 381 -38.43 5.33 -57.90
N TYR S 382 -38.90 5.92 -56.80
CA TYR S 382 -39.64 5.17 -55.80
C TYR S 382 -40.80 6.04 -55.32
N MET S 383 -41.99 5.45 -55.42
CA MET S 383 -43.21 6.12 -54.99
C MET S 383 -44.15 5.17 -54.22
N ALA S 384 -44.44 5.56 -52.98
CA ALA S 384 -45.28 4.74 -52.14
C ALA S 384 -46.28 5.64 -51.41
N VAL S 385 -47.56 5.29 -51.58
CA VAL S 385 -48.65 6.17 -51.21
C VAL S 385 -49.87 5.43 -50.67
N TYR S 386 -50.29 5.85 -49.48
CA TYR S 386 -51.60 5.51 -48.91
C TYR S 386 -52.61 6.58 -49.32
N VAL S 387 -53.39 6.29 -50.37
CA VAL S 387 -54.30 7.24 -51.00
C VAL S 387 -55.74 7.07 -50.46
N SER S 388 -56.57 8.11 -50.57
CA SER S 388 -57.97 8.05 -50.06
C SER S 388 -59.03 7.93 -51.18
N ASP S 389 -58.58 8.00 -52.45
CA ASP S 389 -59.48 7.99 -53.62
C ASP S 389 -58.69 8.07 -54.94
N ILE S 390 -58.97 7.17 -55.90
CA ILE S 390 -58.29 7.21 -57.22
C ILE S 390 -59.18 7.23 -58.48
N THR S 391 -58.50 7.39 -59.61
CA THR S 391 -59.13 7.36 -60.94
C THR S 391 -58.21 6.67 -61.96
N ASN S 392 -58.78 5.83 -62.82
CA ASN S 392 -58.00 5.22 -63.90
C ASN S 392 -57.09 6.24 -64.56
N GLU S 393 -57.58 7.48 -64.68
CA GLU S 393 -56.86 8.56 -65.39
C GLU S 393 -55.52 8.90 -64.74
N SER S 394 -55.53 8.92 -63.40
CA SER S 394 -54.34 9.21 -62.63
C SER S 394 -53.25 8.16 -62.90
N LEU S 395 -53.63 6.88 -62.90
CA LEU S 395 -52.68 5.79 -63.22
C LEU S 395 -52.07 5.92 -64.62
N GLU S 396 -52.89 6.35 -65.57
CA GLU S 396 -52.43 6.49 -66.97
C GLU S 396 -51.32 7.53 -67.11
N SER S 397 -51.45 8.61 -66.32
CA SER S 397 -50.45 9.68 -66.29
C SER S 397 -49.17 9.29 -65.54
N ILE S 398 -49.29 8.35 -64.62
CA ILE S 398 -48.12 7.78 -63.93
C ILE S 398 -47.20 7.12 -64.95
N GLY S 399 -47.72 6.06 -65.58
CA GLY S 399 -46.98 5.31 -66.58
C GLY S 399 -46.76 6.12 -67.85
N THR S 400 -47.06 7.41 -67.77
CA THR S 400 -46.97 8.30 -68.92
C THR S 400 -45.78 9.26 -68.80
N TYR S 401 -45.51 9.72 -67.57
CA TYR S 401 -44.49 10.75 -67.32
C TYR S 401 -43.22 10.22 -66.66
N LEU S 402 -43.37 9.60 -65.50
CA LEU S 402 -42.21 9.14 -64.72
C LEU S 402 -41.81 7.72 -65.09
N LYS S 403 -40.95 7.63 -66.09
CA LYS S 403 -40.63 6.36 -66.72
C LYS S 403 -39.75 5.47 -65.86
N ASN S 404 -38.74 6.08 -65.23
CA ASN S 404 -37.81 5.30 -64.42
C ASN S 404 -38.29 5.08 -62.97
N LEU S 405 -39.60 4.84 -62.86
CA LEU S 405 -40.16 4.31 -61.64
C LEU S 405 -39.70 2.87 -61.53
N CYS S 406 -39.04 2.56 -60.41
CA CYS S 406 -38.54 1.20 -60.10
C CYS S 406 -39.43 0.49 -59.04
N ASP S 407 -39.90 1.31 -58.09
CA ASP S 407 -40.65 0.81 -56.95
C ASP S 407 -41.93 1.63 -56.90
N PHE S 408 -43.05 0.95 -57.10
CA PHE S 408 -44.33 1.59 -56.98
C PHE S 408 -45.28 0.85 -56.02
N ARG S 409 -45.76 1.61 -55.03
CA ARG S 409 -46.71 1.07 -54.06
C ARG S 409 -47.92 1.98 -53.83
N LEU S 410 -49.10 1.38 -53.98
CA LEU S 410 -50.37 2.07 -53.88
C LEU S 410 -51.32 1.29 -52.95
N VAL S 411 -51.86 1.98 -51.97
CA VAL S 411 -52.84 1.37 -51.08
C VAL S 411 -53.96 2.36 -50.88
N LEU S 412 -55.20 1.93 -51.05
CA LEU S 412 -56.32 2.85 -50.81
C LEU S 412 -57.12 2.54 -49.54
N LEU S 413 -57.32 3.58 -48.74
CA LEU S 413 -58.01 3.49 -47.45
C LEU S 413 -59.51 3.20 -47.59
N ASP S 414 -59.96 2.25 -46.78
CA ASP S 414 -61.37 1.85 -46.75
C ASP S 414 -62.23 2.95 -46.12
N ARG S 415 -61.56 4.03 -45.70
CA ARG S 415 -62.21 5.19 -45.08
C ARG S 415 -63.33 5.73 -45.94
N GLU S 416 -63.00 5.97 -47.21
CA GLU S 416 -63.97 6.47 -48.18
C GLU S 416 -65.07 5.45 -48.52
N GLU S 417 -66.27 5.97 -48.77
CA GLU S 417 -67.44 5.13 -49.07
C GLU S 417 -67.48 4.75 -50.55
N ARG S 418 -67.77 5.73 -51.41
CA ARG S 418 -67.73 5.54 -52.85
C ARG S 418 -66.47 6.16 -53.42
N ILE S 419 -65.75 5.38 -54.21
CA ILE S 419 -64.57 5.86 -54.92
C ILE S 419 -64.95 6.09 -56.38
N THR S 420 -64.67 7.30 -56.87
CA THR S 420 -64.98 7.73 -58.25
C THR S 420 -65.32 6.56 -59.18
N ASP S 421 -64.41 6.27 -60.12
CA ASP S 421 -64.58 5.10 -60.97
C ASP S 421 -63.75 3.99 -60.34
N LEU S 422 -64.35 2.82 -60.20
CA LEU S 422 -63.73 1.81 -59.35
C LEU S 422 -62.87 0.75 -60.05
N PRO S 423 -63.45 -0.02 -60.99
CA PRO S 423 -62.57 -1.01 -61.66
C PRO S 423 -61.44 -0.30 -62.39
N LEU S 424 -60.20 -0.63 -62.01
CA LEU S 424 -59.01 0.12 -62.42
C LEU S 424 -58.23 -0.58 -63.53
N ASP S 425 -58.81 -1.65 -64.08
CA ASP S 425 -58.15 -2.51 -65.06
C ASP S 425 -57.33 -1.75 -66.13
N ASN S 426 -57.88 -0.65 -66.63
CA ASN S 426 -57.26 0.05 -67.76
C ASN S 426 -56.22 1.09 -67.36
N GLY S 427 -56.33 1.58 -66.12
CA GLY S 427 -55.30 2.43 -65.52
C GLY S 427 -54.03 1.64 -65.15
N VAL S 428 -54.21 0.54 -64.40
CA VAL S 428 -53.14 -0.41 -64.09
C VAL S 428 -52.37 -0.75 -65.34
N ARG S 429 -53.12 -1.05 -66.40
CA ARG S 429 -52.55 -1.48 -67.66
C ARG S 429 -51.56 -0.48 -68.29
N SER S 430 -51.95 0.80 -68.39
CA SER S 430 -51.05 1.80 -68.99
C SER S 430 -49.87 2.18 -68.08
N LEU S 431 -50.11 2.08 -66.77
CA LEU S 431 -49.06 2.22 -65.77
C LEU S 431 -47.93 1.18 -65.93
N LEU S 432 -48.27 -0.12 -65.83
CA LEU S 432 -47.29 -1.20 -66.01
C LEU S 432 -46.63 -1.17 -67.38
N ILE S 433 -47.29 -0.53 -68.34
CA ILE S 433 -46.82 -0.50 -69.71
C ILE S 433 -45.82 0.65 -69.99
N GLY S 434 -46.06 1.80 -69.34
CA GLY S 434 -45.16 2.95 -69.39
C GLY S 434 -43.90 2.79 -68.53
N CYS S 435 -44.09 2.40 -67.27
CA CYS S 435 -42.97 2.15 -66.34
C CYS S 435 -42.44 0.73 -66.54
N LYS S 436 -41.58 0.55 -67.54
CA LYS S 436 -41.06 -0.77 -67.85
C LYS S 436 -39.76 -1.05 -67.08
N LYS S 437 -39.37 -0.05 -66.29
CA LYS S 437 -38.20 -0.15 -65.41
C LYS S 437 -38.59 -0.74 -64.04
N LEU S 438 -39.89 -0.86 -63.84
CA LEU S 438 -40.46 -1.37 -62.59
C LEU S 438 -39.97 -2.77 -62.20
N ARG S 439 -39.60 -2.90 -60.92
CA ARG S 439 -39.09 -4.17 -60.37
C ARG S 439 -39.86 -4.60 -59.13
N ARG S 440 -40.39 -3.61 -58.41
CA ARG S 440 -41.19 -3.84 -57.20
C ARG S 440 -42.52 -3.10 -57.29
N PHE S 441 -43.60 -3.81 -56.98
CA PHE S 441 -44.93 -3.30 -57.24
C PHE S 441 -45.94 -3.75 -56.20
N ALA S 442 -46.57 -2.77 -55.57
CA ALA S 442 -47.56 -3.07 -54.54
C ALA S 442 -48.89 -2.40 -54.84
N PHE S 443 -49.96 -3.20 -54.73
CA PHE S 443 -51.27 -2.79 -55.17
C PHE S 443 -52.38 -3.34 -54.26
N TYR S 444 -52.78 -2.54 -53.27
CA TYR S 444 -53.72 -3.01 -52.27
C TYR S 444 -54.99 -2.16 -52.34
N LEU S 445 -56.13 -2.83 -52.54
CA LEU S 445 -57.40 -2.13 -52.83
C LEU S 445 -58.59 -2.45 -51.89
N ARG S 446 -59.80 -2.19 -52.39
CA ARG S 446 -61.04 -2.66 -51.78
C ARG S 446 -61.64 -3.69 -52.75
N GLN S 447 -62.69 -4.42 -52.35
CA GLN S 447 -63.06 -5.62 -53.11
C GLN S 447 -63.31 -5.42 -54.62
N GLY S 448 -64.25 -4.55 -54.97
CA GLY S 448 -64.57 -4.33 -56.37
C GLY S 448 -63.48 -3.61 -57.18
N GLY S 449 -62.27 -3.55 -56.64
CA GLY S 449 -61.23 -2.69 -57.19
C GLY S 449 -60.63 -3.14 -58.52
N LEU S 450 -60.51 -4.46 -58.69
CA LEU S 450 -59.93 -4.99 -59.91
C LEU S 450 -60.61 -6.29 -60.27
N THR S 451 -60.77 -6.47 -61.58
CA THR S 451 -61.47 -7.62 -62.13
C THR S 451 -60.48 -8.69 -62.62
N ASP S 452 -60.95 -9.91 -62.79
CA ASP S 452 -60.11 -10.98 -63.32
C ASP S 452 -59.41 -10.55 -64.60
N LEU S 453 -60.01 -9.60 -65.32
CA LEU S 453 -59.43 -9.10 -66.56
C LEU S 453 -58.25 -8.16 -66.23
N GLY S 454 -58.48 -7.19 -65.35
CA GLY S 454 -57.41 -6.30 -64.92
C GLY S 454 -56.26 -7.01 -64.24
N LEU S 455 -56.58 -8.06 -63.48
CA LEU S 455 -55.57 -8.89 -62.82
C LEU S 455 -54.64 -9.57 -63.84
N SER S 456 -55.21 -10.16 -64.90
CA SER S 456 -54.41 -10.85 -65.91
C SER S 456 -53.55 -9.87 -66.72
N TYR S 457 -53.92 -8.59 -66.68
CA TYR S 457 -53.10 -7.52 -67.23
C TYR S 457 -51.76 -7.44 -66.52
N ILE S 458 -51.84 -7.42 -65.18
CA ILE S 458 -50.64 -7.41 -64.34
C ILE S 458 -49.67 -8.54 -64.71
N GLY S 459 -50.16 -9.79 -64.70
CA GLY S 459 -49.31 -10.91 -65.04
C GLY S 459 -48.69 -10.69 -66.40
N GLN S 460 -49.48 -10.06 -67.28
CA GLN S 460 -49.15 -9.88 -68.70
C GLN S 460 -48.12 -8.75 -69.01
N TYR S 461 -48.26 -7.61 -68.30
CA TYR S 461 -47.44 -6.41 -68.56
C TYR S 461 -46.41 -6.04 -67.49
N SER S 462 -46.04 -7.01 -66.65
CA SER S 462 -44.99 -6.81 -65.66
C SER S 462 -43.85 -7.86 -65.82
N PRO S 463 -42.95 -7.61 -66.80
CA PRO S 463 -41.86 -8.53 -67.17
C PRO S 463 -40.64 -8.45 -66.22
N ASN S 464 -40.50 -7.30 -65.54
CA ASN S 464 -39.35 -7.04 -64.69
C ASN S 464 -39.62 -7.14 -63.21
N VAL S 465 -40.89 -7.10 -62.85
CA VAL S 465 -41.27 -7.17 -61.45
C VAL S 465 -40.83 -8.48 -60.80
N ARG S 466 -40.13 -8.35 -59.67
CA ARG S 466 -39.63 -9.51 -58.94
C ARG S 466 -40.40 -9.70 -57.61
N TRP S 467 -40.98 -8.60 -57.12
CA TRP S 467 -41.77 -8.66 -55.91
C TRP S 467 -43.10 -7.96 -56.11
N MET S 468 -44.17 -8.61 -55.62
CA MET S 468 -45.50 -8.02 -55.66
C MET S 468 -46.31 -8.25 -54.40
N LEU S 469 -46.87 -7.15 -53.91
CA LEU S 469 -47.85 -7.18 -52.84
C LEU S 469 -49.20 -6.80 -53.44
N LEU S 470 -50.19 -7.67 -53.26
CA LEU S 470 -51.50 -7.47 -53.87
C LEU S 470 -52.63 -7.41 -52.84
N GLY S 471 -53.43 -6.36 -52.91
CA GLY S 471 -54.51 -6.14 -51.98
C GLY S 471 -55.75 -6.98 -52.28
N TYR S 472 -56.88 -6.31 -52.48
CA TYR S 472 -58.12 -7.05 -52.67
C TYR S 472 -58.41 -7.18 -54.17
N VAL S 473 -57.41 -7.62 -54.91
CA VAL S 473 -57.56 -7.70 -56.35
C VAL S 473 -58.21 -9.02 -56.82
N GLY S 474 -58.89 -8.94 -57.98
CA GLY S 474 -59.59 -10.07 -58.56
C GLY S 474 -61.07 -10.15 -58.18
N GLU S 475 -61.74 -11.15 -58.76
CA GLU S 475 -63.14 -11.44 -58.44
C GLU S 475 -63.31 -12.94 -58.19
N SER S 476 -62.63 -13.75 -59.01
CA SER S 476 -62.64 -15.21 -58.83
C SER S 476 -61.30 -15.84 -59.21
N ASP S 477 -61.18 -17.13 -58.89
CA ASP S 477 -59.97 -17.91 -59.16
C ASP S 477 -59.57 -17.82 -60.63
N GLU S 478 -60.45 -17.26 -61.45
CA GLU S 478 -60.14 -17.09 -62.86
C GLU S 478 -58.98 -16.11 -63.06
N GLY S 479 -59.08 -14.97 -62.38
CA GLY S 479 -58.07 -13.91 -62.47
C GLY S 479 -56.70 -14.27 -61.92
N LEU S 480 -56.68 -15.14 -60.91
CA LEU S 480 -55.43 -15.65 -60.35
C LEU S 480 -54.75 -16.58 -61.35
N MET S 481 -55.51 -17.50 -61.92
CA MET S 481 -54.93 -18.42 -62.89
C MET S 481 -54.44 -17.64 -64.14
N GLU S 482 -55.20 -16.63 -64.56
CA GLU S 482 -54.81 -15.80 -65.73
C GLU S 482 -53.52 -15.03 -65.48
N PHE S 483 -53.45 -14.46 -64.28
CA PHE S 483 -52.25 -13.80 -63.78
C PHE S 483 -51.03 -14.74 -63.75
N SER S 484 -51.27 -15.98 -63.36
CA SER S 484 -50.19 -16.94 -63.17
C SER S 484 -49.46 -17.38 -64.43
N ARG S 485 -50.07 -17.21 -65.60
CA ARG S 485 -49.38 -17.58 -66.83
C ARG S 485 -48.39 -16.51 -67.26
N GLY S 486 -48.34 -15.43 -66.48
CA GLY S 486 -47.41 -14.33 -66.74
C GLY S 486 -46.26 -14.26 -65.73
N CYS S 487 -45.95 -13.04 -65.32
CA CYS S 487 -44.96 -12.78 -64.27
C CYS S 487 -43.71 -13.62 -64.54
N PRO S 488 -42.95 -13.22 -65.58
CA PRO S 488 -41.77 -14.01 -66.01
C PRO S 488 -40.71 -14.05 -64.90
N ASN S 489 -40.60 -12.93 -64.17
CA ASN S 489 -39.53 -12.71 -63.21
C ASN S 489 -39.95 -12.59 -61.76
N LEU S 490 -41.21 -12.95 -61.48
CA LEU S 490 -41.73 -12.89 -60.12
C LEU S 490 -41.00 -13.90 -59.22
N GLN S 491 -40.39 -13.39 -58.14
CA GLN S 491 -39.69 -14.23 -57.17
C GLN S 491 -40.49 -14.34 -55.87
N LYS S 492 -40.96 -13.18 -55.40
CA LYS S 492 -41.64 -13.08 -54.13
C LYS S 492 -43.03 -12.48 -54.33
N LEU S 493 -44.02 -13.18 -53.77
CA LEU S 493 -45.42 -12.77 -53.85
C LEU S 493 -46.16 -12.75 -52.47
N GLU S 494 -46.66 -11.57 -52.12
CA GLU S 494 -47.45 -11.42 -50.89
C GLU S 494 -48.82 -10.86 -51.22
N MET S 495 -49.87 -11.56 -50.72
CA MET S 495 -51.27 -11.18 -50.97
C MET S 495 -52.15 -11.42 -49.75
N ARG S 496 -52.89 -10.39 -49.35
CA ARG S 496 -53.86 -10.60 -48.30
C ARG S 496 -55.18 -9.94 -48.68
N GLY S 497 -56.27 -10.51 -48.17
CA GLY S 497 -57.62 -10.03 -48.43
C GLY S 497 -58.11 -10.48 -49.79
N CYS S 498 -57.95 -11.77 -50.07
CA CYS S 498 -58.27 -12.30 -51.38
C CYS S 498 -59.36 -13.34 -51.36
N CYS S 499 -60.05 -13.44 -52.49
CA CYS S 499 -61.18 -14.35 -52.65
C CYS S 499 -60.77 -15.66 -53.30
N PHE S 500 -59.46 -15.86 -53.42
CA PHE S 500 -58.96 -17.06 -54.09
C PHE S 500 -58.93 -18.27 -53.18
N SER S 501 -59.07 -19.45 -53.75
CA SER S 501 -59.26 -20.66 -52.96
C SER S 501 -57.96 -21.36 -52.74
N GLU S 502 -57.96 -22.37 -51.87
CA GLU S 502 -56.76 -23.19 -51.64
C GLU S 502 -56.19 -23.82 -52.93
N ARG S 503 -57.01 -24.57 -53.66
CA ARG S 503 -56.51 -25.24 -54.86
C ARG S 503 -56.19 -24.24 -55.97
N ALA S 504 -56.80 -23.05 -55.87
CA ALA S 504 -56.55 -21.95 -56.80
C ALA S 504 -55.11 -21.44 -56.68
N ILE S 505 -54.70 -21.17 -55.44
CA ILE S 505 -53.34 -20.77 -55.10
C ILE S 505 -52.37 -21.88 -55.52
N ALA S 506 -52.57 -23.08 -54.97
CA ALA S 506 -51.69 -24.21 -55.23
C ALA S 506 -51.39 -24.35 -56.71
N ALA S 507 -52.42 -24.22 -57.52
CA ALA S 507 -52.28 -24.39 -58.95
C ALA S 507 -51.51 -23.24 -59.62
N ALA S 508 -51.74 -22.02 -59.12
CA ALA S 508 -51.09 -20.83 -59.67
C ALA S 508 -49.58 -20.82 -59.35
N VAL S 509 -49.20 -21.36 -58.19
CA VAL S 509 -47.78 -21.44 -57.80
C VAL S 509 -46.99 -22.31 -58.77
N THR S 510 -47.62 -23.37 -59.25
CA THR S 510 -46.91 -24.31 -60.11
C THR S 510 -46.68 -23.71 -61.49
N LYS S 511 -47.60 -22.82 -61.90
CA LYS S 511 -47.50 -22.15 -63.20
C LYS S 511 -46.49 -20.99 -63.19
N LEU S 512 -46.17 -20.50 -61.99
CA LEU S 512 -45.26 -19.37 -61.87
C LEU S 512 -43.80 -19.81 -61.95
N PRO S 513 -43.06 -19.26 -62.94
CA PRO S 513 -41.71 -19.70 -63.33
C PRO S 513 -40.62 -19.40 -62.29
N SER S 514 -40.74 -18.25 -61.63
CA SER S 514 -39.66 -17.70 -60.83
C SER S 514 -39.93 -17.72 -59.33
N LEU S 515 -41.17 -18.03 -58.95
CA LEU S 515 -41.59 -17.96 -57.56
C LEU S 515 -40.74 -18.83 -56.63
N ARG S 516 -40.20 -18.19 -55.57
CA ARG S 516 -39.44 -18.88 -54.51
C ARG S 516 -39.92 -18.55 -53.07
N TYR S 517 -40.85 -17.59 -52.95
CA TYR S 517 -41.32 -17.14 -51.66
C TYR S 517 -42.76 -16.66 -51.83
N LEU S 518 -43.63 -17.09 -50.92
CA LEU S 518 -45.04 -16.76 -50.97
C LEU S 518 -45.60 -16.61 -49.56
N TRP S 519 -46.20 -15.44 -49.27
CA TRP S 519 -46.97 -15.28 -48.05
C TRP S 519 -48.41 -14.85 -48.39
N VAL S 520 -49.39 -15.39 -47.65
CA VAL S 520 -50.82 -15.12 -47.91
C VAL S 520 -51.68 -15.12 -46.66
N GLN S 521 -52.47 -14.06 -46.48
CA GLN S 521 -53.48 -14.05 -45.43
C GLN S 521 -54.86 -13.86 -46.06
N GLY S 522 -55.81 -14.74 -45.71
CA GLY S 522 -57.15 -14.63 -46.23
C GLY S 522 -57.33 -15.36 -47.55
N TYR S 523 -58.09 -16.44 -47.53
CA TYR S 523 -58.27 -17.30 -48.69
C TYR S 523 -59.37 -18.31 -48.35
N ARG S 524 -60.08 -18.83 -49.35
CA ARG S 524 -61.10 -19.87 -49.15
C ARG S 524 -60.43 -21.17 -48.73
N ALA S 525 -60.44 -21.45 -47.43
CA ALA S 525 -59.80 -22.65 -46.90
C ALA S 525 -60.65 -23.90 -47.14
N SER S 526 -60.33 -24.96 -46.42
CA SER S 526 -61.14 -26.17 -46.37
C SER S 526 -60.68 -27.02 -45.19
N MET S 527 -61.62 -27.63 -44.48
CA MET S 527 -61.26 -28.39 -43.28
C MET S 527 -60.19 -29.44 -43.61
N THR S 528 -60.25 -29.99 -44.83
CA THR S 528 -59.25 -30.94 -45.32
C THR S 528 -57.85 -30.36 -45.15
N GLY S 529 -57.61 -29.23 -45.84
CA GLY S 529 -56.32 -28.59 -45.88
C GLY S 529 -55.48 -29.19 -46.99
N GLN S 530 -55.97 -30.31 -47.53
CA GLN S 530 -55.24 -31.09 -48.52
C GLN S 530 -55.29 -30.46 -49.91
N ASP S 531 -55.95 -29.31 -50.01
CA ASP S 531 -56.05 -28.59 -51.28
C ASP S 531 -54.72 -27.92 -51.61
N LEU S 532 -54.11 -27.34 -50.58
CA LEU S 532 -52.77 -26.77 -50.70
C LEU S 532 -51.76 -27.78 -51.16
N MET S 533 -51.99 -29.04 -50.81
CA MET S 533 -51.02 -30.10 -51.07
C MET S 533 -50.64 -30.23 -52.52
N GLN S 534 -51.53 -29.80 -53.42
CA GLN S 534 -51.28 -29.97 -54.86
C GLN S 534 -50.25 -28.95 -55.42
N MET S 535 -49.35 -28.48 -54.54
CA MET S 535 -48.18 -27.67 -54.93
C MET S 535 -46.90 -28.20 -54.27
N ALA S 536 -46.99 -29.40 -53.71
CA ALA S 536 -45.89 -30.02 -53.00
C ALA S 536 -44.76 -30.44 -53.94
N ARG S 537 -43.86 -29.51 -54.26
CA ARG S 537 -42.62 -29.84 -54.98
C ARG S 537 -41.66 -30.41 -53.94
N PRO S 538 -40.47 -30.88 -54.37
CA PRO S 538 -39.37 -31.11 -53.43
C PRO S 538 -38.66 -29.77 -53.14
N TYR S 539 -38.12 -29.60 -51.93
CA TYR S 539 -37.42 -28.36 -51.53
C TYR S 539 -38.38 -27.25 -51.31
N TRP S 540 -39.67 -27.58 -51.32
CA TRP S 540 -40.69 -26.55 -51.19
C TRP S 540 -41.35 -26.72 -49.81
N ASN S 541 -41.02 -25.81 -48.88
CA ASN S 541 -41.55 -25.86 -47.53
C ASN S 541 -42.82 -25.02 -47.46
N ILE S 542 -43.87 -25.56 -46.85
CA ILE S 542 -45.06 -24.74 -46.57
C ILE S 542 -45.34 -24.68 -45.04
N GLU S 543 -45.83 -23.53 -44.57
CA GLU S 543 -46.15 -23.33 -43.16
C GLU S 543 -47.47 -22.58 -42.96
N LEU S 544 -48.14 -22.82 -41.83
CA LEU S 544 -49.41 -22.17 -41.54
C LEU S 544 -49.37 -21.46 -40.20
N ILE S 545 -50.01 -20.30 -40.12
CA ILE S 545 -49.85 -19.40 -38.95
C ILE S 545 -51.19 -18.90 -38.31
N PRO S 546 -51.11 -18.25 -37.13
CA PRO S 546 -52.16 -17.38 -36.54
C PRO S 546 -51.88 -15.84 -36.60
N SER S 547 -51.37 -15.25 -35.52
CA SER S 547 -50.94 -13.83 -35.51
C SER S 547 -50.67 -13.23 -34.12
N ARG S 548 -49.58 -12.45 -34.01
CA ARG S 548 -49.18 -11.73 -32.77
C ARG S 548 -48.63 -10.32 -33.09
N ARG S 549 -47.86 -9.77 -32.15
CA ARG S 549 -47.19 -8.47 -32.34
C ARG S 549 -45.79 -8.45 -31.70
N GLU S 563 -59.03 -11.00 -34.17
CA GLU S 563 -59.40 -12.01 -35.15
C GLU S 563 -58.38 -12.07 -36.29
N HIS S 564 -57.46 -13.03 -36.22
CA HIS S 564 -56.39 -13.11 -37.20
C HIS S 564 -56.43 -14.41 -38.03
N PRO S 565 -56.78 -14.30 -39.32
CA PRO S 565 -56.90 -15.42 -40.27
C PRO S 565 -55.59 -16.20 -40.45
N ALA S 566 -55.68 -17.44 -40.90
CA ALA S 566 -54.50 -18.30 -41.10
C ALA S 566 -53.62 -17.78 -42.21
N HIS S 567 -52.32 -17.65 -41.93
CA HIS S 567 -51.34 -17.24 -42.93
C HIS S 567 -50.81 -18.46 -43.62
N ILE S 568 -50.42 -18.27 -44.87
CA ILE S 568 -49.67 -19.29 -45.58
C ILE S 568 -48.30 -18.75 -45.99
N LEU S 569 -47.26 -19.46 -45.59
CA LEU S 569 -45.93 -19.06 -45.95
C LEU S 569 -45.27 -20.26 -46.60
N ALA S 570 -44.70 -20.03 -47.77
CA ALA S 570 -43.98 -21.11 -48.44
C ALA S 570 -42.75 -20.54 -49.15
N TYR S 571 -41.68 -21.32 -49.15
CA TYR S 571 -40.39 -20.86 -49.66
C TYR S 571 -39.61 -22.12 -50.05
N TYR S 572 -38.69 -21.94 -51.00
CA TYR S 572 -37.73 -22.96 -51.38
C TYR S 572 -36.55 -22.98 -50.40
N SER S 573 -36.09 -24.17 -50.01
CA SER S 573 -34.93 -24.28 -49.14
C SER S 573 -34.19 -25.56 -49.38
N LEU S 574 -32.86 -25.46 -49.44
CA LEU S 574 -32.01 -26.64 -49.57
C LEU S 574 -31.64 -27.18 -48.21
N ALA S 575 -32.50 -26.95 -47.24
CA ALA S 575 -32.16 -27.21 -45.84
C ALA S 575 -33.06 -28.30 -45.28
N GLY S 576 -34.31 -28.29 -45.72
CA GLY S 576 -35.35 -29.10 -45.12
C GLY S 576 -36.16 -28.23 -44.18
N GLN S 577 -36.96 -28.87 -43.34
CA GLN S 577 -37.87 -28.09 -42.54
C GLN S 577 -37.19 -27.67 -41.25
N ARG S 578 -37.49 -26.45 -40.84
CA ARG S 578 -36.91 -25.84 -39.65
C ARG S 578 -37.24 -26.61 -38.37
N THR S 579 -36.28 -26.67 -37.48
CA THR S 579 -36.48 -27.29 -36.19
C THR S 579 -37.19 -26.37 -35.21
N ASP S 580 -37.08 -25.06 -35.42
CA ASP S 580 -37.49 -24.07 -34.41
C ASP S 580 -38.91 -23.49 -34.51
N CYS S 581 -39.82 -24.23 -35.13
CA CYS S 581 -41.20 -23.78 -35.19
C CYS S 581 -41.85 -23.64 -33.81
N PRO S 582 -42.54 -22.51 -33.59
CA PRO S 582 -43.33 -22.35 -32.39
C PRO S 582 -44.40 -23.41 -32.35
N THR S 583 -45.21 -23.43 -31.30
CA THR S 583 -46.35 -24.33 -31.25
C THR S 583 -47.43 -23.79 -32.16
N THR S 584 -47.53 -22.46 -32.15
CA THR S 584 -48.48 -21.72 -32.97
C THR S 584 -48.22 -21.78 -34.47
N VAL S 585 -47.28 -22.62 -34.92
CA VAL S 585 -47.00 -22.75 -36.36
C VAL S 585 -46.93 -24.20 -36.86
N ARG S 586 -47.62 -24.49 -37.98
CA ARG S 586 -47.79 -25.88 -38.45
C ARG S 586 -47.14 -26.12 -39.80
N VAL S 587 -46.39 -27.20 -39.89
CA VAL S 587 -45.68 -27.51 -41.13
C VAL S 587 -46.28 -28.69 -41.88
N LEU S 588 -46.80 -28.44 -43.08
CA LEU S 588 -47.47 -29.48 -43.88
C LEU S 588 -46.50 -30.48 -44.53
N LYS S 589 -46.78 -31.76 -44.34
CA LYS S 589 -45.95 -32.84 -44.88
C LYS S 589 -46.79 -34.00 -45.45
N GLU S 590 -47.46 -33.75 -46.57
CA GLU S 590 -48.30 -34.75 -47.24
C GLU S 590 -49.40 -35.25 -46.30
N PRO S 591 -50.19 -36.26 -46.72
CA PRO S 591 -51.19 -36.81 -45.79
C PRO S 591 -50.71 -36.81 -44.33
N ILE S 592 -51.37 -36.00 -43.50
CA ILE S 592 -51.01 -35.86 -42.09
C ILE S 592 -51.06 -37.19 -41.34
N GLU T 1 -63.36 -9.59 -42.71
CA GLU T 1 -62.87 -8.30 -42.25
C GLU T 1 -61.35 -8.32 -42.04
N LEU T 2 -60.60 -7.77 -43.00
CA LEU T 2 -59.16 -7.60 -42.82
C LEU T 2 -58.76 -6.13 -42.73
N PRO T 3 -58.52 -5.67 -41.49
CA PRO T 3 -58.27 -4.24 -41.21
C PRO T 3 -56.90 -3.84 -41.72
N ILE T 4 -56.79 -2.62 -42.25
CA ILE T 4 -55.48 -2.16 -42.72
C ILE T 4 -54.49 -2.20 -41.54
N ALA T 5 -53.48 -3.07 -41.67
CA ALA T 5 -52.44 -3.21 -40.65
C ALA T 5 -51.56 -1.97 -40.69
N ARG T 6 -51.34 -1.39 -39.52
CA ARG T 6 -50.50 -0.21 -39.39
C ARG T 6 -49.03 -0.63 -39.18
N ARG T 7 -48.12 0.02 -39.91
CA ARG T 7 -46.69 -0.23 -39.74
C ARG T 7 -46.27 0.08 -38.30
N ALA T 8 -45.61 -0.89 -37.67
CA ALA T 8 -45.37 -0.82 -36.23
C ALA T 8 -44.76 0.49 -35.77
N SER T 9 -43.86 1.03 -36.59
CA SER T 9 -43.16 2.27 -36.25
C SER T 9 -44.10 3.48 -36.07
N LEU T 10 -45.12 3.58 -36.93
CA LEU T 10 -46.12 4.63 -36.81
C LEU T 10 -47.08 4.37 -35.67
N HIS T 11 -47.64 3.16 -35.64
CA HIS T 11 -48.56 2.76 -34.60
C HIS T 11 -48.05 3.20 -33.21
N ARG T 12 -46.75 3.00 -32.97
CA ARG T 12 -46.12 3.38 -31.70
C ARG T 12 -46.21 4.89 -31.54
N PHE T 13 -45.87 5.61 -32.60
CA PHE T 13 -45.88 7.08 -32.58
C PHE T 13 -47.26 7.70 -32.37
N LEU T 14 -48.29 7.09 -32.95
CA LEU T 14 -49.64 7.65 -32.91
C LEU T 14 -50.17 7.64 -31.48
N GLU T 15 -49.69 6.70 -30.68
CA GLU T 15 -50.06 6.65 -29.25
C GLU T 15 -49.22 7.57 -28.35
N LYS T 16 -47.94 7.73 -28.68
CA LYS T 16 -47.09 8.70 -28.01
C LYS T 16 -47.59 10.10 -28.34
N ARG T 17 -48.56 10.18 -29.25
CA ARG T 17 -49.13 11.45 -29.69
C ARG T 17 -50.16 11.95 -28.69
N LYS T 18 -51.20 11.14 -28.51
CA LYS T 18 -52.22 11.39 -27.50
C LYS T 18 -51.58 11.30 -26.09
N LYS U 5 -26.15 65.17 5.43
CA LYS U 5 -25.95 66.06 6.57
C LYS U 5 -26.16 65.35 7.92
N ILE U 6 -25.17 65.45 8.82
CA ILE U 6 -25.19 64.76 10.14
C ILE U 6 -25.04 65.70 11.36
N VAL U 7 -25.49 65.24 12.52
CA VAL U 7 -25.47 66.04 13.74
C VAL U 7 -24.54 65.46 14.82
N LEU U 8 -23.50 66.19 15.18
CA LEU U 8 -22.58 65.78 16.24
C LEU U 8 -22.81 66.59 17.51
N LYS U 9 -23.18 65.93 18.59
CA LYS U 9 -23.48 66.60 19.84
C LYS U 9 -22.27 66.68 20.78
N SER U 10 -21.60 67.83 20.76
CA SER U 10 -20.40 68.10 21.55
C SER U 10 -20.47 67.80 23.06
N SER U 11 -19.36 68.02 23.76
CA SER U 11 -19.22 67.63 25.16
C SER U 11 -20.05 68.46 26.11
N ASP U 12 -20.47 69.62 25.63
CA ASP U 12 -21.24 70.55 26.43
C ASP U 12 -22.56 70.89 25.73
N GLY U 13 -23.26 69.86 25.26
CA GLY U 13 -24.54 70.00 24.59
C GLY U 13 -24.54 71.06 23.52
N GLU U 14 -24.10 70.71 22.31
CA GLU U 14 -23.91 71.70 21.26
C GLU U 14 -24.01 71.06 19.87
N SER U 15 -25.22 70.94 19.31
CA SER U 15 -25.39 70.33 18.00
C SER U 15 -24.54 71.02 16.92
N PHE U 16 -24.06 70.23 15.96
CA PHE U 16 -23.25 70.72 14.85
C PHE U 16 -23.73 70.21 13.50
N GLU U 17 -24.18 71.13 12.64
CA GLU U 17 -24.57 70.81 11.27
C GLU U 17 -23.32 70.59 10.41
N VAL U 18 -23.13 69.35 9.96
CA VAL U 18 -22.00 69.05 9.09
C VAL U 18 -22.41 68.16 7.92
N GLU U 19 -21.65 68.23 6.84
CA GLU U 19 -22.00 67.54 5.59
C GLU U 19 -21.75 66.05 5.72
N GLU U 20 -22.06 65.34 4.64
CA GLU U 20 -21.86 63.89 4.56
C GLU U 20 -20.39 63.52 4.67
N ALA U 21 -19.63 63.83 3.63
CA ALA U 21 -18.23 63.40 3.50
C ALA U 21 -17.24 64.18 4.39
N VAL U 22 -17.77 65.11 5.18
CA VAL U 22 -16.95 65.80 6.17
C VAL U 22 -16.88 64.98 7.46
N ALA U 23 -18.02 64.41 7.86
CA ALA U 23 -18.07 63.60 9.08
C ALA U 23 -17.59 62.16 8.89
N LEU U 24 -17.26 61.80 7.66
CA LEU U 24 -16.75 60.46 7.39
C LEU U 24 -15.22 60.40 7.44
N GLU U 25 -14.58 61.56 7.55
CA GLU U 25 -13.13 61.62 7.73
C GLU U 25 -12.73 60.93 9.03
N SER U 26 -13.67 60.89 9.98
CA SER U 26 -13.46 60.19 11.23
C SER U 26 -14.00 58.78 11.16
N GLN U 27 -13.10 57.80 11.01
CA GLN U 27 -13.49 56.39 11.04
C GLN U 27 -14.09 55.97 12.38
N THR U 28 -14.36 56.94 13.26
CA THR U 28 -15.07 56.66 14.51
C THR U 28 -16.53 56.99 14.32
N ILE U 29 -16.80 57.89 13.39
CA ILE U 29 -18.16 58.25 13.07
C ILE U 29 -18.61 57.47 11.83
N ALA U 30 -17.63 57.03 11.05
CA ALA U 30 -17.89 56.15 9.92
C ALA U 30 -18.37 54.77 10.39
N HIS U 31 -17.67 54.19 11.36
CA HIS U 31 -18.03 52.89 11.93
C HIS U 31 -19.25 53.02 12.85
N MET U 32 -19.88 54.18 12.84
CA MET U 32 -21.05 54.44 13.67
C MET U 32 -22.28 54.86 12.84
N VAL U 33 -22.18 54.67 11.52
CA VAL U 33 -23.34 54.78 10.66
C VAL U 33 -23.82 53.38 10.28
N GLU U 34 -23.07 52.37 10.73
CA GLU U 34 -23.47 50.99 10.59
C GLU U 34 -24.53 50.67 11.64
N ASP U 35 -24.08 50.61 12.89
CA ASP U 35 -24.97 50.51 14.05
C ASP U 35 -25.59 51.87 14.32
N ASP U 36 -26.07 52.50 13.25
CA ASP U 36 -26.50 53.90 13.26
C ASP U 36 -27.24 54.41 14.49
N CYS U 37 -26.49 55.03 15.40
CA CYS U 37 -27.08 55.79 16.48
C CYS U 37 -27.29 57.22 16.01
N VAL U 38 -27.15 57.42 14.70
CA VAL U 38 -27.31 58.72 14.07
C VAL U 38 -28.74 59.23 14.22
N ASP U 39 -29.61 58.38 14.74
CA ASP U 39 -30.99 58.75 15.04
C ASP U 39 -31.01 60.01 15.92
N ASN U 40 -30.44 59.89 17.11
CA ASN U 40 -30.38 61.00 18.07
C ASN U 40 -29.15 61.89 17.88
N GLY U 41 -28.54 61.78 16.70
CA GLY U 41 -27.28 62.47 16.43
C GLY U 41 -26.15 61.78 17.17
N VAL U 42 -24.97 61.74 16.54
CA VAL U 42 -23.79 61.11 17.13
C VAL U 42 -23.23 61.86 18.35
N PRO U 43 -23.35 61.26 19.55
CA PRO U 43 -22.91 61.87 20.81
C PRO U 43 -21.43 61.66 21.08
N LEU U 44 -20.69 62.74 21.33
CA LEU U 44 -19.28 62.61 21.70
C LEU U 44 -18.87 63.51 22.85
N PRO U 45 -19.20 63.11 24.08
CA PRO U 45 -19.06 63.90 25.31
C PRO U 45 -17.61 64.07 25.76
N ASN U 46 -16.66 63.76 24.89
CA ASN U 46 -15.24 63.85 25.24
C ASN U 46 -14.49 64.83 24.35
N VAL U 47 -15.25 65.67 23.65
CA VAL U 47 -14.65 66.74 22.85
C VAL U 47 -15.23 68.09 23.25
N THR U 48 -14.37 68.97 23.77
CA THR U 48 -14.80 70.33 24.09
C THR U 48 -15.40 70.93 22.83
N SER U 49 -16.32 71.88 22.98
CA SER U 49 -17.00 72.41 21.80
C SER U 49 -16.08 73.33 20.99
N LYS U 50 -15.18 74.02 21.69
CA LYS U 50 -14.19 74.88 21.03
C LYS U 50 -13.27 74.08 20.12
N ILE U 51 -12.96 72.86 20.56
CA ILE U 51 -12.06 71.95 19.85
C ILE U 51 -12.75 71.27 18.68
N LEU U 52 -13.89 70.65 18.96
CA LEU U 52 -14.70 70.00 17.92
C LEU U 52 -14.92 70.96 16.76
N ALA U 53 -15.02 72.24 17.09
CA ALA U 53 -15.13 73.31 16.11
C ALA U 53 -13.91 73.36 15.18
N LYS U 54 -12.73 73.43 15.79
CA LYS U 54 -11.49 73.49 15.02
C LYS U 54 -11.25 72.23 14.21
N VAL U 55 -11.83 71.10 14.66
CA VAL U 55 -11.66 69.83 13.97
C VAL U 55 -12.43 69.79 12.66
N ILE U 56 -13.69 70.24 12.71
CA ILE U 56 -14.54 70.29 11.51
C ILE U 56 -13.98 71.25 10.47
N GLU U 57 -13.37 72.34 10.94
CA GLU U 57 -12.73 73.32 10.06
C GLU U 57 -11.56 72.71 9.27
N TYR U 58 -10.85 71.77 9.89
CA TYR U 58 -9.77 71.05 9.24
C TYR U 58 -10.33 70.12 8.16
N CYS U 59 -11.24 69.24 8.56
CA CYS U 59 -11.84 68.27 7.64
C CYS U 59 -12.55 68.96 6.47
N LYS U 60 -13.32 69.99 6.78
CA LYS U 60 -13.95 70.82 5.75
C LYS U 60 -12.93 71.12 4.65
N ARG U 61 -11.80 71.70 5.04
CA ARG U 61 -10.81 72.17 4.07
C ARG U 61 -10.12 71.06 3.28
N HIS U 62 -9.91 69.91 3.91
CA HIS U 62 -9.24 68.80 3.25
C HIS U 62 -10.16 68.05 2.30
N VAL U 63 -11.43 67.94 2.67
CA VAL U 63 -12.45 67.33 1.81
C VAL U 63 -12.46 68.00 0.43
N GLU U 64 -12.26 69.31 0.41
CA GLU U 64 -12.20 70.09 -0.83
C GLU U 64 -10.86 69.88 -1.55
N ALA U 65 -10.43 68.63 -1.60
CA ALA U 65 -9.29 68.21 -2.40
C ALA U 65 -9.80 67.52 -3.67
N ALA U 66 -11.12 67.46 -3.83
CA ALA U 66 -11.74 67.06 -5.08
C ALA U 66 -11.19 67.94 -6.20
N ALA U 67 -11.42 69.25 -6.06
CA ALA U 67 -10.67 70.25 -6.81
C ALA U 67 -9.21 70.11 -6.35
N ASP U 80 -1.97 70.48 -4.20
CA ASP U 80 -1.18 70.08 -3.02
C ASP U 80 -0.27 71.19 -2.48
N ASP U 81 -0.10 72.23 -3.28
CA ASP U 81 0.85 73.29 -2.96
C ASP U 81 0.35 74.21 -1.85
N ASP U 82 -0.92 74.61 -1.97
CA ASP U 82 -1.52 75.58 -1.07
C ASP U 82 -2.12 74.93 0.16
N LEU U 83 -2.05 73.60 0.22
CA LEU U 83 -2.49 72.87 1.42
C LEU U 83 -1.45 72.93 2.53
N LYS U 84 -0.19 72.63 2.19
CA LYS U 84 0.91 72.74 3.15
C LYS U 84 0.99 74.16 3.68
N ALA U 85 0.35 75.07 2.96
CA ALA U 85 0.27 76.47 3.36
C ALA U 85 -0.79 76.68 4.45
N TRP U 86 -2.03 76.32 4.14
CA TRP U 86 -3.13 76.41 5.10
C TRP U 86 -2.82 75.59 6.35
N ASP U 87 -2.25 74.40 6.13
CA ASP U 87 -1.92 73.49 7.24
C ASP U 87 -0.92 74.11 8.20
N ALA U 88 0.20 74.61 7.67
CA ALA U 88 1.20 75.30 8.49
C ALA U 88 0.58 76.46 9.31
N ASP U 89 -0.35 77.18 8.69
CA ASP U 89 -1.03 78.30 9.34
C ASP U 89 -2.08 77.84 10.35
N PHE U 90 -2.77 76.74 10.04
CA PHE U 90 -3.82 76.21 10.92
C PHE U 90 -3.24 75.85 12.30
N MET U 91 -1.95 75.52 12.31
CA MET U 91 -1.27 75.00 13.50
C MET U 91 -0.78 76.11 14.44
N LYS U 92 -0.69 77.33 13.91
CA LYS U 92 -0.30 78.49 14.72
C LYS U 92 -1.27 78.71 15.88
N ILE U 93 -1.22 77.80 16.87
CA ILE U 93 -2.03 77.88 18.08
C ILE U 93 -1.12 77.66 19.30
N ASP U 94 -1.69 77.81 20.51
CA ASP U 94 -0.93 77.59 21.73
C ASP U 94 -0.85 76.09 22.02
N GLN U 95 0.04 75.71 22.93
CA GLN U 95 0.23 74.30 23.23
C GLN U 95 -1.04 73.61 23.74
N ALA U 96 -1.56 74.07 24.87
CA ALA U 96 -2.71 73.42 25.49
C ALA U 96 -3.81 73.09 24.49
N THR U 97 -3.91 73.88 23.42
CA THR U 97 -4.90 73.64 22.37
C THR U 97 -4.41 72.54 21.43
N LEU U 98 -3.17 72.68 20.98
CA LEU U 98 -2.51 71.67 20.16
C LEU U 98 -2.69 70.27 20.72
N PHE U 99 -2.53 70.13 22.03
CA PHE U 99 -2.66 68.83 22.64
C PHE U 99 -4.09 68.33 22.58
N GLU U 100 -5.04 69.16 23.02
CA GLU U 100 -6.44 68.75 23.04
C GLU U 100 -6.91 68.31 21.65
N LEU U 101 -6.16 68.71 20.63
CA LEU U 101 -6.44 68.36 19.23
C LEU U 101 -6.00 66.94 18.91
N ILE U 102 -4.78 66.61 19.32
CA ILE U 102 -4.24 65.27 19.17
C ILE U 102 -5.15 64.29 19.87
N LEU U 103 -5.48 64.57 21.13
CA LEU U 103 -6.42 63.77 21.90
C LEU U 103 -7.75 63.58 21.20
N ALA U 104 -8.15 64.60 20.44
CA ALA U 104 -9.39 64.58 19.69
C ALA U 104 -9.27 63.79 18.39
N ALA U 105 -8.18 64.02 17.67
CA ALA U 105 -7.91 63.27 16.43
C ALA U 105 -7.82 61.78 16.70
N ASN U 106 -7.44 61.44 17.93
CA ASN U 106 -7.30 60.05 18.38
C ASN U 106 -8.55 59.51 19.06
N TYR U 107 -9.43 60.42 19.50
CA TYR U 107 -10.74 60.06 20.03
C TYR U 107 -11.72 59.77 18.90
N LEU U 108 -11.54 60.47 17.79
CA LEU U 108 -12.17 60.10 16.53
C LEU U 108 -11.15 59.19 15.89
N ASN U 109 -11.04 59.23 14.57
CA ASN U 109 -10.01 58.42 13.93
C ASN U 109 -9.54 59.10 12.66
N ILE U 110 -9.05 60.31 12.82
CA ILE U 110 -8.62 61.13 11.71
C ILE U 110 -7.12 60.99 11.49
N LYS U 111 -6.74 59.99 10.69
CA LYS U 111 -5.33 59.69 10.50
C LYS U 111 -4.54 60.86 9.91
N ASN U 112 -5.14 61.62 9.00
CA ASN U 112 -4.44 62.78 8.44
C ASN U 112 -4.23 63.91 9.48
N LEU U 113 -5.09 63.96 10.49
CA LEU U 113 -5.06 65.06 11.49
C LEU U 113 -3.96 64.92 12.54
N LEU U 114 -3.08 64.01 12.35
CA LEU U 114 -2.25 63.67 13.44
C LEU U 114 -0.85 63.78 12.89
N ASP U 115 -0.73 63.38 11.63
CA ASP U 115 0.54 63.47 10.94
C ASP U 115 1.01 64.91 10.85
N LEU U 116 0.14 65.85 11.23
CA LEU U 116 0.53 67.26 11.23
C LEU U 116 0.75 67.85 12.62
N THR U 117 -0.21 67.64 13.52
CA THR U 117 -0.12 68.20 14.87
C THR U 117 1.02 67.59 15.68
N CYS U 118 1.17 66.28 15.56
CA CYS U 118 2.27 65.58 16.22
C CYS U 118 3.60 65.93 15.57
N GLN U 119 3.65 65.93 14.24
CA GLN U 119 4.88 66.25 13.56
C GLN U 119 5.35 67.69 13.89
N THR U 120 4.41 68.51 14.41
CA THR U 120 4.70 69.88 14.82
C THR U 120 5.42 69.91 16.16
N VAL U 121 4.89 69.13 17.10
CA VAL U 121 5.53 68.94 18.41
C VAL U 121 6.88 68.28 18.26
N ALA U 122 6.92 67.25 17.41
CA ALA U 122 8.16 66.53 17.15
C ALA U 122 9.24 67.46 16.59
N ASP U 123 8.84 68.50 15.87
CA ASP U 123 9.79 69.47 15.33
C ASP U 123 10.31 70.40 16.42
N MET U 124 9.51 70.59 17.47
CA MET U 124 9.91 71.38 18.62
C MET U 124 11.06 70.73 19.37
N ILE U 125 11.15 69.40 19.30
CA ILE U 125 12.24 68.66 19.93
C ILE U 125 13.48 68.55 19.02
N LYS U 126 13.24 68.25 17.74
CA LYS U 126 14.29 67.88 16.79
C LYS U 126 15.44 68.89 16.73
N GLY U 127 16.48 68.64 17.52
CA GLY U 127 17.65 69.50 17.52
C GLY U 127 18.08 69.96 18.89
N LYS U 128 17.11 70.07 19.82
CA LYS U 128 17.40 70.57 21.17
C LYS U 128 18.11 69.53 22.05
N THR U 129 18.77 70.01 23.09
CA THR U 129 19.42 69.14 24.07
C THR U 129 18.41 68.82 25.16
N PRO U 130 18.71 67.81 25.99
CA PRO U 130 17.80 67.42 27.07
C PRO U 130 17.42 68.61 27.94
N GLU U 131 18.34 69.56 28.13
CA GLU U 131 18.03 70.73 28.94
C GLU U 131 17.08 71.63 28.16
N GLU U 132 17.51 72.01 26.96
CA GLU U 132 16.71 72.86 26.08
C GLU U 132 15.28 72.32 25.94
N ILE U 133 15.10 71.02 26.17
CA ILE U 133 13.77 70.43 26.07
C ILE U 133 12.90 70.74 27.28
N ARG U 134 13.27 70.19 28.43
CA ARG U 134 12.44 70.37 29.62
C ARG U 134 12.34 71.84 30.01
N THR U 135 13.21 72.65 29.41
CA THR U 135 13.08 74.11 29.44
C THR U 135 11.85 74.51 28.65
N THR U 136 11.90 74.29 27.33
CA THR U 136 10.83 74.73 26.42
C THR U 136 9.58 73.84 26.49
N PHE U 137 9.27 73.32 27.67
CA PHE U 137 8.09 72.46 27.90
C PHE U 137 7.77 72.43 29.37
N ASN U 138 8.65 73.06 30.16
CA ASN U 138 8.54 73.07 31.62
C ASN U 138 8.36 71.66 32.22
N ILE U 139 9.42 70.85 32.15
CA ILE U 139 9.43 69.52 32.75
C ILE U 139 10.56 69.38 33.76
N LYS U 140 10.21 69.02 35.00
CA LYS U 140 11.22 68.82 36.03
C LYS U 140 11.96 67.52 35.82
N ASN U 141 13.27 67.62 35.58
CA ASN U 141 14.15 66.46 35.49
C ASN U 141 14.15 65.67 36.81
N ASP U 142 13.82 64.36 36.76
CA ASP U 142 13.68 63.55 37.98
C ASP U 142 14.59 62.34 38.06
N PHE U 143 15.65 62.36 37.26
CA PHE U 143 16.68 61.33 37.23
C PHE U 143 17.65 61.47 38.41
N THR U 144 17.80 60.44 39.23
CA THR U 144 18.94 60.42 40.14
C THR U 144 20.21 60.45 39.28
N PRO U 145 21.27 61.12 39.74
CA PRO U 145 22.39 61.31 38.82
C PRO U 145 23.01 59.99 38.31
N GLU U 146 22.84 58.91 39.06
CA GLU U 146 23.30 57.57 38.64
C GLU U 146 22.52 57.16 37.41
N GLU U 147 21.21 57.30 37.50
CA GLU U 147 20.32 56.98 36.40
C GLU U 147 20.75 57.77 35.18
N GLU U 148 20.80 59.08 35.32
CA GLU U 148 21.19 59.95 34.22
C GLU U 148 22.53 59.53 33.63
N GLU U 149 23.44 59.06 34.47
CA GLU U 149 24.75 58.68 34.00
C GLU U 149 24.70 57.37 33.22
N GLU U 150 23.97 56.41 33.75
CA GLU U 150 23.81 55.14 33.07
C GLU U 150 23.23 55.38 31.67
N VAL U 151 22.19 56.19 31.58
CA VAL U 151 21.51 56.38 30.30
C VAL U 151 22.42 57.10 29.31
N ARG U 152 23.11 58.11 29.79
CA ARG U 152 24.05 58.85 28.95
C ARG U 152 25.13 57.86 28.51
N ARG U 153 25.66 57.07 29.44
CA ARG U 153 26.64 56.04 29.09
C ARG U 153 26.17 55.04 28.02
N GLU U 154 24.96 54.51 28.20
CA GLU U 154 24.39 53.59 27.24
C GLU U 154 24.31 54.29 25.90
N ASN U 155 23.81 55.54 25.93
CA ASN U 155 23.57 56.31 24.71
C ASN U 155 24.79 56.58 23.84
N GLN U 156 25.94 56.82 24.47
CA GLN U 156 27.08 57.34 23.74
C GLN U 156 28.18 56.33 23.58
N TRP U 157 28.11 55.27 24.38
CA TRP U 157 29.11 54.20 24.29
C TRP U 157 28.60 52.95 23.59
N ALA U 158 27.33 52.62 23.84
CA ALA U 158 26.79 51.34 23.38
C ALA U 158 25.87 51.41 22.16
N PHE U 159 24.74 52.11 22.31
CA PHE U 159 23.63 52.07 21.34
C PHE U 159 23.38 53.32 20.49
N GLU U 160 24.03 53.36 19.32
CA GLU U 160 23.62 54.22 18.19
C GLU U 160 24.79 54.88 17.42
N SER V 12 -12.16 68.06 33.04
CA SER V 12 -11.12 68.44 32.09
C SER V 12 -10.16 69.46 32.69
N CYS V 13 -8.91 69.06 32.88
CA CYS V 13 -7.86 69.97 33.30
C CYS V 13 -7.06 70.40 32.06
N VAL V 14 -6.16 71.37 32.23
CA VAL V 14 -5.34 71.83 31.12
C VAL V 14 -4.54 70.66 30.56
N ALA V 15 -4.33 70.61 29.25
CA ALA V 15 -3.59 69.50 28.64
C ALA V 15 -2.08 69.73 28.67
N THR V 16 -1.35 68.78 29.25
CA THR V 16 0.12 68.85 29.40
C THR V 16 0.79 68.14 28.25
N VAL V 17 2.11 68.27 28.16
CA VAL V 17 2.85 67.50 27.18
C VAL V 17 2.76 66.03 27.51
N ASP V 18 2.63 65.71 28.79
CA ASP V 18 2.56 64.32 29.25
C ASP V 18 1.39 63.58 28.58
N ASP V 19 0.29 64.30 28.39
CA ASP V 19 -0.95 63.71 27.88
C ASP V 19 -0.91 63.36 26.38
N VAL V 20 0.26 63.44 25.78
CA VAL V 20 0.33 63.44 24.33
C VAL V 20 1.68 62.94 23.82
N ILE V 21 2.59 62.67 24.75
CA ILE V 21 3.98 62.38 24.36
C ILE V 21 4.11 61.00 23.80
N GLU V 22 3.31 60.07 24.31
CA GLU V 22 3.31 58.69 23.80
C GLU V 22 3.08 58.65 22.30
N GLN V 23 2.15 59.48 21.84
CA GLN V 23 1.88 59.66 20.41
C GLN V 23 3.04 60.33 19.66
N VAL V 24 3.48 61.48 20.16
CA VAL V 24 4.50 62.30 19.48
C VAL V 24 5.82 61.55 19.26
N MET V 25 6.24 60.74 20.24
CA MET V 25 7.53 60.05 20.22
C MET V 25 7.78 59.30 18.91
N THR V 26 6.72 58.66 18.42
CA THR V 26 6.86 57.82 17.25
C THR V 26 6.95 58.63 15.94
N TYR V 27 7.07 59.95 16.04
CA TYR V 27 7.32 60.81 14.87
C TYR V 27 8.74 61.35 14.89
N ILE V 28 9.47 60.98 15.93
CA ILE V 28 10.88 61.30 16.01
C ILE V 28 11.67 60.12 15.52
N THR V 29 12.26 60.27 14.34
CA THR V 29 12.99 59.21 13.70
C THR V 29 14.47 59.30 14.05
N ASP V 30 15.03 60.51 13.97
CA ASP V 30 16.47 60.76 14.18
C ASP V 30 17.02 60.10 15.44
N PRO V 31 17.96 59.15 15.27
CA PRO V 31 18.58 58.46 16.40
C PRO V 31 19.21 59.42 17.40
N LYS V 32 19.64 60.59 16.95
CA LYS V 32 20.33 61.53 17.83
C LYS V 32 19.34 62.41 18.62
N ASP V 33 18.08 62.40 18.19
CA ASP V 33 17.02 63.16 18.89
C ASP V 33 16.31 62.26 19.90
N ARG V 34 16.20 60.97 19.59
CA ARG V 34 15.78 59.96 20.57
C ARG V 34 16.79 59.93 21.71
N ASP V 35 18.08 59.95 21.32
CA ASP V 35 19.18 60.00 22.25
C ASP V 35 18.93 61.07 23.30
N SER V 36 18.43 62.23 22.86
CA SER V 36 18.16 63.35 23.76
C SER V 36 16.84 63.16 24.48
N ALA V 37 15.81 62.81 23.73
CA ALA V 37 14.46 62.64 24.26
C ALA V 37 14.44 61.70 25.44
N SER V 38 15.35 60.74 25.41
CA SER V 38 15.40 59.69 26.41
C SER V 38 15.90 60.25 27.73
N LEU V 39 16.53 61.43 27.67
CA LEU V 39 17.24 61.98 28.83
C LEU V 39 16.49 63.12 29.53
N VAL V 40 15.30 63.45 29.04
CA VAL V 40 14.61 64.63 29.55
C VAL V 40 13.89 64.37 30.85
N CYS V 41 13.60 63.11 31.13
CA CYS V 41 12.99 62.71 32.39
C CYS V 41 12.66 61.23 32.42
N ARG V 42 12.20 60.74 33.56
CA ARG V 42 11.98 59.31 33.71
C ARG V 42 10.91 58.79 32.76
N ARG V 43 9.80 59.52 32.62
CA ARG V 43 8.71 59.03 31.79
C ARG V 43 9.09 59.00 30.33
N TRP V 44 9.74 60.07 29.88
CA TRP V 44 10.21 60.15 28.50
C TRP V 44 11.19 59.02 28.18
N PHE V 45 12.02 58.69 29.15
CA PHE V 45 12.95 57.62 28.96
C PHE V 45 12.24 56.31 28.70
N LYS V 46 11.24 55.99 29.52
CA LYS V 46 10.47 54.76 29.33
C LYS V 46 9.75 54.73 27.98
N ILE V 47 9.18 55.86 27.58
CA ILE V 47 8.44 55.90 26.33
C ILE V 47 9.35 55.72 25.12
N ASP V 48 10.58 56.24 25.20
CA ASP V 48 11.57 55.98 24.15
C ASP V 48 11.93 54.49 24.18
N SER V 49 12.19 53.98 25.38
CA SER V 49 12.56 52.58 25.58
C SER V 49 11.61 51.60 24.91
N GLU V 50 10.31 51.82 25.06
CA GLU V 50 9.30 50.90 24.54
C GLU V 50 8.94 51.10 23.07
N THR V 51 9.43 52.18 22.47
CA THR V 51 9.04 52.48 21.11
C THR V 51 10.21 52.47 20.13
N ARG V 52 11.45 52.45 20.62
CA ARG V 52 12.60 52.47 19.74
C ARG V 52 12.45 51.27 18.81
N GLU V 53 12.71 51.49 17.51
CA GLU V 53 12.55 50.40 16.55
C GLU V 53 13.88 49.83 16.07
N HIS V 54 14.86 50.70 15.80
CA HIS V 54 16.16 50.24 15.30
C HIS V 54 17.32 50.70 16.17
N VAL V 55 18.23 49.78 16.45
CA VAL V 55 19.43 50.06 17.22
C VAL V 55 20.68 49.52 16.51
N THR V 56 21.78 50.26 16.62
CA THR V 56 23.04 49.81 16.04
C THR V 56 24.16 49.83 17.06
N MET V 57 24.85 48.70 17.23
CA MET V 57 26.02 48.69 18.08
C MET V 57 27.28 48.68 17.23
N ALA V 58 28.05 49.76 17.31
CA ALA V 58 29.23 49.83 16.50
C ALA V 58 30.28 48.80 16.94
N LEU V 59 30.20 48.39 18.21
CA LEU V 59 31.07 47.32 18.74
C LEU V 59 30.22 46.49 19.67
N CYS V 60 30.12 45.20 19.40
CA CYS V 60 29.26 44.31 20.15
C CYS V 60 29.74 44.13 21.58
N TYR V 61 31.03 44.31 21.80
CA TYR V 61 31.63 44.05 23.11
C TYR V 61 31.41 45.25 24.01
N THR V 62 30.61 46.17 23.52
CA THR V 62 30.36 47.42 24.19
C THR V 62 29.28 47.30 25.28
N ALA V 63 28.43 46.27 25.18
CA ALA V 63 27.43 46.02 26.22
C ALA V 63 26.93 44.57 26.17
N THR V 64 26.46 44.10 27.32
CA THR V 64 25.81 42.79 27.46
C THR V 64 24.59 42.70 26.52
N PRO V 65 24.33 41.53 25.93
CA PRO V 65 23.10 41.47 25.15
C PRO V 65 21.89 41.56 26.09
N ASP V 66 22.12 41.28 27.36
CA ASP V 66 21.09 41.51 28.35
C ASP V 66 20.74 43.00 28.50
N ARG V 67 21.76 43.84 28.55
CA ARG V 67 21.58 45.26 28.74
C ARG V 67 20.69 45.81 27.65
N LEU V 68 20.93 45.34 26.44
CA LEU V 68 20.24 45.80 25.25
C LEU V 68 18.76 45.44 25.30
N SER V 69 18.46 44.16 25.58
CA SER V 69 17.08 43.69 25.55
C SER V 69 16.24 44.34 26.66
N ARG V 70 16.93 44.78 27.71
CA ARG V 70 16.28 45.45 28.83
C ARG V 70 15.88 46.86 28.45
N ARG V 71 16.83 47.58 27.82
CA ARG V 71 16.65 48.97 27.38
C ARG V 71 15.67 49.16 26.20
N PHE V 72 15.65 48.17 25.29
CA PHE V 72 14.84 48.24 24.07
C PHE V 72 14.08 46.95 23.75
N PRO V 73 13.16 46.55 24.63
CA PRO V 73 12.45 45.26 24.54
C PRO V 73 11.79 45.03 23.19
N ASN V 74 11.46 46.10 22.47
CA ASN V 74 10.59 45.98 21.31
C ASN V 74 11.26 46.35 20.01
N LEU V 75 12.58 46.19 19.97
CA LEU V 75 13.34 46.35 18.73
C LEU V 75 12.70 45.60 17.58
N ARG V 76 12.68 46.24 16.41
CA ARG V 76 12.21 45.57 15.21
C ARG V 76 13.40 45.30 14.28
N SER V 77 14.45 46.12 14.40
CA SER V 77 15.64 45.97 13.58
C SER V 77 16.87 46.07 14.46
N LEU V 78 17.90 45.26 14.17
CA LEU V 78 19.14 45.31 14.94
C LEU V 78 20.35 45.19 14.02
N LYS V 79 21.44 45.87 14.39
CA LYS V 79 22.68 45.82 13.60
C LYS V 79 23.87 45.77 14.53
N LEU V 80 24.66 44.70 14.42
CA LEU V 80 25.81 44.53 15.30
C LEU V 80 27.03 44.47 14.47
N LYS V 81 28.04 45.26 14.85
CA LYS V 81 29.37 45.11 14.26
C LYS V 81 30.37 44.43 15.22
N GLY V 82 31.26 43.59 14.70
CA GLY V 82 32.24 42.94 15.55
C GLY V 82 33.67 43.39 15.34
N LYS V 83 34.42 42.61 14.57
CA LYS V 83 35.79 42.95 14.26
C LYS V 83 35.96 44.39 13.72
N PRO V 84 37.06 45.07 14.11
CA PRO V 84 37.41 46.43 13.73
C PRO V 84 37.60 46.54 12.23
N ARG V 85 37.55 47.75 11.70
CA ARG V 85 37.66 47.94 10.26
C ARG V 85 38.90 47.27 9.67
N ALA V 86 39.94 47.17 10.49
CA ALA V 86 41.21 46.65 10.02
C ALA V 86 41.06 45.23 9.48
N ALA V 87 40.09 44.49 10.03
CA ALA V 87 39.86 43.13 9.61
C ALA V 87 39.62 43.03 8.10
N MET V 88 39.10 44.10 7.51
CA MET V 88 38.76 44.13 6.09
C MET V 88 39.99 44.23 5.24
N PHE V 89 41.14 44.30 5.90
CA PHE V 89 42.41 44.36 5.17
C PHE V 89 43.36 43.25 5.62
N ASN V 90 42.78 42.15 6.08
CA ASN V 90 43.53 40.99 6.54
C ASN V 90 44.60 41.43 7.51
N LEU V 91 44.20 42.20 8.51
CA LEU V 91 45.14 42.68 9.51
C LEU V 91 44.75 42.16 10.88
N ILE V 92 43.53 41.65 10.99
CA ILE V 92 43.03 41.16 12.26
C ILE V 92 42.90 39.66 12.21
N PRO V 93 43.40 38.97 13.27
CA PRO V 93 43.36 37.51 13.42
C PRO V 93 41.98 36.99 13.23
N GLU V 94 41.86 35.81 12.66
CA GLU V 94 40.54 35.27 12.40
C GLU V 94 39.78 35.01 13.71
N ASN V 95 40.46 34.46 14.71
CA ASN V 95 39.81 34.02 15.93
C ASN V 95 39.48 35.16 16.87
N TRP V 96 39.68 36.40 16.41
CA TRP V 96 39.71 37.57 17.31
C TRP V 96 38.48 37.73 18.18
N GLY V 97 37.31 37.57 17.59
CA GLY V 97 36.08 37.73 18.33
C GLY V 97 34.94 38.16 17.44
N GLY V 98 33.82 38.55 18.04
CA GLY V 98 32.66 38.96 17.29
C GLY V 98 31.62 37.87 17.23
N TYR V 99 31.74 36.86 18.11
CA TYR V 99 30.82 35.74 18.07
C TYR V 99 29.42 36.25 18.33
N VAL V 100 28.46 35.72 17.59
CA VAL V 100 27.14 36.29 17.52
C VAL V 100 26.18 35.49 18.44
N THR V 101 26.59 34.29 18.84
CA THR V 101 25.69 33.37 19.56
C THR V 101 24.95 33.95 20.76
N PRO V 102 25.66 34.70 21.66
CA PRO V 102 25.07 35.28 22.88
C PRO V 102 23.93 36.21 22.51
N TRP V 103 24.04 36.76 21.29
CA TRP V 103 23.09 37.71 20.77
C TRP V 103 21.87 37.01 20.19
N VAL V 104 22.06 35.88 19.54
CA VAL V 104 20.88 35.19 19.03
C VAL V 104 20.13 34.55 20.20
N THR V 105 20.84 34.06 21.20
CA THR V 105 20.08 33.42 22.26
C THR V 105 19.36 34.52 23.05
N GLU V 106 19.78 35.77 22.85
CA GLU V 106 19.08 36.88 23.49
C GLU V 106 17.85 37.28 22.67
N ILE V 107 18.03 37.39 21.37
CA ILE V 107 16.92 37.61 20.46
C ILE V 107 15.85 36.52 20.59
N SER V 108 16.31 35.29 20.72
CA SER V 108 15.45 34.13 20.84
C SER V 108 14.52 34.32 22.03
N ASN V 109 15.05 34.93 23.08
CA ASN V 109 14.33 34.97 24.34
C ASN V 109 13.65 36.29 24.68
N ASN V 110 14.21 37.40 24.22
CA ASN V 110 13.83 38.70 24.75
C ASN V 110 13.55 39.78 23.73
N LEU V 111 13.90 39.54 22.48
CA LEU V 111 13.58 40.47 21.42
C LEU V 111 12.52 39.86 20.51
N ARG V 112 11.37 39.52 21.10
CA ARG V 112 10.33 38.76 20.42
C ARG V 112 9.66 39.49 19.24
N GLN V 113 10.23 40.63 18.85
CA GLN V 113 9.57 41.52 17.93
C GLN V 113 10.46 41.76 16.72
N LEU V 114 11.68 41.24 16.80
CA LEU V 114 12.70 41.53 15.81
C LEU V 114 12.30 40.96 14.44
N LYS V 115 12.35 41.78 13.40
CA LYS V 115 12.08 41.31 12.04
C LYS V 115 13.29 41.44 11.07
N SER V 116 14.32 42.19 11.49
CA SER V 116 15.49 42.41 10.63
C SER V 116 16.82 42.36 11.40
N VAL V 117 17.77 41.59 10.89
CA VAL V 117 19.05 41.43 11.57
C VAL V 117 20.24 41.61 10.63
N HIS V 118 21.19 42.43 11.07
CA HIS V 118 22.37 42.76 10.26
C HIS V 118 23.63 42.56 11.09
N PHE V 119 24.41 41.54 10.75
CA PHE V 119 25.64 41.29 11.44
C PHE V 119 26.76 41.73 10.52
N ARG V 120 27.75 42.46 11.03
CA ARG V 120 28.81 43.05 10.22
C ARG V 120 30.19 42.70 10.74
N ARG V 121 30.96 41.98 9.95
CA ARG V 121 32.26 41.50 10.41
C ARG V 121 32.12 40.73 11.71
N MET V 122 31.29 39.69 11.73
CA MET V 122 31.13 38.90 12.94
C MET V 122 31.32 37.41 12.66
N ILE V 123 31.26 36.59 13.69
CA ILE V 123 31.41 35.14 13.54
C ILE V 123 30.07 34.47 13.73
N VAL V 124 29.46 34.04 12.63
CA VAL V 124 28.16 33.37 12.66
C VAL V 124 28.34 31.90 12.36
N SER V 125 27.92 31.03 13.28
CA SER V 125 28.08 29.58 13.15
C SER V 125 26.79 28.94 12.65
N ASP V 126 26.89 27.71 12.17
CA ASP V 126 25.69 27.00 11.72
C ASP V 126 24.68 26.92 12.84
N LEU V 127 25.17 26.62 14.03
CA LEU V 127 24.28 26.39 15.15
C LEU V 127 23.49 27.61 15.44
N ASP V 128 24.16 28.74 15.55
CA ASP V 128 23.48 29.93 16.01
C ASP V 128 22.54 30.51 14.95
N LEU V 129 22.74 30.20 13.67
CA LEU V 129 21.71 30.63 12.73
C LEU V 129 20.57 29.64 12.48
N ASP V 130 20.77 28.37 12.80
CA ASP V 130 19.62 27.48 12.91
C ASP V 130 18.77 27.96 14.08
N ARG V 131 19.44 28.33 15.17
CA ARG V 131 18.77 28.90 16.33
C ARG V 131 17.96 30.13 15.94
N LEU V 132 18.59 31.00 15.15
CA LEU V 132 17.93 32.22 14.68
C LEU V 132 16.70 31.86 13.88
N ALA V 133 16.91 31.16 12.78
CA ALA V 133 15.81 30.64 11.97
C ALA V 133 14.64 30.15 12.83
N LYS V 134 14.87 29.11 13.64
CA LYS V 134 13.76 28.50 14.37
C LYS V 134 13.09 29.49 15.31
N ALA V 135 13.89 30.35 15.95
CA ALA V 135 13.38 31.26 16.98
C ALA V 135 12.53 32.42 16.45
N ARG V 136 12.82 32.85 15.24
CA ARG V 136 12.17 34.01 14.63
C ARG V 136 11.22 33.59 13.48
N ALA V 137 11.62 32.59 12.72
CA ALA V 137 10.83 32.07 11.59
C ALA V 137 10.27 33.12 10.64
N ASP V 138 9.00 32.93 10.31
CA ASP V 138 8.32 33.75 9.29
C ASP V 138 8.47 35.25 9.53
N ASP V 139 8.69 35.64 10.78
CA ASP V 139 8.80 37.06 11.17
C ASP V 139 10.09 37.72 10.70
N LEU V 140 11.09 36.89 10.36
CA LEU V 140 12.35 37.43 9.84
C LEU V 140 12.22 37.84 8.35
N GLU V 141 12.05 39.13 8.12
CA GLU V 141 11.90 39.67 6.77
C GLU V 141 13.26 39.92 6.19
N THR V 142 14.21 40.34 7.00
CA THR V 142 15.53 40.60 6.48
C THR V 142 16.68 40.05 7.34
N LEU V 143 17.67 39.45 6.65
CA LEU V 143 18.88 38.94 7.26
C LEU V 143 20.10 39.38 6.48
N LYS V 144 21.00 40.09 7.13
CA LYS V 144 22.20 40.55 6.45
C LYS V 144 23.45 39.97 7.11
N LEU V 145 24.10 39.02 6.45
CA LEU V 145 25.40 38.49 6.89
C LEU V 145 26.54 39.18 6.14
N ASP V 146 26.91 40.35 6.64
CA ASP V 146 27.81 41.28 5.98
C ASP V 146 29.28 41.03 6.37
N LYS V 147 30.03 40.44 5.45
CA LYS V 147 31.43 40.20 5.73
C LYS V 147 31.67 39.26 6.93
N CYS V 148 30.78 38.30 7.13
CA CYS V 148 30.93 37.40 8.27
C CYS V 148 31.61 36.10 7.89
N SER V 149 31.91 35.30 8.91
CA SER V 149 32.55 34.02 8.70
C SER V 149 31.98 32.97 9.66
N GLY V 150 32.40 31.73 9.46
CA GLY V 150 32.13 30.65 10.40
C GLY V 150 30.88 29.79 10.22
N PHE V 151 30.16 29.97 9.12
CA PHE V 151 28.94 29.19 8.85
C PHE V 151 29.10 28.36 7.59
N THR V 152 28.03 27.63 7.22
CA THR V 152 28.03 26.85 6.00
C THR V 152 26.65 26.80 5.32
N THR V 153 26.61 26.27 4.12
CA THR V 153 25.35 26.15 3.38
C THR V 153 24.21 25.53 4.21
N ASP V 154 24.56 24.78 5.25
CA ASP V 154 23.55 24.15 6.10
C ASP V 154 22.81 25.23 6.82
N GLY V 155 23.56 26.18 7.34
CA GLY V 155 22.98 27.31 8.06
C GLY V 155 22.03 28.06 7.16
N LEU V 156 22.51 28.40 5.97
CA LEU V 156 21.67 29.03 4.96
C LEU V 156 20.42 28.19 4.75
N LEU V 157 20.59 26.90 4.47
CA LEU V 157 19.45 26.04 4.15
C LEU V 157 18.43 26.09 5.26
N SER V 158 18.91 26.28 6.48
CA SER V 158 18.03 26.29 7.63
C SER V 158 17.19 27.58 7.70
N ILE V 159 17.77 28.73 7.36
CA ILE V 159 16.99 29.95 7.44
C ILE V 159 16.00 30.08 6.27
N VAL V 160 16.38 29.57 5.09
CA VAL V 160 15.47 29.67 3.95
C VAL V 160 14.28 28.72 4.02
N THR V 161 14.37 27.70 4.88
CA THR V 161 13.26 26.75 5.01
C THR V 161 12.33 27.13 6.17
N HIS V 162 12.86 27.84 7.17
CA HIS V 162 12.09 28.22 8.36
C HIS V 162 11.56 29.66 8.27
N CYS V 163 12.23 30.49 7.48
CA CYS V 163 11.79 31.87 7.22
C CYS V 163 11.31 32.01 5.79
N ARG V 164 10.05 31.68 5.61
CA ARG V 164 9.51 31.49 4.29
C ARG V 164 9.17 32.85 3.67
N LYS V 165 9.16 33.90 4.52
CA LYS V 165 8.73 35.21 4.07
C LYS V 165 9.86 36.23 4.00
N ILE V 166 11.08 35.74 3.93
CA ILE V 166 12.24 36.62 3.77
C ILE V 166 12.10 37.57 2.58
N LYS V 167 12.22 38.87 2.86
CA LYS V 167 12.27 39.91 1.81
C LYS V 167 13.69 40.22 1.33
N THR V 168 14.61 40.42 2.26
CA THR V 168 16.02 40.65 1.87
C THR V 168 17.02 39.67 2.54
N LEU V 169 17.88 39.08 1.72
CA LEU V 169 18.86 38.10 2.18
C LEU V 169 20.26 38.45 1.62
N LEU V 170 21.27 38.60 2.49
CA LEU V 170 22.56 39.14 2.07
C LEU V 170 23.78 38.43 2.66
N MET V 171 24.77 38.09 1.84
CA MET V 171 25.97 37.39 2.31
C MET V 171 27.24 37.98 1.75
N GLU V 172 27.15 39.21 1.25
CA GLU V 172 28.29 39.82 0.59
C GLU V 172 29.61 39.71 1.37
N GLU V 173 30.62 39.15 0.73
CA GLU V 173 32.00 39.12 1.25
C GLU V 173 32.10 38.20 2.47
N SER V 174 31.03 37.45 2.74
CA SER V 174 31.07 36.40 3.75
C SER V 174 31.88 35.18 3.30
N SER V 175 32.51 34.52 4.26
CA SER V 175 33.26 33.32 3.97
C SER V 175 32.74 32.15 4.78
N PHE V 176 32.36 31.11 4.07
CA PHE V 176 31.66 29.98 4.65
C PHE V 176 32.11 28.71 3.90
N SER V 177 31.53 27.58 4.29
CA SER V 177 31.84 26.32 3.65
C SER V 177 30.71 25.86 2.74
N GLU V 178 31.00 25.67 1.47
CA GLU V 178 29.96 25.26 0.51
C GLU V 178 29.88 23.75 0.35
N LYS V 179 28.78 23.18 0.82
CA LYS V 179 28.62 21.72 0.81
C LYS V 179 27.65 21.28 -0.30
N ASP V 180 26.85 22.23 -0.75
CA ASP V 180 25.79 21.98 -1.70
C ASP V 180 25.08 23.28 -2.15
N GLY V 181 24.00 23.11 -2.89
CA GLY V 181 23.24 24.27 -3.34
C GLY V 181 21.77 24.19 -3.00
N LYS V 182 21.38 23.26 -2.11
CA LYS V 182 19.96 23.10 -1.80
C LYS V 182 19.36 24.33 -1.12
N TRP V 183 20.21 25.25 -0.68
CA TRP V 183 19.69 26.47 -0.08
C TRP V 183 19.03 27.36 -1.13
N LEU V 184 19.66 27.50 -2.30
CA LEU V 184 19.14 28.34 -3.40
C LEU V 184 17.92 27.69 -4.02
N HIS V 185 17.98 26.37 -4.14
CA HIS V 185 16.91 25.61 -4.73
C HIS V 185 15.69 25.71 -3.86
N GLU V 186 15.91 25.74 -2.55
CA GLU V 186 14.79 25.83 -1.60
C GLU V 186 14.11 27.18 -1.67
N LEU V 187 14.89 28.22 -2.00
CA LEU V 187 14.32 29.54 -2.27
C LEU V 187 13.44 29.51 -3.50
N ALA V 188 14.01 29.09 -4.63
CA ALA V 188 13.24 28.82 -5.87
C ALA V 188 11.90 28.16 -5.58
N GLN V 189 11.97 26.92 -5.09
CA GLN V 189 10.76 26.15 -4.86
C GLN V 189 9.67 26.81 -3.98
N HIS V 190 10.01 27.69 -3.06
CA HIS V 190 8.98 28.13 -2.12
C HIS V 190 8.90 29.62 -1.80
N ASN V 191 9.90 30.42 -2.22
CA ASN V 191 9.90 31.84 -1.87
C ASN V 191 9.28 32.76 -2.92
N THR V 192 8.57 33.76 -2.43
CA THR V 192 7.79 34.67 -3.27
C THR V 192 8.12 36.12 -2.97
N SER V 193 8.42 36.36 -1.69
CA SER V 193 8.50 37.69 -1.09
C SER V 193 9.83 38.40 -1.33
N LEU V 194 10.85 37.63 -1.68
CA LEU V 194 12.18 38.18 -1.95
C LEU V 194 12.14 39.53 -2.68
N GLU V 195 12.87 40.50 -2.16
CA GLU V 195 13.01 41.83 -2.75
C GLU V 195 14.46 42.12 -3.14
N VAL V 196 15.38 41.91 -2.19
CA VAL V 196 16.79 41.95 -2.53
C VAL V 196 17.56 40.69 -2.08
N LEU V 197 18.44 40.23 -2.97
CA LEU V 197 19.22 39.03 -2.78
C LEU V 197 20.65 39.35 -3.15
N ASN V 198 21.58 39.11 -2.25
CA ASN V 198 22.93 39.59 -2.47
C ASN V 198 23.97 38.61 -1.94
N PHE V 199 24.71 37.96 -2.86
CA PHE V 199 25.96 37.27 -2.48
C PHE V 199 27.16 37.70 -3.31
N TYR V 200 27.53 38.98 -3.21
CA TYR V 200 28.35 39.64 -4.21
C TYR V 200 29.79 39.15 -4.27
N MET V 201 30.53 39.24 -3.16
CA MET V 201 31.89 38.73 -3.19
C MET V 201 31.94 37.33 -2.62
N THR V 202 31.44 36.35 -3.37
CA THR V 202 31.30 35.01 -2.81
C THR V 202 31.62 33.87 -3.79
N GLU V 203 32.41 32.92 -3.28
CA GLU V 203 32.81 31.74 -4.03
C GLU V 203 31.74 30.66 -3.87
N PHE V 204 30.70 30.72 -4.69
CA PHE V 204 29.71 29.67 -4.74
C PHE V 204 29.95 28.91 -6.02
N ALA V 205 30.08 27.59 -5.92
CA ALA V 205 30.38 26.77 -7.09
C ALA V 205 29.33 25.67 -7.29
N LYS V 206 28.31 25.66 -6.44
CA LYS V 206 27.37 24.55 -6.47
C LYS V 206 25.93 24.99 -6.61
N ILE V 207 25.70 26.24 -7.00
CA ILE V 207 24.32 26.72 -7.19
C ILE V 207 23.93 26.78 -8.65
N SER V 208 22.76 26.23 -8.97
CA SER V 208 22.31 26.18 -10.37
C SER V 208 21.70 27.52 -10.74
N PRO V 209 22.14 28.11 -11.88
CA PRO V 209 21.57 29.37 -12.33
C PRO V 209 20.11 29.16 -12.65
N LYS V 210 19.74 27.96 -13.07
CA LYS V 210 18.33 27.62 -13.30
C LYS V 210 17.48 28.02 -12.09
N ASP V 211 18.07 27.89 -10.90
CA ASP V 211 17.37 28.16 -9.63
C ASP V 211 17.20 29.67 -9.45
N LEU V 212 18.25 30.40 -9.81
CA LEU V 212 18.25 31.87 -9.78
C LEU V 212 17.18 32.41 -10.73
N GLU V 213 17.07 31.76 -11.89
CA GLU V 213 16.06 32.09 -12.90
C GLU V 213 14.67 31.83 -12.34
N THR V 214 14.42 30.62 -11.86
CA THR V 214 13.10 30.31 -11.28
C THR V 214 12.72 31.25 -10.11
N ILE V 215 13.71 31.84 -9.45
CA ILE V 215 13.43 32.79 -8.35
C ILE V 215 12.90 34.09 -8.92
N ALA V 216 13.57 34.56 -9.97
CA ALA V 216 13.20 35.77 -10.67
C ALA V 216 11.76 35.65 -11.17
N ARG V 217 11.40 34.45 -11.57
CA ARG V 217 10.09 34.22 -12.14
C ARG V 217 9.03 34.29 -11.05
N ASN V 218 9.43 33.97 -9.83
CA ASN V 218 8.49 33.85 -8.70
C ASN V 218 8.33 35.07 -7.76
N CYS V 219 9.33 35.93 -7.71
CA CYS V 219 9.33 37.07 -6.80
C CYS V 219 9.08 38.34 -7.58
N ARG V 220 7.81 38.73 -7.65
CA ARG V 220 7.43 39.88 -8.46
C ARG V 220 8.06 41.17 -7.94
N SER V 221 8.48 41.17 -6.68
CA SER V 221 9.03 42.40 -6.09
C SER V 221 10.56 42.45 -6.13
N LEU V 222 11.18 41.51 -6.85
CA LEU V 222 12.62 41.41 -6.92
C LEU V 222 13.25 42.64 -7.58
N VAL V 223 14.01 43.39 -6.79
CA VAL V 223 14.53 44.66 -7.23
C VAL V 223 16.04 44.72 -7.35
N SER V 224 16.73 43.96 -6.51
CA SER V 224 18.19 43.92 -6.58
C SER V 224 18.74 42.52 -6.39
N VAL V 225 19.83 42.22 -7.10
CA VAL V 225 20.50 40.95 -6.97
C VAL V 225 21.96 41.10 -7.37
N LYS V 226 22.85 40.71 -6.46
CA LYS V 226 24.27 40.67 -6.77
C LYS V 226 24.72 39.20 -6.66
N VAL V 227 25.79 38.84 -7.37
CA VAL V 227 26.04 37.44 -7.60
C VAL V 227 27.54 37.07 -7.68
N GLY V 228 27.82 35.76 -7.65
CA GLY V 228 29.18 35.26 -7.70
C GLY V 228 29.79 35.26 -9.11
N ASP V 229 30.53 34.21 -9.42
CA ASP V 229 31.18 34.10 -10.71
C ASP V 229 30.38 33.27 -11.73
N PHE V 230 29.05 33.42 -11.69
CA PHE V 230 28.16 32.86 -12.70
C PHE V 230 28.57 33.33 -14.10
N GLU V 231 28.36 32.48 -15.10
CA GLU V 231 28.57 32.89 -16.49
C GLU V 231 27.34 33.70 -16.92
N ILE V 232 27.55 34.96 -17.32
CA ILE V 232 26.43 35.83 -17.68
C ILE V 232 25.51 35.17 -18.68
N LEU V 233 26.09 34.41 -19.60
CA LEU V 233 25.28 33.72 -20.63
C LEU V 233 24.25 32.76 -20.04
N GLU V 234 24.56 32.15 -18.90
CA GLU V 234 23.65 31.21 -18.24
C GLU V 234 22.49 31.96 -17.59
N LEU V 235 22.60 33.29 -17.58
CA LEU V 235 21.68 34.15 -16.85
C LEU V 235 20.62 34.80 -17.73
N VAL V 236 20.65 34.53 -19.02
CA VAL V 236 19.72 35.22 -19.91
C VAL V 236 18.29 34.89 -19.52
N GLY V 237 18.07 33.62 -19.14
CA GLY V 237 16.76 33.17 -18.67
C GLY V 237 16.34 34.02 -17.48
N PHE V 238 17.30 34.23 -16.59
CA PHE V 238 17.13 35.09 -15.43
C PHE V 238 16.68 36.49 -15.88
N PHE V 239 17.57 37.19 -16.58
CA PHE V 239 17.34 38.58 -16.96
C PHE V 239 15.98 38.80 -17.61
N LYS V 240 15.58 37.86 -18.45
CA LYS V 240 14.30 37.96 -19.13
C LYS V 240 13.14 37.94 -18.13
N ALA V 241 13.24 37.07 -17.12
CA ALA V 241 12.16 36.93 -16.15
C ALA V 241 12.19 38.02 -15.07
N ALA V 242 13.36 38.62 -14.85
CA ALA V 242 13.55 39.59 -13.76
C ALA V 242 13.06 41.00 -14.11
N ALA V 243 11.76 41.13 -14.40
CA ALA V 243 11.20 42.40 -14.88
C ALA V 243 11.60 43.65 -14.09
N ASN V 244 11.16 43.69 -12.84
CA ASN V 244 11.28 44.90 -12.01
C ASN V 244 12.69 45.19 -11.52
N LEU V 245 13.64 44.40 -12.01
CA LEU V 245 15.03 44.47 -11.55
C LEU V 245 15.66 45.82 -11.85
N GLU V 246 16.18 46.47 -10.81
CA GLU V 246 16.82 47.79 -10.90
C GLU V 246 18.34 47.74 -10.68
N GLU V 247 18.82 46.70 -10.03
CA GLU V 247 20.24 46.65 -9.69
C GLU V 247 20.76 45.25 -9.96
N PHE V 248 21.90 45.18 -10.64
CA PHE V 248 22.61 43.91 -10.78
C PHE V 248 24.11 44.11 -10.76
N CYS V 249 24.78 43.53 -9.78
CA CYS V 249 26.23 43.49 -9.77
C CYS V 249 26.60 42.02 -9.84
N GLY V 250 27.79 41.74 -10.35
CA GLY V 250 28.31 40.38 -10.32
C GLY V 250 28.39 39.70 -11.67
N GLY V 251 28.23 38.37 -11.62
CA GLY V 251 28.38 37.53 -12.79
C GLY V 251 29.82 37.50 -13.27
N SER V 252 29.98 37.05 -14.50
CA SER V 252 31.30 36.86 -15.08
C SER V 252 31.23 36.98 -16.61
N LEU V 253 32.09 37.82 -17.16
CA LEU V 253 32.19 37.97 -18.60
C LEU V 253 33.45 37.27 -19.11
N ASN V 254 33.26 36.05 -19.63
CA ASN V 254 34.35 35.21 -20.15
C ASN V 254 34.35 35.21 -21.65
N GLU V 255 35.40 35.77 -22.25
CA GLU V 255 35.47 35.87 -23.70
C GLU V 255 36.43 34.84 -24.26
N ASP V 256 35.89 33.91 -25.06
CA ASP V 256 36.72 33.06 -25.90
C ASP V 256 36.71 33.67 -27.30
N ILE V 257 37.78 33.46 -28.05
CA ILE V 257 37.93 34.12 -29.35
C ILE V 257 36.95 33.54 -30.38
N GLY V 258 36.51 32.30 -30.12
CA GLY V 258 35.57 31.61 -30.99
C GLY V 258 34.19 32.20 -31.05
N MET V 259 33.98 33.29 -30.30
CA MET V 259 32.72 34.03 -30.32
C MET V 259 32.98 35.52 -30.08
N PRO V 260 33.33 36.26 -31.14
CA PRO V 260 33.54 37.71 -31.04
C PRO V 260 32.22 38.41 -30.74
N GLU V 261 31.13 37.84 -31.24
CA GLU V 261 29.80 38.34 -30.92
C GLU V 261 29.06 37.36 -30.00
N LYS V 262 29.70 37.04 -28.88
CA LYS V 262 29.14 36.15 -27.89
C LYS V 262 28.03 36.86 -27.11
N TYR V 263 28.38 38.03 -26.59
CA TYR V 263 27.52 38.78 -25.66
C TYR V 263 26.73 39.89 -26.34
N MET V 264 26.44 39.74 -27.63
CA MET V 264 25.81 40.83 -28.35
C MET V 264 24.30 40.65 -28.45
N ASN V 265 23.80 39.62 -27.77
CA ASN V 265 22.37 39.35 -27.71
C ASN V 265 21.82 39.37 -26.28
N LEU V 266 22.21 40.41 -25.53
CA LEU V 266 21.84 40.51 -24.12
C LEU V 266 20.60 41.35 -23.85
N VAL V 267 19.57 40.66 -23.38
CA VAL V 267 18.31 41.30 -23.01
C VAL V 267 18.33 41.72 -21.54
N PHE V 268 18.91 42.88 -21.25
CA PHE V 268 18.94 43.41 -19.88
C PHE V 268 17.60 43.99 -19.44
N PRO V 269 17.24 43.75 -18.17
CA PRO V 269 15.92 44.23 -17.68
C PRO V 269 15.73 45.70 -17.99
N ARG V 270 14.48 46.10 -18.23
CA ARG V 270 14.21 47.47 -18.68
C ARG V 270 14.66 48.50 -17.65
N LYS V 271 14.25 48.29 -16.40
CA LYS V 271 14.48 49.30 -15.37
C LYS V 271 15.94 49.41 -14.88
N LEU V 272 16.78 48.47 -15.31
CA LEU V 272 18.16 48.32 -14.78
C LEU V 272 18.95 49.62 -14.86
N CYS V 273 19.24 50.20 -13.70
CA CYS V 273 19.90 51.50 -13.60
C CYS V 273 21.10 51.58 -12.65
N ARG V 274 21.32 50.54 -11.85
CA ARG V 274 22.46 50.48 -10.91
C ARG V 274 23.13 49.17 -11.17
N LEU V 275 24.38 49.18 -11.66
CA LEU V 275 25.00 47.91 -12.03
C LEU V 275 26.53 47.88 -12.14
N GLY V 276 27.06 46.67 -12.31
CA GLY V 276 28.48 46.45 -12.51
C GLY V 276 28.77 44.97 -12.85
N LEU V 277 29.13 44.71 -14.10
CA LEU V 277 29.45 43.34 -14.52
C LEU V 277 30.90 43.02 -14.25
N SER V 278 31.13 41.83 -13.71
CA SER V 278 32.47 41.46 -13.31
C SER V 278 33.27 40.97 -14.50
N TYR V 279 34.55 41.36 -14.53
CA TYR V 279 35.51 40.94 -15.57
C TYR V 279 35.27 41.54 -16.97
N MET V 280 34.35 42.50 -17.05
CA MET V 280 33.99 43.13 -18.31
C MET V 280 35.15 43.84 -19.02
N GLY V 281 35.47 43.34 -20.22
CA GLY V 281 36.50 43.93 -21.06
C GLY V 281 35.95 44.94 -22.04
N PRO V 282 36.81 45.45 -22.94
CA PRO V 282 36.36 46.48 -23.88
C PRO V 282 35.40 45.87 -24.90
N ASN V 283 35.62 44.61 -25.25
CA ASN V 283 34.82 43.92 -26.27
C ASN V 283 33.35 43.78 -25.91
N GLU V 284 33.08 43.59 -24.62
CA GLU V 284 31.71 43.37 -24.14
C GLU V 284 31.07 44.63 -23.54
N MET V 285 31.93 45.63 -23.25
CA MET V 285 31.51 46.93 -22.75
C MET V 285 30.34 47.57 -23.51
N PRO V 286 30.34 47.42 -24.85
CA PRO V 286 29.26 47.94 -25.71
C PRO V 286 27.83 47.61 -25.26
N ILE V 287 27.66 46.49 -24.57
CA ILE V 287 26.32 46.02 -24.25
C ILE V 287 25.60 46.96 -23.29
N LEU V 288 26.31 47.97 -22.82
CA LEU V 288 25.77 48.92 -21.85
C LEU V 288 25.25 50.18 -22.50
N PHE V 289 25.79 50.47 -23.68
CA PHE V 289 25.49 51.70 -24.38
C PHE V 289 23.98 51.96 -24.56
N PRO V 290 23.24 50.95 -25.05
CA PRO V 290 21.80 51.05 -25.31
C PRO V 290 20.95 51.68 -24.20
N PHE V 291 21.55 51.95 -23.04
CA PHE V 291 20.81 52.52 -21.92
C PHE V 291 21.73 53.18 -20.88
N ALA V 292 22.91 53.57 -21.31
CA ALA V 292 23.85 54.26 -20.43
C ALA V 292 23.34 55.63 -19.94
N ALA V 293 22.39 56.22 -20.69
CA ALA V 293 21.80 57.50 -20.31
C ALA V 293 20.98 57.34 -19.03
N GLN V 294 20.73 56.08 -18.69
CA GLN V 294 19.82 55.70 -17.63
C GLN V 294 20.55 55.24 -16.38
N ILE V 295 21.77 54.73 -16.57
CA ILE V 295 22.66 54.32 -15.47
C ILE V 295 22.98 55.43 -14.45
N ARG V 296 22.82 55.11 -13.17
CA ARG V 296 23.00 56.06 -12.10
C ARG V 296 24.05 55.60 -11.09
N LYS V 297 24.44 54.33 -11.16
CA LYS V 297 25.48 53.74 -10.29
C LYS V 297 26.28 52.72 -11.09
N LEU V 298 27.61 52.77 -10.97
CA LEU V 298 28.47 51.89 -11.77
C LEU V 298 29.63 51.27 -10.99
N ASP V 299 29.74 49.94 -11.07
CA ASP V 299 30.71 49.21 -10.25
C ASP V 299 31.78 48.59 -11.14
N LEU V 300 32.63 49.44 -11.67
CA LEU V 300 33.71 48.98 -12.54
C LEU V 300 34.87 48.51 -11.69
N LEU V 301 34.56 48.08 -10.48
CA LEU V 301 35.59 47.73 -9.53
C LEU V 301 36.33 46.49 -10.02
N TYR V 302 35.56 45.53 -10.50
CA TYR V 302 36.11 44.27 -10.89
C TYR V 302 36.09 44.14 -12.40
N ALA V 303 35.99 45.27 -13.08
CA ALA V 303 36.03 45.32 -14.53
C ALA V 303 37.47 45.22 -15.06
N LEU V 304 37.61 44.69 -16.28
CA LEU V 304 38.90 44.44 -16.91
C LEU V 304 39.21 45.41 -18.04
N LEU V 305 38.80 46.65 -17.89
CA LEU V 305 38.97 47.59 -18.99
C LEU V 305 39.92 48.73 -18.62
N GLU V 306 40.55 49.31 -19.65
CA GLU V 306 41.70 50.20 -19.49
C GLU V 306 41.35 51.68 -19.56
N THR V 307 42.32 52.50 -19.16
CA THR V 307 42.09 53.93 -18.96
C THR V 307 41.29 54.60 -20.09
N GLU V 308 41.53 54.17 -21.32
CA GLU V 308 40.81 54.75 -22.46
C GLU V 308 39.34 54.34 -22.43
N ASP V 309 39.13 53.02 -22.33
CA ASP V 309 37.80 52.44 -22.30
C ASP V 309 36.94 53.04 -21.20
N HIS V 310 37.58 53.47 -20.11
CA HIS V 310 36.88 54.15 -19.02
C HIS V 310 36.23 55.43 -19.53
N CYS V 311 37.02 56.21 -20.27
CA CYS V 311 36.58 57.51 -20.73
C CYS V 311 35.41 57.40 -21.71
N THR V 312 35.51 56.42 -22.61
CA THR V 312 34.48 56.23 -23.63
C THR V 312 33.13 55.86 -23.02
N LEU V 313 33.18 55.26 -21.83
CA LEU V 313 31.97 54.78 -21.14
C LEU V 313 31.41 55.83 -20.21
N ILE V 314 32.26 56.38 -19.34
CA ILE V 314 31.84 57.47 -18.46
C ILE V 314 31.13 58.51 -19.30
N GLN V 315 31.74 58.79 -20.45
CA GLN V 315 31.29 59.80 -21.37
C GLN V 315 29.80 59.64 -21.68
N LYS V 316 29.30 58.43 -21.59
CA LYS V 316 27.92 58.13 -22.01
C LYS V 316 26.88 58.24 -20.89
N CYS V 317 27.34 58.45 -19.66
CA CYS V 317 26.45 58.39 -18.49
C CYS V 317 26.39 59.72 -17.74
N PRO V 318 25.60 60.67 -18.28
CA PRO V 318 25.45 62.05 -17.77
C PRO V 318 24.73 62.08 -16.42
N ASN V 319 24.02 61.02 -16.09
CA ASN V 319 23.21 61.00 -14.88
C ASN V 319 23.79 60.13 -13.79
N LEU V 320 24.90 59.50 -14.12
CA LEU V 320 25.67 58.71 -13.16
C LEU V 320 25.92 59.55 -11.92
N GLU V 321 25.42 59.07 -10.77
CA GLU V 321 25.68 59.77 -9.50
C GLU V 321 26.53 58.97 -8.51
N VAL V 322 26.89 57.73 -8.85
CA VAL V 322 27.84 56.96 -8.05
C VAL V 322 28.71 56.07 -8.92
N LEU V 323 30.01 56.23 -8.75
CA LEU V 323 30.97 55.41 -9.49
C LEU V 323 32.04 54.86 -8.56
N GLU V 324 32.29 53.56 -8.68
CA GLU V 324 33.34 52.93 -7.89
C GLU V 324 34.21 52.20 -8.86
N THR V 325 35.51 52.50 -8.83
CA THR V 325 36.45 51.90 -9.78
C THR V 325 37.89 51.86 -9.26
N ARG V 326 38.73 51.13 -9.98
CA ARG V 326 40.15 51.05 -9.63
C ARG V 326 40.90 52.29 -10.14
N ASN V 327 42.16 52.46 -9.72
CA ASN V 327 42.92 53.67 -10.10
C ASN V 327 43.33 53.73 -11.59
N VAL V 328 42.95 52.69 -12.34
CA VAL V 328 43.13 52.66 -13.78
C VAL V 328 42.39 53.81 -14.44
N ILE V 329 41.28 54.20 -13.82
CA ILE V 329 40.48 55.32 -14.30
C ILE V 329 41.37 56.44 -14.85
N GLY V 330 42.49 56.67 -14.17
CA GLY V 330 43.50 57.63 -14.62
C GLY V 330 43.08 59.08 -14.55
N ASP V 331 44.08 59.97 -14.58
CA ASP V 331 43.82 61.40 -14.60
C ASP V 331 42.92 61.72 -15.77
N ARG V 332 43.21 61.10 -16.91
CA ARG V 332 42.43 61.34 -18.12
C ARG V 332 40.95 61.01 -17.89
N GLY V 333 40.71 59.85 -17.30
CA GLY V 333 39.38 59.39 -16.99
C GLY V 333 38.62 60.36 -16.11
N LEU V 334 39.29 60.83 -15.05
CA LEU V 334 38.68 61.77 -14.13
C LEU V 334 38.27 63.04 -14.84
N GLU V 335 39.06 63.44 -15.82
CA GLU V 335 38.79 64.65 -16.57
C GLU V 335 37.48 64.51 -17.36
N VAL V 336 37.25 63.31 -17.91
CA VAL V 336 35.99 62.99 -18.60
C VAL V 336 34.81 63.09 -17.64
N LEU V 337 35.01 62.52 -16.45
CA LEU V 337 34.00 62.50 -15.40
C LEU V 337 33.67 63.91 -14.90
N ALA V 338 34.57 64.85 -15.20
CA ALA V 338 34.48 66.22 -14.65
C ALA V 338 33.45 67.11 -15.35
N GLN V 339 33.24 66.93 -16.65
CA GLN V 339 32.22 67.76 -17.30
C GLN V 339 31.07 66.96 -17.90
N TYR V 340 31.09 65.63 -17.74
CA TYR V 340 29.97 64.83 -18.24
C TYR V 340 28.95 64.43 -17.16
N CYS V 341 29.46 64.13 -15.97
CA CYS V 341 28.62 63.73 -14.86
C CYS V 341 28.71 64.82 -13.79
N LYS V 342 27.76 65.74 -13.83
CA LYS V 342 27.75 66.81 -12.86
C LYS V 342 27.01 66.36 -11.62
N GLN V 343 26.17 65.34 -11.82
CA GLN V 343 25.28 64.85 -10.78
C GLN V 343 25.98 63.97 -9.76
N LEU V 344 27.24 63.62 -10.04
CA LEU V 344 28.02 62.72 -9.17
C LEU V 344 27.98 63.12 -7.70
N LYS V 345 27.69 62.13 -6.85
CA LYS V 345 27.60 62.35 -5.42
C LYS V 345 28.62 61.49 -4.69
N ARG V 346 28.94 60.32 -5.23
CA ARG V 346 29.86 59.41 -4.56
C ARG V 346 30.86 58.85 -5.54
N LEU V 347 32.13 58.92 -5.16
CA LEU V 347 33.21 58.40 -6.00
C LEU V 347 34.25 57.67 -5.18
N ARG V 348 34.62 56.48 -5.62
CA ARG V 348 35.62 55.68 -4.92
C ARG V 348 36.62 55.07 -5.91
N ILE V 349 37.91 55.21 -5.61
CA ILE V 349 38.97 54.75 -6.50
C ILE V 349 39.94 53.80 -5.80
N GLU V 350 39.58 52.52 -5.64
CA GLU V 350 40.45 51.56 -4.97
C GLU V 350 41.73 51.29 -5.78
N ARG V 351 42.84 51.02 -5.08
CA ARG V 351 44.10 50.80 -5.78
C ARG V 351 44.19 49.43 -6.45
N GLY V 352 44.55 49.45 -7.73
CA GLY V 352 44.63 48.26 -8.56
C GLY V 352 45.97 47.56 -8.51
N ALA V 353 46.33 46.89 -9.61
CA ALA V 353 47.58 46.12 -9.64
C ALA V 353 48.84 47.01 -9.66
N ASP V 354 49.40 47.24 -8.47
CA ASP V 354 50.63 48.02 -8.32
C ASP V 354 51.84 47.11 -8.33
N GLU V 355 51.91 46.26 -9.35
CA GLU V 355 52.99 45.28 -9.48
C GLU V 355 53.72 45.42 -10.82
N GLN V 356 53.05 45.05 -11.91
CA GLN V 356 53.59 45.20 -13.26
C GLN V 356 53.35 46.63 -13.77
N GLY V 357 54.21 47.57 -13.36
CA GLY V 357 53.94 48.98 -13.57
C GLY V 357 52.57 49.27 -12.99
N MET V 358 51.89 50.31 -13.50
CA MET V 358 50.48 50.47 -13.18
C MET V 358 49.72 49.53 -14.12
N GLU V 359 48.41 49.69 -14.21
CA GLU V 359 47.64 48.87 -15.15
C GLU V 359 47.73 49.46 -16.57
N ASP V 360 48.19 50.71 -16.66
CA ASP V 360 48.66 51.31 -17.91
C ASP V 360 49.60 52.51 -17.63
N GLU V 361 49.89 53.33 -18.64
CA GLU V 361 50.78 54.48 -18.44
C GLU V 361 50.02 55.79 -18.18
N GLU V 362 48.69 55.68 -18.10
CA GLU V 362 47.84 56.77 -17.62
C GLU V 362 47.11 56.34 -16.33
N GLY V 363 47.31 55.06 -15.95
CA GLY V 363 46.68 54.45 -14.78
C GLY V 363 47.25 54.90 -13.45
N LEU V 364 47.62 56.18 -13.39
CA LEU V 364 48.03 56.85 -12.17
C LEU V 364 47.06 58.02 -12.00
N VAL V 365 46.71 58.34 -10.75
CA VAL V 365 45.90 59.52 -10.48
C VAL V 365 46.69 60.56 -9.65
N SER V 366 46.47 61.85 -9.94
CA SER V 366 47.30 62.91 -9.38
C SER V 366 46.57 64.25 -9.27
N GLN V 367 47.28 65.23 -8.70
CA GLN V 367 46.78 66.61 -8.56
C GLN V 367 46.01 67.05 -9.78
N ARG V 368 46.46 66.56 -10.95
CA ARG V 368 45.86 66.93 -12.22
C ARG V 368 44.39 66.52 -12.30
N GLY V 369 44.14 65.22 -12.13
CA GLY V 369 42.78 64.70 -12.15
C GLY V 369 41.98 65.25 -10.97
N LEU V 370 42.60 65.22 -9.79
CA LEU V 370 41.95 65.72 -8.59
C LEU V 370 41.31 67.08 -8.80
N ILE V 371 42.15 68.07 -9.12
CA ILE V 371 41.67 69.44 -9.23
C ILE V 371 40.67 69.60 -10.38
N ALA V 372 40.80 68.72 -11.38
CA ALA V 372 39.86 68.68 -12.51
C ALA V 372 38.46 68.30 -12.03
N LEU V 373 38.44 67.32 -11.14
CA LEU V 373 37.21 66.77 -10.58
C LEU V 373 36.56 67.73 -9.57
N ALA V 374 37.40 68.40 -8.78
CA ALA V 374 36.93 69.35 -7.78
C ALA V 374 36.07 70.43 -8.44
N GLN V 375 36.42 70.76 -9.69
CA GLN V 375 35.71 71.78 -10.44
C GLN V 375 34.45 71.24 -11.13
N GLY V 376 34.56 70.05 -11.71
CA GLY V 376 33.44 69.43 -12.39
C GLY V 376 32.24 69.06 -11.53
N CYS V 377 32.43 68.11 -10.61
CA CYS V 377 31.33 67.56 -9.82
C CYS V 377 31.34 68.14 -8.44
N GLN V 378 30.60 69.23 -8.25
CA GLN V 378 30.66 69.97 -7.00
C GLN V 378 29.56 69.51 -6.08
N GLU V 379 28.92 68.43 -6.48
CA GLU V 379 27.85 67.85 -5.70
C GLU V 379 28.35 66.71 -4.82
N LEU V 380 29.63 66.38 -4.98
CA LEU V 380 30.28 65.28 -4.26
C LEU V 380 30.05 65.30 -2.75
N GLU V 381 29.58 64.16 -2.24
CA GLU V 381 29.29 63.98 -0.83
C GLU V 381 30.22 62.93 -0.20
N TYR V 382 30.74 62.01 -1.03
CA TYR V 382 31.68 61.00 -0.57
C TYR V 382 32.74 60.85 -1.62
N MET V 383 33.99 61.03 -1.21
CA MET V 383 35.10 60.87 -2.12
C MET V 383 36.25 60.10 -1.49
N ALA V 384 36.62 58.99 -2.11
CA ALA V 384 37.67 58.14 -1.57
C ALA V 384 38.62 57.70 -2.68
N VAL V 385 39.90 57.99 -2.49
CA VAL V 385 40.85 57.91 -3.57
C VAL V 385 42.18 57.39 -3.13
N TYR V 386 42.70 56.39 -3.84
CA TYR V 386 44.11 56.00 -3.69
C TYR V 386 44.89 56.71 -4.79
N VAL V 387 45.58 57.77 -4.42
CA VAL V 387 46.29 58.64 -5.36
C VAL V 387 47.79 58.28 -5.48
N SER V 388 48.43 58.67 -6.59
CA SER V 388 49.86 58.37 -6.80
C SER V 388 50.78 59.57 -6.62
N ASP V 389 50.20 60.77 -6.41
CA ASP V 389 50.96 62.02 -6.30
C ASP V 389 50.02 63.20 -6.03
N ILE V 390 50.32 64.04 -5.04
CA ILE V 390 49.50 65.25 -4.76
C ILE V 390 50.22 66.60 -4.66
N THR V 391 49.43 67.65 -4.47
CA THR V 391 49.92 69.00 -4.31
C THR V 391 49.02 69.74 -3.34
N ASN V 392 49.60 70.55 -2.46
CA ASN V 392 48.81 71.41 -1.58
C ASN V 392 47.67 72.09 -2.34
N GLU V 393 47.95 72.50 -3.58
CA GLU V 393 47.01 73.26 -4.40
C GLU V 393 45.72 72.49 -4.65
N SER V 394 45.88 71.20 -4.93
CA SER V 394 44.74 70.33 -5.20
C SER V 394 43.80 70.30 -3.98
N LEU V 395 44.37 70.14 -2.78
CA LEU V 395 43.57 70.12 -1.57
C LEU V 395 42.79 71.43 -1.38
N GLU V 396 43.43 72.54 -1.74
CA GLU V 396 42.82 73.86 -1.57
C GLU V 396 41.56 74.01 -2.41
N SER V 397 41.60 73.43 -3.60
CA SER V 397 40.45 73.46 -4.51
C SER V 397 39.35 72.50 -4.09
N ILE V 398 39.72 71.45 -3.35
CA ILE V 398 38.72 70.53 -2.79
C ILE V 398 37.81 71.30 -1.84
N GLY V 399 38.41 71.82 -0.77
CA GLY V 399 37.67 72.57 0.24
C GLY V 399 37.18 73.90 -0.30
N THR V 400 37.30 74.06 -1.61
CA THR V 400 36.95 75.32 -2.25
C THR V 400 35.67 75.19 -3.06
N TYR V 401 35.45 74.02 -3.67
CA TYR V 401 34.31 73.83 -4.57
C TYR V 401 33.22 72.90 -4.03
N LEU V 402 33.59 71.69 -3.63
CA LEU V 402 32.60 70.70 -3.19
C LEU V 402 32.37 70.79 -1.68
N LYS V 403 31.43 71.64 -1.30
CA LYS V 403 31.24 72.01 0.10
C LYS V 403 30.60 70.91 0.91
N ASN V 404 29.60 70.26 0.34
CA ASN V 404 28.89 69.22 1.06
C ASN V 404 29.56 67.83 0.94
N LEU V 405 30.89 67.85 0.98
CA LEU V 405 31.65 66.64 1.19
C LEU V 405 31.46 66.22 2.64
N CYS V 406 30.97 65.00 2.84
CA CYS V 406 30.73 64.43 4.17
C CYS V 406 31.83 63.44 4.55
N ASP V 407 32.27 62.67 3.56
CA ASP V 407 33.21 61.59 3.77
C ASP V 407 34.36 61.81 2.79
N PHE V 408 35.56 62.03 3.31
CA PHE V 408 36.70 62.19 2.44
C PHE V 408 37.85 61.30 2.87
N ARG V 409 38.32 60.49 1.95
CA ARG V 409 39.44 59.57 2.23
C ARG V 409 40.53 59.64 1.15
N LEU V 410 41.76 59.84 1.60
CA LEU V 410 42.90 60.08 0.72
C LEU V 410 44.04 59.19 1.19
N VAL V 411 44.62 58.45 0.27
CA VAL V 411 45.78 57.61 0.58
C VAL V 411 46.75 57.68 -0.59
N LEU V 412 48.01 57.96 -0.31
CA LEU V 412 48.97 58.03 -1.41
C LEU V 412 49.93 56.85 -1.44
N LEU V 413 50.09 56.30 -2.64
CA LEU V 413 50.91 55.10 -2.86
C LEU V 413 52.41 55.36 -2.74
N ASP V 414 53.09 54.47 -2.01
CA ASP V 414 54.54 54.55 -1.80
C ASP V 414 55.28 54.22 -3.08
N ARG V 415 54.51 53.88 -4.12
CA ARG V 415 55.03 53.57 -5.45
C ARG V 415 55.97 54.66 -5.94
N GLU V 416 55.47 55.89 -5.93
CA GLU V 416 56.23 57.05 -6.39
C GLU V 416 57.42 57.36 -5.48
N GLU V 417 58.48 57.88 -6.09
CA GLU V 417 59.71 58.19 -5.37
C GLU V 417 59.66 59.59 -4.75
N ARG V 418 59.70 60.61 -5.60
CA ARG V 418 59.53 61.97 -5.14
C ARG V 418 58.13 62.47 -5.47
N ILE V 419 57.48 63.01 -4.46
CA ILE V 419 56.16 63.62 -4.62
C ILE V 419 56.34 65.16 -4.64
N THR V 420 55.83 65.79 -5.70
CA THR V 420 55.93 67.24 -5.92
C THR V 420 56.32 68.02 -4.67
N ASP V 421 55.38 68.76 -4.10
CA ASP V 421 55.60 69.43 -2.84
C ASP V 421 55.05 68.53 -1.75
N LEU V 422 55.83 68.29 -0.70
CA LEU V 422 55.45 67.21 0.20
C LEU V 422 54.68 67.60 1.46
N PRO V 423 55.26 68.46 2.33
CA PRO V 423 54.47 68.82 3.52
C PRO V 423 53.15 69.49 3.11
N LEU V 424 52.04 68.89 3.54
CA LEU V 424 50.71 69.25 3.03
C LEU V 424 49.92 70.15 3.98
N ASP V 425 50.61 70.63 5.01
CA ASP V 425 49.99 71.34 6.12
C ASP V 425 48.94 72.38 5.68
N ASN V 426 49.25 73.14 4.63
CA ASN V 426 48.42 74.29 4.27
C ASN V 426 47.26 73.91 3.33
N GLY V 427 47.43 72.77 2.66
CA GLY V 427 46.39 72.18 1.84
C GLY V 427 45.33 71.52 2.71
N VAL V 428 45.77 70.63 3.59
CA VAL V 428 44.88 70.02 4.57
C VAL V 428 44.02 71.09 5.22
N ARG V 429 44.68 72.19 5.58
CA ARG V 429 44.05 73.26 6.32
C ARG V 429 42.87 73.90 5.59
N SER V 430 43.04 74.26 4.32
CA SER V 430 41.92 74.88 3.58
C SER V 430 40.81 73.88 3.24
N LEU V 431 41.19 72.63 3.06
CA LEU V 431 40.24 71.55 2.84
C LEU V 431 39.27 71.39 4.02
N LEU V 432 39.82 71.13 5.22
CA LEU V 432 39.01 70.99 6.42
C LEU V 432 38.18 72.25 6.72
N ILE V 433 38.63 73.38 6.18
CA ILE V 433 38.03 74.68 6.47
C ILE V 433 36.86 74.98 5.54
N GLY V 434 36.98 74.53 4.29
CA GLY V 434 35.91 74.66 3.32
C GLY V 434 34.80 73.63 3.50
N CYS V 435 35.20 72.36 3.62
CA CYS V 435 34.24 71.27 3.83
C CYS V 435 33.91 71.18 5.31
N LYS V 436 33.00 72.02 5.76
CA LYS V 436 32.64 72.04 7.17
C LYS V 436 31.50 71.07 7.45
N LYS V 437 31.03 70.40 6.40
CA LYS V 437 29.99 69.39 6.54
C LYS V 437 30.63 68.00 6.83
N LEU V 438 31.96 67.97 6.77
CA LEU V 438 32.74 66.76 6.92
C LEU V 438 32.53 66.04 8.27
N ARG V 439 32.28 64.74 8.20
CA ARG V 439 32.03 63.90 9.38
C ARG V 439 33.00 62.73 9.50
N ARG V 440 33.45 62.23 8.35
CA ARG V 440 34.42 61.14 8.34
C ARG V 440 35.60 61.56 7.48
N PHE V 441 36.80 61.26 7.94
CA PHE V 441 37.99 61.78 7.28
C PHE V 441 39.17 60.80 7.38
N ALA V 442 39.75 60.46 6.24
CA ALA V 442 40.86 59.52 6.23
C ALA V 442 42.04 60.09 5.43
N PHE V 443 43.24 59.99 6.02
CA PHE V 443 44.39 60.70 5.50
C PHE V 443 45.65 59.88 5.74
N TYR V 444 46.00 59.06 4.77
CA TYR V 444 47.12 58.12 4.93
C TYR V 444 48.27 58.50 3.98
N LEU V 445 49.45 58.77 4.52
CA LEU V 445 50.55 59.34 3.74
C LEU V 445 51.87 58.54 3.74
N ARG V 446 52.96 59.22 3.43
CA ARG V 446 54.32 58.70 3.58
C ARG V 446 54.93 59.55 4.70
N GLN V 447 56.14 59.22 5.18
CA GLN V 447 56.63 59.84 6.43
C GLN V 447 56.68 61.39 6.47
N GLY V 448 57.44 62.02 5.59
CA GLY V 448 57.52 63.46 5.61
C GLY V 448 56.26 64.20 5.16
N GLY V 449 55.11 63.54 5.18
CA GLY V 449 53.92 64.05 4.54
C GLY V 449 53.23 65.19 5.28
N LEU V 450 53.28 65.14 6.60
CA LEU V 450 52.65 66.17 7.41
C LEU V 450 53.47 66.41 8.66
N THR V 451 53.54 67.68 9.05
CA THR V 451 54.35 68.11 10.18
C THR V 451 53.48 68.29 11.42
N ASP V 452 54.11 68.31 12.59
CA ASP V 452 53.39 68.55 13.82
C ASP V 452 52.48 69.77 13.70
N LEU V 453 52.88 70.73 12.86
CA LEU V 453 52.08 71.93 12.66
C LEU V 453 50.82 71.60 11.88
N GLY V 454 50.99 70.88 10.77
CA GLY V 454 49.87 70.49 9.94
C GLY V 454 48.91 69.57 10.67
N LEU V 455 49.47 68.69 11.51
CA LEU V 455 48.67 67.77 12.31
C LEU V 455 47.76 68.56 13.26
N SER V 456 48.30 69.56 13.94
CA SER V 456 47.50 70.32 14.90
C SER V 456 46.42 71.13 14.18
N TYR V 457 46.59 71.30 12.87
CA TYR V 457 45.57 71.95 12.07
C TYR V 457 44.32 71.09 12.07
N ILE V 458 44.53 69.81 11.81
CA ILE V 458 43.44 68.84 11.77
C ILE V 458 42.59 68.89 13.05
N GLY V 459 43.25 68.77 14.20
CA GLY V 459 42.57 68.82 15.48
C GLY V 459 41.77 70.11 15.58
N GLN V 460 42.37 71.17 15.02
CA GLN V 460 41.86 72.53 15.15
C GLN V 460 40.69 72.87 14.21
N TYR V 461 40.70 72.33 13.00
CA TYR V 461 39.66 72.68 12.02
C TYR V 461 38.71 71.55 11.61
N SER V 462 38.60 70.52 12.44
CA SER V 462 37.64 69.45 12.16
C SER V 462 36.66 69.26 13.32
N PRO V 463 35.63 70.12 13.38
CA PRO V 463 34.68 70.20 14.49
C PRO V 463 33.61 69.13 14.38
N ASN V 464 33.36 68.63 13.17
CA ASN V 464 32.26 67.71 12.97
C ASN V 464 32.69 66.28 12.76
N VAL V 465 33.99 66.11 12.49
CA VAL V 465 34.53 64.79 12.24
C VAL V 465 34.38 63.86 13.46
N ARG V 466 33.79 62.70 13.21
CA ARG V 466 33.50 61.72 14.23
C ARG V 466 34.43 60.51 14.09
N TRP V 467 34.88 60.27 12.87
CA TRP V 467 35.82 59.18 12.62
C TRP V 467 37.03 59.67 11.86
N MET V 468 38.22 59.26 12.29
CA MET V 468 39.42 59.58 11.54
C MET V 468 40.39 58.40 11.37
N LEU V 469 40.84 58.20 10.12
CA LEU V 469 41.95 57.29 9.83
C LEU V 469 43.15 58.15 9.41
N LEU V 470 44.27 57.95 10.10
CA LEU V 470 45.46 58.74 9.84
C LEU V 470 46.66 57.86 9.48
N GLY V 471 47.32 58.23 8.40
CA GLY V 471 48.44 57.47 7.88
C GLY V 471 49.76 57.78 8.56
N TYR V 472 50.72 58.25 7.79
CA TYR V 472 52.03 58.50 8.36
C TYR V 472 52.18 59.97 8.74
N VAL V 473 51.18 60.50 9.42
CA VAL V 473 51.18 61.92 9.73
C VAL V 473 51.98 62.26 10.99
N GLY V 474 52.48 63.49 11.04
CA GLY V 474 53.27 63.97 12.17
C GLY V 474 54.76 63.78 12.00
N GLU V 475 55.52 64.30 12.97
CA GLU V 475 56.97 64.11 13.05
C GLU V 475 57.41 63.65 14.45
N SER V 476 56.77 64.21 15.47
CA SER V 476 57.03 63.79 16.84
C SER V 476 55.77 63.86 17.71
N ASP V 477 55.89 63.36 18.93
CA ASP V 477 54.76 63.33 19.86
C ASP V 477 54.17 64.73 20.09
N GLU V 478 54.87 65.77 19.61
CA GLU V 478 54.37 67.13 19.76
C GLU V 478 53.08 67.30 18.97
N GLY V 479 53.08 66.83 17.71
CA GLY V 479 51.95 66.95 16.82
C GLY V 479 50.71 66.18 17.27
N LEU V 480 50.93 65.05 17.93
CA LEU V 480 49.84 64.26 18.47
C LEU V 480 49.20 65.00 19.64
N MET V 481 50.03 65.53 20.54
CA MET V 481 49.51 66.26 21.67
C MET V 481 48.78 67.53 21.21
N GLU V 482 49.31 68.20 20.19
CA GLU V 482 48.66 69.40 19.66
C GLU V 482 47.28 69.08 19.04
N PHE V 483 47.28 68.02 18.25
CA PHE V 483 46.07 67.48 17.67
C PHE V 483 45.02 67.19 18.76
N SER V 484 45.49 66.62 19.87
CA SER V 484 44.59 66.11 20.92
C SER V 484 43.78 67.20 21.65
N ARG V 485 44.22 68.44 21.61
CA ARG V 485 43.46 69.49 22.28
C ARG V 485 42.28 69.96 21.43
N GLY V 486 42.13 69.35 20.25
CA GLY V 486 41.02 69.66 19.37
C GLY V 486 40.03 68.52 19.26
N CYS V 487 39.59 68.26 18.04
CA CYS V 487 38.68 67.14 17.78
C CYS V 487 37.53 67.10 18.78
N PRO V 488 36.64 68.09 18.71
CA PRO V 488 35.54 68.20 19.68
C PRO V 488 34.64 66.98 19.61
N ASN V 489 34.45 66.43 18.41
CA ASN V 489 33.46 65.38 18.20
C ASN V 489 34.03 64.04 17.77
N LEU V 490 35.36 63.89 17.81
CA LEU V 490 35.99 62.63 17.46
C LEU V 490 35.55 61.47 18.39
N GLN V 491 34.99 60.42 17.79
CA GLN V 491 34.51 59.25 18.52
C GLN V 491 35.44 58.06 18.29
N LYS V 492 35.77 57.84 17.03
CA LYS V 492 36.58 56.70 16.63
C LYS V 492 37.87 57.17 15.95
N LEU V 493 39.01 56.63 16.38
CA LEU V 493 40.29 57.00 15.80
C LEU V 493 41.17 55.80 15.48
N GLU V 494 41.56 55.69 14.21
CA GLU V 494 42.42 54.62 13.71
C GLU V 494 43.68 55.22 13.10
N MET V 495 44.84 54.79 13.56
CA MET V 495 46.10 55.28 13.00
C MET V 495 47.13 54.18 12.90
N ARG V 496 47.75 54.04 11.73
CA ARG V 496 48.84 53.09 11.59
C ARG V 496 50.04 53.74 10.92
N GLY V 497 51.23 53.22 11.22
CA GLY V 497 52.46 53.74 10.65
C GLY V 497 52.84 55.08 11.26
N CYS V 498 52.84 55.13 12.58
CA CYS V 498 53.11 56.39 13.24
C CYS V 498 54.33 56.35 14.13
N CYS V 499 54.93 57.53 14.32
CA CYS V 499 56.15 57.69 15.09
C CYS V 499 55.86 58.08 16.54
N PHE V 500 54.60 57.99 16.96
CA PHE V 500 54.23 58.40 18.30
C PHE V 500 54.54 57.29 19.29
N SER V 501 54.80 57.67 20.54
CA SER V 501 55.22 56.72 21.57
C SER V 501 54.06 56.23 22.42
N GLU V 502 54.31 55.22 23.23
CA GLU V 502 53.27 54.70 24.08
C GLU V 502 52.68 55.81 24.97
N ARG V 503 53.52 56.51 25.73
CA ARG V 503 52.98 57.49 26.68
C ARG V 503 52.38 58.70 25.95
N ALA V 504 52.77 58.84 24.68
CA ALA V 504 52.26 59.92 23.84
C ALA V 504 50.81 59.68 23.49
N ILE V 505 50.52 58.45 23.07
CA ILE V 505 49.14 58.00 22.80
C ILE V 505 48.30 58.09 24.06
N ALA V 506 48.71 57.36 25.08
CA ALA V 506 48.02 57.34 26.36
C ALA V 506 47.58 58.74 26.79
N ALA V 507 48.48 59.71 26.67
CA ALA V 507 48.19 61.04 27.15
C ALA V 507 47.21 61.78 26.24
N ALA V 508 47.31 61.52 24.94
CA ALA V 508 46.40 62.16 24.00
C ALA V 508 44.96 61.64 24.13
N VAL V 509 44.81 60.37 24.49
CA VAL V 509 43.48 59.78 24.67
C VAL V 509 42.73 60.48 25.79
N THR V 510 43.46 60.89 26.82
CA THR V 510 42.81 61.48 27.99
C THR V 510 42.33 62.89 27.68
N LYS V 511 43.05 63.57 26.78
CA LYS V 511 42.69 64.93 26.34
C LYS V 511 41.55 64.98 25.32
N LEU V 512 41.27 63.85 24.67
CA LEU V 512 40.21 63.79 23.66
C LEU V 512 38.83 63.56 24.29
N PRO V 513 37.94 64.53 24.08
CA PRO V 513 36.65 64.65 24.77
C PRO V 513 35.66 63.56 24.38
N SER V 514 35.71 63.11 23.13
CA SER V 514 34.64 62.26 22.63
C SER V 514 35.05 60.81 22.36
N LEU V 515 36.36 60.57 22.38
CA LEU V 515 36.92 59.29 21.98
C LEU V 515 36.32 58.11 22.73
N ARG V 516 35.82 57.11 21.99
CA ARG V 516 35.25 55.90 22.58
C ARG V 516 35.80 54.63 21.94
N TYR V 517 36.62 54.78 20.90
CA TYR V 517 37.19 53.64 20.19
C TYR V 517 38.52 54.04 19.56
N LEU V 518 39.52 53.19 19.71
CA LEU V 518 40.85 53.49 19.23
C LEU V 518 41.52 52.21 18.79
N TRP V 519 42.00 52.22 17.55
CA TRP V 519 42.85 51.15 17.01
C TRP V 519 44.17 51.73 16.48
N VAL V 520 45.30 51.05 16.75
CA VAL V 520 46.61 51.54 16.34
C VAL V 520 47.59 50.41 15.99
N GLN V 521 48.24 50.51 14.84
CA GLN V 521 49.36 49.64 14.53
C GLN V 521 50.62 50.46 14.24
N GLY V 522 51.71 50.10 14.90
CA GLY V 522 52.97 50.83 14.73
C GLY V 522 53.11 52.04 15.63
N TYR V 523 54.00 51.91 16.62
CA TYR V 523 54.18 52.94 17.63
C TYR V 523 55.45 52.60 18.41
N ARG V 524 56.11 53.60 18.98
CA ARG V 524 57.29 53.37 19.84
C ARG V 524 56.86 52.65 21.12
N ALA V 525 57.07 51.34 21.17
CA ALA V 525 56.68 50.56 22.33
C ALA V 525 57.66 50.71 23.48
N SER V 526 57.58 49.79 24.44
CA SER V 526 58.57 49.66 25.51
C SER V 526 58.37 48.31 26.19
N MET V 527 59.47 47.65 26.55
CA MET V 527 59.38 46.32 27.14
C MET V 527 58.45 46.33 28.35
N THR V 528 58.46 47.43 29.10
CA THR V 528 57.56 47.61 30.23
C THR V 528 56.12 47.36 29.81
N GLY V 529 55.65 48.17 28.87
CA GLY V 529 54.27 48.12 28.42
C GLY V 529 53.44 49.03 29.30
N GLN V 530 54.04 49.44 30.41
CA GLN V 530 53.33 50.18 31.44
C GLN V 530 53.12 51.64 31.07
N ASP V 531 53.56 52.02 29.88
CA ASP V 531 53.42 53.39 29.40
C ASP V 531 52.00 53.64 28.97
N LEU V 532 51.40 52.64 28.34
CA LEU V 532 50.00 52.67 27.94
C LEU V 532 49.10 52.80 29.14
N MET V 533 49.53 52.26 30.26
CA MET V 533 48.72 52.25 31.48
C MET V 533 48.19 53.62 31.91
N GLN V 534 48.91 54.69 31.58
CA GLN V 534 48.51 56.03 32.04
C GLN V 534 47.28 56.57 31.29
N MET V 535 46.45 55.67 30.79
CA MET V 535 45.16 56.05 30.23
C MET V 535 44.06 55.17 30.79
N ALA V 536 44.39 54.40 31.80
CA ALA V 536 43.44 53.47 32.41
C ALA V 536 42.32 54.21 33.14
N ARG V 537 41.27 54.59 32.43
CA ARG V 537 40.04 55.02 33.06
C ARG V 537 39.27 53.79 33.54
N PRO V 538 38.12 53.99 34.19
CA PRO V 538 37.20 52.87 34.39
C PRO V 538 36.31 52.71 33.14
N TYR V 539 35.88 51.48 32.84
CA TYR V 539 35.07 51.20 31.64
C TYR V 539 35.86 51.27 30.36
N TRP V 540 37.17 51.44 30.47
CA TRP V 540 38.01 51.57 29.30
C TRP V 540 38.86 50.33 29.14
N ASN V 541 38.51 49.50 28.17
CA ASN V 541 39.18 48.21 27.95
C ASN V 541 40.29 48.43 26.98
N ILE V 542 41.48 47.88 27.24
CA ILE V 542 42.54 47.91 26.23
C ILE V 542 43.00 46.47 25.84
N GLU V 543 43.31 46.26 24.56
CA GLU V 543 43.77 44.96 24.10
C GLU V 543 44.99 45.08 23.18
N LEU V 544 45.83 44.04 23.15
CA LEU V 544 47.01 44.00 22.30
C LEU V 544 47.03 42.78 21.36
N ILE V 545 47.51 42.96 20.14
CA ILE V 545 47.33 41.96 19.09
C ILE V 545 48.63 41.62 18.34
N PRO V 546 48.59 40.57 17.47
CA PRO V 546 49.55 40.25 16.38
C PRO V 546 49.05 40.52 14.93
N SER V 547 48.55 39.49 14.22
CA SER V 547 47.93 39.65 12.88
C SER V 547 47.73 38.34 12.05
N ARG V 548 46.54 38.21 11.43
CA ARG V 548 46.17 37.07 10.55
C ARG V 548 45.37 37.53 9.31
N ARG V 549 44.63 36.59 8.70
CA ARG V 549 43.75 36.91 7.57
C ARG V 549 42.44 36.11 7.63
N GLU V 563 55.61 39.88 8.82
CA GLU V 563 56.00 40.74 9.93
C GLU V 563 54.88 41.71 10.34
N HIS V 564 54.12 41.36 11.38
CA HIS V 564 52.96 42.15 11.77
C HIS V 564 53.09 42.75 13.18
N PRO V 565 53.27 44.08 13.25
CA PRO V 565 53.47 44.84 14.49
C PRO V 565 52.29 44.72 15.46
N ALA V 566 52.52 44.97 16.75
CA ALA V 566 51.47 44.89 17.77
C ALA V 566 50.39 45.95 17.56
N HIS V 567 49.15 45.50 17.55
CA HIS V 567 48.02 46.40 17.46
C HIS V 567 47.62 46.84 18.86
N ILE V 568 47.05 48.04 18.95
CA ILE V 568 46.38 48.45 20.17
C ILE V 568 44.92 48.74 19.88
N LEU V 569 44.04 48.09 20.60
CA LEU V 569 42.64 48.35 20.45
C LEU V 569 42.11 48.71 21.81
N ALA V 570 41.36 49.81 21.89
CA ALA V 570 40.73 50.19 23.14
C ALA V 570 39.36 50.77 22.88
N TYR V 571 38.42 50.48 23.76
CA TYR V 571 37.05 50.91 23.59
C TYR V 571 36.37 51.01 24.96
N TYR V 572 35.35 51.85 25.07
CA TYR V 572 34.54 51.92 26.29
C TYR V 572 33.54 50.77 26.29
N SER V 573 33.32 50.13 27.43
CA SER V 573 32.31 49.10 27.56
C SER V 573 31.73 49.01 28.95
N LEU V 574 30.40 49.00 29.06
CA LEU V 574 29.69 48.79 30.33
C LEU V 574 29.52 47.30 30.62
N ALA V 575 30.48 46.51 30.18
CA ALA V 575 30.34 45.07 30.25
C ALA V 575 31.47 44.48 31.03
N GLY V 576 32.65 45.10 30.89
CA GLY V 576 33.86 44.55 31.47
C GLY V 576 34.64 43.89 30.36
N GLN V 577 35.60 43.07 30.73
CA GLN V 577 36.45 42.46 29.71
C GLN V 577 35.86 41.18 29.17
N ARG V 578 35.98 41.02 27.86
CA ARG V 578 35.46 39.86 27.15
C ARG V 578 36.07 38.56 27.62
N THR V 579 35.24 37.53 27.65
CA THR V 579 35.68 36.19 27.98
C THR V 579 36.35 35.44 26.82
N ASP V 580 36.02 35.84 25.60
CA ASP V 580 36.37 35.06 24.41
C ASP V 580 37.69 35.43 23.69
N CYS V 581 38.62 36.05 24.40
CA CYS V 581 39.89 36.40 23.79
C CYS V 581 40.62 35.16 23.31
N PRO V 582 41.13 35.19 22.09
CA PRO V 582 42.07 34.18 21.62
C PRO V 582 43.28 34.13 22.54
N THR V 583 44.21 33.21 22.26
CA THR V 583 45.47 33.18 22.98
C THR V 583 46.35 34.29 22.44
N THR V 584 46.21 34.51 21.14
CA THR V 584 46.94 35.55 20.43
C THR V 584 46.57 36.99 20.82
N VAL V 585 45.71 37.18 21.81
CA VAL V 585 45.30 38.55 22.22
C VAL V 585 45.42 38.78 23.72
N ARG V 586 46.01 39.91 24.10
CA ARG V 586 46.33 40.17 25.50
C ARG V 586 45.54 41.37 26.05
N VAL V 587 44.91 41.19 27.20
CA VAL V 587 44.15 42.26 27.87
C VAL V 587 44.90 42.88 29.07
N LEU V 588 45.23 44.17 28.97
CA LEU V 588 45.95 44.84 30.05
C LEU V 588 45.07 45.19 31.28
N LYS V 589 45.57 44.83 32.46
CA LYS V 589 44.87 45.09 33.73
C LYS V 589 45.79 45.59 34.85
N GLU V 590 46.28 46.82 34.72
CA GLU V 590 47.19 47.43 35.70
C GLU V 590 48.45 46.57 35.87
N PRO V 591 49.33 46.91 36.84
CA PRO V 591 50.49 46.06 37.07
C PRO V 591 50.20 44.57 36.88
N ILE V 592 50.82 43.98 35.86
CA ILE V 592 50.60 42.57 35.52
C ILE V 592 50.93 41.64 36.70
N GLU W 1 59.13 48.77 8.31
CA GLU W 1 58.45 48.46 7.05
C GLU W 1 56.99 48.06 7.25
N LEU W 2 56.08 49.01 7.00
CA LEU W 2 54.64 48.69 7.00
C LEU W 2 54.03 48.80 5.61
N PRO W 3 53.81 47.66 4.96
CA PRO W 3 53.38 47.61 3.57
C PRO W 3 51.92 48.01 3.47
N ILE W 4 51.55 48.75 2.43
CA ILE W 4 50.15 49.13 2.25
C ILE W 4 49.31 47.85 2.17
N ALA W 5 48.46 47.64 3.18
CA ALA W 5 47.55 46.51 3.21
C ALA W 5 46.47 46.68 2.16
N ARG W 6 46.22 45.60 1.44
CA ARG W 6 45.24 45.60 0.37
C ARG W 6 43.90 45.16 0.93
N ARG W 7 42.84 45.87 0.57
CA ARG W 7 41.49 45.50 0.97
C ARG W 7 41.19 44.09 0.46
N ALA W 8 40.77 43.21 1.36
CA ALA W 8 40.63 41.79 1.03
C ALA W 8 39.86 41.52 -0.24
N SER W 9 38.79 42.29 -0.48
CA SER W 9 37.96 42.08 -1.65
C SER W 9 38.74 42.22 -2.96
N LEU W 10 39.61 43.24 -3.03
CA LEU W 10 40.44 43.43 -4.22
C LEU W 10 41.52 42.40 -4.31
N HIS W 11 42.27 42.25 -3.24
CA HIS W 11 43.32 41.24 -3.19
C HIS W 11 42.89 39.90 -3.78
N ARG W 12 41.67 39.48 -3.48
CA ARG W 12 41.12 38.25 -4.04
C ARG W 12 41.00 38.37 -5.56
N PHE W 13 40.43 39.48 -6.01
CA PHE W 13 40.21 39.74 -7.43
C PHE W 13 41.50 39.82 -8.25
N LEU W 14 42.54 40.43 -7.70
CA LEU W 14 43.79 40.63 -8.43
C LEU W 14 44.45 39.30 -8.77
N GLU W 15 44.18 38.27 -7.96
CA GLU W 15 44.70 36.92 -8.23
C GLU W 15 43.82 36.13 -9.18
N LYS W 16 42.50 36.33 -9.09
CA LYS W 16 41.56 35.77 -10.05
C LYS W 16 41.79 36.40 -11.42
N ARG W 17 42.68 37.39 -11.47
CA ARG W 17 43.00 38.11 -12.68
C ARG W 17 44.03 37.35 -13.50
N LYS W 18 45.19 37.17 -12.89
CA LYS W 18 46.22 36.33 -13.48
C LYS W 18 45.75 34.85 -13.57
#